data_4EU2
#
_entry.id   4EU2
#
_cell.length_a   134.264
_cell.length_b   301.363
_cell.length_c   143.964
_cell.angle_alpha   90.000
_cell.angle_beta   112.860
_cell.angle_gamma   90.000
#
_symmetry.space_group_name_H-M   'P 1 21 1'
#
loop_
_entity.id
_entity.type
_entity.pdbx_description
1 polymer 'Proteasome component C7-alpha'
2 polymer 'Proteasome component Y7'
3 polymer 'Proteasome component Y13'
4 polymer 'Proteasome component PRE6'
5 polymer 'Proteasome component PUP2'
6 polymer 'Proteasome component PRE5'
7 polymer 'Proteasome component C1'
8 polymer 'Proteasome component PRE3'
9 polymer 'Proteasome component PUP1'
10 polymer 'Proteasome component PUP3'
11 polymer 'Proteasome component C11'
12 polymer 'Proteasome component PRE2'
13 polymer 'Proteasome component C5'
14 polymer 'Proteasome component PRE4'
15 non-polymer 1,4-bis[(4E)-5-(3,4,5-trimethoxyphenyl)pent-4-en-1-yl]-1,4-diazepane
16 water water
#
loop_
_entity_poly.entity_id
_entity_poly.type
_entity_poly.pdbx_seq_one_letter_code
_entity_poly.pdbx_strand_id
1 'polypeptide(L)'
;AGYDRHITIFSPEGRLYQVEYAFKATNQTNINSLAVRGKDCTVVISQKKVPDKLLDPTTVSYIFCISRTIGMVVNGPIPD
ARNAALRAKAEAAEFRYKYGYDMPCDVLAKRMANLSQIYTQRAYMRPLGVILTFVSVDEELGPSIYKTDPAGYYVGYKAT
ATGPKQQEITTNLENHFKKSKIDHINEESWEKVVEFAITHMIDALGTEFSKNDLEVGVATKDKFFTLSAENIEERLVAIA
E
;
A,O
2 'polypeptide(L)'
;MTDRYSFSLTTFSPSGKLGQIDYALTAVKQGVTSLGIKATNGVVIATEKKSSSPLAMSETLSKVSLLTPDIGAVYSGMGP
DYRVLVDKSRKVAHTSYKRIYGEYPPTKLLVSEVAKIMQEATQSGGVRPFGVSLLIAGHDEFNGFSLYQVDPSGSYFPWK
ATAIGKGSVAAKTFLEKRWNDELELEDAIHIALLTLKESVEGEFNGDTIELAIIGDENPDLLGYTGIPTDKGPRFRKLTS
QEINDRLEAL
;
B,P
3 'polypeptide(L)'
;GSRRYDSRTTIFSPEGRLYQVEYALESISHAGTAIGIMASDGIVLAAERKVTSTLLEQDTSTEKLYKLNDKIAVAVAGLT
ADAEILINTARIHAQNYLKTYNEDIPVEILVRRLSDIKQGYTQHGGLRPFGVSFIYAGYDDRYGYQLYTSNPSGNYTGWK
AISVGANTSAAQTLLQMDYKDDMKVDDAIELALKTLSKTTDSSALTYDRLEFATIRKGANDGEVYQKIFKPQEIKDILVK
TGIT
;
C,Q
4 'polypeptide(L)'
;GYDRALSIFSPDGHIFQVEYALEAVKRGTCAVGVKGKNCVVLGCERRSTLKLQDTRITPSKVSKIDSHVVLSFSGLNADS
RILIEKARVEAQSHRLTLEDPVTVEYLTRYVAGVQQRYTQSGGVRPFGVSTLIAGFDPRDDEPKLYQTEPSGIYSSWSAQ
TIGRNSKTVREFLEKNYDRKEPPATVEECVKLTVRSLLEVVQTGAKNIEITVVKPDSDIVALSSEEINQYVTQIEQEKQE
Q
;
D,R
5 'polypeptide(L)'
;DRGVSTFSPEGRLFQVEYSLEAIKLGSTAIGIATKEGVVLGVEKRATSPLLESDSIEKIVEIDRHIGCAMSGLTADARSM
IEHARTAAVTHNLYYDEDINVESLTQSVCDLALRFGEGASGEERLMSRPFGVALLIAGHDADDGYQLFHAEPSGTFYRYN
AKAIGSGSEGAQAELLNEWHSSLTLKEAELLVLKILKQVMEEKLDENNAQLSCITKQDGFKIYDNEKTAELIKELKEKEA
AE
;
E,S
6 'polypeptide(L)'
;FRNNYDGDTVTFSPTGRLFQVEYALEAIKQGSVTVGLRSNTHAVLVALKRNADELSSYQKKIIKCDEHMGLSLAGLAPDA
RVLSNYLRQQCNYSSLVFNRKLAVERAGHLLCDKAQKNTQSYGGRPYGVGLLIIGYDKSGAHLLEFQPSGNVTELYGTAI
GARSQGAKTYLERTLDTFIKIDGNPDELIKAGVEAISQSLRDESLTVDNLSIAIVGKDTPFTIYDGEAVAKYI
;
F,T
7 'polypeptide(L)'
;GTGYDLSNSVFSPDGRNFQVEYAVKAVENGTTSIGIKCNDGVVFAVEKLITSKLLVPQKNVKIQVVDRHIGCVYSGLIPD
GRHLVNRGREEAASFKKLYKTPIPIPAFADRLGQYVQAHTLYNSVRPFGVSTIFGGVDKNGAHLYMLEPSGSYWGYKGAA
TGKGRQSAKAELEKLVDHHPEGLSAREAVKQAAKIIYLAHEDNKEKDFELEISWCSLSETNGLHKFVKGDLLQEAIDFAQ
KEIN
;
G,U
8 'polypeptide(L)'
;TSIMAVTFKDGVILGADSRTTTGAYIANRVTDKLTRVHDKIWCCRSGSAADTQAIADIVQYHLELYTSQYGTPSTETAAS
VFKELCYENKDNLTAGIIVAGYDDKNKGEVYTIPLGGSVHKLPYAIAGSGSTFIYGYCDKNFRENMSKEETVDFIKHSLS
QAIKWDGSSGGVIRMVVLTAAGVERLIFYPDEYEQL
;
H,V
9 'polypeptide(L)'
;TTIVGVKFNNGVVIAADTRSTQGPIVADKNCAKLHRISPKIWCAGAGTAADTEAVTQLIGSNIELHSLYTSREPRVVSAL
QMLKQHLFKYQGHIGAYLIVAGVDPTGSHLFSIHAHGSTDVGYYLSLGSGSLAAMAVLESHWKQDLTKEEAIKLASDAIQ
AGIWNDLGSGSNVDVCVMEIGKDAEYLRNYLTPNVREEKQKSYKFPRGTTAVLKESIVNICD
;
I,W
10 'polypeptide(L)'
;SDPSSINGGIVVAMTGKDCVAIACDLRLGSQSLGVSNKFEKIFHYGHVFLGITGLATDVTTLNEMFRYKTNLYKLKEERA
IEPETFTQLVSSSLYERRFGPYFVGPVVAGINSKSGKPFIAGFDLIGCIDEAKDFIVSGTASDQLFGMCESLYEPNLEPE
DLFETISQALLNAADRDALSGWGAVVYIIKKDEVVKRYLKMRQD
;
J,X
11 'polypeptide(L)'
;MDIILGIRVQDSVILASSKAVTRGISVLKDSDDKTRQLSPHTLMSFAGEAGDTVQFAEYIQANIQLYSIREDYELSPQAV
SSFVRQELAKSIRSRRPYQVNVLIGGYDKKKNKPELYQIDYLGTKVELPYGAHGYSGFYTFSLLDHHYRPDMTTEEGLDL
LKLCVQELEKRMPMDFKGVIVKIVDKDGIRQVDDFQAQ
;
K,Y
12 'polypeptide(L)'
;TTTLAFRFQGGIIVAVDSRATAGNWVASQTVKRVIEINPFLLGTMAGGAADCQFWETWLGSQCRLHELREKERISVAAAS
KILSNLVYQYKGAGLSMGTMICGYTRKEGPTIYYVDSDGTRLKGDIFCVGSGQTFAYGVLDSNYKWDLSVEDALYLGKRS
ILAAAHRDAYSGGSVNLYHVTEDGWIYHGNHDVGELFWKVKEEEGSFNNVIG
;
L,Z
13 'polypeptide(L)'
;QFNPYGDNGGTILGIAGEDFAVLAGDTRNITDYSINSRYEPKVFDCGDNIVMSANGFAADGDALVKRFKNSVKWYHFDHN
DKKLSINSAARNIQHLLYGKRFFPYYVHTIIAGLDEDGKGAVYSFDPVGSYEREQCRAGGAAASLIMPFLDNQVNFKNQY
EPGTNGKVKKPLKYLSVEEVIKLVRDSFTSATERHIQVGDGLEILIVTKDGVRKEFYELKRD
;
M,1
14 'polypeptide(L)'
;TQQPIVTGTSVISMKYDNGVIIAADNLGSYGSLLRFNGVERLIPVGDNTVVGISGDISDMQHIERLLKDLVTENAYDNPL
ADAEEALEPSYIFEYLATVMYQRRSKMNPLWNAIIVAGVQSNGDQFLRYVNLLGVTYSSPTLATGFGAHMANPLLRKVVD
RESDIPKTTVQVAEEAIVNAMRVLYYRDARSSRNFSLAIIDKNTGLTFKKNLQVENMKWDFAKDIKGYGTQKI
;
N,2
#
# COMPACT_ATOMS: atom_id res chain seq x y z
N ALA A 1 -45.94 60.03 28.77
CA ALA A 1 -45.82 59.51 27.41
C ALA A 1 -44.48 58.79 27.20
N GLY A 2 -44.18 58.44 25.94
CA GLY A 2 -42.90 57.87 25.59
C GLY A 2 -42.85 56.73 24.58
N TYR A 3 -41.62 56.39 24.20
CA TYR A 3 -41.37 55.27 23.31
C TYR A 3 -41.65 53.96 24.01
N ASP A 4 -41.63 54.01 25.35
CA ASP A 4 -42.05 52.86 26.15
C ASP A 4 -43.49 52.41 25.84
N ARG A 5 -44.13 53.14 24.92
CA ARG A 5 -45.45 52.78 24.47
C ARG A 5 -45.40 52.15 23.09
N HIS A 6 -44.24 52.15 22.46
CA HIS A 6 -44.07 51.63 21.09
C HIS A 6 -43.38 50.26 21.02
N ILE A 7 -42.45 50.00 21.94
CA ILE A 7 -41.77 48.72 21.99
C ILE A 7 -41.97 48.08 23.36
N THR A 8 -41.50 46.86 23.51
CA THR A 8 -41.79 46.09 24.70
C THR A 8 -40.79 46.31 25.83
N ILE A 9 -40.65 47.56 26.25
CA ILE A 9 -39.92 47.92 27.47
C ILE A 9 -40.89 48.46 28.52
N PHE A 10 -40.45 48.48 29.77
CA PHE A 10 -41.33 48.87 30.86
C PHE A 10 -41.71 50.34 30.83
N SER A 11 -42.98 50.60 31.12
CA SER A 11 -43.47 51.94 31.44
C SER A 11 -43.09 52.20 32.90
N PRO A 12 -43.18 53.46 33.36
CA PRO A 12 -42.73 53.71 34.72
C PRO A 12 -43.57 53.00 35.76
N GLU A 13 -44.82 52.68 35.41
CA GLU A 13 -45.69 51.92 36.30
C GLU A 13 -45.40 50.41 36.21
N GLY A 14 -44.41 50.03 35.40
CA GLY A 14 -44.02 48.63 35.26
C GLY A 14 -44.93 47.79 34.37
N ARG A 15 -45.52 48.41 33.34
CA ARG A 15 -46.41 47.70 32.43
C ARG A 15 -45.85 47.69 31.03
N LEU A 16 -46.44 46.86 30.17
CA LEU A 16 -45.99 46.77 28.80
C LEU A 16 -47.16 47.07 27.89
N TYR A 17 -47.18 48.28 27.33
CA TYR A 17 -48.33 48.71 26.56
C TYR A 17 -48.56 47.85 25.33
N GLN A 18 -47.47 47.51 24.63
CA GLN A 18 -47.56 46.73 23.40
C GLN A 18 -48.20 45.38 23.66
N VAL A 19 -47.99 44.84 24.86
CA VAL A 19 -48.63 43.58 25.23
C VAL A 19 -50.13 43.80 25.37
N GLU A 20 -50.51 44.74 26.22
CA GLU A 20 -51.90 45.15 26.38
C GLU A 20 -52.59 45.50 25.05
N TYR A 21 -51.90 46.21 24.17
CA TYR A 21 -52.53 46.61 22.92
C TYR A 21 -52.79 45.39 22.04
N ALA A 22 -51.90 44.41 22.13
CA ALA A 22 -52.00 43.20 21.33
C ALA A 22 -53.19 42.37 21.79
N PHE A 23 -53.46 42.40 23.10
CA PHE A 23 -54.65 41.76 23.63
C PHE A 23 -55.93 42.33 23.00
N LYS A 24 -55.85 43.58 22.52
CA LYS A 24 -57.01 44.23 21.92
C LYS A 24 -57.20 43.79 20.49
N ALA A 25 -56.09 43.44 19.85
CA ALA A 25 -56.10 42.99 18.46
C ALA A 25 -56.85 41.68 18.36
N THR A 26 -56.82 40.90 19.44
CA THR A 26 -57.48 39.61 19.45
C THR A 26 -58.98 39.74 19.12
N ASN A 27 -59.60 40.81 19.58
CA ASN A 27 -61.05 40.92 19.45
C ASN A 27 -61.55 41.42 18.12
N GLN A 28 -60.68 42.01 17.30
CA GLN A 28 -61.16 42.71 16.10
C GLN A 28 -61.78 41.82 15.01
N THR A 29 -62.05 40.58 15.37
CA THR A 29 -62.72 39.64 14.48
C THR A 29 -64.16 39.49 14.93
N ASN A 30 -64.42 39.89 16.17
CA ASN A 30 -65.73 39.79 16.80
C ASN A 30 -66.25 38.34 16.73
N ILE A 31 -65.33 37.40 16.85
CA ILE A 31 -65.66 35.98 16.85
C ILE A 31 -65.54 35.45 18.27
N ASN A 32 -66.56 34.75 18.73
CA ASN A 32 -66.49 34.13 20.04
C ASN A 32 -66.31 32.64 19.91
N SER A 33 -65.57 32.07 20.83
CA SER A 33 -65.38 30.64 20.90
C SER A 33 -65.41 30.19 22.35
N LEU A 34 -65.99 29.03 22.60
CA LEU A 34 -65.78 28.38 23.87
C LEU A 34 -65.22 26.96 23.68
N ALA A 35 -64.63 26.45 24.75
CA ALA A 35 -64.13 25.09 24.79
C ALA A 35 -64.72 24.37 26.00
N VAL A 36 -64.99 23.09 25.82
CA VAL A 36 -65.56 22.30 26.89
C VAL A 36 -64.98 20.86 26.94
N ARG A 37 -64.89 20.29 28.14
CA ARG A 37 -64.45 18.90 28.30
C ARG A 37 -65.57 17.90 28.60
N GLY A 38 -65.63 16.82 27.83
CA GLY A 38 -66.52 15.71 28.09
C GLY A 38 -65.86 14.65 28.97
N LYS A 39 -66.34 13.41 28.88
CA LYS A 39 -65.76 12.31 29.64
C LYS A 39 -64.47 11.81 29.00
N ASP A 40 -64.54 11.60 27.68
CA ASP A 40 -63.40 11.11 26.93
C ASP A 40 -63.26 11.87 25.61
N CYS A 41 -63.71 13.12 25.59
CA CYS A 41 -63.57 13.98 24.42
C CYS A 41 -63.33 15.42 24.84
N THR A 42 -63.18 16.30 23.87
CA THR A 42 -62.99 17.72 24.13
C THR A 42 -63.49 18.48 22.92
N VAL A 43 -64.33 19.48 23.19
CA VAL A 43 -65.00 20.20 22.11
C VAL A 43 -64.67 21.68 22.09
N VAL A 44 -64.28 22.17 20.94
CA VAL A 44 -64.29 23.60 20.72
C VAL A 44 -65.35 23.94 19.73
N ILE A 45 -65.96 25.08 19.99
CA ILE A 45 -66.96 25.65 19.11
C ILE A 45 -66.63 27.14 18.98
N SER A 46 -66.74 27.65 17.75
CA SER A 46 -66.40 29.03 17.46
C SER A 46 -67.39 29.54 16.45
N GLN A 47 -67.64 30.85 16.47
CA GLN A 47 -68.54 31.44 15.51
C GLN A 47 -67.90 31.50 14.15
N LYS A 48 -68.71 31.30 13.13
CA LYS A 48 -68.26 31.45 11.76
C LYS A 48 -69.04 32.61 11.16
N LYS A 49 -68.33 33.55 10.55
CA LYS A 49 -68.97 34.68 9.92
C LYS A 49 -68.39 34.94 8.54
N VAL A 50 -69.24 34.86 7.52
CA VAL A 50 -68.81 35.12 6.15
C VAL A 50 -69.53 36.36 5.65
N PRO A 51 -68.93 37.53 5.88
CA PRO A 51 -69.57 38.83 5.63
C PRO A 51 -69.70 39.16 4.17
N ASP A 52 -68.95 38.48 3.30
CA ASP A 52 -68.94 38.81 1.89
C ASP A 52 -69.50 37.65 1.04
N LYS A 53 -70.45 37.95 0.15
CA LYS A 53 -71.00 36.93 -0.73
C LYS A 53 -69.95 36.32 -1.68
N LEU A 54 -68.86 37.04 -1.91
CA LEU A 54 -67.80 36.59 -2.81
C LEU A 54 -66.82 35.57 -2.19
N LEU A 55 -66.76 35.51 -0.85
CA LEU A 55 -65.93 34.54 -0.15
C LEU A 55 -66.37 33.10 -0.41
N ASP A 56 -65.40 32.19 -0.46
CA ASP A 56 -65.64 30.75 -0.40
C ASP A 56 -65.73 30.34 1.06
N PRO A 57 -66.96 30.06 1.54
CA PRO A 57 -67.26 29.71 2.95
C PRO A 57 -66.41 28.56 3.50
N THR A 58 -65.83 27.74 2.64
CA THR A 58 -65.07 26.57 3.11
C THR A 58 -63.65 26.92 3.52
N THR A 59 -63.24 28.14 3.19
CA THR A 59 -61.87 28.59 3.40
C THR A 59 -61.78 29.46 4.65
N VAL A 60 -62.93 29.76 5.24
CA VAL A 60 -62.95 30.69 6.37
C VAL A 60 -62.99 29.96 7.71
N SER A 61 -61.82 29.86 8.36
CA SER A 61 -61.72 29.04 9.55
C SER A 61 -60.70 29.57 10.56
N TYR A 62 -61.00 29.39 11.84
CA TYR A 62 -60.06 29.76 12.91
C TYR A 62 -59.79 28.56 13.82
N ILE A 63 -60.19 27.38 13.34
CA ILE A 63 -59.81 26.11 13.96
C ILE A 63 -58.74 25.41 13.13
N PHE A 64 -57.64 25.05 13.77
CA PHE A 64 -56.55 24.36 13.09
C PHE A 64 -56.30 23.00 13.69
N CYS A 65 -56.04 22.03 12.81
CA CYS A 65 -55.63 20.70 13.24
C CYS A 65 -54.08 20.71 13.32
N ILE A 66 -53.55 20.78 14.54
CA ILE A 66 -52.11 20.93 14.68
C ILE A 66 -51.43 19.59 14.42
N SER A 67 -51.85 18.57 15.15
CA SER A 67 -51.30 17.24 14.99
C SER A 67 -52.44 16.28 14.80
N ARG A 68 -52.15 14.99 14.86
CA ARG A 68 -53.19 13.99 14.86
C ARG A 68 -54.11 14.19 16.05
N THR A 69 -53.55 14.62 17.17
CA THR A 69 -54.31 14.64 18.43
C THR A 69 -54.61 16.05 18.96
N ILE A 70 -53.93 17.05 18.41
CA ILE A 70 -54.08 18.41 18.91
C ILE A 70 -54.82 19.30 17.92
N GLY A 71 -55.87 19.94 18.40
CA GLY A 71 -56.52 21.00 17.66
C GLY A 71 -56.26 22.32 18.35
N MET A 72 -56.20 23.39 17.56
CA MET A 72 -56.04 24.74 18.10
C MET A 72 -57.10 25.66 17.52
N VAL A 73 -57.77 26.40 18.39
CA VAL A 73 -58.66 27.47 17.94
C VAL A 73 -57.99 28.80 18.24
N VAL A 74 -58.15 29.75 17.32
CA VAL A 74 -57.51 31.05 17.46
C VAL A 74 -58.49 32.22 17.47
N ASN A 75 -58.49 32.98 18.56
CA ASN A 75 -59.11 34.30 18.57
C ASN A 75 -58.12 35.40 18.18
N GLY A 76 -58.20 35.87 16.95
CA GLY A 76 -57.38 36.97 16.48
C GLY A 76 -57.43 37.01 14.97
N PRO A 77 -56.76 38.01 14.36
CA PRO A 77 -56.68 38.14 12.89
C PRO A 77 -55.94 36.94 12.27
N ILE A 78 -56.38 36.42 11.12
CA ILE A 78 -55.74 35.20 10.55
C ILE A 78 -54.26 35.27 10.23
N PRO A 79 -53.73 36.40 9.72
CA PRO A 79 -52.28 36.39 9.46
C PRO A 79 -51.53 35.91 10.71
N ASP A 80 -51.75 36.54 11.86
CA ASP A 80 -51.11 36.06 13.08
C ASP A 80 -51.59 34.66 13.47
N ALA A 81 -52.82 34.32 13.13
CA ALA A 81 -53.38 33.04 13.51
C ALA A 81 -52.68 31.92 12.76
N ARG A 82 -52.41 32.17 11.47
CA ARG A 82 -51.76 31.22 10.61
C ARG A 82 -50.28 31.08 10.96
N ASN A 83 -49.63 32.21 11.17
CA ASN A 83 -48.26 32.20 11.63
C ASN A 83 -48.10 31.27 12.84
N ALA A 84 -48.98 31.42 13.84
CA ALA A 84 -48.94 30.59 15.04
C ALA A 84 -49.20 29.11 14.80
N ALA A 85 -50.14 28.80 13.91
CA ALA A 85 -50.49 27.43 13.60
C ALA A 85 -49.30 26.75 12.96
N LEU A 86 -48.75 27.42 11.94
CA LEU A 86 -47.61 26.92 11.21
C LEU A 86 -46.52 26.54 12.20
N ARG A 87 -46.28 27.39 13.17
CA ARG A 87 -45.29 27.08 14.19
C ARG A 87 -45.64 25.85 14.98
N ALA A 88 -46.88 25.79 15.46
CA ALA A 88 -47.30 24.71 16.34
C ALA A 88 -47.18 23.40 15.59
N LYS A 89 -47.67 23.40 14.35
CA LYS A 89 -47.55 22.24 13.48
C LYS A 89 -46.09 21.80 13.38
N ALA A 90 -45.22 22.76 13.07
CA ALA A 90 -43.79 22.48 12.92
C ALA A 90 -43.20 22.04 14.25
N GLU A 91 -43.68 22.64 15.32
CA GLU A 91 -43.12 22.39 16.62
C GLU A 91 -43.54 21.05 17.18
N ALA A 92 -44.72 20.57 16.77
CA ALA A 92 -45.22 19.29 17.26
C ALA A 92 -44.67 18.07 16.49
N ALA A 93 -44.33 18.25 15.21
CA ALA A 93 -43.72 17.20 14.42
C ALA A 93 -42.31 16.96 14.96
N GLU A 94 -41.51 18.02 14.99
CA GLU A 94 -40.18 17.99 15.52
C GLU A 94 -40.10 17.31 16.89
N PHE A 95 -41.09 17.60 17.74
CA PHE A 95 -41.14 17.03 19.08
C PHE A 95 -41.12 15.52 18.99
N ARG A 96 -41.95 15.01 18.07
CA ARG A 96 -42.22 13.60 17.93
C ARG A 96 -40.96 12.88 17.44
N TYR A 97 -40.35 13.48 16.43
CA TYR A 97 -39.10 13.02 15.86
C TYR A 97 -38.02 12.93 16.94
N LYS A 98 -37.83 13.99 17.70
CA LYS A 98 -36.78 14.00 18.74
C LYS A 98 -37.03 13.07 19.93
N TYR A 99 -38.29 12.85 20.30
CA TYR A 99 -38.57 12.22 21.59
C TYR A 99 -39.41 10.96 21.50
N GLY A 100 -39.88 10.65 20.29
CA GLY A 100 -40.50 9.36 20.03
C GLY A 100 -41.96 9.22 20.47
N TYR A 101 -42.50 10.29 21.03
CA TYR A 101 -43.92 10.30 21.36
C TYR A 101 -44.60 11.55 20.89
N ASP A 102 -45.93 11.47 20.81
CA ASP A 102 -46.74 12.61 20.40
C ASP A 102 -46.68 13.73 21.43
N MET A 103 -46.56 14.96 20.93
CA MET A 103 -46.49 16.14 21.79
C MET A 103 -47.79 16.28 22.56
N PRO A 104 -47.70 16.33 23.89
CA PRO A 104 -48.81 16.65 24.77
C PRO A 104 -49.34 18.08 24.57
N CYS A 105 -50.65 18.21 24.46
CA CYS A 105 -51.35 19.49 24.51
C CYS A 105 -50.76 20.56 25.45
N ASP A 106 -50.70 20.24 26.74
CA ASP A 106 -50.14 21.18 27.71
C ASP A 106 -48.70 21.65 27.38
N VAL A 107 -47.91 20.72 26.85
CA VAL A 107 -46.51 20.96 26.53
C VAL A 107 -46.34 21.86 25.30
N LEU A 108 -47.12 21.61 24.24
CA LEU A 108 -47.11 22.46 23.08
C LEU A 108 -47.51 23.87 23.52
N ALA A 109 -48.52 23.94 24.39
CA ALA A 109 -48.97 25.21 24.96
C ALA A 109 -47.84 25.91 25.70
N LYS A 110 -47.09 25.16 26.52
CA LYS A 110 -45.99 25.76 27.26
C LYS A 110 -44.95 26.30 26.29
N ARG A 111 -44.74 25.56 25.20
CA ARG A 111 -43.80 25.98 24.17
C ARG A 111 -44.25 27.29 23.51
N MET A 112 -45.48 27.33 23.03
CA MET A 112 -45.96 28.52 22.34
C MET A 112 -46.01 29.71 23.28
N ALA A 113 -46.28 29.44 24.56
CA ALA A 113 -46.31 30.50 25.56
C ALA A 113 -44.91 31.09 25.73
N ASN A 114 -43.89 30.25 25.67
CA ASN A 114 -42.51 30.69 25.84
C ASN A 114 -42.04 31.49 24.66
N LEU A 115 -42.49 31.13 23.47
CA LEU A 115 -42.13 31.90 22.29
C LEU A 115 -42.81 33.25 22.41
N SER A 116 -44.03 33.23 22.94
CA SER A 116 -44.80 34.44 23.07
C SER A 116 -44.09 35.35 24.04
N GLN A 117 -43.68 34.79 25.17
CA GLN A 117 -43.04 35.64 26.14
C GLN A 117 -41.76 36.27 25.60
N ILE A 118 -41.03 35.62 24.70
CA ILE A 118 -39.81 36.28 24.25
C ILE A 118 -40.12 37.54 23.45
N TYR A 119 -41.27 37.56 22.75
CA TYR A 119 -41.66 38.75 22.00
C TYR A 119 -41.96 39.96 22.93
N THR A 120 -42.29 39.67 24.19
CA THR A 120 -42.55 40.70 25.18
C THR A 120 -41.26 41.24 25.79
N GLN A 121 -40.16 40.48 25.62
CA GLN A 121 -38.87 40.85 26.20
C GLN A 121 -37.86 41.36 25.16
N ARG A 122 -38.03 40.94 23.90
CA ARG A 122 -37.14 41.39 22.85
C ARG A 122 -37.83 42.47 22.04
N ALA A 123 -37.07 43.51 21.73
CA ALA A 123 -37.66 44.71 21.18
C ALA A 123 -37.92 44.62 19.68
N TYR A 124 -37.14 43.79 18.98
CA TYR A 124 -37.21 43.81 17.52
C TYR A 124 -38.46 43.11 17.03
N MET A 125 -39.04 42.29 17.91
CA MET A 125 -40.27 41.57 17.61
C MET A 125 -41.51 42.00 18.38
N ARG A 126 -42.62 42.07 17.65
CA ARG A 126 -43.92 42.40 18.23
C ARG A 126 -44.58 41.15 18.75
N PRO A 127 -45.43 41.28 19.77
CA PRO A 127 -46.19 40.07 20.11
C PRO A 127 -47.18 39.78 18.98
N LEU A 128 -47.80 38.61 19.00
CA LEU A 128 -48.84 38.31 18.02
C LEU A 128 -50.22 38.66 18.60
N GLY A 129 -51.13 39.13 17.74
CA GLY A 129 -52.44 39.56 18.23
C GLY A 129 -53.47 38.45 18.33
N VAL A 130 -53.12 37.39 19.05
CA VAL A 130 -53.97 36.21 19.07
C VAL A 130 -53.95 35.56 20.44
N ILE A 131 -55.04 34.87 20.74
CA ILE A 131 -55.13 34.04 21.93
C ILE A 131 -55.35 32.64 21.40
N LEU A 132 -54.49 31.72 21.82
CA LEU A 132 -54.53 30.36 21.27
C LEU A 132 -55.14 29.42 22.28
N THR A 133 -56.08 28.59 21.84
CA THR A 133 -56.71 27.63 22.72
C THR A 133 -56.41 26.22 22.19
N PHE A 134 -55.74 25.41 23.00
CA PHE A 134 -55.33 24.10 22.54
C PHE A 134 -56.21 23.03 23.18
N VAL A 135 -56.59 22.04 22.37
CA VAL A 135 -57.41 20.93 22.86
C VAL A 135 -56.98 19.56 22.33
N SER A 136 -57.18 18.55 23.16
CA SER A 136 -56.84 17.18 22.83
C SER A 136 -57.37 16.29 23.94
N VAL A 137 -57.39 14.99 23.68
CA VAL A 137 -57.45 14.00 24.77
C VAL A 137 -56.05 13.47 24.99
N ASP A 138 -55.32 14.10 25.90
CA ASP A 138 -53.96 13.72 26.23
C ASP A 138 -53.92 12.28 26.76
N GLU A 139 -52.89 11.53 26.36
CA GLU A 139 -52.83 10.11 26.69
C GLU A 139 -52.55 9.88 28.16
N GLU A 140 -52.07 10.92 28.83
CA GLU A 140 -51.67 10.79 30.22
C GLU A 140 -52.58 11.63 31.11
N LEU A 141 -53.10 12.74 30.56
CA LEU A 141 -53.89 13.67 31.37
C LEU A 141 -55.39 13.53 31.20
N GLY A 142 -55.84 12.93 30.11
CA GLY A 142 -57.26 12.94 29.79
C GLY A 142 -57.52 14.20 29.00
N PRO A 143 -58.81 14.52 28.75
CA PRO A 143 -59.24 15.67 27.94
C PRO A 143 -58.67 16.98 28.46
N SER A 144 -58.15 17.82 27.56
CA SER A 144 -57.37 18.98 27.98
C SER A 144 -57.70 20.24 27.20
N ILE A 145 -57.77 21.36 27.92
CA ILE A 145 -57.88 22.69 27.33
C ILE A 145 -56.79 23.59 27.91
N TYR A 146 -55.96 24.16 27.04
CA TYR A 146 -54.81 24.98 27.47
C TYR A 146 -54.73 26.21 26.61
N LYS A 147 -54.69 27.38 27.25
CA LYS A 147 -54.80 28.62 26.53
C LYS A 147 -53.56 29.49 26.72
N THR A 148 -53.12 30.15 25.66
CA THR A 148 -51.99 31.07 25.74
C THR A 148 -52.34 32.41 25.08
N ASP A 149 -51.79 33.49 25.60
CA ASP A 149 -52.11 34.86 25.17
C ASP A 149 -50.86 35.64 24.77
N PRO A 150 -50.99 36.91 24.36
CA PRO A 150 -49.69 37.51 23.99
C PRO A 150 -48.83 37.98 25.16
N ALA A 151 -49.29 37.81 26.39
CA ALA A 151 -48.42 38.08 27.54
C ALA A 151 -47.39 36.97 27.66
N GLY A 152 -47.79 35.76 27.26
CA GLY A 152 -46.94 34.59 27.36
C GLY A 152 -47.46 33.76 28.50
N TYR A 153 -48.72 33.95 28.85
CA TYR A 153 -49.35 33.20 29.93
C TYR A 153 -49.92 31.92 29.39
N TYR A 154 -50.04 30.92 30.26
CA TYR A 154 -50.70 29.69 29.86
C TYR A 154 -51.34 29.00 31.06
N VAL A 155 -52.59 28.55 30.89
CA VAL A 155 -53.33 27.91 31.98
C VAL A 155 -54.06 26.67 31.54
N GLY A 156 -54.32 25.81 32.50
CA GLY A 156 -55.20 24.68 32.28
C GLY A 156 -56.64 24.99 32.62
N TYR A 157 -57.52 24.82 31.65
CA TYR A 157 -58.93 25.13 31.83
C TYR A 157 -59.80 23.88 31.92
N LYS A 158 -60.83 23.92 32.78
CA LYS A 158 -61.84 22.86 32.83
C LYS A 158 -62.92 23.10 31.76
N ALA A 159 -63.23 24.38 31.53
CA ALA A 159 -63.84 24.85 30.28
C ALA A 159 -63.44 26.30 30.12
N THR A 160 -63.67 26.89 28.95
CA THR A 160 -63.29 28.28 28.75
C THR A 160 -63.95 28.94 27.54
N ALA A 161 -63.84 30.26 27.46
CA ALA A 161 -64.34 30.98 26.29
C ALA A 161 -63.47 32.18 26.09
N THR A 162 -63.58 32.76 24.89
CA THR A 162 -62.67 33.78 24.40
C THR A 162 -63.37 34.59 23.30
N GLY A 163 -63.14 35.90 23.28
CA GLY A 163 -63.78 36.81 22.34
C GLY A 163 -64.39 38.02 23.03
N PRO A 164 -65.06 38.90 22.26
CA PRO A 164 -65.69 40.11 22.82
C PRO A 164 -66.69 39.74 23.91
N LYS A 165 -67.58 38.80 23.58
CA LYS A 165 -68.64 38.40 24.48
C LYS A 165 -68.19 37.30 25.45
N GLN A 166 -66.88 37.26 25.70
CA GLN A 166 -66.26 36.22 26.52
C GLN A 166 -66.91 36.09 27.88
N GLN A 167 -67.14 37.23 28.52
CA GLN A 167 -67.62 37.27 29.90
C GLN A 167 -69.01 36.66 30.10
N GLU A 168 -69.91 36.91 29.15
CA GLU A 168 -71.21 36.25 29.15
C GLU A 168 -71.07 34.74 29.25
N ILE A 169 -70.43 34.16 28.23
CA ILE A 169 -70.18 32.71 28.14
C ILE A 169 -69.49 32.19 29.39
N THR A 170 -68.42 32.88 29.81
CA THR A 170 -67.70 32.50 31.02
C THR A 170 -68.59 32.35 32.25
N THR A 171 -69.45 33.35 32.53
CA THR A 171 -70.29 33.27 33.75
C THR A 171 -71.35 32.17 33.61
N ASN A 172 -71.90 32.06 32.40
CA ASN A 172 -72.80 30.97 32.05
C ASN A 172 -72.21 29.59 32.42
N LEU A 173 -70.95 29.39 32.05
CA LEU A 173 -70.26 28.12 32.32
C LEU A 173 -69.90 27.97 33.79
N GLU A 174 -69.48 29.07 34.40
CA GLU A 174 -69.13 29.08 35.83
C GLU A 174 -70.30 28.58 36.63
N ASN A 175 -71.49 29.03 36.22
CA ASN A 175 -72.72 28.69 36.90
C ASN A 175 -73.10 27.24 36.70
N HIS A 176 -72.98 26.76 35.47
CA HIS A 176 -73.25 25.36 35.22
C HIS A 176 -72.38 24.43 36.07
N PHE A 177 -71.11 24.76 36.22
CA PHE A 177 -70.20 23.91 36.99
C PHE A 177 -70.35 24.08 38.49
N LYS A 178 -70.86 25.24 38.90
CA LYS A 178 -71.16 25.51 40.30
C LYS A 178 -72.29 24.60 40.82
N LYS A 179 -73.26 24.30 39.95
CA LYS A 179 -74.32 23.33 40.25
C LYS A 179 -73.81 21.90 40.10
N SER A 180 -73.01 21.65 39.06
CA SER A 180 -72.56 20.31 38.69
C SER A 180 -71.64 19.63 39.70
N LYS A 181 -70.74 20.42 40.28
CA LYS A 181 -69.75 19.95 41.27
C LYS A 181 -68.68 19.05 40.63
N ILE A 182 -68.80 18.85 39.32
CA ILE A 182 -67.81 18.11 38.55
C ILE A 182 -67.16 19.03 37.51
N ASP A 183 -65.92 18.73 37.16
CA ASP A 183 -65.12 19.62 36.33
C ASP A 183 -65.18 19.28 34.85
N HIS A 184 -66.28 18.67 34.42
CA HIS A 184 -66.42 18.28 33.02
C HIS A 184 -67.86 17.93 32.71
N ILE A 185 -68.19 17.89 31.43
CA ILE A 185 -69.54 17.58 30.99
C ILE A 185 -69.78 16.07 31.03
N ASN A 186 -70.46 15.60 32.07
CA ASN A 186 -70.61 14.16 32.30
C ASN A 186 -71.40 13.45 31.20
N GLU A 187 -70.76 13.21 30.06
CA GLU A 187 -71.43 12.60 28.92
C GLU A 187 -70.45 11.74 28.10
N GLU A 188 -70.84 10.51 27.79
CA GLU A 188 -69.96 9.57 27.08
C GLU A 188 -69.89 9.85 25.60
N SER A 189 -70.95 10.42 25.05
CA SER A 189 -70.99 10.67 23.62
C SER A 189 -70.45 12.07 23.30
N TRP A 190 -69.46 12.16 22.42
CA TRP A 190 -68.95 13.47 22.02
C TRP A 190 -70.00 14.32 21.31
N GLU A 191 -71.03 13.69 20.76
CA GLU A 191 -72.05 14.45 20.05
C GLU A 191 -73.10 15.08 20.99
N LYS A 192 -73.18 14.56 22.22
CA LYS A 192 -74.00 15.21 23.26
C LYS A 192 -73.16 16.20 24.05
N VAL A 193 -71.87 16.19 23.81
CA VAL A 193 -70.99 17.18 24.42
C VAL A 193 -70.85 18.37 23.47
N VAL A 194 -71.03 18.13 22.18
CA VAL A 194 -71.09 19.22 21.21
C VAL A 194 -72.41 19.96 21.39
N GLU A 195 -73.47 19.20 21.59
CA GLU A 195 -74.80 19.76 21.73
C GLU A 195 -74.89 20.65 22.95
N PHE A 196 -74.34 20.15 24.06
CA PHE A 196 -74.20 20.93 25.27
C PHE A 196 -73.51 22.25 25.00
N ALA A 197 -72.41 22.20 24.26
CA ALA A 197 -71.60 23.40 24.05
C ALA A 197 -72.27 24.37 23.12
N ILE A 198 -73.07 23.88 22.19
CA ILE A 198 -73.81 24.76 21.32
C ILE A 198 -74.97 25.40 22.10
N THR A 199 -75.52 24.65 23.06
CA THR A 199 -76.64 25.13 23.86
C THR A 199 -76.22 26.30 24.73
N HIS A 200 -75.10 26.17 25.46
CA HIS A 200 -74.68 27.25 26.36
C HIS A 200 -74.17 28.44 25.58
N MET A 201 -73.59 28.15 24.43
CA MET A 201 -73.29 29.18 23.44
C MET A 201 -74.54 29.98 23.13
N ILE A 202 -75.65 29.29 22.86
CA ILE A 202 -76.89 29.95 22.50
C ILE A 202 -77.44 30.86 23.62
N ASP A 203 -77.53 30.34 24.85
CA ASP A 203 -78.01 31.12 26.01
C ASP A 203 -77.23 32.40 26.24
N ALA A 204 -75.95 32.24 26.56
CA ALA A 204 -75.09 33.37 26.85
C ALA A 204 -75.08 34.40 25.74
N LEU A 205 -74.99 33.95 24.50
CA LEU A 205 -74.92 34.88 23.37
C LEU A 205 -76.28 35.40 22.99
N GLY A 206 -77.31 34.74 23.53
CA GLY A 206 -78.68 35.12 23.28
C GLY A 206 -79.06 35.04 21.81
N THR A 207 -78.32 34.25 21.04
CA THR A 207 -78.65 34.13 19.62
C THR A 207 -78.80 32.69 19.12
N GLU A 208 -79.40 32.55 17.93
CA GLU A 208 -79.64 31.26 17.27
C GLU A 208 -78.53 31.02 16.25
N PHE A 209 -78.30 29.76 15.89
CA PHE A 209 -77.30 29.48 14.86
C PHE A 209 -77.87 28.59 13.75
N SER A 210 -77.50 28.87 12.51
CA SER A 210 -77.74 27.97 11.39
C SER A 210 -76.49 27.11 11.27
N LYS A 211 -76.47 26.18 10.32
CA LYS A 211 -75.35 25.25 10.17
C LYS A 211 -74.09 25.96 9.66
N ASN A 212 -74.29 27.10 9.01
CA ASN A 212 -73.19 27.89 8.45
C ASN A 212 -72.61 28.89 9.45
N ASP A 213 -73.16 28.96 10.65
CA ASP A 213 -72.78 30.00 11.63
C ASP A 213 -71.80 29.51 12.69
N LEU A 214 -71.60 28.21 12.75
CA LEU A 214 -70.69 27.64 13.73
C LEU A 214 -69.55 26.88 13.05
N GLU A 215 -68.49 26.68 13.83
CA GLU A 215 -67.39 25.81 13.47
C GLU A 215 -67.20 24.94 14.69
N VAL A 216 -67.01 23.64 14.48
CA VAL A 216 -66.87 22.74 15.62
C VAL A 216 -65.67 21.84 15.47
N GLY A 217 -64.84 21.78 16.51
CA GLY A 217 -63.72 20.87 16.55
C GLY A 217 -63.90 19.89 17.68
N VAL A 218 -63.66 18.62 17.39
CA VAL A 218 -63.74 17.58 18.41
C VAL A 218 -62.38 16.88 18.58
N ALA A 219 -62.03 16.61 19.82
CA ALA A 219 -60.82 15.89 20.08
C ALA A 219 -61.17 14.64 20.87
N THR A 220 -61.01 13.49 20.23
CA THR A 220 -61.19 12.22 20.90
C THR A 220 -59.83 11.61 21.20
N LYS A 221 -59.84 10.43 21.80
CA LYS A 221 -58.63 9.59 21.91
C LYS A 221 -58.00 9.33 20.53
N ASP A 222 -56.76 9.81 20.38
CA ASP A 222 -56.01 9.75 19.10
C ASP A 222 -56.73 10.20 17.82
N LYS A 223 -57.62 11.17 17.96
CA LYS A 223 -58.05 11.96 16.83
C LYS A 223 -58.65 13.31 17.26
N PHE A 224 -58.19 14.37 16.57
CA PHE A 224 -58.84 15.64 16.61
C PHE A 224 -59.41 15.90 15.24
N PHE A 225 -60.68 16.31 15.17
CA PHE A 225 -61.35 16.58 13.89
C PHE A 225 -62.38 17.71 13.93
N THR A 226 -62.65 18.27 12.75
CA THR A 226 -63.67 19.29 12.60
C THR A 226 -64.89 18.74 11.87
N LEU A 227 -66.07 19.02 12.43
CA LEU A 227 -67.36 18.69 11.85
C LEU A 227 -67.64 19.51 10.58
N SER A 228 -68.39 18.92 9.66
CA SER A 228 -68.83 19.62 8.47
C SER A 228 -70.08 20.42 8.78
N ALA A 229 -70.61 21.10 7.77
CA ALA A 229 -71.88 21.78 7.92
C ALA A 229 -72.95 20.78 8.36
N GLU A 230 -72.91 19.59 7.79
CA GLU A 230 -73.98 18.60 7.99
C GLU A 230 -73.92 17.87 9.32
N ASN A 231 -72.73 17.65 9.85
CA ASN A 231 -72.59 17.01 11.15
C ASN A 231 -73.10 17.99 12.20
N ILE A 232 -72.83 19.28 11.96
CA ILE A 232 -73.33 20.38 12.76
C ILE A 232 -74.86 20.42 12.72
N GLU A 233 -75.42 20.50 11.51
CA GLU A 233 -76.87 20.42 11.29
C GLU A 233 -77.56 19.34 12.10
N GLU A 234 -76.91 18.19 12.18
CA GLU A 234 -77.41 17.03 12.89
C GLU A 234 -77.48 17.28 14.40
N ARG A 235 -76.53 18.07 14.91
CA ARG A 235 -76.57 18.47 16.31
C ARG A 235 -77.65 19.55 16.47
N LEU A 236 -77.73 20.46 15.51
CA LEU A 236 -78.66 21.60 15.59
C LEU A 236 -80.12 21.16 15.54
N VAL A 237 -80.37 20.06 14.84
CA VAL A 237 -81.68 19.46 14.85
C VAL A 237 -81.94 18.89 16.23
N ALA A 238 -81.08 17.96 16.64
CA ALA A 238 -81.24 17.27 17.92
C ALA A 238 -81.37 18.19 19.14
N ILE A 239 -80.76 19.38 19.11
CA ILE A 239 -80.92 20.29 20.25
C ILE A 239 -82.36 20.81 20.34
N ALA A 240 -82.94 21.17 19.18
CA ALA A 240 -84.30 21.71 19.14
C ALA A 240 -85.37 20.69 19.51
N GLU A 241 -85.54 20.47 20.83
CA GLU A 241 -86.56 19.56 21.36
C GLU A 241 -87.53 20.31 22.28
N MET B 1 -36.13 38.42 10.03
CA MET B 1 -35.38 38.62 11.27
C MET B 1 -34.11 39.48 11.07
N THR B 2 -34.25 40.79 11.26
CA THR B 2 -33.11 41.70 11.24
C THR B 2 -33.03 42.46 12.56
N ASP B 3 -32.60 41.79 13.63
CA ASP B 3 -32.47 42.45 14.92
C ASP B 3 -31.47 43.60 14.80
N ARG B 4 -32.01 44.82 14.73
CA ARG B 4 -31.18 46.01 14.61
C ARG B 4 -30.91 46.56 16.00
N TYR B 5 -31.59 45.98 16.99
CA TYR B 5 -31.55 46.50 18.34
C TYR B 5 -30.35 45.97 19.10
N SER B 6 -29.16 46.42 18.74
CA SER B 6 -27.94 45.91 19.33
C SER B 6 -27.39 46.84 20.41
N PHE B 7 -28.23 47.78 20.84
CA PHE B 7 -27.88 48.74 21.88
C PHE B 7 -28.69 48.50 23.17
N SER B 8 -28.14 48.94 24.30
CA SER B 8 -28.81 48.76 25.58
C SER B 8 -30.16 49.45 25.57
N LEU B 9 -31.13 48.88 26.28
CA LEU B 9 -32.41 49.55 26.47
C LEU B 9 -32.54 50.01 27.92
N THR B 10 -31.57 49.63 28.74
CA THR B 10 -31.37 50.19 30.05
C THR B 10 -30.12 51.04 29.95
N THR B 11 -30.27 52.33 30.24
CA THR B 11 -29.16 53.27 30.23
C THR B 11 -29.29 54.09 31.47
N PHE B 12 -28.20 54.72 31.92
CA PHE B 12 -28.26 55.59 33.09
C PHE B 12 -28.97 56.92 32.78
N SER B 13 -29.85 57.36 33.69
CA SER B 13 -30.44 58.69 33.58
C SER B 13 -29.52 59.67 34.32
N PRO B 14 -29.65 60.98 34.05
CA PRO B 14 -28.75 61.99 34.65
C PRO B 14 -28.65 61.91 36.15
N SER B 15 -29.74 61.53 36.80
CA SER B 15 -29.74 61.31 38.24
C SER B 15 -28.91 60.09 38.69
N GLY B 16 -28.65 59.18 37.75
CA GLY B 16 -27.95 57.93 38.09
C GLY B 16 -28.87 56.75 38.31
N LYS B 17 -30.08 56.81 37.76
CA LYS B 17 -31.03 55.73 37.93
C LYS B 17 -30.96 54.84 36.71
N LEU B 18 -31.21 53.55 36.90
CA LEU B 18 -31.43 52.70 35.75
C LEU B 18 -32.94 52.55 35.60
N GLY B 19 -33.48 53.34 34.69
CA GLY B 19 -34.92 53.44 34.49
C GLY B 19 -35.61 52.10 34.47
N GLN B 20 -35.17 51.23 33.56
CA GLN B 20 -35.83 49.95 33.32
C GLN B 20 -35.69 48.93 34.48
N ILE B 21 -34.63 49.04 35.27
CA ILE B 21 -34.56 48.21 36.47
C ILE B 21 -35.61 48.64 37.51
N ASP B 22 -35.74 49.95 37.73
CA ASP B 22 -36.75 50.49 38.63
C ASP B 22 -38.18 50.12 38.23
N TYR B 23 -38.51 50.31 36.97
CA TYR B 23 -39.83 49.97 36.49
C TYR B 23 -40.08 48.45 36.62
N ALA B 24 -39.05 47.65 36.38
CA ALA B 24 -39.13 46.23 36.61
C ALA B 24 -39.44 45.94 38.08
N LEU B 25 -38.68 46.52 38.99
CA LEU B 25 -38.95 46.36 40.41
C LEU B 25 -40.37 46.81 40.73
N THR B 26 -40.87 47.78 39.97
CA THR B 26 -42.20 48.29 40.20
C THR B 26 -43.24 47.23 39.81
N ALA B 27 -42.97 46.52 38.72
CA ALA B 27 -43.81 45.38 38.37
C ALA B 27 -43.78 44.28 39.43
N VAL B 28 -42.62 44.05 40.04
CA VAL B 28 -42.52 43.09 41.14
C VAL B 28 -43.39 43.48 42.33
N LYS B 29 -43.34 44.75 42.70
CA LYS B 29 -44.12 45.30 43.82
C LYS B 29 -45.61 45.03 43.65
N GLN B 30 -46.07 45.04 42.41
CA GLN B 30 -47.47 44.83 42.12
C GLN B 30 -47.87 43.34 42.09
N GLY B 31 -46.89 42.44 41.97
CA GLY B 31 -47.19 41.02 41.95
C GLY B 31 -47.61 40.44 43.30
N VAL B 32 -48.28 39.30 43.26
CA VAL B 32 -48.75 38.60 44.44
C VAL B 32 -47.61 38.37 45.42
N THR B 33 -47.93 38.37 46.71
CA THR B 33 -46.93 38.12 47.74
C THR B 33 -46.41 36.69 47.67
N SER B 34 -45.09 36.55 47.84
CA SER B 34 -44.49 35.26 48.22
C SER B 34 -43.40 35.51 49.29
N LEU B 35 -43.07 34.48 50.06
CA LEU B 35 -42.12 34.61 51.18
C LEU B 35 -41.30 33.33 51.39
N GLY B 36 -40.17 33.46 52.08
CA GLY B 36 -39.38 32.32 52.50
C GLY B 36 -38.89 32.45 53.93
N ILE B 37 -38.72 31.34 54.62
CA ILE B 37 -38.24 31.36 56.01
C ILE B 37 -37.28 30.20 56.28
N LYS B 38 -36.16 30.51 56.91
CA LYS B 38 -35.16 29.51 57.17
C LYS B 38 -35.18 29.01 58.62
N ALA B 39 -35.39 27.71 58.82
CA ALA B 39 -35.21 27.10 60.14
C ALA B 39 -33.83 26.41 60.28
N THR B 40 -33.66 25.64 61.36
CA THR B 40 -32.40 24.94 61.59
C THR B 40 -32.34 23.63 60.80
N ASN B 41 -33.49 23.02 60.61
CA ASN B 41 -33.56 21.77 59.86
C ASN B 41 -34.42 21.92 58.61
N GLY B 42 -34.35 23.10 57.99
CA GLY B 42 -35.11 23.32 56.76
C GLY B 42 -35.36 24.76 56.36
N VAL B 43 -35.99 24.91 55.20
CA VAL B 43 -36.40 26.21 54.71
C VAL B 43 -37.76 25.98 54.10
N VAL B 44 -38.68 26.94 54.28
CA VAL B 44 -40.00 26.84 53.70
C VAL B 44 -40.17 27.99 52.72
N ILE B 45 -40.92 27.78 51.64
CA ILE B 45 -41.27 28.86 50.73
C ILE B 45 -42.74 28.85 50.40
N ALA B 46 -43.36 30.02 50.50
CA ALA B 46 -44.82 30.14 50.43
C ALA B 46 -45.28 31.18 49.41
N THR B 47 -46.47 30.97 48.84
CA THR B 47 -47.06 31.95 47.95
C THR B 47 -48.54 31.69 47.74
N GLU B 48 -49.26 32.73 47.30
CA GLU B 48 -50.70 32.60 47.06
C GLU B 48 -51.03 32.28 45.59
N LYS B 49 -51.63 31.13 45.32
CA LYS B 49 -52.11 30.84 43.96
C LYS B 49 -53.37 31.65 43.67
N LYS B 50 -53.20 32.83 43.09
CA LYS B 50 -54.35 33.65 42.75
C LYS B 50 -54.99 33.22 41.42
N SER B 51 -56.08 32.46 41.52
CA SER B 51 -56.76 31.94 40.34
C SER B 51 -57.35 33.06 39.48
N SER B 52 -57.05 33.03 38.18
CA SER B 52 -57.60 34.02 37.24
C SER B 52 -58.86 33.52 36.51
N SER B 53 -59.50 32.53 37.13
CA SER B 53 -60.85 32.06 36.79
C SER B 53 -61.07 30.80 37.62
N PRO B 54 -62.30 30.61 38.15
CA PRO B 54 -62.53 29.33 38.80
C PRO B 54 -62.73 28.26 37.73
N LEU B 55 -62.73 28.71 36.47
CA LEU B 55 -62.78 27.83 35.32
C LEU B 55 -61.38 27.31 35.00
N ALA B 56 -60.38 27.95 35.62
CA ALA B 56 -59.00 27.55 35.47
C ALA B 56 -58.65 26.54 36.54
N MET B 57 -57.88 25.52 36.16
CA MET B 57 -57.38 24.53 37.09
C MET B 57 -56.04 24.99 37.62
N SER B 58 -55.99 25.34 38.91
CA SER B 58 -54.84 26.04 39.46
C SER B 58 -53.70 25.09 39.78
N GLU B 59 -54.03 23.80 39.81
CA GLU B 59 -53.02 22.76 39.97
C GLU B 59 -52.21 22.62 38.69
N THR B 60 -52.73 23.18 37.59
CA THR B 60 -51.99 23.16 36.34
C THR B 60 -50.92 24.22 36.37
N LEU B 61 -51.05 25.15 37.31
CA LEU B 61 -50.00 26.14 37.46
C LEU B 61 -49.43 26.24 38.86
N SER B 62 -48.31 25.53 39.05
CA SER B 62 -47.46 25.71 40.21
C SER B 62 -46.73 27.03 40.07
N LYS B 63 -46.56 27.68 41.21
CA LYS B 63 -45.89 28.95 41.32
C LYS B 63 -44.56 28.63 42.01
N VAL B 64 -44.49 27.44 42.60
CA VAL B 64 -43.26 26.95 43.20
C VAL B 64 -42.62 25.87 42.32
N SER B 65 -41.39 26.11 41.88
CA SER B 65 -40.71 25.22 40.94
C SER B 65 -39.47 24.53 41.52
N LEU B 66 -39.36 23.23 41.25
CA LEU B 66 -38.11 22.48 41.54
C LEU B 66 -37.01 22.87 40.54
N LEU B 67 -35.84 23.24 41.06
CA LEU B 67 -34.71 23.60 40.21
C LEU B 67 -33.70 22.46 40.14
N THR B 68 -33.21 22.04 41.30
CA THR B 68 -32.50 20.77 41.46
C THR B 68 -33.23 20.04 42.59
N PRO B 69 -32.98 18.74 42.78
CA PRO B 69 -33.66 18.05 43.89
C PRO B 69 -33.40 18.62 45.30
N ASP B 70 -32.49 19.60 45.44
CA ASP B 70 -32.27 20.27 46.73
C ASP B 70 -32.58 21.77 46.68
N ILE B 71 -33.28 22.23 45.65
CA ILE B 71 -33.44 23.65 45.43
C ILE B 71 -34.78 23.96 44.77
N GLY B 72 -35.56 24.85 45.39
CA GLY B 72 -36.83 25.28 44.84
C GLY B 72 -36.87 26.80 44.67
N ALA B 73 -37.76 27.27 43.81
CA ALA B 73 -37.92 28.68 43.59
C ALA B 73 -39.39 29.08 43.75
N VAL B 74 -39.60 30.32 44.16
CA VAL B 74 -40.93 30.94 44.09
C VAL B 74 -40.67 32.39 43.72
N TYR B 75 -41.68 33.06 43.18
CA TYR B 75 -41.45 34.42 42.71
C TYR B 75 -42.62 35.36 43.02
N SER B 76 -42.40 36.64 42.72
CA SER B 76 -43.45 37.62 42.68
C SER B 76 -43.10 38.50 41.51
N GLY B 77 -44.06 38.76 40.65
CA GLY B 77 -43.81 39.56 39.47
C GLY B 77 -44.58 38.99 38.32
N MET B 78 -44.00 39.08 37.13
CA MET B 78 -44.58 38.51 35.91
C MET B 78 -44.31 36.99 35.76
N GLY B 79 -45.38 36.22 35.63
CA GLY B 79 -45.31 34.78 35.45
C GLY B 79 -44.45 34.30 34.29
N PRO B 80 -44.76 34.72 33.06
CA PRO B 80 -43.98 34.19 31.93
C PRO B 80 -42.47 34.55 31.98
N ASP B 81 -42.10 35.56 32.75
CA ASP B 81 -40.68 35.80 32.96
C ASP B 81 -40.09 34.77 33.94
N TYR B 82 -40.89 34.35 34.91
CA TYR B 82 -40.44 33.37 35.89
C TYR B 82 -40.30 32.00 35.23
N ARG B 83 -41.30 31.65 34.45
CA ARG B 83 -41.38 30.33 33.80
C ARG B 83 -40.09 30.12 33.02
N VAL B 84 -39.84 31.04 32.11
CA VAL B 84 -38.64 31.04 31.30
C VAL B 84 -37.40 30.99 32.16
N LEU B 85 -37.34 31.80 33.21
CA LEU B 85 -36.17 31.85 34.08
C LEU B 85 -35.86 30.52 34.75
N VAL B 86 -36.92 29.79 35.13
CA VAL B 86 -36.80 28.48 35.77
C VAL B 86 -36.19 27.44 34.82
N ASP B 87 -36.68 27.41 33.58
CA ASP B 87 -36.14 26.56 32.55
C ASP B 87 -34.64 26.80 32.43
N LYS B 88 -34.26 28.05 32.20
CA LYS B 88 -32.85 28.36 32.02
C LYS B 88 -32.01 27.96 33.24
N SER B 89 -32.62 27.99 34.42
CA SER B 89 -31.88 27.78 35.66
C SER B 89 -31.71 26.28 35.87
N ARG B 90 -32.70 25.50 35.45
CA ARG B 90 -32.55 24.06 35.48
C ARG B 90 -31.43 23.64 34.54
N LYS B 91 -31.41 24.23 33.34
CA LYS B 91 -30.37 23.87 32.38
C LYS B 91 -28.95 24.28 32.80
N VAL B 92 -28.75 25.46 33.39
CA VAL B 92 -27.37 25.79 33.78
C VAL B 92 -26.89 24.96 34.95
N ALA B 93 -27.81 24.45 35.74
CA ALA B 93 -27.40 23.59 36.85
C ALA B 93 -26.80 22.29 36.28
N HIS B 94 -27.14 22.00 35.03
CA HIS B 94 -26.58 20.85 34.35
C HIS B 94 -25.35 21.25 33.54
N THR B 95 -25.58 22.01 32.48
CA THR B 95 -24.53 22.41 31.56
C THR B 95 -23.31 23.04 32.23
N SER B 96 -23.50 23.69 33.36
CA SER B 96 -22.41 24.45 33.94
C SER B 96 -22.00 23.92 35.28
N TYR B 97 -22.62 22.82 35.69
CA TYR B 97 -22.24 22.22 36.96
C TYR B 97 -22.35 20.68 36.98
N LYS B 98 -23.54 20.15 36.69
CA LYS B 98 -23.77 18.71 36.73
C LYS B 98 -22.86 17.98 35.73
N ARG B 99 -22.87 18.43 34.49
CA ARG B 99 -22.06 17.84 33.44
C ARG B 99 -20.56 18.08 33.60
N ILE B 100 -20.13 18.53 34.77
CA ILE B 100 -18.71 18.81 34.96
C ILE B 100 -18.20 18.24 36.28
N TYR B 101 -19.05 18.18 37.29
CA TYR B 101 -18.64 17.70 38.61
C TYR B 101 -19.45 16.51 39.07
N GLY B 102 -20.43 16.11 38.26
CA GLY B 102 -21.27 14.98 38.63
C GLY B 102 -22.15 15.24 39.84
N GLU B 103 -22.18 16.51 40.28
CA GLU B 103 -23.01 16.96 41.40
C GLU B 103 -23.94 18.05 40.89
N TYR B 104 -24.99 18.34 41.65
CA TYR B 104 -25.77 19.55 41.42
C TYR B 104 -25.10 20.69 42.16
N PRO B 105 -25.29 21.94 41.68
CA PRO B 105 -24.61 23.09 42.27
C PRO B 105 -25.09 23.36 43.68
N PRO B 106 -24.27 24.02 44.50
CA PRO B 106 -24.72 24.51 45.81
C PRO B 106 -25.64 25.73 45.64
N THR B 107 -26.56 25.95 46.58
CA THR B 107 -27.56 27.01 46.47
C THR B 107 -26.99 28.37 45.98
N LYS B 108 -25.91 28.85 46.59
CA LYS B 108 -25.33 30.13 46.19
C LYS B 108 -24.97 30.19 44.71
N LEU B 109 -24.34 29.12 44.21
CA LEU B 109 -23.83 29.11 42.83
C LEU B 109 -24.92 29.08 41.77
N LEU B 110 -25.94 28.26 42.00
CA LEU B 110 -27.05 28.27 41.08
C LEU B 110 -27.70 29.67 41.09
N VAL B 111 -27.85 30.22 42.29
CA VAL B 111 -28.43 31.55 42.48
C VAL B 111 -27.62 32.54 41.68
N SER B 112 -26.31 32.47 41.87
CA SER B 112 -25.38 33.35 41.19
C SER B 112 -25.52 33.25 39.67
N GLU B 113 -25.71 32.04 39.18
CA GLU B 113 -25.95 31.80 37.77
C GLU B 113 -27.24 32.47 37.32
N VAL B 114 -28.29 32.31 38.12
CA VAL B 114 -29.56 33.00 37.86
C VAL B 114 -29.38 34.53 37.83
N ALA B 115 -28.67 35.06 38.82
CA ALA B 115 -28.32 36.48 38.90
C ALA B 115 -27.67 36.97 37.61
N LYS B 116 -26.74 36.18 37.11
CA LYS B 116 -25.98 36.52 35.92
C LYS B 116 -26.90 36.64 34.72
N ILE B 117 -27.87 35.72 34.62
CA ILE B 117 -28.84 35.73 33.55
C ILE B 117 -29.65 37.03 33.61
N MET B 118 -30.08 37.37 34.81
CA MET B 118 -30.82 38.59 34.99
C MET B 118 -29.97 39.83 34.75
N GLN B 119 -28.73 39.84 35.22
CA GLN B 119 -27.85 40.98 34.95
C GLN B 119 -27.71 41.22 33.44
N GLU B 120 -27.66 40.15 32.66
CA GLU B 120 -27.44 40.29 31.22
C GLU B 120 -28.58 41.01 30.55
N ALA B 121 -29.79 40.83 31.06
CA ALA B 121 -30.98 41.44 30.46
C ALA B 121 -31.17 42.94 30.83
N THR B 122 -30.26 43.46 31.64
CA THR B 122 -30.27 44.87 32.01
C THR B 122 -29.11 45.56 31.32
N GLN B 123 -28.46 44.87 30.38
CA GLN B 123 -27.30 45.44 29.71
C GLN B 123 -27.19 45.08 28.23
N SER B 124 -27.69 43.92 27.81
CA SER B 124 -27.50 43.48 26.42
C SER B 124 -28.39 44.21 25.43
N GLY B 125 -27.98 44.19 24.17
CA GLY B 125 -28.74 44.80 23.11
C GLY B 125 -30.18 44.32 23.00
N GLY B 126 -31.11 45.27 22.95
CA GLY B 126 -32.48 45.00 22.54
C GLY B 126 -33.37 44.21 23.48
N VAL B 127 -33.14 44.30 24.78
CA VAL B 127 -33.99 43.59 25.75
C VAL B 127 -34.36 44.47 26.92
N ARG B 128 -35.47 44.12 27.57
CA ARG B 128 -35.82 44.78 28.82
C ARG B 128 -35.38 43.85 29.92
N PRO B 129 -35.26 44.35 31.14
CA PRO B 129 -34.95 43.41 32.21
C PRO B 129 -36.09 42.45 32.46
N PHE B 130 -35.83 41.49 33.33
CA PHE B 130 -36.88 40.62 33.85
C PHE B 130 -37.70 41.37 34.91
N GLY B 131 -38.99 41.04 34.99
CA GLY B 131 -39.89 41.68 35.91
C GLY B 131 -40.34 40.69 36.96
N VAL B 132 -39.39 39.97 37.52
CA VAL B 132 -39.69 39.10 38.63
C VAL B 132 -38.64 39.32 39.68
N SER B 133 -38.95 38.88 40.90
CA SER B 133 -37.95 38.68 41.93
C SER B 133 -38.16 37.27 42.41
N LEU B 134 -37.08 36.52 42.54
CA LEU B 134 -37.21 35.13 42.96
C LEU B 134 -36.67 34.97 44.36
N LEU B 135 -37.33 34.12 45.13
CA LEU B 135 -36.76 33.59 46.36
C LEU B 135 -36.40 32.16 46.03
N ILE B 136 -35.13 31.83 46.29
CA ILE B 136 -34.60 30.53 45.97
C ILE B 136 -34.14 29.89 47.24
N ALA B 137 -34.65 28.71 47.52
CA ALA B 137 -34.37 28.01 48.77
C ALA B 137 -33.65 26.70 48.48
N GLY B 138 -32.72 26.32 49.35
CA GLY B 138 -31.98 25.10 49.14
C GLY B 138 -31.05 24.58 50.22
N HIS B 139 -30.57 23.37 49.99
CA HIS B 139 -29.59 22.73 50.87
C HIS B 139 -28.39 22.21 50.08
N ASP B 140 -27.22 22.22 50.70
CA ASP B 140 -26.08 21.47 50.18
C ASP B 140 -25.20 21.07 51.34
N GLU B 141 -24.28 20.13 51.07
CA GLU B 141 -23.50 19.47 52.12
C GLU B 141 -22.60 20.40 52.96
N PHE B 142 -21.91 21.33 52.33
CA PHE B 142 -20.96 22.18 53.03
C PHE B 142 -21.56 23.53 53.44
N ASN B 143 -22.68 23.91 52.84
CA ASN B 143 -23.28 25.20 53.19
C ASN B 143 -24.53 25.05 54.04
N GLY B 144 -25.08 23.85 54.07
CA GLY B 144 -26.29 23.60 54.82
C GLY B 144 -27.50 24.23 54.13
N PHE B 145 -28.46 24.69 54.93
CA PHE B 145 -29.65 25.30 54.37
C PHE B 145 -29.40 26.75 54.06
N SER B 146 -29.98 27.22 52.95
CA SER B 146 -29.96 28.65 52.65
C SER B 146 -31.22 29.14 51.90
N LEU B 147 -31.35 30.47 51.85
CA LEU B 147 -32.49 31.14 51.23
C LEU B 147 -32.04 32.47 50.63
N TYR B 148 -32.25 32.63 49.34
CA TYR B 148 -31.70 33.77 48.61
C TYR B 148 -32.80 34.54 47.92
N GLN B 149 -32.63 35.84 47.86
CA GLN B 149 -33.52 36.66 47.08
C GLN B 149 -32.70 37.20 45.93
N VAL B 150 -33.27 37.19 44.74
CA VAL B 150 -32.55 37.69 43.58
C VAL B 150 -33.50 38.66 42.82
N ASP B 151 -33.01 39.88 42.55
CA ASP B 151 -33.84 40.96 42.00
C ASP B 151 -33.57 41.21 40.52
N PRO B 152 -34.51 41.87 39.82
CA PRO B 152 -34.34 42.16 38.39
C PRO B 152 -32.98 42.76 38.03
N SER B 153 -32.34 43.46 38.97
CA SER B 153 -31.05 44.11 38.70
C SER B 153 -29.98 43.05 38.55
N GLY B 154 -30.27 41.84 39.03
CA GLY B 154 -29.27 40.79 39.09
C GLY B 154 -28.60 40.72 40.46
N SER B 155 -29.01 41.61 41.37
CA SER B 155 -28.45 41.63 42.71
C SER B 155 -29.13 40.58 43.58
N TYR B 156 -28.38 39.95 44.47
CA TYR B 156 -28.95 38.90 45.31
C TYR B 156 -28.38 38.98 46.71
N PHE B 157 -29.11 38.44 47.68
CA PHE B 157 -28.75 38.53 49.07
C PHE B 157 -29.35 37.38 49.84
N PRO B 158 -28.65 36.92 50.87
CA PRO B 158 -29.16 35.83 51.70
C PRO B 158 -30.04 36.35 52.85
N TRP B 159 -31.08 35.60 53.19
CA TRP B 159 -32.02 36.04 54.20
C TRP B 159 -32.25 34.98 55.27
N LYS B 160 -32.51 35.42 56.49
CA LYS B 160 -33.02 34.53 57.53
C LYS B 160 -34.49 34.28 57.22
N ALA B 161 -35.16 35.32 56.76
CA ALA B 161 -36.49 35.19 56.18
C ALA B 161 -36.83 36.51 55.54
N THR B 162 -37.76 36.51 54.59
CA THR B 162 -38.20 37.74 53.95
C THR B 162 -39.43 37.49 53.08
N ALA B 163 -39.99 38.56 52.53
CA ALA B 163 -41.11 38.45 51.60
C ALA B 163 -40.94 39.44 50.46
N ILE B 164 -41.68 39.20 49.37
CA ILE B 164 -41.61 40.02 48.18
C ILE B 164 -43.02 40.16 47.60
N GLY B 165 -43.24 41.15 46.75
CA GLY B 165 -44.57 41.40 46.21
C GLY B 165 -45.33 42.46 46.99
N LYS B 166 -46.65 42.29 47.10
CA LYS B 166 -47.53 43.35 47.59
C LYS B 166 -47.23 43.77 49.02
N GLY B 167 -47.47 42.86 49.96
CA GLY B 167 -47.39 43.23 51.36
C GLY B 167 -46.03 42.88 51.90
N SER B 168 -45.00 43.16 51.10
CA SER B 168 -43.64 42.79 51.47
C SER B 168 -43.16 43.53 52.74
N VAL B 169 -43.57 44.80 52.90
CA VAL B 169 -43.16 45.59 54.06
C VAL B 169 -43.88 45.18 55.36
N ALA B 170 -45.17 44.86 55.25
CA ALA B 170 -45.93 44.30 56.36
C ALA B 170 -45.41 42.94 56.82
N ALA B 171 -45.32 42.03 55.86
CA ALA B 171 -44.88 40.67 56.09
C ALA B 171 -43.46 40.65 56.65
N LYS B 172 -42.57 41.45 56.07
CA LYS B 172 -41.19 41.56 56.58
C LYS B 172 -41.20 41.91 58.04
N THR B 173 -41.91 42.99 58.36
CA THR B 173 -42.12 43.43 59.73
C THR B 173 -42.66 42.30 60.63
N PHE B 174 -43.69 41.60 60.16
CA PHE B 174 -44.22 40.49 60.94
C PHE B 174 -43.21 39.37 61.16
N LEU B 175 -42.29 39.19 60.21
CA LEU B 175 -41.31 38.11 60.30
C LEU B 175 -40.19 38.36 61.30
N GLU B 176 -39.74 39.60 61.42
CA GLU B 176 -38.68 39.92 62.37
C GLU B 176 -39.17 39.60 63.79
N LYS B 177 -40.47 39.77 63.99
CA LYS B 177 -41.05 39.61 65.31
C LYS B 177 -41.12 38.14 65.73
N ARG B 178 -41.36 37.26 64.77
CA ARG B 178 -41.54 35.86 65.10
C ARG B 178 -40.28 35.01 64.86
N TRP B 179 -39.25 35.59 64.26
CA TRP B 179 -38.06 34.82 63.89
C TRP B 179 -36.95 34.78 64.95
N ASN B 180 -36.65 33.57 65.42
CA ASN B 180 -35.43 33.33 66.19
C ASN B 180 -34.55 32.33 65.43
N ASP B 181 -33.36 32.06 65.95
CA ASP B 181 -32.46 31.14 65.28
C ASP B 181 -32.65 29.67 65.70
N GLU B 182 -33.58 29.43 66.62
CA GLU B 182 -33.84 28.09 67.13
C GLU B 182 -35.11 27.46 66.53
N LEU B 183 -35.65 28.08 65.48
CA LEU B 183 -36.87 27.59 64.85
C LEU B 183 -36.69 26.21 64.25
N GLU B 184 -37.68 25.34 64.45
CA GLU B 184 -37.71 24.06 63.77
C GLU B 184 -38.45 24.28 62.46
N LEU B 185 -38.32 23.34 61.52
CA LEU B 185 -38.98 23.47 60.23
C LEU B 185 -40.50 23.51 60.40
N GLU B 186 -40.98 22.81 61.42
CA GLU B 186 -42.41 22.77 61.69
C GLU B 186 -42.94 24.09 62.26
N ASP B 187 -42.06 24.83 62.96
CA ASP B 187 -42.40 26.14 63.48
C ASP B 187 -42.45 27.16 62.35
N ALA B 188 -41.49 27.08 61.42
CA ALA B 188 -41.44 28.04 60.33
C ALA B 188 -42.57 27.87 59.32
N ILE B 189 -43.10 26.66 59.20
CA ILE B 189 -44.22 26.47 58.31
C ILE B 189 -45.41 27.17 58.92
N HIS B 190 -45.53 27.00 60.24
CA HIS B 190 -46.59 27.65 61.01
C HIS B 190 -46.52 29.16 60.80
N ILE B 191 -45.33 29.74 61.01
CA ILE B 191 -45.16 31.18 60.85
C ILE B 191 -45.47 31.63 59.43
N ALA B 192 -44.99 30.87 58.44
CA ALA B 192 -45.23 31.22 57.05
C ALA B 192 -46.71 31.22 56.73
N LEU B 193 -47.42 30.23 57.25
CA LEU B 193 -48.87 30.14 57.12
C LEU B 193 -49.58 31.40 57.66
N LEU B 194 -49.16 31.85 58.85
CA LEU B 194 -49.74 33.03 59.47
C LEU B 194 -49.49 34.25 58.62
N THR B 195 -48.22 34.44 58.25
CA THR B 195 -47.77 35.61 57.51
C THR B 195 -48.57 35.75 56.22
N LEU B 196 -48.96 34.61 55.67
CA LEU B 196 -49.66 34.55 54.40
C LEU B 196 -51.14 34.88 54.58
N LYS B 197 -51.67 34.50 55.74
CA LYS B 197 -53.06 34.76 56.09
C LYS B 197 -53.39 36.26 56.03
N GLU B 198 -52.42 37.07 56.44
CA GLU B 198 -52.58 38.53 56.41
C GLU B 198 -52.82 39.07 54.99
N SER B 199 -51.91 38.78 54.08
CA SER B 199 -51.99 39.32 52.71
C SER B 199 -52.98 38.58 51.80
N VAL B 200 -53.63 37.53 52.32
CA VAL B 200 -54.63 36.80 51.53
C VAL B 200 -56.06 37.28 51.82
N GLU B 201 -56.70 37.78 50.77
CA GLU B 201 -58.05 38.33 50.85
C GLU B 201 -59.13 37.27 51.00
N GLY B 202 -59.35 36.51 49.93
CA GLY B 202 -60.45 35.56 49.86
C GLY B 202 -60.28 34.27 50.65
N GLU B 203 -60.53 33.15 50.00
CA GLU B 203 -60.41 31.85 50.65
C GLU B 203 -58.95 31.56 50.93
N PHE B 204 -58.71 30.94 52.08
CA PHE B 204 -57.37 30.62 52.53
C PHE B 204 -57.34 29.18 53.00
N ASN B 205 -57.08 28.28 52.06
CA ASN B 205 -56.98 26.85 52.33
C ASN B 205 -55.79 26.27 51.59
N GLY B 206 -55.74 24.94 51.46
CA GLY B 206 -54.63 24.29 50.81
C GLY B 206 -54.72 24.30 49.30
N ASP B 207 -55.72 25.00 48.76
CA ASP B 207 -55.95 25.03 47.32
C ASP B 207 -55.67 26.42 46.76
N THR B 208 -55.45 27.38 47.65
CA THR B 208 -55.33 28.77 47.25
C THR B 208 -53.95 29.29 47.62
N ILE B 209 -53.24 28.50 48.41
CA ILE B 209 -51.85 28.81 48.74
C ILE B 209 -50.96 27.63 48.39
N GLU B 210 -49.67 27.87 48.29
CA GLU B 210 -48.74 26.87 47.80
C GLU B 210 -47.49 26.82 48.68
N LEU B 211 -47.15 25.65 49.18
CA LEU B 211 -45.99 25.54 50.06
C LEU B 211 -45.01 24.44 49.65
N ALA B 212 -43.73 24.76 49.80
CA ALA B 212 -42.67 23.83 49.54
C ALA B 212 -41.59 23.99 50.59
N ILE B 213 -40.86 22.91 50.85
CA ILE B 213 -39.80 22.95 51.83
C ILE B 213 -38.53 22.34 51.28
N ILE B 214 -37.40 22.79 51.82
CA ILE B 214 -36.18 22.05 51.66
C ILE B 214 -35.90 21.50 53.04
N GLY B 215 -36.20 20.22 53.24
CA GLY B 215 -35.99 19.61 54.53
C GLY B 215 -35.07 18.40 54.45
N ASP B 216 -35.55 17.30 55.01
CA ASP B 216 -34.78 16.07 55.04
C ASP B 216 -34.88 15.39 53.69
N GLU B 217 -34.10 14.30 53.52
CA GLU B 217 -34.14 13.52 52.29
C GLU B 217 -35.37 12.61 52.26
N ASN B 218 -36.05 12.57 51.12
CA ASN B 218 -37.23 11.74 50.94
C ASN B 218 -36.98 10.56 50.00
N PRO B 219 -36.39 9.47 50.51
CA PRO B 219 -36.02 8.34 49.64
C PRO B 219 -37.22 7.70 48.96
N ASP B 220 -38.41 7.97 49.51
CA ASP B 220 -39.66 7.53 48.89
C ASP B 220 -39.97 8.35 47.62
N LEU B 221 -39.17 9.38 47.36
CA LEU B 221 -39.35 10.18 46.15
C LEU B 221 -38.22 9.94 45.16
N LEU B 222 -37.24 9.13 45.58
CA LEU B 222 -36.09 8.77 44.76
C LEU B 222 -36.47 7.98 43.51
N GLY B 223 -37.20 6.89 43.68
CA GLY B 223 -37.68 6.09 42.56
C GLY B 223 -36.90 4.80 42.29
N TYR B 224 -35.82 4.61 43.05
CA TYR B 224 -35.03 3.40 42.94
C TYR B 224 -34.29 3.14 44.24
N THR B 225 -34.07 1.87 44.54
CA THR B 225 -33.27 1.50 45.69
C THR B 225 -32.03 0.77 45.20
N GLY B 226 -30.94 0.88 45.95
CA GLY B 226 -29.72 0.23 45.53
C GLY B 226 -28.47 1.00 45.94
N ILE B 227 -28.27 2.16 45.33
CA ILE B 227 -27.19 3.03 45.76
C ILE B 227 -27.52 3.58 47.15
N PRO B 228 -26.68 3.26 48.15
CA PRO B 228 -26.91 3.75 49.51
C PRO B 228 -26.35 5.18 49.71
N THR B 229 -25.75 5.74 48.66
CA THR B 229 -25.23 7.09 48.72
C THR B 229 -26.29 8.11 48.28
N ASP B 230 -27.25 7.66 47.49
CA ASP B 230 -28.32 8.52 47.04
C ASP B 230 -29.51 8.36 47.96
N LYS B 231 -29.85 9.44 48.68
CA LYS B 231 -30.90 9.34 49.71
C LYS B 231 -32.22 9.99 49.29
N GLY B 232 -32.21 10.69 48.16
CA GLY B 232 -33.42 11.31 47.67
C GLY B 232 -33.48 12.82 47.86
N PRO B 233 -34.44 13.47 47.19
CA PRO B 233 -34.51 14.93 47.13
C PRO B 233 -34.92 15.55 48.47
N ARG B 234 -34.37 16.73 48.77
CA ARG B 234 -34.74 17.44 49.98
C ARG B 234 -35.85 18.46 49.74
N PHE B 235 -36.04 18.85 48.47
CA PHE B 235 -37.17 19.65 48.06
C PHE B 235 -38.47 18.85 48.14
N ARG B 236 -39.45 19.37 48.86
CA ARG B 236 -40.81 18.81 48.77
C ARG B 236 -41.95 19.85 48.79
N LYS B 237 -42.80 19.77 47.77
CA LYS B 237 -43.96 20.61 47.65
C LYS B 237 -45.03 19.94 48.49
N LEU B 238 -45.88 20.72 49.13
CA LEU B 238 -46.88 20.15 50.04
C LEU B 238 -48.22 19.98 49.34
N THR B 239 -49.04 19.06 49.84
CA THR B 239 -50.36 18.81 49.25
C THR B 239 -51.44 19.72 49.85
N SER B 240 -52.60 19.76 49.19
CA SER B 240 -53.76 20.45 49.76
C SER B 240 -54.01 19.96 51.18
N GLN B 241 -54.02 18.64 51.35
CA GLN B 241 -54.25 18.01 52.65
C GLN B 241 -53.27 18.45 53.74
N GLU B 242 -51.97 18.39 53.48
CA GLU B 242 -50.97 18.75 54.49
C GLU B 242 -51.04 20.22 54.90
N ILE B 243 -51.54 21.04 53.98
CA ILE B 243 -51.69 22.46 54.25
C ILE B 243 -52.91 22.64 55.15
N ASN B 244 -54.03 22.06 54.72
CA ASN B 244 -55.26 22.09 55.51
C ASN B 244 -55.12 21.51 56.92
N ASP B 245 -54.36 20.42 57.05
CA ASP B 245 -54.09 19.80 58.35
C ASP B 245 -53.41 20.81 59.28
N ARG B 246 -52.42 21.51 58.74
CA ARG B 246 -51.70 22.49 59.53
C ARG B 246 -52.55 23.73 59.75
N LEU B 247 -53.72 23.78 59.11
CA LEU B 247 -54.60 24.93 59.26
C LEU B 247 -55.47 24.82 60.52
N GLU B 248 -55.72 23.59 60.97
CA GLU B 248 -56.27 23.38 62.31
C GLU B 248 -55.17 23.71 63.33
N ALA B 249 -54.74 24.97 63.37
CA ALA B 249 -53.64 25.44 64.20
C ALA B 249 -53.49 26.95 64.09
N GLY C 1 -37.25 52.46 10.89
CA GLY C 1 -36.13 51.76 11.49
C GLY C 1 -36.16 51.75 13.02
N SER C 2 -35.09 51.22 13.61
CA SER C 2 -34.96 51.10 15.07
C SER C 2 -34.04 52.18 15.66
N ARG C 3 -33.57 53.07 14.81
CA ARG C 3 -32.57 54.07 15.17
C ARG C 3 -33.07 55.02 16.25
N ARG C 4 -34.38 55.24 16.28
CA ARG C 4 -34.98 56.23 17.17
C ARG C 4 -34.90 55.81 18.63
N TYR C 5 -34.82 54.51 18.88
CA TYR C 5 -34.84 54.02 20.25
C TYR C 5 -33.44 53.94 20.87
N ASP C 6 -32.43 54.27 20.08
CA ASP C 6 -31.04 54.17 20.54
C ASP C 6 -30.62 55.42 21.32
N SER C 7 -30.23 55.21 22.57
CA SER C 7 -29.83 56.28 23.47
C SER C 7 -28.40 56.74 23.18
N ARG C 8 -27.73 56.05 22.24
CA ARG C 8 -26.33 56.32 21.92
C ARG C 8 -25.46 56.42 23.17
N THR C 9 -25.23 55.28 23.82
CA THR C 9 -24.56 55.22 25.10
C THR C 9 -23.09 55.62 25.01
N THR C 10 -22.59 55.86 23.81
CA THR C 10 -21.16 55.96 23.65
C THR C 10 -20.65 57.26 22.95
N ILE C 11 -21.34 58.38 23.18
CA ILE C 11 -20.95 59.65 22.55
C ILE C 11 -20.55 60.74 23.54
N PHE C 12 -19.83 61.75 23.02
CA PHE C 12 -19.40 62.91 23.80
C PHE C 12 -20.53 63.94 23.94
N SER C 13 -20.61 64.59 25.10
CA SER C 13 -21.34 65.86 25.23
C SER C 13 -20.51 66.98 24.59
N PRO C 14 -21.12 68.14 24.33
CA PRO C 14 -20.29 69.20 23.74
C PRO C 14 -19.16 69.70 24.65
N GLU C 15 -19.16 69.31 25.94
CA GLU C 15 -18.02 69.56 26.82
C GLU C 15 -16.90 68.53 26.63
N GLY C 16 -17.12 67.57 25.73
CA GLY C 16 -16.19 66.47 25.57
C GLY C 16 -16.22 65.53 26.76
N ARG C 17 -17.43 65.23 27.23
CA ARG C 17 -17.61 64.32 28.35
C ARG C 17 -18.49 63.18 27.88
N LEU C 18 -18.38 62.03 28.52
CA LEU C 18 -19.19 60.89 28.09
C LEU C 18 -20.44 60.86 28.95
N TYR C 19 -21.59 61.16 28.36
CA TYR C 19 -22.83 61.28 29.10
C TYR C 19 -23.05 60.12 30.09
N GLN C 20 -23.01 58.91 29.54
CA GLN C 20 -23.29 57.70 30.30
C GLN C 20 -22.30 57.43 31.44
N VAL C 21 -21.04 57.78 31.21
CA VAL C 21 -20.00 57.54 32.21
C VAL C 21 -20.23 58.43 33.42
N GLU C 22 -20.52 59.70 33.14
CA GLU C 22 -20.83 60.68 34.17
C GLU C 22 -22.10 60.29 34.91
N TYR C 23 -23.11 59.83 34.15
CA TYR C 23 -24.36 59.41 34.77
C TYR C 23 -24.16 58.16 35.62
N ALA C 24 -23.23 57.30 35.19
CA ALA C 24 -22.88 56.12 35.93
C ALA C 24 -22.12 56.46 37.20
N LEU C 25 -21.27 57.48 37.12
CA LEU C 25 -20.51 57.95 38.27
C LEU C 25 -21.44 58.53 39.31
N GLU C 26 -22.49 59.18 38.83
CA GLU C 26 -23.49 59.78 39.72
C GLU C 26 -24.22 58.65 40.43
N SER C 27 -24.41 57.55 39.72
CA SER C 27 -25.03 56.38 40.32
C SER C 27 -24.17 55.81 41.43
N ILE C 28 -22.87 55.84 41.23
CA ILE C 28 -21.93 55.25 42.16
C ILE C 28 -21.81 56.03 43.49
N SER C 29 -22.05 57.34 43.43
CA SER C 29 -22.07 58.18 44.63
C SER C 29 -23.21 57.83 45.59
N HIS C 30 -24.27 57.19 45.09
CA HIS C 30 -25.36 56.73 45.94
C HIS C 30 -25.05 55.37 46.63
N ALA C 31 -23.91 54.76 46.30
CA ALA C 31 -23.58 53.44 46.84
C ALA C 31 -22.75 53.53 48.12
N GLY C 32 -22.88 52.53 49.00
CA GLY C 32 -22.13 52.50 50.23
C GLY C 32 -20.65 52.75 50.00
N THR C 33 -20.04 53.59 50.84
CA THR C 33 -18.65 53.99 50.63
C THR C 33 -17.67 52.86 50.98
N ALA C 34 -16.59 52.76 50.23
CA ALA C 34 -15.52 51.80 50.55
C ALA C 34 -14.23 52.54 50.77
N ILE C 35 -13.36 51.98 51.60
CA ILE C 35 -12.08 52.61 51.87
C ILE C 35 -10.95 51.63 51.67
N GLY C 36 -9.89 52.10 51.03
CA GLY C 36 -8.62 51.39 51.02
C GLY C 36 -7.50 52.24 51.59
N ILE C 37 -6.77 51.68 52.54
CA ILE C 37 -5.60 52.36 53.13
C ILE C 37 -4.41 51.42 53.14
N MET C 38 -3.30 51.89 52.58
CA MET C 38 -2.10 51.08 52.45
C MET C 38 -1.01 51.49 53.44
N ALA C 39 -0.65 50.55 54.33
CA ALA C 39 0.40 50.75 55.31
C ALA C 39 1.67 49.97 54.97
N SER C 40 2.74 50.27 55.71
CA SER C 40 4.03 49.61 55.50
C SER C 40 3.92 48.09 55.61
N ASP C 41 3.06 47.63 56.52
CA ASP C 41 2.94 46.20 56.78
C ASP C 41 1.60 45.61 56.38
N GLY C 42 0.98 46.16 55.33
CA GLY C 42 -0.27 45.58 54.85
C GLY C 42 -1.24 46.58 54.29
N ILE C 43 -2.41 46.10 53.90
CA ILE C 43 -3.45 46.97 53.36
C ILE C 43 -4.76 46.66 54.05
N VAL C 44 -5.58 47.69 54.22
CA VAL C 44 -6.88 47.56 54.88
C VAL C 44 -7.99 47.87 53.88
N LEU C 45 -9.03 47.03 53.86
CA LEU C 45 -10.23 47.32 53.09
C LEU C 45 -11.47 47.30 53.96
N ALA C 46 -12.11 48.46 54.09
CA ALA C 46 -13.35 48.59 54.84
C ALA C 46 -14.44 49.15 53.95
N ALA C 47 -15.66 48.64 54.09
CA ALA C 47 -16.79 49.15 53.33
C ALA C 47 -18.09 49.04 54.10
N GLU C 48 -19.02 49.96 53.83
CA GLU C 48 -20.31 49.93 54.47
C GLU C 48 -21.38 49.36 53.54
N ARG C 49 -22.25 48.54 54.10
CA ARG C 49 -23.30 47.88 53.34
C ARG C 49 -24.51 48.76 53.12
N LYS C 50 -24.99 48.75 51.89
CA LYS C 50 -26.25 49.40 51.56
C LYS C 50 -27.42 48.64 52.20
N VAL C 51 -27.35 47.31 52.14
CA VAL C 51 -28.45 46.43 52.58
C VAL C 51 -28.42 46.09 54.07
N THR C 52 -29.50 46.42 54.77
CA THR C 52 -29.61 46.18 56.20
C THR C 52 -31.01 45.74 56.61
N SER C 53 -31.04 44.65 57.36
CA SER C 53 -32.26 44.17 58.00
C SER C 53 -31.77 43.24 59.09
N THR C 54 -32.58 43.05 60.13
CA THR C 54 -32.19 42.16 61.22
C THR C 54 -32.33 40.74 60.68
N LEU C 55 -33.08 40.61 59.59
CA LEU C 55 -33.35 39.35 58.94
C LEU C 55 -32.42 39.06 57.75
N LEU C 56 -31.55 40.01 57.42
CA LEU C 56 -30.51 39.77 56.43
C LEU C 56 -29.45 38.86 57.03
N GLU C 57 -29.15 37.76 56.36
CA GLU C 57 -28.18 36.78 56.83
C GLU C 57 -26.79 37.28 56.49
N GLN C 58 -25.99 37.59 57.51
CA GLN C 58 -24.72 38.27 57.26
C GLN C 58 -23.48 37.39 57.35
N ASP C 59 -23.62 36.25 58.02
CA ASP C 59 -22.57 35.24 58.03
C ASP C 59 -22.25 34.82 56.58
N THR C 60 -23.29 34.72 55.76
CA THR C 60 -23.17 34.25 54.38
C THR C 60 -23.29 35.36 53.33
N SER C 61 -23.20 36.62 53.77
CA SER C 61 -23.43 37.75 52.85
C SER C 61 -22.14 38.38 52.35
N THR C 62 -22.23 39.03 51.19
CA THR C 62 -21.12 39.72 50.56
C THR C 62 -21.65 40.62 49.45
N GLU C 63 -21.29 41.90 49.50
CA GLU C 63 -21.61 42.80 48.39
C GLU C 63 -20.47 43.78 48.16
N LYS C 64 -19.45 43.74 49.02
CA LYS C 64 -18.41 44.73 48.94
C LYS C 64 -17.00 44.18 48.66
N LEU C 65 -16.58 43.19 49.44
CA LEU C 65 -15.22 42.67 49.32
C LEU C 65 -15.10 41.29 48.63
N TYR C 66 -14.45 41.27 47.48
CA TYR C 66 -14.28 40.03 46.73
C TYR C 66 -12.80 39.67 46.58
N LYS C 67 -12.55 38.37 46.57
CA LYS C 67 -11.22 37.84 46.40
C LYS C 67 -10.97 37.59 44.90
N LEU C 68 -9.91 38.16 44.36
CA LEU C 68 -9.60 37.95 42.95
C LEU C 68 -8.65 36.76 42.73
N ASN C 69 -8.01 36.34 43.81
CA ASN C 69 -6.73 35.66 43.76
C ASN C 69 -6.24 35.69 45.21
N ASP C 70 -5.19 34.96 45.52
CA ASP C 70 -4.70 34.94 46.90
C ASP C 70 -3.88 36.17 47.24
N LYS C 71 -3.57 36.99 46.23
CA LYS C 71 -2.74 38.16 46.47
C LYS C 71 -3.52 39.44 46.26
N ILE C 72 -4.72 39.34 45.70
CA ILE C 72 -5.47 40.51 45.27
C ILE C 72 -6.93 40.39 45.66
N ALA C 73 -7.44 41.44 46.30
CA ALA C 73 -8.85 41.54 46.66
C ALA C 73 -9.39 42.82 46.10
N VAL C 74 -10.71 42.93 46.02
CA VAL C 74 -11.28 44.13 45.47
C VAL C 74 -12.47 44.61 46.31
N ALA C 75 -12.60 45.93 46.47
CA ALA C 75 -13.77 46.51 47.15
C ALA C 75 -14.65 47.21 46.14
N VAL C 76 -15.96 47.01 46.25
CA VAL C 76 -16.88 47.40 45.18
C VAL C 76 -17.87 48.52 45.57
N ALA C 77 -18.15 49.42 44.63
CA ALA C 77 -19.15 50.46 44.82
C ALA C 77 -20.00 50.59 43.56
N GLY C 78 -21.26 50.22 43.65
CA GLY C 78 -22.12 50.36 42.49
C GLY C 78 -23.02 49.15 42.30
N LEU C 79 -23.33 48.82 41.04
CA LEU C 79 -24.15 47.65 40.74
C LEU C 79 -23.44 46.38 41.12
N THR C 80 -23.94 45.69 42.13
CA THR C 80 -23.28 44.46 42.61
C THR C 80 -23.12 43.45 41.46
N ALA C 81 -24.23 43.10 40.82
CA ALA C 81 -24.22 42.18 39.68
C ALA C 81 -23.35 42.64 38.47
N ASP C 82 -23.23 43.95 38.24
CA ASP C 82 -22.29 44.44 37.23
C ASP C 82 -20.85 44.15 37.69
N ALA C 83 -20.61 44.27 38.99
CA ALA C 83 -19.27 44.03 39.50
C ALA C 83 -18.99 42.52 39.47
N GLU C 84 -20.02 41.72 39.68
CA GLU C 84 -19.89 40.28 39.73
C GLU C 84 -19.30 39.80 38.40
N ILE C 85 -19.89 40.25 37.29
CA ILE C 85 -19.40 39.80 35.98
C ILE C 85 -17.98 40.28 35.67
N LEU C 86 -17.63 41.50 36.08
CA LEU C 86 -16.27 41.98 35.86
C LEU C 86 -15.27 41.23 36.73
N ILE C 87 -15.70 40.90 37.94
CA ILE C 87 -14.88 40.15 38.89
C ILE C 87 -14.49 38.77 38.32
N ASN C 88 -15.48 38.01 37.91
CA ASN C 88 -15.27 36.72 37.28
C ASN C 88 -14.25 36.82 36.16
N THR C 89 -14.47 37.75 35.24
CA THR C 89 -13.54 38.02 34.16
C THR C 89 -12.13 38.18 34.69
N ALA C 90 -11.99 38.95 35.76
CA ALA C 90 -10.67 39.25 36.31
C ALA C 90 -10.04 38.01 36.94
N ARG C 91 -10.85 37.16 37.57
CA ARG C 91 -10.31 35.92 38.13
C ARG C 91 -9.70 35.05 37.02
N ILE C 92 -10.42 34.96 35.90
CA ILE C 92 -9.98 34.19 34.77
C ILE C 92 -8.68 34.76 34.17
N HIS C 93 -8.59 36.07 34.11
CA HIS C 93 -7.38 36.71 33.58
C HIS C 93 -6.18 36.41 34.49
N ALA C 94 -6.41 36.29 35.79
CA ALA C 94 -5.31 36.04 36.70
C ALA C 94 -4.81 34.62 36.54
N GLN C 95 -5.75 33.71 36.27
CA GLN C 95 -5.43 32.31 36.08
C GLN C 95 -4.78 32.11 34.73
N ASN C 96 -5.26 32.82 33.71
CA ASN C 96 -4.65 32.72 32.38
C ASN C 96 -3.18 33.14 32.43
N TYR C 97 -2.88 34.17 33.20
CA TYR C 97 -1.51 34.67 33.31
C TYR C 97 -0.68 33.64 34.05
N LEU C 98 -1.27 33.03 35.08
CA LEU C 98 -0.58 32.01 35.85
C LEU C 98 -0.24 30.79 34.95
N LYS C 99 -1.21 30.33 34.18
CA LYS C 99 -1.04 29.23 33.24
C LYS C 99 0.08 29.51 32.25
N THR C 100 0.21 30.79 31.89
CA THR C 100 1.14 31.17 30.83
C THR C 100 2.57 31.31 31.32
N TYR C 101 2.73 31.95 32.47
CA TYR C 101 4.06 32.38 32.87
C TYR C 101 4.57 31.63 34.06
N ASN C 102 3.66 30.91 34.72
CA ASN C 102 3.97 30.22 35.97
C ASN C 102 4.43 31.18 37.07
N GLU C 103 3.82 32.35 37.08
CA GLU C 103 3.93 33.33 38.16
C GLU C 103 2.54 33.94 38.40
N ASP C 104 2.28 34.37 39.65
CA ASP C 104 1.04 35.09 39.99
C ASP C 104 1.02 36.43 39.28
N ILE C 105 -0.13 36.84 38.75
CA ILE C 105 -0.19 38.09 37.95
C ILE C 105 0.10 39.35 38.78
N PRO C 106 1.04 40.20 38.31
CA PRO C 106 1.34 41.45 39.02
C PRO C 106 0.11 42.38 39.04
N VAL C 107 -0.10 43.03 40.19
CA VAL C 107 -1.34 43.74 40.47
C VAL C 107 -1.74 44.71 39.36
N GLU C 108 -0.81 45.55 38.90
CA GLU C 108 -1.15 46.52 37.86
C GLU C 108 -1.70 45.91 36.56
N ILE C 109 -1.13 44.78 36.15
CA ILE C 109 -1.53 44.12 34.90
C ILE C 109 -2.99 43.71 34.99
N LEU C 110 -3.35 43.07 36.10
CA LEU C 110 -4.74 42.69 36.32
C LEU C 110 -5.63 43.93 36.37
N VAL C 111 -5.14 45.02 36.95
CA VAL C 111 -5.95 46.23 37.01
C VAL C 111 -6.13 46.89 35.65
N ARG C 112 -5.06 46.98 34.86
CA ARG C 112 -5.12 47.57 33.53
C ARG C 112 -6.11 46.83 32.63
N ARG C 113 -6.11 45.51 32.75
CA ARG C 113 -6.90 44.67 31.88
C ARG C 113 -8.37 44.92 32.15
N LEU C 114 -8.71 44.92 33.43
CA LEU C 114 -10.08 45.09 33.85
C LEU C 114 -10.55 46.49 33.46
N SER C 115 -9.71 47.46 33.74
CA SER C 115 -9.96 48.84 33.33
C SER C 115 -10.16 49.01 31.82
N ASP C 116 -9.54 48.15 31.03
CA ASP C 116 -9.51 48.29 29.59
C ASP C 116 -10.80 47.75 28.97
N ILE C 117 -11.36 46.73 29.63
CA ILE C 117 -12.67 46.23 29.27
C ILE C 117 -13.69 47.30 29.56
N LYS C 118 -13.56 47.91 30.75
CA LYS C 118 -14.46 48.98 31.12
C LYS C 118 -14.44 50.06 30.07
N GLN C 119 -13.22 50.47 29.66
CA GLN C 119 -13.11 51.56 28.68
C GLN C 119 -13.72 51.19 27.34
N GLY C 120 -13.71 49.90 27.01
CA GLY C 120 -14.20 49.46 25.71
C GLY C 120 -15.67 49.77 25.55
N TYR C 121 -16.41 49.58 26.63
CA TYR C 121 -17.83 49.87 26.60
C TYR C 121 -18.09 51.35 26.39
N THR C 122 -17.07 52.18 26.58
CA THR C 122 -17.27 53.61 26.43
C THR C 122 -16.88 54.12 25.03
N GLN C 123 -16.55 53.19 24.13
CA GLN C 123 -16.15 53.59 22.77
C GLN C 123 -16.78 52.79 21.63
N HIS C 124 -17.21 51.57 21.89
CA HIS C 124 -18.01 50.88 20.89
C HIS C 124 -19.03 50.03 21.57
N GLY C 125 -20.05 49.63 20.82
CA GLY C 125 -20.95 48.62 21.30
C GLY C 125 -22.39 49.06 21.53
N GLY C 126 -22.59 50.35 21.81
CA GLY C 126 -23.92 50.86 22.09
C GLY C 126 -24.55 50.29 23.35
N LEU C 127 -23.70 49.86 24.29
CA LEU C 127 -24.20 49.23 25.51
C LEU C 127 -23.93 50.18 26.67
N ARG C 128 -24.72 50.09 27.73
CA ARG C 128 -24.46 50.93 28.89
C ARG C 128 -23.15 50.47 29.56
N PRO C 129 -22.40 51.42 30.13
CA PRO C 129 -21.16 51.07 30.82
C PRO C 129 -21.50 50.30 32.08
N PHE C 130 -20.49 49.76 32.74
CA PHE C 130 -20.71 49.07 34.00
C PHE C 130 -20.84 50.11 35.10
N GLY C 131 -21.83 49.97 35.96
CA GLY C 131 -22.00 50.93 37.04
C GLY C 131 -21.18 50.54 38.26
N VAL C 132 -19.87 50.47 38.08
CA VAL C 132 -19.01 49.94 39.11
C VAL C 132 -17.74 50.75 39.28
N SER C 133 -17.32 50.89 40.53
CA SER C 133 -15.98 51.41 40.84
C SER C 133 -15.36 50.42 41.80
N PHE C 134 -14.08 50.15 41.56
CA PHE C 134 -13.36 49.16 42.32
C PHE C 134 -12.23 49.84 43.04
N ILE C 135 -11.91 49.37 44.24
CA ILE C 135 -10.62 49.61 44.83
C ILE C 135 -9.94 48.25 44.86
N TYR C 136 -8.69 48.17 44.38
CA TYR C 136 -7.96 46.91 44.39
C TYR C 136 -6.82 46.94 45.42
N ALA C 137 -6.83 46.00 46.36
CA ALA C 137 -5.69 45.86 47.27
C ALA C 137 -4.92 44.59 46.89
N GLY C 138 -3.61 44.71 46.75
CA GLY C 138 -2.82 43.60 46.26
C GLY C 138 -1.35 43.64 46.62
N TYR C 139 -0.69 42.52 46.37
CA TYR C 139 0.73 42.39 46.62
C TYR C 139 1.41 41.57 45.54
N ASP C 140 2.44 42.13 44.94
CA ASP C 140 3.31 41.35 44.09
C ASP C 140 4.73 41.67 44.54
N ASP C 141 5.71 41.04 43.89
CA ASP C 141 7.09 41.11 44.33
C ASP C 141 7.87 42.23 43.66
N ARG C 142 7.26 42.87 42.68
CA ARG C 142 7.91 44.01 42.03
C ARG C 142 7.67 45.29 42.80
N TYR C 143 6.43 45.50 43.24
CA TYR C 143 6.01 46.76 43.80
C TYR C 143 5.47 46.65 45.23
N GLY C 144 5.56 45.46 45.81
CA GLY C 144 5.01 45.22 47.13
C GLY C 144 3.53 45.56 47.22
N TYR C 145 3.12 46.05 48.38
CA TYR C 145 1.73 46.42 48.61
C TYR C 145 1.26 47.57 47.69
N GLN C 146 0.07 47.40 47.11
CA GLN C 146 -0.47 48.39 46.17
C GLN C 146 -1.97 48.65 46.33
N LEU C 147 -2.39 49.90 46.09
CA LEU C 147 -3.81 50.23 45.99
C LEU C 147 -4.10 50.88 44.64
N TYR C 148 -5.25 50.58 44.09
CA TYR C 148 -5.68 51.18 42.82
C TYR C 148 -7.19 51.36 42.83
N THR C 149 -7.69 52.28 42.03
CA THR C 149 -9.12 52.31 41.78
C THR C 149 -9.39 52.44 40.31
N SER C 150 -10.54 51.94 39.91
CA SER C 150 -11.01 52.11 38.55
C SER C 150 -12.48 52.46 38.63
N ASN C 151 -12.96 53.19 37.64
CA ASN C 151 -14.34 53.67 37.60
C ASN C 151 -14.90 53.38 36.21
N PRO C 152 -16.20 53.65 35.95
CA PRO C 152 -16.76 53.24 34.65
C PRO C 152 -16.02 53.74 33.41
N SER C 153 -15.20 54.78 33.57
CA SER C 153 -14.62 55.44 32.42
C SER C 153 -13.57 54.55 31.78
N GLY C 154 -12.85 53.79 32.61
CA GLY C 154 -11.72 53.00 32.18
C GLY C 154 -10.43 53.49 32.80
N ASN C 155 -10.53 54.57 33.57
CA ASN C 155 -9.35 55.13 34.18
C ASN C 155 -9.03 54.43 35.49
N TYR C 156 -7.75 54.24 35.74
CA TYR C 156 -7.33 53.70 37.02
C TYR C 156 -6.17 54.52 37.56
N THR C 157 -6.04 54.57 38.88
CA THR C 157 -4.97 55.33 39.49
C THR C 157 -4.46 54.63 40.73
N GLY C 158 -3.30 55.06 41.22
CA GLY C 158 -2.69 54.44 42.39
C GLY C 158 -2.73 55.32 43.61
N TRP C 159 -2.86 54.72 44.78
CA TRP C 159 -3.16 55.46 45.99
C TRP C 159 -2.49 54.90 47.21
N LYS C 160 -2.16 55.77 48.16
CA LYS C 160 -1.70 55.36 49.49
C LYS C 160 -2.95 55.21 50.36
N ALA C 161 -3.98 55.97 50.03
CA ALA C 161 -5.31 55.78 50.60
C ALA C 161 -6.33 56.36 49.63
N ILE C 162 -7.56 55.83 49.66
CA ILE C 162 -8.61 56.25 48.74
C ILE C 162 -9.97 55.72 49.20
N SER C 163 -11.02 56.26 48.59
CA SER C 163 -12.37 55.83 48.89
C SER C 163 -13.23 55.93 47.64
N VAL C 164 -14.24 55.09 47.57
CA VAL C 164 -15.20 55.14 46.48
C VAL C 164 -16.62 55.14 47.00
N GLY C 165 -17.51 55.73 46.21
CA GLY C 165 -18.94 55.73 46.51
C GLY C 165 -19.40 57.01 47.19
N ALA C 166 -20.36 56.86 48.10
CA ALA C 166 -20.95 57.96 48.84
C ALA C 166 -19.93 58.73 49.64
N ASN C 167 -20.07 60.05 49.59
CA ASN C 167 -19.32 60.97 50.47
C ASN C 167 -17.82 60.79 50.33
N THR C 168 -17.38 60.76 49.08
CA THR C 168 -16.01 60.43 48.80
C THR C 168 -15.10 61.62 49.14
N SER C 169 -15.52 62.82 48.74
CA SER C 169 -14.79 64.07 49.01
C SER C 169 -14.58 64.31 50.52
N ALA C 170 -15.65 64.16 51.29
CA ALA C 170 -15.55 64.12 52.75
C ALA C 170 -14.44 63.14 53.14
N ALA C 171 -14.60 61.89 52.72
CA ALA C 171 -13.66 60.83 53.06
C ALA C 171 -12.24 61.08 52.53
N GLN C 172 -12.14 61.59 51.31
CA GLN C 172 -10.83 61.92 50.73
C GLN C 172 -10.10 63.02 51.49
N THR C 173 -10.87 63.89 52.13
CA THR C 173 -10.34 65.00 52.93
C THR C 173 -9.90 64.54 54.33
N LEU C 174 -10.70 63.67 54.94
CA LEU C 174 -10.43 63.12 56.26
C LEU C 174 -9.25 62.17 56.30
N LEU C 175 -9.04 61.44 55.19
CA LEU C 175 -7.89 60.55 55.06
C LEU C 175 -6.64 61.36 54.82
N GLN C 176 -6.73 62.28 53.87
CA GLN C 176 -5.61 63.15 53.50
C GLN C 176 -5.11 63.92 54.73
N MET C 177 -6.01 64.14 55.68
CA MET C 177 -5.66 64.81 56.92
C MET C 177 -4.74 63.98 57.83
N ASP C 178 -5.13 62.75 58.12
CA ASP C 178 -4.46 61.95 59.17
C ASP C 178 -3.60 60.77 58.72
N TYR C 179 -3.41 60.63 57.42
CA TYR C 179 -2.57 59.55 56.91
C TYR C 179 -1.07 59.92 56.94
N LYS C 180 -0.25 59.00 57.41
CA LYS C 180 1.21 59.13 57.31
C LYS C 180 1.83 57.86 56.71
N ASP C 181 3.02 57.99 56.13
CA ASP C 181 3.65 56.85 55.44
C ASP C 181 4.14 55.78 56.40
N ASP C 182 4.47 56.21 57.62
CA ASP C 182 4.93 55.31 58.67
C ASP C 182 3.76 54.54 59.29
N MET C 183 2.57 54.73 58.74
CA MET C 183 1.38 54.08 59.27
C MET C 183 1.57 52.58 59.35
N LYS C 184 1.26 52.03 60.51
CA LYS C 184 1.25 50.59 60.66
C LYS C 184 -0.16 50.13 60.35
N VAL C 185 -0.38 48.82 60.26
CA VAL C 185 -1.67 48.29 59.85
C VAL C 185 -2.74 48.51 60.93
N ASP C 186 -2.38 48.26 62.19
CA ASP C 186 -3.30 48.47 63.30
C ASP C 186 -3.75 49.92 63.37
N ASP C 187 -2.87 50.82 62.93
CA ASP C 187 -3.21 52.22 62.80
C ASP C 187 -4.20 52.44 61.66
N ALA C 188 -3.88 51.91 60.49
CA ALA C 188 -4.73 52.06 59.29
C ALA C 188 -6.13 51.47 59.49
N ILE C 189 -6.19 50.38 60.24
CA ILE C 189 -7.47 49.81 60.64
C ILE C 189 -8.33 50.88 61.32
N GLU C 190 -7.77 51.54 62.32
CA GLU C 190 -8.52 52.55 63.08
C GLU C 190 -8.99 53.68 62.17
N LEU C 191 -8.07 54.23 61.36
CA LEU C 191 -8.38 55.39 60.54
C LEU C 191 -9.52 55.16 59.56
N ALA C 192 -9.60 53.94 59.02
CA ALA C 192 -10.63 53.60 58.04
C ALA C 192 -11.97 53.50 58.72
N LEU C 193 -11.97 52.98 59.95
CA LEU C 193 -13.16 52.98 60.78
C LEU C 193 -13.61 54.41 61.12
N LYS C 194 -12.67 55.23 61.56
CA LYS C 194 -12.95 56.60 61.95
C LYS C 194 -13.60 57.32 60.78
N THR C 195 -13.04 57.12 59.59
CA THR C 195 -13.50 57.83 58.42
C THR C 195 -14.93 57.41 58.06
N LEU C 196 -15.22 56.12 58.24
CA LEU C 196 -16.54 55.61 57.84
C LEU C 196 -17.64 56.14 58.75
N SER C 197 -17.37 56.21 60.04
CA SER C 197 -18.34 56.75 60.99
C SER C 197 -18.54 58.26 60.85
N LYS C 198 -17.56 58.96 60.27
CA LYS C 198 -17.73 60.40 60.01
C LYS C 198 -18.35 60.71 58.65
N THR C 199 -18.60 59.68 57.85
CA THR C 199 -19.18 59.86 56.53
C THR C 199 -20.59 59.26 56.44
N THR C 200 -20.80 58.17 57.16
CA THR C 200 -22.07 57.45 57.12
C THR C 200 -23.33 58.31 57.34
N ASP C 201 -24.25 58.23 56.38
CA ASP C 201 -25.53 58.92 56.45
C ASP C 201 -26.48 58.14 57.37
N SER C 202 -25.91 57.26 58.18
CA SER C 202 -26.68 56.44 59.10
C SER C 202 -26.37 56.88 60.51
N SER C 203 -27.25 56.48 61.44
CA SER C 203 -27.10 56.77 62.87
C SER C 203 -25.69 56.51 63.41
N ALA C 204 -25.19 55.30 63.21
CA ALA C 204 -23.85 54.96 63.68
C ALA C 204 -23.25 53.83 62.84
N LEU C 205 -22.17 53.24 63.33
CA LEU C 205 -21.54 52.10 62.67
C LEU C 205 -21.62 50.85 63.52
N THR C 206 -22.51 49.94 63.14
CA THR C 206 -22.62 48.67 63.83
C THR C 206 -21.85 47.62 63.04
N TYR C 207 -21.50 46.52 63.68
CA TYR C 207 -20.76 45.47 63.00
C TYR C 207 -21.52 44.93 61.79
N ASP C 208 -22.84 45.00 61.86
CA ASP C 208 -23.71 44.41 60.83
C ASP C 208 -23.89 45.28 59.59
N ARG C 209 -23.18 46.40 59.54
CA ARG C 209 -23.31 47.30 58.42
C ARG C 209 -21.94 47.42 57.79
N LEU C 210 -21.06 46.51 58.17
CA LEU C 210 -19.64 46.60 57.83
C LEU C 210 -19.07 45.36 57.12
N GLU C 211 -18.25 45.61 56.10
CA GLU C 211 -17.39 44.57 55.55
C GLU C 211 -15.95 45.03 55.70
N PHE C 212 -15.05 44.08 55.91
CA PHE C 212 -13.71 44.41 56.35
C PHE C 212 -12.69 43.31 56.07
N ALA C 213 -11.57 43.66 55.45
CA ALA C 213 -10.52 42.70 55.11
C ALA C 213 -9.11 43.28 55.21
N THR C 214 -8.12 42.42 55.47
CA THR C 214 -6.73 42.86 55.53
C THR C 214 -5.79 41.93 54.77
N ILE C 215 -4.89 42.51 53.98
CA ILE C 215 -3.86 41.76 53.29
C ILE C 215 -2.48 42.00 53.91
N ARG C 216 -2.06 41.14 54.83
CA ARG C 216 -0.73 41.28 55.44
C ARG C 216 0.13 40.03 55.36
N LYS C 217 1.24 40.05 56.10
CA LYS C 217 2.07 38.87 56.30
C LYS C 217 1.76 38.30 57.69
N GLY C 218 2.06 37.01 57.89
CA GLY C 218 1.76 36.36 59.16
C GLY C 218 2.94 36.32 60.13
N ALA C 219 3.84 37.28 59.99
CA ALA C 219 5.01 37.44 60.87
C ALA C 219 5.99 36.25 60.92
N ASN C 220 5.56 35.10 60.41
CA ASN C 220 6.36 33.87 60.46
C ASN C 220 6.76 33.38 59.07
N ASP C 221 5.98 33.75 58.05
CA ASP C 221 6.10 33.12 56.73
C ASP C 221 6.78 33.98 55.66
N GLY C 222 6.66 35.30 55.78
CA GLY C 222 7.05 36.18 54.69
C GLY C 222 6.13 35.86 53.53
N GLU C 223 4.91 35.45 53.88
CA GLU C 223 3.90 35.02 52.93
C GLU C 223 2.65 35.91 53.09
N VAL C 224 1.77 35.90 52.09
CA VAL C 224 0.67 36.85 52.04
C VAL C 224 -0.70 36.28 52.39
N TYR C 225 -1.19 36.64 53.56
CA TYR C 225 -2.49 36.17 54.01
C TYR C 225 -3.55 37.22 53.67
N GLN C 226 -4.67 36.75 53.15
CA GLN C 226 -5.85 37.59 52.94
C GLN C 226 -6.87 37.22 53.98
N LYS C 227 -7.16 38.12 54.91
CA LYS C 227 -8.16 37.84 55.91
C LYS C 227 -9.40 38.66 55.66
N ILE C 228 -10.52 37.99 55.42
CA ILE C 228 -11.80 38.67 55.41
C ILE C 228 -12.41 38.47 56.78
N PHE C 229 -12.95 39.55 57.35
CA PHE C 229 -13.42 39.49 58.72
C PHE C 229 -14.83 38.92 58.82
N LYS C 230 -15.01 38.06 59.82
CA LYS C 230 -16.33 37.57 60.18
C LYS C 230 -17.02 38.64 61.03
N PRO C 231 -18.37 38.68 60.99
CA PRO C 231 -19.16 39.61 61.81
C PRO C 231 -18.65 39.75 63.25
N GLN C 232 -18.38 38.65 63.94
CA GLN C 232 -17.90 38.75 65.32
C GLN C 232 -16.52 39.41 65.42
N GLU C 233 -15.71 39.29 64.37
CA GLU C 233 -14.38 39.90 64.37
C GLU C 233 -14.47 41.39 64.11
N ILE C 234 -15.46 41.78 63.34
CA ILE C 234 -15.76 43.19 63.07
C ILE C 234 -16.28 43.89 64.33
N LYS C 235 -17.20 43.24 65.03
CA LYS C 235 -17.69 43.74 66.32
C LYS C 235 -16.55 43.94 67.32
N ASP C 236 -15.58 43.02 67.31
CA ASP C 236 -14.40 43.11 68.17
C ASP C 236 -13.68 44.44 67.99
N ILE C 237 -13.43 44.82 66.73
CA ILE C 237 -12.64 46.02 66.42
C ILE C 237 -13.47 47.29 66.62
N LEU C 238 -14.79 47.16 66.64
CA LEU C 238 -15.64 48.31 66.91
C LEU C 238 -15.65 48.62 68.40
N VAL C 239 -15.71 47.59 69.23
CA VAL C 239 -15.50 47.73 70.66
C VAL C 239 -14.08 48.22 70.91
N LYS C 240 -13.10 47.52 70.32
CA LYS C 240 -11.68 47.84 70.44
C LYS C 240 -11.36 49.31 70.18
N THR C 241 -11.54 49.73 68.93
CA THR C 241 -11.14 51.07 68.51
C THR C 241 -11.95 52.17 69.18
N GLY C 242 -12.97 51.78 69.94
CA GLY C 242 -13.75 52.72 70.70
C GLY C 242 -14.85 53.36 69.87
N ILE C 243 -15.68 52.51 69.28
CA ILE C 243 -16.94 52.94 68.68
C ILE C 243 -18.05 52.04 69.26
N THR C 244 -17.65 51.17 70.21
CA THR C 244 -18.48 50.10 70.79
C THR C 244 -19.53 49.51 69.83
N GLY D 1 -22.33 44.02 15.76
CA GLY D 1 -23.72 44.23 15.38
C GLY D 1 -24.12 45.70 15.42
N TYR D 2 -23.51 46.45 16.34
CA TYR D 2 -23.84 47.88 16.48
C TYR D 2 -23.00 48.73 15.52
N ASP D 3 -23.63 49.26 14.47
CA ASP D 3 -22.88 50.03 13.48
C ASP D 3 -23.44 51.42 13.18
N ARG D 4 -24.17 52.00 14.14
CA ARG D 4 -24.79 53.31 13.96
C ARG D 4 -23.73 54.37 13.73
N ALA D 5 -23.97 55.26 12.77
CA ALA D 5 -23.03 56.33 12.47
C ALA D 5 -23.13 57.43 13.52
N LEU D 6 -22.10 57.53 14.36
CA LEU D 6 -22.05 58.53 15.41
C LEU D 6 -21.29 59.77 14.95
N SER D 7 -20.14 59.57 14.31
CA SER D 7 -19.44 60.64 13.63
C SER D 7 -20.02 60.88 12.23
N ILE D 8 -20.83 61.94 12.10
CA ILE D 8 -21.40 62.36 10.81
C ILE D 8 -21.23 63.88 10.54
N PHE D 9 -21.43 64.30 9.30
CA PHE D 9 -21.41 65.73 8.98
C PHE D 9 -22.70 66.39 9.40
N SER D 10 -22.59 67.61 9.90
CA SER D 10 -23.72 68.50 10.15
C SER D 10 -23.83 69.51 8.98
N PRO D 11 -24.94 70.30 8.91
CA PRO D 11 -25.12 71.17 7.72
C PRO D 11 -24.03 72.22 7.41
N ASP D 12 -23.24 72.61 8.40
CA ASP D 12 -22.13 73.53 8.14
C ASP D 12 -20.86 72.77 7.75
N GLY D 13 -20.98 71.46 7.57
CA GLY D 13 -19.85 70.61 7.23
C GLY D 13 -18.96 70.31 8.42
N HIS D 14 -19.54 70.26 9.61
CA HIS D 14 -18.77 69.91 10.80
C HIS D 14 -19.02 68.44 11.21
N ILE D 15 -18.06 67.88 11.93
CA ILE D 15 -18.26 66.55 12.46
C ILE D 15 -18.21 66.68 13.98
N PHE D 16 -19.38 66.74 14.60
CA PHE D 16 -19.42 67.14 16.01
C PHE D 16 -18.65 66.24 16.98
N GLN D 17 -18.83 64.91 16.86
CA GLN D 17 -18.15 63.97 17.74
C GLN D 17 -16.62 64.11 17.67
N VAL D 18 -16.11 64.43 16.48
CA VAL D 18 -14.70 64.77 16.35
C VAL D 18 -14.35 66.07 17.09
N GLU D 19 -15.14 67.13 16.85
CA GLU D 19 -14.97 68.40 17.57
C GLU D 19 -15.11 68.26 19.09
N TYR D 20 -16.11 67.54 19.55
CA TYR D 20 -16.25 67.28 20.99
C TYR D 20 -15.08 66.48 21.56
N ALA D 21 -14.47 65.62 20.74
CA ALA D 21 -13.34 64.84 21.21
C ALA D 21 -12.19 65.80 21.48
N LEU D 22 -12.15 66.85 20.67
CA LEU D 22 -11.16 67.90 20.81
C LEU D 22 -11.39 68.65 22.11
N GLU D 23 -12.66 68.76 22.52
CA GLU D 23 -13.00 69.34 23.82
C GLU D 23 -12.51 68.46 24.96
N ALA D 24 -12.61 67.15 24.78
CA ALA D 24 -12.07 66.20 25.74
C ALA D 24 -10.59 66.46 26.00
N VAL D 25 -9.88 66.85 24.95
CA VAL D 25 -8.45 67.13 25.05
C VAL D 25 -8.21 68.37 25.86
N LYS D 26 -8.94 69.43 25.51
CA LYS D 26 -8.86 70.73 26.19
C LYS D 26 -9.02 70.63 27.70
N ARG D 27 -9.77 69.63 28.14
CA ARG D 27 -10.00 69.40 29.55
C ARG D 27 -8.79 68.68 30.19
N GLY D 28 -7.91 68.13 29.34
CA GLY D 28 -6.81 67.31 29.82
C GLY D 28 -5.59 68.06 30.28
N THR D 29 -4.81 67.43 31.16
CA THR D 29 -3.56 68.00 31.66
C THR D 29 -2.67 68.51 30.54
N CYS D 30 -1.91 69.58 30.82
CA CYS D 30 -1.04 70.14 29.81
C CYS D 30 0.12 69.20 29.50
N ALA D 31 0.50 69.14 28.22
CA ALA D 31 1.67 68.39 27.81
C ALA D 31 2.45 69.23 26.81
N VAL D 32 3.77 69.21 26.93
CA VAL D 32 4.62 70.02 26.08
C VAL D 32 5.80 69.20 25.60
N GLY D 33 6.27 69.50 24.40
CA GLY D 33 7.49 68.88 23.88
C GLY D 33 8.28 69.92 23.13
N VAL D 34 9.59 69.95 23.35
CA VAL D 34 10.46 70.89 22.64
C VAL D 34 11.72 70.18 22.15
N LYS D 35 12.12 70.50 20.92
CA LYS D 35 13.30 69.91 20.29
C LYS D 35 14.55 70.73 20.62
N GLY D 36 15.60 70.03 21.04
CA GLY D 36 16.92 70.63 21.18
C GLY D 36 17.73 70.43 19.91
N LYS D 37 19.05 70.56 20.02
CA LYS D 37 19.91 70.33 18.87
C LYS D 37 20.28 68.84 18.81
N ASN D 38 20.11 68.16 19.93
CA ASN D 38 20.53 66.77 20.06
C ASN D 38 19.74 66.06 21.14
N CYS D 39 18.48 66.47 21.31
CA CYS D 39 17.58 65.82 22.26
C CYS D 39 16.16 66.31 22.00
N VAL D 40 15.18 65.66 22.63
CA VAL D 40 13.81 66.17 22.68
C VAL D 40 13.31 65.94 24.09
N VAL D 41 12.68 66.97 24.67
CA VAL D 41 12.18 66.90 26.03
C VAL D 41 10.67 66.92 26.03
N LEU D 42 10.07 66.04 26.82
CA LEU D 42 8.61 65.99 26.98
C LEU D 42 8.23 66.29 28.43
N GLY D 43 7.45 67.36 28.62
CA GLY D 43 6.99 67.73 29.94
C GLY D 43 5.50 67.55 30.07
N CYS D 44 5.06 67.11 31.24
CA CYS D 44 3.63 67.02 31.52
C CYS D 44 3.23 67.73 32.82
N GLU D 45 2.00 68.24 32.86
CA GLU D 45 1.40 68.73 34.08
C GLU D 45 0.69 67.58 34.79
N ARG D 46 0.90 67.45 36.10
CA ARG D 46 0.18 66.45 36.87
C ARG D 46 -0.97 67.17 37.60
N ARG D 47 -1.88 66.40 38.20
CA ARG D 47 -2.98 66.99 38.96
C ARG D 47 -2.65 67.10 40.45
N SER D 48 -2.62 68.32 40.96
CA SER D 48 -2.46 68.57 42.40
C SER D 48 -3.82 68.61 43.10
N THR D 49 -4.87 68.22 42.35
CA THR D 49 -6.22 68.04 42.88
C THR D 49 -6.22 67.22 44.19
N LEU D 50 -5.27 66.28 44.29
CA LEU D 50 -4.95 65.62 45.56
C LEU D 50 -3.62 64.84 45.61
N LYS D 51 -2.95 64.95 46.76
CA LYS D 51 -1.91 64.01 47.14
C LYS D 51 -2.66 62.83 47.78
N LEU D 52 -1.92 61.87 48.33
CA LEU D 52 -2.39 60.51 48.69
C LEU D 52 -2.23 59.62 47.47
N GLN D 53 -2.11 60.27 46.32
CA GLN D 53 -1.81 59.61 45.08
C GLN D 53 -0.44 58.94 45.20
N ASP D 54 -0.41 57.62 44.98
CA ASP D 54 0.82 56.84 44.98
C ASP D 54 1.56 57.08 43.66
N THR D 55 2.70 57.76 43.75
CA THR D 55 3.44 58.21 42.56
C THR D 55 4.19 57.06 41.86
N ARG D 56 4.74 56.13 42.65
CA ARG D 56 5.54 55.08 42.08
C ARG D 56 4.74 53.96 41.38
N ILE D 57 3.41 54.07 41.42
CA ILE D 57 2.55 53.12 40.70
C ILE D 57 1.52 53.72 39.74
N THR D 58 1.09 54.95 39.97
CA THR D 58 0.14 55.62 39.07
C THR D 58 0.74 55.85 37.68
N PRO D 59 0.07 55.33 36.65
CA PRO D 59 0.49 55.41 35.25
C PRO D 59 0.99 56.80 34.87
N SER D 60 2.17 56.87 34.24
CA SER D 60 2.72 58.14 33.79
C SER D 60 2.04 58.62 32.50
N LYS D 61 2.25 59.89 32.17
CA LYS D 61 1.70 60.45 30.94
C LYS D 61 2.68 60.23 29.80
N VAL D 62 3.93 59.89 30.12
CA VAL D 62 4.95 59.66 29.09
C VAL D 62 5.25 58.17 28.92
N SER D 63 4.88 57.62 27.78
CA SER D 63 5.08 56.20 27.54
C SER D 63 6.16 55.88 26.51
N LYS D 64 7.05 54.95 26.86
CA LYS D 64 7.91 54.37 25.82
C LYS D 64 7.04 53.49 24.91
N ILE D 65 7.12 53.76 23.60
CA ILE D 65 6.45 52.92 22.63
C ILE D 65 7.41 51.81 22.16
N ASP D 66 8.58 52.23 21.69
CA ASP D 66 9.70 51.33 21.51
C ASP D 66 10.80 51.81 22.48
N SER D 67 12.06 51.47 22.22
CA SER D 67 13.14 51.87 23.11
C SER D 67 13.75 53.21 22.69
N HIS D 68 13.39 53.65 21.49
CA HIS D 68 13.93 54.87 20.92
C HIS D 68 12.87 55.99 20.74
N VAL D 69 11.62 55.73 21.10
CA VAL D 69 10.58 56.71 20.85
C VAL D 69 9.44 56.66 21.87
N VAL D 70 9.08 57.83 22.38
CA VAL D 70 8.06 57.95 23.41
C VAL D 70 6.80 58.65 22.94
N LEU D 71 5.71 58.34 23.62
CA LEU D 71 4.45 58.97 23.35
C LEU D 71 3.94 59.60 24.63
N SER D 72 3.58 60.88 24.56
CA SER D 72 2.77 61.47 25.61
C SER D 72 1.46 61.99 25.02
N PHE D 73 0.49 62.21 25.90
CA PHE D 73 -0.86 62.55 25.47
C PHE D 73 -1.53 63.57 26.39
N SER D 74 -2.62 64.14 25.93
CA SER D 74 -3.50 64.96 26.76
C SER D 74 -4.95 64.60 26.48
N GLY D 75 -5.73 64.37 27.53
CA GLY D 75 -7.12 64.07 27.30
C GLY D 75 -7.57 62.88 28.10
N LEU D 76 -8.46 62.10 27.49
CA LEU D 76 -9.04 60.92 28.12
C LEU D 76 -8.00 59.82 28.41
N ASN D 77 -7.75 59.57 29.70
CA ASN D 77 -6.73 58.61 30.13
C ASN D 77 -6.90 57.17 29.62
N ALA D 78 -8.09 56.61 29.78
CA ALA D 78 -8.36 55.25 29.31
C ALA D 78 -8.23 55.15 27.79
N ASP D 79 -8.75 56.13 27.06
CA ASP D 79 -8.63 56.16 25.59
C ASP D 79 -7.16 56.11 25.14
N SER D 80 -6.29 56.74 25.92
CA SER D 80 -4.89 56.82 25.52
C SER D 80 -4.24 55.45 25.59
N ARG D 81 -4.69 54.61 26.54
CA ARG D 81 -4.10 53.28 26.68
C ARG D 81 -4.26 52.42 25.42
N ILE D 82 -5.41 52.53 24.80
CA ILE D 82 -5.68 51.77 23.60
C ILE D 82 -4.69 52.20 22.51
N LEU D 83 -4.50 53.50 22.34
CA LEU D 83 -3.55 53.98 21.34
C LEU D 83 -2.14 53.53 21.63
N ILE D 84 -1.74 53.58 22.90
CA ILE D 84 -0.37 53.27 23.28
C ILE D 84 -0.10 51.79 23.07
N GLU D 85 -1.05 50.95 23.49
CA GLU D 85 -0.92 49.53 23.29
C GLU D 85 -0.88 49.14 21.80
N LYS D 86 -1.75 49.73 20.98
CA LYS D 86 -1.72 49.44 19.55
C LYS D 86 -0.37 49.78 18.93
N ALA D 87 0.22 50.86 19.43
CA ALA D 87 1.41 51.39 18.81
C ALA D 87 2.65 50.63 19.28
N ARG D 88 2.58 50.04 20.46
CA ARG D 88 3.65 49.20 20.94
C ARG D 88 3.73 47.90 20.14
N VAL D 89 2.56 47.34 19.83
CA VAL D 89 2.43 46.15 19.01
C VAL D 89 2.92 46.42 17.60
N GLU D 90 2.55 47.57 17.04
CA GLU D 90 2.99 47.92 15.70
C GLU D 90 4.50 48.13 15.63
N ALA D 91 5.11 48.56 16.72
CA ALA D 91 6.55 48.79 16.69
C ALA D 91 7.31 47.45 16.59
N GLN D 92 6.83 46.45 17.33
CA GLN D 92 7.37 45.10 17.27
C GLN D 92 7.09 44.44 15.90
N SER D 93 5.87 44.56 15.39
CA SER D 93 5.54 44.08 14.06
C SER D 93 6.42 44.67 12.96
N HIS D 94 6.77 45.95 13.08
CA HIS D 94 7.61 46.60 12.08
C HIS D 94 9.01 46.03 12.12
N ARG D 95 9.56 45.90 13.33
CA ARG D 95 10.87 45.29 13.56
C ARG D 95 10.92 43.89 12.97
N LEU D 96 9.89 43.10 13.26
CA LEU D 96 9.80 41.70 12.84
C LEU D 96 9.80 41.55 11.33
N THR D 97 9.07 42.41 10.63
CA THR D 97 8.93 42.25 9.20
C THR D 97 9.90 43.08 8.36
N LEU D 98 10.54 44.07 8.94
CA LEU D 98 11.44 44.92 8.15
C LEU D 98 12.86 44.90 8.66
N GLU D 99 13.04 44.37 9.87
CA GLU D 99 14.34 44.29 10.52
C GLU D 99 14.95 45.69 10.68
N ASP D 100 14.18 46.55 11.34
CA ASP D 100 14.52 47.92 11.67
C ASP D 100 13.39 48.47 12.52
N PRO D 101 13.73 49.20 13.60
CA PRO D 101 12.73 49.95 14.37
C PRO D 101 11.98 50.97 13.49
N VAL D 102 10.79 51.36 13.93
CA VAL D 102 10.03 52.40 13.25
C VAL D 102 10.75 53.75 13.30
N THR D 103 10.57 54.54 12.24
CA THR D 103 10.96 55.94 12.27
C THR D 103 9.93 56.63 13.15
N VAL D 104 10.27 57.81 13.68
CA VAL D 104 9.33 58.52 14.54
C VAL D 104 8.13 59.01 13.73
N GLU D 105 8.35 59.36 12.47
CA GLU D 105 7.23 59.68 11.60
C GLU D 105 6.28 58.49 11.37
N TYR D 106 6.83 57.32 11.03
CA TYR D 106 6.02 56.14 10.74
C TYR D 106 5.08 55.84 11.89
N LEU D 107 5.62 55.81 13.10
CA LEU D 107 4.83 55.43 14.25
C LEU D 107 3.66 56.41 14.41
N THR D 108 3.96 57.68 14.13
CA THR D 108 2.97 58.75 14.21
C THR D 108 1.87 58.52 13.20
N ARG D 109 2.24 58.24 11.96
CA ARG D 109 1.26 58.08 10.90
C ARG D 109 0.35 56.90 11.19
N TYR D 110 0.90 55.92 11.90
CA TYR D 110 0.16 54.74 12.28
C TYR D 110 -0.89 55.13 13.30
N VAL D 111 -0.46 55.77 14.38
CA VAL D 111 -1.37 56.27 15.40
C VAL D 111 -2.47 57.20 14.83
N ALA D 112 -2.05 58.14 14.00
CA ALA D 112 -2.99 59.03 13.32
C ALA D 112 -4.04 58.29 12.51
N GLY D 113 -3.65 57.19 11.85
CA GLY D 113 -4.57 56.42 11.03
C GLY D 113 -5.60 55.70 11.86
N VAL D 114 -5.20 55.32 13.06
CA VAL D 114 -6.09 54.63 13.97
C VAL D 114 -7.06 55.67 14.53
N GLN D 115 -6.54 56.84 14.88
CA GLN D 115 -7.42 57.91 15.32
C GLN D 115 -8.38 58.26 14.20
N GLN D 116 -7.86 58.44 12.99
CA GLN D 116 -8.72 58.69 11.85
C GLN D 116 -9.82 57.64 11.64
N ARG D 117 -9.52 56.37 11.92
CA ARG D 117 -10.44 55.27 11.59
C ARG D 117 -11.68 55.32 12.50
N TYR D 118 -11.46 55.66 13.76
CA TYR D 118 -12.54 55.82 14.73
C TYR D 118 -13.44 57.05 14.42
N THR D 119 -13.10 57.72 13.33
CA THR D 119 -13.81 58.88 12.85
C THR D 119 -14.81 58.53 11.76
N GLN D 120 -14.51 57.54 10.92
CA GLN D 120 -15.51 57.12 9.92
C GLN D 120 -15.92 55.67 9.95
N SER D 121 -16.15 55.16 11.16
CA SER D 121 -16.49 53.76 11.34
C SER D 121 -17.74 53.64 12.19
N GLY D 122 -18.75 52.94 11.69
CA GLY D 122 -19.97 52.72 12.44
C GLY D 122 -19.74 52.16 13.83
N GLY D 123 -20.60 52.55 14.77
CA GLY D 123 -20.58 51.96 16.11
C GLY D 123 -19.46 52.36 17.04
N VAL D 124 -18.67 53.37 16.66
CA VAL D 124 -17.58 53.84 17.52
C VAL D 124 -17.49 55.36 17.57
N ARG D 125 -17.01 55.88 18.70
CA ARG D 125 -16.74 57.29 18.81
C ARG D 125 -15.23 57.51 18.64
N PRO D 126 -14.83 58.75 18.34
CA PRO D 126 -13.42 59.12 18.26
C PRO D 126 -12.66 59.08 19.58
N PHE D 127 -11.34 58.97 19.47
CA PHE D 127 -10.47 59.05 20.62
C PHE D 127 -10.44 60.49 21.13
N GLY D 128 -10.77 60.68 22.41
CA GLY D 128 -10.68 61.99 23.03
C GLY D 128 -9.27 62.29 23.49
N VAL D 129 -8.32 62.14 22.59
CA VAL D 129 -6.89 62.15 22.93
C VAL D 129 -6.11 62.89 21.87
N SER D 130 -5.09 63.64 22.29
CA SER D 130 -4.12 64.23 21.35
C SER D 130 -2.78 63.76 21.82
N THR D 131 -1.85 63.53 20.90
CA THR D 131 -0.60 62.92 21.30
C THR D 131 0.62 63.71 20.85
N LEU D 132 1.69 63.56 21.63
CA LEU D 132 3.00 64.03 21.25
C LEU D 132 3.94 62.84 21.24
N ILE D 133 4.51 62.59 20.06
CA ILE D 133 5.39 61.46 19.81
C ILE D 133 6.79 61.99 19.52
N ALA D 134 7.79 61.56 20.27
CA ALA D 134 9.16 62.05 20.09
C ALA D 134 10.23 60.96 20.14
N GLY D 135 11.37 61.23 19.51
CA GLY D 135 12.53 60.35 19.55
C GLY D 135 13.44 60.52 18.35
N PHE D 136 14.36 59.58 18.18
CA PHE D 136 15.25 59.61 17.03
C PHE D 136 15.06 58.36 16.14
N ASP D 137 14.94 58.57 14.83
CA ASP D 137 14.99 57.48 13.86
C ASP D 137 16.24 56.62 14.11
N PRO D 138 16.19 55.33 13.74
CA PRO D 138 17.36 54.45 13.87
C PRO D 138 18.61 54.97 13.14
N ARG D 139 19.73 55.01 13.86
CA ARG D 139 21.00 55.51 13.34
C ARG D 139 20.97 57.01 12.93
N ASP D 140 20.04 57.76 13.51
CA ASP D 140 19.88 59.18 13.18
C ASP D 140 20.07 59.99 14.46
N ASP D 141 20.67 61.18 14.33
CA ASP D 141 20.89 62.05 15.48
C ASP D 141 20.06 63.35 15.39
N GLU D 142 19.09 63.34 14.48
CA GLU D 142 18.19 64.46 14.26
C GLU D 142 16.89 64.24 15.03
N PRO D 143 16.62 65.11 16.02
CA PRO D 143 15.43 64.99 16.87
C PRO D 143 14.11 65.11 16.12
N LYS D 144 13.12 64.38 16.60
CA LYS D 144 11.80 64.34 15.97
C LYS D 144 10.72 64.63 16.99
N LEU D 145 9.75 65.46 16.63
CA LEU D 145 8.62 65.74 17.50
C LEU D 145 7.35 65.91 16.68
N TYR D 146 6.36 65.08 17.01
CA TYR D 146 5.16 64.99 16.21
C TYR D 146 3.92 65.13 17.09
N GLN D 147 2.83 65.58 16.48
CA GLN D 147 1.57 65.80 17.19
C GLN D 147 0.43 65.19 16.38
N THR D 148 -0.49 64.53 17.06
CA THR D 148 -1.68 64.01 16.40
C THR D 148 -2.90 64.43 17.19
N GLU D 149 -4.04 64.49 16.52
CA GLU D 149 -5.30 64.90 17.16
C GLU D 149 -6.48 64.02 16.69
N PRO D 150 -7.59 63.99 17.46
CA PRO D 150 -8.67 63.03 17.18
C PRO D 150 -9.17 62.91 15.73
N SER D 151 -9.00 63.95 14.92
CA SER D 151 -9.44 63.91 13.52
C SER D 151 -8.65 62.90 12.69
N GLY D 152 -7.41 62.66 13.12
CA GLY D 152 -6.48 61.82 12.39
C GLY D 152 -5.34 62.61 11.78
N ILE D 153 -5.34 63.92 12.02
CA ILE D 153 -4.33 64.82 11.50
C ILE D 153 -3.04 64.74 12.33
N TYR D 154 -1.90 64.80 11.66
CA TYR D 154 -0.62 64.79 12.38
C TYR D 154 0.34 65.76 11.67
N SER D 155 1.38 66.20 12.38
CA SER D 155 2.43 67.05 11.78
C SER D 155 3.60 67.20 12.74
N SER D 156 4.72 67.75 12.24
CA SER D 156 5.88 67.91 13.11
C SER D 156 6.05 69.35 13.58
N TRP D 157 6.70 69.49 14.73
CA TRP D 157 6.75 70.73 15.47
C TRP D 157 8.13 70.92 16.06
N SER D 158 8.62 72.16 16.10
CA SER D 158 9.89 72.45 16.75
C SER D 158 9.64 72.41 18.24
N ALA D 159 8.46 72.91 18.63
CA ALA D 159 7.92 72.73 19.97
C ALA D 159 6.42 72.89 19.88
N GLN D 160 5.71 72.30 20.83
CA GLN D 160 4.27 72.26 20.74
C GLN D 160 3.72 71.80 22.08
N THR D 161 2.48 72.17 22.34
CA THR D 161 1.83 71.88 23.61
C THR D 161 0.38 71.45 23.32
N ILE D 162 -0.25 70.78 24.28
CA ILE D 162 -1.66 70.39 24.16
C ILE D 162 -2.32 70.27 25.51
N GLY D 163 -3.64 70.36 25.51
CA GLY D 163 -4.36 70.26 26.77
C GLY D 163 -4.68 71.62 27.36
N ARG D 164 -5.09 71.62 28.62
CA ARG D 164 -5.64 72.82 29.22
C ARG D 164 -4.59 73.91 29.40
N ASN D 165 -4.93 75.09 28.87
CA ASN D 165 -4.08 76.28 28.91
C ASN D 165 -2.84 76.12 28.03
N SER D 166 -2.98 75.31 26.99
CA SER D 166 -1.91 75.11 26.02
C SER D 166 -1.76 76.38 25.18
N LYS D 167 -2.84 77.14 25.07
CA LYS D 167 -2.81 78.40 24.33
C LYS D 167 -1.80 79.35 24.96
N THR D 168 -1.82 79.44 26.29
CA THR D 168 -0.85 80.23 27.05
C THR D 168 0.56 79.74 26.77
N VAL D 169 0.75 78.45 27.05
CA VAL D 169 2.03 77.79 26.92
C VAL D 169 2.59 77.86 25.51
N ARG D 170 1.73 77.74 24.50
CA ARG D 170 2.20 77.85 23.12
C ARG D 170 2.80 79.23 22.89
N GLU D 171 2.08 80.26 23.36
CA GLU D 171 2.51 81.65 23.22
C GLU D 171 3.84 81.95 23.91
N PHE D 172 4.04 81.39 25.11
CA PHE D 172 5.38 81.42 25.71
C PHE D 172 6.43 80.83 24.77
N LEU D 173 6.15 79.66 24.19
CA LEU D 173 7.09 79.02 23.28
C LEU D 173 7.24 79.75 21.94
N GLU D 174 6.13 80.18 21.34
CA GLU D 174 6.20 80.96 20.11
C GLU D 174 7.11 82.19 20.24
N LYS D 175 7.22 82.71 21.46
CA LYS D 175 8.06 83.89 21.72
C LYS D 175 9.31 83.59 22.54
N ASN D 176 9.68 82.32 22.62
CA ASN D 176 10.88 81.93 23.34
C ASN D 176 11.61 80.74 22.71
N TYR D 177 11.19 80.36 21.51
CA TYR D 177 11.88 79.31 20.77
C TYR D 177 12.47 79.89 19.49
N ASP D 178 13.78 79.84 19.38
CA ASP D 178 14.44 80.30 18.16
C ASP D 178 14.84 79.08 17.31
N ARG D 179 14.18 78.93 16.17
CA ARG D 179 14.46 77.82 15.26
C ARG D 179 15.92 77.83 14.78
N LYS D 180 16.47 79.02 14.63
CA LYS D 180 17.84 79.19 14.18
C LYS D 180 18.83 78.89 15.31
N GLU D 181 18.35 78.94 16.56
CA GLU D 181 19.16 78.60 17.72
C GLU D 181 18.42 77.76 18.77
N PRO D 182 18.06 76.53 18.40
CA PRO D 182 17.34 75.63 19.29
C PRO D 182 18.20 75.29 20.48
N PRO D 183 17.58 75.08 21.66
CA PRO D 183 18.27 74.78 22.92
C PRO D 183 19.47 73.88 22.70
N ALA D 184 20.65 74.49 22.62
CA ALA D 184 21.86 73.80 22.18
C ALA D 184 22.46 72.83 23.20
N THR D 185 21.73 72.55 24.26
CA THR D 185 22.14 71.47 25.16
C THR D 185 20.96 70.85 25.88
N VAL D 186 21.19 69.71 26.52
CA VAL D 186 20.13 69.04 27.25
C VAL D 186 19.60 69.94 28.37
N GLU D 187 20.51 70.61 29.09
CA GLU D 187 20.12 71.46 30.22
C GLU D 187 19.29 72.64 29.74
N GLU D 188 19.76 73.27 28.68
CA GLU D 188 19.09 74.40 28.05
C GLU D 188 17.68 74.01 27.62
N CYS D 189 17.52 72.76 27.19
CA CYS D 189 16.26 72.30 26.63
C CYS D 189 15.25 71.97 27.71
N VAL D 190 15.77 71.41 28.81
CA VAL D 190 14.94 71.05 29.94
C VAL D 190 14.35 72.31 30.63
N LYS D 191 15.17 73.34 30.76
CA LYS D 191 14.76 74.56 31.45
C LYS D 191 13.67 75.28 30.63
N LEU D 192 13.86 75.30 29.32
CA LEU D 192 12.88 75.92 28.43
C LEU D 192 11.54 75.20 28.54
N THR D 193 11.62 73.91 28.79
CA THR D 193 10.42 73.08 28.98
C THR D 193 9.76 73.36 30.32
N VAL D 194 10.57 73.52 31.37
CA VAL D 194 10.04 73.89 32.69
C VAL D 194 9.51 75.33 32.70
N ARG D 195 10.28 76.26 32.13
CA ARG D 195 9.83 77.65 32.02
C ARG D 195 8.47 77.70 31.35
N SER D 196 8.23 76.73 30.48
CA SER D 196 6.98 76.62 29.76
C SER D 196 5.84 76.21 30.68
N LEU D 197 6.11 75.27 31.58
CA LEU D 197 5.03 74.72 32.39
C LEU D 197 4.76 75.61 33.60
N LEU D 198 5.74 76.46 33.91
CA LEU D 198 5.57 77.40 35.01
C LEU D 198 4.63 78.53 34.64
N GLU D 199 4.29 78.62 33.36
CA GLU D 199 3.31 79.60 32.92
C GLU D 199 1.91 79.13 33.28
N VAL D 200 1.74 77.84 33.54
CA VAL D 200 0.40 77.30 33.78
C VAL D 200 0.24 76.42 35.03
N VAL D 201 1.26 75.65 35.39
CA VAL D 201 1.18 74.87 36.63
C VAL D 201 1.26 75.76 37.87
N GLN D 202 2.35 76.52 37.95
CA GLN D 202 2.67 77.44 39.06
C GLN D 202 2.57 76.87 40.48
N THR D 203 2.36 75.55 40.57
CA THR D 203 2.36 74.84 41.85
C THR D 203 3.81 74.61 42.30
N GLY D 204 4.48 73.65 41.66
CA GLY D 204 5.85 73.32 42.00
C GLY D 204 6.40 72.05 41.38
N ALA D 205 7.59 71.66 41.81
CA ALA D 205 8.34 70.56 41.21
C ALA D 205 7.77 69.15 41.44
N LYS D 206 6.57 69.08 42.00
CA LYS D 206 5.92 67.79 42.23
C LYS D 206 4.75 67.69 41.26
N ASN D 207 4.43 68.81 40.62
CA ASN D 207 3.33 68.87 39.67
C ASN D 207 3.80 68.82 38.22
N ILE D 208 5.11 68.72 38.05
CA ILE D 208 5.71 68.63 36.72
C ILE D 208 6.52 67.34 36.58
N GLU D 209 6.35 66.66 35.45
CA GLU D 209 7.24 65.56 35.08
C GLU D 209 7.93 65.83 33.73
N ILE D 210 9.20 65.44 33.66
CA ILE D 210 10.05 65.70 32.50
C ILE D 210 10.69 64.40 32.08
N THR D 211 10.67 64.11 30.78
CA THR D 211 11.40 62.98 30.23
C THR D 211 12.29 63.45 29.08
N VAL D 212 13.56 63.03 29.10
CA VAL D 212 14.52 63.45 28.07
C VAL D 212 14.91 62.30 27.16
N VAL D 213 14.75 62.53 25.87
CA VAL D 213 15.08 61.52 24.87
C VAL D 213 16.31 61.93 24.08
N LYS D 214 17.40 61.17 24.21
CA LYS D 214 18.61 61.40 23.44
C LYS D 214 18.75 60.35 22.33
N PRO D 215 19.67 60.55 21.37
CA PRO D 215 19.81 59.56 20.29
C PRO D 215 20.29 58.20 20.80
N ASP D 216 19.98 57.16 20.03
CA ASP D 216 20.32 55.78 20.35
C ASP D 216 19.67 55.24 21.62
N SER D 217 18.34 55.34 21.69
CA SER D 217 17.54 54.69 22.73
C SER D 217 17.89 55.15 24.16
N ASP D 218 18.48 56.34 24.27
CA ASP D 218 18.82 56.90 25.57
C ASP D 218 17.67 57.76 26.11
N ILE D 219 16.79 57.13 26.86
CA ILE D 219 15.61 57.82 27.40
C ILE D 219 15.56 57.77 28.93
N VAL D 220 15.65 58.93 29.56
CA VAL D 220 15.58 58.96 31.03
C VAL D 220 14.60 60.04 31.53
N ALA D 221 13.85 59.68 32.58
CA ALA D 221 12.95 60.63 33.20
C ALA D 221 13.56 61.16 34.51
N LEU D 222 13.41 62.47 34.73
CA LEU D 222 13.99 63.13 35.90
C LEU D 222 13.19 62.88 37.19
N SER D 223 13.89 62.91 38.31
CA SER D 223 13.26 62.81 39.62
C SER D 223 12.89 64.21 40.13
N SER D 224 11.97 64.25 41.09
CA SER D 224 11.39 65.51 41.59
C SER D 224 12.45 66.53 41.97
N GLU D 225 13.45 66.07 42.72
CA GLU D 225 14.55 66.92 43.17
C GLU D 225 15.38 67.44 42.01
N GLU D 226 15.66 66.56 41.05
CA GLU D 226 16.37 66.95 39.83
C GLU D 226 15.59 68.07 39.14
N ILE D 227 14.29 67.88 39.01
CA ILE D 227 13.43 68.91 38.44
C ILE D 227 13.43 70.14 39.34
N ASN D 228 13.35 69.90 40.64
CA ASN D 228 13.33 70.98 41.64
C ASN D 228 14.45 72.00 41.42
N GLN D 229 15.64 71.51 41.11
CA GLN D 229 16.77 72.38 40.80
C GLN D 229 16.42 73.39 39.70
N TYR D 230 15.71 72.93 38.68
CA TYR D 230 15.36 73.81 37.56
C TYR D 230 14.37 74.88 37.96
N VAL D 231 13.24 74.48 38.52
CA VAL D 231 12.21 75.43 38.96
C VAL D 231 12.81 76.48 39.89
N THR D 232 13.53 76.01 40.90
CA THR D 232 14.26 76.89 41.82
C THR D 232 15.10 77.90 41.06
N GLN D 233 16.07 77.40 40.28
CA GLN D 233 16.99 78.24 39.53
C GLN D 233 16.28 79.22 38.59
N ILE D 234 15.08 78.85 38.16
CA ILE D 234 14.28 79.71 37.28
C ILE D 234 13.61 80.85 38.07
N GLU D 235 13.19 80.54 39.30
CA GLU D 235 12.57 81.54 40.18
C GLU D 235 13.54 82.67 40.55
N GLN D 236 14.81 82.31 40.73
CA GLN D 236 15.87 83.27 40.97
C GLN D 236 15.89 84.30 39.86
N GLU D 237 16.20 83.83 38.66
CA GLU D 237 16.41 84.68 37.48
C GLU D 237 15.26 85.63 37.15
N LYS D 238 14.10 85.41 37.79
CA LYS D 238 12.97 86.32 37.65
C LYS D 238 13.12 87.54 38.57
N GLN D 239 13.63 87.29 39.78
CA GLN D 239 13.69 88.32 40.82
C GLN D 239 14.89 89.26 40.68
N GLU D 240 15.98 88.77 40.10
CA GLU D 240 17.12 89.62 39.76
C GLU D 240 16.74 90.63 38.69
N GLN D 241 15.66 90.32 37.96
CA GLN D 241 15.18 91.12 36.84
C GLN D 241 14.08 92.10 37.27
N ASP E 1 -33.17 61.14 14.88
CA ASP E 1 -32.18 61.37 13.84
C ASP E 1 -32.46 60.50 12.60
N ARG E 2 -32.50 61.14 11.43
CA ARG E 2 -32.69 60.45 10.13
C ARG E 2 -31.46 59.64 9.70
N GLY E 3 -31.61 58.83 8.64
CA GLY E 3 -30.52 58.02 8.13
C GLY E 3 -29.41 58.85 7.49
N VAL E 4 -28.23 58.27 7.35
CA VAL E 4 -27.15 58.98 6.67
C VAL E 4 -27.26 58.82 5.16
N SER E 5 -28.11 57.89 4.74
CA SER E 5 -28.29 57.57 3.32
C SER E 5 -29.53 58.22 2.73
N THR E 6 -30.18 59.10 3.49
CA THR E 6 -31.50 59.63 3.09
C THR E 6 -31.49 60.84 2.15
N PHE E 7 -32.47 60.91 1.26
CA PHE E 7 -32.58 62.00 0.29
C PHE E 7 -33.28 63.21 0.90
N SER E 8 -32.85 64.41 0.49
CA SER E 8 -33.59 65.62 0.82
C SER E 8 -34.76 65.72 -0.16
N PRO E 9 -35.74 66.57 0.13
CA PRO E 9 -36.84 66.68 -0.84
C PRO E 9 -36.43 67.28 -2.19
N GLU E 10 -35.23 67.88 -2.25
CA GLU E 10 -34.63 68.34 -3.51
C GLU E 10 -34.10 67.17 -4.33
N GLY E 11 -33.75 66.06 -3.67
CA GLY E 11 -33.14 64.95 -4.38
C GLY E 11 -31.64 64.93 -4.24
N ARG E 12 -31.15 65.44 -3.11
CA ARG E 12 -29.73 65.38 -2.78
C ARG E 12 -29.58 64.57 -1.49
N LEU E 13 -28.42 63.95 -1.34
CA LEU E 13 -28.13 63.21 -0.13
C LEU E 13 -27.57 64.23 0.87
N PHE E 14 -28.12 64.23 2.08
CA PHE E 14 -27.71 65.20 3.08
C PHE E 14 -26.22 65.11 3.37
N GLN E 15 -25.72 63.91 3.57
CA GLN E 15 -24.33 63.77 3.99
C GLN E 15 -23.32 64.17 2.92
N VAL E 16 -23.67 64.00 1.66
CA VAL E 16 -22.76 64.38 0.59
C VAL E 16 -22.71 65.89 0.44
N GLU E 17 -23.84 66.54 0.64
CA GLU E 17 -23.91 68.00 0.55
C GLU E 17 -23.20 68.65 1.72
N TYR E 18 -23.47 68.20 2.93
CA TYR E 18 -22.78 68.75 4.08
C TYR E 18 -21.29 68.51 3.95
N SER E 19 -20.94 67.41 3.28
CA SER E 19 -19.55 67.06 3.03
C SER E 19 -18.87 68.12 2.15
N LEU E 20 -19.59 68.52 1.10
CA LEU E 20 -19.14 69.59 0.22
C LEU E 20 -18.90 70.89 0.98
N GLU E 21 -19.67 71.11 2.04
CA GLU E 21 -19.46 72.27 2.91
C GLU E 21 -18.09 72.23 3.57
N ALA E 22 -17.74 71.07 4.13
CA ALA E 22 -16.45 70.89 4.82
C ALA E 22 -15.24 71.19 3.92
N ILE E 23 -15.37 70.85 2.64
CA ILE E 23 -14.30 71.02 1.64
C ILE E 23 -14.04 72.49 1.28
N LYS E 24 -15.10 73.27 1.15
CA LYS E 24 -15.00 74.73 0.98
C LYS E 24 -14.16 75.37 2.07
N LEU E 25 -14.24 74.81 3.28
CA LEU E 25 -13.46 75.28 4.42
C LEU E 25 -11.98 74.90 4.32
N GLY E 26 -11.67 73.99 3.40
CA GLY E 26 -10.31 73.49 3.29
C GLY E 26 -9.38 74.44 2.57
N SER E 27 -8.08 74.29 2.83
CA SER E 27 -7.07 75.08 2.14
C SER E 27 -7.19 74.94 0.62
N THR E 28 -6.73 75.95 -0.11
CA THR E 28 -6.90 75.96 -1.56
C THR E 28 -5.91 75.03 -2.28
N ALA E 29 -6.37 74.39 -3.34
CA ALA E 29 -5.49 73.61 -4.22
C ALA E 29 -5.86 73.87 -5.68
N ILE E 30 -4.84 73.98 -6.54
CA ILE E 30 -5.09 74.29 -7.96
C ILE E 30 -4.29 73.38 -8.92
N GLY E 31 -4.99 72.90 -9.95
CA GLY E 31 -4.33 72.20 -11.04
C GLY E 31 -4.61 72.80 -12.41
N ILE E 32 -3.57 72.96 -13.21
CA ILE E 32 -3.74 73.33 -14.61
C ILE E 32 -3.10 72.29 -15.55
N ALA E 33 -3.81 72.02 -16.65
CA ALA E 33 -3.37 71.05 -17.63
C ALA E 33 -2.88 71.75 -18.89
N THR E 34 -1.65 71.45 -19.32
CA THR E 34 -1.12 71.96 -20.58
C THR E 34 -0.74 70.83 -21.54
N LYS E 35 -0.19 71.17 -22.70
CA LYS E 35 0.26 70.16 -23.63
C LYS E 35 1.72 69.74 -23.34
N GLU E 36 2.27 70.28 -22.27
CA GLU E 36 3.62 69.91 -21.82
C GLU E 36 3.65 69.43 -20.37
N GLY E 37 2.48 69.25 -19.76
CA GLY E 37 2.45 68.77 -18.40
C GLY E 37 1.20 69.16 -17.66
N VAL E 38 1.11 68.76 -16.39
CA VAL E 38 0.03 69.22 -15.52
C VAL E 38 0.68 69.73 -14.25
N VAL E 39 0.20 70.87 -13.76
CA VAL E 39 0.77 71.50 -12.56
C VAL E 39 -0.23 71.45 -11.39
N LEU E 40 0.26 71.21 -10.18
CA LEU E 40 -0.59 71.19 -8.99
C LEU E 40 0.03 72.03 -7.87
N GLY E 41 -0.71 73.03 -7.40
CA GLY E 41 -0.27 73.85 -6.29
C GLY E 41 -1.24 73.74 -5.13
N VAL E 42 -0.70 73.92 -3.93
CA VAL E 42 -1.52 73.92 -2.74
C VAL E 42 -1.07 74.97 -1.73
N GLU E 43 -2.05 75.51 -1.00
CA GLU E 43 -1.79 76.36 0.15
C GLU E 43 -1.50 75.43 1.34
N LYS E 44 -0.32 75.56 1.94
CA LYS E 44 0.05 74.75 3.08
C LYS E 44 -0.75 75.10 4.32
N ARG E 45 -0.84 76.41 4.60
CA ARG E 45 -1.61 76.91 5.75
C ARG E 45 -1.23 76.32 7.13
N ALA E 46 -0.07 76.70 7.64
CA ALA E 46 0.31 76.27 8.99
C ALA E 46 -0.55 77.00 10.02
N THR E 47 -0.72 76.40 11.20
CA THR E 47 -1.49 77.03 12.29
C THR E 47 -0.60 77.52 13.45
N SER E 48 0.66 77.81 13.15
CA SER E 48 1.64 78.27 14.13
C SER E 48 3.01 78.37 13.45
N PRO E 49 3.87 79.28 13.93
CA PRO E 49 5.23 79.36 13.35
C PRO E 49 6.14 78.27 13.89
N LEU E 50 5.63 77.54 14.87
CA LEU E 50 6.34 76.40 15.44
C LEU E 50 6.06 75.10 14.67
N LEU E 51 5.00 75.10 13.87
CA LEU E 51 4.71 73.98 12.99
C LEU E 51 5.80 73.94 11.93
N GLU E 52 6.33 72.75 11.66
CA GLU E 52 7.33 72.63 10.61
C GLU E 52 6.63 72.41 9.29
N SER E 53 6.72 73.42 8.43
CA SER E 53 5.91 73.48 7.23
C SER E 53 6.19 72.36 6.24
N ASP E 54 7.36 71.73 6.36
CA ASP E 54 7.72 70.62 5.45
C ASP E 54 6.89 69.34 5.68
N SER E 55 6.51 69.07 6.93
CA SER E 55 5.68 67.92 7.27
C SER E 55 4.25 67.99 6.70
N ILE E 56 3.88 69.09 6.06
CA ILE E 56 2.54 69.22 5.51
C ILE E 56 2.49 68.66 4.10
N GLU E 57 1.86 67.50 3.95
CA GLU E 57 1.76 66.83 2.66
C GLU E 57 0.34 66.89 2.10
N LYS E 58 0.15 67.74 1.10
CA LYS E 58 -1.16 67.96 0.51
C LYS E 58 -1.04 67.63 -0.96
N ILE E 59 0.21 67.40 -1.38
CA ILE E 59 0.47 66.85 -2.69
C ILE E 59 1.16 65.49 -2.55
N VAL E 60 0.58 64.46 -3.15
CA VAL E 60 1.18 63.13 -3.08
C VAL E 60 1.30 62.44 -4.44
N GLU E 61 2.35 61.63 -4.59
CA GLU E 61 2.50 60.70 -5.73
C GLU E 61 1.60 59.46 -5.63
N ILE E 62 0.98 59.10 -6.73
CA ILE E 62 0.19 57.88 -6.75
C ILE E 62 0.89 56.76 -7.55
N ASP E 63 1.29 57.08 -8.77
CA ASP E 63 2.30 56.29 -9.47
C ASP E 63 3.24 57.33 -10.09
N ARG E 64 4.21 56.88 -10.88
CA ARG E 64 5.12 57.79 -11.53
C ARG E 64 4.39 58.69 -12.53
N HIS E 65 3.26 58.23 -13.04
CA HIS E 65 2.50 59.03 -14.00
C HIS E 65 1.27 59.70 -13.38
N ILE E 66 1.04 59.48 -12.09
CA ILE E 66 -0.14 60.02 -11.46
C ILE E 66 0.15 60.71 -10.14
N GLY E 67 -0.27 61.98 -10.06
CA GLY E 67 -0.11 62.80 -8.87
C GLY E 67 -1.45 63.28 -8.35
N CYS E 68 -1.47 63.62 -7.06
CA CYS E 68 -2.70 63.98 -6.41
C CYS E 68 -2.50 65.23 -5.55
N ALA E 69 -3.47 66.16 -5.60
CA ALA E 69 -3.57 67.22 -4.59
C ALA E 69 -4.91 67.12 -3.88
N MET E 70 -4.96 67.53 -2.61
CA MET E 70 -6.17 67.36 -1.80
C MET E 70 -6.64 68.64 -1.13
N SER E 71 -7.88 68.63 -0.64
CA SER E 71 -8.46 69.82 -0.02
C SER E 71 -9.65 69.45 0.87
N GLY E 72 -9.55 69.73 2.17
CA GLY E 72 -10.64 69.44 3.08
C GLY E 72 -10.16 68.80 4.37
N LEU E 73 -10.86 67.76 4.83
CA LEU E 73 -10.37 66.97 5.94
C LEU E 73 -9.30 66.04 5.40
N THR E 74 -8.03 66.31 5.70
CA THR E 74 -6.97 65.61 4.99
C THR E 74 -6.66 64.21 5.54
N ALA E 75 -6.92 64.00 6.82
CA ALA E 75 -6.80 62.67 7.39
C ALA E 75 -7.69 61.71 6.58
N ASP E 76 -8.85 62.20 6.16
CA ASP E 76 -9.78 61.44 5.33
C ASP E 76 -9.16 61.02 4.00
N ALA E 77 -8.12 61.72 3.55
CA ALA E 77 -7.50 61.40 2.26
C ALA E 77 -6.56 60.19 2.29
N ARG E 78 -5.98 59.89 3.46
CA ARG E 78 -5.00 58.81 3.64
C ARG E 78 -5.38 57.48 2.97
N SER E 79 -6.55 56.97 3.32
CA SER E 79 -7.02 55.72 2.78
C SER E 79 -7.46 55.85 1.31
N MET E 80 -7.81 57.06 0.88
CA MET E 80 -8.18 57.25 -0.53
C MET E 80 -6.94 57.12 -1.42
N ILE E 81 -5.78 57.47 -0.85
CA ILE E 81 -4.53 57.42 -1.56
C ILE E 81 -3.99 56.00 -1.57
N GLU E 82 -4.18 55.32 -0.43
CA GLU E 82 -3.72 53.95 -0.27
C GLU E 82 -4.46 53.08 -1.24
N HIS E 83 -5.75 53.35 -1.39
CA HIS E 83 -6.53 52.64 -2.38
C HIS E 83 -5.95 52.92 -3.76
N ALA E 84 -5.88 54.20 -4.13
CA ALA E 84 -5.34 54.61 -5.42
C ALA E 84 -3.96 54.01 -5.72
N ARG E 85 -3.04 54.11 -4.77
CA ARG E 85 -1.71 53.54 -4.97
C ARG E 85 -1.82 52.04 -5.23
N THR E 86 -2.64 51.38 -4.41
CA THR E 86 -2.86 49.95 -4.52
C THR E 86 -3.52 49.61 -5.85
N ALA E 87 -4.40 50.47 -6.36
CA ALA E 87 -5.04 50.20 -7.65
C ALA E 87 -4.07 50.28 -8.82
N ALA E 88 -3.11 51.19 -8.73
CA ALA E 88 -2.21 51.42 -9.86
C ALA E 88 -1.16 50.32 -9.92
N VAL E 89 -0.58 49.99 -8.76
CA VAL E 89 0.40 48.92 -8.63
C VAL E 89 -0.24 47.59 -9.07
N THR E 90 -1.32 47.23 -8.40
CA THR E 90 -2.15 46.09 -8.77
C THR E 90 -2.40 46.04 -10.26
N HIS E 91 -2.76 47.16 -10.86
CA HIS E 91 -3.13 47.11 -12.27
C HIS E 91 -1.92 46.70 -13.10
N ASN E 92 -0.76 47.21 -12.68
CA ASN E 92 0.46 46.91 -13.38
C ASN E 92 0.86 45.44 -13.21
N LEU E 93 0.57 44.90 -12.02
CA LEU E 93 0.89 43.52 -11.72
C LEU E 93 0.10 42.61 -12.65
N TYR E 94 -1.19 42.91 -12.81
CA TYR E 94 -2.07 42.11 -13.65
C TYR E 94 -1.85 42.33 -15.14
N TYR E 95 -1.29 43.46 -15.52
CA TYR E 95 -1.37 43.82 -16.93
C TYR E 95 -0.08 44.30 -17.56
N ASP E 96 0.97 44.39 -16.76
CA ASP E 96 2.30 44.78 -17.27
C ASP E 96 2.24 46.14 -17.98
N GLU E 97 1.44 47.04 -17.44
CA GLU E 97 1.22 48.34 -18.06
C GLU E 97 0.86 49.40 -17.01
N ASP E 98 0.85 50.66 -17.43
CA ASP E 98 0.41 51.76 -16.59
C ASP E 98 -1.10 51.89 -16.64
N ILE E 99 -1.71 52.10 -15.47
CA ILE E 99 -3.15 52.31 -15.40
C ILE E 99 -3.48 53.66 -16.04
N ASN E 100 -4.55 53.69 -16.85
CA ASN E 100 -5.08 54.94 -17.39
C ASN E 100 -5.50 55.89 -16.25
N VAL E 101 -5.27 57.19 -16.42
CA VAL E 101 -5.61 58.19 -15.39
C VAL E 101 -7.11 58.21 -15.08
N GLU E 102 -7.92 58.23 -16.13
CA GLU E 102 -9.37 58.12 -16.00
C GLU E 102 -9.76 56.93 -15.11
N SER E 103 -9.22 55.75 -15.44
CA SER E 103 -9.52 54.49 -14.76
C SER E 103 -9.14 54.48 -13.30
N LEU E 104 -7.96 55.02 -12.98
CA LEU E 104 -7.59 55.20 -11.58
C LEU E 104 -8.58 56.12 -10.86
N THR E 105 -8.88 57.28 -11.45
CA THR E 105 -9.85 58.19 -10.85
C THR E 105 -11.17 57.48 -10.62
N GLN E 106 -11.62 56.72 -11.61
CA GLN E 106 -12.87 55.98 -11.48
C GLN E 106 -12.81 55.00 -10.32
N SER E 107 -11.62 54.50 -10.03
CA SER E 107 -11.48 53.51 -8.97
C SER E 107 -11.67 54.14 -7.62
N VAL E 108 -11.04 55.31 -7.45
CA VAL E 108 -11.16 56.11 -6.23
C VAL E 108 -12.59 56.58 -5.97
N CYS E 109 -13.24 57.07 -7.02
CA CYS E 109 -14.64 57.52 -6.93
C CYS E 109 -15.61 56.40 -6.59
N ASP E 110 -15.23 55.16 -6.85
CA ASP E 110 -16.04 54.00 -6.49
C ASP E 110 -16.10 53.84 -4.98
N LEU E 111 -14.99 54.16 -4.34
CA LEU E 111 -14.82 54.03 -2.92
C LEU E 111 -15.79 54.95 -2.17
N ALA E 112 -16.27 55.99 -2.86
CA ALA E 112 -16.88 57.16 -2.22
C ALA E 112 -18.29 57.03 -1.66
N LEU E 113 -19.19 56.33 -2.34
CA LEU E 113 -20.57 56.27 -1.83
C LEU E 113 -20.79 55.04 -0.93
N ARG E 114 -19.69 54.37 -0.61
CA ARG E 114 -19.74 53.20 0.25
C ARG E 114 -19.96 53.56 1.72
N PHE E 115 -20.95 54.41 1.99
CA PHE E 115 -21.25 54.76 3.37
C PHE E 115 -22.70 54.44 3.71
N GLY E 116 -22.98 54.19 4.99
CA GLY E 116 -24.32 53.88 5.44
C GLY E 116 -24.38 53.04 6.72
N GLU E 117 -25.53 52.43 6.97
CA GLU E 117 -25.69 51.60 8.16
C GLU E 117 -26.31 50.24 7.84
N GLY E 118 -25.59 49.17 8.21
CA GLY E 118 -26.05 47.80 8.07
C GLY E 118 -26.79 47.46 6.79
N ALA E 119 -26.09 47.48 5.67
CA ALA E 119 -26.71 47.25 4.36
C ALA E 119 -26.98 45.77 4.11
N SER E 120 -27.13 45.02 5.19
CA SER E 120 -27.34 43.56 5.15
C SER E 120 -26.21 42.82 4.43
N GLY E 121 -25.03 42.79 5.06
CA GLY E 121 -23.87 42.11 4.54
C GLY E 121 -23.07 42.92 3.54
N GLU E 122 -21.88 42.42 3.22
CA GLU E 122 -21.01 42.98 2.18
C GLU E 122 -20.38 44.35 2.50
N GLU E 123 -20.56 45.29 1.57
CA GLU E 123 -19.75 46.52 1.51
C GLU E 123 -19.91 47.51 2.69
N ARG E 124 -20.62 48.61 2.45
CA ARG E 124 -20.75 49.78 3.37
C ARG E 124 -19.70 49.87 4.47
N LEU E 125 -20.18 49.85 5.72
CA LEU E 125 -19.34 49.90 6.92
C LEU E 125 -18.64 51.25 7.14
N MET E 126 -18.56 52.08 6.09
CA MET E 126 -18.10 53.45 6.24
C MET E 126 -19.27 54.27 6.79
N SER E 127 -19.04 55.02 7.85
CA SER E 127 -20.13 55.70 8.55
C SER E 127 -20.57 56.99 7.87
N ARG E 128 -19.68 57.60 7.08
CA ARG E 128 -19.90 58.93 6.52
C ARG E 128 -19.03 59.12 5.29
N PRO E 129 -19.46 60.00 4.35
CA PRO E 129 -18.66 60.25 3.16
C PRO E 129 -17.29 60.82 3.52
N PHE E 130 -16.35 60.79 2.58
CA PHE E 130 -15.07 61.43 2.80
C PHE E 130 -15.27 62.93 2.77
N GLY E 131 -14.66 63.65 3.70
CA GLY E 131 -14.74 65.11 3.71
C GLY E 131 -13.55 65.80 3.08
N VAL E 132 -13.12 65.28 1.93
CA VAL E 132 -11.97 65.83 1.23
C VAL E 132 -12.22 65.67 -0.27
N ALA E 133 -11.66 66.57 -1.07
CA ALA E 133 -11.78 66.44 -2.51
C ALA E 133 -10.39 66.25 -3.11
N LEU E 134 -10.33 65.67 -4.29
CA LEU E 134 -9.03 65.46 -4.89
C LEU E 134 -8.92 66.01 -6.31
N LEU E 135 -7.73 66.54 -6.58
CA LEU E 135 -7.30 66.85 -7.91
C LEU E 135 -6.34 65.75 -8.31
N ILE E 136 -6.70 64.98 -9.32
CA ILE E 136 -5.83 63.89 -9.77
C ILE E 136 -5.24 64.22 -11.13
N ALA E 137 -3.92 64.34 -11.17
CA ALA E 137 -3.24 64.76 -12.39
C ALA E 137 -2.28 63.69 -12.94
N GLY E 138 -2.30 63.50 -14.25
CA GLY E 138 -1.35 62.59 -14.85
C GLY E 138 -1.36 62.47 -16.36
N HIS E 139 -0.67 61.44 -16.82
CA HIS E 139 -0.49 61.19 -18.24
C HIS E 139 -0.50 59.69 -18.53
N ASP E 140 -1.48 59.26 -19.31
CA ASP E 140 -1.41 57.95 -19.91
C ASP E 140 -1.20 58.21 -21.40
N ALA E 141 -1.06 57.16 -22.20
CA ALA E 141 -0.73 57.34 -23.61
C ALA E 141 -1.95 57.41 -24.56
N ASP E 142 -3.12 57.02 -24.08
CA ASP E 142 -4.33 57.03 -24.89
C ASP E 142 -5.00 58.42 -24.89
N ASP E 143 -4.75 59.18 -23.83
CA ASP E 143 -5.45 60.45 -23.59
C ASP E 143 -4.52 61.57 -23.08
N GLY E 144 -3.21 61.31 -23.08
CA GLY E 144 -2.21 62.31 -22.69
C GLY E 144 -2.37 62.94 -21.31
N TYR E 145 -2.21 64.25 -21.26
CA TYR E 145 -2.30 64.96 -20.00
C TYR E 145 -3.74 65.22 -19.54
N GLN E 146 -4.02 64.86 -18.29
CA GLN E 146 -5.36 64.97 -17.76
C GLN E 146 -5.40 65.52 -16.33
N LEU E 147 -6.45 66.28 -16.05
CA LEU E 147 -6.73 66.73 -14.70
C LEU E 147 -8.12 66.23 -14.34
N PHE E 148 -8.25 65.69 -13.14
CA PHE E 148 -9.54 65.19 -12.69
C PHE E 148 -9.93 65.77 -11.33
N HIS E 149 -11.22 66.03 -11.16
CA HIS E 149 -11.70 66.50 -9.89
C HIS E 149 -12.57 65.41 -9.33
N ALA E 150 -12.15 64.84 -8.21
CA ALA E 150 -12.95 63.78 -7.58
C ALA E 150 -13.63 64.24 -6.28
N GLU E 151 -14.96 64.38 -6.34
CA GLU E 151 -15.74 64.83 -5.20
C GLU E 151 -16.18 63.63 -4.35
N PRO E 152 -16.68 63.88 -3.14
CA PRO E 152 -17.21 62.77 -2.32
C PRO E 152 -18.61 62.34 -2.75
N SER E 153 -19.13 62.88 -3.84
CA SER E 153 -20.38 62.37 -4.41
C SER E 153 -20.13 61.15 -5.28
N GLY E 154 -18.86 60.86 -5.56
CA GLY E 154 -18.48 59.73 -6.38
C GLY E 154 -18.38 60.16 -7.84
N THR E 155 -18.71 61.42 -8.08
CA THR E 155 -18.66 62.03 -9.40
C THR E 155 -17.28 62.63 -9.65
N PHE E 156 -16.76 62.45 -10.86
CA PHE E 156 -15.54 63.13 -11.22
C PHE E 156 -15.69 63.80 -12.56
N TYR E 157 -14.83 64.77 -12.80
CA TYR E 157 -14.92 65.61 -13.98
C TYR E 157 -13.52 65.85 -14.48
N ARG E 158 -13.37 65.90 -15.79
CA ARG E 158 -12.09 66.30 -16.36
C ARG E 158 -12.13 67.82 -16.55
N TYR E 159 -11.01 68.47 -16.29
CA TYR E 159 -10.90 69.93 -16.33
C TYR E 159 -9.59 70.33 -17.01
N ASN E 160 -9.58 71.45 -17.71
CA ASN E 160 -8.32 72.01 -18.19
C ASN E 160 -7.66 72.75 -17.04
N ALA E 161 -8.50 73.18 -16.10
CA ALA E 161 -8.05 73.82 -14.87
C ALA E 161 -9.14 73.74 -13.80
N LYS E 162 -8.72 73.59 -12.55
CA LYS E 162 -9.67 73.50 -11.46
C LYS E 162 -9.02 73.92 -10.16
N ALA E 163 -9.79 74.62 -9.35
CA ALA E 163 -9.35 75.05 -8.04
C ALA E 163 -10.40 74.56 -7.07
N ILE E 164 -9.96 74.20 -5.86
CA ILE E 164 -10.86 73.68 -4.82
C ILE E 164 -10.40 74.15 -3.46
N GLY E 165 -11.36 74.31 -2.54
CA GLY E 165 -11.06 74.82 -1.21
C GLY E 165 -11.56 76.23 -0.94
N SER E 166 -10.95 76.88 0.05
CA SER E 166 -11.31 78.22 0.49
C SER E 166 -11.55 79.20 -0.65
N GLY E 167 -10.61 79.25 -1.59
CA GLY E 167 -10.71 80.24 -2.63
C GLY E 167 -11.14 79.73 -3.99
N SER E 168 -12.06 78.77 -4.02
CA SER E 168 -12.46 78.09 -5.26
C SER E 168 -13.07 79.00 -6.32
N GLU E 169 -14.29 79.45 -6.06
CA GLU E 169 -15.05 80.31 -6.97
C GLU E 169 -14.27 81.55 -7.46
N GLY E 170 -13.49 82.15 -6.57
CA GLY E 170 -12.64 83.28 -6.92
C GLY E 170 -11.57 82.86 -7.90
N ALA E 171 -10.81 81.84 -7.52
CA ALA E 171 -9.75 81.26 -8.36
C ALA E 171 -10.31 80.69 -9.66
N GLN E 172 -11.49 80.09 -9.62
CA GLN E 172 -12.10 79.51 -10.81
C GLN E 172 -12.38 80.57 -11.87
N ALA E 173 -12.98 81.68 -11.45
CA ALA E 173 -13.32 82.76 -12.38
C ALA E 173 -12.06 83.36 -13.00
N GLU E 174 -10.96 83.30 -12.25
CA GLU E 174 -9.66 83.72 -12.75
C GLU E 174 -9.08 82.73 -13.78
N LEU E 175 -9.18 81.43 -13.47
CA LEU E 175 -8.75 80.37 -14.36
C LEU E 175 -9.43 80.49 -15.72
N LEU E 176 -10.75 80.72 -15.69
CA LEU E 176 -11.53 80.90 -16.91
C LEU E 176 -10.98 82.00 -17.83
N ASN E 177 -10.48 83.08 -17.22
CA ASN E 177 -9.97 84.19 -18.01
C ASN E 177 -8.57 83.92 -18.55
N GLU E 178 -7.74 83.28 -17.75
CA GLU E 178 -6.31 83.16 -18.07
C GLU E 178 -5.90 81.92 -18.84
N TRP E 179 -6.77 80.91 -18.91
CA TRP E 179 -6.43 79.65 -19.56
C TRP E 179 -6.70 79.63 -21.07
N HIS E 180 -5.66 79.28 -21.83
CA HIS E 180 -5.76 78.96 -23.25
C HIS E 180 -5.08 77.61 -23.58
N SER E 181 -5.52 77.00 -24.68
CA SER E 181 -5.04 75.68 -25.08
C SER E 181 -3.53 75.66 -25.35
N SER E 182 -2.94 76.82 -25.58
CA SER E 182 -1.55 76.91 -26.02
C SER E 182 -0.60 77.35 -24.94
N LEU E 183 -1.02 77.19 -23.69
CA LEU E 183 -0.17 77.51 -22.54
C LEU E 183 1.09 76.67 -22.45
N THR E 184 2.21 77.32 -22.19
CA THR E 184 3.44 76.62 -21.86
C THR E 184 3.32 76.10 -20.41
N LEU E 185 4.17 75.14 -20.04
CA LEU E 185 4.14 74.62 -18.68
C LEU E 185 4.54 75.72 -17.70
N LYS E 186 5.60 76.44 -18.03
CA LYS E 186 6.10 77.50 -17.18
C LYS E 186 5.05 78.61 -16.93
N GLU E 187 4.33 78.99 -17.97
CA GLU E 187 3.25 79.94 -17.85
C GLU E 187 2.21 79.43 -16.88
N ALA E 188 2.05 78.11 -16.83
CA ALA E 188 1.06 77.49 -15.95
C ALA E 188 1.51 77.45 -14.48
N GLU E 189 2.80 77.27 -14.25
CA GLU E 189 3.30 77.18 -12.90
C GLU E 189 3.15 78.55 -12.26
N LEU E 190 3.61 79.57 -12.97
CA LEU E 190 3.52 80.96 -12.54
C LEU E 190 2.07 81.35 -12.32
N LEU E 191 1.20 80.91 -13.21
CA LEU E 191 -0.23 81.16 -13.09
C LEU E 191 -0.81 80.52 -11.83
N VAL E 192 -0.29 79.37 -11.43
CA VAL E 192 -0.80 78.73 -10.22
C VAL E 192 -0.29 79.51 -9.01
N LEU E 193 0.95 79.96 -9.10
CA LEU E 193 1.57 80.78 -8.07
C LEU E 193 0.75 82.06 -7.83
N LYS E 194 0.34 82.71 -8.92
CA LYS E 194 -0.37 83.98 -8.88
C LYS E 194 -1.71 83.84 -8.18
N ILE E 195 -2.49 82.84 -8.58
CA ILE E 195 -3.83 82.69 -8.02
C ILE E 195 -3.79 82.24 -6.56
N LEU E 196 -2.74 81.51 -6.18
CA LEU E 196 -2.58 81.13 -4.78
C LEU E 196 -2.33 82.40 -3.97
N LYS E 197 -1.50 83.28 -4.51
CA LYS E 197 -1.15 84.53 -3.85
C LYS E 197 -2.37 85.43 -3.60
N GLN E 198 -3.28 85.48 -4.56
CA GLN E 198 -4.47 86.33 -4.45
C GLN E 198 -5.46 85.80 -3.44
N VAL E 199 -5.45 84.48 -3.25
CA VAL E 199 -6.49 83.82 -2.45
C VAL E 199 -6.06 83.51 -1.00
N MET E 200 -4.78 83.28 -0.78
CA MET E 200 -4.27 83.03 0.58
C MET E 200 -4.34 84.27 1.47
N GLU E 201 -4.73 84.07 2.73
CA GLU E 201 -4.68 85.15 3.72
C GLU E 201 -3.22 85.56 3.97
N GLU E 202 -2.32 84.60 3.81
CA GLU E 202 -0.90 84.87 4.06
C GLU E 202 -0.16 85.31 2.81
N LYS E 203 0.98 85.95 3.03
CA LYS E 203 1.84 86.38 1.95
C LYS E 203 2.57 85.14 1.47
N LEU E 204 2.37 84.80 0.21
CA LEU E 204 2.91 83.56 -0.35
C LEU E 204 4.44 83.53 -0.41
N ASP E 205 5.05 82.58 0.28
CA ASP E 205 6.47 82.29 0.12
C ASP E 205 6.67 80.79 -0.17
N GLU E 206 7.92 80.36 -0.30
CA GLU E 206 8.20 78.97 -0.62
C GLU E 206 7.95 78.02 0.55
N ASN E 207 7.48 78.55 1.68
CA ASN E 207 7.18 77.72 2.84
C ASN E 207 5.69 77.57 3.20
N ASN E 208 4.80 78.18 2.44
CA ASN E 208 3.38 77.98 2.73
C ASN E 208 2.57 77.75 1.48
N ALA E 209 3.28 77.66 0.37
CA ALA E 209 2.71 77.11 -0.86
C ALA E 209 3.66 76.03 -1.36
N GLN E 210 3.12 75.08 -2.11
CA GLN E 210 3.95 74.03 -2.69
C GLN E 210 3.55 73.81 -4.14
N LEU E 211 4.53 73.52 -4.99
CA LEU E 211 4.24 73.19 -6.40
C LEU E 211 4.62 71.75 -6.77
N SER E 212 3.98 71.27 -7.82
CA SER E 212 4.34 69.98 -8.40
C SER E 212 3.88 69.89 -9.85
N CYS E 213 4.37 68.89 -10.55
CA CYS E 213 3.89 68.62 -11.89
C CYS E 213 4.04 67.15 -12.26
N ILE E 214 3.36 66.78 -13.34
CA ILE E 214 3.54 65.48 -13.96
C ILE E 214 3.83 65.69 -15.45
N THR E 215 5.01 65.25 -15.86
CA THR E 215 5.38 65.21 -17.27
C THR E 215 5.58 63.77 -17.73
N LYS E 216 5.26 63.52 -19.00
CA LYS E 216 5.43 62.23 -19.66
C LYS E 216 6.87 61.76 -19.55
N GLN E 217 7.79 62.71 -19.55
CA GLN E 217 9.22 62.39 -19.56
C GLN E 217 9.80 62.08 -18.17
N ASP E 218 9.55 62.94 -17.18
CA ASP E 218 10.20 62.77 -15.88
C ASP E 218 9.25 62.33 -14.78
N GLY E 219 7.98 62.17 -15.14
CA GLY E 219 6.98 61.72 -14.21
C GLY E 219 6.50 62.82 -13.28
N PHE E 220 6.04 62.41 -12.11
CA PHE E 220 5.46 63.33 -11.15
C PHE E 220 6.47 63.76 -10.10
N LYS E 221 6.87 65.03 -10.15
CA LYS E 221 7.80 65.59 -9.17
C LYS E 221 7.12 66.64 -8.31
N ILE E 222 7.41 66.60 -7.01
CA ILE E 222 7.10 67.70 -6.11
C ILE E 222 8.31 68.65 -6.21
N TYR E 223 8.07 69.95 -6.39
CA TYR E 223 9.19 70.89 -6.51
C TYR E 223 9.76 71.11 -5.14
N ASP E 224 11.09 71.25 -5.04
CA ASP E 224 11.70 71.60 -3.75
C ASP E 224 11.48 73.09 -3.48
N ASN E 225 11.68 73.51 -2.23
CA ASN E 225 11.39 74.89 -1.83
C ASN E 225 12.22 75.88 -2.64
N GLU E 226 13.52 75.60 -2.77
CA GLU E 226 14.45 76.48 -3.45
C GLU E 226 14.09 76.71 -4.90
N LYS E 227 13.41 75.75 -5.52
CA LYS E 227 13.00 75.89 -6.92
C LYS E 227 11.72 76.71 -7.02
N THR E 228 10.85 76.54 -6.03
CA THR E 228 9.63 77.31 -5.96
C THR E 228 9.97 78.78 -5.67
N ALA E 229 10.83 79.01 -4.67
CA ALA E 229 11.30 80.35 -4.32
C ALA E 229 11.74 81.14 -5.54
N GLU E 230 12.58 80.54 -6.38
CA GLU E 230 13.09 81.22 -7.57
C GLU E 230 12.01 81.43 -8.61
N LEU E 231 11.00 80.55 -8.61
CA LEU E 231 9.89 80.64 -9.55
C LEU E 231 8.90 81.70 -9.03
N ILE E 232 8.97 81.96 -7.73
CA ILE E 232 8.14 82.97 -7.09
C ILE E 232 8.63 84.39 -7.46
N LYS E 233 9.92 84.62 -7.26
CA LYS E 233 10.55 85.85 -7.73
C LYS E 233 10.16 86.18 -9.18
N GLU E 234 10.29 85.20 -10.07
CA GLU E 234 9.91 85.40 -11.47
C GLU E 234 8.52 86.01 -11.61
N LEU E 235 7.61 85.65 -10.71
CA LEU E 235 6.26 86.21 -10.76
C LEU E 235 6.22 87.65 -10.24
N LYS E 236 6.91 87.89 -9.12
CA LYS E 236 6.94 89.23 -8.52
C LYS E 236 7.47 90.26 -9.51
N GLU E 237 8.32 89.82 -10.44
CA GLU E 237 8.93 90.72 -11.42
C GLU E 237 8.10 90.92 -12.69
N LYS E 238 7.40 89.88 -13.11
CA LYS E 238 6.54 89.99 -14.28
C LYS E 238 5.27 90.73 -13.87
N GLU E 239 5.08 90.84 -12.56
CA GLU E 239 3.91 91.49 -11.97
C GLU E 239 4.21 92.94 -11.61
N ALA E 240 5.47 93.21 -11.30
CA ALA E 240 5.96 94.58 -11.14
C ALA E 240 5.68 95.37 -12.42
N ALA E 241 6.10 94.83 -13.57
CA ALA E 241 5.64 95.34 -14.86
C ALA E 241 4.12 95.16 -14.93
N GLU E 242 3.43 96.02 -15.69
CA GLU E 242 1.96 95.98 -15.76
C GLU E 242 1.47 94.63 -16.30
N ARG F 2 -43.71 70.34 8.62
CA ARG F 2 -42.98 69.14 9.04
C ARG F 2 -43.50 67.85 8.40
N ASN F 3 -42.58 67.07 7.86
CA ASN F 3 -42.90 65.75 7.32
C ASN F 3 -42.26 64.62 8.14
N ASN F 4 -43.09 63.78 8.72
CA ASN F 4 -42.62 62.71 9.60
C ASN F 4 -42.42 61.41 8.83
N TYR F 5 -42.88 61.40 7.57
CA TYR F 5 -42.97 60.16 6.83
C TYR F 5 -41.90 59.98 5.74
N ASP F 6 -40.86 60.82 5.77
CA ASP F 6 -39.88 60.86 4.70
C ASP F 6 -38.44 60.60 5.15
N GLY F 7 -38.25 60.06 6.35
CA GLY F 7 -36.92 59.88 6.93
C GLY F 7 -36.19 58.60 6.58
N ASP F 8 -36.82 57.76 5.76
CA ASP F 8 -36.31 56.46 5.31
C ASP F 8 -37.39 55.81 4.44
N THR F 9 -37.05 54.70 3.80
CA THR F 9 -37.97 54.11 2.83
C THR F 9 -38.86 53.03 3.40
N VAL F 10 -38.55 52.60 4.63
CA VAL F 10 -39.36 51.64 5.37
C VAL F 10 -40.74 52.22 5.77
N THR F 11 -40.91 53.54 5.64
CA THR F 11 -42.12 54.22 6.13
C THR F 11 -43.12 54.63 5.03
N PHE F 12 -44.34 54.11 5.13
CA PHE F 12 -45.43 54.57 4.29
C PHE F 12 -46.03 55.86 4.88
N SER F 13 -46.46 56.78 4.01
CA SER F 13 -47.23 57.95 4.48
C SER F 13 -48.69 57.50 4.60
N PRO F 14 -49.53 58.27 5.33
CA PRO F 14 -50.93 57.85 5.48
C PRO F 14 -51.73 57.83 4.16
N THR F 15 -51.27 58.59 3.17
CA THR F 15 -51.88 58.56 1.85
C THR F 15 -51.43 57.31 1.05
N GLY F 16 -50.39 56.63 1.55
CA GLY F 16 -49.89 55.41 0.95
C GLY F 16 -48.73 55.63 0.01
N ARG F 17 -47.88 56.60 0.35
CA ARG F 17 -46.77 57.01 -0.50
C ARG F 17 -45.40 56.77 0.14
N LEU F 18 -44.40 56.61 -0.72
CA LEU F 18 -43.03 56.42 -0.24
C LEU F 18 -42.22 57.64 -0.60
N PHE F 19 -42.03 58.51 0.39
CA PHE F 19 -41.44 59.82 0.13
C PHE F 19 -39.98 59.76 -0.30
N GLN F 20 -39.24 58.86 0.35
CA GLN F 20 -37.85 58.70 -0.01
C GLN F 20 -37.70 58.26 -1.46
N VAL F 21 -38.61 57.43 -1.94
CA VAL F 21 -38.61 57.07 -3.36
C VAL F 21 -38.90 58.29 -4.23
N GLU F 22 -39.89 59.08 -3.82
CA GLU F 22 -40.31 60.28 -4.55
C GLU F 22 -39.24 61.38 -4.54
N TYR F 23 -38.40 61.39 -3.51
CA TYR F 23 -37.28 62.33 -3.50
C TYR F 23 -36.17 61.86 -4.43
N ALA F 24 -36.08 60.55 -4.65
CA ALA F 24 -35.11 60.04 -5.58
C ALA F 24 -35.51 60.46 -6.99
N LEU F 25 -36.78 60.24 -7.33
CA LEU F 25 -37.33 60.65 -8.64
C LEU F 25 -36.95 62.08 -8.96
N GLU F 26 -36.90 62.91 -7.93
CA GLU F 26 -36.62 64.32 -8.10
C GLU F 26 -35.20 64.55 -8.62
N ALA F 27 -34.27 63.68 -8.23
CA ALA F 27 -32.88 63.80 -8.69
C ALA F 27 -32.80 63.65 -10.21
N ILE F 28 -33.62 62.77 -10.74
CA ILE F 28 -33.68 62.54 -12.17
C ILE F 28 -34.16 63.77 -12.88
N LYS F 29 -35.33 64.25 -12.45
CA LYS F 29 -35.95 65.43 -13.06
C LYS F 29 -35.04 66.67 -13.01
N GLN F 30 -34.01 66.62 -12.19
CA GLN F 30 -32.95 67.63 -12.21
C GLN F 30 -31.76 67.24 -13.09
N GLY F 31 -31.64 65.96 -13.42
CA GLY F 31 -30.59 65.50 -14.30
C GLY F 31 -30.77 66.03 -15.72
N SER F 32 -29.69 66.01 -16.50
CA SER F 32 -29.70 66.48 -17.88
C SER F 32 -30.56 65.59 -18.79
N VAL F 33 -31.24 66.19 -19.76
CA VAL F 33 -32.16 65.45 -20.63
C VAL F 33 -31.47 64.39 -21.51
N THR F 34 -32.20 63.30 -21.76
CA THR F 34 -31.78 62.28 -22.72
C THR F 34 -33.02 61.67 -23.34
N VAL F 35 -32.91 61.25 -24.60
CA VAL F 35 -34.05 60.84 -25.42
C VAL F 35 -33.81 59.50 -26.13
N GLY F 36 -34.79 58.61 -26.05
CA GLY F 36 -34.69 57.34 -26.74
C GLY F 36 -35.86 57.09 -27.68
N LEU F 37 -35.57 56.44 -28.80
CA LEU F 37 -36.61 56.11 -29.78
C LEU F 37 -36.17 54.95 -30.69
N ARG F 38 -37.14 54.30 -31.32
CA ARG F 38 -36.89 53.09 -32.09
C ARG F 38 -37.80 52.90 -33.32
N SER F 39 -37.26 52.27 -34.36
CA SER F 39 -38.08 51.81 -35.47
C SER F 39 -38.32 50.30 -35.32
N ASN F 40 -38.39 49.58 -36.42
CA ASN F 40 -38.45 48.13 -36.33
C ASN F 40 -37.07 47.54 -36.57
N THR F 41 -36.11 48.40 -36.90
CA THR F 41 -34.76 47.93 -37.22
C THR F 41 -33.69 48.50 -36.30
N HIS F 42 -33.90 49.70 -35.78
CA HIS F 42 -32.87 50.32 -34.94
C HIS F 42 -33.47 50.95 -33.68
N ALA F 43 -32.60 51.39 -32.78
CA ALA F 43 -33.05 52.09 -31.59
C ALA F 43 -31.99 53.08 -31.15
N VAL F 44 -32.34 54.35 -31.09
CA VAL F 44 -31.31 55.34 -30.81
C VAL F 44 -31.47 56.04 -29.47
N LEU F 45 -30.33 56.32 -28.86
CA LEU F 45 -30.24 57.07 -27.63
C LEU F 45 -29.53 58.38 -27.97
N VAL F 46 -30.21 59.51 -27.74
CA VAL F 46 -29.56 60.82 -27.83
C VAL F 46 -29.54 61.48 -26.46
N ALA F 47 -28.39 62.01 -26.07
CA ALA F 47 -28.26 62.58 -24.73
C ALA F 47 -27.54 63.91 -24.72
N LEU F 48 -28.15 64.89 -24.05
CA LEU F 48 -27.50 66.18 -23.85
C LEU F 48 -26.57 66.15 -22.63
N LYS F 49 -25.27 66.13 -22.88
CA LYS F 49 -24.29 66.13 -21.80
C LYS F 49 -24.21 67.50 -21.12
N ARG F 50 -23.96 67.46 -19.82
CA ARG F 50 -23.91 68.68 -19.02
C ARG F 50 -22.52 68.86 -18.48
N ASN F 51 -21.93 70.03 -18.72
CA ASN F 51 -20.65 70.36 -18.10
C ASN F 51 -20.85 71.09 -16.75
N ALA F 52 -19.78 71.17 -15.96
CA ALA F 52 -19.80 71.96 -14.73
C ALA F 52 -19.46 73.43 -15.06
N ASP F 53 -18.18 73.71 -15.23
CA ASP F 53 -17.72 75.01 -15.70
C ASP F 53 -17.59 74.97 -17.21
N GLU F 54 -16.80 75.92 -17.74
CA GLU F 54 -16.49 75.96 -19.16
C GLU F 54 -15.07 75.42 -19.34
N LEU F 55 -14.48 75.07 -18.21
CA LEU F 55 -13.18 74.44 -18.19
C LEU F 55 -13.30 72.91 -18.00
N SER F 56 -14.55 72.40 -17.98
CA SER F 56 -14.79 71.01 -17.62
C SER F 56 -15.23 70.10 -18.78
N SER F 57 -14.99 68.81 -18.62
CA SER F 57 -15.52 67.83 -19.55
C SER F 57 -17.02 67.79 -19.42
N TYR F 58 -17.70 67.40 -20.50
CA TYR F 58 -19.15 67.14 -20.44
C TYR F 58 -19.34 65.68 -20.03
N GLN F 59 -20.18 65.46 -19.02
CA GLN F 59 -20.28 64.15 -18.37
C GLN F 59 -20.99 63.09 -19.20
N LYS F 60 -20.33 61.95 -19.37
CA LYS F 60 -20.81 60.86 -20.22
C LYS F 60 -22.16 60.30 -19.76
N LYS F 61 -23.16 60.38 -20.63
CA LYS F 61 -24.50 59.93 -20.25
C LYS F 61 -24.91 58.57 -20.86
N ILE F 62 -24.03 57.98 -21.68
CA ILE F 62 -24.36 56.71 -22.35
C ILE F 62 -23.40 55.59 -21.99
N ILE F 63 -23.95 54.43 -21.65
CA ILE F 63 -23.15 53.27 -21.25
C ILE F 63 -23.55 52.01 -22.01
N LYS F 64 -22.57 51.34 -22.64
CA LYS F 64 -22.80 50.04 -23.29
C LYS F 64 -22.84 48.90 -22.26
N CYS F 65 -23.79 48.00 -22.43
CA CYS F 65 -23.95 46.89 -21.48
C CYS F 65 -23.56 45.55 -22.10
N ASP F 66 -23.78 45.44 -23.40
CA ASP F 66 -23.33 44.30 -24.19
C ASP F 66 -23.26 44.77 -25.64
N GLU F 67 -22.96 43.87 -26.56
CA GLU F 67 -22.86 44.26 -27.96
C GLU F 67 -24.24 44.55 -28.52
N HIS F 68 -25.28 44.11 -27.80
CA HIS F 68 -26.63 44.28 -28.29
C HIS F 68 -27.51 45.17 -27.40
N MET F 69 -26.92 45.83 -26.41
CA MET F 69 -27.70 46.55 -25.40
C MET F 69 -26.89 47.63 -24.67
N GLY F 70 -27.51 48.79 -24.50
CA GLY F 70 -26.93 49.85 -23.71
C GLY F 70 -27.97 50.81 -23.14
N LEU F 71 -27.54 51.71 -22.25
CA LEU F 71 -28.48 52.64 -21.65
C LEU F 71 -27.97 54.08 -21.64
N SER F 72 -28.88 55.02 -21.35
CA SER F 72 -28.48 56.36 -20.95
C SER F 72 -29.02 56.64 -19.56
N LEU F 73 -28.29 57.48 -18.83
CA LEU F 73 -28.61 57.81 -17.45
C LEU F 73 -28.94 59.29 -17.27
N ALA F 74 -29.89 59.57 -16.39
CA ALA F 74 -30.25 60.94 -16.03
C ALA F 74 -30.42 60.96 -14.53
N GLY F 75 -29.54 61.65 -13.82
CA GLY F 75 -29.59 61.64 -12.38
C GLY F 75 -28.28 61.35 -11.66
N LEU F 76 -28.37 60.68 -10.52
CA LEU F 76 -27.19 60.36 -9.73
C LEU F 76 -26.34 59.27 -10.43
N ALA F 77 -25.27 59.71 -11.06
CA ALA F 77 -24.47 58.88 -11.96
C ALA F 77 -23.68 57.68 -11.34
N PRO F 78 -23.14 57.84 -10.10
CA PRO F 78 -22.53 56.65 -9.47
C PRO F 78 -23.52 55.48 -9.35
N ASP F 79 -24.80 55.79 -9.22
CA ASP F 79 -25.83 54.77 -9.15
C ASP F 79 -26.02 54.12 -10.50
N ALA F 80 -25.84 54.90 -11.56
CA ALA F 80 -26.01 54.37 -12.91
C ALA F 80 -24.81 53.48 -13.21
N ARG F 81 -23.68 53.82 -12.61
CA ARG F 81 -22.52 52.95 -12.72
C ARG F 81 -22.83 51.58 -12.09
N VAL F 82 -23.31 51.59 -10.85
CA VAL F 82 -23.75 50.40 -10.15
C VAL F 82 -24.81 49.57 -10.90
N LEU F 83 -25.80 50.22 -11.47
CA LEU F 83 -26.90 49.48 -12.12
C LEU F 83 -26.48 48.95 -13.48
N SER F 84 -25.71 49.74 -14.22
CA SER F 84 -25.28 49.34 -15.56
C SER F 84 -24.25 48.22 -15.41
N ASN F 85 -23.41 48.34 -14.40
CA ASN F 85 -22.46 47.30 -14.05
C ASN F 85 -23.21 45.99 -13.78
N TYR F 86 -24.17 46.03 -12.86
CA TYR F 86 -24.96 44.85 -12.53
C TYR F 86 -25.65 44.27 -13.79
N LEU F 87 -25.95 45.13 -14.76
CA LEU F 87 -26.65 44.66 -15.94
C LEU F 87 -25.66 44.05 -16.92
N ARG F 88 -24.44 44.60 -16.92
CA ARG F 88 -23.36 44.03 -17.70
C ARG F 88 -23.15 42.58 -17.30
N GLN F 89 -23.19 42.33 -15.99
CA GLN F 89 -22.94 41.00 -15.47
C GLN F 89 -24.05 40.06 -15.84
N GLN F 90 -25.28 40.53 -15.77
CA GLN F 90 -26.41 39.68 -16.06
C GLN F 90 -26.47 39.35 -17.53
N CYS F 91 -25.94 40.24 -18.37
CA CYS F 91 -25.83 39.98 -19.80
C CYS F 91 -24.76 38.90 -20.05
N ASN F 92 -23.59 39.12 -19.45
CA ASN F 92 -22.45 38.23 -19.45
C ASN F 92 -22.85 36.81 -19.06
N TYR F 93 -23.44 36.71 -17.88
CA TYR F 93 -23.92 35.44 -17.35
C TYR F 93 -24.85 34.73 -18.33
N SER F 94 -25.77 35.46 -18.95
CA SER F 94 -26.67 34.85 -19.91
C SER F 94 -25.88 34.28 -21.08
N SER F 95 -24.82 34.97 -21.48
CA SER F 95 -24.00 34.55 -22.61
C SER F 95 -23.08 33.37 -22.30
N LEU F 96 -22.46 33.40 -21.12
CA LEU F 96 -21.53 32.35 -20.73
C LEU F 96 -22.28 31.06 -20.44
N VAL F 97 -23.20 31.10 -19.50
CA VAL F 97 -23.95 29.90 -19.11
C VAL F 97 -24.87 29.32 -20.19
N PHE F 98 -25.63 30.17 -20.87
CA PHE F 98 -26.62 29.66 -21.83
C PHE F 98 -26.32 29.97 -23.27
N ASN F 99 -25.19 30.62 -23.52
CA ASN F 99 -24.81 31.00 -24.88
C ASN F 99 -25.95 31.74 -25.55
N ARG F 100 -26.47 32.73 -24.84
CA ARG F 100 -27.72 33.37 -25.21
C ARG F 100 -27.68 34.86 -24.90
N LYS F 101 -28.06 35.68 -25.85
CA LYS F 101 -28.13 37.13 -25.60
C LYS F 101 -29.37 37.48 -24.75
N LEU F 102 -29.15 38.14 -23.62
CA LEU F 102 -30.21 38.52 -22.69
C LEU F 102 -31.24 39.41 -23.41
N ALA F 103 -32.49 38.94 -23.46
CA ALA F 103 -33.60 39.72 -24.03
C ALA F 103 -33.79 41.01 -23.24
N VAL F 104 -34.03 42.11 -23.96
CA VAL F 104 -34.11 43.46 -23.38
C VAL F 104 -35.15 43.54 -22.27
N GLU F 105 -36.32 42.99 -22.57
CA GLU F 105 -37.40 42.83 -21.61
C GLU F 105 -36.94 42.19 -20.30
N ARG F 106 -35.98 41.30 -20.37
CA ARG F 106 -35.49 40.63 -19.17
C ARG F 106 -34.50 41.47 -18.37
N ALA F 107 -33.76 42.33 -19.06
CA ALA F 107 -32.93 43.35 -18.42
C ALA F 107 -33.81 44.29 -17.59
N GLY F 108 -34.98 44.63 -18.10
CA GLY F 108 -35.91 45.49 -17.40
C GLY F 108 -36.35 44.86 -16.09
N HIS F 109 -36.80 43.61 -16.17
CA HIS F 109 -37.19 42.85 -15.00
C HIS F 109 -36.11 42.85 -13.91
N LEU F 110 -34.87 42.58 -14.32
CA LEU F 110 -33.75 42.52 -13.38
C LEU F 110 -33.52 43.86 -12.69
N LEU F 111 -33.58 44.94 -13.45
CA LEU F 111 -33.37 46.26 -12.90
C LEU F 111 -34.48 46.61 -11.93
N CYS F 112 -35.70 46.34 -12.36
CA CYS F 112 -36.86 46.54 -11.53
C CYS F 112 -36.72 45.84 -10.18
N ASP F 113 -36.41 44.54 -10.19
CA ASP F 113 -36.34 43.75 -8.97
C ASP F 113 -35.18 44.18 -8.10
N LYS F 114 -34.15 44.72 -8.76
CA LYS F 114 -32.95 45.17 -8.07
C LYS F 114 -33.23 46.49 -7.38
N ALA F 115 -34.00 47.35 -8.04
CA ALA F 115 -34.38 48.65 -7.49
C ALA F 115 -35.34 48.49 -6.33
N GLN F 116 -36.30 47.57 -6.50
CA GLN F 116 -37.34 47.38 -5.50
C GLN F 116 -36.77 47.05 -4.13
N LYS F 117 -35.71 46.25 -4.10
CA LYS F 117 -35.14 45.79 -2.83
C LYS F 117 -34.63 46.96 -1.99
N ASN F 118 -34.20 48.00 -2.69
CA ASN F 118 -33.69 49.19 -2.03
C ASN F 118 -34.80 50.09 -1.51
N THR F 119 -36.06 49.69 -1.73
CA THR F 119 -37.20 50.47 -1.28
C THR F 119 -37.95 49.77 -0.12
N GLN F 120 -37.41 48.67 0.40
CA GLN F 120 -38.15 47.91 1.40
C GLN F 120 -37.35 47.56 2.66
N SER F 121 -36.09 47.98 2.70
CA SER F 121 -35.23 47.60 3.81
C SER F 121 -34.64 48.79 4.54
N TYR F 122 -34.53 48.64 5.85
CA TYR F 122 -33.94 49.65 6.73
C TYR F 122 -32.52 49.96 6.27
N GLY F 123 -32.11 51.22 6.39
CA GLY F 123 -30.72 51.59 6.13
C GLY F 123 -30.38 51.74 4.65
N GLY F 124 -31.24 51.19 3.81
CA GLY F 124 -31.08 51.30 2.37
C GLY F 124 -31.57 52.64 1.89
N ARG F 125 -31.35 52.91 0.62
CA ARG F 125 -31.86 54.10 0.00
C ARG F 125 -32.04 53.82 -1.47
N PRO F 126 -33.07 54.40 -2.07
CA PRO F 126 -33.38 54.09 -3.47
C PRO F 126 -32.30 54.58 -4.39
N TYR F 127 -32.39 54.17 -5.64
CA TYR F 127 -31.41 54.61 -6.61
C TYR F 127 -31.78 56.01 -7.08
N GLY F 128 -30.79 56.87 -7.23
CA GLY F 128 -31.06 58.26 -7.60
C GLY F 128 -30.88 58.53 -9.08
N VAL F 129 -31.27 57.57 -9.92
CA VAL F 129 -30.98 57.71 -11.35
C VAL F 129 -32.07 57.07 -12.20
N GLY F 130 -32.27 57.61 -13.40
CA GLY F 130 -33.24 57.06 -14.34
C GLY F 130 -32.53 56.56 -15.58
N LEU F 131 -33.06 55.51 -16.22
CA LEU F 131 -32.34 54.89 -17.31
C LEU F 131 -33.19 54.68 -18.54
N LEU F 132 -32.60 54.94 -19.69
CA LEU F 132 -33.25 54.58 -20.94
C LEU F 132 -32.47 53.45 -21.57
N ILE F 133 -33.11 52.28 -21.68
CA ILE F 133 -32.45 51.07 -22.18
C ILE F 133 -32.79 50.82 -23.64
N ILE F 134 -31.78 50.82 -24.52
CA ILE F 134 -32.00 50.35 -25.89
C ILE F 134 -31.30 49.02 -26.16
N GLY F 135 -31.94 48.20 -26.96
CA GLY F 135 -31.38 46.93 -27.35
C GLY F 135 -32.03 46.37 -28.59
N TYR F 136 -31.32 45.47 -29.26
CA TYR F 136 -31.87 44.68 -30.35
C TYR F 136 -31.62 43.22 -30.03
N ASP F 137 -32.69 42.49 -29.74
CA ASP F 137 -32.57 41.08 -29.41
C ASP F 137 -33.32 40.24 -30.43
N LYS F 138 -33.73 39.03 -30.03
CA LYS F 138 -34.42 38.12 -30.93
C LYS F 138 -35.85 38.55 -31.30
N SER F 139 -36.38 39.55 -30.61
CA SER F 139 -37.69 40.09 -30.95
C SER F 139 -37.57 41.52 -31.48
N GLY F 140 -36.41 41.86 -32.03
CA GLY F 140 -36.22 43.11 -32.73
C GLY F 140 -35.75 44.29 -31.90
N ALA F 141 -36.16 45.48 -32.31
CA ALA F 141 -35.70 46.69 -31.64
C ALA F 141 -36.50 46.92 -30.36
N HIS F 142 -35.84 47.48 -29.34
CA HIS F 142 -36.49 47.75 -28.05
C HIS F 142 -36.02 49.03 -27.39
N LEU F 143 -36.95 49.68 -26.70
CA LEU F 143 -36.65 50.83 -25.85
C LEU F 143 -37.37 50.74 -24.52
N LEU F 144 -36.61 50.86 -23.44
CA LEU F 144 -37.13 50.74 -22.09
C LEU F 144 -36.83 52.00 -21.28
N GLU F 145 -37.75 52.36 -20.39
CA GLU F 145 -37.49 53.44 -19.45
C GLU F 145 -37.57 52.89 -18.03
N PHE F 146 -36.55 53.18 -17.24
CA PHE F 146 -36.47 52.68 -15.88
C PHE F 146 -36.48 53.84 -14.90
N GLN F 147 -37.40 53.78 -13.95
CA GLN F 147 -37.44 54.71 -12.84
C GLN F 147 -37.06 53.94 -11.56
N PRO F 148 -36.38 54.61 -10.61
CA PRO F 148 -35.86 54.03 -9.37
C PRO F 148 -36.96 53.51 -8.45
N SER F 149 -38.20 53.85 -8.77
CA SER F 149 -39.34 53.27 -8.08
C SER F 149 -39.31 51.75 -8.30
N GLY F 150 -38.74 51.34 -9.42
CA GLY F 150 -38.70 49.95 -9.82
C GLY F 150 -39.51 49.76 -11.08
N ASN F 151 -40.26 50.79 -11.45
CA ASN F 151 -41.05 50.75 -12.66
C ASN F 151 -40.23 50.81 -13.94
N VAL F 152 -40.44 49.82 -14.79
CA VAL F 152 -39.82 49.74 -16.09
C VAL F 152 -40.91 49.59 -17.15
N THR F 153 -40.85 50.38 -18.22
CA THR F 153 -41.94 50.41 -19.20
C THR F 153 -41.38 50.39 -20.60
N GLU F 154 -42.00 49.62 -21.50
CA GLU F 154 -41.54 49.55 -22.88
C GLU F 154 -42.29 50.54 -23.78
N LEU F 155 -41.53 51.28 -24.56
CA LEU F 155 -42.05 52.40 -25.33
C LEU F 155 -41.44 52.44 -26.72
N TYR F 156 -42.01 53.26 -27.60
CA TYR F 156 -41.39 53.53 -28.88
C TYR F 156 -40.46 54.69 -28.68
N GLY F 157 -40.84 55.57 -27.75
CA GLY F 157 -40.06 56.76 -27.49
C GLY F 157 -40.29 57.38 -26.13
N THR F 158 -39.27 58.07 -25.63
CA THR F 158 -39.37 58.83 -24.39
C THR F 158 -38.15 59.70 -24.08
N ALA F 159 -38.29 60.54 -23.06
CA ALA F 159 -37.19 61.34 -22.56
C ALA F 159 -37.32 61.48 -21.05
N ILE F 160 -36.18 61.65 -20.38
CA ILE F 160 -36.19 61.82 -18.94
C ILE F 160 -35.20 62.91 -18.52
N GLY F 161 -35.45 63.52 -17.37
CA GLY F 161 -34.59 64.59 -16.87
C GLY F 161 -35.20 65.98 -16.99
N ALA F 162 -34.33 66.99 -17.00
CA ALA F 162 -34.73 68.40 -17.10
C ALA F 162 -35.36 68.71 -18.45
N ARG F 163 -36.56 69.31 -18.41
CA ARG F 163 -37.26 69.79 -19.61
C ARG F 163 -37.69 68.67 -20.55
N SER F 164 -37.68 67.44 -20.05
CA SER F 164 -37.93 66.27 -20.88
C SER F 164 -39.28 66.28 -21.64
N GLN F 165 -40.23 67.07 -21.16
CA GLN F 165 -41.60 67.00 -21.67
C GLN F 165 -41.68 67.51 -23.12
N GLY F 166 -40.80 68.43 -23.47
CA GLY F 166 -40.70 68.91 -24.83
C GLY F 166 -40.51 67.78 -25.85
N ALA F 167 -39.43 67.02 -25.66
CA ALA F 167 -39.13 65.87 -26.48
C ALA F 167 -40.27 64.86 -26.43
N LYS F 168 -40.79 64.67 -25.24
CA LYS F 168 -41.84 63.68 -25.02
C LYS F 168 -43.08 63.92 -25.89
N THR F 169 -43.57 65.15 -25.91
CA THR F 169 -44.74 65.48 -26.74
C THR F 169 -44.41 65.46 -28.24
N TYR F 170 -43.21 65.95 -28.58
CA TYR F 170 -42.73 65.89 -29.95
C TYR F 170 -42.75 64.45 -30.48
N LEU F 171 -42.33 63.53 -29.63
CA LEU F 171 -42.35 62.11 -29.95
C LEU F 171 -43.76 61.58 -30.17
N GLU F 172 -44.72 62.07 -29.39
CA GLU F 172 -46.10 61.60 -29.53
C GLU F 172 -46.70 61.96 -30.88
N ARG F 173 -46.38 63.17 -31.35
CA ARG F 173 -46.83 63.61 -32.67
C ARG F 173 -46.05 62.92 -33.79
N THR F 174 -44.72 62.87 -33.64
CA THR F 174 -43.83 62.23 -34.61
C THR F 174 -43.96 60.69 -34.65
N LEU F 175 -44.71 60.11 -33.71
CA LEU F 175 -44.74 58.65 -33.53
C LEU F 175 -44.89 57.87 -34.83
N ASP F 176 -45.99 58.12 -35.52
CA ASP F 176 -46.32 57.38 -36.74
C ASP F 176 -45.29 57.65 -37.87
N THR F 177 -44.48 58.70 -37.70
CA THR F 177 -43.44 59.02 -38.67
C THR F 177 -42.19 58.18 -38.46
N PHE F 178 -41.53 58.34 -37.31
CA PHE F 178 -40.25 57.69 -37.04
C PHE F 178 -40.33 56.17 -36.79
N ILE F 179 -41.53 55.65 -36.52
CA ILE F 179 -41.75 54.20 -36.35
C ILE F 179 -41.52 53.47 -37.67
N LYS F 180 -41.29 54.23 -38.74
CA LYS F 180 -41.14 53.64 -40.06
C LYS F 180 -39.72 53.76 -40.61
N ILE F 181 -38.82 54.37 -39.83
CA ILE F 181 -37.44 54.57 -40.27
C ILE F 181 -36.62 53.27 -40.21
N ASP F 182 -37.09 52.29 -40.98
CA ASP F 182 -36.44 51.00 -41.10
C ASP F 182 -35.33 51.03 -42.17
N GLY F 183 -34.11 50.67 -41.78
CA GLY F 183 -33.01 50.61 -42.74
C GLY F 183 -32.22 51.88 -42.93
N ASN F 184 -32.64 52.98 -42.29
CA ASN F 184 -31.86 54.21 -42.35
C ASN F 184 -31.64 54.82 -40.99
N PRO F 185 -30.52 54.46 -40.35
CA PRO F 185 -30.19 54.97 -39.02
C PRO F 185 -30.10 56.50 -38.96
N ASP F 186 -29.44 57.11 -39.93
CA ASP F 186 -29.18 58.54 -39.85
C ASP F 186 -30.48 59.36 -39.87
N GLU F 187 -31.51 58.79 -40.48
CA GLU F 187 -32.82 59.42 -40.48
C GLU F 187 -33.50 59.19 -39.14
N LEU F 188 -33.18 58.08 -38.49
CA LEU F 188 -33.72 57.78 -37.16
C LEU F 188 -33.02 58.61 -36.07
N ILE F 189 -31.77 59.00 -36.32
CA ILE F 189 -31.02 59.84 -35.39
C ILE F 189 -31.42 61.30 -35.54
N LYS F 190 -31.55 61.75 -36.79
CA LYS F 190 -32.04 63.11 -37.05
C LYS F 190 -33.34 63.36 -36.30
N ALA F 191 -34.26 62.39 -36.35
CA ALA F 191 -35.49 62.47 -35.57
C ALA F 191 -35.21 62.49 -34.07
N GLY F 192 -34.15 61.81 -33.65
CA GLY F 192 -33.81 61.71 -32.24
C GLY F 192 -33.12 62.97 -31.75
N VAL F 193 -32.32 63.59 -32.62
CA VAL F 193 -31.61 64.80 -32.23
C VAL F 193 -32.53 66.03 -32.36
N GLU F 194 -33.55 65.91 -33.20
CA GLU F 194 -34.60 66.91 -33.31
C GLU F 194 -35.30 67.01 -31.98
N ALA F 195 -36.05 65.96 -31.65
CA ALA F 195 -36.75 65.80 -30.39
C ALA F 195 -36.02 66.32 -29.18
N ILE F 196 -34.70 66.12 -29.12
CA ILE F 196 -33.97 66.56 -27.94
C ILE F 196 -33.79 68.09 -27.92
N SER F 197 -34.06 68.74 -29.06
CA SER F 197 -33.97 70.20 -29.13
C SER F 197 -35.20 70.89 -28.51
N GLN F 198 -36.31 70.16 -28.44
CA GLN F 198 -37.53 70.61 -27.78
C GLN F 198 -37.39 70.66 -26.25
N SER F 199 -36.16 70.51 -25.75
CA SER F 199 -35.90 70.55 -24.31
C SER F 199 -34.73 71.47 -24.09
N LEU F 200 -34.23 72.03 -25.17
CA LEU F 200 -33.13 72.98 -25.14
C LEU F 200 -33.65 74.38 -24.82
N ARG F 201 -33.42 74.83 -23.59
CA ARG F 201 -33.95 76.13 -23.15
C ARG F 201 -33.10 77.28 -23.69
N ASP F 202 -31.79 77.24 -23.45
CA ASP F 202 -30.93 78.33 -23.87
C ASP F 202 -29.75 77.90 -24.74
N GLU F 203 -28.88 77.07 -24.18
CA GLU F 203 -27.74 76.53 -24.94
C GLU F 203 -28.25 75.72 -26.15
N SER F 204 -27.41 75.60 -27.17
CA SER F 204 -27.71 74.75 -28.33
C SER F 204 -26.71 73.58 -28.39
N LEU F 205 -27.05 72.55 -29.16
CA LEU F 205 -26.21 71.37 -29.28
C LEU F 205 -24.81 71.71 -29.82
N THR F 206 -23.79 71.44 -29.02
CA THR F 206 -22.39 71.61 -29.42
C THR F 206 -21.90 70.24 -29.87
N VAL F 207 -20.72 70.20 -30.45
CA VAL F 207 -20.08 68.93 -30.79
C VAL F 207 -19.45 68.34 -29.54
N ASP F 208 -19.59 69.04 -28.41
CA ASP F 208 -19.05 68.58 -27.13
C ASP F 208 -20.14 68.16 -26.14
N ASN F 209 -21.33 68.70 -26.30
CA ASN F 209 -22.42 68.31 -25.40
C ASN F 209 -23.33 67.26 -26.03
N LEU F 210 -23.08 66.93 -27.28
CA LEU F 210 -23.89 65.92 -27.95
C LEU F 210 -23.26 64.54 -27.87
N SER F 211 -24.09 63.60 -27.42
CA SER F 211 -23.74 62.20 -27.30
C SER F 211 -24.87 61.39 -27.89
N ILE F 212 -24.52 60.30 -28.59
CA ILE F 212 -25.51 59.49 -29.27
C ILE F 212 -25.09 58.01 -29.43
N ALA F 213 -26.05 57.11 -29.24
CA ALA F 213 -25.80 55.69 -29.33
C ALA F 213 -26.80 55.10 -30.31
N ILE F 214 -26.37 54.05 -31.00
CA ILE F 214 -27.22 53.40 -32.00
C ILE F 214 -27.07 51.88 -31.91
N VAL F 215 -28.18 51.16 -32.01
CA VAL F 215 -28.15 49.71 -32.04
C VAL F 215 -29.28 49.19 -32.90
N GLY F 216 -29.07 48.03 -33.52
CA GLY F 216 -30.11 47.42 -34.34
C GLY F 216 -29.67 46.28 -35.25
N LYS F 217 -30.62 45.81 -36.07
CA LYS F 217 -30.37 44.75 -37.06
C LYS F 217 -29.09 44.98 -37.85
N ASP F 218 -28.08 44.16 -37.57
CA ASP F 218 -26.75 44.30 -38.17
C ASP F 218 -26.10 45.65 -37.83
N THR F 219 -26.27 46.06 -36.56
CA THR F 219 -25.56 47.20 -36.00
C THR F 219 -25.42 47.05 -34.50
N PRO F 220 -24.20 46.72 -34.02
CA PRO F 220 -23.95 46.56 -32.58
C PRO F 220 -23.95 47.90 -31.86
N PHE F 221 -24.33 47.89 -30.58
CA PHE F 221 -24.39 49.10 -29.78
C PHE F 221 -23.10 49.87 -29.89
N THR F 222 -23.20 51.11 -30.37
CA THR F 222 -22.02 51.96 -30.56
C THR F 222 -22.32 53.41 -30.16
N ILE F 223 -21.31 54.06 -29.58
CA ILE F 223 -21.50 55.39 -29.03
C ILE F 223 -20.76 56.46 -29.82
N TYR F 224 -21.49 57.46 -30.29
CA TYR F 224 -20.86 58.57 -31.00
C TYR F 224 -20.79 59.85 -30.17
N ASP F 225 -19.61 60.46 -30.18
CA ASP F 225 -19.35 61.71 -29.49
C ASP F 225 -18.34 62.50 -30.28
N GLY F 226 -18.43 63.83 -30.21
CA GLY F 226 -17.48 64.69 -30.85
C GLY F 226 -17.65 64.72 -32.36
N GLU F 227 -16.53 64.72 -33.06
CA GLU F 227 -16.46 64.75 -34.53
C GLU F 227 -17.50 63.87 -35.19
N ALA F 228 -17.60 62.64 -34.67
CA ALA F 228 -18.50 61.63 -35.20
C ALA F 228 -19.97 62.05 -35.13
N VAL F 229 -20.27 63.04 -34.29
CA VAL F 229 -21.65 63.46 -34.11
C VAL F 229 -21.96 64.79 -34.80
N ALA F 230 -20.91 65.41 -35.34
CA ALA F 230 -20.99 66.70 -36.01
C ALA F 230 -22.02 66.74 -37.14
N LYS F 231 -22.03 65.70 -37.95
CA LYS F 231 -22.92 65.65 -39.11
C LYS F 231 -24.44 65.72 -38.80
N TYR F 232 -24.83 65.70 -37.53
CA TYR F 232 -26.24 65.71 -37.17
C TYR F 232 -26.65 67.02 -36.52
N ILE F 233 -25.73 67.98 -36.51
CA ILE F 233 -25.88 69.23 -35.77
C ILE F 233 -25.21 70.39 -36.50
N GLY G 1 -49.55 58.49 23.81
CA GLY G 1 -49.53 59.74 23.07
C GLY G 1 -49.83 59.56 21.58
N THR G 2 -48.87 59.97 20.74
CA THR G 2 -49.05 59.87 19.29
C THR G 2 -47.79 59.30 18.60
N GLY G 3 -47.93 58.92 17.33
CA GLY G 3 -46.80 58.42 16.56
C GLY G 3 -46.76 56.90 16.42
N TYR G 4 -47.92 56.26 16.64
CA TYR G 4 -48.05 54.81 16.50
C TYR G 4 -47.92 54.36 15.05
N ASP G 5 -48.03 55.32 14.13
CA ASP G 5 -48.08 55.01 12.71
C ASP G 5 -46.76 55.28 12.00
N LEU G 6 -45.69 55.39 12.78
CA LEU G 6 -44.39 55.71 12.20
C LEU G 6 -43.52 54.45 11.95
N SER G 7 -43.67 53.46 12.83
CA SER G 7 -42.92 52.21 12.73
C SER G 7 -43.85 51.04 12.39
N ASN G 8 -43.32 50.10 11.62
CA ASN G 8 -44.09 48.99 11.05
C ASN G 8 -44.68 47.96 12.03
N SER G 9 -43.98 47.52 13.05
CA SER G 9 -44.59 46.44 13.83
C SER G 9 -45.35 46.90 15.08
N VAL G 10 -45.69 48.19 15.14
CA VAL G 10 -46.27 48.77 16.35
C VAL G 10 -47.79 48.63 16.45
N PHE G 11 -48.26 48.09 17.57
CA PHE G 11 -49.70 48.05 17.86
C PHE G 11 -50.15 49.43 18.34
N SER G 12 -51.15 50.00 17.68
CA SER G 12 -51.78 51.22 18.17
C SER G 12 -52.57 50.86 19.41
N PRO G 13 -53.06 51.85 20.17
CA PRO G 13 -53.80 51.47 21.38
C PRO G 13 -55.14 50.74 21.15
N ASP G 14 -55.68 50.77 19.94
CA ASP G 14 -56.86 49.96 19.64
C ASP G 14 -56.48 48.64 18.97
N GLY G 15 -55.19 48.36 18.90
CA GLY G 15 -54.68 47.07 18.46
C GLY G 15 -54.49 46.94 16.97
N ARG G 16 -54.19 48.04 16.29
CA ARG G 16 -54.01 48.03 14.85
C ARG G 16 -52.58 48.36 14.45
N ASN G 17 -52.28 48.09 13.19
CA ASN G 17 -50.96 48.31 12.62
C ASN G 17 -51.11 49.29 11.47
N PHE G 18 -50.83 50.55 11.75
CA PHE G 18 -51.18 51.63 10.82
C PHE G 18 -50.40 51.57 9.51
N GLN G 19 -49.13 51.16 9.59
CA GLN G 19 -48.31 51.00 8.40
C GLN G 19 -48.93 50.02 7.42
N VAL G 20 -49.51 48.93 7.92
CA VAL G 20 -50.23 48.03 7.03
C VAL G 20 -51.37 48.77 6.35
N GLU G 21 -52.17 49.45 7.17
CA GLU G 21 -53.31 50.22 6.68
C GLU G 21 -52.90 51.30 5.68
N TYR G 22 -51.71 51.87 5.85
CA TYR G 22 -51.22 52.82 4.85
C TYR G 22 -50.87 52.11 3.55
N ALA G 23 -50.31 50.92 3.66
CA ALA G 23 -49.94 50.15 2.47
C ALA G 23 -51.20 49.90 1.65
N VAL G 24 -52.29 49.64 2.35
CA VAL G 24 -53.58 49.38 1.69
C VAL G 24 -54.03 50.57 0.85
N LYS G 25 -53.64 51.76 1.25
CA LYS G 25 -53.98 52.95 0.49
C LYS G 25 -53.23 52.95 -0.84
N ALA G 26 -52.06 52.33 -0.87
CA ALA G 26 -51.29 52.23 -2.11
C ALA G 26 -51.93 51.21 -3.05
N VAL G 27 -52.49 50.16 -2.47
CA VAL G 27 -53.24 49.19 -3.27
C VAL G 27 -54.44 49.88 -3.94
N GLU G 28 -55.23 50.58 -3.13
CA GLU G 28 -56.42 51.28 -3.61
C GLU G 28 -56.10 52.27 -4.72
N ASN G 29 -54.94 52.92 -4.64
CA ASN G 29 -54.51 53.78 -5.73
C ASN G 29 -54.05 53.02 -6.97
N GLY G 30 -54.10 51.69 -6.91
CA GLY G 30 -53.64 50.91 -8.04
C GLY G 30 -54.72 50.80 -9.11
N THR G 31 -54.35 50.25 -10.25
CA THR G 31 -55.34 49.92 -11.27
C THR G 31 -56.10 48.71 -10.77
N THR G 32 -57.24 48.43 -11.39
CA THR G 32 -58.09 47.36 -10.89
C THR G 32 -57.76 46.02 -11.58
N SER G 33 -57.90 44.92 -10.82
CA SER G 33 -57.65 43.61 -11.35
C SER G 33 -58.56 42.62 -10.64
N ILE G 34 -58.91 41.53 -11.32
CA ILE G 34 -59.90 40.58 -10.81
C ILE G 34 -59.57 39.12 -11.11
N GLY G 35 -60.26 38.24 -10.41
CA GLY G 35 -60.27 36.82 -10.69
C GLY G 35 -61.68 36.28 -10.65
N ILE G 36 -62.05 35.48 -11.65
CA ILE G 36 -63.34 34.81 -11.67
C ILE G 36 -63.17 33.31 -11.63
N LYS G 37 -63.66 32.67 -10.58
CA LYS G 37 -63.53 31.22 -10.47
C LYS G 37 -64.68 30.52 -11.17
N CYS G 38 -64.38 29.81 -12.25
CA CYS G 38 -65.41 29.05 -12.96
C CYS G 38 -65.50 27.58 -12.49
N ASN G 39 -66.20 26.77 -13.27
CA ASN G 39 -66.48 25.37 -12.86
C ASN G 39 -65.31 24.39 -13.04
N ASP G 40 -64.25 24.82 -13.74
CA ASP G 40 -63.10 23.97 -13.96
C ASP G 40 -61.80 24.77 -13.98
N GLY G 41 -61.87 26.03 -13.61
CA GLY G 41 -60.68 26.85 -13.64
C GLY G 41 -60.86 28.24 -13.06
N VAL G 42 -60.02 29.15 -13.50
CA VAL G 42 -60.03 30.51 -13.00
C VAL G 42 -59.62 31.45 -14.12
N VAL G 43 -60.29 32.59 -14.21
CA VAL G 43 -59.89 33.65 -15.14
C VAL G 43 -59.28 34.81 -14.37
N PHE G 44 -58.28 35.47 -14.96
CA PHE G 44 -57.66 36.64 -14.36
C PHE G 44 -57.68 37.75 -15.39
N ALA G 45 -58.10 38.94 -14.97
CA ALA G 45 -58.11 40.09 -15.86
C ALA G 45 -57.53 41.29 -15.15
N VAL G 46 -57.01 42.24 -15.91
CA VAL G 46 -56.41 43.42 -15.32
C VAL G 46 -56.50 44.66 -16.21
N GLU G 47 -56.53 45.83 -15.56
CA GLU G 47 -56.61 47.11 -16.22
C GLU G 47 -55.21 47.66 -16.43
N LYS G 48 -54.86 47.90 -17.68
CA LYS G 48 -53.57 48.48 -17.99
C LYS G 48 -53.79 49.89 -18.51
N LEU G 49 -53.51 50.87 -17.67
CA LEU G 49 -53.68 52.27 -18.07
C LEU G 49 -52.70 52.70 -19.17
N ILE G 50 -53.26 53.16 -20.29
CA ILE G 50 -52.46 53.70 -21.38
C ILE G 50 -52.23 55.19 -21.18
N THR G 51 -51.08 55.52 -20.58
CA THR G 51 -50.73 56.90 -20.27
C THR G 51 -50.54 57.70 -21.54
N SER G 52 -50.01 57.06 -22.57
CA SER G 52 -49.66 57.74 -23.81
C SER G 52 -49.75 56.83 -25.03
N LYS G 53 -49.55 57.40 -26.21
CA LYS G 53 -49.52 56.61 -27.44
C LYS G 53 -48.11 56.04 -27.63
N LEU G 54 -47.20 56.48 -26.77
CA LEU G 54 -45.81 56.05 -26.80
C LEU G 54 -45.63 54.64 -26.24
N LEU G 55 -46.55 54.18 -25.40
CA LEU G 55 -46.50 52.81 -24.91
C LEU G 55 -46.58 51.83 -26.06
N VAL G 56 -46.07 50.62 -25.85
CA VAL G 56 -46.23 49.58 -26.87
C VAL G 56 -47.29 48.60 -26.41
N PRO G 57 -48.23 48.27 -27.31
CA PRO G 57 -49.22 47.20 -27.08
C PRO G 57 -48.81 45.89 -27.78
N GLN G 58 -49.02 44.73 -27.17
CA GLN G 58 -49.49 44.59 -25.80
C GLN G 58 -48.28 44.23 -24.95
N LYS G 59 -47.27 45.09 -24.96
CA LYS G 59 -45.93 44.74 -24.50
C LYS G 59 -45.55 45.21 -23.08
N ASN G 60 -46.51 45.31 -22.18
CA ASN G 60 -46.16 45.56 -20.78
C ASN G 60 -46.91 44.62 -19.85
N VAL G 61 -46.58 43.33 -19.95
CA VAL G 61 -47.32 42.25 -19.31
C VAL G 61 -47.32 42.29 -17.77
N LYS G 62 -48.51 42.26 -17.18
CA LYS G 62 -48.69 42.39 -15.73
C LYS G 62 -49.03 41.10 -15.02
N ILE G 63 -49.89 40.29 -15.62
CA ILE G 63 -50.18 38.97 -15.08
C ILE G 63 -48.91 38.12 -15.09
N GLN G 64 -48.68 37.37 -14.01
CA GLN G 64 -47.51 36.52 -13.91
C GLN G 64 -47.88 35.07 -13.68
N VAL G 65 -47.06 34.16 -14.19
CA VAL G 65 -47.23 32.72 -13.92
C VAL G 65 -46.24 32.22 -12.85
N VAL G 66 -46.75 31.41 -11.93
CA VAL G 66 -45.91 30.74 -10.98
C VAL G 66 -45.97 29.26 -11.31
N ASP G 67 -44.81 28.59 -11.30
CA ASP G 67 -44.67 27.24 -11.81
C ASP G 67 -45.23 27.12 -13.25
N ARG G 68 -46.18 26.21 -13.44
CA ARG G 68 -46.77 26.01 -14.76
C ARG G 68 -48.28 26.15 -14.71
N HIS G 69 -48.82 26.10 -13.49
CA HIS G 69 -50.25 26.01 -13.26
C HIS G 69 -50.83 27.11 -12.39
N ILE G 70 -50.07 28.14 -12.06
CA ILE G 70 -50.59 29.17 -11.19
C ILE G 70 -50.48 30.56 -11.82
N GLY G 71 -51.61 31.27 -11.90
CA GLY G 71 -51.62 32.67 -12.34
C GLY G 71 -51.67 33.62 -11.15
N CYS G 72 -50.90 34.71 -11.22
CA CYS G 72 -50.96 35.80 -10.23
C CYS G 72 -51.19 37.13 -10.90
N VAL G 73 -52.03 37.96 -10.29
CA VAL G 73 -52.17 39.34 -10.70
C VAL G 73 -52.33 40.22 -9.47
N TYR G 74 -51.86 41.46 -9.55
CA TYR G 74 -51.86 42.34 -8.38
C TYR G 74 -52.10 43.79 -8.73
N SER G 75 -52.57 44.56 -7.74
CA SER G 75 -52.86 45.98 -7.88
C SER G 75 -52.05 46.73 -6.86
N GLY G 76 -51.48 47.86 -7.26
CA GLY G 76 -50.75 48.68 -6.32
C GLY G 76 -49.35 49.03 -6.75
N LEU G 77 -48.43 48.95 -5.80
CA LEU G 77 -47.03 49.10 -6.11
C LEU G 77 -46.54 47.87 -6.90
N ILE G 78 -46.34 48.02 -8.21
CA ILE G 78 -45.97 46.88 -9.05
C ILE G 78 -44.66 46.16 -8.69
N PRO G 79 -43.54 46.90 -8.53
CA PRO G 79 -42.31 46.18 -8.15
C PRO G 79 -42.48 45.34 -6.88
N ASP G 80 -43.31 45.78 -5.95
CA ASP G 80 -43.63 44.93 -4.81
C ASP G 80 -44.30 43.62 -5.24
N GLY G 81 -45.18 43.71 -6.24
CA GLY G 81 -45.91 42.55 -6.72
C GLY G 81 -45.00 41.53 -7.39
N ARG G 82 -44.02 42.00 -8.15
CA ARG G 82 -43.00 41.15 -8.75
C ARG G 82 -42.12 40.48 -7.70
N HIS G 83 -41.74 41.22 -6.68
CA HIS G 83 -40.95 40.67 -5.59
C HIS G 83 -41.72 39.50 -4.96
N LEU G 84 -43.02 39.68 -4.82
CA LEU G 84 -43.82 38.64 -4.18
C LEU G 84 -43.92 37.40 -5.07
N VAL G 85 -44.10 37.61 -6.38
CA VAL G 85 -44.16 36.51 -7.34
C VAL G 85 -42.84 35.72 -7.36
N ASN G 86 -41.72 36.45 -7.48
CA ASN G 86 -40.39 35.88 -7.32
C ASN G 86 -40.29 34.91 -6.15
N ARG G 87 -40.85 35.31 -5.02
CA ARG G 87 -40.78 34.51 -3.82
C ARG G 87 -41.72 33.32 -3.95
N GLY G 88 -42.82 33.54 -4.65
CA GLY G 88 -43.76 32.45 -4.90
C GLY G 88 -43.12 31.39 -5.80
N ARG G 89 -42.33 31.85 -6.75
CA ARG G 89 -41.68 30.95 -7.68
C ARG G 89 -40.64 30.06 -7.00
N GLU G 90 -39.71 30.66 -6.26
CA GLU G 90 -38.74 29.90 -5.47
C GLU G 90 -39.45 28.89 -4.59
N GLU G 91 -40.57 29.32 -4.04
CA GLU G 91 -41.27 28.55 -3.04
C GLU G 91 -41.92 27.33 -3.71
N ALA G 92 -42.41 27.53 -4.93
CA ALA G 92 -43.11 26.49 -5.65
C ALA G 92 -42.12 25.47 -6.22
N ALA G 93 -40.96 25.96 -6.66
CA ALA G 93 -39.85 25.08 -7.08
C ALA G 93 -39.37 24.20 -5.91
N SER G 94 -39.08 24.83 -4.78
CA SER G 94 -38.67 24.11 -3.58
C SER G 94 -39.66 23.03 -3.15
N PHE G 95 -40.93 23.26 -3.42
CA PHE G 95 -41.97 22.33 -3.04
C PHE G 95 -41.97 21.15 -4.00
N LYS G 96 -41.90 21.46 -5.29
CA LYS G 96 -41.88 20.42 -6.31
C LYS G 96 -40.63 19.55 -6.13
N LYS G 97 -39.49 20.21 -5.94
CA LYS G 97 -38.21 19.54 -5.77
C LYS G 97 -38.29 18.42 -4.75
N LEU G 98 -38.91 18.70 -3.62
CA LEU G 98 -38.93 17.74 -2.52
C LEU G 98 -40.11 16.75 -2.59
N TYR G 99 -41.25 17.25 -3.03
CA TYR G 99 -42.49 16.50 -2.92
C TYR G 99 -42.97 16.00 -4.28
N LYS G 100 -42.30 16.44 -5.35
CA LYS G 100 -42.53 15.93 -6.72
C LYS G 100 -43.80 16.46 -7.38
N THR G 101 -44.91 16.39 -6.66
CA THR G 101 -46.15 17.02 -7.10
C THR G 101 -46.06 18.57 -7.09
N PRO G 102 -46.43 19.23 -8.20
CA PRO G 102 -46.52 20.70 -8.23
C PRO G 102 -47.42 21.25 -7.11
N ILE G 103 -47.03 22.37 -6.52
CA ILE G 103 -47.69 22.90 -5.32
C ILE G 103 -49.20 23.12 -5.45
N PRO G 104 -49.98 22.52 -4.53
CA PRO G 104 -51.42 22.74 -4.50
C PRO G 104 -51.68 24.20 -4.16
N ILE G 105 -52.77 24.76 -4.69
CA ILE G 105 -53.06 26.18 -4.54
C ILE G 105 -53.18 26.66 -3.08
N PRO G 106 -53.90 25.92 -2.21
CA PRO G 106 -53.91 26.41 -0.83
C PRO G 106 -52.53 26.43 -0.18
N ALA G 107 -51.74 25.38 -0.40
CA ALA G 107 -50.36 25.34 0.05
C ALA G 107 -49.61 26.58 -0.44
N PHE G 108 -49.84 26.92 -1.71
CA PHE G 108 -49.12 28.01 -2.32
C PHE G 108 -49.56 29.34 -1.75
N ALA G 109 -50.87 29.46 -1.49
CA ALA G 109 -51.46 30.66 -0.92
C ALA G 109 -50.78 30.90 0.41
N ASP G 110 -50.78 29.89 1.27
CA ASP G 110 -50.14 30.01 2.58
C ASP G 110 -48.67 30.43 2.49
N ARG G 111 -47.97 29.98 1.44
CA ARG G 111 -46.57 30.36 1.27
C ARG G 111 -46.40 31.87 1.14
N LEU G 112 -47.22 32.50 0.30
CA LEU G 112 -47.17 33.95 0.17
C LEU G 112 -47.72 34.62 1.43
N GLY G 113 -48.75 34.03 1.99
CA GLY G 113 -49.39 34.56 3.18
C GLY G 113 -48.46 34.66 4.36
N GLN G 114 -47.62 33.63 4.55
CA GLN G 114 -46.71 33.60 5.68
C GLN G 114 -45.60 34.61 5.48
N TYR G 115 -45.29 34.84 4.21
CA TYR G 115 -44.20 35.72 3.81
C TYR G 115 -44.61 37.18 3.83
N VAL G 116 -45.84 37.46 3.40
CA VAL G 116 -46.41 38.81 3.55
C VAL G 116 -46.59 39.20 5.03
N GLN G 117 -47.18 38.30 5.80
CA GLN G 117 -47.31 38.46 7.26
C GLN G 117 -45.97 38.81 7.92
N ALA G 118 -44.92 38.18 7.43
CA ALA G 118 -43.59 38.31 7.97
C ALA G 118 -43.12 39.76 7.89
N HIS G 119 -43.59 40.47 6.87
CA HIS G 119 -43.20 41.86 6.69
C HIS G 119 -44.07 42.82 7.51
N THR G 120 -44.84 42.27 8.43
CA THR G 120 -45.60 43.09 9.35
C THR G 120 -45.19 42.74 10.78
N LEU G 121 -43.97 42.20 10.92
CA LEU G 121 -43.48 41.72 12.22
C LEU G 121 -42.31 42.54 12.80
N TYR G 122 -41.59 43.27 11.95
CA TYR G 122 -40.39 43.97 12.42
C TYR G 122 -40.42 45.38 11.88
N ASN G 123 -39.71 46.30 12.54
CA ASN G 123 -39.69 47.67 12.04
C ASN G 123 -38.57 47.88 11.04
N SER G 124 -37.97 46.78 10.60
CA SER G 124 -36.84 46.83 9.69
C SER G 124 -37.33 46.77 8.25
N VAL G 125 -38.61 46.46 8.08
CA VAL G 125 -39.22 46.37 6.75
C VAL G 125 -40.56 47.09 6.69
N ARG G 126 -41.03 47.41 5.48
CA ARG G 126 -42.40 47.87 5.30
C ARG G 126 -43.30 46.80 4.69
N PRO G 127 -44.62 46.89 4.93
CA PRO G 127 -45.52 45.92 4.31
C PRO G 127 -45.53 46.03 2.78
N PHE G 128 -46.12 45.03 2.13
CA PHE G 128 -46.20 45.02 0.69
C PHE G 128 -47.35 45.88 0.20
N GLY G 129 -47.03 46.95 -0.52
CA GLY G 129 -48.06 47.75 -1.16
C GLY G 129 -48.80 47.08 -2.30
N VAL G 130 -49.29 45.85 -2.09
CA VAL G 130 -50.06 45.13 -3.09
C VAL G 130 -51.10 44.18 -2.51
N SER G 131 -52.23 44.07 -3.19
CA SER G 131 -53.12 42.95 -2.96
C SER G 131 -52.95 42.08 -4.16
N THR G 132 -52.88 40.77 -3.92
CA THR G 132 -52.62 39.83 -4.99
C THR G 132 -53.78 38.87 -5.16
N ILE G 133 -54.26 38.78 -6.40
CA ILE G 133 -55.27 37.79 -6.79
C ILE G 133 -54.57 36.70 -7.61
N PHE G 134 -54.70 35.47 -7.15
CA PHE G 134 -53.96 34.37 -7.77
C PHE G 134 -54.72 33.05 -7.64
N GLY G 135 -54.28 32.05 -8.40
CA GLY G 135 -54.90 30.73 -8.31
C GLY G 135 -54.66 29.85 -9.52
N GLY G 136 -55.33 28.71 -9.55
CA GLY G 136 -55.18 27.78 -10.65
C GLY G 136 -55.88 26.48 -10.29
N VAL G 137 -55.48 25.40 -10.96
CA VAL G 137 -56.11 24.10 -10.74
C VAL G 137 -55.14 23.10 -10.17
N ASP G 138 -55.42 22.61 -8.97
CA ASP G 138 -54.61 21.55 -8.41
C ASP G 138 -55.35 20.21 -8.50
N LYS G 139 -54.89 19.23 -7.74
CA LYS G 139 -55.49 17.89 -7.70
C LYS G 139 -56.92 17.93 -7.15
N ASN G 140 -57.25 19.01 -6.44
CA ASN G 140 -58.55 19.13 -5.79
C ASN G 140 -59.53 20.06 -6.51
N GLY G 141 -59.20 20.45 -7.74
CA GLY G 141 -60.07 21.31 -8.52
C GLY G 141 -59.53 22.71 -8.72
N ALA G 142 -60.43 23.69 -8.80
CA ALA G 142 -60.02 25.07 -9.03
C ALA G 142 -60.05 25.91 -7.75
N HIS G 143 -59.09 26.81 -7.61
CA HIS G 143 -59.01 27.62 -6.41
C HIS G 143 -58.70 29.06 -6.80
N LEU G 144 -59.38 30.01 -6.14
CA LEU G 144 -59.09 31.43 -6.35
C LEU G 144 -58.83 32.09 -5.00
N TYR G 145 -57.83 32.97 -4.95
CA TYR G 145 -57.42 33.59 -3.67
C TYR G 145 -57.13 35.08 -3.83
N MET G 146 -57.31 35.82 -2.75
CA MET G 146 -56.81 37.18 -2.70
C MET G 146 -56.08 37.42 -1.39
N LEU G 147 -54.98 38.17 -1.47
CA LEU G 147 -54.02 38.32 -0.37
C LEU G 147 -53.69 39.78 -0.10
N GLU G 148 -53.96 40.24 1.12
CA GLU G 148 -53.83 41.65 1.46
C GLU G 148 -52.45 41.95 2.08
N PRO G 149 -52.10 43.24 2.21
CA PRO G 149 -50.79 43.57 2.80
C PRO G 149 -50.64 43.13 4.26
N SER G 150 -51.71 42.70 4.90
CA SER G 150 -51.57 42.27 6.29
C SER G 150 -51.09 40.81 6.36
N GLY G 151 -51.18 40.08 5.25
CA GLY G 151 -50.94 38.65 5.26
C GLY G 151 -52.25 37.87 5.20
N SER G 152 -53.35 38.61 5.36
CA SER G 152 -54.69 38.04 5.20
C SER G 152 -54.94 37.49 3.78
N TYR G 153 -55.50 36.28 3.71
CA TYR G 153 -55.98 35.74 2.43
C TYR G 153 -57.17 34.81 2.66
N TRP G 154 -58.08 34.76 1.68
CA TRP G 154 -59.17 33.80 1.72
C TRP G 154 -59.43 33.28 0.31
N GLY G 155 -60.19 32.19 0.20
CA GLY G 155 -60.69 31.71 -1.08
C GLY G 155 -61.93 32.47 -1.57
N TYR G 156 -61.96 32.81 -2.85
CA TYR G 156 -63.04 33.63 -3.41
C TYR G 156 -63.79 32.98 -4.56
N LYS G 157 -65.10 33.25 -4.64
CA LYS G 157 -65.86 32.94 -5.85
C LYS G 157 -65.47 33.93 -6.93
N GLY G 158 -65.09 35.14 -6.50
CA GLY G 158 -64.62 36.16 -7.41
C GLY G 158 -63.99 37.21 -6.55
N ALA G 159 -63.02 37.94 -7.11
CA ALA G 159 -62.26 38.90 -6.32
C ALA G 159 -61.84 40.07 -7.16
N ALA G 160 -61.78 41.24 -6.54
CA ALA G 160 -61.35 42.44 -7.24
C ALA G 160 -60.57 43.32 -6.28
N THR G 161 -59.68 44.15 -6.83
CA THR G 161 -58.90 45.03 -5.97
C THR G 161 -58.40 46.20 -6.79
N GLY G 162 -57.97 47.26 -6.12
CA GLY G 162 -57.55 48.47 -6.81
C GLY G 162 -58.67 49.50 -6.97
N LYS G 163 -58.45 50.43 -7.91
CA LYS G 163 -59.32 51.58 -8.11
C LYS G 163 -60.79 51.23 -8.35
N GLY G 164 -61.05 50.41 -9.36
CA GLY G 164 -62.41 50.11 -9.75
C GLY G 164 -63.02 48.92 -9.02
N ARG G 165 -62.54 48.66 -7.80
CA ARG G 165 -62.83 47.39 -7.13
C ARG G 165 -64.26 47.20 -6.64
N GLN G 166 -64.95 48.30 -6.34
CA GLN G 166 -66.31 48.23 -5.78
C GLN G 166 -67.38 48.03 -6.88
N SER G 167 -67.20 48.70 -8.03
CA SER G 167 -68.00 48.37 -9.22
C SER G 167 -67.86 46.89 -9.55
N ALA G 168 -66.61 46.41 -9.51
CA ALA G 168 -66.29 45.05 -9.82
C ALA G 168 -66.93 44.06 -8.85
N LYS G 169 -66.83 44.33 -7.56
CA LYS G 169 -67.45 43.43 -6.59
C LYS G 169 -68.95 43.35 -6.82
N ALA G 170 -69.58 44.48 -7.15
CA ALA G 170 -71.02 44.48 -7.42
C ALA G 170 -71.33 43.62 -8.64
N GLU G 171 -70.44 43.68 -9.63
CA GLU G 171 -70.55 42.85 -10.83
C GLU G 171 -70.38 41.35 -10.59
N LEU G 172 -69.37 41.02 -9.79
CA LEU G 172 -69.09 39.63 -9.43
C LEU G 172 -70.17 39.07 -8.52
N GLU G 173 -70.70 39.93 -7.64
CA GLU G 173 -71.80 39.55 -6.75
C GLU G 173 -73.03 39.15 -7.56
N LYS G 174 -73.22 39.84 -8.68
CA LYS G 174 -74.38 39.61 -9.54
C LYS G 174 -74.27 38.25 -10.19
N LEU G 175 -73.12 37.99 -10.78
CA LEU G 175 -72.86 36.70 -11.41
C LEU G 175 -72.99 35.55 -10.42
N VAL G 176 -72.45 35.72 -9.21
CA VAL G 176 -72.57 34.70 -8.18
C VAL G 176 -74.04 34.34 -7.89
N ASP G 177 -74.92 35.33 -7.96
CA ASP G 177 -76.35 35.10 -7.72
C ASP G 177 -77.05 34.31 -8.83
N HIS G 178 -76.88 34.75 -10.07
CA HIS G 178 -77.54 34.15 -11.23
C HIS G 178 -77.01 32.76 -11.56
N HIS G 179 -75.75 32.51 -11.25
CA HIS G 179 -75.15 31.24 -11.58
C HIS G 179 -74.66 30.48 -10.35
N PRO G 180 -75.59 29.90 -9.59
CA PRO G 180 -75.13 29.14 -8.42
C PRO G 180 -74.62 27.75 -8.83
N GLU G 181 -74.76 27.41 -10.10
CA GLU G 181 -74.37 26.09 -10.62
C GLU G 181 -72.95 26.10 -11.21
N GLY G 182 -72.48 27.27 -11.62
CA GLY G 182 -71.15 27.38 -12.17
C GLY G 182 -71.11 28.16 -13.48
N LEU G 183 -70.03 28.92 -13.63
CA LEU G 183 -69.75 29.64 -14.86
C LEU G 183 -68.79 28.78 -15.72
N SER G 184 -68.89 28.85 -17.04
CA SER G 184 -67.98 28.06 -17.86
C SER G 184 -66.70 28.84 -18.11
N ALA G 185 -65.64 28.13 -18.50
CA ALA G 185 -64.34 28.77 -18.70
C ALA G 185 -64.41 29.86 -19.76
N ARG G 186 -65.08 29.58 -20.88
CA ARG G 186 -65.17 30.52 -22.01
C ARG G 186 -66.11 31.69 -21.72
N GLU G 187 -67.12 31.43 -20.89
CA GLU G 187 -68.04 32.48 -20.47
C GLU G 187 -67.36 33.38 -19.45
N ALA G 188 -66.60 32.76 -18.55
CA ALA G 188 -65.93 33.50 -17.47
C ALA G 188 -64.94 34.53 -18.01
N VAL G 189 -64.31 34.25 -19.16
CA VAL G 189 -63.40 35.22 -19.76
C VAL G 189 -64.15 36.41 -20.39
N LYS G 190 -65.20 36.12 -21.16
CA LYS G 190 -66.06 37.17 -21.71
C LYS G 190 -66.57 38.09 -20.61
N GLN G 191 -67.10 37.47 -19.56
CA GLN G 191 -67.66 38.18 -18.43
C GLN G 191 -66.57 38.97 -17.71
N ALA G 192 -65.36 38.42 -17.68
CA ALA G 192 -64.25 39.09 -17.01
C ALA G 192 -63.84 40.36 -17.74
N ALA G 193 -63.99 40.36 -19.07
CA ALA G 193 -63.63 41.51 -19.89
C ALA G 193 -64.62 42.65 -19.68
N LYS G 194 -65.88 42.29 -19.52
CA LYS G 194 -66.92 43.25 -19.20
C LYS G 194 -66.57 43.99 -17.91
N ILE G 195 -66.38 43.24 -16.83
CA ILE G 195 -66.09 43.82 -15.52
C ILE G 195 -64.88 44.77 -15.51
N ILE G 196 -63.86 44.49 -16.32
CA ILE G 196 -62.73 45.41 -16.36
C ILE G 196 -63.20 46.70 -17.01
N TYR G 197 -63.81 46.56 -18.18
CA TYR G 197 -64.42 47.69 -18.88
C TYR G 197 -65.29 48.55 -17.97
N LEU G 198 -66.24 47.93 -17.27
CA LEU G 198 -67.09 48.65 -16.32
C LEU G 198 -66.26 49.38 -15.25
N ALA G 199 -65.29 48.68 -14.69
CA ALA G 199 -64.47 49.22 -13.61
C ALA G 199 -63.51 50.30 -14.09
N HIS G 200 -63.40 50.46 -15.42
CA HIS G 200 -62.50 51.47 -15.98
C HIS G 200 -63.04 52.91 -15.81
N GLU G 201 -64.32 53.04 -15.44
CA GLU G 201 -64.96 54.36 -15.33
C GLU G 201 -64.38 55.26 -14.23
N ASP G 202 -63.85 54.65 -13.19
CA ASP G 202 -63.15 55.38 -12.13
C ASP G 202 -61.87 56.04 -12.67
N ASN G 203 -61.50 55.66 -13.90
CA ASN G 203 -60.24 56.07 -14.54
C ASN G 203 -60.45 56.59 -15.95
N LYS G 204 -61.67 57.01 -16.26
CA LYS G 204 -62.09 57.23 -17.66
C LYS G 204 -61.27 58.26 -18.45
N GLU G 205 -60.52 59.10 -17.74
CA GLU G 205 -59.74 60.17 -18.36
C GLU G 205 -58.44 59.68 -19.02
N LYS G 206 -58.15 58.39 -18.83
CA LYS G 206 -57.02 57.75 -19.50
C LYS G 206 -57.55 56.56 -20.28
N ASP G 207 -56.83 56.20 -21.35
CA ASP G 207 -57.21 55.01 -22.14
C ASP G 207 -56.65 53.75 -21.48
N PHE G 208 -57.21 52.58 -21.81
CA PHE G 208 -56.76 51.33 -21.18
C PHE G 208 -56.59 50.15 -22.14
N GLU G 209 -55.69 49.25 -21.79
CA GLU G 209 -55.47 48.04 -22.57
C GLU G 209 -55.82 46.85 -21.68
N LEU G 210 -56.40 45.82 -22.27
CA LEU G 210 -56.96 44.73 -21.47
C LEU G 210 -56.05 43.49 -21.46
N GLU G 211 -55.98 42.82 -20.31
CA GLU G 211 -55.26 41.55 -20.21
C GLU G 211 -56.08 40.46 -19.53
N ILE G 212 -56.19 39.30 -20.18
CA ILE G 212 -56.87 38.15 -19.61
C ILE G 212 -56.01 36.90 -19.72
N SER G 213 -56.15 36.02 -18.72
CA SER G 213 -55.47 34.74 -18.68
C SER G 213 -56.32 33.70 -17.95
N TRP G 214 -56.11 32.43 -18.25
CA TRP G 214 -56.90 31.39 -17.60
C TRP G 214 -56.10 30.10 -17.37
N CYS G 215 -56.46 29.41 -16.31
CA CYS G 215 -56.01 28.06 -16.05
C CYS G 215 -57.30 27.26 -15.98
N SER G 216 -57.52 26.41 -16.97
CA SER G 216 -58.78 25.66 -17.06
C SER G 216 -58.55 24.21 -17.43
N LEU G 217 -59.18 23.31 -16.69
CA LEU G 217 -59.02 21.87 -16.89
C LEU G 217 -59.35 21.46 -18.32
N SER G 218 -60.37 22.07 -18.89
CA SER G 218 -60.87 21.64 -20.19
C SER G 218 -60.43 22.54 -21.34
N GLU G 219 -59.92 23.72 -21.02
CA GLU G 219 -59.57 24.67 -22.07
C GLU G 219 -58.07 24.88 -22.20
N THR G 220 -57.33 24.48 -21.16
CA THR G 220 -55.87 24.63 -21.16
C THR G 220 -55.12 23.45 -20.51
N ASN G 221 -55.80 22.33 -20.33
CA ASN G 221 -55.25 21.15 -19.66
C ASN G 221 -54.70 21.43 -18.25
N GLY G 222 -55.29 22.43 -17.57
CA GLY G 222 -54.87 22.77 -16.22
C GLY G 222 -53.57 23.55 -16.18
N LEU G 223 -53.19 24.12 -17.32
CA LEU G 223 -52.00 24.94 -17.40
C LEU G 223 -52.40 26.39 -17.54
N HIS G 224 -51.65 27.27 -16.91
CA HIS G 224 -51.96 28.69 -16.98
C HIS G 224 -51.57 29.28 -18.34
N LYS G 225 -52.54 29.90 -19.00
CA LYS G 225 -52.32 30.45 -20.33
C LYS G 225 -53.03 31.79 -20.50
N PHE G 226 -52.48 32.63 -21.37
CA PHE G 226 -53.06 33.92 -21.66
C PHE G 226 -54.11 33.83 -22.75
N VAL G 227 -55.14 34.67 -22.64
CA VAL G 227 -56.09 34.85 -23.73
C VAL G 227 -55.48 35.80 -24.76
N LYS G 228 -55.26 35.28 -25.97
CA LYS G 228 -54.71 36.08 -27.05
C LYS G 228 -55.51 35.91 -28.34
N GLY G 229 -55.22 36.74 -29.34
CA GLY G 229 -55.82 36.61 -30.65
C GLY G 229 -57.34 36.65 -30.64
N ASP G 230 -57.96 35.83 -31.48
CA ASP G 230 -59.41 35.79 -31.66
C ASP G 230 -60.18 35.80 -30.36
N LEU G 231 -59.81 34.89 -29.46
CA LEU G 231 -60.55 34.71 -28.21
C LEU G 231 -60.57 35.99 -27.37
N LEU G 232 -59.47 36.75 -27.43
CA LEU G 232 -59.40 38.04 -26.76
C LEU G 232 -60.37 39.05 -27.38
N GLN G 233 -60.17 39.32 -28.67
CA GLN G 233 -61.01 40.25 -29.44
C GLN G 233 -62.50 39.91 -29.34
N GLU G 234 -62.80 38.62 -29.24
CA GLU G 234 -64.18 38.16 -29.09
C GLU G 234 -64.78 38.67 -27.78
N ALA G 235 -63.92 38.82 -26.77
CA ALA G 235 -64.33 39.23 -25.43
C ALA G 235 -64.30 40.75 -25.27
N ILE G 236 -63.45 41.42 -26.03
CA ILE G 236 -63.47 42.88 -26.11
C ILE G 236 -64.78 43.32 -26.72
N ASP G 237 -65.19 42.62 -27.77
CA ASP G 237 -66.38 42.98 -28.52
C ASP G 237 -67.64 42.70 -27.71
N PHE G 238 -67.62 41.64 -26.91
CA PHE G 238 -68.70 41.36 -25.97
C PHE G 238 -68.83 42.49 -24.93
N ALA G 239 -67.70 43.04 -24.53
CA ALA G 239 -67.72 44.08 -23.50
C ALA G 239 -68.31 45.36 -24.05
N GLN G 240 -67.87 45.74 -25.26
CA GLN G 240 -68.31 46.98 -25.86
C GLN G 240 -69.73 46.93 -26.37
N LYS G 241 -70.37 45.78 -26.24
CA LYS G 241 -71.79 45.66 -26.55
C LYS G 241 -72.61 45.87 -25.28
N GLU G 242 -72.08 45.37 -24.16
CA GLU G 242 -72.81 45.37 -22.91
C GLU G 242 -72.76 46.72 -22.17
N ILE G 243 -71.88 47.62 -22.58
CA ILE G 243 -71.83 48.95 -21.97
C ILE G 243 -72.82 49.93 -22.63
N ASN G 244 -73.47 49.49 -23.71
CA ASN G 244 -74.43 50.34 -24.43
C ASN G 244 -75.88 49.83 -24.34
N THR H 1 -30.71 -9.96 3.82
CA THR H 1 -32.16 -9.85 3.97
C THR H 1 -32.90 -9.96 2.62
N SER H 2 -34.17 -10.34 2.68
CA SER H 2 -34.98 -10.47 1.48
C SER H 2 -36.26 -9.68 1.63
N ILE H 3 -36.49 -8.76 0.71
CA ILE H 3 -37.66 -7.89 0.81
C ILE H 3 -38.33 -7.78 -0.53
N MET H 4 -39.66 -7.63 -0.50
CA MET H 4 -40.40 -7.32 -1.71
C MET H 4 -41.72 -6.58 -1.43
N ALA H 5 -42.24 -5.90 -2.45
CA ALA H 5 -43.57 -5.32 -2.39
C ALA H 5 -44.23 -5.64 -3.72
N VAL H 6 -45.47 -6.11 -3.67
CA VAL H 6 -46.20 -6.48 -4.88
C VAL H 6 -47.56 -5.77 -4.93
N THR H 7 -47.88 -5.18 -6.09
CA THR H 7 -49.20 -4.59 -6.28
C THR H 7 -50.20 -5.63 -6.79
N PHE H 8 -51.46 -5.51 -6.37
CA PHE H 8 -52.53 -6.37 -6.86
C PHE H 8 -53.86 -5.58 -6.99
N LYS H 9 -54.94 -6.27 -7.38
CA LYS H 9 -56.24 -5.64 -7.64
C LYS H 9 -56.71 -4.64 -6.55
N ASP H 10 -56.62 -5.08 -5.30
CA ASP H 10 -57.21 -4.35 -4.19
C ASP H 10 -56.23 -3.41 -3.52
N GLY H 11 -54.95 -3.56 -3.82
CA GLY H 11 -53.95 -2.71 -3.20
C GLY H 11 -52.49 -3.12 -3.38
N VAL H 12 -51.82 -3.43 -2.27
CA VAL H 12 -50.39 -3.74 -2.29
C VAL H 12 -49.93 -4.45 -1.02
N ILE H 13 -49.06 -5.45 -1.17
CA ILE H 13 -48.53 -6.20 -0.04
C ILE H 13 -47.00 -6.15 0.05
N LEU H 14 -46.48 -5.81 1.23
CA LEU H 14 -45.04 -5.79 1.44
C LEU H 14 -44.65 -7.04 2.19
N GLY H 15 -43.46 -7.59 1.88
CA GLY H 15 -42.93 -8.76 2.58
C GLY H 15 -41.45 -8.71 2.93
N ALA H 16 -41.05 -9.47 3.94
CA ALA H 16 -39.65 -9.49 4.38
C ALA H 16 -39.32 -10.68 5.25
N ASP H 17 -38.07 -11.13 5.21
CA ASP H 17 -37.59 -12.06 6.24
C ASP H 17 -37.34 -11.22 7.49
N SER H 18 -36.91 -11.88 8.55
CA SER H 18 -36.77 -11.20 9.81
C SER H 18 -35.38 -11.36 10.38
N ARG H 19 -34.41 -11.58 9.50
CA ARG H 19 -33.04 -11.82 9.93
C ARG H 19 -32.10 -10.65 9.66
N THR H 20 -31.52 -10.10 10.71
CA THR H 20 -30.36 -9.24 10.50
C THR H 20 -29.13 -9.89 11.11
N THR H 21 -28.05 -9.74 10.38
CA THR H 21 -26.87 -10.49 10.65
C THR H 21 -25.66 -9.57 10.76
N THR H 22 -24.76 -9.92 11.67
CA THR H 22 -23.49 -9.24 11.74
C THR H 22 -22.38 -10.27 11.43
N GLY H 23 -22.02 -10.34 10.16
CA GLY H 23 -21.16 -11.41 9.70
C GLY H 23 -21.98 -12.69 9.58
N ALA H 24 -21.53 -13.74 10.27
CA ALA H 24 -22.28 -14.98 10.20
C ALA H 24 -23.16 -15.09 11.42
N TYR H 25 -22.98 -14.19 12.38
CA TYR H 25 -23.78 -14.23 13.60
C TYR H 25 -25.10 -13.52 13.40
N ILE H 26 -26.19 -14.21 13.73
CA ILE H 26 -27.52 -13.65 13.57
C ILE H 26 -27.85 -12.82 14.79
N ALA H 27 -27.69 -11.51 14.62
CA ALA H 27 -27.80 -10.50 15.68
C ALA H 27 -29.23 -10.42 16.15
N ASN H 28 -30.15 -10.58 15.19
CA ASN H 28 -31.56 -10.53 15.45
C ASN H 28 -32.31 -11.46 14.50
N ARG H 29 -33.12 -12.34 15.07
CA ARG H 29 -33.83 -13.30 14.23
C ARG H 29 -35.32 -13.01 14.11
N VAL H 30 -35.76 -11.96 14.80
CA VAL H 30 -37.16 -11.57 14.72
C VAL H 30 -37.32 -10.11 14.29
N THR H 31 -36.41 -9.63 13.44
CA THR H 31 -36.41 -8.24 12.97
C THR H 31 -37.72 -7.88 12.28
N ASP H 32 -38.15 -6.63 12.47
CA ASP H 32 -39.25 -6.11 11.69
C ASP H 32 -38.74 -5.13 10.66
N LYS H 33 -38.76 -5.54 9.39
CA LYS H 33 -38.18 -4.74 8.34
C LYS H 33 -39.26 -3.99 7.58
N LEU H 34 -40.51 -4.29 7.91
CA LEU H 34 -41.63 -3.57 7.35
C LEU H 34 -41.90 -2.34 8.20
N THR H 35 -41.82 -1.18 7.57
CA THR H 35 -41.78 0.07 8.34
C THR H 35 -42.78 1.11 7.88
N ARG H 36 -43.55 1.60 8.85
CA ARG H 36 -44.64 2.55 8.59
C ARG H 36 -44.10 3.99 8.55
N VAL H 37 -44.30 4.68 7.43
CA VAL H 37 -43.95 6.10 7.38
C VAL H 37 -45.21 6.94 7.26
N HIS H 38 -46.33 6.24 7.06
CA HIS H 38 -47.66 6.83 7.10
C HIS H 38 -48.71 5.72 7.23
N ASP H 39 -49.97 6.11 7.42
CA ASP H 39 -51.05 5.15 7.65
C ASP H 39 -51.08 4.10 6.56
N LYS H 40 -51.05 4.54 5.31
CA LYS H 40 -51.06 3.62 4.18
C LYS H 40 -49.82 3.82 3.31
N ILE H 41 -48.71 4.23 3.93
CA ILE H 41 -47.45 4.28 3.22
C ILE H 41 -46.33 3.62 4.04
N TRP H 42 -45.87 2.48 3.53
CA TRP H 42 -44.90 1.65 4.22
C TRP H 42 -43.65 1.48 3.39
N CYS H 43 -42.57 1.07 4.02
CA CYS H 43 -41.36 0.83 3.29
C CYS H 43 -40.71 -0.51 3.67
N CYS H 44 -39.96 -1.09 2.75
CA CYS H 44 -39.10 -2.22 3.07
C CYS H 44 -37.69 -1.68 3.14
N ARG H 45 -37.01 -1.99 4.23
CA ARG H 45 -35.64 -1.53 4.44
C ARG H 45 -34.62 -2.64 4.19
N SER H 46 -33.50 -2.26 3.59
CA SER H 46 -32.35 -3.13 3.43
C SER H 46 -31.08 -2.27 3.33
N GLY H 47 -29.96 -2.82 3.77
CA GLY H 47 -28.71 -2.10 3.79
C GLY H 47 -28.29 -1.91 5.22
N SER H 48 -27.60 -0.80 5.49
CA SER H 48 -27.21 -0.50 6.86
C SER H 48 -28.46 -0.27 7.68
N ALA H 49 -28.63 -1.01 8.75
CA ALA H 49 -29.79 -0.84 9.64
C ALA H 49 -29.82 0.59 10.20
N ALA H 50 -28.68 1.06 10.70
CA ALA H 50 -28.59 2.45 11.15
C ALA H 50 -28.96 3.45 10.06
N ASP H 51 -28.37 3.34 8.88
CA ASP H 51 -28.68 4.28 7.81
C ASP H 51 -30.17 4.24 7.48
N THR H 52 -30.77 3.08 7.67
CA THR H 52 -32.05 2.82 7.05
C THR H 52 -33.20 3.14 8.03
N GLN H 53 -32.97 2.85 9.31
CA GLN H 53 -33.81 3.33 10.40
C GLN H 53 -33.82 4.87 10.46
N ALA H 54 -32.62 5.47 10.37
CA ALA H 54 -32.52 6.92 10.40
C ALA H 54 -33.26 7.56 9.23
N ILE H 55 -33.09 7.03 8.03
CA ILE H 55 -33.81 7.59 6.88
C ILE H 55 -35.32 7.49 7.09
N ALA H 56 -35.79 6.33 7.51
CA ALA H 56 -37.23 6.12 7.72
C ALA H 56 -37.76 7.11 8.76
N ASP H 57 -37.01 7.31 9.85
CA ASP H 57 -37.40 8.26 10.90
C ASP H 57 -37.56 9.69 10.37
N ILE H 58 -36.65 10.12 9.51
CA ILE H 58 -36.75 11.43 8.91
C ILE H 58 -37.95 11.52 7.96
N VAL H 59 -38.18 10.47 7.18
CA VAL H 59 -39.30 10.47 6.24
C VAL H 59 -40.62 10.47 6.99
N GLN H 60 -40.65 9.78 8.13
CA GLN H 60 -41.86 9.74 8.94
C GLN H 60 -42.16 11.17 9.41
N TYR H 61 -41.11 11.86 9.85
CA TYR H 61 -41.23 13.22 10.32
C TYR H 61 -41.74 14.11 9.17
N HIS H 62 -41.09 14.06 8.01
CA HIS H 62 -41.52 14.86 6.87
C HIS H 62 -42.98 14.72 6.43
N LEU H 63 -43.44 13.48 6.27
CA LEU H 63 -44.81 13.24 5.83
C LEU H 63 -45.84 13.63 6.91
N GLU H 64 -45.45 13.50 8.19
CA GLU H 64 -46.29 13.95 9.30
C GLU H 64 -46.49 15.47 9.28
N LEU H 65 -45.41 16.19 8.99
CA LEU H 65 -45.46 17.63 8.81
C LEU H 65 -46.21 17.97 7.53
N TYR H 66 -46.00 17.20 6.48
CA TYR H 66 -46.75 17.35 5.24
C TYR H 66 -48.24 17.23 5.51
N THR H 67 -48.58 16.24 6.32
CA THR H 67 -49.95 15.86 6.51
C THR H 67 -50.71 16.99 7.21
N SER H 68 -50.10 17.54 8.26
CA SER H 68 -50.75 18.59 9.02
C SER H 68 -50.89 19.87 8.21
N GLN H 69 -50.06 20.04 7.19
CA GLN H 69 -50.21 21.19 6.29
C GLN H 69 -51.07 20.93 5.04
N TYR H 70 -50.86 19.81 4.35
CA TYR H 70 -51.52 19.64 3.06
C TYR H 70 -52.33 18.35 2.94
N GLY H 71 -52.67 17.77 4.09
CA GLY H 71 -53.40 16.53 4.11
C GLY H 71 -52.53 15.35 3.70
N THR H 72 -53.19 14.28 3.27
CA THR H 72 -52.51 13.02 3.00
C THR H 72 -51.58 13.10 1.78
N PRO H 73 -50.33 12.70 1.96
CA PRO H 73 -49.34 12.67 0.88
C PRO H 73 -49.57 11.48 -0.07
N SER H 74 -49.19 11.66 -1.34
CA SER H 74 -49.29 10.58 -2.29
C SER H 74 -48.17 9.58 -1.99
N THR H 75 -48.34 8.32 -2.41
CA THR H 75 -47.25 7.36 -2.34
C THR H 75 -46.04 7.94 -3.09
N GLU H 76 -46.30 8.49 -4.28
CA GLU H 76 -45.25 9.11 -5.08
C GLU H 76 -44.41 10.15 -4.31
N THR H 77 -45.07 10.93 -3.46
CA THR H 77 -44.40 11.95 -2.63
C THR H 77 -43.53 11.32 -1.54
N ALA H 78 -44.04 10.27 -0.92
CA ALA H 78 -43.25 9.49 0.05
C ALA H 78 -41.98 9.00 -0.65
N ALA H 79 -42.15 8.41 -1.82
CA ALA H 79 -41.00 7.99 -2.62
C ALA H 79 -40.01 9.14 -2.88
N SER H 80 -40.53 10.34 -3.15
CA SER H 80 -39.69 11.51 -3.41
C SER H 80 -38.85 11.95 -2.20
N VAL H 81 -39.44 11.95 -1.01
CA VAL H 81 -38.68 12.34 0.18
C VAL H 81 -37.53 11.36 0.43
N PHE H 82 -37.84 10.08 0.25
CA PHE H 82 -36.84 9.03 0.27
C PHE H 82 -35.73 9.25 -0.75
N LYS H 83 -36.09 9.42 -2.02
CA LYS H 83 -35.09 9.61 -3.07
C LYS H 83 -34.15 10.77 -2.76
N GLU H 84 -34.76 11.88 -2.35
CA GLU H 84 -34.07 13.11 -2.00
C GLU H 84 -33.00 12.91 -0.91
N LEU H 85 -33.40 12.32 0.21
CA LEU H 85 -32.46 11.89 1.26
C LEU H 85 -31.41 10.89 0.76
N CYS H 86 -31.81 9.92 -0.05
CA CYS H 86 -30.85 8.89 -0.49
C CYS H 86 -29.92 9.39 -1.58
N TYR H 87 -30.43 10.22 -2.48
CA TYR H 87 -29.61 10.70 -3.57
C TYR H 87 -28.59 11.74 -3.11
N GLU H 88 -29.03 12.69 -2.30
CA GLU H 88 -28.16 13.79 -1.95
C GLU H 88 -27.16 13.37 -0.89
N ASN H 89 -27.39 12.23 -0.26
CA ASN H 89 -26.47 11.74 0.72
C ASN H 89 -25.87 10.43 0.30
N LYS H 90 -25.83 10.22 -1.02
CA LYS H 90 -25.39 8.94 -1.57
C LYS H 90 -24.00 8.49 -1.09
N ASP H 91 -23.08 9.42 -0.84
CA ASP H 91 -21.73 9.08 -0.34
C ASP H 91 -21.70 8.47 1.07
N ASN H 92 -22.74 8.69 1.86
CA ASN H 92 -22.68 8.26 3.24
C ASN H 92 -23.86 7.42 3.64
N LEU H 93 -24.47 6.76 2.66
CA LEU H 93 -25.57 5.83 2.96
C LEU H 93 -25.38 4.49 2.27
N THR H 94 -25.72 3.41 2.97
CA THR H 94 -25.89 2.14 2.31
C THR H 94 -27.33 1.69 2.56
N ALA H 95 -28.22 2.21 1.72
CA ALA H 95 -29.65 1.96 1.85
C ALA H 95 -30.28 1.57 0.52
N GLY H 96 -31.08 0.52 0.56
CA GLY H 96 -31.85 0.08 -0.59
C GLY H 96 -33.27 -0.10 -0.08
N ILE H 97 -34.18 0.71 -0.62
CA ILE H 97 -35.49 0.85 -0.02
C ILE H 97 -36.59 0.63 -1.04
N ILE H 98 -37.56 -0.22 -0.70
CA ILE H 98 -38.78 -0.31 -1.48
C ILE H 98 -39.92 0.42 -0.77
N VAL H 99 -40.45 1.46 -1.40
CA VAL H 99 -41.58 2.22 -0.87
C VAL H 99 -42.87 1.73 -1.49
N ALA H 100 -43.87 1.46 -0.65
CA ALA H 100 -45.15 0.97 -1.14
C ALA H 100 -46.35 1.54 -0.37
N GLY H 101 -47.41 1.90 -1.11
CA GLY H 101 -48.62 2.42 -0.49
C GLY H 101 -49.90 2.42 -1.32
N TYR H 102 -50.99 2.89 -0.71
CA TYR H 102 -52.34 2.86 -1.29
C TYR H 102 -53.09 4.20 -1.33
N ASP H 103 -53.70 4.48 -2.49
CA ASP H 103 -54.61 5.61 -2.68
C ASP H 103 -55.91 5.06 -3.22
N ASP H 104 -56.99 5.85 -3.14
CA ASP H 104 -58.25 5.44 -3.75
C ASP H 104 -58.25 5.90 -5.19
N LYS H 105 -57.49 6.96 -5.43
CA LYS H 105 -57.30 7.42 -6.79
C LYS H 105 -56.37 6.44 -7.47
N ASN H 106 -55.33 6.04 -6.76
CA ASN H 106 -54.20 5.37 -7.39
C ASN H 106 -54.10 3.86 -7.17
N LYS H 107 -54.85 3.34 -6.21
CA LYS H 107 -54.75 1.93 -5.79
C LYS H 107 -53.38 1.64 -5.18
N GLY H 108 -52.84 0.44 -5.44
CA GLY H 108 -51.51 0.09 -4.97
C GLY H 108 -50.41 0.68 -5.83
N GLU H 109 -49.31 1.12 -5.19
CA GLU H 109 -48.11 1.61 -5.90
C GLU H 109 -46.79 1.11 -5.27
N VAL H 110 -45.79 0.87 -6.11
CA VAL H 110 -44.49 0.40 -5.64
C VAL H 110 -43.36 1.20 -6.29
N TYR H 111 -42.50 1.77 -5.45
CA TYR H 111 -41.32 2.46 -5.92
C TYR H 111 -40.12 1.74 -5.30
N THR H 112 -39.10 1.46 -6.10
CA THR H 112 -37.85 0.98 -5.53
C THR H 112 -36.80 2.06 -5.64
N ILE H 113 -36.11 2.30 -4.51
CA ILE H 113 -34.96 3.19 -4.45
C ILE H 113 -33.69 2.39 -4.10
N PRO H 114 -32.86 2.09 -5.13
CA PRO H 114 -31.62 1.35 -4.92
C PRO H 114 -30.45 2.27 -4.56
N LEU H 115 -29.26 1.71 -4.35
CA LEU H 115 -28.05 2.45 -3.96
C LEU H 115 -27.81 3.76 -4.70
N GLY H 116 -28.16 3.82 -5.98
CA GLY H 116 -28.09 5.11 -6.65
C GLY H 116 -28.73 6.33 -5.93
N GLY H 117 -29.98 6.18 -5.48
CA GLY H 117 -30.82 7.33 -5.19
C GLY H 117 -31.67 7.52 -6.43
N SER H 118 -31.49 6.61 -7.38
CA SER H 118 -32.41 6.46 -8.50
C SER H 118 -33.75 5.98 -7.93
N VAL H 119 -34.83 6.22 -8.67
CA VAL H 119 -36.14 5.83 -8.18
C VAL H 119 -36.90 5.24 -9.36
N HIS H 120 -37.65 4.18 -9.08
CA HIS H 120 -38.22 3.37 -10.13
C HIS H 120 -39.60 2.88 -9.70
N LYS H 121 -40.62 3.19 -10.51
CA LYS H 121 -41.97 2.73 -10.21
C LYS H 121 -42.24 1.40 -10.92
N LEU H 122 -42.56 0.39 -10.14
CA LEU H 122 -42.65 -0.95 -10.69
C LEU H 122 -43.95 -1.61 -10.24
N PRO H 123 -44.42 -2.63 -10.99
CA PRO H 123 -45.59 -3.42 -10.62
C PRO H 123 -45.26 -4.28 -9.41
N TYR H 124 -43.99 -4.66 -9.29
CA TYR H 124 -43.49 -5.30 -8.08
C TYR H 124 -42.02 -5.01 -7.95
N ALA H 125 -41.46 -5.26 -6.76
CA ALA H 125 -40.06 -4.98 -6.56
C ALA H 125 -39.45 -5.91 -5.55
N ILE H 126 -38.30 -6.47 -5.91
CA ILE H 126 -37.55 -7.31 -5.01
C ILE H 126 -36.24 -6.59 -4.72
N ALA H 127 -35.63 -6.91 -3.58
CA ALA H 127 -34.41 -6.26 -3.14
C ALA H 127 -33.88 -6.96 -1.90
N GLY H 128 -32.70 -6.54 -1.43
CA GLY H 128 -32.00 -7.30 -0.43
C GLY H 128 -31.09 -8.37 -1.04
N SER H 129 -30.26 -8.99 -0.20
CA SER H 129 -29.24 -9.90 -0.71
C SER H 129 -29.85 -11.20 -1.24
N GLY H 130 -30.90 -11.68 -0.56
CA GLY H 130 -31.63 -12.86 -0.98
C GLY H 130 -32.35 -12.69 -2.30
N SER H 131 -32.48 -11.45 -2.76
CA SER H 131 -33.29 -11.19 -3.94
C SER H 131 -32.74 -11.81 -5.21
N THR H 132 -31.41 -11.89 -5.32
CA THR H 132 -30.80 -12.40 -6.57
C THR H 132 -31.32 -13.77 -6.99
N PHE H 133 -31.62 -14.62 -6.01
CA PHE H 133 -31.96 -16.00 -6.25
C PHE H 133 -33.38 -16.19 -6.76
N ILE H 134 -34.18 -15.17 -6.60
CA ILE H 134 -35.57 -15.30 -7.00
C ILE H 134 -35.91 -14.38 -8.17
N TYR H 135 -34.89 -13.84 -8.85
CA TYR H 135 -35.18 -13.00 -10.01
C TYR H 135 -35.93 -13.77 -11.06
N GLY H 136 -35.47 -14.99 -11.33
CA GLY H 136 -36.09 -15.81 -12.34
C GLY H 136 -37.48 -16.26 -11.95
N TYR H 137 -37.60 -16.71 -10.70
CA TYR H 137 -38.87 -17.19 -10.19
C TYR H 137 -39.97 -16.15 -10.32
N CYS H 138 -39.70 -14.95 -9.80
CA CYS H 138 -40.68 -13.87 -9.76
C CYS H 138 -41.06 -13.41 -11.16
N ASP H 139 -40.10 -13.40 -12.07
CA ASP H 139 -40.39 -12.97 -13.44
C ASP H 139 -41.32 -13.96 -14.12
N LYS H 140 -41.26 -15.22 -13.69
CA LYS H 140 -42.12 -16.23 -14.32
C LYS H 140 -43.48 -16.31 -13.64
N ASN H 141 -43.59 -15.75 -12.45
CA ASN H 141 -44.80 -15.94 -11.65
C ASN H 141 -45.66 -14.71 -11.33
N PHE H 142 -45.08 -13.51 -11.40
CA PHE H 142 -45.90 -12.31 -11.28
C PHE H 142 -46.94 -12.18 -12.40
N ARG H 143 -48.19 -12.00 -11.97
CA ARG H 143 -49.29 -11.61 -12.86
C ARG H 143 -49.87 -10.31 -12.29
N GLU H 144 -50.29 -9.40 -13.16
CA GLU H 144 -50.90 -8.18 -12.65
C GLU H 144 -52.30 -8.48 -12.12
N ASN H 145 -52.76 -7.65 -11.18
CA ASN H 145 -54.13 -7.73 -10.69
C ASN H 145 -54.51 -9.07 -10.09
N MET H 146 -53.55 -9.74 -9.47
CA MET H 146 -53.83 -10.92 -8.67
C MET H 146 -54.80 -10.63 -7.52
N SER H 147 -55.46 -11.66 -7.01
CA SER H 147 -56.23 -11.52 -5.78
C SER H 147 -55.30 -11.48 -4.58
N LYS H 148 -55.82 -11.00 -3.47
CA LYS H 148 -55.08 -10.95 -2.22
C LYS H 148 -54.47 -12.32 -1.88
N GLU H 149 -55.24 -13.39 -1.97
CA GLU H 149 -54.71 -14.71 -1.63
C GLU H 149 -53.60 -15.15 -2.59
N GLU H 150 -53.81 -14.94 -3.90
CA GLU H 150 -52.78 -15.22 -4.90
C GLU H 150 -51.47 -14.52 -4.56
N THR H 151 -51.58 -13.24 -4.23
CA THR H 151 -50.43 -12.37 -3.97
C THR H 151 -49.68 -12.77 -2.70
N VAL H 152 -50.42 -12.98 -1.62
CA VAL H 152 -49.82 -13.52 -0.40
C VAL H 152 -49.06 -14.83 -0.65
N ASP H 153 -49.54 -15.65 -1.58
CA ASP H 153 -48.83 -16.88 -1.92
C ASP H 153 -47.59 -16.63 -2.77
N PHE H 154 -47.72 -15.78 -3.77
CA PHE H 154 -46.59 -15.38 -4.61
C PHE H 154 -45.39 -14.84 -3.80
N ILE H 155 -45.69 -14.03 -2.78
CA ILE H 155 -44.68 -13.55 -1.83
C ILE H 155 -44.19 -14.67 -0.92
N LYS H 156 -45.09 -15.48 -0.39
CA LYS H 156 -44.71 -16.61 0.47
C LYS H 156 -43.66 -17.48 -0.22
N HIS H 157 -43.93 -17.82 -1.47
CA HIS H 157 -43.08 -18.75 -2.22
C HIS H 157 -41.75 -18.12 -2.57
N SER H 158 -41.78 -16.90 -3.10
CA SER H 158 -40.57 -16.18 -3.48
C SER H 158 -39.65 -16.03 -2.27
N LEU H 159 -40.19 -15.51 -1.18
CA LEU H 159 -39.39 -15.24 -0.01
C LEU H 159 -38.86 -16.52 0.66
N SER H 160 -39.58 -17.63 0.51
CA SER H 160 -39.13 -18.88 1.10
C SER H 160 -37.91 -19.44 0.32
N GLN H 161 -37.91 -19.20 -0.98
CA GLN H 161 -36.74 -19.50 -1.82
C GLN H 161 -35.52 -18.62 -1.54
N ALA H 162 -35.76 -17.33 -1.34
CA ALA H 162 -34.70 -16.37 -1.04
C ALA H 162 -34.05 -16.72 0.29
N ILE H 163 -34.88 -17.15 1.24
CA ILE H 163 -34.43 -17.49 2.59
C ILE H 163 -33.69 -18.82 2.52
N LYS H 164 -34.18 -19.67 1.62
CA LYS H 164 -33.63 -21.01 1.44
C LYS H 164 -32.18 -20.93 1.00
N TRP H 165 -31.93 -20.07 0.02
CA TRP H 165 -30.60 -19.95 -0.58
C TRP H 165 -29.66 -18.94 0.07
N ASP H 166 -30.16 -17.75 0.37
CA ASP H 166 -29.37 -16.70 1.04
C ASP H 166 -29.32 -16.92 2.53
N GLY H 167 -28.10 -17.04 3.05
CA GLY H 167 -27.94 -17.20 4.48
C GLY H 167 -28.08 -15.87 5.19
N SER H 168 -28.17 -14.78 4.45
CA SER H 168 -28.33 -13.48 5.07
C SER H 168 -29.81 -13.25 5.42
N SER H 169 -30.66 -14.16 4.95
CA SER H 169 -32.10 -14.10 5.13
C SER H 169 -32.57 -15.24 6.04
N GLY H 170 -33.80 -15.16 6.55
CA GLY H 170 -34.28 -16.22 7.41
C GLY H 170 -35.20 -15.78 8.54
N GLY H 171 -35.53 -16.71 9.42
CA GLY H 171 -36.50 -16.44 10.47
C GLY H 171 -37.92 -16.48 9.95
N VAL H 172 -38.74 -15.47 10.28
CA VAL H 172 -40.15 -15.45 9.84
C VAL H 172 -40.39 -14.63 8.59
N ILE H 173 -41.41 -14.98 7.81
CA ILE H 173 -41.83 -14.11 6.74
C ILE H 173 -42.89 -13.14 7.27
N ARG H 174 -42.62 -11.85 7.19
CA ARG H 174 -43.59 -10.83 7.60
C ARG H 174 -44.24 -10.20 6.38
N MET H 175 -45.53 -9.91 6.49
CA MET H 175 -46.20 -9.17 5.45
C MET H 175 -47.01 -8.04 6.03
N VAL H 176 -47.31 -7.06 5.18
CA VAL H 176 -48.19 -5.98 5.56
C VAL H 176 -49.08 -5.75 4.35
N VAL H 177 -50.39 -5.81 4.55
CA VAL H 177 -51.35 -5.66 3.46
C VAL H 177 -51.95 -4.26 3.47
N LEU H 178 -51.90 -3.58 2.31
CA LEU H 178 -52.43 -2.23 2.22
C LEU H 178 -53.55 -2.14 1.19
N THR H 179 -54.77 -2.04 1.71
CA THR H 179 -55.98 -1.94 0.92
C THR H 179 -56.85 -0.80 1.43
N ALA H 180 -57.97 -0.55 0.77
CA ALA H 180 -58.92 0.47 1.23
C ALA H 180 -59.44 0.05 2.60
N ALA H 181 -59.61 -1.25 2.78
CA ALA H 181 -60.04 -1.82 4.05
C ALA H 181 -59.10 -1.36 5.14
N GLY H 182 -57.84 -1.19 4.78
CA GLY H 182 -56.87 -0.68 5.71
C GLY H 182 -55.61 -1.48 5.75
N VAL H 183 -55.20 -1.82 6.98
CA VAL H 183 -53.85 -2.30 7.22
C VAL H 183 -53.84 -3.60 8.00
N GLU H 184 -53.35 -4.64 7.35
CA GLU H 184 -53.33 -5.97 7.93
C GLU H 184 -51.91 -6.51 7.99
N ARG H 185 -51.54 -6.97 9.17
CA ARG H 185 -50.23 -7.52 9.41
C ARG H 185 -50.31 -9.05 9.38
N LEU H 186 -49.47 -9.69 8.57
CA LEU H 186 -49.41 -11.15 8.49
C LEU H 186 -48.04 -11.66 8.94
N ILE H 187 -48.01 -12.88 9.47
CA ILE H 187 -46.75 -13.55 9.79
C ILE H 187 -46.77 -15.02 9.33
N PHE H 188 -45.61 -15.56 8.96
CA PHE H 188 -45.49 -16.97 8.55
C PHE H 188 -44.22 -17.57 9.12
N TYR H 189 -44.37 -18.69 9.82
CA TYR H 189 -43.26 -19.29 10.57
C TYR H 189 -42.49 -20.32 9.76
N PRO H 190 -41.23 -20.60 10.16
CA PRO H 190 -40.39 -21.56 9.43
C PRO H 190 -41.13 -22.83 9.03
N ASP H 191 -41.62 -23.60 9.99
CA ASP H 191 -42.27 -24.88 9.72
C ASP H 191 -43.34 -24.81 8.62
N GLU H 192 -43.80 -23.60 8.33
CA GLU H 192 -44.83 -23.47 7.31
C GLU H 192 -44.23 -23.24 5.93
N TYR H 193 -43.33 -22.28 5.80
CA TYR H 193 -42.81 -21.90 4.48
C TYR H 193 -41.64 -22.78 4.00
N GLU H 194 -40.96 -23.45 4.93
CA GLU H 194 -39.87 -24.35 4.59
C GLU H 194 -40.41 -25.48 3.72
N GLN H 195 -41.47 -26.13 4.19
CA GLN H 195 -42.06 -27.24 3.46
C GLN H 195 -43.10 -26.78 2.43
N LEU H 196 -42.63 -26.09 1.40
CA LEU H 196 -43.46 -25.61 0.30
C LEU H 196 -42.99 -26.16 -1.04
N THR I 1 -16.92 -8.37 28.53
CA THR I 1 -18.16 -7.80 29.06
C THR I 1 -19.36 -8.58 28.55
N THR I 2 -20.30 -8.86 29.44
CA THR I 2 -21.53 -9.49 29.05
C THR I 2 -22.69 -8.75 29.69
N ILE I 3 -23.62 -8.28 28.86
CA ILE I 3 -24.82 -7.63 29.39
C ILE I 3 -26.06 -8.25 28.74
N VAL I 4 -27.12 -8.41 29.54
CA VAL I 4 -28.39 -8.91 29.03
C VAL I 4 -29.60 -8.12 29.58
N GLY I 5 -30.74 -8.27 28.89
CA GLY I 5 -32.00 -7.75 29.36
C GLY I 5 -33.10 -8.76 29.06
N VAL I 6 -33.92 -9.06 30.07
CA VAL I 6 -35.04 -9.98 29.92
C VAL I 6 -36.32 -9.28 30.36
N LYS I 7 -37.36 -9.37 29.53
CA LYS I 7 -38.69 -8.94 29.91
C LYS I 7 -39.35 -10.05 30.68
N PHE I 8 -40.13 -9.67 31.69
CA PHE I 8 -41.02 -10.60 32.39
C PHE I 8 -42.42 -10.01 32.45
N ASN I 9 -43.37 -10.75 33.02
CA ASN I 9 -44.79 -10.38 32.99
C ASN I 9 -45.12 -8.94 33.43
N ASN I 10 -44.40 -8.43 34.43
CA ASN I 10 -44.72 -7.12 34.98
C ASN I 10 -43.59 -6.08 34.96
N GLY I 11 -42.59 -6.28 34.11
CA GLY I 11 -41.46 -5.37 34.09
C GLY I 11 -40.33 -5.82 33.19
N VAL I 12 -39.11 -5.52 33.62
CA VAL I 12 -37.91 -5.85 32.87
C VAL I 12 -36.71 -5.80 33.79
N VAL I 13 -35.75 -6.68 33.53
CA VAL I 13 -34.56 -6.80 34.35
C VAL I 13 -33.37 -6.72 33.41
N ILE I 14 -32.32 -6.01 33.81
CA ILE I 14 -31.06 -6.09 33.10
C ILE I 14 -29.93 -6.53 34.01
N ALA I 15 -28.97 -7.23 33.42
CA ALA I 15 -27.82 -7.73 34.14
C ALA I 15 -26.51 -7.55 33.35
N ALA I 16 -25.40 -7.53 34.08
CA ALA I 16 -24.07 -7.32 33.50
C ALA I 16 -23.06 -7.97 34.41
N ASP I 17 -21.86 -8.23 33.90
CA ASP I 17 -20.79 -8.73 34.75
C ASP I 17 -20.00 -7.52 35.23
N THR I 18 -18.96 -7.72 36.02
CA THR I 18 -18.28 -6.61 36.65
C THR I 18 -16.80 -6.44 36.25
N ARG I 19 -16.42 -6.92 35.08
CA ARG I 19 -14.99 -6.96 34.72
C ARG I 19 -14.61 -5.91 33.67
N SER I 20 -13.69 -5.01 34.01
CA SER I 20 -13.18 -4.09 33.01
C SER I 20 -11.81 -4.53 32.53
N THR I 21 -11.61 -4.59 31.21
CA THR I 21 -10.33 -5.02 30.67
C THR I 21 -9.62 -3.99 29.81
N GLN I 22 -8.31 -3.93 30.00
CA GLN I 22 -7.37 -3.23 29.12
C GLN I 22 -6.47 -4.28 28.44
N GLY I 23 -6.79 -4.62 27.19
CA GLY I 23 -6.11 -5.70 26.52
C GLY I 23 -6.39 -7.01 27.20
N PRO I 24 -5.35 -7.69 27.71
CA PRO I 24 -5.55 -8.91 28.48
C PRO I 24 -5.44 -8.64 29.98
N ILE I 25 -5.41 -7.37 30.35
CA ILE I 25 -5.29 -7.03 31.76
C ILE I 25 -6.63 -6.64 32.39
N VAL I 26 -6.91 -7.18 33.56
CA VAL I 26 -8.10 -6.77 34.28
C VAL I 26 -7.81 -5.55 35.15
N ALA I 27 -8.32 -4.40 34.75
CA ALA I 27 -8.12 -3.15 35.50
C ALA I 27 -9.07 -3.02 36.70
N ASP I 28 -10.34 -3.39 36.52
CA ASP I 28 -11.28 -3.43 37.64
C ASP I 28 -12.00 -4.78 37.71
N LYS I 29 -11.88 -5.44 38.86
CA LYS I 29 -12.55 -6.71 39.09
C LYS I 29 -13.98 -6.50 39.60
N ASN I 30 -14.34 -5.25 39.85
CA ASN I 30 -15.72 -4.85 40.15
C ASN I 30 -16.07 -3.51 39.52
N CYS I 31 -16.38 -3.52 38.24
CA CYS I 31 -16.84 -2.32 37.55
C CYS I 31 -18.36 -2.38 37.53
N ALA I 32 -19.00 -1.24 37.79
CA ALA I 32 -20.46 -1.16 37.64
C ALA I 32 -20.78 -0.77 36.20
N LYS I 33 -21.45 -1.67 35.48
CA LYS I 33 -21.70 -1.47 34.06
C LYS I 33 -23.17 -1.13 33.85
N LEU I 34 -23.95 -1.21 34.95
CA LEU I 34 -25.33 -0.76 34.97
C LEU I 34 -25.40 0.73 35.26
N HIS I 35 -25.92 1.49 34.30
CA HIS I 35 -26.00 2.94 34.40
C HIS I 35 -27.44 3.39 34.53
N ARG I 36 -27.65 4.52 35.20
CA ARG I 36 -28.97 5.10 35.37
C ARG I 36 -29.23 6.24 34.37
N ILE I 37 -30.30 6.13 33.60
CA ILE I 37 -30.66 7.24 32.72
C ILE I 37 -31.66 8.14 33.43
N SER I 38 -32.66 7.52 34.04
CA SER I 38 -33.62 8.20 34.89
C SER I 38 -33.89 7.19 36.03
N PRO I 39 -34.72 7.56 37.04
CA PRO I 39 -34.82 6.58 38.13
C PRO I 39 -35.39 5.21 37.71
N LYS I 40 -36.25 5.17 36.70
CA LYS I 40 -36.80 3.88 36.28
C LYS I 40 -36.41 3.49 34.85
N ILE I 41 -35.28 4.02 34.39
CA ILE I 41 -34.74 3.63 33.10
C ILE I 41 -33.26 3.41 33.27
N TRP I 42 -32.80 2.19 33.04
CA TRP I 42 -31.40 1.86 33.29
C TRP I 42 -30.72 1.31 32.05
N CYS I 43 -29.40 1.26 32.10
CA CYS I 43 -28.60 0.96 30.93
C CYS I 43 -27.47 0.05 31.26
N ALA I 44 -27.23 -0.93 30.41
CA ALA I 44 -25.97 -1.67 30.44
C ALA I 44 -25.12 -1.29 29.23
N GLY I 45 -23.82 -1.10 29.46
CA GLY I 45 -22.94 -0.64 28.41
C GLY I 45 -21.78 -1.57 28.12
N ALA I 46 -21.43 -1.66 26.83
CA ALA I 46 -20.27 -2.41 26.37
C ALA I 46 -19.68 -1.65 25.21
N GLY I 47 -18.37 -1.74 25.04
CA GLY I 47 -17.67 -0.94 24.05
C GLY I 47 -16.65 -0.07 24.76
N THR I 48 -16.33 1.08 24.19
CA THR I 48 -15.43 1.99 24.86
C THR I 48 -16.13 2.50 26.11
N ALA I 49 -15.56 2.21 27.28
CA ALA I 49 -16.26 2.51 28.54
C ALA I 49 -16.47 4.03 28.81
N ALA I 50 -15.50 4.84 28.43
CA ALA I 50 -15.67 6.28 28.49
C ALA I 50 -16.88 6.70 27.65
N ASP I 51 -17.08 6.07 26.50
CA ASP I 51 -18.24 6.36 25.67
C ASP I 51 -19.54 5.89 26.29
N THR I 52 -19.58 4.67 26.81
CA THR I 52 -20.84 4.21 27.39
C THR I 52 -21.23 5.09 28.57
N GLU I 53 -20.25 5.57 29.33
CA GLU I 53 -20.57 6.46 30.45
C GLU I 53 -20.96 7.85 29.95
N ALA I 54 -20.20 8.38 29.00
CA ALA I 54 -20.46 9.69 28.44
C ALA I 54 -21.84 9.80 27.84
N VAL I 55 -22.23 8.78 27.12
CA VAL I 55 -23.49 8.86 26.40
C VAL I 55 -24.71 8.66 27.32
N THR I 56 -24.56 7.88 28.40
CA THR I 56 -25.71 7.67 29.28
C THR I 56 -25.90 8.85 30.22
N GLN I 57 -24.83 9.55 30.50
CA GLN I 57 -24.94 10.69 31.41
C GLN I 57 -25.45 11.93 30.67
N LEU I 58 -25.12 12.02 29.38
CA LEU I 58 -25.58 13.12 28.57
C LEU I 58 -27.06 12.99 28.34
N ILE I 59 -27.48 11.88 27.73
CA ILE I 59 -28.89 11.61 27.48
C ILE I 59 -29.61 11.56 28.83
N GLY I 60 -28.89 11.20 29.89
CA GLY I 60 -29.44 11.19 31.23
C GLY I 60 -29.88 12.58 31.65
N SER I 61 -29.03 13.56 31.37
CA SER I 61 -29.20 14.95 31.77
C SER I 61 -30.28 15.60 30.92
N ASN I 62 -30.22 15.44 29.60
CA ASN I 62 -31.29 15.93 28.74
C ASN I 62 -32.64 15.33 29.07
N ILE I 63 -32.65 14.04 29.46
CA ILE I 63 -33.89 13.37 29.84
C ILE I 63 -34.48 14.02 31.10
N GLU I 64 -33.63 14.33 32.07
CA GLU I 64 -34.08 15.01 33.28
C GLU I 64 -34.74 16.37 32.96
N LEU I 65 -34.07 17.17 32.14
CA LEU I 65 -34.58 18.47 31.72
C LEU I 65 -35.90 18.35 30.94
N HIS I 66 -35.97 17.38 30.02
CA HIS I 66 -37.22 17.13 29.31
C HIS I 66 -38.34 16.84 30.31
N SER I 67 -37.98 16.06 31.32
CA SER I 67 -38.91 15.63 32.36
C SER I 67 -39.46 16.83 33.15
N LEU I 68 -38.56 17.73 33.54
CA LEU I 68 -38.97 18.91 34.31
C LEU I 68 -39.80 19.82 33.44
N TYR I 69 -39.47 19.89 32.16
CA TYR I 69 -40.16 20.79 31.25
C TYR I 69 -41.57 20.33 30.91
N THR I 70 -41.78 19.03 30.73
CA THR I 70 -43.08 18.51 30.28
C THR I 70 -43.90 18.06 31.48
N SER I 71 -43.23 18.06 32.63
CA SER I 71 -43.84 17.64 33.89
C SER I 71 -44.34 16.21 33.77
N ARG I 72 -43.66 15.41 32.96
CA ARG I 72 -44.01 14.01 32.79
C ARG I 72 -42.85 13.11 33.17
N GLU I 73 -43.20 11.88 33.54
CA GLU I 73 -42.21 10.88 33.90
C GLU I 73 -41.50 10.52 32.59
N PRO I 74 -40.17 10.32 32.63
CA PRO I 74 -39.37 9.98 31.43
C PRO I 74 -39.81 8.70 30.76
N ARG I 75 -39.83 8.71 29.44
CA ARG I 75 -40.16 7.52 28.67
C ARG I 75 -38.93 6.82 28.05
N VAL I 76 -38.93 5.49 28.07
CA VAL I 76 -37.86 4.71 27.45
C VAL I 76 -37.71 5.02 25.97
N VAL I 77 -38.83 5.02 25.24
CA VAL I 77 -38.85 5.37 23.82
C VAL I 77 -38.17 6.73 23.51
N SER I 78 -38.00 7.57 24.53
CA SER I 78 -37.34 8.87 24.34
C SER I 78 -35.84 8.74 24.51
N ALA I 79 -35.43 8.03 25.55
CA ALA I 79 -34.02 7.84 25.80
C ALA I 79 -33.45 7.05 24.61
N LEU I 80 -34.31 6.22 24.02
CA LEU I 80 -33.96 5.48 22.83
C LEU I 80 -33.74 6.42 21.64
N GLN I 81 -34.70 7.30 21.40
CA GLN I 81 -34.64 8.14 20.22
C GLN I 81 -33.47 9.12 20.33
N MET I 82 -33.15 9.51 21.57
CA MET I 82 -32.10 10.48 21.79
C MET I 82 -30.72 9.84 21.70
N LEU I 83 -30.56 8.68 22.35
CA LEU I 83 -29.34 7.87 22.21
C LEU I 83 -29.02 7.58 20.76
N LYS I 84 -29.99 7.05 20.04
CA LYS I 84 -29.73 6.62 18.69
C LYS I 84 -29.44 7.76 17.73
N GLN I 85 -29.97 8.95 18.00
CA GLN I 85 -29.75 10.09 17.09
C GLN I 85 -28.41 10.74 17.37
N HIS I 86 -27.96 10.63 18.61
CA HIS I 86 -26.62 11.07 18.99
C HIS I 86 -25.55 10.13 18.39
N LEU I 87 -25.71 8.83 18.63
CA LEU I 87 -24.83 7.82 18.04
C LEU I 87 -24.74 7.91 16.52
N PHE I 88 -25.89 7.87 15.84
CA PHE I 88 -25.90 8.00 14.38
C PHE I 88 -25.11 9.21 13.88
N LYS I 89 -25.20 10.32 14.59
CA LYS I 89 -24.48 11.54 14.21
C LYS I 89 -22.99 11.27 14.06
N TYR I 90 -22.44 10.48 14.98
CA TYR I 90 -21.01 10.18 15.04
C TYR I 90 -20.56 8.90 14.28
N GLN I 91 -21.42 8.39 13.41
CA GLN I 91 -21.07 7.31 12.50
C GLN I 91 -20.30 6.18 13.15
N GLY I 92 -20.62 5.88 14.40
CA GLY I 92 -19.99 4.76 15.08
C GLY I 92 -18.69 5.10 15.79
N HIS I 93 -18.17 6.31 15.59
CA HIS I 93 -16.95 6.70 16.27
C HIS I 93 -17.19 6.78 17.78
N ILE I 94 -18.44 6.88 18.20
CA ILE I 94 -18.73 6.77 19.62
C ILE I 94 -19.09 5.32 19.89
N GLY I 95 -18.14 4.60 20.45
CA GLY I 95 -18.22 3.15 20.52
C GLY I 95 -19.04 2.62 21.66
N ALA I 96 -20.30 3.03 21.72
CA ALA I 96 -21.20 2.62 22.80
C ALA I 96 -22.22 1.61 22.28
N TYR I 97 -22.32 0.51 23.02
CA TYR I 97 -23.18 -0.58 22.65
C TYR I 97 -23.99 -0.83 23.89
N LEU I 98 -25.30 -0.75 23.75
CA LEU I 98 -26.13 -0.46 24.90
C LEU I 98 -27.41 -1.27 24.91
N ILE I 99 -27.76 -1.78 26.08
CA ILE I 99 -29.10 -2.33 26.29
C ILE I 99 -29.83 -1.41 27.24
N VAL I 100 -30.94 -0.86 26.78
CA VAL I 100 -31.70 0.11 27.55
C VAL I 100 -33.08 -0.46 27.97
N ALA I 101 -33.28 -0.54 29.29
CA ALA I 101 -34.51 -1.08 29.87
C ALA I 101 -35.20 -0.08 30.81
N GLY I 102 -36.52 -0.16 30.92
CA GLY I 102 -37.24 0.70 31.84
C GLY I 102 -38.74 0.56 31.87
N VAL I 103 -39.34 1.06 32.94
CA VAL I 103 -40.80 1.22 32.99
C VAL I 103 -41.19 2.70 33.01
N ASP I 104 -42.26 3.02 32.30
CA ASP I 104 -42.76 4.38 32.23
C ASP I 104 -44.31 4.32 32.20
N PRO I 105 -45.00 5.47 32.08
CA PRO I 105 -46.46 5.32 32.12
C PRO I 105 -47.09 4.61 30.91
N THR I 106 -46.29 4.19 29.94
CA THR I 106 -46.84 3.46 28.80
C THR I 106 -46.63 1.93 28.91
N GLY I 107 -45.82 1.49 29.88
CA GLY I 107 -45.56 0.07 30.08
C GLY I 107 -44.11 -0.27 30.39
N SER I 108 -43.68 -1.46 30.00
CA SER I 108 -42.28 -1.88 30.18
C SER I 108 -41.58 -2.10 28.84
N HIS I 109 -40.31 -1.71 28.77
CA HIS I 109 -39.55 -1.71 27.51
C HIS I 109 -38.15 -2.29 27.59
N LEU I 110 -37.71 -2.84 26.45
CA LEU I 110 -36.36 -3.38 26.31
C LEU I 110 -35.87 -3.16 24.89
N PHE I 111 -34.75 -2.44 24.77
CA PHE I 111 -34.13 -2.20 23.47
C PHE I 111 -32.63 -2.42 23.56
N SER I 112 -32.02 -2.61 22.40
CA SER I 112 -30.58 -2.54 22.31
C SER I 112 -30.25 -1.47 21.29
N ILE I 113 -29.12 -0.80 21.48
CA ILE I 113 -28.71 0.20 20.53
C ILE I 113 -27.24 -0.02 20.14
N HIS I 114 -26.93 0.15 18.87
CA HIS I 114 -25.58 -0.02 18.40
C HIS I 114 -24.85 1.29 18.12
N ALA I 115 -23.52 1.21 18.17
CA ALA I 115 -22.65 2.36 18.02
C ALA I 115 -22.99 3.20 16.80
N HIS I 116 -23.46 2.55 15.75
CA HIS I 116 -23.68 3.25 14.50
C HIS I 116 -25.02 3.92 14.48
N GLY I 117 -25.90 3.49 15.39
CA GLY I 117 -27.20 4.12 15.58
C GLY I 117 -28.42 3.27 15.29
N SER I 118 -28.21 1.99 15.00
CA SER I 118 -29.30 1.06 14.80
C SER I 118 -29.83 0.62 16.15
N THR I 119 -31.15 0.39 16.22
CA THR I 119 -31.81 -0.07 17.45
C THR I 119 -32.60 -1.34 17.16
N ASP I 120 -32.78 -2.17 18.19
CA ASP I 120 -33.54 -3.41 18.06
C ASP I 120 -34.54 -3.50 19.22
N VAL I 121 -35.64 -4.22 19.04
CA VAL I 121 -36.55 -4.52 20.14
C VAL I 121 -36.76 -6.03 20.31
N GLY I 122 -36.80 -6.50 21.56
CA GLY I 122 -37.02 -7.90 21.85
C GLY I 122 -37.42 -8.17 23.30
N TYR I 123 -37.68 -9.44 23.64
CA TYR I 123 -38.07 -9.82 25.00
C TYR I 123 -36.86 -10.22 25.80
N TYR I 124 -35.79 -10.52 25.07
CA TYR I 124 -34.52 -10.89 25.66
C TYR I 124 -33.44 -10.48 24.67
N LEU I 125 -32.32 -9.99 25.21
CA LEU I 125 -31.23 -9.44 24.40
C LEU I 125 -29.90 -9.65 25.11
N SER I 126 -28.80 -9.71 24.35
CA SER I 126 -27.47 -9.59 24.97
C SER I 126 -26.44 -8.87 24.09
N LEU I 127 -25.39 -8.36 24.72
CA LEU I 127 -24.31 -7.72 23.99
C LEU I 127 -23.03 -7.95 24.77
N GLY I 128 -21.91 -7.77 24.09
CA GLY I 128 -20.63 -7.88 24.77
C GLY I 128 -19.78 -8.99 24.20
N SER I 129 -18.59 -9.16 24.78
CA SER I 129 -17.69 -10.21 24.30
C SER I 129 -18.23 -11.54 24.79
N GLY I 130 -19.16 -11.47 25.75
CA GLY I 130 -19.85 -12.65 26.24
C GLY I 130 -21.25 -12.81 25.66
N SER I 131 -21.56 -11.92 24.71
CA SER I 131 -22.81 -11.90 23.97
C SER I 131 -23.29 -13.30 23.57
N LEU I 132 -22.37 -14.14 23.10
CA LEU I 132 -22.76 -15.42 22.48
C LEU I 132 -23.09 -16.52 23.48
N ALA I 133 -22.21 -16.71 24.45
CA ALA I 133 -22.49 -17.57 25.59
C ALA I 133 -23.84 -17.23 26.22
N ALA I 134 -24.05 -15.95 26.54
CA ALA I 134 -25.31 -15.45 27.11
C ALA I 134 -26.51 -15.75 26.23
N MET I 135 -26.41 -15.46 24.93
CA MET I 135 -27.54 -15.71 24.04
C MET I 135 -27.82 -17.22 23.85
N ALA I 136 -26.81 -18.06 24.01
CA ALA I 136 -27.07 -19.49 23.94
C ALA I 136 -28.00 -19.88 25.10
N VAL I 137 -27.66 -19.39 26.30
CA VAL I 137 -28.46 -19.68 27.47
C VAL I 137 -29.87 -19.14 27.34
N LEU I 138 -29.99 -17.91 26.84
CA LEU I 138 -31.31 -17.29 26.66
C LEU I 138 -32.15 -18.03 25.62
N GLU I 139 -31.51 -18.59 24.60
CA GLU I 139 -32.26 -19.29 23.55
C GLU I 139 -32.72 -20.66 24.05
N SER I 140 -32.10 -21.10 25.14
CA SER I 140 -32.37 -22.40 25.75
C SER I 140 -33.44 -22.38 26.82
N HIS I 141 -33.57 -21.28 27.54
CA HIS I 141 -34.38 -21.25 28.76
C HIS I 141 -35.43 -20.16 28.78
N TRP I 142 -35.52 -19.37 27.71
CA TRP I 142 -36.53 -18.33 27.70
C TRP I 142 -37.89 -18.88 27.37
N LYS I 143 -38.90 -18.37 28.05
CA LYS I 143 -40.29 -18.58 27.67
C LYS I 143 -41.04 -17.28 27.93
N GLN I 144 -42.22 -17.15 27.32
CA GLN I 144 -43.10 -15.99 27.59
C GLN I 144 -43.74 -16.15 28.97
N ASP I 145 -44.12 -15.03 29.56
CA ASP I 145 -44.76 -15.03 30.88
C ASP I 145 -43.82 -15.54 31.96
N LEU I 146 -42.63 -14.98 31.99
CA LEU I 146 -41.74 -15.21 33.13
C LEU I 146 -42.23 -14.43 34.35
N THR I 147 -42.19 -15.07 35.51
CA THR I 147 -42.37 -14.35 36.77
C THR I 147 -41.18 -13.42 36.95
N LYS I 148 -41.25 -12.55 37.95
CA LYS I 148 -40.07 -11.75 38.28
C LYS I 148 -38.89 -12.66 38.59
N GLU I 149 -39.11 -13.60 39.51
CA GLU I 149 -38.02 -14.39 40.08
C GLU I 149 -37.39 -15.30 39.03
N GLU I 150 -38.22 -15.72 38.06
CA GLU I 150 -37.75 -16.51 36.93
C GLU I 150 -36.87 -15.68 36.00
N ALA I 151 -37.26 -14.43 35.74
CA ALA I 151 -36.49 -13.57 34.84
C ALA I 151 -35.16 -13.12 35.46
N ILE I 152 -35.11 -12.99 36.78
CA ILE I 152 -33.83 -12.75 37.42
C ILE I 152 -32.91 -13.96 37.20
N LYS I 153 -33.41 -15.16 37.48
CA LYS I 153 -32.63 -16.37 37.35
C LYS I 153 -32.05 -16.44 35.95
N LEU I 154 -32.93 -16.30 34.97
CA LEU I 154 -32.54 -16.36 33.58
C LEU I 154 -31.46 -15.36 33.23
N ALA I 155 -31.72 -14.07 33.49
CA ALA I 155 -30.73 -13.04 33.19
C ALA I 155 -29.46 -13.29 33.96
N SER I 156 -29.59 -13.78 35.18
CA SER I 156 -28.43 -14.01 36.03
C SER I 156 -27.55 -15.14 35.47
N ASP I 157 -28.17 -16.24 35.08
CA ASP I 157 -27.46 -17.34 34.46
C ASP I 157 -26.74 -16.91 33.18
N ALA I 158 -27.43 -16.20 32.29
CA ALA I 158 -26.84 -15.77 31.03
C ALA I 158 -25.50 -15.02 31.20
N ILE I 159 -25.41 -14.23 32.27
CA ILE I 159 -24.19 -13.51 32.60
C ILE I 159 -23.13 -14.52 33.04
N GLN I 160 -23.55 -15.51 33.82
CA GLN I 160 -22.62 -16.56 34.23
C GLN I 160 -22.06 -17.31 33.02
N ALA I 161 -22.87 -17.46 31.97
CA ALA I 161 -22.38 -18.08 30.75
C ALA I 161 -21.17 -17.33 30.24
N GLY I 162 -21.21 -16.01 30.32
CA GLY I 162 -20.13 -15.19 29.81
C GLY I 162 -18.97 -15.08 30.81
N ILE I 163 -19.28 -15.17 32.08
CA ILE I 163 -18.23 -15.01 33.08
C ILE I 163 -17.28 -16.19 32.95
N TRP I 164 -17.84 -17.39 32.95
CA TRP I 164 -17.08 -18.62 32.85
C TRP I 164 -16.49 -18.83 31.44
N ASN I 165 -17.34 -18.82 30.42
CA ASN I 165 -16.91 -19.13 29.05
C ASN I 165 -16.24 -18.02 28.24
N ASP I 166 -16.42 -16.77 28.66
CA ASP I 166 -15.77 -15.66 27.97
C ASP I 166 -14.67 -15.01 28.81
N LEU I 167 -13.55 -14.81 28.13
CA LEU I 167 -12.33 -14.33 28.74
C LEU I 167 -12.47 -12.84 29.05
N GLY I 168 -13.34 -12.17 28.28
CA GLY I 168 -13.54 -10.74 28.40
C GLY I 168 -14.49 -10.38 29.52
N SER I 169 -15.20 -11.38 30.02
CA SER I 169 -16.16 -11.20 31.10
C SER I 169 -15.69 -11.94 32.35
N GLY I 170 -16.10 -11.45 33.53
CA GLY I 170 -15.67 -12.09 34.76
C GLY I 170 -16.27 -11.51 36.03
N SER I 171 -15.88 -12.10 37.15
CA SER I 171 -16.15 -11.59 38.49
C SER I 171 -17.63 -11.65 38.92
N ASN I 172 -18.26 -10.51 39.19
CA ASN I 172 -19.58 -10.51 39.82
C ASN I 172 -20.76 -10.29 38.88
N VAL I 173 -21.96 -10.54 39.39
CA VAL I 173 -23.16 -10.24 38.64
C VAL I 173 -23.95 -9.09 39.25
N ASP I 174 -24.14 -8.05 38.46
CA ASP I 174 -24.97 -6.91 38.84
C ASP I 174 -26.33 -7.05 38.16
N VAL I 175 -27.41 -6.83 38.92
CA VAL I 175 -28.75 -6.84 38.36
C VAL I 175 -29.55 -5.57 38.75
N CYS I 176 -30.38 -5.10 37.82
CA CYS I 176 -31.39 -4.13 38.18
C CYS I 176 -32.75 -4.59 37.69
N VAL I 177 -33.72 -4.54 38.59
CA VAL I 177 -35.09 -4.88 38.31
C VAL I 177 -35.95 -3.61 38.36
N MET I 178 -36.67 -3.36 37.28
CA MET I 178 -37.66 -2.31 37.26
C MET I 178 -39.02 -2.94 36.95
N GLU I 179 -39.95 -2.78 37.90
CA GLU I 179 -41.25 -3.42 37.81
C GLU I 179 -42.32 -2.32 37.75
N ILE I 180 -43.38 -2.56 36.98
CA ILE I 180 -44.35 -1.52 36.59
C ILE I 180 -44.80 -0.52 37.68
N GLY I 181 -45.23 -1.02 38.84
CA GLY I 181 -45.76 -0.08 39.83
C GLY I 181 -44.89 0.15 41.04
N LYS I 182 -43.58 0.00 40.88
CA LYS I 182 -42.68 -0.02 42.02
C LYS I 182 -41.40 0.74 41.69
N ASP I 183 -40.57 0.95 42.71
CA ASP I 183 -39.28 1.57 42.49
C ASP I 183 -38.36 0.57 41.78
N ALA I 184 -37.47 1.09 40.94
CA ALA I 184 -36.47 0.25 40.30
C ALA I 184 -35.57 -0.35 41.37
N GLU I 185 -35.34 -1.65 41.30
CA GLU I 185 -34.57 -2.30 42.34
C GLU I 185 -33.16 -2.59 41.83
N TYR I 186 -32.15 -2.03 42.48
CA TYR I 186 -30.81 -2.17 41.96
C TYR I 186 -29.92 -3.01 42.88
N LEU I 187 -29.51 -4.17 42.35
CA LEU I 187 -28.78 -5.17 43.12
C LEU I 187 -27.31 -5.21 42.71
N ARG I 188 -26.48 -4.45 43.38
CA ARG I 188 -25.04 -4.42 43.13
C ARG I 188 -24.43 -5.67 43.75
N ASN I 189 -23.70 -6.43 42.94
CA ASN I 189 -23.15 -7.73 43.32
C ASN I 189 -24.21 -8.71 43.83
N TYR I 190 -25.31 -8.82 43.08
CA TYR I 190 -26.31 -9.84 43.30
C TYR I 190 -25.69 -11.22 43.45
N LEU I 191 -24.61 -11.46 42.69
CA LEU I 191 -23.85 -12.70 42.76
C LEU I 191 -22.34 -12.43 42.84
N THR I 192 -21.68 -13.16 43.72
CA THR I 192 -20.23 -13.05 43.87
C THR I 192 -19.60 -14.45 43.96
N PRO I 193 -19.54 -15.15 42.81
CA PRO I 193 -19.05 -16.53 42.70
C PRO I 193 -17.54 -16.58 42.53
N ASN I 194 -16.88 -15.43 42.62
CA ASN I 194 -15.47 -15.33 42.25
C ASN I 194 -14.53 -14.75 43.31
N VAL I 195 -14.76 -15.06 44.57
CA VAL I 195 -13.87 -14.60 45.64
C VAL I 195 -12.46 -15.21 45.51
N ARG I 196 -11.43 -14.36 45.63
CA ARG I 196 -10.03 -14.82 45.63
C ARG I 196 -9.76 -15.63 46.90
N GLU I 197 -8.97 -16.69 46.78
CA GLU I 197 -8.65 -17.52 47.92
C GLU I 197 -7.55 -16.88 48.75
N GLU I 198 -7.50 -17.21 50.03
CA GLU I 198 -6.49 -16.66 50.92
C GLU I 198 -5.06 -17.00 50.46
N LYS I 199 -4.19 -15.98 50.47
CA LYS I 199 -2.80 -16.13 50.04
C LYS I 199 -2.01 -17.12 50.92
N GLN I 200 -0.96 -17.69 50.35
CA GLN I 200 -0.16 -18.67 51.06
C GLN I 200 0.83 -17.97 52.01
N LYS I 201 0.85 -16.64 51.96
CA LYS I 201 1.76 -15.84 52.80
C LYS I 201 1.22 -14.43 52.98
N SER I 202 1.69 -13.78 54.02
CA SER I 202 1.46 -12.37 54.17
C SER I 202 2.75 -11.68 53.74
N TYR I 203 2.61 -10.62 52.96
CA TYR I 203 3.78 -9.97 52.40
C TYR I 203 4.12 -8.63 53.02
N LYS I 204 3.59 -8.39 54.22
CA LYS I 204 3.96 -7.21 55.02
C LYS I 204 5.47 -7.18 55.23
N PHE I 205 6.07 -6.03 54.95
CA PHE I 205 7.50 -5.87 55.13
C PHE I 205 7.79 -5.42 56.55
N PRO I 206 8.90 -5.90 57.11
CA PRO I 206 9.45 -5.32 58.34
C PRO I 206 9.79 -3.86 58.08
N ARG I 207 9.32 -2.94 58.92
CA ARG I 207 9.51 -1.51 58.70
C ARG I 207 10.98 -1.11 58.73
N GLY I 208 11.38 -0.23 57.80
CA GLY I 208 12.75 0.20 57.69
C GLY I 208 13.42 -0.47 56.51
N THR I 209 12.69 -1.43 55.94
CA THR I 209 13.21 -2.27 54.88
C THR I 209 13.39 -1.48 53.57
N THR I 210 12.68 -0.37 53.39
CA THR I 210 12.84 0.49 52.20
C THR I 210 13.89 1.57 52.44
N ALA I 211 14.77 1.79 51.47
CA ALA I 211 15.84 2.80 51.60
C ALA I 211 15.36 4.20 51.21
N VAL I 212 15.47 5.14 52.16
CA VAL I 212 14.98 6.50 51.98
C VAL I 212 16.13 7.54 51.94
N LEU I 213 16.06 8.49 51.02
CA LEU I 213 17.05 9.56 50.89
C LEU I 213 16.64 10.86 51.60
N LYS I 214 15.38 11.27 51.45
CA LYS I 214 14.88 12.54 51.99
C LYS I 214 13.48 12.39 52.58
N GLU I 215 13.23 13.15 53.65
CA GLU I 215 11.88 13.27 54.19
C GLU I 215 11.55 14.74 54.20
N SER I 216 10.27 15.05 54.25
CA SER I 216 9.79 16.41 54.44
C SER I 216 8.27 16.38 54.48
N ILE I 217 7.68 16.99 55.51
CA ILE I 217 6.22 17.09 55.56
C ILE I 217 5.73 18.11 54.53
N VAL I 218 4.56 17.84 53.95
CA VAL I 218 4.05 18.63 52.83
C VAL I 218 2.95 19.62 53.24
N ASN I 219 3.00 20.82 52.68
CA ASN I 219 2.06 21.90 53.01
C ASN I 219 0.71 21.85 52.27
N ILE I 220 -0.29 21.22 52.91
CA ILE I 220 -1.65 21.16 52.38
C ILE I 220 -2.31 22.54 52.32
N CYS I 221 -2.31 23.22 53.47
CA CYS I 221 -3.07 24.47 53.63
C CYS I 221 -2.22 25.74 53.45
N ASP I 222 -2.73 26.66 52.63
CA ASP I 222 -2.09 27.96 52.39
C ASP I 222 -2.06 28.85 53.64
N SER J 1 6.11 6.84 18.36
CA SER J 1 4.94 6.28 17.65
C SER J 1 3.77 6.00 18.60
N ASP J 2 4.07 5.45 19.78
CA ASP J 2 3.07 5.42 20.84
C ASP J 2 3.31 6.57 21.79
N PRO J 3 2.39 7.54 21.81
CA PRO J 3 2.59 8.76 22.60
C PRO J 3 2.71 8.44 24.10
N SER J 4 2.02 7.40 24.56
CA SER J 4 2.13 7.04 25.97
C SER J 4 3.42 6.28 26.31
N SER J 5 4.34 6.21 25.35
CA SER J 5 5.57 5.44 25.55
C SER J 5 6.85 6.21 25.17
N ILE J 6 6.72 7.47 24.80
CA ILE J 6 7.89 8.25 24.43
C ILE J 6 8.65 8.68 25.66
N ASN J 7 7.93 9.14 26.67
CA ASN J 7 8.61 9.70 27.83
C ASN J 7 8.84 8.73 28.98
N GLY J 8 7.95 7.75 29.12
CA GLY J 8 8.06 6.75 30.18
C GLY J 8 7.55 7.27 31.52
N GLY J 9 7.52 6.40 32.52
CA GLY J 9 7.15 6.84 33.85
C GLY J 9 5.95 6.08 34.37
N ILE J 10 5.83 6.00 35.70
CA ILE J 10 4.72 5.30 36.34
C ILE J 10 4.18 5.96 37.61
N VAL J 11 2.92 5.67 37.92
CA VAL J 11 2.29 6.15 39.14
C VAL J 11 1.48 5.00 39.71
N VAL J 12 1.61 4.75 41.00
CA VAL J 12 0.75 3.80 41.71
C VAL J 12 0.13 4.46 42.94
N ALA J 13 -1.16 4.19 43.18
CA ALA J 13 -1.85 4.72 44.35
C ALA J 13 -2.46 3.58 45.16
N MET J 14 -2.68 3.81 46.44
CA MET J 14 -3.05 2.74 47.36
C MET J 14 -3.84 3.30 48.54
N THR J 15 -4.80 2.52 49.03
CA THR J 15 -5.55 2.92 50.22
C THR J 15 -5.29 2.01 51.41
N GLY J 16 -4.94 2.62 52.54
CA GLY J 16 -4.86 1.95 53.81
C GLY J 16 -5.78 2.54 54.87
N LYS J 17 -5.64 2.06 56.10
CA LYS J 17 -6.47 2.50 57.21
C LYS J 17 -6.30 3.99 57.50
N ASP J 18 -7.35 4.76 57.21
CA ASP J 18 -7.36 6.21 57.46
C ASP J 18 -6.22 6.93 56.76
N CYS J 19 -5.77 6.37 55.65
CA CYS J 19 -4.67 6.95 54.86
C CYS J 19 -4.78 6.53 53.39
N VAL J 20 -4.03 7.21 52.54
CA VAL J 20 -3.86 6.82 51.15
C VAL J 20 -2.42 7.13 50.79
N ALA J 21 -1.89 6.41 49.83
CA ALA J 21 -0.53 6.65 49.40
C ALA J 21 -0.51 6.78 47.89
N ILE J 22 0.39 7.61 47.39
CA ILE J 22 0.54 7.74 45.95
C ILE J 22 2.01 7.94 45.63
N ALA J 23 2.50 7.15 44.67
CA ALA J 23 3.93 7.16 44.34
C ALA J 23 4.18 7.26 42.84
N CYS J 24 5.34 7.81 42.48
CA CYS J 24 5.74 7.90 41.08
C CYS J 24 7.26 7.78 40.92
N ASP J 25 7.69 7.41 39.71
CA ASP J 25 9.11 7.46 39.39
C ASP J 25 9.48 8.88 39.00
N LEU J 26 10.76 9.10 38.77
CA LEU J 26 11.25 10.44 38.52
C LEU J 26 11.76 10.58 37.10
N ARG J 27 11.67 9.52 36.31
CA ARG J 27 12.31 9.53 34.99
C ARG J 27 11.54 10.35 33.97
N LEU J 28 12.29 11.01 33.10
CA LEU J 28 11.71 11.63 31.91
C LEU J 28 12.71 11.34 30.83
N GLY J 29 12.28 10.69 29.77
CA GLY J 29 13.22 10.40 28.72
C GLY J 29 12.64 10.63 27.36
N SER J 30 13.51 10.62 26.36
CA SER J 30 13.09 10.56 24.97
C SER J 30 13.52 9.21 24.37
N GLN J 31 12.57 8.28 24.28
CA GLN J 31 12.84 6.91 23.91
C GLN J 31 13.94 6.36 24.80
N SER J 32 15.02 5.89 24.20
CA SER J 32 16.11 5.25 24.92
C SER J 32 16.93 6.23 25.77
N LEU J 33 16.82 7.53 25.46
CA LEU J 33 17.69 8.53 26.08
C LEU J 33 17.10 9.08 27.37
N GLY J 34 17.83 8.95 28.47
CA GLY J 34 17.38 9.49 29.74
C GLY J 34 17.68 10.98 29.80
N VAL J 35 16.65 11.81 29.95
CA VAL J 35 16.82 13.25 29.91
C VAL J 35 16.90 13.88 31.30
N SER J 36 15.90 13.59 32.13
CA SER J 36 15.81 14.19 33.46
C SER J 36 15.51 13.16 34.54
N ASN J 37 16.13 13.37 35.69
CA ASN J 37 15.93 12.46 36.79
C ASN J 37 15.07 13.11 37.87
N LYS J 38 14.55 14.30 37.55
CA LYS J 38 13.80 15.07 38.53
C LYS J 38 12.36 15.38 38.13
N PHE J 39 11.87 14.74 37.08
CA PHE J 39 10.51 14.98 36.59
C PHE J 39 9.50 14.25 37.45
N GLU J 40 8.89 14.96 38.40
CA GLU J 40 7.85 14.40 39.24
C GLU J 40 6.50 14.40 38.52
N LYS J 41 5.63 13.46 38.90
CA LYS J 41 4.37 13.23 38.20
C LYS J 41 3.20 13.28 39.20
N ILE J 42 3.53 13.65 40.43
CA ILE J 42 2.53 13.81 41.45
C ILE J 42 2.37 15.28 41.86
N PHE J 43 1.18 15.82 41.62
CA PHE J 43 0.85 17.20 41.96
C PHE J 43 -0.30 17.19 42.94
N HIS J 44 -0.45 18.28 43.70
CA HIS J 44 -1.65 18.43 44.53
C HIS J 44 -2.35 19.78 44.40
N TYR J 45 -3.65 19.76 44.64
CA TYR J 45 -4.47 20.97 44.63
C TYR J 45 -5.21 20.97 45.95
N GLY J 46 -4.75 21.77 46.90
CA GLY J 46 -5.21 21.65 48.25
C GLY J 46 -4.78 20.32 48.83
N HIS J 47 -5.76 19.52 49.24
CA HIS J 47 -5.48 18.19 49.80
C HIS J 47 -5.82 17.08 48.81
N VAL J 48 -6.08 17.45 47.56
CA VAL J 48 -6.28 16.44 46.54
C VAL J 48 -5.01 16.25 45.74
N PHE J 49 -4.55 15.01 45.68
CA PHE J 49 -3.33 14.67 44.95
C PHE J 49 -3.66 14.02 43.64
N LEU J 50 -3.07 14.53 42.57
CA LEU J 50 -3.24 13.94 41.25
C LEU J 50 -1.91 13.51 40.67
N GLY J 51 -1.80 12.23 40.32
CA GLY J 51 -0.61 11.72 39.65
C GLY J 51 -0.90 11.54 38.18
N ILE J 52 -0.01 12.05 37.32
CA ILE J 52 -0.18 11.84 35.88
C ILE J 52 1.00 11.11 35.20
N THR J 53 0.71 10.06 34.43
CA THR J 53 1.75 9.46 33.59
C THR J 53 1.38 9.65 32.13
N GLY J 54 2.31 9.35 31.24
CA GLY J 54 2.06 9.49 29.82
C GLY J 54 2.99 10.50 29.18
N LEU J 55 2.52 11.06 28.06
CA LEU J 55 3.27 12.08 27.33
C LEU J 55 3.54 13.32 28.22
N ALA J 56 4.81 13.70 28.34
CA ALA J 56 5.24 14.69 29.32
C ALA J 56 4.65 16.08 29.09
N THR J 57 4.54 16.48 27.83
CA THR J 57 3.98 17.79 27.50
C THR J 57 2.50 17.87 27.87
N ASP J 58 1.85 16.72 27.98
CA ASP J 58 0.44 16.68 28.34
C ASP J 58 0.31 16.60 29.85
N VAL J 59 1.25 15.91 30.48
CA VAL J 59 1.30 15.84 31.93
C VAL J 59 1.44 17.24 32.47
N THR J 60 2.33 18.01 31.86
CA THR J 60 2.54 19.41 32.24
C THR J 60 1.28 20.22 31.99
N THR J 61 0.80 20.23 30.75
CA THR J 61 -0.43 20.94 30.39
C THR J 61 -1.59 20.58 31.31
N LEU J 62 -1.78 19.30 31.56
CA LEU J 62 -2.88 18.91 32.42
C LEU J 62 -2.75 19.44 33.83
N ASN J 63 -1.53 19.49 34.35
CA ASN J 63 -1.33 20.05 35.68
C ASN J 63 -1.66 21.55 35.73
N GLU J 64 -1.14 22.29 34.76
CA GLU J 64 -1.43 23.71 34.66
C GLU J 64 -2.94 23.93 34.57
N MET J 65 -3.60 23.08 33.79
CA MET J 65 -5.04 23.19 33.59
C MET J 65 -5.83 22.88 34.87
N PHE J 66 -5.44 21.85 35.59
CA PHE J 66 -6.16 21.54 36.83
C PHE J 66 -5.88 22.53 37.96
N ARG J 67 -4.72 23.19 37.92
CA ARG J 67 -4.42 24.28 38.86
C ARG J 67 -5.44 25.39 38.61
N TYR J 68 -5.38 25.97 37.41
CA TYR J 68 -6.38 26.90 36.90
C TYR J 68 -7.81 26.55 37.32
N LYS J 69 -8.24 25.32 37.10
CA LYS J 69 -9.62 24.97 37.38
C LYS J 69 -9.92 24.87 38.88
N THR J 70 -8.95 24.41 39.67
CA THR J 70 -9.23 24.24 41.09
C THR J 70 -9.08 25.56 41.80
N ASN J 71 -8.35 26.47 41.18
CA ASN J 71 -8.28 27.84 41.67
C ASN J 71 -9.63 28.55 41.56
N LEU J 72 -10.19 28.63 40.36
CA LEU J 72 -11.53 29.18 40.16
C LEU J 72 -12.59 28.46 40.98
N TYR J 73 -12.34 27.21 41.35
CA TYR J 73 -13.30 26.45 42.13
C TYR J 73 -13.34 26.97 43.54
N LYS J 74 -12.16 27.03 44.16
CA LYS J 74 -12.01 27.52 45.52
C LYS J 74 -12.58 28.95 45.62
N LEU J 75 -12.34 29.76 44.59
CA LEU J 75 -12.77 31.15 44.56
C LEU J 75 -14.30 31.27 44.57
N LYS J 76 -14.95 30.42 43.79
CA LYS J 76 -16.40 30.47 43.66
C LYS J 76 -17.10 29.75 44.79
N GLU J 77 -16.47 28.69 45.28
CA GLU J 77 -17.13 27.78 46.21
C GLU J 77 -16.75 28.08 47.65
N GLU J 78 -15.61 28.76 47.82
CA GLU J 78 -15.07 29.08 49.15
C GLU J 78 -14.61 27.88 49.97
N ARG J 79 -14.56 26.70 49.38
CA ARG J 79 -13.91 25.55 50.01
C ARG J 79 -12.95 24.91 49.02
N ALA J 80 -12.06 24.06 49.54
CA ALA J 80 -11.17 23.28 48.69
C ALA J 80 -11.96 22.18 48.07
N ILE J 81 -11.63 21.83 46.84
CA ILE J 81 -12.31 20.75 46.14
C ILE J 81 -12.04 19.41 46.80
N GLU J 82 -13.04 18.53 46.82
CA GLU J 82 -12.88 17.18 47.39
C GLU J 82 -12.41 16.17 46.34
N PRO J 83 -11.85 15.02 46.77
CA PRO J 83 -11.40 13.97 45.84
C PRO J 83 -12.44 13.51 44.84
N GLU J 84 -13.66 13.19 45.29
CA GLU J 84 -14.69 12.63 44.42
C GLU J 84 -15.14 13.64 43.37
N THR J 85 -15.22 14.90 43.80
CA THR J 85 -15.61 15.99 42.91
C THR J 85 -14.52 16.21 41.87
N PHE J 86 -13.27 16.15 42.33
CA PHE J 86 -12.14 16.36 41.46
C PHE J 86 -12.09 15.28 40.38
N THR J 87 -12.29 14.05 40.83
CA THR J 87 -12.23 12.90 39.97
C THR J 87 -13.22 13.05 38.80
N GLN J 88 -14.34 13.69 39.10
CA GLN J 88 -15.39 13.97 38.12
C GLN J 88 -14.94 15.08 37.18
N LEU J 89 -14.22 16.05 37.74
CA LEU J 89 -13.70 17.15 36.94
C LEU J 89 -12.61 16.67 35.98
N VAL J 90 -11.83 15.69 36.41
CA VAL J 90 -10.78 15.13 35.56
C VAL J 90 -11.40 14.43 34.36
N SER J 91 -12.37 13.56 34.68
CA SER J 91 -13.10 12.80 33.69
C SER J 91 -13.78 13.65 32.62
N SER J 92 -14.52 14.68 33.04
CA SER J 92 -15.19 15.56 32.10
C SER J 92 -14.20 16.38 31.30
N SER J 93 -13.06 16.68 31.90
CA SER J 93 -12.04 17.43 31.19
C SER J 93 -11.37 16.58 30.10
N LEU J 94 -11.08 15.32 30.40
CA LEU J 94 -10.43 14.45 29.42
C LEU J 94 -11.37 14.18 28.26
N TYR J 95 -12.65 14.00 28.57
CA TYR J 95 -13.64 13.72 27.54
C TYR J 95 -13.91 14.90 26.59
N GLU J 96 -13.58 16.11 27.05
CA GLU J 96 -13.76 17.32 26.23
C GLU J 96 -12.92 17.16 24.97
N ARG J 97 -11.88 16.38 25.10
CA ARG J 97 -10.93 16.18 24.04
C ARG J 97 -11.09 14.79 23.47
N ARG J 98 -12.32 14.30 23.40
CA ARG J 98 -12.58 12.91 23.02
C ARG J 98 -11.89 12.45 21.71
N PHE J 99 -11.92 13.29 20.68
CA PHE J 99 -11.34 12.97 19.37
C PHE J 99 -10.06 13.75 19.12
N GLY J 100 -9.23 13.82 20.14
CA GLY J 100 -7.95 14.49 20.06
C GLY J 100 -7.40 14.57 21.46
N PRO J 101 -7.32 13.41 22.14
CA PRO J 101 -7.17 13.40 23.59
C PRO J 101 -5.77 13.75 24.04
N TYR J 102 -5.67 13.92 25.34
CA TYR J 102 -4.39 14.13 25.98
C TYR J 102 -3.88 12.72 26.23
N PHE J 103 -2.58 12.50 25.97
CA PHE J 103 -2.01 11.16 26.05
C PHE J 103 -1.43 10.86 27.43
N VAL J 104 -2.34 10.67 28.39
CA VAL J 104 -1.96 10.52 29.76
C VAL J 104 -2.78 9.44 30.45
N GLY J 105 -2.31 9.01 31.61
CA GLY J 105 -3.10 8.15 32.47
C GLY J 105 -3.09 8.77 33.86
N PRO J 106 -4.17 9.44 34.24
CA PRO J 106 -4.19 10.17 35.53
C PRO J 106 -4.60 9.28 36.70
N VAL J 107 -4.14 9.63 37.89
CA VAL J 107 -4.51 8.93 39.11
C VAL J 107 -4.78 9.92 40.26
N VAL J 108 -5.95 9.83 40.86
CA VAL J 108 -6.37 10.73 41.94
C VAL J 108 -6.25 10.01 43.28
N ALA J 109 -5.75 10.71 44.30
CA ALA J 109 -5.71 10.17 45.65
C ALA J 109 -5.95 11.25 46.70
N GLY J 110 -6.68 10.91 47.76
CA GLY J 110 -6.94 11.85 48.83
C GLY J 110 -7.92 11.39 49.88
N ILE J 111 -8.10 12.25 50.88
CA ILE J 111 -9.02 11.96 51.97
C ILE J 111 -10.10 13.03 52.06
N ASN J 112 -11.34 12.59 51.97
CA ASN J 112 -12.48 13.49 52.07
C ASN J 112 -12.45 14.19 53.42
N SER J 113 -12.38 15.53 53.41
CA SER J 113 -12.15 16.29 54.62
C SER J 113 -13.37 16.28 55.52
N LYS J 114 -14.54 16.07 54.92
CA LYS J 114 -15.76 15.94 55.72
C LYS J 114 -16.02 14.49 56.11
N SER J 115 -16.13 13.60 55.12
CA SER J 115 -16.45 12.19 55.40
C SER J 115 -15.26 11.42 56.00
N GLY J 116 -14.04 11.90 55.81
CA GLY J 116 -12.87 11.28 56.39
C GLY J 116 -12.32 10.07 55.61
N LYS J 117 -13.18 9.46 54.81
CA LYS J 117 -12.84 8.25 54.07
C LYS J 117 -11.74 8.46 53.02
N PRO J 118 -10.86 7.45 52.86
CA PRO J 118 -9.79 7.54 51.87
C PRO J 118 -10.34 7.26 50.49
N PHE J 119 -9.74 7.86 49.47
CA PHE J 119 -10.26 7.74 48.11
C PHE J 119 -9.17 7.71 47.04
N ILE J 120 -9.25 6.74 46.12
CA ILE J 120 -8.41 6.73 44.92
C ILE J 120 -9.18 6.37 43.64
N ALA J 121 -8.76 6.94 42.52
CA ALA J 121 -9.36 6.62 41.23
C ALA J 121 -8.35 6.72 40.07
N GLY J 122 -8.68 6.07 38.96
CA GLY J 122 -7.86 6.16 37.77
C GLY J 122 -8.71 6.32 36.51
N PHE J 123 -8.07 6.74 35.44
CA PHE J 123 -8.77 7.01 34.19
C PHE J 123 -7.91 6.55 33.02
N ASP J 124 -8.53 6.31 31.88
CA ASP J 124 -7.78 6.25 30.63
C ASP J 124 -7.65 7.67 30.04
N LEU J 125 -7.12 7.78 28.83
CA LEU J 125 -6.83 9.09 28.23
C LEU J 125 -8.08 9.88 27.76
N ILE J 126 -9.26 9.29 27.88
CA ILE J 126 -10.48 9.99 27.52
C ILE J 126 -11.53 9.99 28.63
N GLY J 127 -11.10 9.69 29.87
CA GLY J 127 -11.90 9.98 31.05
C GLY J 127 -12.72 8.90 31.73
N CYS J 128 -12.74 7.67 31.20
CA CYS J 128 -13.45 6.60 31.91
C CYS J 128 -12.82 6.36 33.28
N ILE J 129 -13.67 6.22 34.30
CA ILE J 129 -13.22 6.25 35.69
C ILE J 129 -13.07 4.86 36.30
N ASP J 130 -11.84 4.51 36.67
CA ASP J 130 -11.57 3.30 37.46
C ASP J 130 -11.78 3.66 38.94
N GLU J 131 -12.79 3.04 39.53
CA GLU J 131 -13.32 3.47 40.83
C GLU J 131 -12.86 2.59 42.00
N ALA J 132 -11.74 1.90 41.79
CA ALA J 132 -11.25 0.87 42.73
C ALA J 132 -10.99 1.39 44.14
N LYS J 133 -11.16 0.51 45.11
CA LYS J 133 -10.92 0.85 46.51
C LYS J 133 -9.54 0.40 47.02
N ASP J 134 -8.87 -0.51 46.30
CA ASP J 134 -7.58 -1.03 46.75
C ASP J 134 -6.35 -0.27 46.21
N PHE J 135 -6.09 -0.38 44.90
CA PHE J 135 -4.94 0.31 44.30
C PHE J 135 -5.21 0.69 42.85
N ILE J 136 -4.55 1.74 42.37
CA ILE J 136 -4.66 2.13 40.98
C ILE J 136 -3.26 2.26 40.37
N VAL J 137 -3.08 1.72 39.16
CA VAL J 137 -1.77 1.78 38.52
C VAL J 137 -1.81 2.46 37.15
N SER J 138 -0.67 3.06 36.76
CA SER J 138 -0.62 3.81 35.53
C SER J 138 0.79 3.89 34.95
N GLY J 139 0.89 3.86 33.62
CA GLY J 139 2.16 4.08 32.96
C GLY J 139 2.74 2.88 32.23
N THR J 140 4.04 2.98 31.94
CA THR J 140 4.73 2.02 31.08
C THR J 140 5.00 0.67 31.77
N ALA J 141 5.15 0.70 33.09
CA ALA J 141 5.25 -0.52 33.91
C ALA J 141 3.93 -0.84 34.61
N SER J 142 2.81 -0.49 34.00
CA SER J 142 1.49 -0.74 34.59
C SER J 142 1.20 -2.24 34.78
N ASP J 143 1.76 -3.07 33.90
CA ASP J 143 1.68 -4.53 34.00
C ASP J 143 2.44 -5.11 35.20
N GLN J 144 3.71 -4.76 35.30
CA GLN J 144 4.53 -5.11 36.45
C GLN J 144 3.85 -4.63 37.73
N LEU J 145 3.46 -3.35 37.73
CA LEU J 145 2.71 -2.74 38.83
C LEU J 145 1.48 -3.56 39.27
N PHE J 146 0.66 -4.01 38.32
CA PHE J 146 -0.46 -4.89 38.65
C PHE J 146 -0.05 -6.17 39.34
N GLY J 147 0.95 -6.85 38.78
CA GLY J 147 1.44 -8.09 39.36
C GLY J 147 1.93 -7.89 40.78
N MET J 148 2.69 -6.82 41.00
CA MET J 148 3.24 -6.57 42.31
C MET J 148 2.20 -6.20 43.35
N CYS J 149 1.23 -5.41 42.92
CA CYS J 149 0.18 -4.94 43.80
C CYS J 149 -0.72 -6.08 44.25
N GLU J 150 -1.25 -6.84 43.29
CA GLU J 150 -2.11 -7.96 43.61
C GLU J 150 -1.52 -8.89 44.69
N SER J 151 -0.20 -9.05 44.68
CA SER J 151 0.45 -9.90 45.66
C SER J 151 0.65 -9.16 46.98
N LEU J 152 1.37 -8.04 46.91
CA LEU J 152 1.79 -7.29 48.08
C LEU J 152 0.66 -6.65 48.90
N TYR J 153 -0.41 -6.24 48.22
CA TYR J 153 -1.47 -5.50 48.89
C TYR J 153 -2.31 -6.37 49.82
N GLU J 154 -2.48 -5.89 51.06
CA GLU J 154 -3.55 -6.34 51.94
C GLU J 154 -4.25 -5.09 52.48
N PRO J 155 -5.55 -5.18 52.78
CA PRO J 155 -6.31 -3.96 53.11
C PRO J 155 -6.04 -3.47 54.54
N ASN J 156 -6.35 -2.19 54.78
CA ASN J 156 -6.26 -1.62 56.12
C ASN J 156 -4.85 -1.54 56.70
N LEU J 157 -3.87 -1.24 55.87
CA LEU J 157 -2.52 -1.11 56.38
C LEU J 157 -2.33 0.24 57.07
N GLU J 158 -1.75 0.21 58.27
CA GLU J 158 -1.27 1.41 58.95
C GLU J 158 -0.30 2.16 58.07
N PRO J 159 -0.21 3.48 58.23
CA PRO J 159 0.63 4.31 57.35
C PRO J 159 2.07 3.80 57.21
N GLU J 160 2.71 3.42 58.31
CA GLU J 160 4.12 3.04 58.28
C GLU J 160 4.32 1.80 57.42
N ASP J 161 3.35 0.89 57.51
CA ASP J 161 3.32 -0.32 56.72
C ASP J 161 3.03 0.01 55.26
N LEU J 162 1.88 0.61 55.00
CA LEU J 162 1.48 1.01 53.64
C LEU J 162 2.60 1.72 52.87
N PHE J 163 3.41 2.50 53.58
CA PHE J 163 4.60 3.07 52.96
C PHE J 163 5.58 2.01 52.46
N GLU J 164 5.84 1.01 53.29
CA GLU J 164 6.75 -0.08 52.92
C GLU J 164 6.19 -0.78 51.72
N THR J 165 4.90 -1.11 51.79
CA THR J 165 4.22 -1.83 50.72
C THR J 165 4.25 -1.09 49.38
N ILE J 166 3.75 0.15 49.36
CA ILE J 166 3.67 0.91 48.11
C ILE J 166 5.04 1.21 47.52
N SER J 167 6.07 1.34 48.37
CA SER J 167 7.41 1.61 47.88
C SER J 167 7.98 0.39 47.18
N GLN J 168 7.79 -0.77 47.81
CA GLN J 168 8.28 -2.00 47.25
C GLN J 168 7.53 -2.34 45.95
N ALA J 169 6.26 -1.96 45.87
CA ALA J 169 5.51 -2.19 44.65
C ALA J 169 6.11 -1.35 43.52
N LEU J 170 6.32 -0.08 43.81
CA LEU J 170 6.87 0.86 42.84
C LEU J 170 8.26 0.45 42.40
N LEU J 171 9.14 0.26 43.37
CA LEU J 171 10.56 -0.04 43.13
C LEU J 171 10.80 -1.22 42.18
N ASN J 172 10.30 -2.40 42.55
CA ASN J 172 10.60 -3.59 41.77
C ASN J 172 9.95 -3.56 40.40
N ALA J 173 8.79 -2.94 40.30
CA ALA J 173 8.11 -2.87 39.01
C ALA J 173 8.87 -1.96 38.05
N ALA J 174 9.48 -0.91 38.58
CA ALA J 174 10.24 0.06 37.78
C ALA J 174 11.58 -0.52 37.33
N ASP J 175 12.00 -1.56 38.03
CA ASP J 175 13.27 -2.19 37.74
C ASP J 175 13.10 -3.23 36.64
N ARG J 176 11.84 -3.53 36.34
CA ARG J 176 11.49 -4.42 35.22
C ARG J 176 10.94 -3.65 34.00
N ASP J 177 11.20 -2.35 33.97
CA ASP J 177 10.76 -1.47 32.89
C ASP J 177 11.89 -0.55 32.51
N ALA J 178 12.27 -0.60 31.24
CA ALA J 178 13.37 0.20 30.73
C ALA J 178 13.07 1.69 30.77
N LEU J 179 11.78 2.02 30.70
CA LEU J 179 11.35 3.39 30.53
C LEU J 179 10.95 4.10 31.85
N SER J 180 11.12 3.40 32.97
CA SER J 180 10.82 3.93 34.30
C SER J 180 11.97 3.80 35.29
N GLY J 181 11.95 4.63 36.34
CA GLY J 181 12.99 4.64 37.36
C GLY J 181 13.67 5.99 37.55
N TRP J 182 14.97 5.94 37.86
CA TRP J 182 15.81 7.12 38.08
C TRP J 182 15.45 7.89 39.34
N GLY J 183 14.84 7.19 40.29
CA GLY J 183 14.43 7.83 41.53
C GLY J 183 12.94 7.72 41.71
N ALA J 184 12.46 8.00 42.91
CA ALA J 184 11.06 7.79 43.21
C ALA J 184 10.65 8.67 44.36
N VAL J 185 9.36 9.04 44.40
CA VAL J 185 8.80 9.77 45.53
C VAL J 185 7.50 9.11 45.97
N VAL J 186 7.33 9.00 47.28
CA VAL J 186 6.13 8.41 47.88
C VAL J 186 5.48 9.45 48.77
N TYR J 187 4.16 9.63 48.62
CA TYR J 187 3.40 10.52 49.49
C TYR J 187 2.55 9.71 50.45
N ILE J 188 2.88 9.72 51.74
CA ILE J 188 1.93 9.20 52.73
C ILE J 188 1.02 10.33 53.18
N ILE J 189 -0.29 10.07 53.10
CA ILE J 189 -1.31 11.08 53.24
C ILE J 189 -2.29 10.72 54.34
N LYS J 190 -2.41 11.58 55.34
CA LYS J 190 -3.48 11.45 56.31
C LYS J 190 -4.28 12.77 56.37
N LYS J 191 -5.35 12.82 57.15
CA LYS J 191 -6.14 14.04 57.30
C LYS J 191 -5.32 15.18 57.90
N ASP J 192 -4.57 14.86 58.94
CA ASP J 192 -3.72 15.83 59.63
C ASP J 192 -2.51 16.27 58.79
N GLU J 193 -1.65 15.31 58.43
CA GLU J 193 -0.43 15.64 57.70
C GLU J 193 -0.11 14.74 56.51
N VAL J 194 0.75 15.25 55.65
CA VAL J 194 1.21 14.56 54.46
C VAL J 194 2.73 14.56 54.45
N VAL J 195 3.29 13.36 54.43
CA VAL J 195 4.74 13.16 54.45
C VAL J 195 5.20 12.76 53.06
N LYS J 196 6.36 13.25 52.65
CA LYS J 196 6.86 12.96 51.32
C LYS J 196 8.29 12.45 51.41
N ARG J 197 8.51 11.21 50.99
CA ARG J 197 9.85 10.62 51.02
C ARG J 197 10.39 10.29 49.63
N TYR J 198 11.67 10.58 49.41
CA TYR J 198 12.37 10.21 48.18
C TYR J 198 13.12 8.91 48.43
N LEU J 199 12.80 7.89 47.65
CA LEU J 199 13.44 6.58 47.78
C LEU J 199 14.81 6.55 47.13
N LYS J 200 15.67 5.65 47.62
CA LYS J 200 16.94 5.32 46.97
C LYS J 200 16.76 4.07 46.09
N MET J 201 17.24 4.16 44.85
CA MET J 201 17.07 3.08 43.89
C MET J 201 18.16 3.15 42.85
N ARG J 202 18.41 2.00 42.22
CA ARG J 202 19.43 1.90 41.18
C ARG J 202 19.19 2.92 40.08
N GLN J 203 20.27 3.52 39.61
CA GLN J 203 20.17 4.62 38.68
C GLN J 203 20.48 4.20 37.24
N ASP J 204 20.00 3.02 36.84
CA ASP J 204 20.16 2.57 35.45
C ASP J 204 18.86 2.19 34.72
N MET K 1 20.49 16.61 11.62
CA MET K 1 20.39 17.36 12.87
C MET K 1 21.71 18.10 13.23
N ASP K 2 21.55 19.32 13.74
CA ASP K 2 22.67 20.20 14.09
C ASP K 2 22.77 20.43 15.61
N ILE K 3 23.94 20.87 16.08
CA ILE K 3 24.27 20.84 17.51
C ILE K 3 23.66 21.96 18.33
N ILE K 4 22.93 21.55 19.37
CA ILE K 4 22.36 22.49 20.31
C ILE K 4 22.79 22.08 21.72
N LEU K 5 23.67 22.87 22.33
CA LEU K 5 24.27 22.56 23.63
C LEU K 5 24.17 23.67 24.66
N GLY K 6 23.92 23.29 25.90
CA GLY K 6 23.92 24.24 26.98
C GLY K 6 24.47 23.70 28.28
N ILE K 7 25.34 24.48 28.93
CA ILE K 7 25.65 24.17 30.31
C ILE K 7 25.50 25.37 31.25
N ARG K 8 24.86 25.11 32.38
CA ARG K 8 24.72 26.08 33.45
C ARG K 8 25.78 25.82 34.52
N VAL K 9 26.68 26.79 34.70
CA VAL K 9 27.76 26.68 35.66
C VAL K 9 27.44 27.38 36.96
N GLN K 10 28.43 28.04 37.55
CA GLN K 10 28.20 28.65 38.84
C GLN K 10 27.33 29.90 38.73
N ASP K 11 27.59 30.72 37.72
CA ASP K 11 27.03 32.05 37.69
C ASP K 11 26.73 32.50 36.27
N SER K 12 26.65 31.55 35.36
CA SER K 12 26.32 31.87 33.97
C SER K 12 25.79 30.65 33.24
N VAL K 13 25.30 30.87 32.03
CA VAL K 13 24.85 29.79 31.16
C VAL K 13 25.60 29.87 29.84
N ILE K 14 26.20 28.76 29.45
CA ILE K 14 26.89 28.71 28.17
C ILE K 14 26.02 28.02 27.11
N LEU K 15 25.97 28.59 25.91
CA LEU K 15 25.23 27.98 24.80
C LEU K 15 26.13 27.82 23.59
N ALA K 16 26.36 26.57 23.20
CA ALA K 16 27.12 26.24 22.00
C ALA K 16 26.17 25.75 20.91
N SER K 17 26.28 26.33 19.73
CA SER K 17 25.34 26.02 18.66
C SER K 17 26.11 25.83 17.36
N SER K 18 25.76 24.81 16.58
CA SER K 18 26.55 24.45 15.41
C SER K 18 26.39 25.52 14.32
N LYS K 19 27.43 25.72 13.51
CA LYS K 19 27.44 26.82 12.55
C LYS K 19 26.94 26.47 11.14
N ALA K 20 26.74 25.19 10.86
CA ALA K 20 26.44 24.76 9.49
C ALA K 20 24.95 24.81 9.12
N VAL K 21 24.69 25.15 7.86
CA VAL K 21 23.35 25.06 7.29
C VAL K 21 23.45 24.29 5.99
N THR K 22 22.79 23.15 5.93
CA THR K 22 22.91 22.29 4.77
C THR K 22 21.58 22.05 4.12
N ARG K 23 21.51 22.33 2.82
CA ARG K 23 20.35 21.98 2.02
C ARG K 23 20.82 21.13 0.86
N GLY K 24 20.25 19.94 0.74
CA GLY K 24 20.62 19.04 -0.34
C GLY K 24 21.94 18.38 0.02
N ILE K 25 22.85 18.34 -0.93
CA ILE K 25 24.17 17.79 -0.69
C ILE K 25 25.24 18.88 -0.52
N SER K 26 24.82 20.14 -0.58
CA SER K 26 25.76 21.23 -0.37
C SER K 26 25.58 21.83 1.01
N VAL K 27 26.71 22.13 1.65
CA VAL K 27 26.69 22.92 2.88
C VAL K 27 26.63 24.40 2.50
N LEU K 28 25.43 24.98 2.65
CA LEU K 28 25.13 26.34 2.20
C LEU K 28 25.77 27.48 3.01
N LYS K 29 26.02 27.26 4.30
CA LYS K 29 26.71 28.25 5.11
C LYS K 29 27.48 27.58 6.23
N ASP K 30 28.62 28.17 6.56
CA ASP K 30 29.43 27.69 7.67
C ASP K 30 29.52 28.70 8.82
N SER K 31 28.58 29.65 8.88
CA SER K 31 28.60 30.67 9.93
C SER K 31 27.21 31.12 10.34
N ASP K 32 26.42 30.19 10.86
CA ASP K 32 25.04 30.47 11.14
C ASP K 32 24.86 30.60 12.64
N ASP K 33 24.14 31.65 13.05
CA ASP K 33 23.85 31.87 14.46
C ASP K 33 22.47 31.35 14.84
N LYS K 34 22.45 30.26 15.60
CA LYS K 34 21.19 29.65 15.98
C LYS K 34 20.77 30.10 17.36
N THR K 35 20.94 31.39 17.63
CA THR K 35 20.34 32.01 18.81
C THR K 35 19.53 33.29 18.52
N ARG K 36 18.60 33.59 19.42
CA ARG K 36 18.02 34.92 19.51
C ARG K 36 18.12 35.38 20.96
N GLN K 37 18.48 36.64 21.12
CA GLN K 37 18.37 37.32 22.41
C GLN K 37 16.91 37.69 22.62
N LEU K 38 16.31 37.19 23.69
CA LEU K 38 14.92 37.45 23.98
C LEU K 38 14.76 38.71 24.85
N SER K 39 15.59 38.81 25.89
CA SER K 39 15.70 40.04 26.69
C SER K 39 17.20 40.17 26.97
N PRO K 40 17.64 41.26 27.63
CA PRO K 40 19.11 41.33 27.72
C PRO K 40 19.78 40.28 28.63
N HIS K 41 18.99 39.50 29.36
CA HIS K 41 19.56 38.43 30.20
C HIS K 41 18.97 37.05 29.88
N THR K 42 18.33 36.95 28.73
CA THR K 42 17.71 35.70 28.32
C THR K 42 18.02 35.39 26.85
N LEU K 43 18.75 34.29 26.63
CA LEU K 43 19.18 33.87 25.30
C LEU K 43 18.44 32.59 24.92
N MET K 44 18.11 32.44 23.64
CA MET K 44 17.45 31.22 23.18
C MET K 44 18.14 30.63 21.95
N SER K 45 18.56 29.37 22.04
CA SER K 45 19.05 28.66 20.88
C SER K 45 18.01 27.68 20.35
N PHE K 46 18.16 27.24 19.11
CA PHE K 46 17.12 26.46 18.47
C PHE K 46 17.60 25.62 17.28
N ALA K 47 16.93 24.49 17.05
CA ALA K 47 17.25 23.62 15.91
C ALA K 47 16.01 22.85 15.49
N GLY K 48 15.91 22.55 14.19
CA GLY K 48 14.78 21.78 13.69
C GLY K 48 14.50 21.99 12.21
N GLU K 49 13.25 21.81 11.85
CA GLU K 49 12.79 21.98 10.48
C GLU K 49 13.24 23.33 9.92
N ALA K 50 13.59 23.37 8.64
CA ALA K 50 13.91 24.64 7.97
C ALA K 50 12.69 25.54 7.95
N GLY K 51 12.89 26.85 8.08
CA GLY K 51 11.77 27.79 8.14
C GLY K 51 11.28 27.92 9.57
N ASP K 52 10.49 26.94 10.03
CA ASP K 52 9.92 26.89 11.38
C ASP K 52 10.87 27.38 12.46
N THR K 53 12.14 27.10 12.26
CA THR K 53 13.14 27.30 13.28
C THR K 53 13.31 28.79 13.61
N VAL K 54 13.44 29.62 12.58
CA VAL K 54 13.69 31.03 12.74
C VAL K 54 12.38 31.77 12.99
N GLN K 55 11.36 31.42 12.20
CA GLN K 55 10.02 32.00 12.33
C GLN K 55 9.49 31.91 13.75
N PHE K 56 9.69 30.75 14.37
CA PHE K 56 9.31 30.60 15.76
C PHE K 56 10.17 31.45 16.68
N ALA K 57 11.50 31.33 16.59
CA ALA K 57 12.39 32.08 17.48
C ALA K 57 12.10 33.58 17.47
N GLU K 58 11.87 34.12 16.28
CA GLU K 58 11.67 35.55 16.14
C GLU K 58 10.29 35.93 16.63
N TYR K 59 9.32 35.07 16.37
CA TYR K 59 8.00 35.21 16.99
C TYR K 59 8.13 35.37 18.51
N ILE K 60 8.79 34.41 19.16
CA ILE K 60 8.99 34.48 20.60
C ILE K 60 9.71 35.78 20.95
N GLN K 61 10.71 36.14 20.17
CA GLN K 61 11.51 37.32 20.44
C GLN K 61 10.61 38.55 20.54
N ALA K 62 9.89 38.82 19.46
CA ALA K 62 8.94 39.93 19.39
C ALA K 62 8.03 39.98 20.62
N ASN K 63 7.49 38.83 20.97
CA ASN K 63 6.64 38.73 22.15
C ASN K 63 7.30 39.11 23.46
N ILE K 64 8.52 38.68 23.71
CA ILE K 64 9.15 39.02 24.98
C ILE K 64 9.58 40.48 24.97
N GLN K 65 9.90 40.98 23.79
CA GLN K 65 10.22 42.39 23.67
C GLN K 65 9.00 43.27 23.96
N LEU K 66 7.85 42.90 23.40
CA LEU K 66 6.62 43.62 23.63
C LEU K 66 6.36 43.70 25.13
N TYR K 67 6.34 42.56 25.80
CA TYR K 67 6.12 42.52 27.25
C TYR K 67 7.07 43.46 27.98
N SER K 68 8.35 43.42 27.62
CA SER K 68 9.37 44.25 28.25
C SER K 68 9.03 45.72 28.14
N ILE K 69 8.65 46.14 26.93
CA ILE K 69 8.22 47.51 26.71
C ILE K 69 6.94 47.82 27.50
N ARG K 70 5.97 46.94 27.43
CA ARG K 70 4.70 47.17 28.09
C ARG K 70 4.86 47.30 29.61
N GLU K 71 5.70 46.48 30.23
CA GLU K 71 5.82 46.55 31.69
C GLU K 71 7.03 47.33 32.18
N ASP K 72 7.87 47.81 31.25
CA ASP K 72 9.16 48.40 31.61
C ASP K 72 9.86 47.48 32.61
N TYR K 73 9.91 46.20 32.24
CA TYR K 73 10.37 45.14 33.12
C TYR K 73 10.83 43.92 32.31
N GLU K 74 11.70 43.10 32.90
CA GLU K 74 12.27 41.94 32.21
C GLU K 74 11.80 40.64 32.86
N LEU K 75 10.98 39.87 32.13
CA LEU K 75 10.46 38.59 32.62
C LEU K 75 11.60 37.72 33.09
N SER K 76 11.39 37.00 34.18
CA SER K 76 12.36 36.02 34.62
C SER K 76 12.50 34.91 33.58
N PRO K 77 13.68 34.27 33.53
CA PRO K 77 13.91 33.07 32.71
C PRO K 77 12.79 32.04 32.86
N GLN K 78 12.36 31.78 34.09
CA GLN K 78 11.31 30.81 34.31
C GLN K 78 9.99 31.24 33.65
N ALA K 79 9.73 32.54 33.64
CA ALA K 79 8.51 33.03 33.02
C ALA K 79 8.60 32.98 31.50
N VAL K 80 9.80 33.20 30.96
CA VAL K 80 9.97 33.20 29.50
C VAL K 80 9.84 31.80 28.94
N SER K 81 10.31 30.82 29.69
CA SER K 81 10.35 29.47 29.21
C SER K 81 8.94 28.88 29.28
N SER K 82 8.21 29.22 30.33
CA SER K 82 6.82 28.75 30.47
C SER K 82 6.00 29.33 29.34
N PHE K 83 6.26 30.59 29.02
CA PHE K 83 5.62 31.20 27.88
C PHE K 83 5.93 30.37 26.66
N VAL K 84 7.21 30.05 26.47
CA VAL K 84 7.66 29.36 25.25
C VAL K 84 7.12 27.93 25.18
N ARG K 85 7.22 27.19 26.28
CA ARG K 85 6.64 25.86 26.32
C ARG K 85 5.18 25.85 25.88
N GLN K 86 4.42 26.85 26.34
CA GLN K 86 3.00 26.90 26.06
C GLN K 86 2.73 27.16 24.59
N GLU K 87 3.55 28.02 23.97
CA GLU K 87 3.43 28.24 22.54
C GLU K 87 3.65 26.93 21.80
N LEU K 88 4.66 26.18 22.23
CA LEU K 88 5.00 24.92 21.61
C LEU K 88 3.88 23.88 21.81
N ALA K 89 3.43 23.74 23.05
CA ALA K 89 2.30 22.86 23.38
C ALA K 89 1.00 23.17 22.62
N LYS K 90 0.85 24.42 22.18
CA LYS K 90 -0.31 24.84 21.39
C LYS K 90 -0.14 24.36 19.95
N SER K 91 1.07 24.55 19.44
CA SER K 91 1.35 24.30 18.03
C SER K 91 1.43 22.80 17.73
N ILE K 92 1.67 22.00 18.74
CA ILE K 92 1.76 20.57 18.52
C ILE K 92 0.40 20.00 18.10
N ARG K 93 -0.67 20.64 18.55
CA ARG K 93 -2.03 20.22 18.19
C ARG K 93 -2.63 21.08 17.10
N SER K 94 -1.82 21.99 16.56
CA SER K 94 -2.24 22.84 15.45
C SER K 94 -2.23 22.06 14.13
N ARG K 95 -2.63 22.72 13.06
CA ARG K 95 -2.73 22.09 11.76
C ARG K 95 -1.34 21.84 11.18
N ARG K 96 -0.41 22.74 11.49
CA ARG K 96 0.98 22.56 11.10
C ARG K 96 1.93 23.01 12.20
N PRO K 97 2.38 22.05 13.03
CA PRO K 97 3.31 22.33 14.14
C PRO K 97 4.63 22.93 13.69
N TYR K 98 5.19 23.82 14.49
CA TYR K 98 6.57 24.23 14.31
C TYR K 98 7.41 23.06 14.73
N GLN K 99 8.33 22.62 13.88
CA GLN K 99 9.23 21.58 14.33
C GLN K 99 10.56 22.14 14.82
N VAL K 100 10.53 22.66 16.05
CA VAL K 100 11.61 23.45 16.60
C VAL K 100 11.92 22.98 18.04
N ASN K 101 13.20 22.81 18.34
CA ASN K 101 13.64 22.44 19.68
C ASN K 101 14.51 23.56 20.22
N VAL K 102 14.39 23.88 21.50
CA VAL K 102 15.10 25.05 21.97
C VAL K 102 15.74 24.83 23.31
N LEU K 103 16.85 25.51 23.51
CA LEU K 103 17.41 25.70 24.83
C LEU K 103 17.20 27.16 25.18
N ILE K 104 16.74 27.42 26.40
CA ILE K 104 16.65 28.79 26.88
C ILE K 104 17.64 29.02 28.05
N GLY K 105 18.62 29.88 27.81
CA GLY K 105 19.60 30.21 28.82
C GLY K 105 19.50 31.64 29.30
N GLY K 106 19.26 31.80 30.60
CA GLY K 106 19.09 33.11 31.17
C GLY K 106 19.69 33.29 32.55
N TYR K 107 20.04 34.53 32.89
CA TYR K 107 20.45 34.87 34.24
C TYR K 107 19.32 35.60 34.94
N ASP K 108 18.75 34.96 35.95
CA ASP K 108 17.69 35.55 36.74
C ASP K 108 18.24 36.66 37.64
N LYS K 109 17.90 37.91 37.34
CA LYS K 109 18.45 39.04 38.09
C LYS K 109 17.94 39.19 39.55
N LYS K 110 16.66 38.91 39.77
CA LYS K 110 16.09 38.90 41.12
C LYS K 110 16.71 37.82 41.99
N LYS K 111 16.75 36.60 41.47
CA LYS K 111 17.19 35.42 42.21
C LYS K 111 18.71 35.31 42.25
N ASN K 112 19.36 35.99 41.30
CA ASN K 112 20.82 35.97 41.14
C ASN K 112 21.39 34.59 40.85
N LYS K 113 20.77 33.91 39.90
CA LYS K 113 21.12 32.55 39.51
C LYS K 113 21.05 32.38 37.99
N PRO K 114 21.97 31.59 37.42
CA PRO K 114 21.80 31.23 36.01
C PRO K 114 20.87 30.03 35.93
N GLU K 115 20.13 29.93 34.83
CA GLU K 115 19.11 28.90 34.66
C GLU K 115 19.10 28.44 33.21
N LEU K 116 19.10 27.11 33.01
CA LEU K 116 19.04 26.53 31.67
C LEU K 116 17.79 25.67 31.53
N TYR K 117 17.04 25.88 30.46
CA TYR K 117 15.80 25.15 30.19
C TYR K 117 15.88 24.50 28.82
N GLN K 118 15.36 23.29 28.73
CA GLN K 118 15.34 22.53 27.50
C GLN K 118 13.88 22.28 27.17
N ILE K 119 13.48 22.60 25.93
CA ILE K 119 12.10 22.44 25.52
C ILE K 119 12.05 21.87 24.10
N ASP K 120 11.43 20.72 23.91
CA ASP K 120 11.36 20.16 22.57
C ASP K 120 10.06 20.61 21.91
N TYR K 121 9.87 20.32 20.62
CA TYR K 121 8.74 20.85 19.87
C TYR K 121 7.37 20.32 20.32
N LEU K 122 7.35 19.36 21.24
CA LEU K 122 6.10 18.87 21.80
C LEU K 122 5.62 19.79 22.95
N GLY K 123 6.55 20.55 23.51
CA GLY K 123 6.25 21.32 24.69
C GLY K 123 6.73 20.62 25.94
N THR K 124 7.76 19.79 25.81
CA THR K 124 8.32 19.05 26.92
C THR K 124 9.39 19.95 27.49
N LYS K 125 9.23 20.41 28.73
CA LYS K 125 10.23 21.30 29.30
C LYS K 125 10.85 20.72 30.57
N VAL K 126 12.12 20.97 30.78
CA VAL K 126 12.73 20.60 32.05
C VAL K 126 13.90 21.55 32.31
N GLU K 127 14.21 21.78 33.59
CA GLU K 127 15.32 22.63 33.97
C GLU K 127 16.52 21.75 34.30
N LEU K 128 17.70 22.13 33.81
CA LEU K 128 18.84 21.24 33.71
C LEU K 128 20.20 21.93 33.91
N PRO K 129 21.15 21.24 34.57
CA PRO K 129 22.52 21.74 34.62
C PRO K 129 23.14 21.69 33.23
N TYR K 130 22.78 20.68 32.45
CA TYR K 130 23.24 20.61 31.06
C TYR K 130 22.22 19.89 30.19
N GLY K 131 22.11 20.33 28.95
CA GLY K 131 21.12 19.78 28.05
C GLY K 131 21.56 19.86 26.61
N ALA K 132 20.75 19.27 25.75
CA ALA K 132 21.07 19.15 24.34
C ALA K 132 19.84 18.69 23.57
N HIS K 133 19.84 18.92 22.27
CA HIS K 133 18.75 18.49 21.42
C HIS K 133 19.30 17.75 20.22
N GLY K 134 18.67 16.62 19.91
CA GLY K 134 19.07 15.81 18.78
C GLY K 134 19.92 14.63 19.21
N TYR K 135 20.93 14.30 18.40
CA TYR K 135 21.88 13.28 18.79
C TYR K 135 22.98 13.88 19.65
N SER K 136 23.05 15.21 19.68
CA SER K 136 24.10 15.92 20.42
C SER K 136 24.34 15.35 21.81
N GLY K 137 23.27 14.89 22.46
CA GLY K 137 23.38 14.42 23.82
C GLY K 137 23.93 13.02 23.95
N PHE K 138 23.68 12.18 22.95
CA PHE K 138 24.18 10.81 22.93
C PHE K 138 25.71 10.75 23.03
N TYR K 139 26.40 11.64 22.32
CA TYR K 139 27.87 11.70 22.43
C TYR K 139 28.33 12.36 23.72
N THR K 140 27.67 13.45 24.08
CA THR K 140 28.18 14.38 25.09
C THR K 140 27.70 14.15 26.52
N PHE K 141 26.57 13.48 26.71
CA PHE K 141 26.02 13.36 28.05
C PHE K 141 26.92 12.60 29.01
N SER K 142 27.75 11.72 28.46
CA SER K 142 28.61 10.88 29.27
C SER K 142 29.75 11.71 29.86
N LEU K 143 30.34 12.57 29.03
CA LEU K 143 31.36 13.51 29.46
C LEU K 143 30.85 14.46 30.55
N LEU K 144 29.64 14.96 30.37
CA LEU K 144 29.06 15.89 31.32
C LEU K 144 28.66 15.20 32.65
N ASP K 145 28.09 13.99 32.56
CA ASP K 145 27.74 13.27 33.78
C ASP K 145 28.99 13.06 34.63
N HIS K 146 30.12 12.89 33.96
CA HIS K 146 31.37 12.64 34.64
C HIS K 146 31.90 13.92 35.27
N HIS K 147 32.10 14.93 34.44
CA HIS K 147 32.89 16.10 34.79
C HIS K 147 32.14 17.28 35.43
N TYR K 148 30.81 17.30 35.33
CA TYR K 148 30.04 18.46 35.80
C TYR K 148 30.06 18.70 37.31
N ARG K 149 30.38 19.93 37.70
CA ARG K 149 30.22 20.37 39.07
C ARG K 149 29.35 21.65 39.10
N PRO K 150 28.43 21.76 40.07
CA PRO K 150 27.61 22.99 40.10
C PRO K 150 28.41 24.24 40.53
N ASP K 151 29.63 24.02 41.05
CA ASP K 151 30.51 25.11 41.49
C ASP K 151 31.53 25.50 40.43
N MET K 152 31.36 24.99 39.21
CA MET K 152 32.32 25.22 38.13
C MET K 152 32.40 26.69 37.76
N THR K 153 33.60 27.17 37.48
CA THR K 153 33.73 28.52 36.95
C THR K 153 33.27 28.48 35.50
N THR K 154 33.28 29.64 34.88
CA THR K 154 32.90 29.74 33.48
C THR K 154 33.99 29.19 32.57
N GLU K 155 35.25 29.44 32.92
CA GLU K 155 36.36 28.91 32.12
C GLU K 155 36.42 27.39 32.21
N GLU K 156 36.10 26.85 33.39
CA GLU K 156 36.02 25.41 33.56
C GLU K 156 34.88 24.83 32.72
N GLY K 157 33.78 25.57 32.62
CA GLY K 157 32.65 25.15 31.86
C GLY K 157 33.07 25.05 30.41
N LEU K 158 33.76 26.07 29.95
CA LEU K 158 34.23 26.12 28.57
C LEU K 158 35.21 24.98 28.21
N ASP K 159 36.00 24.55 29.19
CA ASP K 159 36.92 23.43 28.99
C ASP K 159 36.12 22.15 28.76
N LEU K 160 35.11 21.97 29.59
CA LEU K 160 34.26 20.80 29.55
C LEU K 160 33.50 20.78 28.24
N LEU K 161 33.11 21.96 27.79
CA LEU K 161 32.36 22.11 26.55
C LEU K 161 33.25 21.87 25.34
N LYS K 162 34.48 22.39 25.42
CA LYS K 162 35.47 22.16 24.38
C LYS K 162 35.65 20.66 24.20
N LEU K 163 35.78 19.96 25.32
CA LEU K 163 35.95 18.52 25.31
C LEU K 163 34.75 17.90 24.58
N CYS K 164 33.55 18.31 24.97
CA CYS K 164 32.32 17.82 24.36
C CYS K 164 32.28 17.98 22.85
N VAL K 165 32.79 19.11 22.36
CA VAL K 165 32.77 19.39 20.93
C VAL K 165 33.79 18.50 20.22
N GLN K 166 34.90 18.21 20.88
CA GLN K 166 35.92 17.35 20.28
C GLN K 166 35.37 15.95 20.03
N GLU K 167 34.70 15.40 21.04
CA GLU K 167 34.03 14.12 20.91
C GLU K 167 32.96 14.10 19.79
N LEU K 168 32.25 15.20 19.59
CA LEU K 168 31.31 15.29 18.48
C LEU K 168 32.04 15.27 17.13
N GLU K 169 33.15 16.02 17.04
CA GLU K 169 33.89 16.09 15.78
C GLU K 169 34.54 14.75 15.43
N LYS K 170 34.79 13.95 16.46
CA LYS K 170 35.36 12.62 16.27
C LYS K 170 34.32 11.60 15.82
N ARG K 171 33.32 11.35 16.65
CA ARG K 171 32.39 10.25 16.44
C ARG K 171 31.12 10.53 15.60
N MET K 172 30.85 11.79 15.26
CA MET K 172 29.62 12.09 14.53
C MET K 172 29.83 12.16 13.02
N PRO K 173 28.99 11.46 12.26
CA PRO K 173 29.16 11.34 10.80
C PRO K 173 29.12 12.68 10.08
N MET K 174 28.52 13.69 10.69
CA MET K 174 28.34 14.99 10.05
C MET K 174 29.44 15.98 10.40
N ASP K 175 29.72 16.87 9.45
CA ASP K 175 30.55 18.03 9.68
C ASP K 175 29.64 19.25 9.97
N PHE K 176 29.64 19.73 11.20
CA PHE K 176 28.75 20.85 11.53
C PHE K 176 29.46 22.23 11.53
N LYS K 177 30.69 22.26 11.01
CA LYS K 177 31.47 23.48 10.84
C LYS K 177 31.73 24.23 12.16
N GLY K 178 31.79 23.50 13.27
CA GLY K 178 32.14 24.07 14.55
C GLY K 178 30.97 24.69 15.31
N VAL K 179 31.26 25.33 16.44
CA VAL K 179 30.20 25.99 17.21
C VAL K 179 30.44 27.46 17.52
N ILE K 180 29.37 28.24 17.51
CA ILE K 180 29.36 29.57 18.12
C ILE K 180 29.01 29.43 19.61
N VAL K 181 29.77 30.08 20.47
CA VAL K 181 29.51 29.94 21.89
C VAL K 181 29.13 31.29 22.51
N LYS K 182 28.04 31.33 23.26
CA LYS K 182 27.65 32.56 23.92
C LYS K 182 27.52 32.34 25.42
N ILE K 183 27.82 33.38 26.20
CA ILE K 183 27.64 33.31 27.65
C ILE K 183 26.61 34.31 28.14
N VAL K 184 25.70 33.85 29.00
CA VAL K 184 24.72 34.70 29.64
C VAL K 184 25.00 34.76 31.13
N ASP K 185 25.32 35.95 31.63
CA ASP K 185 25.55 36.13 33.06
C ASP K 185 24.88 37.42 33.57
N LYS K 186 25.32 37.88 34.74
CA LYS K 186 24.74 39.05 35.38
C LYS K 186 24.93 40.34 34.55
N ASP K 187 25.95 40.35 33.69
CA ASP K 187 26.18 41.49 32.79
C ASP K 187 25.45 41.36 31.46
N GLY K 188 24.73 40.26 31.28
CA GLY K 188 24.01 40.04 30.04
C GLY K 188 24.63 38.95 29.18
N ILE K 189 24.75 39.24 27.89
CA ILE K 189 25.06 38.22 26.90
C ILE K 189 26.25 38.58 26.03
N ARG K 190 27.26 37.70 26.00
CA ARG K 190 28.42 37.93 25.13
C ARG K 190 28.82 36.67 24.33
N GLN K 191 29.41 36.92 23.18
CA GLN K 191 29.90 35.88 22.29
C GLN K 191 31.38 35.65 22.54
N VAL K 192 31.75 34.40 22.82
CA VAL K 192 33.16 34.02 22.85
C VAL K 192 33.62 33.91 21.40
N ASP K 193 34.55 34.79 21.00
CA ASP K 193 34.93 34.94 19.59
C ASP K 193 35.92 33.89 19.09
N ASP K 194 36.46 33.12 20.03
CA ASP K 194 37.52 32.18 19.73
C ASP K 194 37.21 30.75 20.21
N PHE K 195 36.53 29.98 19.37
CA PHE K 195 36.28 28.57 19.68
C PHE K 195 36.57 27.65 18.50
N GLN K 196 37.86 27.44 18.24
CA GLN K 196 38.35 26.79 17.01
C GLN K 196 38.35 25.25 17.04
N THR L 1 19.11 23.17 -13.86
CA THR L 1 19.36 24.60 -13.74
C THR L 1 20.57 24.94 -12.88
N THR L 2 21.39 25.89 -13.31
CA THR L 2 22.37 26.47 -12.41
C THR L 2 22.15 27.97 -12.30
N THR L 3 22.10 28.47 -11.06
CA THR L 3 22.05 29.90 -10.78
C THR L 3 23.03 30.20 -9.67
N LEU L 4 23.79 31.27 -9.81
CA LEU L 4 24.70 31.67 -8.74
C LEU L 4 24.70 33.18 -8.56
N ALA L 5 25.06 33.62 -7.35
CA ALA L 5 25.26 35.03 -7.13
C ALA L 5 26.30 35.16 -6.04
N PHE L 6 27.14 36.16 -6.17
CA PHE L 6 28.13 36.45 -5.16
C PHE L 6 28.40 37.94 -5.10
N ARG L 7 28.90 38.38 -3.94
CA ARG L 7 29.15 39.81 -3.73
C ARG L 7 30.63 40.07 -3.41
N PHE L 8 31.13 41.20 -3.91
CA PHE L 8 32.56 41.53 -3.87
C PHE L 8 32.72 43.06 -3.85
N GLN L 9 33.96 43.54 -3.89
CA GLN L 9 34.26 44.98 -3.82
C GLN L 9 33.45 45.84 -4.81
N GLY L 10 33.11 45.29 -5.97
CA GLY L 10 32.41 46.08 -6.97
C GLY L 10 30.92 45.82 -7.05
N GLY L 11 30.34 45.27 -5.98
CA GLY L 11 28.93 44.94 -5.97
C GLY L 11 28.61 43.44 -5.98
N ILE L 12 27.79 43.02 -6.96
CA ILE L 12 27.27 41.65 -7.01
C ILE L 12 27.15 41.13 -8.43
N ILE L 13 27.77 39.97 -8.69
CA ILE L 13 27.56 39.26 -9.94
C ILE L 13 26.43 38.25 -9.78
N VAL L 14 25.55 38.20 -10.76
CA VAL L 14 24.51 37.18 -10.82
C VAL L 14 24.62 36.53 -12.19
N ALA L 15 24.77 35.19 -12.20
CA ALA L 15 24.94 34.39 -13.41
C ALA L 15 23.95 33.21 -13.42
N VAL L 16 23.24 33.00 -14.52
CA VAL L 16 22.35 31.84 -14.66
C VAL L 16 22.51 31.09 -15.99
N ASP L 17 22.01 29.86 -16.07
CA ASP L 17 21.84 29.20 -17.38
C ASP L 17 20.43 29.47 -17.88
N SER L 18 19.99 28.77 -18.92
CA SER L 18 18.70 29.09 -19.52
C SER L 18 17.95 27.89 -20.08
N ARG L 19 18.21 26.72 -19.52
CA ARG L 19 17.58 25.49 -19.98
C ARG L 19 16.38 25.08 -19.14
N ALA L 20 15.28 24.72 -19.79
CA ALA L 20 14.17 24.09 -19.10
C ALA L 20 13.92 22.72 -19.72
N THR L 21 13.86 21.70 -18.86
CA THR L 21 13.56 20.36 -19.33
C THR L 21 12.37 19.75 -18.63
N ALA L 22 11.55 19.05 -19.39
CA ALA L 22 10.49 18.24 -18.84
C ALA L 22 10.84 16.77 -19.07
N GLY L 23 11.33 16.10 -18.03
CA GLY L 23 11.86 14.76 -18.16
C GLY L 23 13.21 14.76 -18.85
N ASN L 24 13.30 14.08 -19.98
CA ASN L 24 14.52 14.04 -20.80
C ASN L 24 14.50 15.17 -21.81
N TRP L 25 13.30 15.69 -22.00
CA TRP L 25 12.97 16.61 -23.06
C TRP L 25 13.37 18.06 -22.72
N VAL L 26 14.26 18.62 -23.52
CA VAL L 26 14.65 20.01 -23.39
C VAL L 26 13.57 20.92 -23.97
N ALA L 27 12.76 21.47 -23.08
CA ALA L 27 11.63 22.27 -23.52
C ALA L 27 12.08 23.63 -24.05
N SER L 28 13.14 24.17 -23.46
CA SER L 28 13.60 25.49 -23.86
C SER L 28 15.06 25.68 -23.50
N GLN L 29 15.77 26.35 -24.41
CA GLN L 29 17.17 26.73 -24.24
C GLN L 29 17.31 28.24 -24.00
N THR L 30 16.18 28.93 -23.96
CA THR L 30 16.13 30.39 -23.98
C THR L 30 15.28 30.97 -22.86
N VAL L 31 15.55 30.51 -21.64
CA VAL L 31 14.71 30.89 -20.50
C VAL L 31 15.40 31.93 -19.63
N LYS L 32 14.60 32.94 -19.25
CA LYS L 32 15.09 33.99 -18.37
C LYS L 32 15.00 33.50 -16.95
N ARG L 33 16.14 33.25 -16.35
CA ARG L 33 16.16 32.72 -15.01
C ARG L 33 16.47 33.80 -14.02
N VAL L 34 16.75 35.00 -14.53
CA VAL L 34 16.87 36.18 -13.67
C VAL L 34 15.59 36.99 -13.70
N ILE L 35 14.99 37.19 -12.53
CA ILE L 35 13.80 38.03 -12.48
C ILE L 35 14.16 39.46 -12.08
N GLU L 36 13.83 40.39 -12.96
CA GLU L 36 14.06 41.82 -12.73
C GLU L 36 12.96 42.38 -11.86
N ILE L 37 13.18 42.31 -10.55
CA ILE L 37 12.19 42.70 -9.56
C ILE L 37 11.83 44.18 -9.72
N ASN L 38 12.85 45.03 -9.59
CA ASN L 38 12.77 46.44 -10.00
C ASN L 38 14.18 46.86 -10.48
N PRO L 39 14.40 48.15 -10.82
CA PRO L 39 15.76 48.33 -11.36
C PRO L 39 16.92 48.21 -10.36
N PHE L 40 16.65 47.89 -9.11
CA PHE L 40 17.73 47.77 -8.12
C PHE L 40 17.88 46.35 -7.56
N LEU L 41 16.94 45.49 -7.91
CA LEU L 41 16.84 44.19 -7.26
C LEU L 41 16.62 43.07 -8.25
N LEU L 42 17.48 42.07 -8.16
CA LEU L 42 17.32 40.86 -8.98
C LEU L 42 16.96 39.64 -8.14
N GLY L 43 16.10 38.79 -8.72
CA GLY L 43 15.85 37.46 -8.17
C GLY L 43 16.18 36.37 -9.17
N THR L 44 16.74 35.26 -8.69
CA THR L 44 17.06 34.09 -9.52
C THR L 44 15.93 33.06 -9.46
N MET L 45 15.75 32.32 -10.55
CA MET L 45 14.69 31.30 -10.67
C MET L 45 15.24 29.87 -10.58
N ALA L 46 14.79 29.11 -9.59
CA ALA L 46 15.08 27.68 -9.47
C ALA L 46 14.00 27.00 -8.65
N GLY L 47 13.67 25.75 -8.99
CA GLY L 47 12.51 25.07 -8.44
C GLY L 47 11.36 25.14 -9.43
N GLY L 48 10.26 25.78 -9.03
CA GLY L 48 9.17 26.01 -9.97
C GLY L 48 9.36 27.30 -10.74
N ALA L 49 9.22 27.26 -12.06
CA ALA L 49 9.34 28.47 -12.86
C ALA L 49 8.21 29.45 -12.52
N ALA L 50 6.96 28.99 -12.59
CA ALA L 50 5.83 29.83 -12.20
C ALA L 50 5.97 30.36 -10.78
N ASP L 51 6.18 29.48 -9.80
CA ASP L 51 6.38 29.91 -8.42
C ASP L 51 7.37 31.03 -8.28
N CYS L 52 8.47 30.97 -9.03
CA CYS L 52 9.48 32.04 -8.99
C CYS L 52 9.06 33.32 -9.75
N GLN L 53 8.46 33.19 -10.93
CA GLN L 53 8.03 34.34 -11.71
C GLN L 53 6.92 35.10 -11.02
N PHE L 54 5.90 34.36 -10.63
CA PHE L 54 4.71 34.99 -10.12
C PHE L 54 5.00 35.70 -8.82
N TRP L 55 5.74 35.04 -7.93
CA TRP L 55 5.91 35.58 -6.60
C TRP L 55 6.98 36.62 -6.55
N GLU L 56 7.89 36.59 -7.49
CA GLU L 56 8.92 37.64 -7.49
C GLU L 56 8.45 38.85 -8.27
N THR L 57 7.54 38.64 -9.21
CA THR L 57 6.91 39.76 -9.88
C THR L 57 6.01 40.51 -8.89
N TRP L 58 5.28 39.74 -8.08
CA TRP L 58 4.49 40.28 -6.98
C TRP L 58 5.40 40.98 -5.98
N LEU L 59 6.54 40.38 -5.65
CA LEU L 59 7.46 41.00 -4.71
C LEU L 59 7.81 42.40 -5.18
N GLY L 60 7.85 42.57 -6.51
CA GLY L 60 8.24 43.83 -7.13
C GLY L 60 7.16 44.87 -6.89
N SER L 61 5.93 44.38 -6.80
CA SER L 61 4.79 45.23 -6.56
C SER L 61 4.74 45.70 -5.11
N GLN L 62 5.05 44.79 -4.18
CA GLN L 62 5.13 45.14 -2.77
C GLN L 62 6.29 46.10 -2.51
N CYS L 63 7.30 46.07 -3.37
CA CYS L 63 8.45 46.93 -3.18
C CYS L 63 8.11 48.35 -3.57
N ARG L 64 7.37 48.48 -4.68
CA ARG L 64 6.93 49.77 -5.19
C ARG L 64 6.00 50.47 -4.19
N LEU L 65 4.99 49.75 -3.73
CA LEU L 65 4.12 50.22 -2.66
C LEU L 65 4.90 50.72 -1.47
N HIS L 66 5.91 49.97 -1.03
CA HIS L 66 6.68 50.37 0.13
C HIS L 66 7.39 51.70 -0.15
N GLU L 67 7.92 51.82 -1.37
CA GLU L 67 8.60 53.03 -1.82
C GLU L 67 7.63 54.23 -1.81
N LEU L 68 6.42 54.05 -2.33
CA LEU L 68 5.43 55.11 -2.33
C LEU L 68 5.00 55.52 -0.91
N ARG L 69 5.08 54.59 0.03
CA ARG L 69 4.53 54.81 1.36
C ARG L 69 5.55 55.43 2.33
N GLU L 70 6.84 55.09 2.15
CA GLU L 70 7.87 55.50 3.10
C GLU L 70 8.90 56.40 2.45
N LYS L 71 8.73 56.63 1.16
CA LYS L 71 9.57 57.57 0.44
C LYS L 71 11.04 57.23 0.60
N GLU L 72 11.38 55.96 0.39
CA GLU L 72 12.74 55.46 0.60
C GLU L 72 12.91 54.08 -0.07
N ARG L 73 14.10 53.81 -0.59
CA ARG L 73 14.42 52.48 -1.14
C ARG L 73 14.18 51.40 -0.11
N ILE L 74 13.48 50.35 -0.53
CA ILE L 74 13.31 49.20 0.34
C ILE L 74 14.65 48.46 0.46
N SER L 75 15.01 48.13 1.70
CA SER L 75 16.26 47.44 1.97
C SER L 75 16.19 46.01 1.42
N VAL L 76 17.35 45.47 1.05
CA VAL L 76 17.38 44.10 0.55
C VAL L 76 16.87 43.14 1.63
N ALA L 77 17.19 43.44 2.88
CA ALA L 77 16.71 42.69 4.02
C ALA L 77 15.19 42.63 4.05
N ALA L 78 14.55 43.77 3.82
CA ALA L 78 13.11 43.83 3.98
C ALA L 78 12.40 43.21 2.81
N ALA L 79 12.90 43.46 1.61
CA ALA L 79 12.28 42.93 0.41
C ALA L 79 12.32 41.40 0.42
N SER L 80 13.49 40.85 0.79
CA SER L 80 13.65 39.41 0.92
C SER L 80 12.70 38.85 2.00
N LYS L 81 12.55 39.55 3.11
CA LYS L 81 11.72 39.02 4.20
C LYS L 81 10.24 39.05 3.82
N ILE L 82 9.87 39.91 2.88
CA ILE L 82 8.50 39.95 2.44
C ILE L 82 8.23 38.67 1.70
N LEU L 83 9.18 38.26 0.85
CA LEU L 83 9.04 37.04 0.06
C LEU L 83 9.12 35.78 0.92
N SER L 84 10.11 35.72 1.80
CA SER L 84 10.22 34.63 2.76
C SER L 84 8.94 34.45 3.57
N ASN L 85 8.45 35.54 4.15
CA ASN L 85 7.24 35.46 4.98
C ASN L 85 6.01 35.00 4.20
N LEU L 86 5.95 35.35 2.92
CA LEU L 86 4.85 34.88 2.09
C LEU L 86 4.95 33.37 1.82
N VAL L 87 6.09 32.91 1.28
CA VAL L 87 6.22 31.48 1.04
C VAL L 87 6.01 30.65 2.30
N TYR L 88 6.43 31.17 3.46
CA TYR L 88 6.25 30.44 4.71
C TYR L 88 4.79 30.25 5.01
N GLN L 89 3.97 31.14 4.47
CA GLN L 89 2.54 31.06 4.67
C GLN L 89 1.99 29.88 3.89
N TYR L 90 2.65 29.53 2.80
CA TYR L 90 2.17 28.45 1.93
C TYR L 90 2.92 27.13 2.21
N LYS L 91 3.62 27.07 3.34
CA LYS L 91 4.49 25.95 3.64
C LYS L 91 3.72 24.64 3.72
N GLY L 92 4.16 23.67 2.92
CA GLY L 92 3.54 22.36 2.85
C GLY L 92 2.37 22.31 1.88
N ALA L 93 2.22 23.32 1.03
CA ALA L 93 1.24 23.27 -0.04
C ALA L 93 1.96 22.94 -1.36
N GLY L 94 3.27 22.81 -1.29
CA GLY L 94 4.05 22.41 -2.46
C GLY L 94 4.51 23.50 -3.41
N LEU L 95 4.75 24.72 -2.91
CA LEU L 95 5.49 25.70 -3.72
C LEU L 95 6.90 25.16 -3.86
N SER L 96 7.56 25.52 -4.96
CA SER L 96 8.94 25.09 -5.19
C SER L 96 9.82 26.28 -5.58
N MET L 97 10.59 26.76 -4.62
CA MET L 97 11.41 27.94 -4.84
C MET L 97 12.74 27.78 -4.16
N GLY L 98 13.80 28.14 -4.88
CA GLY L 98 15.12 28.29 -4.31
C GLY L 98 15.65 29.52 -5.02
N THR L 99 15.91 30.59 -4.28
CA THR L 99 16.14 31.86 -4.94
C THR L 99 17.13 32.76 -4.22
N MET L 100 17.78 33.63 -4.98
CA MET L 100 18.64 34.64 -4.38
C MET L 100 18.09 36.02 -4.68
N ILE L 101 17.78 36.74 -3.60
CA ILE L 101 17.33 38.12 -3.72
C ILE L 101 18.53 39.03 -3.58
N CYS L 102 18.82 39.77 -4.66
CA CYS L 102 20.09 40.49 -4.78
C CYS L 102 19.90 42.01 -4.90
N GLY L 103 20.60 42.75 -4.05
CA GLY L 103 20.54 44.21 -4.12
C GLY L 103 21.69 44.92 -3.47
N TYR L 104 21.84 46.20 -3.80
CA TYR L 104 22.95 47.02 -3.31
C TYR L 104 22.40 48.38 -2.89
N THR L 105 22.33 48.62 -1.59
CA THR L 105 21.83 49.89 -1.05
C THR L 105 22.88 50.54 -0.17
N ARG L 106 22.80 51.85 -0.02
CA ARG L 106 23.78 52.61 0.74
C ARG L 106 23.85 52.15 2.20
N LYS L 107 22.69 51.80 2.73
CA LYS L 107 22.53 51.39 4.10
C LYS L 107 23.24 50.06 4.35
N GLU L 108 23.16 49.16 3.35
CA GLU L 108 23.51 47.75 3.52
C GLU L 108 24.80 47.31 2.86
N GLY L 109 25.15 47.92 1.73
CA GLY L 109 26.24 47.43 0.91
C GLY L 109 25.68 46.42 -0.07
N PRO L 110 26.56 45.69 -0.76
CA PRO L 110 26.02 44.61 -1.61
C PRO L 110 25.46 43.53 -0.68
N THR L 111 24.23 43.10 -0.95
CA THR L 111 23.53 42.20 -0.05
C THR L 111 22.79 41.08 -0.81
N ILE L 112 23.04 39.84 -0.40
CA ILE L 112 22.37 38.68 -1.01
C ILE L 112 21.63 37.80 0.01
N TYR L 113 20.35 37.54 -0.25
CA TYR L 113 19.60 36.59 0.59
C TYR L 113 19.20 35.40 -0.23
N TYR L 114 19.54 34.21 0.27
CA TYR L 114 19.00 32.97 -0.25
C TYR L 114 17.64 32.75 0.41
N VAL L 115 16.60 32.57 -0.41
CA VAL L 115 15.25 32.30 0.09
C VAL L 115 14.62 31.11 -0.64
N ASP L 116 14.07 30.15 0.12
CA ASP L 116 13.44 29.00 -0.51
C ASP L 116 12.04 28.69 0.03
N SER L 117 11.39 27.70 -0.56
CA SER L 117 10.00 27.40 -0.21
C SER L 117 9.84 26.66 1.11
N ASP L 118 10.92 26.08 1.61
CA ASP L 118 10.93 25.53 2.96
C ASP L 118 10.70 26.69 3.95
N GLY L 119 11.01 27.90 3.48
CA GLY L 119 10.90 29.11 4.27
C GLY L 119 12.24 29.63 4.74
N THR L 120 13.31 29.00 4.28
CA THR L 120 14.65 29.36 4.70
C THR L 120 15.00 30.72 4.13
N ARG L 121 15.67 31.54 4.94
CA ARG L 121 16.16 32.83 4.48
C ARG L 121 17.57 33.03 5.01
N LEU L 122 18.55 33.04 4.12
CA LEU L 122 19.94 33.12 4.53
C LEU L 122 20.69 34.28 3.91
N LYS L 123 21.39 35.04 4.74
CA LYS L 123 22.29 36.05 4.23
C LYS L 123 23.70 35.45 4.05
N GLY L 124 24.35 35.71 2.91
CA GLY L 124 25.70 35.22 2.67
C GLY L 124 26.39 35.87 1.47
N ASP L 125 27.64 35.48 1.24
CA ASP L 125 28.45 36.10 0.20
C ASP L 125 28.41 35.42 -1.16
N ILE L 126 28.16 34.10 -1.17
CA ILE L 126 28.19 33.26 -2.37
C ILE L 126 27.11 32.19 -2.30
N PHE L 127 26.25 32.10 -3.31
CA PHE L 127 25.19 31.09 -3.32
C PHE L 127 25.00 30.46 -4.69
N CYS L 128 24.89 29.13 -4.72
CA CYS L 128 24.51 28.42 -5.94
C CYS L 128 23.29 27.56 -5.72
N VAL L 129 22.36 27.61 -6.67
CA VAL L 129 21.13 26.85 -6.58
C VAL L 129 20.85 26.14 -7.89
N GLY L 130 20.42 24.88 -7.78
CA GLY L 130 19.93 24.12 -8.91
C GLY L 130 20.74 22.86 -9.09
N SER L 131 20.29 21.99 -10.01
CA SER L 131 20.93 20.71 -10.29
C SER L 131 22.44 20.83 -10.60
N GLY L 132 22.83 21.91 -11.27
CA GLY L 132 24.24 22.19 -11.49
C GLY L 132 24.99 22.96 -10.41
N GLN L 133 24.41 23.13 -9.23
CA GLN L 133 25.04 23.95 -8.21
C GLN L 133 26.44 23.53 -7.78
N THR L 134 26.68 22.23 -7.70
CA THR L 134 27.94 21.73 -7.14
C THR L 134 29.10 22.08 -8.06
N PHE L 135 28.81 22.10 -9.36
CA PHE L 135 29.86 22.38 -10.32
C PHE L 135 30.25 23.83 -10.25
N ALA L 136 29.25 24.71 -10.26
CA ALA L 136 29.46 26.15 -10.04
C ALA L 136 30.27 26.41 -8.78
N TYR L 137 29.85 25.84 -7.65
CA TYR L 137 30.56 26.02 -6.38
C TYR L 137 32.07 25.74 -6.43
N GLY L 138 32.46 24.74 -7.23
CA GLY L 138 33.86 24.37 -7.38
C GLY L 138 34.72 25.48 -7.98
N VAL L 139 34.30 25.97 -9.15
CA VAL L 139 34.95 27.13 -9.74
C VAL L 139 34.99 28.33 -8.80
N LEU L 140 33.82 28.75 -8.31
CA LEU L 140 33.73 29.91 -7.41
C LEU L 140 34.64 29.82 -6.19
N ASP L 141 34.53 28.71 -5.46
CA ASP L 141 35.26 28.58 -4.21
C ASP L 141 36.75 28.79 -4.36
N SER L 142 37.31 28.28 -5.46
CA SER L 142 38.76 28.34 -5.62
C SER L 142 39.25 29.59 -6.36
N ASN L 143 38.35 30.29 -7.03
CA ASN L 143 38.75 31.53 -7.67
C ASN L 143 38.18 32.80 -7.03
N TYR L 144 37.57 32.69 -5.86
CA TYR L 144 36.93 33.89 -5.28
C TYR L 144 37.85 34.73 -4.38
N LYS L 145 37.87 36.03 -4.67
CA LYS L 145 38.51 37.04 -3.84
C LYS L 145 37.48 38.15 -3.64
N TRP L 146 37.56 38.88 -2.53
CA TRP L 146 36.76 40.09 -2.40
C TRP L 146 37.19 41.14 -3.43
N ASP L 147 38.50 41.26 -3.64
CA ASP L 147 39.10 42.28 -4.50
C ASP L 147 39.11 41.95 -5.98
N LEU L 148 38.08 41.26 -6.45
CA LEU L 148 37.98 40.94 -7.87
C LEU L 148 37.58 42.18 -8.66
N SER L 149 38.22 42.39 -9.80
CA SER L 149 37.76 43.42 -10.72
C SER L 149 36.33 43.11 -11.20
N VAL L 150 35.53 44.13 -11.49
CA VAL L 150 34.21 43.93 -12.09
C VAL L 150 34.28 43.10 -13.40
N GLU L 151 35.38 43.24 -14.14
CA GLU L 151 35.60 42.53 -15.39
C GLU L 151 35.86 41.02 -15.16
N ASP L 152 36.66 40.74 -14.14
CA ASP L 152 37.06 39.40 -13.76
C ASP L 152 35.94 38.68 -13.02
N ALA L 153 35.30 39.38 -12.11
CA ALA L 153 34.20 38.81 -11.35
C ALA L 153 33.10 38.41 -12.32
N LEU L 154 32.86 39.25 -13.33
CA LEU L 154 31.88 38.95 -14.35
C LEU L 154 32.31 37.70 -15.07
N TYR L 155 33.61 37.62 -15.33
CA TYR L 155 34.15 36.48 -16.05
C TYR L 155 34.02 35.21 -15.23
N LEU L 156 34.34 35.29 -13.93
CA LEU L 156 34.23 34.15 -13.02
C LEU L 156 32.83 33.55 -13.03
N GLY L 157 31.82 34.39 -12.86
CA GLY L 157 30.46 33.91 -12.86
C GLY L 157 30.07 33.19 -14.14
N LYS L 158 30.46 33.74 -15.27
CA LYS L 158 30.18 33.12 -16.54
C LYS L 158 30.90 31.75 -16.66
N ARG L 159 32.07 31.64 -16.03
CA ARG L 159 32.87 30.44 -16.13
C ARG L 159 32.31 29.35 -15.21
N SER L 160 31.67 29.77 -14.13
CA SER L 160 31.15 28.82 -13.16
C SER L 160 29.85 28.23 -13.68
N ILE L 161 29.12 28.99 -14.48
CA ILE L 161 27.90 28.47 -15.09
C ILE L 161 28.34 27.52 -16.17
N LEU L 162 29.43 27.86 -16.87
CA LEU L 162 29.95 27.02 -17.93
C LEU L 162 30.37 25.65 -17.37
N ALA L 163 31.09 25.67 -16.25
CA ALA L 163 31.52 24.45 -15.57
C ALA L 163 30.34 23.51 -15.38
N ALA L 164 29.19 24.08 -15.07
CA ALA L 164 27.96 23.35 -14.78
C ALA L 164 27.24 22.90 -16.05
N ALA L 165 27.08 23.83 -17.00
CA ALA L 165 26.38 23.54 -18.25
C ALA L 165 26.95 22.29 -18.90
N HIS L 166 28.28 22.15 -18.83
CA HIS L 166 29.00 21.02 -19.39
C HIS L 166 28.59 19.67 -18.73
N ARG L 167 28.81 19.55 -17.41
CA ARG L 167 28.52 18.32 -16.68
C ARG L 167 27.04 18.05 -16.43
N ASP L 168 26.32 19.01 -15.88
CA ASP L 168 24.91 18.79 -15.57
C ASP L 168 24.09 18.74 -16.86
N ALA L 169 23.33 17.66 -16.98
CA ALA L 169 22.52 17.43 -18.16
C ALA L 169 21.35 18.42 -18.18
N TYR L 170 20.97 18.90 -16.99
CA TYR L 170 19.81 19.81 -16.88
C TYR L 170 20.14 21.31 -16.91
N SER L 171 21.42 21.65 -16.88
CA SER L 171 21.88 23.02 -17.11
C SER L 171 22.42 23.20 -18.53
N GLY L 172 22.42 24.44 -19.00
CA GLY L 172 22.99 24.75 -20.29
C GLY L 172 22.12 25.69 -21.12
N GLY L 173 22.39 25.71 -22.42
CA GLY L 173 21.73 26.63 -23.34
C GLY L 173 22.50 27.93 -23.54
N SER L 174 22.27 28.88 -22.64
CA SER L 174 22.99 30.14 -22.70
C SER L 174 23.20 30.65 -21.30
N VAL L 175 24.17 31.54 -21.15
CA VAL L 175 24.42 32.20 -19.89
C VAL L 175 23.89 33.64 -19.92
N ASN L 176 23.10 34.00 -18.90
CA ASN L 176 22.67 35.38 -18.69
C ASN L 176 23.41 35.97 -17.52
N LEU L 177 23.95 37.15 -17.74
CA LEU L 177 24.90 37.73 -16.83
C LEU L 177 24.44 39.13 -16.33
N TYR L 178 24.62 39.39 -15.04
CA TYR L 178 24.23 40.69 -14.48
C TYR L 178 25.23 41.23 -13.46
N HIS L 179 25.46 42.53 -13.50
CA HIS L 179 26.23 43.21 -12.47
C HIS L 179 25.29 44.13 -11.72
N VAL L 180 25.31 44.01 -10.40
CA VAL L 180 24.42 44.76 -9.53
C VAL L 180 25.20 45.78 -8.72
N THR L 181 24.90 47.06 -8.96
CA THR L 181 25.56 48.18 -8.27
C THR L 181 24.56 48.95 -7.41
N GLU L 182 25.09 49.90 -6.65
CA GLU L 182 24.24 50.75 -5.80
C GLU L 182 23.25 51.56 -6.62
N ASP L 183 23.58 51.80 -7.89
CA ASP L 183 22.71 52.61 -8.74
C ASP L 183 21.76 51.77 -9.57
N GLY L 184 21.81 50.46 -9.33
CA GLY L 184 20.98 49.53 -10.08
C GLY L 184 21.81 48.40 -10.65
N TRP L 185 21.15 47.50 -11.38
CA TRP L 185 21.84 46.40 -11.99
C TRP L 185 22.11 46.78 -13.44
N ILE L 186 23.14 46.14 -14.01
CA ILE L 186 23.37 46.28 -15.44
C ILE L 186 23.42 44.89 -16.06
N TYR L 187 22.68 44.72 -17.14
CA TYR L 187 22.70 43.49 -17.90
C TYR L 187 24.02 43.39 -18.61
N HIS L 188 24.60 42.21 -18.62
CA HIS L 188 25.90 42.06 -19.26
C HIS L 188 25.84 40.93 -20.28
N GLY L 189 24.66 40.69 -20.81
CA GLY L 189 24.52 39.93 -22.04
C GLY L 189 24.08 38.49 -21.95
N ASN L 190 23.73 37.95 -23.11
CA ASN L 190 23.36 36.55 -23.25
C ASN L 190 24.45 35.78 -24.00
N HIS L 191 25.03 34.80 -23.33
CA HIS L 191 26.18 34.11 -23.88
C HIS L 191 25.86 32.64 -24.12
N ASP L 192 25.57 32.31 -25.37
CA ASP L 192 25.30 30.93 -25.77
C ASP L 192 26.46 29.99 -25.47
N VAL L 193 26.12 28.86 -24.84
CA VAL L 193 27.09 27.94 -24.27
C VAL L 193 27.74 27.12 -25.39
N GLY L 194 27.00 26.92 -26.47
CA GLY L 194 27.56 26.35 -27.68
C GLY L 194 28.83 27.05 -28.07
N GLU L 195 28.74 28.34 -28.41
CA GLU L 195 29.91 29.13 -28.81
C GLU L 195 30.88 29.39 -27.64
N LEU L 196 30.34 29.49 -26.45
CA LEU L 196 31.15 29.90 -25.31
C LEU L 196 32.13 28.82 -24.92
N PHE L 197 31.66 27.57 -24.90
CA PHE L 197 32.49 26.42 -24.49
C PHE L 197 33.80 26.30 -25.27
N TRP L 198 33.69 26.35 -26.59
CA TRP L 198 34.86 26.30 -27.45
C TRP L 198 35.82 27.48 -27.18
N LYS L 199 35.28 28.70 -27.19
CA LYS L 199 36.10 29.88 -26.96
C LYS L 199 36.91 29.77 -25.67
N VAL L 200 36.28 29.31 -24.59
CA VAL L 200 36.96 29.18 -23.32
C VAL L 200 38.03 28.11 -23.39
N LYS L 201 37.70 27.01 -24.07
CA LYS L 201 38.62 25.90 -24.23
C LYS L 201 39.95 26.39 -24.82
N GLU L 202 39.83 27.06 -25.96
CA GLU L 202 40.96 27.69 -26.64
C GLU L 202 41.78 28.63 -25.75
N GLU L 203 41.13 29.67 -25.19
CA GLU L 203 41.81 30.73 -24.43
C GLU L 203 42.44 30.25 -23.12
N GLU L 204 41.71 29.40 -22.40
CA GLU L 204 42.16 28.92 -21.08
C GLU L 204 43.01 27.68 -21.17
N GLY L 205 42.78 26.89 -22.22
CA GLY L 205 43.38 25.58 -22.34
C GLY L 205 42.70 24.52 -21.47
N SER L 206 41.58 24.88 -20.88
CA SER L 206 40.88 23.96 -20.01
C SER L 206 39.98 23.05 -20.83
N PHE L 207 39.34 22.11 -20.14
CA PHE L 207 38.48 21.12 -20.76
C PHE L 207 39.34 20.30 -21.69
N ASN L 208 40.41 19.74 -21.13
CA ASN L 208 41.31 18.97 -21.96
C ASN L 208 40.72 17.73 -22.60
N ASN L 209 39.90 17.00 -21.87
CA ASN L 209 39.37 15.77 -22.41
C ASN L 209 38.17 15.94 -23.32
N VAL L 210 38.00 17.14 -23.85
CA VAL L 210 37.04 17.36 -24.93
C VAL L 210 37.94 17.61 -26.13
N ILE L 211 37.42 17.36 -27.33
CA ILE L 211 38.24 17.34 -28.52
C ILE L 211 37.73 18.33 -29.56
N GLY L 212 38.66 19.09 -30.15
CA GLY L 212 38.31 19.99 -31.23
C GLY L 212 38.97 21.36 -31.12
N GLN M 1 -10.82 5.78 -8.13
CA GLN M 1 -11.63 6.95 -7.82
C GLN M 1 -11.77 7.94 -8.98
N PHE M 2 -12.47 9.04 -8.74
CA PHE M 2 -12.64 10.07 -9.77
C PHE M 2 -11.37 10.86 -10.00
N ASN M 3 -10.89 10.80 -11.24
CA ASN M 3 -9.76 11.59 -11.64
C ASN M 3 -10.27 12.68 -12.55
N PRO M 4 -10.04 13.93 -12.14
CA PRO M 4 -10.65 15.12 -12.74
C PRO M 4 -10.02 15.53 -14.06
N TYR M 5 -8.98 14.85 -14.48
CA TYR M 5 -8.25 15.23 -15.69
C TYR M 5 -8.36 14.22 -16.84
N GLY M 6 -8.17 14.69 -18.07
CA GLY M 6 -8.12 13.81 -19.23
C GLY M 6 -7.13 14.32 -20.27
N ASP M 7 -6.85 13.53 -21.29
CA ASP M 7 -6.03 13.99 -22.40
C ASP M 7 -6.81 13.83 -23.71
N ASN M 8 -6.77 14.88 -24.52
CA ASN M 8 -7.55 14.97 -25.74
C ASN M 8 -6.66 15.06 -26.97
N GLY M 9 -5.35 15.05 -26.74
CA GLY M 9 -4.40 14.94 -27.82
C GLY M 9 -4.06 16.30 -28.37
N GLY M 10 -4.07 16.43 -29.69
CA GLY M 10 -3.81 17.70 -30.31
C GLY M 10 -2.36 18.16 -30.23
N THR M 11 -1.95 18.88 -31.26
CA THR M 11 -0.64 19.49 -31.29
C THR M 11 -0.81 20.91 -31.82
N ILE M 12 -0.12 21.87 -31.21
CA ILE M 12 -0.23 23.25 -31.65
C ILE M 12 1.13 23.89 -31.85
N LEU M 13 1.14 24.90 -32.74
CA LEU M 13 2.38 25.53 -33.15
C LEU M 13 2.18 27.03 -33.42
N GLY M 14 3.06 27.85 -32.86
CA GLY M 14 3.06 29.28 -33.13
C GLY M 14 4.41 29.80 -33.60
N ILE M 15 4.45 30.43 -34.76
CA ILE M 15 5.66 31.12 -35.18
C ILE M 15 5.45 32.63 -35.29
N ALA M 16 6.31 33.37 -34.59
CA ALA M 16 6.30 34.82 -34.67
C ALA M 16 7.19 35.27 -35.83
N GLY M 17 6.55 35.84 -36.84
CA GLY M 17 7.27 36.43 -37.96
C GLY M 17 7.79 37.83 -37.68
N GLU M 18 7.86 38.63 -38.73
CA GLU M 18 8.41 39.97 -38.64
C GLU M 18 7.27 40.96 -38.42
N ASP M 19 6.33 40.97 -39.35
CA ASP M 19 5.16 41.84 -39.28
C ASP M 19 3.91 40.97 -39.20
N PHE M 20 4.11 39.71 -38.84
CA PHE M 20 3.02 38.74 -38.79
C PHE M 20 3.23 37.75 -37.64
N ALA M 21 2.25 36.87 -37.45
CA ALA M 21 2.37 35.77 -36.50
C ALA M 21 1.42 34.66 -36.89
N VAL M 22 1.84 33.41 -36.71
CA VAL M 22 0.91 32.30 -36.93
C VAL M 22 0.75 31.42 -35.71
N LEU M 23 -0.44 30.88 -35.58
CA LEU M 23 -0.74 29.92 -34.54
C LEU M 23 -1.61 28.83 -35.17
N ALA M 24 -1.05 27.62 -35.29
CA ALA M 24 -1.77 26.51 -35.90
C ALA M 24 -1.99 25.37 -34.93
N GLY M 25 -3.07 24.63 -35.12
CA GLY M 25 -3.24 23.35 -34.45
C GLY M 25 -3.91 22.32 -35.32
N ASP M 26 -3.74 21.04 -35.04
CA ASP M 26 -4.54 20.04 -35.74
C ASP M 26 -5.98 20.18 -35.27
N THR M 27 -6.92 19.61 -36.01
CA THR M 27 -8.32 19.73 -35.67
C THR M 27 -8.91 18.41 -35.17
N ARG M 28 -8.03 17.49 -34.80
CA ARG M 28 -8.48 16.19 -34.32
C ARG M 28 -8.60 16.21 -32.81
N ASN M 29 -9.60 15.51 -32.30
CA ASN M 29 -9.83 15.42 -30.86
C ASN M 29 -9.94 13.96 -30.46
N ILE M 30 -9.06 13.50 -29.59
CA ILE M 30 -8.96 12.06 -29.30
C ILE M 30 -9.22 11.72 -27.84
N THR M 31 -9.64 10.47 -27.59
CA THR M 31 -9.61 9.91 -26.25
C THR M 31 -9.05 8.51 -26.37
N ASP M 32 -7.91 8.29 -25.72
CA ASP M 32 -7.17 7.04 -25.84
C ASP M 32 -6.91 6.70 -27.29
N TYR M 33 -7.61 5.67 -27.77
CA TYR M 33 -7.43 5.17 -29.12
C TYR M 33 -8.61 5.53 -29.99
N SER M 34 -9.55 6.28 -29.44
CA SER M 34 -10.74 6.65 -30.21
C SER M 34 -10.68 8.08 -30.70
N ILE M 35 -11.32 8.31 -31.83
CA ILE M 35 -11.47 9.64 -32.35
C ILE M 35 -12.83 10.16 -31.96
N ASN M 36 -12.82 11.30 -31.26
CA ASN M 36 -14.02 12.03 -30.85
C ASN M 36 -14.54 12.92 -31.96
N SER M 37 -13.65 13.61 -32.65
CA SER M 37 -14.03 14.38 -33.83
C SER M 37 -12.82 14.61 -34.73
N ARG M 38 -13.09 14.72 -36.02
CA ARG M 38 -12.04 15.02 -37.00
C ARG M 38 -11.93 16.51 -37.23
N TYR M 39 -12.98 17.25 -36.87
CA TYR M 39 -12.95 18.73 -36.88
C TYR M 39 -13.49 19.34 -35.59
N GLU M 40 -12.57 19.80 -34.76
CA GLU M 40 -12.94 20.46 -33.52
C GLU M 40 -11.84 21.46 -33.24
N PRO M 41 -12.05 22.71 -33.70
CA PRO M 41 -11.05 23.79 -33.64
C PRO M 41 -10.61 24.07 -32.22
N LYS M 42 -9.39 24.57 -32.14
CA LYS M 42 -8.61 24.51 -30.93
C LYS M 42 -7.80 25.81 -30.88
N VAL M 43 -7.80 26.53 -32.00
CA VAL M 43 -7.15 27.82 -32.12
C VAL M 43 -8.26 28.89 -32.31
N PHE M 44 -8.28 29.90 -31.43
CA PHE M 44 -9.36 30.88 -31.43
C PHE M 44 -8.91 32.34 -31.55
N ASP M 45 -9.67 33.10 -32.33
CA ASP M 45 -9.63 34.56 -32.34
C ASP M 45 -10.27 35.10 -31.06
N CYS M 46 -9.56 35.95 -30.33
CA CYS M 46 -10.10 36.46 -29.07
C CYS M 46 -10.48 37.95 -29.09
N GLY M 47 -10.21 38.60 -30.22
CA GLY M 47 -10.37 40.04 -30.33
C GLY M 47 -9.06 40.73 -30.02
N ASP M 48 -9.01 42.03 -30.30
CA ASP M 48 -7.79 42.81 -30.14
C ASP M 48 -6.61 42.18 -30.85
N ASN M 49 -6.91 41.53 -31.97
CA ASN M 49 -5.90 40.91 -32.82
C ASN M 49 -4.98 39.95 -32.07
N ILE M 50 -5.62 39.09 -31.28
CA ILE M 50 -4.92 38.09 -30.46
C ILE M 50 -5.52 36.74 -30.73
N VAL M 51 -4.68 35.76 -31.05
CA VAL M 51 -5.14 34.40 -31.16
C VAL M 51 -4.56 33.58 -30.04
N MET M 52 -5.33 32.58 -29.60
CA MET M 52 -4.96 31.78 -28.47
C MET M 52 -5.28 30.29 -28.67
N SER M 53 -4.35 29.45 -28.24
CA SER M 53 -4.62 28.01 -28.13
C SER M 53 -4.23 27.49 -26.75
N ALA M 54 -5.14 26.72 -26.15
CA ALA M 54 -4.92 26.09 -24.85
C ALA M 54 -5.05 24.60 -25.03
N ASN M 55 -3.92 23.93 -25.26
CA ASN M 55 -3.96 22.53 -25.62
C ASN M 55 -3.61 21.59 -24.47
N GLY M 56 -4.21 20.40 -24.46
CA GLY M 56 -3.98 19.43 -23.41
C GLY M 56 -5.29 18.76 -23.03
N PHE M 57 -5.68 18.91 -21.76
CA PHE M 57 -7.02 18.51 -21.32
C PHE M 57 -8.06 19.48 -21.86
N ALA M 58 -8.85 19.05 -22.83
CA ALA M 58 -9.76 19.94 -23.56
C ALA M 58 -10.81 20.74 -22.73
N ALA M 59 -11.46 20.10 -21.77
CA ALA M 59 -12.41 20.82 -20.90
C ALA M 59 -11.71 21.98 -20.22
N ASP M 60 -10.52 21.75 -19.69
CA ASP M 60 -9.70 22.81 -19.13
C ASP M 60 -9.32 23.86 -20.16
N GLY M 61 -9.07 23.42 -21.38
CA GLY M 61 -8.66 24.34 -22.43
C GLY M 61 -9.74 25.36 -22.75
N ASP M 62 -10.99 24.91 -22.76
CA ASP M 62 -12.12 25.76 -23.11
C ASP M 62 -12.50 26.69 -21.97
N ALA M 63 -12.31 26.22 -20.74
CA ALA M 63 -12.55 27.03 -19.59
C ALA M 63 -11.62 28.24 -19.67
N LEU M 64 -10.37 27.97 -20.01
CA LEU M 64 -9.36 28.99 -20.03
C LEU M 64 -9.60 29.95 -21.16
N VAL M 65 -10.00 29.42 -22.31
CA VAL M 65 -10.23 30.30 -23.45
C VAL M 65 -11.41 31.23 -23.15
N LYS M 66 -12.49 30.66 -22.64
CA LYS M 66 -13.68 31.39 -22.28
C LYS M 66 -13.34 32.51 -21.27
N ARG M 67 -12.65 32.16 -20.18
CA ARG M 67 -12.26 33.16 -19.20
C ARG M 67 -11.43 34.27 -19.83
N PHE M 68 -10.50 33.94 -20.70
CA PHE M 68 -9.69 34.98 -21.30
C PHE M 68 -10.49 35.90 -22.23
N LYS M 69 -11.41 35.32 -22.99
CA LYS M 69 -12.22 36.13 -23.89
C LYS M 69 -13.02 37.11 -23.03
N ASN M 70 -13.53 36.58 -21.94
CA ASN M 70 -14.27 37.38 -20.99
C ASN M 70 -13.39 38.49 -20.44
N SER M 71 -12.13 38.17 -20.16
CA SER M 71 -11.20 39.18 -19.65
C SER M 71 -10.97 40.31 -20.63
N VAL M 72 -10.96 40.00 -21.92
CA VAL M 72 -10.75 41.00 -22.96
C VAL M 72 -11.93 41.97 -22.99
N LYS M 73 -13.13 41.41 -22.95
CA LYS M 73 -14.38 42.18 -23.00
C LYS M 73 -14.51 43.06 -21.76
N TRP M 74 -14.18 42.52 -20.60
CA TRP M 74 -14.22 43.29 -19.37
C TRP M 74 -13.13 44.32 -19.31
N TYR M 75 -12.04 44.09 -20.02
CA TYR M 75 -10.97 45.08 -20.06
C TYR M 75 -11.41 46.31 -20.85
N HIS M 76 -12.15 46.07 -21.94
CA HIS M 76 -12.78 47.16 -22.68
C HIS M 76 -13.73 47.95 -21.77
N PHE M 77 -14.61 47.24 -21.09
CA PHE M 77 -15.57 47.86 -20.18
C PHE M 77 -14.91 48.74 -19.14
N ASP M 78 -13.75 48.32 -18.67
CA ASP M 78 -13.12 49.01 -17.55
C ASP M 78 -12.08 50.04 -17.98
N HIS M 79 -11.69 50.05 -19.24
CA HIS M 79 -10.63 50.96 -19.68
C HIS M 79 -10.90 51.68 -20.99
N ASN M 80 -12.11 52.17 -21.12
CA ASN M 80 -12.49 53.01 -22.24
C ASN M 80 -12.18 52.34 -23.57
N ASP M 81 -12.57 51.08 -23.69
CA ASP M 81 -12.34 50.29 -24.90
C ASP M 81 -10.87 50.27 -25.35
N LYS M 82 -9.95 50.31 -24.41
CA LYS M 82 -8.53 50.25 -24.74
C LYS M 82 -8.13 48.88 -25.33
N LYS M 83 -7.17 48.90 -26.24
CA LYS M 83 -6.71 47.67 -26.86
C LYS M 83 -5.79 46.94 -25.89
N LEU M 84 -6.10 45.66 -25.69
CA LEU M 84 -5.29 44.79 -24.85
C LEU M 84 -4.13 44.33 -25.71
N SER M 85 -2.96 44.91 -25.44
CA SER M 85 -1.77 44.63 -26.19
C SER M 85 -1.34 43.21 -25.81
N ILE M 86 -0.61 42.56 -26.70
CA ILE M 86 -0.24 41.15 -26.50
C ILE M 86 0.53 40.89 -25.18
N ASN M 87 1.52 41.71 -24.86
CA ASN M 87 2.26 41.61 -23.60
C ASN M 87 1.38 41.71 -22.33
N SER M 88 0.31 42.51 -22.42
CA SER M 88 -0.63 42.69 -21.31
C SER M 88 -1.55 41.48 -21.17
N ALA M 89 -2.11 41.05 -22.31
CA ALA M 89 -2.84 39.79 -22.41
C ALA M 89 -2.01 38.62 -21.87
N ALA M 90 -0.71 38.60 -22.16
CA ALA M 90 0.16 37.55 -21.64
C ALA M 90 0.25 37.60 -20.11
N ARG M 91 0.35 38.80 -19.54
CA ARG M 91 0.45 38.92 -18.08
C ARG M 91 -0.87 38.54 -17.43
N ASN M 92 -1.94 38.91 -18.12
CA ASN M 92 -3.29 38.60 -17.68
C ASN M 92 -3.42 37.08 -17.61
N ILE M 93 -2.95 36.41 -18.65
CA ILE M 93 -3.05 34.95 -18.72
C ILE M 93 -2.26 34.22 -17.62
N GLN M 94 -1.05 34.72 -17.30
CA GLN M 94 -0.30 34.21 -16.16
C GLN M 94 -1.14 34.19 -14.88
N HIS M 95 -1.95 35.22 -14.69
CA HIS M 95 -2.76 35.34 -13.49
C HIS M 95 -3.97 34.45 -13.51
N LEU M 96 -4.62 34.35 -14.66
CA LEU M 96 -5.69 33.36 -14.85
C LEU M 96 -5.17 31.98 -14.46
N LEU M 97 -4.01 31.62 -14.99
CA LEU M 97 -3.45 30.30 -14.76
C LEU M 97 -3.02 30.13 -13.31
N TYR M 98 -2.21 31.05 -12.81
CA TYR M 98 -1.68 30.88 -11.46
C TYR M 98 -2.80 30.86 -10.41
N GLY M 99 -3.95 31.42 -10.74
CA GLY M 99 -5.08 31.38 -9.84
C GLY M 99 -5.47 29.97 -9.45
N LYS M 100 -5.17 29.01 -10.32
CA LYS M 100 -5.50 27.63 -10.05
C LYS M 100 -4.25 26.81 -9.79
N ARG M 101 -3.27 27.41 -9.13
CA ARG M 101 -1.97 26.81 -8.85
C ARG M 101 -2.06 25.50 -8.06
N PHE M 102 -3.19 25.27 -7.42
CA PHE M 102 -3.35 24.03 -6.67
C PHE M 102 -4.45 23.08 -7.17
N PHE M 103 -5.04 23.44 -8.30
CA PHE M 103 -5.87 22.55 -9.08
C PHE M 103 -5.73 23.03 -10.52
N PRO M 104 -4.52 22.88 -11.09
CA PRO M 104 -4.11 23.48 -12.37
C PRO M 104 -5.02 23.24 -13.54
N TYR M 105 -4.89 24.11 -14.54
CA TYR M 105 -5.49 23.92 -15.83
C TYR M 105 -4.51 23.04 -16.55
N TYR M 106 -4.93 21.82 -16.84
CA TYR M 106 -4.01 20.86 -17.42
C TYR M 106 -3.89 21.17 -18.91
N VAL M 107 -3.21 22.27 -19.21
CA VAL M 107 -3.05 22.71 -20.58
C VAL M 107 -1.72 23.42 -20.77
N HIS M 108 -1.25 23.39 -22.01
CA HIS M 108 -0.11 24.20 -22.39
C HIS M 108 -0.61 25.27 -23.35
N THR M 109 -0.37 26.53 -23.01
CA THR M 109 -1.02 27.62 -23.72
C THR M 109 -0.06 28.42 -24.56
N ILE M 110 -0.49 28.77 -25.77
CA ILE M 110 0.28 29.67 -26.63
C ILE M 110 -0.65 30.80 -27.07
N ILE M 111 -0.14 32.03 -27.09
CA ILE M 111 -0.88 33.10 -27.76
C ILE M 111 -0.03 33.81 -28.78
N ALA M 112 -0.69 34.39 -29.78
CA ALA M 112 0.00 35.07 -30.85
C ALA M 112 -0.71 36.32 -31.33
N GLY M 113 0.09 37.34 -31.61
CA GLY M 113 -0.34 38.53 -32.31
C GLY M 113 0.83 39.43 -32.64
N LEU M 114 0.61 40.74 -32.57
CA LEU M 114 1.65 41.71 -32.84
C LEU M 114 1.86 42.53 -31.58
N ASP M 115 3.12 42.78 -31.23
CA ASP M 115 3.43 43.65 -30.09
C ASP M 115 3.11 45.13 -30.41
N GLU M 116 3.61 46.02 -29.57
CA GLU M 116 3.25 47.43 -29.72
C GLU M 116 4.01 48.10 -30.86
N ASP M 117 5.13 47.48 -31.26
CA ASP M 117 5.93 47.98 -32.38
C ASP M 117 5.54 47.38 -33.74
N GLY M 118 4.48 46.56 -33.77
CA GLY M 118 4.05 45.89 -34.99
C GLY M 118 4.76 44.58 -35.28
N LYS M 119 5.81 44.28 -34.53
CA LYS M 119 6.55 43.03 -34.64
C LYS M 119 5.71 41.81 -34.25
N GLY M 120 6.02 40.66 -34.85
CA GLY M 120 5.31 39.42 -34.55
C GLY M 120 5.56 38.95 -33.13
N ALA M 121 4.51 38.49 -32.45
CA ALA M 121 4.67 38.02 -31.07
C ALA M 121 4.03 36.67 -30.78
N VAL M 122 4.76 35.87 -30.00
CA VAL M 122 4.27 34.58 -29.55
C VAL M 122 4.64 34.42 -28.08
N TYR M 123 3.66 34.03 -27.28
CA TYR M 123 3.87 33.79 -25.87
C TYR M 123 3.46 32.37 -25.51
N SER M 124 4.26 31.71 -24.69
CA SER M 124 4.03 30.32 -24.33
C SER M 124 3.93 30.20 -22.81
N PHE M 125 3.00 29.35 -22.37
CA PHE M 125 2.70 29.25 -20.93
C PHE M 125 2.76 27.83 -20.39
N ASP M 126 3.26 27.72 -19.16
CA ASP M 126 3.03 26.59 -18.27
C ASP M 126 1.55 26.22 -18.11
N PRO M 127 1.31 25.11 -17.40
CA PRO M 127 -0.03 24.88 -16.86
C PRO M 127 -0.29 25.77 -15.65
N VAL M 128 0.75 26.27 -15.01
CA VAL M 128 0.53 27.14 -13.86
C VAL M 128 1.10 28.56 -13.97
N GLY M 129 1.22 29.06 -15.20
CA GLY M 129 1.38 30.49 -15.39
C GLY M 129 2.74 31.03 -15.77
N SER M 130 3.77 30.19 -15.72
CA SER M 130 5.11 30.63 -16.11
C SER M 130 5.11 30.93 -17.60
N TYR M 131 5.80 31.98 -18.03
CA TYR M 131 5.76 32.37 -19.44
C TYR M 131 6.97 33.15 -19.97
N GLU M 132 7.06 33.22 -21.31
CA GLU M 132 8.15 33.86 -22.04
C GLU M 132 7.66 34.27 -23.40
N ARG M 133 8.25 35.31 -23.96
CA ARG M 133 7.95 35.59 -25.35
C ARG M 133 8.88 34.70 -26.12
N GLU M 134 8.42 34.17 -27.24
CA GLU M 134 9.25 33.22 -27.99
C GLU M 134 9.12 33.37 -29.50
N GLN M 135 10.19 32.99 -30.18
CA GLN M 135 10.25 33.07 -31.64
C GLN M 135 9.29 32.06 -32.25
N CYS M 136 9.32 30.85 -31.70
CA CYS M 136 8.41 29.80 -32.11
C CYS M 136 8.26 28.69 -31.07
N ARG M 137 7.07 28.12 -30.99
CA ARG M 137 6.78 27.13 -29.98
C ARG M 137 5.75 26.14 -30.48
N ALA M 138 6.08 24.85 -30.39
CA ALA M 138 5.09 23.80 -30.56
C ALA M 138 4.68 23.33 -29.18
N GLY M 139 3.43 22.90 -29.06
CA GLY M 139 2.97 22.32 -27.81
C GLY M 139 2.02 21.15 -28.05
N GLY M 140 1.92 20.28 -27.05
CA GLY M 140 1.04 19.12 -27.17
C GLY M 140 1.77 17.87 -27.65
N ALA M 141 0.98 16.92 -28.14
CA ALA M 141 1.44 15.56 -28.46
C ALA M 141 2.78 15.46 -29.21
N ALA M 142 2.79 15.92 -30.46
CA ALA M 142 3.96 15.87 -31.33
C ALA M 142 5.00 16.98 -31.11
N ALA M 143 4.94 17.70 -30.00
CA ALA M 143 5.83 18.84 -29.83
C ALA M 143 7.31 18.43 -29.89
N SER M 144 7.63 17.27 -29.32
CA SER M 144 9.00 16.76 -29.36
C SER M 144 9.46 16.30 -30.77
N LEU M 145 8.50 16.03 -31.65
CA LEU M 145 8.80 15.74 -33.05
C LEU M 145 9.04 16.99 -33.90
N ILE M 146 8.38 18.08 -33.54
CA ILE M 146 8.41 19.30 -34.34
C ILE M 146 9.45 20.30 -33.86
N MET M 147 9.60 20.43 -32.56
CA MET M 147 10.58 21.36 -32.00
C MET M 147 12.01 21.27 -32.53
N PRO M 148 12.57 20.05 -32.65
CA PRO M 148 13.94 19.95 -33.20
C PRO M 148 14.03 20.40 -34.66
N PHE M 149 13.01 20.09 -35.44
CA PHE M 149 12.94 20.49 -36.85
C PHE M 149 12.97 22.00 -37.00
N LEU M 150 12.06 22.68 -36.30
CA LEU M 150 12.02 24.15 -36.25
C LEU M 150 13.32 24.75 -35.73
N ASP M 151 14.01 24.09 -34.81
CA ASP M 151 15.32 24.54 -34.38
C ASP M 151 16.24 24.64 -35.60
N ASN M 152 16.13 23.64 -36.47
CA ASN M 152 17.06 23.48 -37.57
C ASN M 152 16.67 24.36 -38.73
N GLN M 153 15.41 24.30 -39.15
CA GLN M 153 14.99 24.94 -40.39
C GLN M 153 14.48 26.36 -40.23
N VAL M 154 14.56 26.90 -39.01
CA VAL M 154 14.08 28.25 -38.69
C VAL M 154 15.15 29.11 -38.01
N ASN M 155 15.96 28.50 -37.17
CA ASN M 155 17.06 29.22 -36.52
C ASN M 155 18.39 28.80 -37.06
N PHE M 156 18.34 27.98 -38.11
CA PHE M 156 19.53 27.49 -38.79
C PHE M 156 20.58 26.97 -37.82
N LYS M 157 20.12 26.22 -36.83
CA LYS M 157 21.02 25.63 -35.84
C LYS M 157 21.76 24.40 -36.42
N ASN M 158 23.01 24.25 -36.03
CA ASN M 158 23.90 23.20 -36.55
C ASN M 158 24.20 23.30 -38.05
N GLN M 159 23.69 24.34 -38.69
CA GLN M 159 24.08 24.64 -40.06
C GLN M 159 25.17 25.70 -40.05
N TYR M 160 26.27 25.43 -40.75
CA TYR M 160 27.35 26.40 -40.93
C TYR M 160 27.57 26.69 -42.42
N GLU M 161 28.32 27.75 -42.69
CA GLU M 161 28.51 28.17 -44.08
C GLU M 161 29.44 27.21 -44.81
N PRO M 162 28.93 26.63 -45.91
CA PRO M 162 29.67 25.68 -46.75
C PRO M 162 31.09 26.14 -47.03
N GLY M 163 32.08 25.32 -46.68
CA GLY M 163 33.45 25.65 -46.99
C GLY M 163 34.21 26.28 -45.84
N THR M 164 33.51 27.01 -44.97
CA THR M 164 34.15 27.57 -43.77
C THR M 164 34.42 26.43 -42.78
N ASN M 165 33.73 25.31 -42.99
CA ASN M 165 33.77 24.15 -42.09
C ASN M 165 33.57 24.55 -40.62
N GLY M 166 32.32 24.94 -40.31
CA GLY M 166 31.93 25.23 -38.94
C GLY M 166 32.62 26.42 -38.31
N LYS M 167 33.05 27.36 -39.13
CA LYS M 167 33.73 28.56 -38.65
C LYS M 167 32.79 29.76 -38.73
N VAL M 168 31.88 29.73 -39.71
CA VAL M 168 30.87 30.77 -39.89
C VAL M 168 29.47 30.15 -39.87
N LYS M 169 28.66 30.53 -38.89
CA LYS M 169 27.27 30.07 -38.83
C LYS M 169 26.48 30.56 -40.02
N LYS M 170 25.63 29.70 -40.56
CA LYS M 170 24.75 30.11 -41.63
C LYS M 170 23.83 31.19 -41.07
N PRO M 171 23.77 32.35 -41.75
CA PRO M 171 23.09 33.57 -41.28
C PRO M 171 21.57 33.44 -41.32
N LEU M 172 20.89 33.87 -40.26
CA LEU M 172 19.45 33.65 -40.14
C LEU M 172 18.57 34.75 -40.72
N LYS M 173 18.64 34.94 -42.04
CA LYS M 173 17.71 35.82 -42.74
C LYS M 173 16.28 35.36 -42.47
N TYR M 174 15.41 36.30 -42.10
CA TYR M 174 14.04 35.91 -41.72
C TYR M 174 13.02 35.82 -42.87
N LEU M 175 11.84 35.31 -42.53
CA LEU M 175 10.99 34.57 -43.45
C LEU M 175 9.64 35.21 -43.71
N SER M 176 9.21 35.15 -44.96
CA SER M 176 7.88 35.58 -45.33
C SER M 176 6.83 34.70 -44.65
N VAL M 177 5.61 35.21 -44.56
CA VAL M 177 4.53 34.41 -44.03
C VAL M 177 4.32 33.15 -44.89
N GLU M 178 4.58 33.27 -46.20
CA GLU M 178 4.42 32.13 -47.12
C GLU M 178 5.37 30.97 -46.85
N GLU M 179 6.62 31.29 -46.51
CA GLU M 179 7.62 30.29 -46.16
C GLU M 179 7.30 29.66 -44.81
N VAL M 180 7.01 30.51 -43.83
CA VAL M 180 6.59 30.06 -42.50
C VAL M 180 5.44 29.05 -42.62
N ILE M 181 4.48 29.32 -43.47
CA ILE M 181 3.37 28.37 -43.67
C ILE M 181 3.80 27.01 -44.25
N LYS M 182 4.77 27.00 -45.16
CA LYS M 182 5.27 25.72 -45.70
C LYS M 182 5.90 24.90 -44.59
N LEU M 183 6.75 25.56 -43.80
CA LEU M 183 7.34 24.95 -42.62
C LEU M 183 6.26 24.39 -41.66
N VAL M 184 5.19 25.15 -41.45
CA VAL M 184 4.13 24.68 -40.56
C VAL M 184 3.51 23.40 -41.12
N ARG M 185 3.17 23.42 -42.41
CA ARG M 185 2.53 22.29 -43.07
C ARG M 185 3.42 21.05 -43.07
N ASP M 186 4.69 21.22 -43.40
CA ASP M 186 5.58 20.08 -43.44
C ASP M 186 5.83 19.53 -42.03
N SER M 187 5.74 20.40 -41.04
CA SER M 187 5.89 19.97 -39.66
C SER M 187 4.72 19.10 -39.26
N PHE M 188 3.53 19.48 -39.71
CA PHE M 188 2.35 18.74 -39.31
C PHE M 188 2.23 17.44 -40.07
N THR M 189 2.63 17.41 -41.33
CA THR M 189 2.54 16.18 -42.10
C THR M 189 3.58 15.18 -41.59
N SER M 190 4.77 15.68 -41.31
CA SER M 190 5.74 14.91 -40.55
C SER M 190 5.17 14.45 -39.22
N ALA M 191 4.54 15.35 -38.47
CA ALA M 191 3.85 14.94 -37.26
C ALA M 191 2.84 13.80 -37.47
N THR M 192 1.89 13.96 -38.40
CA THR M 192 0.83 12.94 -38.52
C THR M 192 1.26 11.55 -39.05
N GLU M 193 2.42 11.49 -39.70
CA GLU M 193 2.99 10.21 -40.12
C GLU M 193 3.37 9.35 -38.92
N ARG M 194 3.95 9.99 -37.90
CA ARG M 194 4.69 9.28 -36.86
C ARG M 194 4.02 9.30 -35.50
N HIS M 195 2.94 10.07 -35.39
CA HIS M 195 2.18 10.20 -34.16
C HIS M 195 0.70 9.87 -34.40
N ILE M 196 0.16 8.99 -33.57
CA ILE M 196 -1.21 8.52 -33.74
C ILE M 196 -2.24 9.53 -33.29
N GLN M 197 -1.82 10.51 -32.48
CA GLN M 197 -2.76 11.55 -32.03
C GLN M 197 -2.93 12.69 -33.04
N VAL M 198 -1.87 13.00 -33.79
CA VAL M 198 -1.93 14.03 -34.82
C VAL M 198 -2.50 13.54 -36.17
N GLY M 199 -3.42 14.30 -36.75
CA GLY M 199 -4.04 13.99 -38.03
C GLY M 199 -5.31 14.78 -38.35
N ASP M 200 -6.01 14.33 -39.39
CA ASP M 200 -7.32 14.85 -39.77
C ASP M 200 -7.34 16.19 -40.50
N GLY M 201 -6.88 17.25 -39.84
CA GLY M 201 -6.93 18.57 -40.44
C GLY M 201 -6.02 19.56 -39.74
N LEU M 202 -5.62 20.59 -40.48
CA LEU M 202 -4.76 21.64 -39.96
C LEU M 202 -5.41 23.03 -40.15
N GLU M 203 -5.71 23.71 -39.04
CA GLU M 203 -6.24 25.07 -39.13
C GLU M 203 -5.15 26.04 -38.71
N ILE M 204 -4.87 27.02 -39.57
CA ILE M 204 -3.86 28.03 -39.24
C ILE M 204 -4.48 29.42 -39.17
N LEU M 205 -4.24 30.12 -38.07
CA LEU M 205 -4.67 31.51 -37.97
C LEU M 205 -3.49 32.47 -38.19
N ILE M 206 -3.65 33.42 -39.11
CA ILE M 206 -2.57 34.33 -39.45
C ILE M 206 -2.88 35.74 -38.98
N VAL M 207 -1.97 36.30 -38.19
CA VAL M 207 -2.16 37.64 -37.65
C VAL M 207 -1.28 38.64 -38.37
N THR M 208 -1.92 39.65 -38.96
CA THR M 208 -1.25 40.73 -39.66
C THR M 208 -1.72 42.04 -39.04
N LYS M 209 -1.15 43.17 -39.48
CA LYS M 209 -1.68 44.46 -39.05
C LYS M 209 -3.11 44.64 -39.54
N ASP M 210 -3.50 43.88 -40.56
CA ASP M 210 -4.84 43.98 -41.13
C ASP M 210 -5.84 43.04 -40.44
N GLY M 211 -5.40 42.36 -39.39
CA GLY M 211 -6.31 41.48 -38.67
C GLY M 211 -5.99 40.00 -38.84
N VAL M 212 -7.00 39.18 -38.60
CA VAL M 212 -6.80 37.75 -38.48
C VAL M 212 -7.37 37.00 -39.67
N ARG M 213 -6.50 36.22 -40.30
CA ARG M 213 -6.85 35.38 -41.43
C ARG M 213 -6.78 33.90 -41.03
N LYS M 214 -7.61 33.07 -41.66
CA LYS M 214 -7.69 31.66 -41.33
C LYS M 214 -7.45 30.77 -42.55
N GLU M 215 -6.66 29.72 -42.38
CA GLU M 215 -6.40 28.77 -43.47
C GLU M 215 -6.54 27.33 -42.99
N PHE M 216 -7.06 26.47 -43.86
CA PHE M 216 -7.22 25.07 -43.51
C PHE M 216 -6.67 24.12 -44.56
N TYR M 217 -6.05 23.05 -44.09
CA TYR M 217 -5.47 22.02 -44.95
C TYR M 217 -5.79 20.67 -44.37
N GLU M 218 -6.15 19.71 -45.21
CA GLU M 218 -6.43 18.37 -44.72
C GLU M 218 -5.15 17.64 -44.36
N LEU M 219 -5.28 16.73 -43.40
CA LEU M 219 -4.21 15.82 -43.00
C LEU M 219 -4.66 14.35 -43.16
N LYS M 220 -3.72 13.42 -43.05
CA LYS M 220 -4.06 12.00 -43.17
C LYS M 220 -5.02 11.58 -42.05
N ARG M 221 -5.97 10.71 -42.38
CA ARG M 221 -7.06 10.41 -41.45
C ARG M 221 -7.02 9.09 -40.66
N ASP M 222 -5.85 8.48 -40.52
CA ASP M 222 -5.74 7.14 -39.90
C ASP M 222 -5.28 7.10 -38.42
N THR N 1 -16.68 13.04 -5.21
CA THR N 1 -16.13 11.84 -5.85
C THR N 1 -17.01 10.64 -5.54
N GLN N 2 -17.52 10.01 -6.59
CA GLN N 2 -18.47 8.94 -6.40
C GLN N 2 -18.12 7.69 -7.23
N GLN N 3 -19.02 6.72 -7.25
CA GLN N 3 -18.97 5.61 -8.19
C GLN N 3 -20.38 5.31 -8.64
N PRO N 4 -20.60 5.18 -9.96
CA PRO N 4 -21.94 4.92 -10.53
C PRO N 4 -22.53 3.58 -10.10
N ILE N 5 -23.86 3.52 -10.00
CA ILE N 5 -24.55 2.34 -9.53
C ILE N 5 -25.41 1.75 -10.61
N VAL N 6 -26.51 2.42 -10.92
CA VAL N 6 -27.43 1.94 -11.93
C VAL N 6 -27.03 2.63 -13.23
N THR N 7 -26.76 1.89 -14.29
CA THR N 7 -26.17 2.52 -15.47
C THR N 7 -26.90 2.31 -16.79
N GLY N 8 -26.69 3.24 -17.73
CA GLY N 8 -27.18 3.08 -19.08
C GLY N 8 -26.01 3.09 -20.07
N THR N 9 -26.06 2.19 -21.04
CA THR N 9 -24.95 2.05 -21.99
C THR N 9 -25.05 3.10 -23.12
N SER N 10 -24.61 2.77 -24.33
CA SER N 10 -24.45 3.74 -25.41
C SER N 10 -25.64 4.65 -25.70
N VAL N 11 -25.31 5.88 -26.08
CA VAL N 11 -26.24 6.76 -26.77
C VAL N 11 -25.53 7.01 -28.08
N ILE N 12 -26.23 6.88 -29.19
CA ILE N 12 -25.60 7.04 -30.50
C ILE N 12 -26.45 7.96 -31.34
N SER N 13 -25.84 8.66 -32.30
CA SER N 13 -26.58 9.67 -33.06
C SER N 13 -25.80 10.23 -34.24
N MET N 14 -26.52 10.77 -35.22
CA MET N 14 -25.88 11.44 -36.34
C MET N 14 -26.77 12.50 -36.92
N LYS N 15 -26.23 13.30 -37.84
CA LYS N 15 -27.07 14.29 -38.50
C LYS N 15 -27.14 14.07 -40.00
N TYR N 16 -28.34 14.24 -40.55
CA TYR N 16 -28.57 14.04 -41.97
C TYR N 16 -28.99 15.38 -42.59
N ASP N 17 -29.35 15.36 -43.88
CA ASP N 17 -29.62 16.58 -44.64
C ASP N 17 -30.55 17.61 -43.95
N ASN N 18 -31.55 17.11 -43.22
CA ASN N 18 -32.60 17.96 -42.67
C ASN N 18 -32.67 18.07 -41.15
N GLY N 19 -31.92 17.23 -40.45
CA GLY N 19 -31.97 17.25 -39.00
C GLY N 19 -31.02 16.26 -38.36
N VAL N 20 -31.42 15.74 -37.20
CA VAL N 20 -30.60 14.76 -36.50
C VAL N 20 -31.43 13.54 -36.08
N ILE N 21 -30.73 12.44 -35.79
CA ILE N 21 -31.35 11.27 -35.18
C ILE N 21 -30.53 10.92 -33.96
N ILE N 22 -31.18 10.38 -32.95
CA ILE N 22 -30.49 9.95 -31.75
C ILE N 22 -31.21 8.71 -31.21
N ALA N 23 -30.43 7.71 -30.78
CA ALA N 23 -31.01 6.46 -30.25
C ALA N 23 -30.39 6.00 -28.93
N ALA N 24 -31.19 5.29 -28.12
CA ALA N 24 -30.72 4.74 -26.85
C ALA N 24 -31.59 3.60 -26.35
N ASP N 25 -30.97 2.50 -25.94
CA ASP N 25 -31.76 1.37 -25.44
C ASP N 25 -32.37 1.61 -24.06
N ASN N 26 -33.39 0.83 -23.73
CA ASN N 26 -34.27 1.13 -22.62
C ASN N 26 -33.88 0.40 -21.35
N LEU N 27 -32.59 0.37 -21.04
CA LEU N 27 -32.12 -0.47 -19.95
C LEU N 27 -31.25 0.28 -18.92
N GLY N 28 -31.47 -0.06 -17.65
CA GLY N 28 -30.57 0.35 -16.60
C GLY N 28 -30.00 -0.89 -15.95
N SER N 29 -28.70 -1.11 -16.11
CA SER N 29 -27.97 -2.23 -15.51
C SER N 29 -27.46 -1.89 -14.11
N TYR N 30 -27.30 -2.91 -13.27
CA TYR N 30 -26.78 -2.77 -11.93
C TYR N 30 -25.55 -3.66 -11.90
N GLY N 31 -24.44 -3.13 -12.41
CA GLY N 31 -23.28 -3.96 -12.64
C GLY N 31 -23.60 -4.99 -13.72
N SER N 32 -23.46 -6.27 -13.38
CA SER N 32 -23.68 -7.34 -14.36
C SER N 32 -25.15 -7.68 -14.47
N LEU N 33 -25.93 -7.25 -13.47
CA LEU N 33 -27.37 -7.48 -13.43
C LEU N 33 -28.12 -6.54 -14.38
N LEU N 34 -28.91 -7.09 -15.29
CA LEU N 34 -29.72 -6.27 -16.19
C LEU N 34 -31.05 -5.90 -15.48
N ARG N 35 -31.01 -4.87 -14.66
CA ARG N 35 -32.06 -4.68 -13.65
C ARG N 35 -33.37 -4.07 -14.11
N PHE N 36 -33.31 -3.02 -14.91
CA PHE N 36 -34.51 -2.29 -15.24
C PHE N 36 -34.69 -2.15 -16.74
N ASN N 37 -35.83 -2.61 -17.23
CA ASN N 37 -36.06 -2.60 -18.67
C ASN N 37 -36.97 -1.52 -19.23
N GLY N 38 -37.41 -0.59 -18.40
CA GLY N 38 -38.33 0.42 -18.91
C GLY N 38 -37.69 1.80 -19.08
N VAL N 39 -36.41 1.89 -18.77
CA VAL N 39 -35.71 3.17 -18.67
C VAL N 39 -35.68 3.98 -19.97
N GLU N 40 -36.39 5.11 -19.99
CA GLU N 40 -36.25 6.01 -21.11
C GLU N 40 -35.07 6.91 -20.86
N ARG N 41 -34.13 6.93 -21.81
CA ARG N 41 -32.86 7.63 -21.67
C ARG N 41 -32.71 8.72 -22.73
N LEU N 42 -33.78 8.91 -23.50
CA LEU N 42 -33.87 10.04 -24.41
C LEU N 42 -34.82 11.07 -23.81
N ILE N 43 -34.27 12.24 -23.47
CA ILE N 43 -35.07 13.26 -22.82
C ILE N 43 -35.34 14.37 -23.81
N PRO N 44 -36.60 14.49 -24.22
CA PRO N 44 -36.99 15.58 -25.11
C PRO N 44 -37.18 16.83 -24.28
N VAL N 45 -36.65 17.93 -24.78
CA VAL N 45 -36.86 19.24 -24.20
C VAL N 45 -37.43 20.15 -25.27
N GLY N 46 -38.74 20.37 -25.23
CA GLY N 46 -39.38 21.21 -26.24
C GLY N 46 -39.69 20.35 -27.44
N ASP N 47 -39.51 20.91 -28.63
CA ASP N 47 -39.76 20.16 -29.87
C ASP N 47 -38.69 20.44 -30.93
N ASN N 48 -37.53 20.89 -30.46
CA ASN N 48 -36.37 21.09 -31.31
C ASN N 48 -35.14 20.41 -30.71
N THR N 49 -35.36 19.65 -29.64
CA THR N 49 -34.26 19.15 -28.83
C THR N 49 -34.59 17.83 -28.15
N VAL N 50 -33.72 16.84 -28.35
CA VAL N 50 -33.71 15.61 -27.55
C VAL N 50 -32.34 15.46 -26.89
N VAL N 51 -32.32 15.03 -25.62
CA VAL N 51 -31.07 14.88 -24.88
C VAL N 51 -30.90 13.43 -24.44
N GLY N 52 -29.93 12.73 -25.04
CA GLY N 52 -29.65 11.33 -24.70
C GLY N 52 -28.56 11.18 -23.65
N ILE N 53 -28.86 10.46 -22.58
CA ILE N 53 -27.96 10.33 -21.43
C ILE N 53 -27.53 8.89 -21.09
N SER N 54 -26.22 8.68 -21.07
CA SER N 54 -25.69 7.42 -20.59
C SER N 54 -24.98 7.70 -19.28
N GLY N 55 -24.68 6.64 -18.54
CA GLY N 55 -24.00 6.82 -17.28
C GLY N 55 -24.96 6.57 -16.15
N ASP N 56 -24.57 7.01 -14.96
CA ASP N 56 -25.34 6.80 -13.74
C ASP N 56 -26.79 7.29 -13.86
N ILE N 57 -27.73 6.43 -13.51
CA ILE N 57 -29.12 6.74 -13.79
C ILE N 57 -29.76 7.64 -12.75
N SER N 58 -29.27 7.60 -11.51
CA SER N 58 -29.69 8.58 -10.50
C SER N 58 -29.28 9.99 -10.93
N ASP N 59 -28.07 10.12 -11.48
CA ASP N 59 -27.60 11.42 -11.95
C ASP N 59 -28.35 11.87 -13.20
N MET N 60 -28.81 10.91 -13.99
CA MET N 60 -29.60 11.23 -15.18
C MET N 60 -30.95 11.81 -14.76
N GLN N 61 -31.57 11.19 -13.77
CA GLN N 61 -32.89 11.63 -13.33
C GLN N 61 -32.81 13.05 -12.79
N HIS N 62 -31.80 13.31 -11.97
CA HIS N 62 -31.44 14.67 -11.58
C HIS N 62 -31.31 15.61 -12.77
N ILE N 63 -30.51 15.24 -13.76
CA ILE N 63 -30.33 16.10 -14.95
C ILE N 63 -31.66 16.28 -15.63
N GLU N 64 -32.44 15.21 -15.67
CA GLU N 64 -33.73 15.22 -16.32
C GLU N 64 -34.67 16.30 -15.74
N ARG N 65 -34.71 16.42 -14.42
CA ARG N 65 -35.57 17.40 -13.80
C ARG N 65 -34.96 18.82 -13.87
N LEU N 66 -33.65 18.92 -13.95
CA LEU N 66 -33.03 20.20 -14.23
C LEU N 66 -33.59 20.74 -15.52
N LEU N 67 -33.80 19.86 -16.49
CA LEU N 67 -34.29 20.28 -17.78
C LEU N 67 -35.72 20.79 -17.71
N LYS N 68 -36.55 20.17 -16.88
CA LYS N 68 -37.92 20.65 -16.74
C LYS N 68 -37.94 22.02 -16.09
N ASP N 69 -37.14 22.19 -15.04
CA ASP N 69 -37.01 23.46 -14.35
C ASP N 69 -36.57 24.52 -15.36
N LEU N 70 -35.71 24.11 -16.28
CA LEU N 70 -35.23 25.01 -17.29
C LEU N 70 -36.33 25.43 -18.26
N VAL N 71 -37.26 24.54 -18.54
CA VAL N 71 -38.37 24.90 -19.42
C VAL N 71 -39.40 25.80 -18.70
N THR N 72 -39.75 25.44 -17.47
CA THR N 72 -40.62 26.26 -16.62
C THR N 72 -40.08 27.70 -16.46
N GLU N 73 -38.82 27.82 -16.07
CA GLU N 73 -38.21 29.13 -15.85
C GLU N 73 -38.07 29.97 -17.12
N ASN N 74 -37.94 29.33 -18.27
CA ASN N 74 -37.81 30.09 -19.51
C ASN N 74 -39.12 30.80 -19.79
N ALA N 75 -40.21 30.20 -19.34
CA ALA N 75 -41.54 30.63 -19.71
C ALA N 75 -42.07 31.70 -18.75
N TYR N 76 -41.34 31.91 -17.66
CA TYR N 76 -41.62 33.00 -16.72
C TYR N 76 -41.39 34.36 -17.39
N ASP N 77 -42.38 35.25 -17.30
CA ASP N 77 -42.27 36.61 -17.84
C ASP N 77 -41.82 36.63 -19.30
N ASN N 78 -42.34 35.67 -20.06
CA ASN N 78 -41.89 35.47 -21.44
C ASN N 78 -43.08 35.15 -22.33
N PRO N 79 -43.56 36.16 -23.05
CA PRO N 79 -44.70 35.95 -23.95
C PRO N 79 -44.22 35.35 -25.25
N LEU N 80 -42.90 35.23 -25.35
CA LEU N 80 -42.28 34.57 -26.50
C LEU N 80 -41.60 33.23 -26.14
N ALA N 81 -42.20 32.45 -25.25
CA ALA N 81 -41.59 31.16 -24.91
C ALA N 81 -42.05 30.07 -25.87
N ASP N 82 -42.99 30.43 -26.74
CA ASP N 82 -43.49 29.48 -27.75
C ASP N 82 -43.06 29.90 -29.16
N ALA N 83 -42.16 30.89 -29.23
CA ALA N 83 -41.51 31.33 -30.46
C ALA N 83 -40.45 32.38 -30.17
N GLU N 84 -39.37 32.41 -30.94
CA GLU N 84 -38.32 33.42 -30.77
C GLU N 84 -37.51 33.36 -29.46
N GLU N 85 -38.19 33.25 -28.33
CA GLU N 85 -37.49 33.10 -27.05
C GLU N 85 -37.85 31.78 -26.41
N ALA N 86 -38.14 30.81 -27.26
CA ALA N 86 -38.26 29.43 -26.82
C ALA N 86 -36.86 28.86 -26.65
N LEU N 87 -36.76 27.79 -25.87
CA LEU N 87 -35.47 27.12 -25.65
C LEU N 87 -34.82 26.61 -26.95
N GLU N 88 -33.56 26.96 -27.14
CA GLU N 88 -32.82 26.56 -28.31
C GLU N 88 -31.85 25.41 -27.94
N PRO N 89 -31.65 24.41 -28.82
CA PRO N 89 -30.73 23.29 -28.58
C PRO N 89 -29.40 23.74 -27.99
N SER N 90 -28.77 24.76 -28.57
CA SER N 90 -27.50 25.28 -28.05
C SER N 90 -27.59 25.86 -26.63
N TYR N 91 -28.75 26.41 -26.26
CA TYR N 91 -28.89 26.96 -24.91
C TYR N 91 -28.85 25.82 -23.91
N ILE N 92 -29.61 24.78 -24.22
CA ILE N 92 -29.76 23.63 -23.35
C ILE N 92 -28.40 22.94 -23.23
N PHE N 93 -27.62 23.00 -24.30
CA PHE N 93 -26.31 22.39 -24.26
C PHE N 93 -25.34 23.16 -23.35
N GLU N 94 -25.21 24.46 -23.60
CA GLU N 94 -24.27 25.28 -22.86
C GLU N 94 -24.52 25.21 -21.34
N TYR N 95 -25.79 25.00 -20.98
CA TYR N 95 -26.18 24.92 -19.59
C TYR N 95 -25.62 23.64 -18.98
N LEU N 96 -26.00 22.50 -19.57
CA LEU N 96 -25.50 21.19 -19.19
C LEU N 96 -23.97 21.16 -19.13
N ALA N 97 -23.34 21.57 -20.23
CA ALA N 97 -21.90 21.72 -20.26
C ALA N 97 -21.37 22.49 -19.06
N THR N 98 -22.02 23.60 -18.72
CA THR N 98 -21.62 24.45 -17.58
C THR N 98 -21.71 23.69 -16.24
N VAL N 99 -22.85 23.05 -16.02
CA VAL N 99 -23.03 22.21 -14.85
C VAL N 99 -22.01 21.06 -14.77
N MET N 100 -21.79 20.37 -15.89
CA MET N 100 -20.84 19.23 -15.91
C MET N 100 -19.45 19.66 -15.47
N TYR N 101 -18.95 20.74 -16.09
CA TYR N 101 -17.59 21.16 -15.80
C TYR N 101 -17.44 21.70 -14.38
N GLN N 102 -18.53 22.27 -13.86
CA GLN N 102 -18.61 22.79 -12.50
C GLN N 102 -18.59 21.68 -11.46
N ARG N 103 -19.37 20.62 -11.70
CA ARG N 103 -19.36 19.46 -10.82
C ARG N 103 -18.01 18.73 -10.83
N ARG N 104 -17.41 18.60 -12.01
CA ARG N 104 -16.07 18.01 -12.11
C ARG N 104 -15.13 18.84 -11.28
N SER N 105 -15.24 20.17 -11.43
CA SER N 105 -14.38 21.11 -10.72
C SER N 105 -14.61 21.13 -9.21
N LYS N 106 -15.75 20.65 -8.76
CA LYS N 106 -15.95 20.46 -7.34
C LYS N 106 -15.54 19.09 -6.85
N MET N 107 -15.00 18.25 -7.74
CA MET N 107 -14.60 16.87 -7.40
C MET N 107 -15.80 16.04 -6.95
N ASN N 108 -16.91 16.24 -7.66
CA ASN N 108 -18.14 15.56 -7.35
C ASN N 108 -19.02 15.54 -8.59
N PRO N 109 -18.57 14.79 -9.62
CA PRO N 109 -19.14 14.82 -10.97
C PRO N 109 -20.57 14.33 -11.04
N LEU N 110 -21.24 14.72 -12.12
CA LEU N 110 -22.51 14.15 -12.51
C LEU N 110 -22.09 13.03 -13.44
N TRP N 111 -22.16 11.80 -12.96
CA TRP N 111 -21.43 10.70 -13.60
C TRP N 111 -22.03 10.22 -14.95
N ASN N 112 -21.97 11.08 -15.95
CA ASN N 112 -22.71 10.86 -17.18
C ASN N 112 -21.94 11.20 -18.43
N ALA N 113 -22.50 10.80 -19.57
CA ALA N 113 -22.08 11.29 -20.86
C ALA N 113 -23.36 11.63 -21.64
N ILE N 114 -23.42 12.87 -22.13
CA ILE N 114 -24.63 13.42 -22.70
C ILE N 114 -24.42 13.78 -24.16
N ILE N 115 -25.40 13.48 -24.98
CA ILE N 115 -25.41 14.01 -26.34
C ILE N 115 -26.68 14.81 -26.57
N VAL N 116 -26.49 16.08 -26.91
CA VAL N 116 -27.60 16.98 -27.18
C VAL N 116 -27.85 17.07 -28.67
N ALA N 117 -29.09 16.75 -29.05
CA ALA N 117 -29.45 16.66 -30.45
C ALA N 117 -30.68 17.49 -30.76
N GLY N 118 -30.56 18.36 -31.76
CA GLY N 118 -31.75 19.01 -32.26
C GLY N 118 -31.52 19.93 -33.43
N VAL N 119 -32.57 20.66 -33.79
CA VAL N 119 -32.52 21.63 -34.87
C VAL N 119 -32.72 23.02 -34.30
N GLN N 120 -31.77 23.91 -34.60
CA GLN N 120 -31.87 25.30 -34.18
C GLN N 120 -33.01 26.00 -34.93
N SER N 121 -33.37 27.19 -34.48
CA SER N 121 -34.46 27.95 -35.11
C SER N 121 -34.16 28.33 -36.56
N ASN N 122 -32.94 28.81 -36.82
CA ASN N 122 -32.51 29.16 -38.18
C ASN N 122 -32.59 27.97 -39.13
N GLY N 123 -32.47 26.76 -38.59
CA GLY N 123 -32.61 25.54 -39.38
C GLY N 123 -31.43 24.59 -39.25
N ASP N 124 -30.27 25.16 -38.87
CA ASP N 124 -29.03 24.43 -38.61
C ASP N 124 -29.24 23.24 -37.69
N GLN N 125 -28.58 22.12 -38.00
CA GLN N 125 -28.58 20.93 -37.14
C GLN N 125 -27.68 21.17 -35.94
N PHE N 126 -28.14 20.79 -34.76
CA PHE N 126 -27.27 20.84 -33.59
C PHE N 126 -26.93 19.43 -33.10
N LEU N 127 -25.65 19.17 -32.90
CA LEU N 127 -25.25 17.88 -32.35
C LEU N 127 -23.98 18.06 -31.54
N ARG N 128 -24.10 17.98 -30.23
CA ARG N 128 -22.90 18.11 -29.41
C ARG N 128 -22.94 17.20 -28.18
N TYR N 129 -21.75 17.01 -27.60
CA TYR N 129 -21.51 16.01 -26.58
C TYR N 129 -20.80 16.65 -25.40
N VAL N 130 -21.19 16.26 -24.20
CA VAL N 130 -20.51 16.69 -23.00
C VAL N 130 -20.52 15.49 -22.09
N ASN N 131 -19.49 15.34 -21.27
CA ASN N 131 -19.45 14.22 -20.32
C ASN N 131 -19.12 14.65 -18.90
N LEU N 132 -18.85 13.67 -18.04
CA LEU N 132 -18.71 13.92 -16.61
C LEU N 132 -17.45 14.73 -16.28
N LEU N 133 -16.64 15.01 -17.29
CA LEU N 133 -15.43 15.83 -17.12
C LEU N 133 -15.66 17.26 -17.62
N GLY N 134 -16.75 17.46 -18.35
CA GLY N 134 -17.04 18.73 -18.98
C GLY N 134 -16.37 18.89 -20.33
N VAL N 135 -15.73 17.81 -20.78
CA VAL N 135 -15.17 17.77 -22.12
C VAL N 135 -16.30 17.85 -23.14
N THR N 136 -16.09 18.61 -24.21
CA THR N 136 -17.13 18.81 -25.23
C THR N 136 -16.55 18.65 -26.64
N TYR N 137 -17.34 18.12 -27.56
CA TYR N 137 -16.98 18.08 -28.98
C TYR N 137 -18.18 17.81 -29.90
N SER N 138 -18.02 18.17 -31.17
CA SER N 138 -19.02 17.96 -32.21
C SER N 138 -18.44 17.23 -33.41
N SER N 139 -19.27 16.41 -34.05
CA SER N 139 -18.88 15.63 -35.22
C SER N 139 -20.17 15.26 -35.94
N PRO N 140 -20.11 14.92 -37.24
CA PRO N 140 -21.38 14.56 -37.89
C PRO N 140 -22.01 13.31 -37.30
N THR N 141 -21.20 12.46 -36.66
CA THR N 141 -21.73 11.34 -35.89
C THR N 141 -21.17 11.46 -34.48
N LEU N 142 -21.88 10.94 -33.48
CA LEU N 142 -21.44 11.02 -32.10
C LEU N 142 -21.99 9.82 -31.36
N ALA N 143 -21.24 9.33 -30.37
CA ALA N 143 -21.69 8.20 -29.57
C ALA N 143 -20.94 8.10 -28.26
N THR N 144 -21.59 7.54 -27.23
CA THR N 144 -20.95 7.26 -25.94
C THR N 144 -20.68 5.75 -25.74
N GLY N 145 -19.82 5.40 -24.78
CA GLY N 145 -19.53 4.00 -24.47
C GLY N 145 -19.11 3.13 -25.64
N PHE N 146 -19.63 1.90 -25.70
CA PHE N 146 -19.36 1.01 -26.82
C PHE N 146 -19.68 1.63 -28.15
N GLY N 147 -20.72 2.46 -28.16
CA GLY N 147 -21.15 3.14 -29.36
C GLY N 147 -19.99 3.86 -29.99
N ALA N 148 -19.13 4.44 -29.15
CA ALA N 148 -17.97 5.14 -29.66
C ALA N 148 -17.11 4.21 -30.54
N HIS N 149 -16.94 2.97 -30.08
CA HIS N 149 -16.06 2.04 -30.79
C HIS N 149 -16.72 1.26 -31.92
N MET N 150 -17.98 0.87 -31.74
CA MET N 150 -18.64 0.05 -32.75
C MET N 150 -19.63 0.82 -33.62
N ALA N 151 -20.38 1.74 -33.02
CA ALA N 151 -21.36 2.53 -33.79
C ALA N 151 -20.69 3.57 -34.68
N ASN N 152 -19.77 4.36 -34.13
CA ASN N 152 -19.13 5.40 -34.92
C ASN N 152 -18.52 4.96 -36.25
N PRO N 153 -17.82 3.80 -36.27
CA PRO N 153 -17.27 3.34 -37.55
C PRO N 153 -18.34 3.03 -38.62
N LEU N 154 -19.47 2.45 -38.21
CA LEU N 154 -20.57 2.19 -39.13
C LEU N 154 -21.21 3.47 -39.63
N LEU N 155 -21.44 4.40 -38.70
CA LEU N 155 -22.06 5.69 -38.98
C LEU N 155 -21.16 6.60 -39.81
N ARG N 156 -19.86 6.57 -39.58
CA ARG N 156 -18.95 7.37 -40.39
C ARG N 156 -18.83 6.88 -41.84
N LYS N 157 -19.31 5.67 -42.12
CA LYS N 157 -19.31 5.12 -43.48
C LYS N 157 -20.40 5.79 -44.32
N VAL N 158 -21.34 6.42 -43.62
CA VAL N 158 -22.45 7.15 -44.21
C VAL N 158 -22.12 8.64 -44.23
N VAL N 159 -21.75 9.17 -43.08
CA VAL N 159 -21.39 10.56 -42.97
C VAL N 159 -19.96 10.73 -42.48
N ASP N 160 -19.03 10.82 -43.42
CA ASP N 160 -17.60 10.74 -43.12
C ASP N 160 -16.96 12.12 -43.10
N ARG N 161 -17.67 13.10 -43.65
CA ARG N 161 -17.22 14.48 -43.63
C ARG N 161 -18.45 15.36 -43.74
N GLU N 162 -18.33 16.63 -43.35
CA GLU N 162 -19.47 17.53 -43.31
C GLU N 162 -20.21 17.56 -44.65
N SER N 163 -19.46 17.54 -45.74
CA SER N 163 -20.05 17.61 -47.09
C SER N 163 -20.96 16.44 -47.43
N ASP N 164 -20.91 15.39 -46.63
CA ASP N 164 -21.76 14.23 -46.82
C ASP N 164 -23.16 14.42 -46.26
N ILE N 165 -23.33 15.40 -45.36
CA ILE N 165 -24.61 15.57 -44.68
C ILE N 165 -25.79 15.99 -45.57
N PRO N 166 -25.62 17.02 -46.43
CA PRO N 166 -26.76 17.34 -47.28
C PRO N 166 -27.09 16.24 -48.29
N LYS N 167 -26.19 15.26 -48.42
CA LYS N 167 -26.40 14.11 -49.30
C LYS N 167 -27.21 13.01 -48.63
N THR N 168 -27.10 12.92 -47.30
CA THR N 168 -27.73 11.82 -46.55
C THR N 168 -29.20 12.07 -46.22
N THR N 169 -30.06 11.14 -46.64
CA THR N 169 -31.49 11.27 -46.39
C THR N 169 -31.84 10.73 -45.02
N VAL N 170 -33.07 10.99 -44.61
CA VAL N 170 -33.56 10.52 -43.32
C VAL N 170 -33.65 8.99 -43.29
N GLN N 171 -34.07 8.39 -44.41
CA GLN N 171 -34.22 6.94 -44.54
C GLN N 171 -32.87 6.30 -44.40
N VAL N 172 -31.89 6.82 -45.13
CA VAL N 172 -30.50 6.34 -45.03
C VAL N 172 -29.97 6.54 -43.62
N ALA N 173 -30.06 7.76 -43.11
CA ALA N 173 -29.70 8.03 -41.73
C ALA N 173 -30.36 7.04 -40.75
N GLU N 174 -31.69 6.98 -40.77
CA GLU N 174 -32.44 6.09 -39.88
C GLU N 174 -32.05 4.60 -40.03
N GLU N 175 -31.67 4.22 -41.24
CA GLU N 175 -31.21 2.86 -41.52
C GLU N 175 -29.97 2.56 -40.70
N ALA N 176 -28.95 3.39 -40.90
CA ALA N 176 -27.68 3.26 -40.19
C ALA N 176 -27.85 3.13 -38.67
N ILE N 177 -28.64 4.03 -38.09
CA ILE N 177 -28.87 4.03 -36.65
C ILE N 177 -29.43 2.68 -36.21
N VAL N 178 -30.41 2.17 -36.92
CA VAL N 178 -31.02 0.88 -36.57
C VAL N 178 -30.03 -0.29 -36.66
N ASN N 179 -29.21 -0.30 -37.70
CA ASN N 179 -28.23 -1.37 -37.88
C ASN N 179 -27.20 -1.32 -36.75
N ALA N 180 -26.76 -0.10 -36.44
CA ALA N 180 -25.82 0.13 -35.36
C ALA N 180 -26.38 -0.40 -34.04
N MET N 181 -27.65 -0.15 -33.80
CA MET N 181 -28.28 -0.60 -32.55
C MET N 181 -28.28 -2.11 -32.45
N ARG N 182 -28.41 -2.77 -33.60
CA ARG N 182 -28.34 -4.23 -33.69
C ARG N 182 -26.93 -4.75 -33.45
N VAL N 183 -25.93 -4.10 -34.05
CA VAL N 183 -24.53 -4.49 -33.85
C VAL N 183 -24.17 -4.39 -32.36
N LEU N 184 -24.59 -3.29 -31.74
CA LEU N 184 -24.38 -3.08 -30.31
C LEU N 184 -25.03 -4.22 -29.49
N TYR N 185 -26.20 -4.67 -29.92
CA TYR N 185 -26.89 -5.75 -29.20
C TYR N 185 -26.16 -7.07 -29.33
N TYR N 186 -25.52 -7.27 -30.48
CA TYR N 186 -24.70 -8.44 -30.75
C TYR N 186 -23.50 -8.48 -29.82
N ARG N 187 -22.87 -7.30 -29.61
CA ARG N 187 -21.54 -7.21 -29.01
C ARG N 187 -21.34 -6.45 -27.67
N ASP N 188 -22.37 -5.79 -27.15
CA ASP N 188 -22.28 -5.04 -25.88
C ASP N 188 -23.01 -5.82 -24.79
N ALA N 189 -22.29 -6.28 -23.78
CA ALA N 189 -22.86 -7.17 -22.74
C ALA N 189 -23.80 -6.46 -21.76
N ARG N 190 -23.82 -5.13 -21.81
CA ARG N 190 -24.73 -4.35 -20.98
C ARG N 190 -25.87 -3.74 -21.81
N SER N 191 -26.23 -4.34 -22.94
CA SER N 191 -27.23 -3.71 -23.78
C SER N 191 -28.54 -4.48 -23.89
N SER N 192 -29.51 -3.85 -24.54
CA SER N 192 -30.87 -4.34 -24.51
C SER N 192 -31.47 -4.33 -25.89
N ARG N 193 -32.43 -5.22 -26.10
CA ARG N 193 -33.03 -5.38 -27.40
C ARG N 193 -33.97 -4.22 -27.68
N ASN N 194 -34.67 -3.81 -26.63
CA ASN N 194 -35.64 -2.72 -26.72
C ASN N 194 -34.95 -1.40 -26.61
N PHE N 195 -35.34 -0.46 -27.46
CA PHE N 195 -34.71 0.85 -27.49
C PHE N 195 -35.64 1.95 -28.00
N SER N 196 -35.22 3.20 -27.81
CA SER N 196 -36.00 4.33 -28.30
C SER N 196 -35.21 5.11 -29.30
N LEU N 197 -35.90 5.79 -30.20
CA LEU N 197 -35.25 6.53 -31.26
C LEU N 197 -36.02 7.82 -31.51
N ALA N 198 -35.31 8.91 -31.71
CA ALA N 198 -35.97 10.18 -31.96
C ALA N 198 -35.37 10.87 -33.16
N ILE N 199 -36.23 11.37 -34.03
CA ILE N 199 -35.78 12.18 -35.18
C ILE N 199 -36.27 13.62 -35.08
N ILE N 200 -35.34 14.56 -35.12
CA ILE N 200 -35.71 15.97 -35.15
C ILE N 200 -35.36 16.57 -36.50
N ASP N 201 -36.39 16.79 -37.30
CA ASP N 201 -36.25 17.23 -38.68
C ASP N 201 -36.69 18.69 -38.75
N LYS N 202 -36.03 19.47 -39.61
CA LYS N 202 -36.32 20.89 -39.73
C LYS N 202 -37.70 21.13 -40.35
N ASN N 203 -38.28 20.11 -40.97
CA ASN N 203 -39.60 20.27 -41.58
C ASN N 203 -40.68 19.39 -40.99
N THR N 204 -40.30 18.32 -40.30
CA THR N 204 -41.34 17.47 -39.70
C THR N 204 -41.39 17.65 -38.19
N GLY N 205 -40.45 18.41 -37.65
CA GLY N 205 -40.35 18.60 -36.21
C GLY N 205 -39.93 17.33 -35.50
N LEU N 206 -40.27 17.22 -34.23
CA LEU N 206 -39.83 16.09 -33.43
C LEU N 206 -40.71 14.87 -33.62
N THR N 207 -40.05 13.76 -33.95
CA THR N 207 -40.68 12.46 -34.11
C THR N 207 -40.02 11.49 -33.13
N PHE N 208 -40.78 10.97 -32.17
CA PHE N 208 -40.20 10.19 -31.11
C PHE N 208 -40.78 8.77 -31.09
N LYS N 209 -39.96 7.78 -31.45
CA LYS N 209 -40.40 6.39 -31.54
C LYS N 209 -39.96 5.53 -30.35
N LYS N 210 -40.91 5.09 -29.55
CA LYS N 210 -40.62 4.25 -28.39
C LYS N 210 -40.90 2.78 -28.68
N ASN N 211 -40.37 1.90 -27.82
CA ASN N 211 -40.62 0.46 -27.92
C ASN N 211 -40.23 -0.18 -29.24
N LEU N 212 -39.11 0.24 -29.80
CA LEU N 212 -38.55 -0.43 -30.97
C LEU N 212 -37.77 -1.66 -30.53
N GLN N 213 -37.76 -2.69 -31.37
CA GLN N 213 -36.99 -3.91 -31.10
C GLN N 213 -35.93 -4.10 -32.16
N VAL N 214 -34.83 -4.71 -31.78
CA VAL N 214 -33.84 -5.11 -32.77
C VAL N 214 -34.41 -6.28 -33.55
N GLU N 215 -34.44 -6.15 -34.88
CA GLU N 215 -34.95 -7.20 -35.76
C GLU N 215 -33.88 -7.67 -36.75
N ASN N 216 -34.22 -8.65 -37.58
CA ASN N 216 -33.34 -9.12 -38.67
C ASN N 216 -31.98 -9.64 -38.23
N MET N 217 -31.93 -10.36 -37.11
CA MET N 217 -30.65 -10.84 -36.60
C MET N 217 -30.23 -12.14 -37.26
N LYS N 218 -28.94 -12.26 -37.56
CA LYS N 218 -28.35 -13.51 -38.02
C LYS N 218 -27.84 -14.33 -36.84
N TRP N 219 -28.50 -15.46 -36.56
CA TRP N 219 -28.06 -16.36 -35.51
C TRP N 219 -27.86 -17.78 -36.01
N ASP N 220 -28.39 -18.08 -37.20
CA ASP N 220 -28.47 -19.44 -37.74
C ASP N 220 -27.13 -20.20 -37.72
N PHE N 221 -26.06 -19.53 -38.18
CA PHE N 221 -24.73 -20.14 -38.25
C PHE N 221 -24.20 -20.69 -36.93
N ALA N 222 -24.93 -20.48 -35.85
CA ALA N 222 -24.49 -20.97 -34.55
C ALA N 222 -24.59 -22.49 -34.42
N LYS N 223 -25.41 -23.11 -35.27
CA LYS N 223 -25.62 -24.56 -35.24
C LYS N 223 -24.39 -25.33 -35.72
N ASP N 224 -23.63 -24.69 -36.60
CA ASP N 224 -22.43 -25.27 -37.22
C ASP N 224 -21.18 -25.13 -36.35
N ILE N 225 -21.22 -24.20 -35.41
CA ILE N 225 -20.11 -23.98 -34.51
C ILE N 225 -20.12 -25.04 -33.42
N LYS N 226 -19.18 -25.99 -33.48
CA LYS N 226 -19.00 -26.97 -32.40
C LYS N 226 -17.58 -26.91 -31.83
N GLY N 227 -17.42 -27.26 -30.56
CA GLY N 227 -16.14 -27.21 -29.88
C GLY N 227 -15.42 -25.87 -29.88
N TYR N 228 -14.17 -25.89 -29.44
CA TYR N 228 -13.33 -24.71 -29.50
C TYR N 228 -12.01 -24.98 -30.23
N GLY N 229 -11.97 -26.03 -31.06
CA GLY N 229 -10.76 -26.38 -31.79
C GLY N 229 -10.84 -27.71 -32.55
N THR N 230 -10.79 -28.82 -31.82
CA THR N 230 -10.67 -30.13 -32.45
C THR N 230 -11.95 -31.00 -32.49
N GLN N 231 -12.93 -30.66 -31.68
CA GLN N 231 -14.20 -31.37 -31.61
C GLN N 231 -14.97 -31.30 -32.92
N LYS N 232 -15.52 -32.43 -33.36
CA LYS N 232 -16.20 -32.54 -34.64
C LYS N 232 -17.70 -32.65 -34.45
N ILE N 233 -18.11 -33.14 -33.29
CA ILE N 233 -19.53 -33.27 -32.96
C ILE N 233 -20.04 -32.21 -31.96
N ALA O 1 35.47 -60.88 -29.07
CA ALA O 1 35.71 -62.25 -28.60
C ALA O 1 34.41 -63.07 -28.54
N GLY O 2 33.74 -63.04 -27.38
CA GLY O 2 32.48 -63.73 -27.22
C GLY O 2 31.39 -62.79 -26.72
N TYR O 3 31.69 -61.50 -26.73
CA TYR O 3 30.78 -60.50 -26.17
C TYR O 3 29.95 -59.77 -27.21
N ASP O 4 30.46 -59.65 -28.43
CA ASP O 4 29.65 -59.14 -29.54
C ASP O 4 28.49 -60.07 -29.85
N ARG O 5 28.41 -61.16 -29.09
CA ARG O 5 27.32 -62.10 -29.17
C ARG O 5 26.22 -61.78 -28.16
N HIS O 6 26.57 -61.09 -27.08
CA HIS O 6 25.64 -60.87 -25.98
C HIS O 6 24.93 -59.51 -25.95
N ILE O 7 25.56 -58.49 -26.51
CA ILE O 7 25.01 -57.14 -26.44
C ILE O 7 25.05 -56.55 -27.82
N THR O 8 24.26 -55.50 -28.04
CA THR O 8 24.05 -54.99 -29.39
C THR O 8 25.20 -54.13 -29.90
N ILE O 9 26.39 -54.70 -29.94
CA ILE O 9 27.49 -54.14 -30.70
C ILE O 9 27.72 -54.98 -31.96
N PHE O 10 28.61 -54.53 -32.83
CA PHE O 10 28.84 -55.22 -34.10
C PHE O 10 29.75 -56.44 -33.97
N SER O 11 29.46 -57.47 -34.75
CA SER O 11 30.39 -58.57 -34.96
C SER O 11 31.34 -58.12 -36.07
N PRO O 12 32.48 -58.82 -36.22
CA PRO O 12 33.46 -58.38 -37.22
C PRO O 12 32.95 -58.52 -38.65
N GLU O 13 31.88 -59.27 -38.82
CA GLU O 13 31.21 -59.40 -40.12
C GLU O 13 30.20 -58.27 -40.28
N GLY O 14 30.12 -57.41 -39.26
CA GLY O 14 29.19 -56.29 -39.26
C GLY O 14 27.76 -56.66 -38.88
N ARG O 15 27.61 -57.66 -38.01
CA ARG O 15 26.28 -58.13 -37.67
C ARG O 15 25.96 -57.79 -36.23
N LEU O 16 24.67 -57.85 -35.91
CA LEU O 16 24.21 -57.65 -34.55
C LEU O 16 23.49 -58.91 -34.14
N TYR O 17 24.21 -59.82 -33.49
CA TYR O 17 23.66 -61.15 -33.21
C TYR O 17 22.44 -61.10 -32.30
N GLN O 18 22.47 -60.22 -31.31
CA GLN O 18 21.35 -60.00 -30.40
C GLN O 18 20.06 -59.65 -31.11
N VAL O 19 20.14 -58.87 -32.18
CA VAL O 19 18.96 -58.59 -33.00
C VAL O 19 18.43 -59.86 -33.67
N GLU O 20 19.34 -60.66 -34.22
CA GLU O 20 18.98 -61.91 -34.92
C GLU O 20 18.33 -62.90 -33.98
N TYR O 21 18.89 -63.05 -32.78
CA TYR O 21 18.31 -63.94 -31.80
C TYR O 21 16.95 -63.42 -31.30
N ALA O 22 16.73 -62.12 -31.41
CA ALA O 22 15.44 -61.56 -31.04
C ALA O 22 14.40 -61.92 -32.11
N PHE O 23 14.80 -61.79 -33.38
CA PHE O 23 13.97 -62.24 -34.49
C PHE O 23 13.60 -63.72 -34.31
N LYS O 24 14.57 -64.49 -33.85
CA LYS O 24 14.38 -65.89 -33.54
C LYS O 24 13.19 -66.01 -32.60
N ALA O 25 13.15 -65.16 -31.58
CA ALA O 25 12.09 -65.22 -30.57
C ALA O 25 10.66 -64.95 -31.09
N THR O 26 10.52 -64.22 -32.19
CA THR O 26 9.18 -63.87 -32.70
C THR O 26 8.36 -65.10 -33.03
N ASN O 27 9.07 -66.20 -33.31
CA ASN O 27 8.45 -67.44 -33.71
C ASN O 27 8.20 -68.40 -32.57
N GLN O 28 8.78 -68.11 -31.41
CA GLN O 28 8.65 -68.95 -30.22
C GLN O 28 7.22 -69.37 -29.89
N THR O 29 6.25 -68.58 -30.34
CA THR O 29 4.86 -68.89 -30.08
C THR O 29 4.26 -69.82 -31.12
N ASN O 30 4.96 -70.02 -32.23
CA ASN O 30 4.50 -70.93 -33.28
C ASN O 30 3.15 -70.50 -33.86
N ILE O 31 2.87 -69.21 -33.86
CA ILE O 31 1.61 -68.71 -34.41
C ILE O 31 1.85 -68.07 -35.76
N ASN O 32 0.86 -68.17 -36.65
CA ASN O 32 0.95 -67.45 -37.91
C ASN O 32 -0.14 -66.41 -37.97
N SER O 33 0.18 -65.25 -38.53
CA SER O 33 -0.83 -64.25 -38.77
C SER O 33 -0.66 -63.71 -40.18
N LEU O 34 -1.72 -63.15 -40.72
CA LEU O 34 -1.64 -62.50 -42.00
C LEU O 34 -2.64 -61.36 -42.06
N ALA O 35 -2.36 -60.38 -42.91
CA ALA O 35 -3.20 -59.22 -43.01
C ALA O 35 -3.44 -58.91 -44.47
N VAL O 36 -4.56 -58.28 -44.75
CA VAL O 36 -4.98 -58.05 -46.13
C VAL O 36 -5.97 -56.87 -46.21
N ARG O 37 -5.94 -56.15 -47.32
CA ARG O 37 -6.70 -54.93 -47.45
C ARG O 37 -7.88 -55.13 -48.37
N GLY O 38 -9.06 -54.72 -47.91
CA GLY O 38 -10.24 -54.67 -48.75
C GLY O 38 -10.31 -53.34 -49.49
N LYS O 39 -11.51 -52.95 -49.92
CA LYS O 39 -11.72 -51.64 -50.50
C LYS O 39 -11.70 -50.59 -49.39
N ASP O 40 -12.47 -50.84 -48.35
CA ASP O 40 -12.63 -49.88 -47.26
C ASP O 40 -12.46 -50.56 -45.90
N CYS O 41 -11.78 -51.70 -45.90
CA CYS O 41 -11.50 -52.39 -44.66
C CYS O 41 -10.08 -52.97 -44.69
N THR O 42 -9.61 -53.40 -43.53
CA THR O 42 -8.33 -54.08 -43.39
C THR O 42 -8.49 -55.23 -42.39
N VAL O 43 -8.08 -56.42 -42.79
CA VAL O 43 -8.30 -57.61 -41.98
C VAL O 43 -7.00 -58.22 -41.45
N VAL O 44 -7.02 -58.68 -40.20
CA VAL O 44 -5.94 -59.50 -39.70
C VAL O 44 -6.45 -60.83 -39.16
N ILE O 45 -5.94 -61.91 -39.75
CA ILE O 45 -6.17 -63.25 -39.22
C ILE O 45 -4.95 -63.68 -38.45
N SER O 46 -5.17 -64.35 -37.33
CA SER O 46 -4.07 -64.87 -36.57
C SER O 46 -4.55 -66.22 -36.00
N GLN O 47 -3.63 -67.15 -35.80
CA GLN O 47 -4.02 -68.41 -35.18
C GLN O 47 -4.23 -68.18 -33.69
N LYS O 48 -4.99 -69.07 -33.06
CA LYS O 48 -5.27 -68.99 -31.62
C LYS O 48 -5.02 -70.36 -30.99
N LYS O 49 -3.88 -70.52 -30.33
CA LYS O 49 -3.54 -71.83 -29.76
C LYS O 49 -3.69 -71.87 -28.25
N VAL O 50 -4.79 -72.45 -27.78
CA VAL O 50 -4.94 -72.70 -26.35
C VAL O 50 -4.65 -74.17 -26.09
N PRO O 51 -3.56 -74.44 -25.34
CA PRO O 51 -3.11 -75.78 -25.01
C PRO O 51 -3.64 -76.33 -23.67
N ASP O 52 -3.59 -75.54 -22.61
CA ASP O 52 -4.07 -75.99 -21.30
C ASP O 52 -5.60 -75.78 -21.20
N LYS O 53 -6.31 -76.80 -20.73
CA LYS O 53 -7.77 -76.70 -20.59
C LYS O 53 -8.17 -75.95 -19.32
N LEU O 54 -7.15 -75.56 -18.55
CA LEU O 54 -7.30 -74.77 -17.34
C LEU O 54 -7.28 -73.26 -17.62
N LEU O 55 -7.04 -72.89 -18.88
CA LEU O 55 -6.95 -71.49 -19.26
C LEU O 55 -8.29 -70.94 -19.67
N ASP O 56 -8.52 -69.68 -19.31
CA ASP O 56 -9.64 -68.91 -19.80
C ASP O 56 -9.28 -68.42 -21.21
N PRO O 57 -9.98 -68.93 -22.22
CA PRO O 57 -9.67 -68.67 -23.63
C PRO O 57 -10.04 -67.28 -24.09
N THR O 58 -10.82 -66.55 -23.30
CA THR O 58 -11.12 -65.15 -23.64
C THR O 58 -9.88 -64.27 -23.41
N THR O 59 -9.04 -64.69 -22.46
CA THR O 59 -7.85 -63.91 -22.10
C THR O 59 -6.63 -64.24 -22.96
N VAL O 60 -6.78 -65.16 -23.90
CA VAL O 60 -5.62 -65.55 -24.73
C VAL O 60 -5.69 -64.89 -26.11
N SER O 61 -4.90 -63.83 -26.27
CA SER O 61 -4.95 -63.04 -27.48
C SER O 61 -3.61 -62.39 -27.81
N TYR O 62 -3.38 -62.15 -29.09
CA TYR O 62 -2.20 -61.43 -29.53
C TYR O 62 -2.66 -60.33 -30.47
N ILE O 63 -3.97 -60.08 -30.46
CA ILE O 63 -4.50 -58.90 -31.14
C ILE O 63 -4.88 -57.79 -30.15
N PHE O 64 -4.37 -56.59 -30.39
CA PHE O 64 -4.65 -55.47 -29.50
C PHE O 64 -5.34 -54.33 -30.23
N CYS O 65 -6.33 -53.74 -29.53
CA CYS O 65 -6.96 -52.49 -29.96
C CYS O 65 -6.11 -51.31 -29.45
N ILE O 66 -5.45 -50.59 -30.36
CA ILE O 66 -4.51 -49.57 -29.91
C ILE O 66 -5.23 -48.24 -29.67
N SER O 67 -5.95 -47.80 -30.68
CA SER O 67 -6.80 -46.64 -30.57
C SER O 67 -8.15 -47.02 -31.17
N ARG O 68 -9.01 -46.04 -31.42
CA ARG O 68 -10.32 -46.31 -31.97
C ARG O 68 -10.17 -46.81 -33.41
N THR O 69 -9.06 -46.46 -34.05
CA THR O 69 -8.86 -46.69 -35.48
C THR O 69 -7.75 -47.69 -35.83
N ILE O 70 -6.89 -47.99 -34.87
CA ILE O 70 -5.66 -48.74 -35.09
C ILE O 70 -5.66 -50.08 -34.37
N GLY O 71 -5.53 -51.16 -35.14
CA GLY O 71 -5.37 -52.50 -34.60
C GLY O 71 -3.91 -52.94 -34.70
N MET O 72 -3.47 -53.71 -33.70
CA MET O 72 -2.11 -54.23 -33.73
C MET O 72 -2.05 -55.75 -33.44
N VAL O 73 -1.46 -56.51 -34.36
CA VAL O 73 -1.22 -57.94 -34.08
C VAL O 73 0.26 -58.26 -33.90
N VAL O 74 0.57 -58.97 -32.81
CA VAL O 74 1.93 -59.29 -32.45
C VAL O 74 2.30 -60.76 -32.66
N ASN O 75 3.40 -61.02 -33.38
CA ASN O 75 4.06 -62.33 -33.34
C ASN O 75 5.24 -62.34 -32.39
N GLY O 76 5.10 -63.05 -31.28
CA GLY O 76 6.19 -63.13 -30.33
C GLY O 76 5.61 -63.45 -28.98
N PRO O 77 6.47 -63.64 -27.98
CA PRO O 77 6.10 -63.96 -26.59
C PRO O 77 5.15 -62.89 -26.02
N ILE O 78 4.17 -63.29 -25.20
CA ILE O 78 3.18 -62.33 -24.74
C ILE O 78 3.70 -61.15 -23.89
N PRO O 79 4.71 -61.36 -23.01
CA PRO O 79 5.07 -60.19 -22.20
C PRO O 79 5.74 -59.05 -23.01
N ASP O 80 6.45 -59.37 -24.07
CA ASP O 80 6.97 -58.34 -24.97
C ASP O 80 5.86 -57.74 -25.83
N ALA O 81 4.92 -58.58 -26.24
CA ALA O 81 3.75 -58.13 -26.99
C ALA O 81 2.99 -57.06 -26.20
N ARG O 82 2.93 -57.26 -24.88
CA ARG O 82 2.14 -56.40 -24.01
C ARG O 82 2.88 -55.11 -23.69
N ASN O 83 4.19 -55.23 -23.54
CA ASN O 83 5.07 -54.07 -23.47
C ASN O 83 4.92 -53.20 -24.73
N ALA O 84 4.95 -53.79 -25.93
CA ALA O 84 4.70 -52.98 -27.11
C ALA O 84 3.29 -52.43 -27.14
N ALA O 85 2.32 -53.25 -26.73
CA ALA O 85 0.91 -52.82 -26.77
C ALA O 85 0.66 -51.57 -25.91
N LEU O 86 1.15 -51.59 -24.68
CA LEU O 86 0.96 -50.47 -23.79
C LEU O 86 1.62 -49.18 -24.34
N ARG O 87 2.88 -49.29 -24.77
CA ARG O 87 3.60 -48.16 -25.35
C ARG O 87 2.93 -47.58 -26.58
N ALA O 88 2.29 -48.40 -27.39
CA ALA O 88 1.64 -47.88 -28.59
C ALA O 88 0.34 -47.16 -28.22
N LYS O 89 -0.36 -47.68 -27.21
CA LYS O 89 -1.56 -47.02 -26.74
C LYS O 89 -1.21 -45.65 -26.15
N ALA O 90 -0.20 -45.63 -25.29
CA ALA O 90 0.31 -44.41 -24.69
C ALA O 90 0.66 -43.40 -25.78
N GLU O 91 1.47 -43.84 -26.73
CA GLU O 91 1.90 -42.98 -27.83
C GLU O 91 0.74 -42.44 -28.68
N ALA O 92 -0.26 -43.28 -28.97
CA ALA O 92 -1.35 -42.87 -29.87
C ALA O 92 -2.28 -41.85 -29.23
N ALA O 93 -2.32 -41.87 -27.90
CA ALA O 93 -3.18 -40.97 -27.16
C ALA O 93 -2.46 -39.65 -26.92
N GLU O 94 -1.17 -39.73 -26.59
CA GLU O 94 -0.32 -38.55 -26.49
C GLU O 94 -0.39 -37.76 -27.80
N PHE O 95 -0.07 -38.43 -28.89
CA PHE O 95 -0.15 -37.82 -30.21
C PHE O 95 -1.44 -37.02 -30.45
N ARG O 96 -2.57 -37.60 -30.07
CA ARG O 96 -3.87 -36.95 -30.21
C ARG O 96 -3.92 -35.64 -29.39
N TYR O 97 -3.49 -35.74 -28.14
CA TYR O 97 -3.45 -34.60 -27.25
C TYR O 97 -2.58 -33.46 -27.76
N LYS O 98 -1.44 -33.76 -28.35
CA LYS O 98 -0.51 -32.73 -28.78
C LYS O 98 -0.84 -32.15 -30.14
N TYR O 99 -1.40 -32.96 -31.03
CA TYR O 99 -1.51 -32.55 -32.43
C TYR O 99 -2.94 -32.41 -32.93
N GLY O 100 -3.91 -32.79 -32.11
CA GLY O 100 -5.30 -32.50 -32.39
C GLY O 100 -5.99 -33.38 -33.42
N TYR O 101 -5.29 -34.44 -33.79
CA TYR O 101 -5.86 -35.45 -34.66
C TYR O 101 -5.34 -36.82 -34.32
N ASP O 102 -6.04 -37.82 -34.84
CA ASP O 102 -5.70 -39.21 -34.54
C ASP O 102 -4.37 -39.66 -35.16
N MET O 103 -3.57 -40.33 -34.33
CA MET O 103 -2.28 -40.84 -34.77
C MET O 103 -2.50 -41.84 -35.91
N PRO O 104 -1.94 -41.54 -37.11
CA PRO O 104 -2.08 -42.43 -38.27
C PRO O 104 -1.35 -43.76 -38.08
N CYS O 105 -1.87 -44.79 -38.71
CA CYS O 105 -1.29 -46.11 -38.62
C CYS O 105 0.22 -46.15 -38.92
N ASP O 106 0.63 -45.49 -39.99
CA ASP O 106 2.04 -45.51 -40.41
C ASP O 106 2.94 -44.75 -39.46
N VAL O 107 2.51 -43.57 -39.05
CA VAL O 107 3.25 -42.77 -38.07
C VAL O 107 3.54 -43.58 -36.80
N LEU O 108 2.54 -44.28 -36.28
CA LEU O 108 2.74 -45.10 -35.10
C LEU O 108 3.74 -46.25 -35.36
N ALA O 109 3.68 -46.85 -36.55
CA ALA O 109 4.67 -47.86 -36.91
C ALA O 109 6.07 -47.26 -36.90
N LYS O 110 6.22 -46.11 -37.54
CA LYS O 110 7.50 -45.43 -37.59
C LYS O 110 8.03 -45.13 -36.19
N ARG O 111 7.12 -44.73 -35.31
CA ARG O 111 7.50 -44.36 -33.95
C ARG O 111 7.99 -45.59 -33.18
N MET O 112 7.27 -46.71 -33.33
CA MET O 112 7.66 -47.96 -32.68
C MET O 112 8.93 -48.54 -33.30
N ALA O 113 9.08 -48.35 -34.61
CA ALA O 113 10.29 -48.76 -35.29
C ALA O 113 11.52 -48.07 -34.68
N ASN O 114 11.42 -46.74 -34.50
CA ASN O 114 12.50 -45.95 -33.90
C ASN O 114 12.78 -46.36 -32.46
N LEU O 115 11.75 -46.74 -31.73
CA LEU O 115 11.97 -47.23 -30.38
C LEU O 115 12.73 -48.54 -30.45
N SER O 116 12.36 -49.39 -31.40
CA SER O 116 13.08 -50.65 -31.58
C SER O 116 14.52 -50.40 -32.00
N GLN O 117 14.71 -49.43 -32.89
CA GLN O 117 16.06 -49.07 -33.34
C GLN O 117 16.96 -48.71 -32.18
N ILE O 118 16.45 -47.95 -31.22
CA ILE O 118 17.22 -47.59 -30.04
C ILE O 118 17.82 -48.80 -29.30
N TYR O 119 17.08 -49.92 -29.20
CA TYR O 119 17.58 -51.06 -28.42
C TYR O 119 18.71 -51.83 -29.14
N THR O 120 18.74 -51.69 -30.46
CA THR O 120 19.80 -52.23 -31.29
C THR O 120 21.10 -51.41 -31.24
N GLN O 121 21.04 -50.21 -30.62
CA GLN O 121 22.21 -49.32 -30.55
C GLN O 121 22.71 -49.06 -29.13
N ARG O 122 21.82 -49.19 -28.15
CA ARG O 122 22.22 -49.08 -26.75
C ARG O 122 22.42 -50.44 -26.08
N ALA O 123 23.52 -50.56 -25.33
CA ALA O 123 23.91 -51.84 -24.77
C ALA O 123 23.02 -52.28 -23.62
N TYR O 124 22.37 -51.34 -22.95
CA TYR O 124 21.59 -51.67 -21.75
C TYR O 124 20.14 -52.05 -22.04
N MET O 125 19.65 -51.74 -23.25
CA MET O 125 18.34 -52.21 -23.68
C MET O 125 18.52 -53.44 -24.60
N ARG O 126 17.73 -54.48 -24.31
CA ARG O 126 17.61 -55.62 -25.22
C ARG O 126 16.53 -55.29 -26.25
N PRO O 127 16.64 -55.86 -27.46
CA PRO O 127 15.54 -55.69 -28.40
C PRO O 127 14.32 -56.41 -27.84
N LEU O 128 13.13 -56.09 -28.33
CA LEU O 128 11.96 -56.91 -27.98
C LEU O 128 11.76 -58.01 -29.04
N GLY O 129 11.46 -59.21 -28.60
CA GLY O 129 11.31 -60.33 -29.50
C GLY O 129 9.95 -60.36 -30.16
N VAL O 130 9.58 -59.32 -30.90
CA VAL O 130 8.27 -59.32 -31.51
C VAL O 130 8.32 -58.67 -32.88
N ILE O 131 7.29 -58.95 -33.65
CA ILE O 131 7.01 -58.25 -34.89
C ILE O 131 5.61 -57.65 -34.72
N LEU O 132 5.43 -56.39 -35.14
CA LEU O 132 4.17 -55.71 -34.94
C LEU O 132 3.57 -55.35 -36.28
N THR O 133 2.34 -55.83 -36.50
CA THR O 133 1.62 -55.53 -37.72
C THR O 133 0.53 -54.53 -37.35
N PHE O 134 0.58 -53.34 -37.93
CA PHE O 134 -0.47 -52.33 -37.65
C PHE O 134 -1.46 -52.23 -38.81
N VAL O 135 -2.73 -52.16 -38.46
CA VAL O 135 -3.76 -52.00 -39.46
C VAL O 135 -4.72 -50.88 -39.09
N SER O 136 -5.29 -50.25 -40.11
CA SER O 136 -6.32 -49.25 -39.94
C SER O 136 -6.89 -48.92 -41.30
N VAL O 137 -8.01 -48.22 -41.30
CA VAL O 137 -8.43 -47.48 -42.49
C VAL O 137 -8.15 -45.97 -42.28
N ASP O 138 -6.92 -45.58 -42.58
CA ASP O 138 -6.42 -44.23 -42.37
C ASP O 138 -7.18 -43.20 -43.22
N GLU O 139 -7.44 -42.02 -42.63
CA GLU O 139 -8.26 -41.00 -43.29
C GLU O 139 -7.56 -40.36 -44.50
N GLU O 140 -6.23 -40.37 -44.50
CA GLU O 140 -5.52 -39.86 -45.65
C GLU O 140 -5.07 -40.98 -46.61
N LEU O 141 -4.75 -42.14 -46.03
CA LEU O 141 -4.11 -43.23 -46.77
C LEU O 141 -5.05 -44.33 -47.28
N GLY O 142 -6.11 -44.61 -46.52
CA GLY O 142 -7.01 -45.69 -46.86
C GLY O 142 -6.64 -46.91 -46.05
N PRO O 143 -7.08 -48.11 -46.49
CA PRO O 143 -6.68 -49.31 -45.76
C PRO O 143 -5.16 -49.40 -45.74
N SER O 144 -4.58 -49.77 -44.61
CA SER O 144 -3.15 -49.66 -44.40
C SER O 144 -2.62 -50.85 -43.60
N ILE O 145 -1.46 -51.36 -44.00
CA ILE O 145 -0.75 -52.34 -43.19
C ILE O 145 0.69 -51.89 -43.00
N TYR O 146 1.11 -51.71 -41.75
CA TYR O 146 2.51 -51.36 -41.47
C TYR O 146 3.08 -52.32 -40.45
N LYS O 147 4.32 -52.75 -40.69
CA LYS O 147 4.93 -53.79 -39.87
C LYS O 147 6.28 -53.37 -39.37
N THR O 148 6.57 -53.65 -38.11
CA THR O 148 7.89 -53.36 -37.54
C THR O 148 8.51 -54.63 -36.96
N ASP O 149 9.83 -54.64 -36.82
CA ASP O 149 10.53 -55.83 -36.34
C ASP O 149 11.67 -55.46 -35.38
N PRO O 150 12.35 -56.46 -34.80
CA PRO O 150 13.37 -56.07 -33.81
C PRO O 150 14.61 -55.36 -34.37
N ALA O 151 14.73 -55.27 -35.69
CA ALA O 151 15.89 -54.61 -36.29
C ALA O 151 15.68 -53.12 -36.29
N GLY O 152 14.41 -52.74 -36.25
CA GLY O 152 13.99 -51.35 -36.37
C GLY O 152 13.39 -51.03 -37.72
N TYR O 153 13.14 -52.06 -38.54
CA TYR O 153 12.56 -51.83 -39.87
C TYR O 153 11.08 -51.56 -39.77
N TYR O 154 10.56 -50.84 -40.76
CA TYR O 154 9.16 -50.52 -40.82
C TYR O 154 8.80 -50.40 -42.29
N VAL O 155 7.72 -51.04 -42.70
CA VAL O 155 7.35 -51.10 -44.11
C VAL O 155 5.84 -51.20 -44.19
N GLY O 156 5.28 -50.64 -45.26
CA GLY O 156 3.88 -50.82 -45.59
C GLY O 156 3.76 -51.95 -46.59
N TYR O 157 2.61 -52.60 -46.58
CA TYR O 157 2.36 -53.76 -47.42
C TYR O 157 0.99 -53.72 -48.05
N LYS O 158 0.91 -54.21 -49.29
CA LYS O 158 -0.39 -54.50 -49.92
C LYS O 158 -1.08 -55.57 -49.08
N ALA O 159 -0.33 -56.61 -48.73
CA ALA O 159 -0.73 -57.65 -47.78
C ALA O 159 0.55 -58.22 -47.18
N THR O 160 0.42 -59.01 -46.11
CA THR O 160 1.60 -59.53 -45.43
C THR O 160 1.28 -60.75 -44.57
N ALA O 161 2.31 -61.48 -44.15
CA ALA O 161 2.13 -62.57 -43.21
C ALA O 161 3.37 -62.74 -42.35
N THR O 162 3.20 -63.36 -41.19
CA THR O 162 4.25 -63.42 -40.18
C THR O 162 4.09 -64.69 -39.35
N GLY O 163 5.22 -65.24 -38.90
CA GLY O 163 5.25 -66.52 -38.21
C GLY O 163 6.08 -67.56 -38.95
N PRO O 164 6.04 -68.82 -38.46
CA PRO O 164 6.93 -69.86 -38.99
C PRO O 164 6.57 -70.32 -40.41
N LYS O 165 5.30 -70.33 -40.76
CA LYS O 165 4.86 -70.65 -42.12
C LYS O 165 4.67 -69.41 -42.99
N GLN O 166 5.37 -68.33 -42.67
CA GLN O 166 5.14 -67.06 -43.35
C GLN O 166 5.45 -67.09 -44.84
N GLN O 167 6.51 -67.81 -45.23
CA GLN O 167 6.91 -67.87 -46.64
C GLN O 167 5.83 -68.56 -47.48
N GLU O 168 5.23 -69.59 -46.91
CA GLU O 168 4.14 -70.28 -47.57
C GLU O 168 3.01 -69.27 -47.77
N ILE O 169 2.56 -68.66 -46.68
CA ILE O 169 1.48 -67.67 -46.76
C ILE O 169 1.79 -66.50 -47.71
N THR O 170 3.01 -65.98 -47.67
CA THR O 170 3.38 -64.86 -48.56
C THR O 170 3.33 -65.25 -50.04
N THR O 171 3.91 -66.41 -50.36
CA THR O 171 3.90 -66.95 -51.71
C THR O 171 2.46 -67.14 -52.18
N ASN O 172 1.64 -67.75 -51.33
CA ASN O 172 0.22 -67.92 -51.59
C ASN O 172 -0.41 -66.61 -52.04
N LEU O 173 -0.34 -65.59 -51.18
CA LEU O 173 -0.89 -64.27 -51.47
C LEU O 173 -0.29 -63.62 -52.71
N GLU O 174 1.04 -63.58 -52.78
CA GLU O 174 1.73 -63.05 -53.96
C GLU O 174 1.07 -63.53 -55.24
N ASN O 175 0.88 -64.85 -55.30
CA ASN O 175 0.28 -65.50 -56.46
C ASN O 175 -1.11 -64.96 -56.77
N HIS O 176 -1.93 -64.77 -55.74
CA HIS O 176 -3.28 -64.28 -55.97
C HIS O 176 -3.32 -62.87 -56.54
N PHE O 177 -2.52 -61.96 -55.99
CA PHE O 177 -2.46 -60.58 -56.48
C PHE O 177 -1.87 -60.52 -57.89
N LYS O 178 -0.81 -61.29 -58.11
CA LYS O 178 -0.20 -61.45 -59.45
C LYS O 178 -1.27 -61.80 -60.47
N LYS O 179 -2.17 -62.69 -60.06
CA LYS O 179 -3.29 -63.14 -60.87
C LYS O 179 -4.33 -62.02 -61.05
N SER O 180 -4.83 -61.50 -59.92
CA SER O 180 -5.88 -60.46 -59.93
C SER O 180 -5.38 -59.07 -60.37
N LYS O 181 -4.07 -58.85 -60.32
CA LYS O 181 -3.44 -57.64 -60.84
C LYS O 181 -3.86 -56.31 -60.16
N ILE O 182 -4.40 -56.44 -58.95
CA ILE O 182 -4.69 -55.29 -58.11
C ILE O 182 -4.07 -55.45 -56.71
N ASP O 183 -3.85 -54.32 -56.03
CA ASP O 183 -3.19 -54.31 -54.73
C ASP O 183 -4.15 -54.52 -53.54
N HIS O 184 -5.34 -55.05 -53.81
CA HIS O 184 -6.32 -55.27 -52.75
C HIS O 184 -7.38 -56.30 -53.14
N ILE O 185 -8.14 -56.76 -52.15
CA ILE O 185 -9.32 -57.59 -52.37
C ILE O 185 -10.51 -56.73 -52.80
N ASN O 186 -10.85 -56.77 -54.08
CA ASN O 186 -11.95 -55.97 -54.61
C ASN O 186 -13.32 -56.39 -54.07
N GLU O 187 -13.53 -56.17 -52.77
CA GLU O 187 -14.76 -56.58 -52.10
C GLU O 187 -15.40 -55.46 -51.24
N GLU O 188 -16.71 -55.26 -51.43
CA GLU O 188 -17.46 -54.19 -50.77
C GLU O 188 -17.69 -54.42 -49.27
N SER O 189 -17.71 -55.69 -48.86
CA SER O 189 -18.06 -56.05 -47.50
C SER O 189 -16.84 -56.62 -46.80
N TRP O 190 -16.65 -56.30 -45.52
CA TRP O 190 -15.49 -56.80 -44.80
C TRP O 190 -15.63 -58.29 -44.47
N GLU O 191 -16.87 -58.75 -44.36
CA GLU O 191 -17.15 -60.18 -44.12
C GLU O 191 -16.55 -61.06 -45.24
N LYS O 192 -16.81 -60.70 -46.49
CA LYS O 192 -16.23 -61.43 -47.61
C LYS O 192 -14.72 -61.22 -47.75
N VAL O 193 -14.18 -60.21 -47.07
CA VAL O 193 -12.74 -59.98 -47.06
C VAL O 193 -12.08 -60.85 -45.99
N VAL O 194 -12.76 -61.05 -44.86
CA VAL O 194 -12.20 -61.92 -43.83
C VAL O 194 -12.27 -63.37 -44.31
N GLU O 195 -13.22 -63.64 -45.21
CA GLU O 195 -13.42 -64.97 -45.74
C GLU O 195 -12.29 -65.33 -46.70
N PHE O 196 -11.93 -64.38 -47.55
CA PHE O 196 -10.76 -64.53 -48.39
C PHE O 196 -9.54 -64.74 -47.51
N ALA O 197 -9.45 -63.95 -46.47
CA ALA O 197 -8.31 -64.02 -45.58
C ALA O 197 -8.20 -65.39 -44.90
N ILE O 198 -9.34 -65.98 -44.54
CA ILE O 198 -9.37 -67.31 -43.91
C ILE O 198 -8.97 -68.39 -44.92
N THR O 199 -9.68 -68.39 -46.04
CA THR O 199 -9.41 -69.30 -47.14
C THR O 199 -7.92 -69.42 -47.41
N HIS O 200 -7.27 -68.30 -47.71
CA HIS O 200 -5.87 -68.31 -48.07
C HIS O 200 -4.96 -68.69 -46.91
N MET O 201 -5.51 -68.68 -45.71
CA MET O 201 -4.77 -69.16 -44.56
C MET O 201 -4.88 -70.69 -44.47
N ILE O 202 -6.09 -71.19 -44.70
CA ILE O 202 -6.35 -72.63 -44.70
C ILE O 202 -5.58 -73.34 -45.81
N ASP O 203 -5.51 -72.71 -46.99
CA ASP O 203 -4.92 -73.30 -48.19
C ASP O 203 -3.40 -73.22 -48.24
N ALA O 204 -2.78 -72.79 -47.15
CA ALA O 204 -1.33 -72.61 -47.14
C ALA O 204 -0.71 -73.19 -45.90
N LEU O 205 -1.53 -73.39 -44.87
CA LEU O 205 -1.06 -74.09 -43.68
C LEU O 205 -1.39 -75.57 -43.81
N GLY O 206 -2.31 -75.88 -44.73
CA GLY O 206 -2.79 -77.24 -44.91
C GLY O 206 -3.49 -77.75 -43.68
N THR O 207 -4.15 -76.85 -42.96
CA THR O 207 -4.98 -77.25 -41.82
C THR O 207 -6.35 -76.66 -42.01
N GLU O 208 -7.29 -77.22 -41.26
CA GLU O 208 -8.62 -76.66 -41.14
C GLU O 208 -8.74 -76.10 -39.74
N PHE O 209 -9.71 -75.20 -39.54
CA PHE O 209 -9.90 -74.55 -38.25
C PHE O 209 -11.32 -74.73 -37.77
N SER O 210 -11.49 -74.81 -36.46
CA SER O 210 -12.81 -74.56 -35.89
C SER O 210 -12.92 -73.07 -35.52
N LYS O 211 -13.97 -72.68 -34.82
CA LYS O 211 -14.16 -71.28 -34.47
C LYS O 211 -13.17 -70.82 -33.39
N ASN O 212 -12.53 -71.77 -32.71
CA ASN O 212 -11.65 -71.43 -31.59
C ASN O 212 -10.17 -71.58 -31.93
N ASP O 213 -9.87 -71.66 -33.22
CA ASP O 213 -8.49 -71.80 -33.66
C ASP O 213 -8.04 -70.49 -34.27
N LEU O 214 -8.96 -69.52 -34.32
CA LEU O 214 -8.70 -68.26 -35.00
C LEU O 214 -8.94 -67.01 -34.15
N GLU O 215 -8.35 -65.90 -34.60
CA GLU O 215 -8.56 -64.55 -34.09
C GLU O 215 -8.73 -63.65 -35.30
N VAL O 216 -9.68 -62.71 -35.24
CA VAL O 216 -9.87 -61.80 -36.38
C VAL O 216 -10.06 -60.33 -35.95
N GLY O 217 -9.22 -59.44 -36.48
CA GLY O 217 -9.42 -58.02 -36.33
C GLY O 217 -9.89 -57.47 -37.66
N VAL O 218 -10.87 -56.57 -37.63
CA VAL O 218 -11.24 -55.82 -38.82
C VAL O 218 -11.06 -54.32 -38.55
N ALA O 219 -10.52 -53.61 -39.54
CA ALA O 219 -10.40 -52.17 -39.43
C ALA O 219 -11.29 -51.53 -40.48
N THR O 220 -12.19 -50.65 -40.05
CA THR O 220 -13.03 -49.87 -40.95
C THR O 220 -12.67 -48.41 -40.80
N LYS O 221 -13.23 -47.57 -41.67
CA LYS O 221 -13.15 -46.13 -41.51
C LYS O 221 -13.73 -45.78 -40.13
N ASP O 222 -12.86 -45.23 -39.26
CA ASP O 222 -13.20 -44.94 -37.87
C ASP O 222 -13.82 -46.07 -37.02
N LYS O 223 -13.17 -47.24 -37.03
CA LYS O 223 -13.39 -48.28 -36.04
C LYS O 223 -12.52 -49.49 -36.32
N PHE O 224 -11.89 -50.03 -35.29
CA PHE O 224 -11.21 -51.30 -35.37
C PHE O 224 -11.78 -52.24 -34.34
N PHE O 225 -12.22 -53.42 -34.78
CA PHE O 225 -12.87 -54.39 -33.88
C PHE O 225 -12.40 -55.84 -34.07
N THR O 226 -12.46 -56.61 -32.98
CA THR O 226 -12.09 -58.01 -33.05
C THR O 226 -13.36 -58.85 -33.03
N LEU O 227 -13.35 -59.93 -33.80
CA LEU O 227 -14.54 -60.77 -33.97
C LEU O 227 -14.75 -61.76 -32.83
N SER O 228 -16.00 -62.05 -32.54
CA SER O 228 -16.35 -63.12 -31.62
C SER O 228 -16.14 -64.44 -32.33
N ALA O 229 -15.95 -65.53 -31.59
CA ALA O 229 -15.89 -66.85 -32.18
C ALA O 229 -17.20 -67.10 -32.90
N GLU O 230 -18.28 -66.58 -32.32
CA GLU O 230 -19.61 -66.70 -32.89
C GLU O 230 -19.74 -66.06 -34.28
N ASN O 231 -19.00 -64.98 -34.50
CA ASN O 231 -18.98 -64.39 -35.83
C ASN O 231 -17.93 -65.05 -36.71
N ILE O 232 -16.85 -65.52 -36.09
CA ILE O 232 -15.83 -66.31 -36.78
C ILE O 232 -16.50 -67.58 -37.32
N GLU O 233 -17.33 -68.18 -36.47
CA GLU O 233 -18.09 -69.35 -36.83
C GLU O 233 -18.95 -69.06 -38.05
N GLU O 234 -19.56 -67.89 -38.05
CA GLU O 234 -20.44 -67.49 -39.13
C GLU O 234 -19.69 -67.43 -40.49
N ARG O 235 -18.44 -66.98 -40.49
CA ARG O 235 -17.69 -66.87 -41.74
C ARG O 235 -17.13 -68.23 -42.11
N LEU O 236 -16.75 -68.99 -41.10
CA LEU O 236 -16.30 -70.36 -41.26
C LEU O 236 -17.35 -71.23 -41.97
N VAL O 237 -18.59 -71.16 -41.52
CA VAL O 237 -19.66 -71.89 -42.22
C VAL O 237 -19.80 -71.39 -43.66
N ALA O 238 -19.89 -70.07 -43.83
CA ALA O 238 -20.00 -69.48 -45.16
C ALA O 238 -18.84 -69.91 -46.09
N ILE O 239 -17.65 -70.09 -45.51
CA ILE O 239 -16.48 -70.54 -46.28
C ILE O 239 -16.71 -71.89 -46.96
N ALA O 240 -17.33 -72.82 -46.24
CA ALA O 240 -17.66 -74.12 -46.80
C ALA O 240 -18.86 -74.01 -47.73
N GLU O 241 -18.77 -73.08 -48.69
CA GLU O 241 -19.81 -72.74 -49.65
C GLU O 241 -21.24 -73.12 -49.26
N MET P 1 15.86 -47.61 -17.81
CA MET P 1 16.25 -47.31 -16.43
C MET P 1 17.47 -48.12 -15.97
N THR P 2 18.25 -47.53 -15.07
CA THR P 2 19.60 -48.02 -14.71
C THR P 2 20.51 -48.38 -15.91
N ASP P 3 20.73 -47.39 -16.78
CA ASP P 3 21.72 -47.48 -17.86
C ASP P 3 23.11 -47.37 -17.24
N ARG P 4 23.73 -48.52 -17.03
CA ARG P 4 25.00 -48.56 -16.33
C ARG P 4 26.19 -48.58 -17.26
N TYR P 5 25.93 -48.58 -18.57
CA TYR P 5 27.00 -48.53 -19.56
C TYR P 5 27.45 -47.08 -19.78
N SER P 6 28.35 -46.61 -18.92
CA SER P 6 28.88 -45.26 -19.04
C SER P 6 30.28 -45.31 -19.62
N PHE P 7 30.75 -46.52 -19.89
CA PHE P 7 32.07 -46.72 -20.45
C PHE P 7 31.97 -46.88 -21.95
N SER P 8 33.06 -46.64 -22.66
CA SER P 8 32.97 -46.68 -24.11
C SER P 8 32.98 -48.10 -24.67
N LEU P 9 32.21 -48.28 -25.73
CA LEU P 9 32.04 -49.57 -26.38
C LEU P 9 32.93 -49.69 -27.63
N THR P 10 33.43 -48.56 -28.11
CA THR P 10 34.49 -48.54 -29.12
C THR P 10 35.84 -48.17 -28.50
N THR P 11 36.78 -49.11 -28.43
CA THR P 11 38.10 -48.84 -27.87
C THR P 11 39.18 -48.95 -28.95
N PHE P 12 40.40 -48.53 -28.64
CA PHE P 12 41.53 -48.80 -29.54
C PHE P 12 42.09 -50.19 -29.26
N SER P 13 42.24 -50.99 -30.32
CA SER P 13 42.94 -52.27 -30.28
C SER P 13 44.45 -51.99 -30.29
N PRO P 14 45.27 -53.03 -30.02
CA PRO P 14 46.72 -52.75 -29.94
C PRO P 14 47.33 -52.43 -31.30
N SER P 15 46.65 -52.84 -32.37
CA SER P 15 47.10 -52.52 -33.72
C SER P 15 46.85 -51.06 -34.04
N GLY P 16 45.89 -50.45 -33.33
CA GLY P 16 45.55 -49.05 -33.50
C GLY P 16 44.27 -48.85 -34.28
N LYS P 17 43.50 -49.91 -34.45
CA LYS P 17 42.25 -49.83 -35.17
C LYS P 17 41.14 -49.61 -34.17
N LEU P 18 40.06 -48.99 -34.62
CA LEU P 18 38.89 -48.86 -33.79
C LEU P 18 37.89 -49.89 -34.29
N GLY P 19 37.92 -51.07 -33.66
CA GLY P 19 37.19 -52.22 -34.15
C GLY P 19 35.78 -51.97 -34.63
N GLN P 20 34.98 -51.37 -33.75
CA GLN P 20 33.57 -51.22 -33.99
C GLN P 20 33.34 -50.34 -35.23
N ILE P 21 34.28 -49.42 -35.49
CA ILE P 21 34.15 -48.54 -36.63
C ILE P 21 34.44 -49.31 -37.91
N ASP P 22 35.51 -50.10 -37.90
CA ASP P 22 35.77 -51.02 -39.00
C ASP P 22 34.55 -51.92 -39.28
N TYR P 23 33.97 -52.51 -38.23
CA TYR P 23 32.83 -53.41 -38.42
C TYR P 23 31.63 -52.68 -39.00
N ALA P 24 31.36 -51.49 -38.50
CA ALA P 24 30.29 -50.64 -39.03
C ALA P 24 30.51 -50.35 -40.52
N LEU P 25 31.70 -49.86 -40.83
CA LEU P 25 32.19 -49.71 -42.19
C LEU P 25 31.89 -50.95 -43.06
N THR P 26 32.22 -52.13 -42.52
CA THR P 26 31.93 -53.44 -43.14
C THR P 26 30.44 -53.63 -43.43
N ALA P 27 29.58 -53.28 -42.47
CA ALA P 27 28.15 -53.38 -42.66
C ALA P 27 27.68 -52.47 -43.78
N VAL P 28 28.41 -51.41 -44.03
CA VAL P 28 28.05 -50.48 -45.10
C VAL P 28 28.35 -51.12 -46.46
N LYS P 29 29.53 -51.72 -46.56
CA LYS P 29 30.01 -52.40 -47.78
C LYS P 29 29.01 -53.41 -48.29
N GLN P 30 28.38 -54.13 -47.37
CA GLN P 30 27.37 -55.12 -47.74
C GLN P 30 25.99 -54.52 -48.01
N GLY P 31 25.84 -53.21 -47.79
CA GLY P 31 24.61 -52.51 -48.11
C GLY P 31 24.41 -52.27 -49.60
N VAL P 32 23.16 -52.08 -50.03
CA VAL P 32 22.82 -51.79 -51.43
C VAL P 32 23.56 -50.56 -51.96
N THR P 33 23.92 -50.56 -53.24
CA THR P 33 24.70 -49.46 -53.79
C THR P 33 23.86 -48.21 -53.97
N SER P 34 24.43 -47.06 -53.61
CA SER P 34 23.86 -45.76 -53.91
C SER P 34 24.99 -44.86 -54.36
N LEU P 35 24.66 -43.84 -55.15
CA LEU P 35 25.69 -43.00 -55.74
C LEU P 35 25.28 -41.51 -55.83
N GLY P 36 26.26 -40.63 -56.01
CA GLY P 36 25.96 -39.24 -56.27
C GLY P 36 26.83 -38.66 -57.37
N ILE P 37 26.30 -37.66 -58.08
CA ILE P 37 27.09 -36.95 -59.08
C ILE P 37 26.85 -35.43 -59.01
N LYS P 38 27.93 -34.65 -59.01
CA LYS P 38 27.80 -33.21 -59.09
C LYS P 38 27.96 -32.72 -60.54
N ALA P 39 26.91 -32.10 -61.07
CA ALA P 39 27.01 -31.42 -62.36
C ALA P 39 27.24 -29.92 -62.14
N THR P 40 27.36 -29.15 -63.23
CA THR P 40 27.58 -27.71 -63.11
C THR P 40 26.38 -27.05 -62.47
N ASN P 41 25.19 -27.46 -62.89
CA ASN P 41 23.95 -26.82 -62.45
C ASN P 41 23.02 -27.74 -61.67
N GLY P 42 23.57 -28.57 -60.80
CA GLY P 42 22.72 -29.48 -60.04
C GLY P 42 23.47 -30.65 -59.44
N VAL P 43 22.79 -31.43 -58.60
CA VAL P 43 23.35 -32.68 -58.11
C VAL P 43 22.31 -33.78 -58.28
N VAL P 44 22.76 -35.02 -58.48
CA VAL P 44 21.86 -36.16 -58.45
C VAL P 44 22.38 -37.22 -57.47
N ILE P 45 21.48 -37.76 -56.66
CA ILE P 45 21.78 -38.90 -55.81
C ILE P 45 20.79 -39.98 -56.15
N ALA P 46 21.23 -41.23 -56.07
CA ALA P 46 20.45 -42.37 -56.58
C ALA P 46 20.78 -43.64 -55.83
N THR P 47 19.83 -44.57 -55.79
CA THR P 47 20.03 -45.80 -55.05
C THR P 47 19.04 -46.83 -55.57
N GLU P 48 19.12 -48.05 -55.04
CA GLU P 48 18.21 -49.10 -55.48
C GLU P 48 17.11 -49.31 -54.45
N LYS P 49 15.88 -49.39 -54.93
CA LYS P 49 14.72 -49.59 -54.06
C LYS P 49 14.43 -51.08 -54.02
N LYS P 50 15.37 -51.84 -53.46
CA LYS P 50 15.28 -53.30 -53.42
C LYS P 50 14.15 -53.77 -52.52
N SER P 51 13.05 -54.15 -53.13
CA SER P 51 11.90 -54.66 -52.41
C SER P 51 12.18 -56.08 -51.90
N SER P 52 11.94 -56.30 -50.61
CA SER P 52 12.02 -57.65 -50.04
C SER P 52 10.99 -58.57 -50.70
N SER P 53 9.75 -58.50 -50.22
CA SER P 53 8.61 -59.19 -50.83
C SER P 53 7.94 -58.23 -51.81
N PRO P 54 7.38 -58.75 -52.92
CA PRO P 54 6.64 -57.85 -53.81
C PRO P 54 5.29 -57.42 -53.20
N LEU P 55 4.98 -57.97 -52.03
CA LEU P 55 3.82 -57.55 -51.25
C LEU P 55 4.13 -56.22 -50.51
N ALA P 56 5.40 -55.98 -50.21
CA ALA P 56 5.84 -54.71 -49.68
C ALA P 56 5.54 -53.58 -50.66
N MET P 57 5.48 -52.36 -50.16
CA MET P 57 5.13 -51.21 -51.00
C MET P 57 6.33 -50.34 -51.31
N SER P 58 6.46 -50.00 -52.60
CA SER P 58 7.65 -49.33 -53.14
C SER P 58 7.87 -47.92 -52.57
N GLU P 59 6.80 -47.12 -52.54
CA GLU P 59 6.80 -45.75 -52.02
C GLU P 59 7.19 -45.71 -50.54
N THR P 60 6.53 -46.55 -49.76
CA THR P 60 6.89 -46.84 -48.37
C THR P 60 8.39 -47.00 -48.13
N LEU P 61 9.08 -47.61 -49.10
CA LEU P 61 10.53 -47.64 -49.06
C LEU P 61 11.08 -46.32 -49.60
N SER P 62 11.33 -45.38 -48.70
CA SER P 62 12.10 -44.21 -49.09
C SER P 62 13.53 -44.47 -48.67
N LYS P 63 14.47 -44.25 -49.58
CA LYS P 63 15.87 -44.19 -49.20
C LYS P 63 16.39 -42.78 -49.46
N VAL P 64 15.70 -42.03 -50.32
CA VAL P 64 16.01 -40.63 -50.58
C VAL P 64 15.13 -39.67 -49.76
N SER P 65 15.78 -38.85 -48.93
CA SER P 65 15.07 -37.99 -47.98
C SER P 65 15.46 -36.52 -48.08
N LEU P 66 14.45 -35.65 -48.20
CA LEU P 66 14.66 -34.21 -47.99
C LEU P 66 15.06 -33.94 -46.53
N LEU P 67 16.13 -33.17 -46.39
CA LEU P 67 16.61 -32.71 -45.09
C LEU P 67 16.25 -31.23 -44.84
N THR P 68 16.33 -30.46 -45.93
CA THR P 68 16.22 -29.01 -45.96
C THR P 68 15.69 -28.83 -47.37
N PRO P 69 14.91 -27.77 -47.64
CA PRO P 69 14.42 -27.70 -49.04
C PRO P 69 15.53 -27.60 -50.10
N ASP P 70 16.79 -27.49 -49.68
CA ASP P 70 17.92 -27.47 -50.60
C ASP P 70 18.95 -28.58 -50.32
N ILE P 71 18.55 -29.60 -49.56
CA ILE P 71 19.49 -30.62 -49.14
C ILE P 71 18.83 -31.98 -49.12
N GLY P 72 19.41 -32.95 -49.82
CA GLY P 72 18.91 -34.31 -49.80
C GLY P 72 19.97 -35.26 -49.28
N ALA P 73 19.53 -36.43 -48.84
CA ALA P 73 20.48 -37.44 -48.42
C ALA P 73 20.01 -38.82 -48.85
N VAL P 74 20.98 -39.72 -49.03
CA VAL P 74 20.74 -41.13 -49.35
C VAL P 74 21.84 -41.94 -48.65
N TYR P 75 21.68 -43.26 -48.57
CA TYR P 75 22.61 -44.07 -47.79
C TYR P 75 22.88 -45.47 -48.35
N SER P 76 23.84 -46.14 -47.72
CA SER P 76 24.04 -47.57 -47.87
C SER P 76 24.29 -48.15 -46.48
N GLY P 77 23.60 -49.24 -46.17
CA GLY P 77 23.88 -49.89 -44.90
C GLY P 77 22.61 -50.18 -44.16
N MET P 78 22.66 -50.01 -42.84
CA MET P 78 21.50 -50.29 -42.00
C MET P 78 20.46 -49.18 -42.07
N GLY P 79 19.37 -49.44 -42.78
CA GLY P 79 18.29 -48.48 -42.96
C GLY P 79 17.63 -47.87 -41.72
N PRO P 80 17.37 -48.67 -40.68
CA PRO P 80 16.84 -48.02 -39.48
C PRO P 80 17.81 -46.97 -38.91
N ASP P 81 19.10 -47.28 -38.82
CA ASP P 81 20.08 -46.29 -38.34
C ASP P 81 19.99 -44.99 -39.16
N TYR P 82 19.69 -45.13 -40.45
CA TYR P 82 19.56 -43.98 -41.33
C TYR P 82 18.32 -43.14 -41.04
N ARG P 83 17.16 -43.79 -40.95
CA ARG P 83 15.88 -43.14 -40.68
C ARG P 83 16.03 -42.25 -39.44
N VAL P 84 16.53 -42.86 -38.36
CA VAL P 84 16.85 -42.13 -37.14
C VAL P 84 17.76 -40.95 -37.44
N LEU P 85 18.88 -41.20 -38.07
CA LEU P 85 19.81 -40.12 -38.41
C LEU P 85 19.16 -38.99 -39.22
N VAL P 86 18.21 -39.31 -40.10
CA VAL P 86 17.54 -38.28 -40.91
C VAL P 86 16.77 -37.30 -40.01
N ASP P 87 16.09 -37.86 -39.01
CA ASP P 87 15.24 -37.07 -38.16
C ASP P 87 16.06 -36.19 -37.23
N LYS P 88 17.19 -36.71 -36.72
CA LYS P 88 18.09 -35.86 -35.96
C LYS P 88 18.61 -34.76 -36.85
N SER P 89 18.85 -35.10 -38.11
CA SER P 89 19.45 -34.15 -39.04
C SER P 89 18.51 -32.99 -39.33
N ARG P 90 17.26 -33.30 -39.58
CA ARG P 90 16.27 -32.28 -39.87
C ARG P 90 16.08 -31.36 -38.67
N LYS P 91 16.00 -31.96 -37.48
CA LYS P 91 15.81 -31.23 -36.25
C LYS P 91 16.98 -30.30 -35.95
N VAL P 92 18.19 -30.74 -36.26
CA VAL P 92 19.36 -29.95 -35.94
C VAL P 92 19.50 -28.74 -36.88
N ALA P 93 19.00 -28.88 -38.10
CA ALA P 93 19.02 -27.81 -39.09
C ALA P 93 18.15 -26.63 -38.65
N HIS P 94 17.16 -26.94 -37.80
CA HIS P 94 16.27 -25.93 -37.26
C HIS P 94 16.85 -25.39 -35.96
N THR P 95 17.16 -26.32 -35.09
CA THR P 95 17.58 -26.06 -33.72
C THR P 95 18.92 -25.32 -33.56
N SER P 96 19.83 -25.51 -34.50
CA SER P 96 21.15 -24.91 -34.39
C SER P 96 21.40 -24.03 -35.61
N TYR P 97 20.33 -23.76 -36.35
CA TYR P 97 20.48 -22.97 -37.54
C TYR P 97 19.27 -22.13 -37.92
N LYS P 98 18.13 -22.76 -38.21
CA LYS P 98 17.02 -21.97 -38.68
C LYS P 98 16.49 -21.07 -37.56
N ARG P 99 16.49 -21.58 -36.34
CA ARG P 99 15.92 -20.85 -35.22
C ARG P 99 16.89 -19.80 -34.64
N ILE P 100 18.09 -19.72 -35.24
CA ILE P 100 19.10 -18.78 -34.78
C ILE P 100 19.46 -17.74 -35.84
N TYR P 101 19.55 -18.15 -37.10
CA TYR P 101 19.94 -17.25 -38.17
C TYR P 101 18.76 -16.97 -39.10
N GLY P 102 17.67 -17.70 -38.91
CA GLY P 102 16.49 -17.47 -39.72
C GLY P 102 16.58 -18.01 -41.14
N GLU P 103 17.54 -18.89 -41.37
CA GLU P 103 17.67 -19.54 -42.67
C GLU P 103 18.23 -20.95 -42.48
N TYR P 104 18.10 -21.76 -43.51
CA TYR P 104 18.58 -23.14 -43.45
C TYR P 104 20.09 -23.18 -43.57
N PRO P 105 20.72 -24.14 -42.87
CA PRO P 105 22.17 -24.27 -42.93
C PRO P 105 22.68 -24.51 -44.35
N PRO P 106 23.88 -23.98 -44.63
CA PRO P 106 24.61 -24.33 -45.85
C PRO P 106 24.91 -25.82 -45.81
N THR P 107 25.08 -26.44 -46.98
CA THR P 107 25.19 -27.90 -47.03
C THR P 107 26.38 -28.51 -46.23
N LYS P 108 27.56 -27.89 -46.28
CA LYS P 108 28.69 -28.44 -45.51
C LYS P 108 28.50 -28.42 -44.00
N LEU P 109 27.72 -27.46 -43.52
CA LEU P 109 27.56 -27.26 -42.10
C LEU P 109 26.60 -28.29 -41.55
N LEU P 110 25.52 -28.52 -42.29
CA LEU P 110 24.58 -29.54 -41.89
C LEU P 110 25.32 -30.87 -41.84
N VAL P 111 26.23 -31.06 -42.82
CA VAL P 111 27.03 -32.27 -42.92
C VAL P 111 27.94 -32.48 -41.70
N SER P 112 28.63 -31.44 -41.29
CA SER P 112 29.55 -31.53 -40.16
C SER P 112 28.75 -31.80 -38.88
N GLU P 113 27.47 -31.53 -38.95
CA GLU P 113 26.59 -31.68 -37.81
C GLU P 113 26.11 -33.12 -37.72
N VAL P 114 25.82 -33.73 -38.87
CA VAL P 114 25.52 -35.17 -38.91
C VAL P 114 26.78 -35.93 -38.50
N ALA P 115 27.92 -35.46 -39.01
CA ALA P 115 29.22 -36.01 -38.63
C ALA P 115 29.43 -36.02 -37.12
N LYS P 116 28.96 -34.96 -36.45
CA LYS P 116 29.11 -34.80 -35.01
C LYS P 116 28.31 -35.88 -34.29
N ILE P 117 27.05 -36.03 -34.67
CA ILE P 117 26.19 -37.05 -34.10
C ILE P 117 26.81 -38.44 -34.22
N MET P 118 27.30 -38.76 -35.41
CA MET P 118 27.98 -40.03 -35.66
C MET P 118 29.26 -40.22 -34.85
N GLN P 119 30.07 -39.18 -34.75
CA GLN P 119 31.29 -39.31 -33.96
C GLN P 119 30.99 -39.69 -32.51
N GLU P 120 29.89 -39.17 -31.98
CA GLU P 120 29.62 -39.33 -30.55
C GLU P 120 29.29 -40.78 -30.27
N ALA P 121 28.62 -41.40 -31.23
CA ALA P 121 28.27 -42.83 -31.16
C ALA P 121 29.51 -43.74 -31.27
N THR P 122 30.62 -43.18 -31.71
CA THR P 122 31.86 -43.93 -31.69
C THR P 122 32.64 -43.67 -30.42
N GLN P 123 32.08 -42.87 -29.50
CA GLN P 123 32.80 -42.49 -28.28
C GLN P 123 31.97 -42.45 -26.98
N SER P 124 30.71 -42.01 -27.07
CA SER P 124 29.84 -41.95 -25.87
C SER P 124 29.69 -43.31 -25.23
N GLY P 125 29.53 -43.33 -23.91
CA GLY P 125 29.26 -44.56 -23.20
C GLY P 125 28.00 -45.26 -23.67
N GLY P 126 28.07 -46.58 -23.76
CA GLY P 126 26.90 -47.43 -23.95
C GLY P 126 26.35 -47.54 -25.35
N VAL P 127 27.03 -46.98 -26.34
CA VAL P 127 26.52 -47.07 -27.70
C VAL P 127 27.47 -47.71 -28.73
N ARG P 128 26.89 -48.17 -29.84
CA ARG P 128 27.69 -48.65 -30.97
C ARG P 128 27.63 -47.59 -32.04
N PRO P 129 28.63 -47.56 -32.93
CA PRO P 129 28.58 -46.67 -34.11
C PRO P 129 27.35 -46.93 -34.99
N PHE P 130 27.00 -45.96 -35.82
CA PHE P 130 25.90 -46.16 -36.76
C PHE P 130 26.43 -47.00 -37.88
N GLY P 131 25.59 -47.88 -38.42
CA GLY P 131 26.00 -48.76 -39.50
C GLY P 131 25.59 -48.23 -40.87
N VAL P 132 25.89 -46.96 -41.11
CA VAL P 132 25.55 -46.34 -42.38
C VAL P 132 26.60 -45.38 -42.89
N SER P 133 26.56 -45.15 -44.18
CA SER P 133 27.26 -44.05 -44.78
C SER P 133 26.22 -43.28 -45.56
N LEU P 134 26.39 -41.97 -45.61
CA LEU P 134 25.43 -41.16 -46.30
C LEU P 134 26.14 -40.42 -47.42
N LEU P 135 25.43 -40.21 -48.51
CA LEU P 135 25.82 -39.15 -49.43
C LEU P 135 24.80 -38.03 -49.23
N ILE P 136 25.29 -36.80 -49.11
CA ILE P 136 24.43 -35.67 -48.88
C ILE P 136 24.66 -34.59 -49.92
N ALA P 137 23.62 -34.24 -50.66
CA ALA P 137 23.74 -33.27 -51.75
C ALA P 137 22.92 -32.01 -51.51
N GLY P 138 23.57 -30.86 -51.66
CA GLY P 138 22.87 -29.61 -51.42
C GLY P 138 23.36 -28.42 -52.20
N HIS P 139 22.62 -27.34 -52.04
CA HIS P 139 22.98 -26.04 -52.60
C HIS P 139 22.65 -24.96 -51.59
N ASP P 140 23.67 -24.21 -51.19
CA ASP P 140 23.42 -22.96 -50.49
C ASP P 140 23.97 -21.87 -51.39
N GLU P 141 23.79 -20.61 -50.99
CA GLU P 141 24.04 -19.50 -51.90
C GLU P 141 25.51 -19.11 -52.02
N PHE P 142 26.30 -19.42 -51.01
CA PHE P 142 27.69 -19.02 -51.04
C PHE P 142 28.68 -20.11 -51.48
N ASN P 143 28.24 -21.37 -51.41
CA ASN P 143 29.08 -22.49 -51.82
C ASN P 143 28.56 -23.16 -53.09
N GLY P 144 27.38 -22.73 -53.54
CA GLY P 144 26.70 -23.37 -54.65
C GLY P 144 26.37 -24.83 -54.36
N PHE P 145 26.49 -25.65 -55.40
CA PHE P 145 26.22 -27.07 -55.28
C PHE P 145 27.38 -27.83 -54.62
N SER P 146 27.03 -28.81 -53.80
CA SER P 146 28.04 -29.67 -53.21
C SER P 146 27.50 -31.06 -52.89
N LEU P 147 28.41 -32.03 -52.79
CA LEU P 147 28.09 -33.42 -52.51
C LEU P 147 29.13 -34.00 -51.53
N TYR P 148 28.66 -34.53 -50.41
CA TYR P 148 29.55 -35.02 -49.35
C TYR P 148 29.25 -36.47 -49.04
N GLN P 149 30.24 -37.13 -48.46
CA GLN P 149 30.04 -38.48 -47.99
C GLN P 149 30.35 -38.41 -46.51
N VAL P 150 29.53 -39.05 -45.68
CA VAL P 150 29.78 -39.11 -44.26
C VAL P 150 29.78 -40.55 -43.86
N ASP P 151 30.77 -40.97 -43.07
CA ASP P 151 30.95 -42.38 -42.67
C ASP P 151 30.67 -42.62 -41.18
N PRO P 152 30.55 -43.89 -40.75
CA PRO P 152 30.29 -44.15 -39.33
C PRO P 152 31.38 -43.66 -38.37
N SER P 153 32.52 -43.21 -38.88
CA SER P 153 33.61 -42.70 -38.05
C SER P 153 33.35 -41.25 -37.65
N GLY P 154 32.57 -40.57 -38.48
CA GLY P 154 32.30 -39.16 -38.28
C GLY P 154 33.09 -38.36 -39.28
N SER P 155 33.77 -39.06 -40.18
CA SER P 155 34.55 -38.37 -41.17
C SER P 155 33.69 -38.07 -42.38
N TYR P 156 34.02 -36.99 -43.08
CA TYR P 156 33.26 -36.63 -44.27
C TYR P 156 34.17 -35.95 -45.27
N PHE P 157 33.80 -36.04 -46.54
CA PHE P 157 34.64 -35.48 -47.61
C PHE P 157 33.75 -35.09 -48.77
N PRO P 158 34.18 -34.06 -49.50
CA PRO P 158 33.39 -33.61 -50.64
C PRO P 158 33.80 -34.36 -51.88
N TRP P 159 32.85 -34.71 -52.72
CA TRP P 159 33.11 -35.50 -53.92
C TRP P 159 32.56 -34.86 -55.18
N LYS P 160 33.27 -35.02 -56.29
CA LYS P 160 32.69 -34.66 -57.58
C LYS P 160 31.63 -35.70 -57.92
N ALA P 161 31.92 -36.95 -57.53
CA ALA P 161 31.00 -38.08 -57.69
C ALA P 161 31.58 -39.26 -56.91
N THR P 162 30.71 -40.07 -56.32
CA THR P 162 31.16 -41.25 -55.57
C THR P 162 30.05 -42.28 -55.48
N ALA P 163 30.34 -43.40 -54.84
CA ALA P 163 29.33 -44.41 -54.53
C ALA P 163 29.75 -45.26 -53.32
N ILE P 164 28.77 -45.78 -52.61
CA ILE P 164 29.04 -46.62 -51.44
C ILE P 164 28.16 -47.85 -51.48
N GLY P 165 28.51 -48.85 -50.66
CA GLY P 165 27.77 -50.09 -50.66
C GLY P 165 28.31 -51.08 -51.68
N LYS P 166 27.68 -52.25 -51.77
CA LYS P 166 28.14 -53.40 -52.58
C LYS P 166 29.01 -53.07 -53.80
N GLY P 167 28.37 -52.50 -54.83
CA GLY P 167 29.01 -52.24 -56.12
C GLY P 167 29.80 -50.95 -56.21
N SER P 168 30.35 -50.51 -55.08
CA SER P 168 30.99 -49.20 -54.99
C SER P 168 32.27 -49.14 -55.81
N VAL P 169 33.07 -50.20 -55.78
CA VAL P 169 34.37 -50.14 -56.45
C VAL P 169 34.20 -50.11 -57.97
N ALA P 170 33.28 -50.92 -58.48
CA ALA P 170 32.98 -50.87 -59.91
C ALA P 170 32.39 -49.51 -60.26
N ALA P 171 31.37 -49.10 -59.51
CA ALA P 171 30.71 -47.80 -59.72
C ALA P 171 31.70 -46.61 -59.70
N LYS P 172 32.63 -46.63 -58.75
CA LYS P 172 33.57 -45.53 -58.62
C LYS P 172 34.50 -45.48 -59.83
N THR P 173 34.91 -46.65 -60.29
CA THR P 173 35.76 -46.75 -61.47
C THR P 173 35.01 -46.26 -62.70
N PHE P 174 33.76 -46.68 -62.84
CA PHE P 174 32.98 -46.27 -63.99
C PHE P 174 32.71 -44.78 -63.94
N LEU P 175 32.42 -44.27 -62.74
CA LEU P 175 32.14 -42.84 -62.57
C LEU P 175 33.37 -42.01 -62.93
N GLU P 176 34.54 -42.47 -62.49
CA GLU P 176 35.79 -41.77 -62.75
C GLU P 176 36.07 -41.51 -64.23
N LYS P 177 35.59 -42.41 -65.10
CA LYS P 177 35.91 -42.29 -66.52
C LYS P 177 34.73 -41.74 -67.31
N ARG P 178 33.79 -41.14 -66.61
CA ARG P 178 32.67 -40.51 -67.28
C ARG P 178 32.48 -39.09 -66.73
N TRP P 179 33.12 -38.78 -65.61
CA TRP P 179 32.98 -37.46 -65.03
C TRP P 179 33.94 -36.44 -65.62
N ASN P 180 33.36 -35.40 -66.20
CA ASN P 180 34.06 -34.16 -66.52
C ASN P 180 33.42 -33.02 -65.74
N ASP P 181 34.07 -31.85 -65.74
CA ASP P 181 33.54 -30.71 -65.02
C ASP P 181 32.71 -29.81 -65.92
N GLU P 182 31.99 -30.39 -66.87
CA GLU P 182 31.11 -29.61 -67.73
C GLU P 182 29.80 -30.31 -68.04
N LEU P 183 29.40 -31.22 -67.14
CA LEU P 183 28.12 -31.91 -67.28
C LEU P 183 26.97 -30.99 -66.92
N GLU P 184 25.91 -31.03 -67.71
CA GLU P 184 24.65 -30.41 -67.30
C GLU P 184 24.07 -31.30 -66.21
N LEU P 185 23.00 -30.86 -65.56
CA LEU P 185 22.32 -31.72 -64.61
C LEU P 185 21.84 -32.97 -65.32
N GLU P 186 21.27 -32.77 -66.50
CA GLU P 186 20.62 -33.82 -67.27
C GLU P 186 21.56 -34.96 -67.66
N ASP P 187 22.77 -34.58 -68.06
CA ASP P 187 23.83 -35.54 -68.39
C ASP P 187 24.15 -36.42 -67.19
N ALA P 188 24.47 -35.78 -66.07
CA ALA P 188 24.81 -36.48 -64.84
C ALA P 188 23.69 -37.42 -64.36
N ILE P 189 22.45 -37.11 -64.73
CA ILE P 189 21.35 -38.00 -64.40
C ILE P 189 21.49 -39.25 -65.23
N HIS P 190 21.71 -39.06 -66.53
CA HIS P 190 21.89 -40.17 -67.45
C HIS P 190 23.05 -41.08 -67.02
N ILE P 191 24.21 -40.48 -66.73
CA ILE P 191 25.34 -41.23 -66.15
C ILE P 191 24.96 -42.00 -64.88
N ALA P 192 24.22 -41.37 -63.98
CA ALA P 192 23.76 -42.04 -62.75
C ALA P 192 22.87 -43.24 -63.09
N LEU P 193 22.01 -43.06 -64.09
CA LEU P 193 21.17 -44.14 -64.58
C LEU P 193 21.99 -45.31 -65.14
N LEU P 194 23.05 -45.01 -65.86
CA LEU P 194 23.98 -46.02 -66.37
C LEU P 194 24.66 -46.76 -65.22
N THR P 195 25.35 -46.03 -64.37
CA THR P 195 26.10 -46.62 -63.27
C THR P 195 25.25 -47.49 -62.34
N LEU P 196 23.96 -47.17 -62.24
CA LEU P 196 23.10 -47.94 -61.36
C LEU P 196 22.83 -49.30 -61.97
N LYS P 197 22.64 -49.31 -63.29
CA LYS P 197 22.36 -50.53 -64.06
C LYS P 197 23.26 -51.69 -63.70
N GLU P 198 24.57 -51.46 -63.74
CA GLU P 198 25.56 -52.49 -63.40
C GLU P 198 25.34 -53.12 -62.02
N SER P 199 25.02 -52.29 -61.04
CA SER P 199 24.89 -52.72 -59.64
C SER P 199 23.54 -53.37 -59.36
N VAL P 200 22.52 -52.99 -60.13
CA VAL P 200 21.18 -53.54 -59.96
C VAL P 200 21.07 -54.92 -60.61
N GLU P 201 20.96 -55.93 -59.76
CA GLU P 201 20.98 -57.33 -60.20
C GLU P 201 19.82 -57.71 -61.11
N GLY P 202 18.61 -57.25 -60.76
CA GLY P 202 17.42 -57.68 -61.48
C GLY P 202 16.69 -56.61 -62.27
N GLU P 203 15.41 -56.45 -61.98
CA GLU P 203 14.54 -55.51 -62.69
C GLU P 203 14.98 -54.08 -62.45
N PHE P 204 14.94 -53.28 -63.51
CA PHE P 204 15.56 -51.97 -63.48
C PHE P 204 14.62 -50.96 -64.14
N ASN P 205 13.67 -50.46 -63.36
CA ASN P 205 12.68 -49.48 -63.82
C ASN P 205 12.45 -48.37 -62.79
N GLY P 206 11.48 -47.50 -63.06
CA GLY P 206 11.21 -46.35 -62.21
C GLY P 206 10.61 -46.67 -60.85
N ASP P 207 10.29 -47.94 -60.61
CA ASP P 207 9.66 -48.35 -59.36
C ASP P 207 10.62 -49.18 -58.51
N THR P 208 11.81 -49.44 -59.06
CA THR P 208 12.84 -50.19 -58.38
C THR P 208 14.05 -49.27 -58.15
N ILE P 209 13.99 -48.09 -58.75
CA ILE P 209 15.06 -47.09 -58.68
C ILE P 209 14.55 -45.81 -58.01
N GLU P 210 15.33 -45.25 -57.09
CA GLU P 210 15.01 -43.94 -56.48
C GLU P 210 15.96 -42.84 -56.98
N LEU P 211 15.41 -41.67 -57.30
CA LEU P 211 16.28 -40.58 -57.75
C LEU P 211 15.85 -39.20 -57.27
N ALA P 212 16.84 -38.41 -56.87
CA ALA P 212 16.63 -37.04 -56.41
C ALA P 212 17.49 -36.09 -57.22
N ILE P 213 17.03 -34.85 -57.38
CA ILE P 213 17.93 -33.79 -57.82
C ILE P 213 17.98 -32.64 -56.82
N ILE P 214 19.15 -32.06 -56.67
CA ILE P 214 19.31 -30.77 -56.02
C ILE P 214 19.58 -29.83 -57.18
N GLY P 215 18.58 -29.08 -57.62
CA GLY P 215 18.72 -28.28 -58.82
C GLY P 215 18.19 -26.87 -58.80
N ASP P 216 17.33 -26.57 -59.76
CA ASP P 216 16.72 -25.26 -59.88
C ASP P 216 15.64 -25.08 -58.84
N GLU P 217 15.22 -23.84 -58.63
CA GLU P 217 14.16 -23.57 -57.66
C GLU P 217 12.81 -23.87 -58.29
N ASN P 218 12.02 -24.70 -57.62
CA ASN P 218 10.69 -25.06 -58.10
C ASN P 218 9.61 -24.21 -57.43
N PRO P 219 9.27 -23.07 -58.02
CA PRO P 219 8.26 -22.20 -57.38
C PRO P 219 6.88 -22.83 -57.53
N ASP P 220 6.84 -23.94 -58.25
CA ASP P 220 5.64 -24.73 -58.40
C ASP P 220 5.44 -25.60 -57.16
N LEU P 221 6.51 -25.80 -56.40
CA LEU P 221 6.47 -26.67 -55.24
C LEU P 221 6.49 -25.89 -53.93
N LEU P 222 6.37 -24.56 -54.04
CA LEU P 222 6.39 -23.72 -52.85
C LEU P 222 5.15 -23.86 -51.98
N GLY P 223 3.98 -23.83 -52.63
CA GLY P 223 2.72 -23.97 -51.93
C GLY P 223 2.04 -22.63 -51.68
N TYR P 224 2.81 -21.56 -51.84
CA TYR P 224 2.29 -20.21 -51.70
C TYR P 224 2.97 -19.24 -52.66
N THR P 225 2.30 -18.14 -52.98
CA THR P 225 2.88 -17.08 -53.79
C THR P 225 2.72 -15.75 -53.06
N GLY P 226 3.48 -14.75 -53.48
CA GLY P 226 3.35 -13.40 -52.94
C GLY P 226 4.62 -12.81 -52.38
N ILE P 227 5.60 -13.66 -52.10
CA ILE P 227 6.91 -13.23 -51.64
C ILE P 227 7.92 -13.65 -52.72
N PRO P 228 8.27 -12.73 -53.63
CA PRO P 228 9.15 -13.06 -54.75
C PRO P 228 10.55 -13.44 -54.27
N THR P 229 10.94 -12.91 -53.11
CA THR P 229 12.23 -13.22 -52.51
C THR P 229 12.32 -14.67 -52.00
N ASP P 230 11.18 -15.35 -51.96
CA ASP P 230 11.10 -16.75 -51.53
C ASP P 230 10.79 -17.66 -52.71
N LYS P 231 11.82 -18.34 -53.22
CA LYS P 231 11.60 -19.28 -54.31
C LYS P 231 11.43 -20.72 -53.78
N GLY P 232 11.07 -21.62 -54.69
CA GLY P 232 10.78 -22.99 -54.31
C GLY P 232 11.97 -23.77 -53.76
N PRO P 233 11.72 -25.01 -53.32
CA PRO P 233 12.83 -25.86 -52.87
C PRO P 233 13.67 -26.28 -54.08
N ARG P 234 14.99 -26.37 -53.91
CA ARG P 234 15.84 -26.82 -55.01
C ARG P 234 15.84 -28.34 -55.13
N PHE P 235 15.48 -28.98 -54.02
CA PHE P 235 15.38 -30.43 -53.94
C PHE P 235 14.16 -30.93 -54.69
N ARG P 236 14.35 -31.97 -55.50
CA ARG P 236 13.22 -32.63 -56.16
C ARG P 236 13.45 -34.12 -56.30
N LYS P 237 12.47 -34.90 -55.86
CA LYS P 237 12.49 -36.33 -56.06
C LYS P 237 11.76 -36.68 -57.35
N LEU P 238 12.45 -37.38 -58.24
CA LEU P 238 11.91 -37.75 -59.55
C LEU P 238 10.81 -38.80 -59.45
N THR P 239 9.83 -38.70 -60.35
CA THR P 239 8.71 -39.64 -60.35
C THR P 239 9.07 -40.85 -61.18
N SER P 240 8.44 -41.99 -60.88
CA SER P 240 8.70 -43.23 -61.60
C SER P 240 8.45 -43.06 -63.10
N GLN P 241 7.42 -42.30 -63.42
CA GLN P 241 7.16 -41.93 -64.80
C GLN P 241 8.28 -41.08 -65.37
N GLU P 242 8.93 -40.28 -64.54
CA GLU P 242 10.04 -39.47 -65.00
C GLU P 242 11.28 -40.31 -65.28
N ILE P 243 11.59 -41.22 -64.37
CA ILE P 243 12.72 -42.12 -64.55
C ILE P 243 12.52 -42.99 -65.80
N ASN P 244 11.43 -43.75 -65.80
CA ASN P 244 11.09 -44.63 -66.92
C ASN P 244 11.14 -43.89 -68.26
N ASP P 245 10.61 -42.67 -68.28
CA ASP P 245 10.57 -41.85 -69.49
C ASP P 245 11.93 -41.65 -70.16
N ARG P 246 12.99 -41.49 -69.38
CA ARG P 246 14.32 -41.29 -69.98
C ARG P 246 15.17 -42.53 -69.81
N LEU P 247 14.54 -43.64 -69.46
CA LEU P 247 15.23 -44.91 -69.47
C LEU P 247 15.42 -45.37 -70.91
N GLU P 248 14.75 -44.71 -71.85
CA GLU P 248 14.96 -44.94 -73.29
C GLU P 248 16.25 -44.29 -73.78
N ALA P 249 17.37 -44.74 -73.23
CA ALA P 249 18.70 -44.23 -73.55
C ALA P 249 19.73 -45.02 -72.75
N GLY Q 1 25.96 -58.85 -14.66
CA GLY Q 1 26.06 -57.40 -14.71
C GLY Q 1 26.85 -56.85 -15.88
N SER Q 2 26.96 -55.52 -15.98
CA SER Q 2 27.61 -54.90 -17.13
C SER Q 2 29.14 -54.78 -17.03
N ARG Q 3 29.68 -54.82 -15.82
CA ARG Q 3 31.14 -54.81 -15.56
C ARG Q 3 31.97 -55.66 -16.51
N ARG Q 4 31.36 -56.69 -17.08
CA ARG Q 4 32.07 -57.58 -17.99
C ARG Q 4 32.50 -56.84 -19.25
N TYR Q 5 31.58 -56.08 -19.84
CA TYR Q 5 31.80 -55.51 -21.16
C TYR Q 5 32.73 -54.30 -21.11
N ASP Q 6 33.08 -53.89 -19.89
CA ASP Q 6 33.94 -52.73 -19.65
C ASP Q 6 35.41 -52.99 -19.99
N SER Q 7 35.87 -52.33 -21.05
CA SER Q 7 37.27 -52.40 -21.51
C SER Q 7 38.27 -51.78 -20.54
N ARG Q 8 37.78 -50.99 -19.60
CA ARG Q 8 38.60 -50.27 -18.61
C ARG Q 8 39.65 -49.37 -19.27
N THR Q 9 39.19 -48.31 -19.91
CA THR Q 9 40.03 -47.50 -20.78
C THR Q 9 41.03 -46.59 -20.09
N THR Q 10 41.01 -46.51 -18.76
CA THR Q 10 41.87 -45.56 -18.07
C THR Q 10 42.80 -46.20 -17.05
N ILE Q 11 43.11 -47.47 -17.22
CA ILE Q 11 44.01 -48.15 -16.30
C ILE Q 11 45.44 -48.17 -16.79
N PHE Q 12 46.36 -48.25 -15.81
CA PHE Q 12 47.78 -48.46 -16.03
C PHE Q 12 48.14 -49.91 -16.35
N SER Q 13 49.00 -50.12 -17.35
CA SER Q 13 49.66 -51.43 -17.56
C SER Q 13 50.68 -51.66 -16.45
N PRO Q 14 51.10 -52.92 -16.25
CA PRO Q 14 52.03 -53.18 -15.13
C PRO Q 14 53.37 -52.43 -15.24
N GLU Q 15 53.71 -51.96 -16.43
CA GLU Q 15 54.89 -51.13 -16.62
C GLU Q 15 54.57 -49.65 -16.45
N GLY Q 16 53.33 -49.34 -16.08
CA GLY Q 16 52.93 -47.97 -15.80
C GLY Q 16 52.72 -47.12 -17.03
N ARG Q 17 52.04 -47.69 -18.01
CA ARG Q 17 51.76 -47.00 -19.25
C ARG Q 17 50.27 -47.16 -19.46
N LEU Q 18 49.68 -46.31 -20.28
CA LEU Q 18 48.24 -46.37 -20.47
C LEU Q 18 47.93 -47.07 -21.77
N TYR Q 19 47.26 -48.21 -21.68
CA TYR Q 19 46.91 -48.99 -22.86
C TYR Q 19 46.37 -48.12 -24.00
N GLN Q 20 45.22 -47.48 -23.75
CA GLN Q 20 44.53 -46.77 -24.80
C GLN Q 20 45.34 -45.62 -25.42
N VAL Q 21 46.17 -44.96 -24.60
CA VAL Q 21 46.98 -43.85 -25.10
C VAL Q 21 48.04 -44.38 -26.06
N GLU Q 22 48.77 -45.39 -25.57
CA GLU Q 22 49.74 -46.15 -26.35
C GLU Q 22 49.12 -46.62 -27.65
N TYR Q 23 47.92 -47.20 -27.56
CA TYR Q 23 47.23 -47.71 -28.72
C TYR Q 23 46.73 -46.60 -29.62
N ALA Q 24 46.38 -45.46 -29.01
CA ALA Q 24 45.90 -44.33 -29.77
C ALA Q 24 47.04 -43.73 -30.57
N LEU Q 25 48.18 -43.56 -29.91
CA LEU Q 25 49.40 -43.12 -30.58
C LEU Q 25 49.71 -44.01 -31.79
N GLU Q 26 49.55 -45.33 -31.61
CA GLU Q 26 49.68 -46.26 -32.72
C GLU Q 26 48.73 -45.88 -33.87
N SER Q 27 47.50 -45.52 -33.52
CA SER Q 27 46.51 -45.20 -34.55
C SER Q 27 46.96 -44.01 -35.37
N ILE Q 28 47.56 -43.05 -34.67
CA ILE Q 28 47.97 -41.79 -35.25
C ILE Q 28 49.16 -41.99 -36.16
N SER Q 29 49.96 -43.01 -35.86
CA SER Q 29 51.13 -43.34 -36.68
C SER Q 29 50.74 -43.75 -38.11
N HIS Q 30 49.49 -44.12 -38.33
CA HIS Q 30 49.01 -44.51 -39.65
C HIS Q 30 48.40 -43.34 -40.44
N ALA Q 31 48.34 -42.16 -39.82
CA ALA Q 31 47.64 -41.02 -40.39
C ALA Q 31 48.57 -40.17 -41.23
N GLY Q 32 48.02 -39.44 -42.18
CA GLY Q 32 48.79 -38.52 -43.01
C GLY Q 32 49.84 -37.78 -42.20
N THR Q 33 50.97 -37.49 -42.83
CA THR Q 33 52.07 -36.81 -42.15
C THR Q 33 51.86 -35.29 -42.19
N ALA Q 34 52.10 -34.64 -41.06
CA ALA Q 34 52.01 -33.18 -41.00
C ALA Q 34 53.26 -32.61 -40.36
N ILE Q 35 53.67 -31.44 -40.84
CA ILE Q 35 54.91 -30.80 -40.38
C ILE Q 35 54.72 -29.32 -39.97
N GLY Q 36 55.31 -28.96 -38.84
CA GLY Q 36 55.43 -27.57 -38.45
C GLY Q 36 56.88 -27.13 -38.31
N ILE Q 37 57.23 -26.04 -39.00
CA ILE Q 37 58.56 -25.44 -38.90
C ILE Q 37 58.43 -23.95 -38.59
N MET Q 38 59.20 -23.50 -37.60
CA MET Q 38 59.21 -22.10 -37.20
C MET Q 38 60.43 -21.36 -37.74
N ALA Q 39 60.18 -20.37 -38.59
CA ALA Q 39 61.24 -19.47 -39.04
C ALA Q 39 61.32 -18.22 -38.16
N SER Q 40 62.32 -17.38 -38.43
CA SER Q 40 62.43 -16.10 -37.74
C SER Q 40 61.31 -15.11 -38.13
N ASP Q 41 60.68 -15.31 -39.29
CA ASP Q 41 59.60 -14.45 -39.74
C ASP Q 41 58.31 -15.21 -40.05
N GLY Q 42 58.15 -16.38 -39.44
CA GLY Q 42 56.90 -17.09 -39.58
C GLY Q 42 56.88 -18.53 -39.12
N ILE Q 43 55.76 -19.18 -39.40
CA ILE Q 43 55.59 -20.60 -39.14
C ILE Q 43 55.03 -21.20 -40.41
N VAL Q 44 55.45 -22.44 -40.71
CA VAL Q 44 54.92 -23.16 -41.85
C VAL Q 44 54.21 -24.41 -41.35
N LEU Q 45 53.05 -24.68 -41.93
CA LEU Q 45 52.34 -25.92 -41.68
C LEU Q 45 52.13 -26.62 -43.02
N ALA Q 46 52.59 -27.86 -43.09
CA ALA Q 46 52.40 -28.68 -44.28
C ALA Q 46 51.89 -30.07 -43.90
N ALA Q 47 50.96 -30.62 -44.69
CA ALA Q 47 50.40 -31.92 -44.37
C ALA Q 47 49.91 -32.72 -45.58
N GLU Q 48 50.08 -34.04 -45.48
CA GLU Q 48 49.72 -34.94 -46.56
C GLU Q 48 48.32 -35.51 -46.31
N ARG Q 49 47.40 -35.28 -47.25
CA ARG Q 49 46.09 -35.88 -47.17
C ARG Q 49 46.22 -37.37 -47.31
N LYS Q 50 45.70 -38.12 -46.33
CA LYS Q 50 45.85 -39.58 -46.35
C LYS Q 50 45.15 -40.21 -47.55
N VAL Q 51 43.91 -39.78 -47.82
CA VAL Q 51 43.15 -40.35 -48.94
C VAL Q 51 42.93 -39.38 -50.09
N THR Q 52 43.10 -39.88 -51.32
CA THR Q 52 42.73 -39.12 -52.51
C THR Q 52 42.24 -40.00 -53.65
N SER Q 53 41.14 -39.57 -54.26
CA SER Q 53 40.73 -40.06 -55.57
C SER Q 53 40.82 -38.88 -56.52
N THR Q 54 40.51 -39.11 -57.78
CA THR Q 54 40.54 -38.01 -58.74
C THR Q 54 39.21 -37.29 -58.67
N LEU Q 55 38.25 -37.93 -58.01
CA LEU Q 55 36.93 -37.35 -57.89
C LEU Q 55 36.78 -36.55 -56.59
N LEU Q 56 37.73 -36.73 -55.67
CA LEU Q 56 37.71 -35.94 -54.44
C LEU Q 56 37.85 -34.45 -54.76
N GLU Q 57 37.18 -33.60 -53.99
CA GLU Q 57 37.26 -32.16 -54.18
C GLU Q 57 38.43 -31.59 -53.40
N GLN Q 58 39.24 -30.76 -54.04
CA GLN Q 58 40.44 -30.26 -53.38
C GLN Q 58 40.19 -29.02 -52.52
N ASP Q 59 39.56 -28.02 -53.12
CA ASP Q 59 39.31 -26.74 -52.45
C ASP Q 59 38.24 -26.83 -51.35
N THR Q 60 37.19 -27.60 -51.61
CA THR Q 60 36.07 -27.75 -50.70
C THR Q 60 36.42 -28.62 -49.49
N SER Q 61 37.64 -29.17 -49.48
CA SER Q 61 38.02 -30.16 -48.47
C SER Q 61 39.01 -29.64 -47.41
N THR Q 62 38.79 -30.11 -46.18
CA THR Q 62 39.70 -29.88 -45.06
C THR Q 62 39.80 -31.21 -44.30
N GLU Q 63 40.98 -31.53 -43.80
CA GLU Q 63 41.13 -32.73 -42.98
C GLU Q 63 42.39 -32.59 -42.15
N LYS Q 64 43.20 -31.59 -42.50
CA LYS Q 64 44.49 -31.40 -41.86
C LYS Q 64 44.70 -30.01 -41.24
N LEU Q 65 44.28 -28.96 -41.96
CA LEU Q 65 44.56 -27.59 -41.51
C LEU Q 65 43.30 -26.82 -41.12
N TYR Q 66 43.28 -26.33 -39.89
CA TYR Q 66 42.13 -25.57 -39.36
C TYR Q 66 42.53 -24.25 -38.66
N LYS Q 67 41.74 -23.20 -38.87
CA LYS Q 67 41.94 -21.98 -38.09
C LYS Q 67 41.37 -22.18 -36.68
N LEU Q 68 42.13 -21.79 -35.67
CA LEU Q 68 41.53 -21.67 -34.34
C LEU Q 68 41.14 -20.19 -34.05
N ASN Q 69 42.07 -19.29 -34.35
CA ASN Q 69 41.95 -17.84 -34.16
C ASN Q 69 42.11 -17.18 -35.50
N ASP Q 70 42.43 -15.88 -35.48
CA ASP Q 70 43.04 -15.22 -36.62
C ASP Q 70 44.56 -15.22 -36.42
N LYS Q 71 44.98 -15.84 -35.32
CA LYS Q 71 46.38 -15.87 -34.93
C LYS Q 71 46.93 -17.29 -34.70
N ILE Q 72 46.06 -18.29 -34.63
CA ILE Q 72 46.47 -19.65 -34.30
C ILE Q 72 45.85 -20.70 -35.21
N ALA Q 73 46.70 -21.51 -35.85
CA ALA Q 73 46.20 -22.67 -36.59
C ALA Q 73 46.66 -23.99 -36.01
N VAL Q 74 45.98 -25.07 -36.39
CA VAL Q 74 46.45 -26.40 -36.05
C VAL Q 74 46.58 -27.26 -37.29
N ALA Q 75 47.56 -28.16 -37.26
CA ALA Q 75 47.63 -29.24 -38.24
C ALA Q 75 47.26 -30.53 -37.52
N VAL Q 76 46.39 -31.32 -38.17
CA VAL Q 76 45.81 -32.49 -37.54
C VAL Q 76 46.37 -33.80 -38.11
N ALA Q 77 46.69 -34.73 -37.24
CA ALA Q 77 47.04 -36.07 -37.66
C ALA Q 77 46.19 -37.04 -36.87
N GLY Q 78 45.21 -37.64 -37.54
CA GLY Q 78 44.46 -38.71 -36.91
C GLY Q 78 43.00 -38.72 -37.30
N LEU Q 79 42.16 -39.11 -36.35
CA LEU Q 79 40.71 -39.17 -36.54
C LEU Q 79 40.11 -37.77 -36.74
N THR Q 80 39.75 -37.46 -37.99
CA THR Q 80 39.23 -36.13 -38.35
C THR Q 80 38.10 -35.66 -37.42
N ALA Q 81 37.08 -36.51 -37.27
CA ALA Q 81 35.93 -36.18 -36.42
C ALA Q 81 36.34 -35.92 -34.98
N ASP Q 82 37.22 -36.76 -34.42
CA ASP Q 82 37.69 -36.53 -33.06
C ASP Q 82 38.42 -35.18 -32.95
N ALA Q 83 38.95 -34.71 -34.09
CA ALA Q 83 39.70 -33.47 -34.09
C ALA Q 83 38.73 -32.29 -34.12
N GLU Q 84 37.64 -32.41 -34.86
CA GLU Q 84 36.67 -31.32 -34.93
C GLU Q 84 35.96 -31.04 -33.59
N ILE Q 85 35.68 -32.10 -32.84
CA ILE Q 85 35.14 -31.94 -31.49
C ILE Q 85 36.14 -31.12 -30.67
N LEU Q 86 37.41 -31.49 -30.75
CA LEU Q 86 38.45 -30.79 -30.02
C LEU Q 86 38.75 -29.41 -30.59
N ILE Q 87 38.51 -29.23 -31.88
CA ILE Q 87 38.80 -27.95 -32.52
C ILE Q 87 37.74 -26.94 -32.10
N ASN Q 88 36.48 -27.30 -32.28
CA ASN Q 88 35.37 -26.44 -31.89
C ASN Q 88 35.49 -26.02 -30.44
N THR Q 89 35.84 -26.95 -29.57
CA THR Q 89 36.06 -26.63 -28.17
C THR Q 89 37.14 -25.57 -27.99
N ALA Q 90 38.23 -25.71 -28.73
CA ALA Q 90 39.34 -24.77 -28.62
C ALA Q 90 38.92 -23.40 -29.12
N ARG Q 91 38.15 -23.39 -30.20
CA ARG Q 91 37.67 -22.15 -30.79
C ARG Q 91 36.83 -21.33 -29.81
N ILE Q 92 36.01 -22.04 -29.03
CA ILE Q 92 35.14 -21.44 -28.03
C ILE Q 92 35.97 -20.93 -26.88
N HIS Q 93 37.01 -21.67 -26.50
CA HIS Q 93 37.80 -21.25 -25.36
C HIS Q 93 38.46 -19.94 -25.68
N ALA Q 94 38.88 -19.78 -26.93
CA ALA Q 94 39.65 -18.60 -27.30
C ALA Q 94 38.75 -17.35 -27.25
N GLN Q 95 37.52 -17.52 -27.72
CA GLN Q 95 36.53 -16.48 -27.63
C GLN Q 95 36.18 -16.14 -26.16
N ASN Q 96 36.02 -17.14 -25.32
CA ASN Q 96 35.83 -16.92 -23.89
C ASN Q 96 36.92 -16.02 -23.32
N TYR Q 97 38.16 -16.30 -23.69
CA TYR Q 97 39.29 -15.51 -23.23
C TYR Q 97 39.17 -14.06 -23.74
N LEU Q 98 38.78 -13.92 -25.00
CA LEU Q 98 38.67 -12.62 -25.62
C LEU Q 98 37.55 -11.80 -24.97
N LYS Q 99 36.44 -12.47 -24.64
CA LYS Q 99 35.31 -11.80 -24.03
C LYS Q 99 35.66 -11.35 -22.62
N THR Q 100 36.51 -12.11 -21.95
CA THR Q 100 36.82 -11.84 -20.54
C THR Q 100 37.86 -10.74 -20.39
N TYR Q 101 38.83 -10.74 -21.30
CA TYR Q 101 40.01 -9.94 -21.07
C TYR Q 101 40.19 -8.87 -22.15
N ASN Q 102 39.35 -8.93 -23.18
CA ASN Q 102 39.51 -8.10 -24.38
C ASN Q 102 40.93 -8.13 -24.91
N GLU Q 103 41.52 -9.32 -24.84
CA GLU Q 103 42.81 -9.62 -25.46
C GLU Q 103 42.67 -11.01 -26.07
N ASP Q 104 43.38 -11.21 -27.18
CA ASP Q 104 43.49 -12.52 -27.82
C ASP Q 104 44.22 -13.48 -26.91
N ILE Q 105 43.75 -14.74 -26.86
CA ILE Q 105 44.41 -15.77 -26.06
C ILE Q 105 45.84 -16.09 -26.51
N PRO Q 106 46.78 -16.00 -25.57
CA PRO Q 106 48.17 -16.39 -25.82
C PRO Q 106 48.17 -17.84 -26.24
N VAL Q 107 49.01 -18.20 -27.22
CA VAL Q 107 48.97 -19.52 -27.83
C VAL Q 107 49.06 -20.64 -26.79
N GLU Q 108 49.98 -20.52 -25.85
CA GLU Q 108 50.16 -21.60 -24.87
C GLU Q 108 48.94 -21.92 -24.03
N ILE Q 109 48.26 -20.88 -23.57
CA ILE Q 109 47.09 -21.04 -22.69
C ILE Q 109 46.02 -21.85 -23.40
N LEU Q 110 45.84 -21.57 -24.68
CA LEU Q 110 44.90 -22.31 -25.50
C LEU Q 110 45.37 -23.74 -25.59
N VAL Q 111 46.67 -23.93 -25.86
CA VAL Q 111 47.26 -25.26 -25.98
C VAL Q 111 47.16 -26.07 -24.70
N ARG Q 112 47.37 -25.41 -23.55
CA ARG Q 112 47.32 -26.11 -22.27
C ARG Q 112 45.89 -26.59 -21.94
N ARG Q 113 44.90 -25.76 -22.24
CA ARG Q 113 43.51 -26.08 -21.98
C ARG Q 113 43.16 -27.33 -22.75
N LEU Q 114 43.56 -27.35 -24.01
CA LEU Q 114 43.18 -28.41 -24.92
C LEU Q 114 43.87 -29.72 -24.53
N SER Q 115 45.10 -29.62 -24.05
CA SER Q 115 45.83 -30.80 -23.58
C SER Q 115 45.21 -31.34 -22.30
N ASP Q 116 44.67 -30.42 -21.49
CA ASP Q 116 44.06 -30.77 -20.22
C ASP Q 116 42.78 -31.57 -20.42
N ILE Q 117 42.10 -31.29 -21.51
CA ILE Q 117 40.88 -32.00 -21.84
C ILE Q 117 41.22 -33.44 -22.24
N LYS Q 118 42.16 -33.59 -23.18
CA LYS Q 118 42.65 -34.91 -23.55
C LYS Q 118 43.09 -35.64 -22.29
N GLN Q 119 43.90 -34.97 -21.46
CA GLN Q 119 44.35 -35.57 -20.21
C GLN Q 119 43.22 -36.17 -19.39
N GLY Q 120 42.09 -35.47 -19.35
CA GLY Q 120 40.96 -35.94 -18.57
C GLY Q 120 40.41 -37.28 -19.05
N TYR Q 121 40.34 -37.42 -20.36
CA TYR Q 121 39.81 -38.64 -20.93
C TYR Q 121 40.68 -39.85 -20.60
N THR Q 122 41.89 -39.60 -20.10
CA THR Q 122 42.79 -40.69 -19.70
C THR Q 122 42.85 -40.84 -18.19
N GLN Q 123 41.95 -40.19 -17.47
CA GLN Q 123 41.98 -40.35 -16.03
C GLN Q 123 40.62 -40.63 -15.44
N HIS Q 124 39.55 -40.29 -16.15
CA HIS Q 124 38.22 -40.61 -15.65
C HIS Q 124 37.18 -40.74 -16.73
N GLY Q 125 36.02 -41.29 -16.37
CA GLY Q 125 34.87 -41.27 -17.26
C GLY Q 125 34.76 -42.49 -18.15
N GLY Q 126 35.74 -43.38 -18.06
CA GLY Q 126 35.70 -44.67 -18.76
C GLY Q 126 35.53 -44.60 -20.27
N LEU Q 127 35.94 -43.48 -20.87
CA LEU Q 127 35.79 -43.32 -22.31
C LEU Q 127 37.12 -43.54 -23.05
N ARG Q 128 37.05 -43.79 -24.35
CA ARG Q 128 38.28 -43.91 -25.12
C ARG Q 128 38.90 -42.52 -25.23
N PRO Q 129 40.24 -42.47 -25.38
CA PRO Q 129 40.88 -41.18 -25.67
C PRO Q 129 40.52 -40.75 -27.06
N PHE Q 130 40.86 -39.50 -27.38
CA PHE Q 130 40.74 -38.99 -28.73
C PHE Q 130 41.93 -39.53 -29.53
N GLY Q 131 41.65 -39.98 -30.74
CA GLY Q 131 42.70 -40.47 -31.62
C GLY Q 131 43.23 -39.35 -32.48
N VAL Q 132 43.86 -38.37 -31.82
CA VAL Q 132 44.35 -37.17 -32.51
C VAL Q 132 45.67 -36.65 -31.92
N SER Q 133 46.57 -36.26 -32.80
CA SER Q 133 47.70 -35.40 -32.42
C SER Q 133 47.62 -34.05 -33.12
N PHE Q 134 48.03 -33.00 -32.41
CA PHE Q 134 47.91 -31.65 -32.94
C PHE Q 134 49.26 -30.98 -33.02
N ILE Q 135 49.55 -30.41 -34.19
CA ILE Q 135 50.59 -29.40 -34.29
C ILE Q 135 49.95 -28.02 -34.27
N TYR Q 136 50.39 -27.17 -33.34
CA TYR Q 136 49.89 -25.79 -33.20
C TYR Q 136 50.81 -24.72 -33.79
N ALA Q 137 50.26 -23.87 -34.64
CA ALA Q 137 51.00 -22.70 -35.12
C ALA Q 137 50.34 -21.37 -34.68
N GLY Q 138 51.11 -20.49 -34.04
CA GLY Q 138 50.56 -19.22 -33.59
C GLY Q 138 51.47 -18.11 -33.10
N TYR Q 139 50.89 -16.91 -33.01
CA TYR Q 139 51.58 -15.71 -32.55
C TYR Q 139 50.84 -15.05 -31.40
N ASP Q 140 51.58 -14.69 -30.36
CA ASP Q 140 51.09 -13.77 -29.36
C ASP Q 140 52.21 -12.76 -29.09
N ASP Q 141 51.93 -11.72 -28.31
CA ASP Q 141 52.94 -10.70 -28.08
C ASP Q 141 53.80 -10.96 -26.85
N ARG Q 142 53.57 -12.10 -26.20
CA ARG Q 142 54.45 -12.47 -25.10
C ARG Q 142 55.66 -13.27 -25.58
N TYR Q 143 55.44 -14.16 -26.55
CA TYR Q 143 56.53 -15.03 -27.03
C TYR Q 143 56.71 -15.00 -28.54
N GLY Q 144 55.90 -14.21 -29.23
CA GLY Q 144 55.94 -14.17 -30.68
C GLY Q 144 55.52 -15.48 -31.32
N TYR Q 145 56.22 -15.86 -32.37
CA TYR Q 145 55.93 -17.12 -33.04
C TYR Q 145 56.17 -18.30 -32.10
N GLN Q 146 55.20 -19.21 -32.08
CA GLN Q 146 55.29 -20.43 -31.30
C GLN Q 146 54.84 -21.65 -32.10
N LEU Q 147 55.40 -22.80 -31.74
CA LEU Q 147 55.03 -24.07 -32.36
C LEU Q 147 54.89 -25.11 -31.26
N TYR Q 148 53.73 -25.77 -31.22
CA TYR Q 148 53.44 -26.75 -30.16
C TYR Q 148 52.94 -28.07 -30.70
N THR Q 149 53.15 -29.10 -29.89
CA THR Q 149 52.64 -30.39 -30.22
C THR Q 149 51.83 -30.93 -29.05
N SER Q 150 50.71 -31.58 -29.34
CA SER Q 150 49.96 -32.33 -28.30
C SER Q 150 49.39 -33.65 -28.82
N ASN Q 151 49.27 -34.62 -27.92
CA ASN Q 151 48.91 -35.98 -28.28
C ASN Q 151 47.83 -36.55 -27.33
N PRO Q 152 47.32 -37.78 -27.58
CA PRO Q 152 46.26 -38.32 -26.72
C PRO Q 152 46.53 -38.43 -25.21
N SER Q 153 47.79 -38.37 -24.77
CA SER Q 153 48.08 -38.43 -23.33
C SER Q 153 47.76 -37.11 -22.62
N GLY Q 154 47.59 -36.05 -23.41
CA GLY Q 154 47.34 -34.74 -22.87
C GLY Q 154 48.66 -34.03 -22.64
N ASN Q 155 49.70 -34.56 -23.27
CA ASN Q 155 51.01 -33.94 -23.15
C ASN Q 155 51.35 -33.00 -24.33
N TYR Q 156 51.99 -31.88 -24.00
CA TYR Q 156 52.34 -30.90 -25.01
C TYR Q 156 53.78 -30.43 -24.83
N THR Q 157 54.42 -30.09 -25.95
CA THR Q 157 55.78 -29.56 -25.97
C THR Q 157 55.92 -28.49 -27.06
N GLY Q 158 56.96 -27.68 -26.93
CA GLY Q 158 57.22 -26.62 -27.89
C GLY Q 158 58.36 -27.00 -28.80
N TRP Q 159 58.29 -26.54 -30.05
CA TRP Q 159 59.20 -27.01 -31.08
C TRP Q 159 59.64 -25.91 -32.02
N LYS Q 160 60.83 -26.11 -32.61
CA LYS Q 160 61.33 -25.28 -33.70
C LYS Q 160 60.84 -25.90 -34.99
N ALA Q 161 60.81 -27.22 -34.98
CA ALA Q 161 60.33 -28.00 -36.12
C ALA Q 161 59.90 -29.36 -35.60
N ILE Q 162 58.83 -29.89 -36.16
CA ILE Q 162 58.24 -31.09 -35.61
C ILE Q 162 57.28 -31.71 -36.61
N SER Q 163 57.04 -33.00 -36.46
CA SER Q 163 56.21 -33.72 -37.41
C SER Q 163 55.32 -34.65 -36.62
N VAL Q 164 54.14 -34.91 -37.14
CA VAL Q 164 53.27 -35.88 -36.51
C VAL Q 164 52.61 -36.79 -37.54
N GLY Q 165 52.13 -37.94 -37.08
CA GLY Q 165 51.53 -38.91 -37.97
C GLY Q 165 52.56 -39.94 -38.39
N ALA Q 166 52.52 -40.27 -39.68
CA ALA Q 166 53.30 -41.36 -40.26
C ALA Q 166 54.76 -40.99 -40.53
N ASN Q 167 55.65 -41.92 -40.19
CA ASN Q 167 57.06 -41.84 -40.54
C ASN Q 167 57.73 -40.67 -39.86
N THR Q 168 57.46 -40.52 -38.57
CA THR Q 168 58.01 -39.36 -37.87
C THR Q 168 59.50 -39.51 -37.62
N SER Q 169 59.97 -40.75 -37.51
CA SER Q 169 61.40 -40.99 -37.31
C SER Q 169 62.19 -40.50 -38.52
N ALA Q 170 61.74 -40.88 -39.72
CA ALA Q 170 62.30 -40.35 -40.96
C ALA Q 170 62.24 -38.82 -41.00
N ALA Q 171 61.05 -38.25 -40.81
CA ALA Q 171 60.87 -36.78 -40.86
C ALA Q 171 61.68 -35.99 -39.81
N GLN Q 172 61.59 -36.39 -38.55
CA GLN Q 172 62.41 -35.79 -37.48
C GLN Q 172 63.91 -35.78 -37.83
N THR Q 173 64.44 -36.92 -38.27
CA THR Q 173 65.84 -37.03 -38.70
C THR Q 173 66.17 -36.06 -39.85
N LEU Q 174 65.29 -35.99 -40.85
CA LEU Q 174 65.46 -35.04 -41.95
C LEU Q 174 65.46 -33.56 -41.54
N LEU Q 175 64.47 -33.13 -40.74
CA LEU Q 175 64.41 -31.74 -40.27
C LEU Q 175 65.59 -31.41 -39.42
N GLN Q 176 66.00 -32.37 -38.59
CA GLN Q 176 67.14 -32.19 -37.71
C GLN Q 176 68.41 -31.92 -38.48
N MET Q 177 68.46 -32.41 -39.72
CA MET Q 177 69.63 -32.24 -40.57
C MET Q 177 69.71 -30.85 -41.18
N ASP Q 178 68.56 -30.33 -41.64
CA ASP Q 178 68.52 -29.12 -42.45
C ASP Q 178 67.98 -27.87 -41.74
N TYR Q 179 67.50 -28.04 -40.51
CA TYR Q 179 66.94 -26.91 -39.79
C TYR Q 179 68.04 -25.97 -39.27
N LYS Q 180 67.84 -24.67 -39.47
CA LYS Q 180 68.72 -23.64 -38.94
C LYS Q 180 67.89 -22.51 -38.30
N ASP Q 181 68.37 -21.98 -37.16
CA ASP Q 181 67.66 -20.91 -36.43
C ASP Q 181 67.34 -19.69 -37.29
N ASP Q 182 68.32 -19.27 -38.07
CA ASP Q 182 68.19 -18.08 -38.91
C ASP Q 182 67.38 -18.34 -40.18
N MET Q 183 66.49 -19.32 -40.15
CA MET Q 183 65.76 -19.66 -41.36
C MET Q 183 64.63 -18.68 -41.63
N LYS Q 184 64.33 -18.49 -42.90
CA LYS Q 184 63.27 -17.60 -43.29
C LYS Q 184 62.09 -18.47 -43.71
N VAL Q 185 60.95 -17.84 -43.94
CA VAL Q 185 59.73 -18.58 -44.23
C VAL Q 185 59.82 -19.28 -45.58
N ASP Q 186 60.42 -18.63 -46.57
CA ASP Q 186 60.58 -19.26 -47.87
C ASP Q 186 61.45 -20.51 -47.78
N ASP Q 187 62.43 -20.49 -46.88
CA ASP Q 187 63.27 -21.65 -46.65
C ASP Q 187 62.49 -22.78 -45.99
N ALA Q 188 61.76 -22.44 -44.94
CA ALA Q 188 61.06 -23.43 -44.17
C ALA Q 188 59.97 -24.10 -45.01
N ILE Q 189 59.41 -23.32 -45.93
CA ILE Q 189 58.39 -23.81 -46.84
C ILE Q 189 58.95 -24.94 -47.68
N GLU Q 190 60.15 -24.72 -48.19
CA GLU Q 190 60.82 -25.64 -49.08
C GLU Q 190 61.29 -26.87 -48.30
N LEU Q 191 61.95 -26.65 -47.17
CA LEU Q 191 62.35 -27.73 -46.28
C LEU Q 191 61.18 -28.63 -45.89
N ALA Q 192 59.99 -28.04 -45.77
CA ALA Q 192 58.81 -28.80 -45.38
C ALA Q 192 58.35 -29.70 -46.51
N LEU Q 193 58.17 -29.12 -47.69
CA LEU Q 193 57.81 -29.82 -48.92
C LEU Q 193 58.78 -30.96 -49.25
N LYS Q 194 60.07 -30.66 -49.08
CA LYS Q 194 61.07 -31.63 -49.40
C LYS Q 194 61.10 -32.73 -48.34
N THR Q 195 60.82 -32.40 -47.09
CA THR Q 195 60.73 -33.44 -46.07
C THR Q 195 59.53 -34.34 -46.35
N LEU Q 196 58.46 -33.75 -46.85
CA LEU Q 196 57.28 -34.53 -47.19
C LEU Q 196 57.56 -35.38 -48.42
N SER Q 197 58.38 -34.86 -49.32
CA SER Q 197 58.73 -35.57 -50.56
C SER Q 197 59.50 -36.89 -50.32
N LYS Q 198 60.24 -36.94 -49.21
CA LYS Q 198 61.07 -38.09 -48.90
C LYS Q 198 60.43 -39.02 -47.85
N THR Q 199 59.25 -38.67 -47.36
CA THR Q 199 58.58 -39.51 -46.37
C THR Q 199 57.23 -40.06 -46.84
N THR Q 200 56.71 -39.51 -47.93
CA THR Q 200 55.49 -40.02 -48.58
C THR Q 200 55.46 -41.52 -48.72
N ASP Q 201 54.39 -42.15 -48.26
CA ASP Q 201 54.17 -43.57 -48.54
C ASP Q 201 53.56 -43.70 -49.92
N SER Q 202 53.93 -42.81 -50.82
CA SER Q 202 53.31 -42.77 -52.12
C SER Q 202 54.24 -42.25 -53.21
N SER Q 203 53.91 -42.62 -54.45
CA SER Q 203 54.74 -42.28 -55.61
C SER Q 203 54.52 -40.85 -56.04
N ALA Q 204 55.50 -40.00 -55.77
CA ALA Q 204 55.46 -38.56 -56.10
C ALA Q 204 54.42 -37.74 -55.31
N LEU Q 205 54.78 -36.49 -55.02
CA LEU Q 205 53.94 -35.59 -54.23
C LEU Q 205 53.34 -34.53 -55.14
N THR Q 206 52.03 -34.58 -55.30
CA THR Q 206 51.32 -33.60 -56.12
C THR Q 206 50.59 -32.57 -55.26
N TYR Q 207 50.04 -31.54 -55.91
CA TYR Q 207 49.32 -30.49 -55.18
C TYR Q 207 48.05 -31.03 -54.53
N ASP Q 208 47.34 -31.90 -55.24
CA ASP Q 208 46.03 -32.35 -54.79
C ASP Q 208 46.06 -33.38 -53.65
N ARG Q 209 47.23 -33.60 -53.06
CA ARG Q 209 47.38 -34.52 -51.95
C ARG Q 209 48.01 -33.80 -50.79
N LEU Q 210 48.06 -32.48 -50.92
CA LEU Q 210 48.81 -31.64 -50.01
C LEU Q 210 47.92 -30.51 -49.45
N GLU Q 211 48.14 -30.17 -48.18
CA GLU Q 211 47.52 -28.99 -47.60
C GLU Q 211 48.60 -28.08 -47.06
N PHE Q 212 48.39 -26.78 -47.18
CA PHE Q 212 49.44 -25.84 -46.82
C PHE Q 212 48.95 -24.54 -46.18
N ALA Q 213 49.64 -24.12 -45.12
CA ALA Q 213 49.34 -22.85 -44.46
C ALA Q 213 50.57 -22.17 -43.87
N THR Q 214 50.53 -20.85 -43.85
CA THR Q 214 51.63 -20.06 -43.32
C THR Q 214 51.12 -18.90 -42.44
N ILE Q 215 51.83 -18.65 -41.33
CA ILE Q 215 51.52 -17.53 -40.43
C ILE Q 215 52.60 -16.45 -40.47
N ARG Q 216 52.27 -15.30 -41.06
CA ARG Q 216 53.24 -14.26 -41.38
C ARG Q 216 53.09 -12.99 -40.55
N LYS Q 217 54.01 -12.04 -40.76
CA LYS Q 217 53.90 -10.68 -40.23
C LYS Q 217 53.40 -9.69 -41.30
N GLY Q 218 53.66 -10.02 -42.56
CA GLY Q 218 53.14 -9.26 -43.70
C GLY Q 218 53.74 -7.88 -43.92
N ALA Q 219 52.96 -6.99 -44.53
CA ALA Q 219 53.39 -5.62 -44.78
C ALA Q 219 53.25 -4.73 -43.54
N ASN Q 220 52.12 -4.86 -42.84
CA ASN Q 220 51.83 -4.03 -41.67
C ASN Q 220 52.32 -4.60 -40.33
N ASP Q 221 53.38 -4.00 -39.81
CA ASP Q 221 53.94 -4.32 -38.50
C ASP Q 221 52.88 -4.19 -37.40
N GLY Q 222 52.63 -5.29 -36.71
CA GLY Q 222 51.63 -5.33 -35.67
C GLY Q 222 50.60 -6.41 -35.93
N GLU Q 223 50.26 -6.60 -37.21
CA GLU Q 223 49.27 -7.61 -37.59
C GLU Q 223 49.91 -8.89 -38.13
N VAL Q 224 49.31 -10.03 -37.83
CA VAL Q 224 49.78 -11.31 -38.34
C VAL Q 224 48.76 -11.97 -39.26
N TYR Q 225 49.23 -12.42 -40.42
CA TYR Q 225 48.33 -12.99 -41.43
C TYR Q 225 48.38 -14.52 -41.43
N GLN Q 226 47.22 -15.13 -41.60
CA GLN Q 226 47.11 -16.56 -41.70
C GLN Q 226 46.76 -16.89 -43.14
N LYS Q 227 47.68 -17.52 -43.86
CA LYS Q 227 47.42 -17.87 -45.25
C LYS Q 227 47.20 -19.37 -45.40
N ILE Q 228 45.97 -19.78 -45.70
CA ILE Q 228 45.68 -21.17 -45.98
C ILE Q 228 45.58 -21.36 -47.49
N PHE Q 229 46.59 -22.05 -48.02
CA PHE Q 229 46.89 -22.08 -49.46
C PHE Q 229 45.87 -22.81 -50.31
N LYS Q 230 45.51 -22.16 -51.41
CA LYS Q 230 44.60 -22.72 -52.39
C LYS Q 230 45.33 -23.83 -53.13
N PRO Q 231 44.58 -24.75 -53.78
CA PRO Q 231 45.17 -25.81 -54.59
C PRO Q 231 46.13 -25.27 -55.62
N GLN Q 232 45.69 -24.27 -56.39
CA GLN Q 232 46.53 -23.65 -57.42
C GLN Q 232 47.81 -22.99 -56.86
N GLU Q 233 47.73 -22.44 -55.65
CA GLU Q 233 48.90 -21.90 -54.97
C GLU Q 233 49.90 -23.01 -54.63
N ILE Q 234 49.42 -24.01 -53.87
CA ILE Q 234 50.22 -25.20 -53.53
C ILE Q 234 50.88 -25.78 -54.79
N LYS Q 235 50.10 -25.87 -55.86
CA LYS Q 235 50.57 -26.34 -57.15
C LYS Q 235 51.72 -25.47 -57.66
N ASP Q 236 51.51 -24.16 -57.65
CA ASP Q 236 52.51 -23.23 -58.16
C ASP Q 236 53.81 -23.28 -57.37
N ILE Q 237 53.71 -23.31 -56.05
CA ILE Q 237 54.90 -23.38 -55.20
C ILE Q 237 55.58 -24.73 -55.34
N LEU Q 238 54.81 -25.76 -55.70
CA LEU Q 238 55.39 -27.07 -55.95
C LEU Q 238 56.35 -27.02 -57.13
N VAL Q 239 55.99 -26.19 -58.12
CA VAL Q 239 56.78 -25.99 -59.34
C VAL Q 239 58.06 -25.20 -59.06
N LYS Q 240 57.94 -24.21 -58.18
CA LYS Q 240 59.03 -23.31 -57.85
C LYS Q 240 60.12 -23.95 -56.97
N THR Q 241 59.81 -25.10 -56.38
CA THR Q 241 60.81 -25.94 -55.73
C THR Q 241 61.14 -27.01 -56.77
N GLY Q 242 62.12 -27.86 -56.49
CA GLY Q 242 62.47 -28.94 -57.41
C GLY Q 242 61.49 -30.08 -57.46
N ILE Q 243 60.23 -29.78 -57.76
CA ILE Q 243 59.16 -30.78 -57.91
C ILE Q 243 58.25 -30.34 -59.06
N THR Q 244 57.59 -31.29 -59.74
CA THR Q 244 56.61 -30.97 -60.79
C THR Q 244 57.22 -30.15 -61.95
N GLY R 1 28.05 -41.36 -15.61
CA GLY R 1 28.35 -41.65 -14.21
C GLY R 1 29.21 -42.89 -14.03
N TYR R 2 30.41 -42.88 -14.61
CA TYR R 2 31.32 -44.02 -14.52
C TYR R 2 31.95 -44.08 -13.13
N ASP R 3 31.60 -45.10 -12.36
CA ASP R 3 32.12 -45.24 -11.00
C ASP R 3 32.69 -46.63 -10.70
N ARG R 4 33.18 -47.30 -11.73
CA ARG R 4 33.83 -48.61 -11.59
C ARG R 4 35.04 -48.49 -10.67
N ALA R 5 35.14 -49.41 -9.72
CA ALA R 5 36.28 -49.45 -8.81
C ALA R 5 37.50 -49.95 -9.56
N LEU R 6 38.38 -49.02 -9.92
CA LEU R 6 39.60 -49.34 -10.65
C LEU R 6 40.76 -49.64 -9.69
N SER R 7 40.79 -48.91 -8.58
CA SER R 7 41.80 -49.13 -7.54
C SER R 7 41.23 -50.03 -6.44
N ILE R 8 41.54 -51.31 -6.52
CA ILE R 8 41.04 -52.27 -5.53
C ILE R 8 42.18 -53.09 -4.96
N PHE R 9 41.89 -53.87 -3.93
CA PHE R 9 42.89 -54.75 -3.33
C PHE R 9 42.98 -56.07 -4.09
N SER R 10 44.16 -56.65 -4.13
CA SER R 10 44.33 -58.01 -4.61
C SER R 10 44.78 -58.86 -3.41
N PRO R 11 44.70 -60.21 -3.52
CA PRO R 11 44.77 -61.07 -2.32
C PRO R 11 46.04 -60.96 -1.46
N ASP R 12 47.13 -60.42 -2.01
CA ASP R 12 48.34 -60.22 -1.22
C ASP R 12 48.25 -58.92 -0.45
N GLY R 13 47.18 -58.17 -0.71
CA GLY R 13 46.94 -56.90 -0.04
C GLY R 13 47.56 -55.74 -0.76
N HIS R 14 47.76 -55.88 -2.06
CA HIS R 14 48.36 -54.79 -2.86
C HIS R 14 47.28 -54.09 -3.69
N ILE R 15 47.49 -52.80 -3.95
CA ILE R 15 46.58 -52.09 -4.85
C ILE R 15 47.32 -51.86 -6.15
N PHE R 16 46.99 -52.65 -7.16
CA PHE R 16 47.86 -52.73 -8.32
C PHE R 16 47.86 -51.47 -9.21
N GLN R 17 46.76 -50.72 -9.20
CA GLN R 17 46.71 -49.49 -9.98
C GLN R 17 47.57 -48.38 -9.36
N VAL R 18 47.70 -48.42 -8.03
CA VAL R 18 48.58 -47.48 -7.33
C VAL R 18 50.03 -47.90 -7.55
N GLU R 19 50.27 -49.20 -7.59
CA GLU R 19 51.62 -49.69 -7.82
C GLU R 19 52.07 -49.48 -9.26
N TYR R 20 51.17 -49.67 -10.21
CA TYR R 20 51.52 -49.40 -11.60
C TYR R 20 51.74 -47.91 -11.84
N ALA R 21 51.18 -47.08 -10.95
CA ALA R 21 51.39 -45.65 -11.00
C ALA R 21 52.83 -45.33 -10.61
N LEU R 22 53.35 -46.06 -9.63
CA LEU R 22 54.76 -45.92 -9.27
C LEU R 22 55.69 -46.24 -10.44
N GLU R 23 55.34 -47.26 -11.24
CA GLU R 23 56.13 -47.62 -12.41
C GLU R 23 56.23 -46.45 -13.36
N ALA R 24 55.10 -45.76 -13.55
CA ALA R 24 55.07 -44.55 -14.38
C ALA R 24 56.04 -43.50 -13.85
N VAL R 25 56.18 -43.41 -12.53
CA VAL R 25 57.15 -42.49 -11.93
C VAL R 25 58.60 -42.85 -12.25
N LYS R 26 58.98 -44.12 -12.02
CA LYS R 26 60.33 -44.59 -12.36
C LYS R 26 60.75 -44.25 -13.79
N ARG R 27 59.80 -44.34 -14.71
CA ARG R 27 60.03 -43.98 -16.11
C ARG R 27 60.35 -42.50 -16.33
N GLY R 28 59.72 -41.62 -15.57
CA GLY R 28 59.88 -40.20 -15.80
C GLY R 28 61.29 -39.70 -15.56
N THR R 29 61.62 -38.54 -16.13
CA THR R 29 62.93 -37.93 -15.96
C THR R 29 63.27 -37.66 -14.50
N CYS R 30 64.48 -37.98 -14.10
CA CYS R 30 64.89 -37.85 -12.71
C CYS R 30 64.72 -36.44 -12.17
N ALA R 31 64.41 -36.36 -10.88
CA ALA R 31 64.29 -35.08 -10.20
C ALA R 31 64.91 -35.20 -8.82
N VAL R 32 65.54 -34.12 -8.35
CA VAL R 32 66.21 -34.13 -7.07
C VAL R 32 66.07 -32.77 -6.37
N GLY R 33 66.11 -32.81 -5.05
CA GLY R 33 66.18 -31.60 -4.27
C GLY R 33 67.02 -31.83 -3.04
N VAL R 34 67.79 -30.82 -2.65
CA VAL R 34 68.61 -30.92 -1.45
C VAL R 34 68.51 -29.64 -0.61
N LYS R 35 68.52 -29.81 0.70
CA LYS R 35 68.36 -28.69 1.64
C LYS R 35 69.68 -28.07 2.10
N GLY R 36 69.89 -26.80 1.71
CA GLY R 36 71.00 -26.02 2.23
C GLY R 36 70.79 -25.65 3.69
N LYS R 37 71.74 -24.93 4.26
CA LYS R 37 71.58 -24.48 5.64
C LYS R 37 70.57 -23.32 5.64
N ASN R 38 70.42 -22.71 4.47
CA ASN R 38 69.56 -21.54 4.31
C ASN R 38 69.08 -21.42 2.86
N CYS R 39 68.86 -22.56 2.22
CA CYS R 39 68.21 -22.62 0.90
C CYS R 39 67.74 -24.04 0.61
N VAL R 40 67.05 -24.20 -0.51
CA VAL R 40 66.76 -25.52 -1.07
C VAL R 40 66.98 -25.41 -2.57
N VAL R 41 67.58 -26.42 -3.16
CA VAL R 41 67.77 -26.43 -4.60
C VAL R 41 66.92 -27.54 -5.20
N LEU R 42 66.34 -27.27 -6.36
CA LEU R 42 65.70 -28.31 -7.13
C LEU R 42 66.48 -28.57 -8.41
N GLY R 43 66.90 -29.82 -8.57
CA GLY R 43 67.57 -30.27 -9.79
C GLY R 43 66.69 -31.25 -10.56
N CYS R 44 66.58 -31.03 -11.87
CA CYS R 44 65.82 -31.93 -12.72
C CYS R 44 66.67 -32.33 -13.90
N GLU R 45 66.15 -33.24 -14.70
CA GLU R 45 66.90 -33.76 -15.82
C GLU R 45 66.10 -33.52 -17.09
N ARG R 46 66.77 -33.00 -18.11
CA ARG R 46 66.09 -32.73 -19.37
C ARG R 46 66.03 -33.97 -20.24
N ARG R 47 64.86 -34.20 -20.80
CA ARG R 47 64.59 -35.33 -21.69
C ARG R 47 65.50 -35.22 -22.90
N SER R 48 66.13 -36.33 -23.27
CA SER R 48 66.99 -36.34 -24.44
C SER R 48 66.46 -37.32 -25.51
N THR R 49 65.14 -37.46 -25.56
CA THR R 49 64.46 -38.25 -26.60
C THR R 49 64.73 -37.65 -27.99
N LEU R 50 64.43 -36.36 -28.15
CA LEU R 50 64.60 -35.64 -29.42
C LEU R 50 65.06 -34.17 -29.19
N LYS R 51 65.69 -33.57 -30.21
CA LYS R 51 65.95 -32.11 -30.20
C LYS R 51 65.24 -31.43 -31.39
N LEU R 52 65.58 -30.16 -31.67
CA LEU R 52 64.73 -29.22 -32.42
C LEU R 52 63.61 -28.76 -31.51
N GLN R 53 63.80 -29.00 -30.23
CA GLN R 53 62.85 -28.65 -29.19
C GLN R 53 62.99 -27.16 -28.90
N ASP R 54 61.88 -26.41 -28.94
CA ASP R 54 61.88 -24.97 -28.56
C ASP R 54 61.97 -24.86 -27.04
N THR R 55 63.06 -24.26 -26.55
CA THR R 55 63.39 -24.30 -25.14
C THR R 55 62.61 -23.26 -24.30
N ARG R 56 62.34 -22.09 -24.90
CA ARG R 56 61.66 -20.99 -24.21
C ARG R 56 60.13 -21.16 -24.05
N ILE R 57 59.53 -22.11 -24.77
CA ILE R 57 58.09 -22.32 -24.67
C ILE R 57 57.67 -23.71 -24.19
N THR R 58 58.61 -24.63 -24.02
CA THR R 58 58.30 -25.93 -23.43
C THR R 58 58.16 -25.75 -21.92
N PRO R 59 57.12 -26.36 -21.33
CA PRO R 59 56.91 -26.35 -19.88
C PRO R 59 58.15 -26.82 -19.09
N SER R 60 58.63 -25.97 -18.18
CA SER R 60 59.74 -26.34 -17.29
C SER R 60 59.26 -27.39 -16.28
N LYS R 61 60.22 -28.06 -15.65
CA LYS R 61 59.90 -29.18 -14.78
C LYS R 61 59.58 -28.69 -13.37
N VAL R 62 60.06 -27.50 -13.05
CA VAL R 62 59.75 -26.89 -11.76
C VAL R 62 58.65 -25.84 -11.91
N SER R 63 57.63 -25.94 -11.05
CA SER R 63 56.55 -24.96 -11.03
C SER R 63 56.49 -24.20 -9.72
N LYS R 64 56.33 -22.88 -9.81
CA LYS R 64 55.97 -22.06 -8.65
C LYS R 64 54.50 -22.32 -8.32
N ILE R 65 54.23 -22.58 -7.04
CA ILE R 65 52.86 -22.75 -6.56
C ILE R 65 52.35 -21.43 -5.95
N ASP R 66 53.02 -20.95 -4.90
CA ASP R 66 52.91 -19.56 -4.50
C ASP R 66 54.26 -18.91 -4.79
N SER R 67 54.51 -17.73 -4.23
CA SER R 67 55.74 -17.02 -4.57
C SER R 67 56.91 -17.48 -3.70
N HIS R 68 56.61 -18.35 -2.73
CA HIS R 68 57.60 -18.85 -1.79
C HIS R 68 57.68 -20.39 -1.79
N VAL R 69 56.90 -21.05 -2.66
CA VAL R 69 56.97 -22.50 -2.70
C VAL R 69 56.88 -23.08 -4.13
N VAL R 70 57.81 -23.98 -4.41
CA VAL R 70 57.89 -24.63 -5.71
C VAL R 70 57.53 -26.12 -5.63
N LEU R 71 57.09 -26.65 -6.77
CA LEU R 71 56.85 -28.08 -6.91
C LEU R 71 57.54 -28.64 -8.16
N SER R 72 58.30 -29.70 -7.98
CA SER R 72 58.83 -30.46 -9.13
C SER R 72 58.31 -31.89 -9.09
N PHE R 73 58.16 -32.48 -10.26
CA PHE R 73 57.61 -33.83 -10.32
C PHE R 73 58.42 -34.82 -11.14
N SER R 74 57.93 -36.05 -11.19
CA SER R 74 58.50 -37.13 -11.98
C SER R 74 57.39 -38.11 -12.34
N GLY R 75 57.22 -38.38 -13.62
CA GLY R 75 56.13 -39.25 -14.03
C GLY R 75 55.34 -38.66 -15.17
N LEU R 76 54.06 -39.02 -15.25
CA LEU R 76 53.20 -38.51 -16.30
C LEU R 76 53.11 -36.97 -16.26
N ASN R 77 53.29 -36.34 -17.40
CA ASN R 77 53.34 -34.88 -17.46
C ASN R 77 51.94 -34.28 -17.35
N ALA R 78 51.09 -34.72 -18.27
CA ALA R 78 49.71 -34.31 -18.29
C ALA R 78 49.10 -34.50 -16.89
N ASP R 79 49.49 -35.57 -16.20
CA ASP R 79 48.99 -35.78 -14.83
C ASP R 79 49.48 -34.69 -13.89
N SER R 80 50.74 -34.31 -14.00
CA SER R 80 51.28 -33.36 -13.04
C SER R 80 50.60 -32.00 -13.14
N ARG R 81 50.15 -31.64 -14.34
CA ARG R 81 49.55 -30.33 -14.57
C ARG R 81 48.31 -30.15 -13.69
N ILE R 82 47.45 -31.17 -13.70
CA ILE R 82 46.24 -31.19 -12.90
C ILE R 82 46.56 -30.95 -11.43
N LEU R 83 47.51 -31.70 -10.90
CA LEU R 83 47.94 -31.52 -9.52
C LEU R 83 48.42 -30.11 -9.22
N ILE R 84 49.08 -29.49 -10.19
CA ILE R 84 49.69 -28.19 -9.99
C ILE R 84 48.62 -27.09 -9.93
N GLU R 85 47.69 -27.12 -10.86
CA GLU R 85 46.53 -26.25 -10.84
C GLU R 85 45.79 -26.28 -9.50
N LYS R 86 45.41 -27.48 -9.05
CA LYS R 86 44.71 -27.65 -7.79
C LYS R 86 45.42 -27.01 -6.60
N ALA R 87 46.75 -27.09 -6.57
CA ALA R 87 47.49 -26.58 -5.44
C ALA R 87 47.65 -25.07 -5.53
N ARG R 88 47.74 -24.55 -6.75
CA ARG R 88 47.91 -23.12 -6.98
C ARG R 88 46.65 -22.37 -6.55
N VAL R 89 45.52 -23.05 -6.74
CA VAL R 89 44.23 -22.55 -6.34
C VAL R 89 44.10 -22.63 -4.83
N GLU R 90 44.60 -23.72 -4.24
CA GLU R 90 44.49 -23.85 -2.80
C GLU R 90 45.41 -22.85 -2.13
N ALA R 91 46.51 -22.51 -2.81
CA ALA R 91 47.44 -21.54 -2.27
C ALA R 91 46.74 -20.17 -2.16
N GLN R 92 45.95 -19.85 -3.17
CA GLN R 92 45.25 -18.59 -3.18
C GLN R 92 44.08 -18.60 -2.18
N SER R 93 43.26 -19.63 -2.26
CA SER R 93 42.13 -19.78 -1.34
C SER R 93 42.57 -19.75 0.11
N HIS R 94 43.76 -20.28 0.38
CA HIS R 94 44.22 -20.37 1.75
C HIS R 94 44.57 -18.98 2.25
N ARG R 95 45.04 -18.16 1.32
CA ARG R 95 45.43 -16.79 1.63
C ARG R 95 44.22 -15.89 1.75
N LEU R 96 43.18 -16.24 1.01
CA LEU R 96 41.96 -15.48 0.95
C LEU R 96 41.19 -15.68 2.24
N THR R 97 41.23 -16.90 2.77
CA THR R 97 40.45 -17.23 3.97
C THR R 97 41.19 -17.12 5.31
N LEU R 98 42.53 -17.19 5.30
CA LEU R 98 43.29 -17.13 6.55
C LEU R 98 44.31 -16.00 6.64
N GLU R 99 44.48 -15.29 5.52
CA GLU R 99 45.32 -14.09 5.47
C GLU R 99 46.78 -14.41 5.78
N ASP R 100 47.16 -15.63 5.43
CA ASP R 100 48.54 -16.12 5.49
C ASP R 100 48.79 -16.95 4.25
N PRO R 101 50.01 -16.90 3.69
CA PRO R 101 50.34 -17.92 2.69
C PRO R 101 50.49 -19.30 3.31
N VAL R 102 50.36 -20.32 2.47
CA VAL R 102 50.49 -21.69 2.94
C VAL R 102 51.89 -21.98 3.48
N THR R 103 51.97 -22.79 4.52
CA THR R 103 53.26 -23.35 4.93
C THR R 103 53.59 -24.40 3.89
N VAL R 104 54.86 -24.80 3.78
CA VAL R 104 55.22 -25.84 2.82
C VAL R 104 54.55 -27.17 3.18
N GLU R 105 54.51 -27.47 4.47
CA GLU R 105 53.88 -28.70 4.90
C GLU R 105 52.38 -28.75 4.54
N TYR R 106 51.65 -27.67 4.83
CA TYR R 106 50.23 -27.59 4.51
C TYR R 106 49.98 -27.90 3.05
N LEU R 107 50.75 -27.29 2.16
CA LEU R 107 50.56 -27.48 0.75
C LEU R 107 50.92 -28.91 0.32
N THR R 108 51.97 -29.46 0.91
CA THR R 108 52.30 -30.85 0.67
C THR R 108 51.13 -31.72 1.08
N ARG R 109 50.67 -31.52 2.31
CA ARG R 109 49.55 -32.30 2.85
C ARG R 109 48.30 -32.19 1.97
N TYR R 110 48.13 -31.02 1.34
CA TYR R 110 47.02 -30.82 0.43
C TYR R 110 47.14 -31.69 -0.80
N VAL R 111 48.26 -31.57 -1.50
CA VAL R 111 48.53 -32.33 -2.72
C VAL R 111 48.46 -33.84 -2.46
N ALA R 112 49.11 -34.27 -1.38
CA ALA R 112 49.05 -35.66 -0.93
C ALA R 112 47.62 -36.15 -0.85
N GLY R 113 46.77 -35.35 -0.21
CA GLY R 113 45.36 -35.70 -0.03
C GLY R 113 44.63 -35.90 -1.34
N VAL R 114 44.95 -35.09 -2.34
CA VAL R 114 44.32 -35.18 -3.64
C VAL R 114 44.66 -36.52 -4.28
N GLN R 115 45.93 -36.88 -4.23
CA GLN R 115 46.37 -38.14 -4.81
C GLN R 115 45.70 -39.30 -4.09
N GLN R 116 45.74 -39.28 -2.77
CA GLN R 116 45.10 -40.32 -1.97
C GLN R 116 43.66 -40.57 -2.40
N ARG R 117 42.88 -39.50 -2.56
CA ARG R 117 41.48 -39.56 -2.99
C ARG R 117 41.29 -40.27 -4.33
N TYR R 118 42.23 -40.09 -5.25
CA TYR R 118 42.20 -40.78 -6.53
C TYR R 118 42.53 -42.28 -6.44
N THR R 119 43.04 -42.71 -5.29
CA THR R 119 43.32 -44.13 -5.10
C THR R 119 42.10 -44.84 -4.52
N GLN R 120 41.06 -44.07 -4.21
CA GLN R 120 39.90 -44.60 -3.49
C GLN R 120 38.56 -44.15 -4.05
N SER R 121 38.53 -43.77 -5.32
CA SER R 121 37.33 -43.22 -5.92
C SER R 121 36.92 -43.92 -7.20
N GLY R 122 35.66 -44.32 -7.28
CA GLY R 122 35.11 -44.88 -8.50
C GLY R 122 35.39 -44.05 -9.74
N GLY R 123 35.79 -44.72 -10.82
CA GLY R 123 35.91 -44.08 -12.12
C GLY R 123 37.18 -43.28 -12.38
N VAL R 124 38.06 -43.21 -11.39
CA VAL R 124 39.36 -42.56 -11.60
C VAL R 124 40.55 -43.50 -11.32
N ARG R 125 41.68 -43.22 -11.94
CA ARG R 125 42.91 -43.95 -11.67
C ARG R 125 43.81 -43.03 -10.88
N PRO R 126 44.76 -43.59 -10.11
CA PRO R 126 45.67 -42.73 -9.34
C PRO R 126 46.56 -41.90 -10.25
N PHE R 127 47.35 -40.99 -9.67
CA PHE R 127 48.22 -40.13 -10.46
C PHE R 127 49.53 -40.82 -10.76
N GLY R 128 49.95 -40.75 -12.01
CA GLY R 128 51.25 -41.28 -12.39
C GLY R 128 52.38 -40.30 -12.08
N VAL R 129 52.40 -39.78 -10.86
CA VAL R 129 53.28 -38.66 -10.54
C VAL R 129 53.80 -38.77 -9.11
N SER R 130 55.03 -38.34 -8.89
CA SER R 130 55.57 -38.18 -7.54
C SER R 130 56.20 -36.79 -7.43
N THR R 131 56.01 -36.12 -6.31
CA THR R 131 56.41 -34.71 -6.28
C THR R 131 57.39 -34.35 -5.16
N LEU R 132 58.23 -33.36 -5.47
CA LEU R 132 59.04 -32.69 -4.47
C LEU R 132 58.50 -31.27 -4.31
N ILE R 133 58.25 -30.88 -3.07
CA ILE R 133 57.67 -29.58 -2.76
C ILE R 133 58.63 -28.87 -1.84
N ALA R 134 59.08 -27.69 -2.23
CA ALA R 134 60.10 -26.99 -1.45
C ALA R 134 59.83 -25.51 -1.34
N GLY R 135 60.26 -24.94 -0.22
CA GLY R 135 60.23 -23.52 -0.04
C GLY R 135 60.40 -23.23 1.43
N PHE R 136 60.08 -22.01 1.81
CA PHE R 136 60.17 -21.64 3.20
C PHE R 136 58.80 -21.25 3.66
N ASP R 137 58.51 -21.51 4.93
CA ASP R 137 57.31 -20.98 5.58
C ASP R 137 57.29 -19.46 5.48
N PRO R 138 56.10 -18.85 5.59
CA PRO R 138 56.08 -17.39 5.68
C PRO R 138 56.81 -16.94 6.95
N ARG R 139 57.63 -15.90 6.82
CA ARG R 139 58.37 -15.32 7.95
C ARG R 139 59.29 -16.32 8.67
N ASP R 140 59.82 -17.28 7.92
CA ASP R 140 60.69 -18.29 8.49
C ASP R 140 61.92 -18.48 7.60
N ASP R 141 63.06 -18.79 8.23
CA ASP R 141 64.35 -18.91 7.54
C ASP R 141 64.75 -20.37 7.27
N GLU R 142 64.13 -21.30 7.98
CA GLU R 142 64.41 -22.72 7.84
C GLU R 142 63.82 -23.34 6.57
N PRO R 143 64.66 -24.02 5.78
CA PRO R 143 64.25 -24.62 4.50
C PRO R 143 63.37 -25.89 4.64
N LYS R 144 62.45 -26.07 3.68
CA LYS R 144 61.51 -27.17 3.71
C LYS R 144 61.57 -27.98 2.41
N LEU R 145 61.55 -29.31 2.57
CA LEU R 145 61.52 -30.24 1.43
C LEU R 145 60.67 -31.46 1.75
N TYR R 146 59.75 -31.80 0.84
CA TYR R 146 58.78 -32.87 1.07
C TYR R 146 58.62 -33.65 -0.21
N GLN R 147 58.39 -34.95 -0.08
CA GLN R 147 58.08 -35.70 -1.26
C GLN R 147 56.72 -36.37 -1.12
N THR R 148 56.09 -36.61 -2.26
CA THR R 148 54.72 -37.11 -2.35
C THR R 148 54.68 -38.29 -3.34
N GLU R 149 53.93 -39.36 -3.03
CA GLU R 149 53.81 -40.54 -3.92
C GLU R 149 52.37 -40.72 -4.38
N PRO R 150 52.14 -41.47 -5.48
CA PRO R 150 50.77 -41.69 -5.97
C PRO R 150 49.78 -42.31 -4.96
N SER R 151 50.30 -42.85 -3.87
CA SER R 151 49.45 -43.47 -2.86
C SER R 151 48.91 -42.43 -1.90
N GLY R 152 49.49 -41.24 -1.95
CA GLY R 152 49.07 -40.12 -1.12
C GLY R 152 49.90 -39.96 0.13
N ILE R 153 50.95 -40.77 0.25
CA ILE R 153 51.87 -40.67 1.39
C ILE R 153 52.89 -39.58 1.13
N TYR R 154 53.21 -38.81 2.16
CA TYR R 154 54.20 -37.74 2.03
C TYR R 154 55.09 -37.74 3.25
N SER R 155 56.29 -37.17 3.11
CA SER R 155 57.20 -36.97 4.24
C SER R 155 58.34 -35.99 3.92
N SER R 156 59.08 -35.61 4.96
CA SER R 156 60.14 -34.61 4.85
C SER R 156 61.50 -35.27 4.57
N TRP R 157 62.36 -34.56 3.85
CA TRP R 157 63.62 -35.13 3.39
C TRP R 157 64.75 -34.11 3.47
N SER R 158 65.88 -34.50 4.07
CA SER R 158 67.09 -33.66 4.09
C SER R 158 67.56 -33.45 2.65
N ALA R 159 67.58 -34.55 1.90
CA ALA R 159 67.62 -34.48 0.45
C ALA R 159 66.95 -35.73 -0.10
N GLN R 160 66.51 -35.69 -1.36
CA GLN R 160 65.77 -36.81 -1.94
C GLN R 160 65.63 -36.70 -3.47
N THR R 161 65.31 -37.83 -4.11
CA THR R 161 65.24 -37.89 -5.57
C THR R 161 64.15 -38.87 -6.02
N ILE R 162 63.67 -38.73 -7.25
CA ILE R 162 62.59 -39.56 -7.78
C ILE R 162 62.70 -39.71 -9.29
N GLY R 163 62.14 -40.78 -9.83
CA GLY R 163 62.23 -41.07 -11.25
C GLY R 163 63.32 -42.07 -11.65
N ARG R 164 63.73 -42.00 -12.92
CA ARG R 164 64.78 -42.86 -13.51
C ARG R 164 66.10 -42.84 -12.76
N ASN R 165 66.49 -44.01 -12.25
CA ASN R 165 67.79 -44.17 -11.61
C ASN R 165 67.88 -43.33 -10.35
N SER R 166 66.72 -43.01 -9.79
CA SER R 166 66.67 -42.31 -8.53
C SER R 166 67.33 -43.16 -7.46
N LYS R 167 67.22 -44.48 -7.60
CA LYS R 167 67.82 -45.41 -6.65
C LYS R 167 69.34 -45.23 -6.57
N THR R 168 69.95 -45.02 -7.73
CA THR R 168 71.37 -44.71 -7.81
C THR R 168 71.69 -43.39 -7.10
N VAL R 169 71.00 -42.31 -7.51
CA VAL R 169 71.23 -40.98 -6.96
C VAL R 169 70.99 -40.90 -5.45
N ARG R 170 69.99 -41.64 -4.99
CA ARG R 170 69.68 -41.68 -3.57
C ARG R 170 70.89 -42.21 -2.82
N GLU R 171 71.50 -43.27 -3.37
CA GLU R 171 72.73 -43.86 -2.84
C GLU R 171 73.85 -42.83 -2.75
N PHE R 172 74.10 -42.13 -3.86
CA PHE R 172 75.08 -41.05 -3.87
C PHE R 172 74.78 -40.07 -2.76
N LEU R 173 73.50 -39.70 -2.68
CA LEU R 173 73.05 -38.71 -1.72
C LEU R 173 73.29 -39.12 -0.26
N GLU R 174 72.91 -40.35 0.09
CA GLU R 174 73.08 -40.78 1.49
C GLU R 174 74.55 -40.94 1.85
N LYS R 175 75.39 -40.98 0.83
CA LYS R 175 76.83 -41.08 1.04
C LYS R 175 77.51 -39.73 0.77
N ASN R 176 76.74 -38.66 0.76
CA ASN R 176 77.29 -37.32 0.47
C ASN R 176 76.60 -36.17 1.25
N TYR R 177 75.52 -36.47 1.98
CA TYR R 177 74.83 -35.46 2.77
C TYR R 177 75.06 -35.67 4.26
N ASP R 178 75.92 -34.82 4.83
CA ASP R 178 76.16 -34.82 6.26
C ASP R 178 75.08 -33.95 6.85
N ARG R 179 74.10 -34.58 7.49
CA ARG R 179 73.00 -33.85 8.12
C ARG R 179 73.51 -32.85 9.13
N LYS R 180 74.66 -33.13 9.73
CA LYS R 180 75.28 -32.22 10.68
C LYS R 180 76.08 -31.07 10.02
N GLU R 181 76.25 -31.15 8.69
CA GLU R 181 76.89 -30.07 7.92
C GLU R 181 76.28 -29.93 6.52
N PRO R 182 75.06 -29.38 6.44
CA PRO R 182 74.39 -29.14 5.17
C PRO R 182 75.10 -28.03 4.40
N PRO R 183 75.07 -28.10 3.05
CA PRO R 183 75.81 -27.20 2.16
C PRO R 183 75.60 -25.72 2.50
N ALA R 184 76.24 -25.26 3.57
CA ALA R 184 75.95 -23.95 4.15
C ALA R 184 76.19 -22.73 3.25
N THR R 185 76.06 -22.92 1.94
CA THR R 185 75.91 -21.80 1.02
C THR R 185 75.16 -22.22 -0.25
N VAL R 186 74.58 -21.24 -0.93
CA VAL R 186 73.89 -21.44 -2.19
C VAL R 186 74.79 -22.23 -3.14
N GLU R 187 76.06 -21.82 -3.23
CA GLU R 187 77.02 -22.50 -4.10
C GLU R 187 77.24 -23.97 -3.70
N GLU R 188 77.51 -24.21 -2.41
CA GLU R 188 77.73 -25.56 -1.92
C GLU R 188 76.52 -26.45 -2.16
N CYS R 189 75.34 -25.86 -2.13
CA CYS R 189 74.11 -26.61 -2.33
C CYS R 189 73.84 -26.85 -3.81
N VAL R 190 74.01 -25.83 -4.64
CA VAL R 190 73.82 -26.00 -6.08
C VAL R 190 74.85 -26.99 -6.64
N LYS R 191 76.05 -26.98 -6.07
CA LYS R 191 77.12 -27.87 -6.51
C LYS R 191 76.76 -29.33 -6.22
N LEU R 192 76.39 -29.61 -4.96
CA LEU R 192 76.03 -30.96 -4.54
C LEU R 192 74.86 -31.55 -5.35
N THR R 193 73.95 -30.67 -5.79
CA THR R 193 72.81 -31.08 -6.62
C THR R 193 73.26 -31.57 -7.99
N VAL R 194 74.15 -30.82 -8.64
CA VAL R 194 74.66 -31.20 -9.96
C VAL R 194 75.49 -32.48 -9.87
N ARG R 195 76.35 -32.57 -8.86
CA ARG R 195 77.13 -33.78 -8.59
C ARG R 195 76.25 -35.04 -8.56
N SER R 196 75.11 -34.95 -7.88
CA SER R 196 74.17 -36.06 -7.83
C SER R 196 73.49 -36.32 -9.17
N LEU R 197 72.90 -35.28 -9.75
CA LEU R 197 72.23 -35.42 -11.04
C LEU R 197 73.16 -35.87 -12.14
N LEU R 198 74.34 -35.26 -12.20
CA LEU R 198 75.24 -35.42 -13.34
C LEU R 198 75.73 -36.85 -13.47
N GLU R 199 75.81 -37.54 -12.34
CA GLU R 199 76.26 -38.91 -12.37
C GLU R 199 75.14 -39.90 -12.74
N VAL R 200 74.17 -39.43 -13.53
CA VAL R 200 73.09 -40.29 -14.08
C VAL R 200 72.68 -39.77 -15.47
N VAL R 201 72.94 -38.49 -15.73
CA VAL R 201 72.46 -37.81 -16.94
C VAL R 201 73.50 -37.69 -18.09
N GLN R 202 74.78 -37.62 -17.74
CA GLN R 202 75.91 -37.69 -18.71
C GLN R 202 76.24 -36.40 -19.46
N THR R 203 77.20 -35.66 -18.89
CA THR R 203 77.86 -34.49 -19.50
C THR R 203 76.95 -33.30 -19.84
N GLY R 204 75.77 -33.58 -20.37
CA GLY R 204 74.83 -32.56 -20.81
C GLY R 204 74.47 -31.49 -19.79
N ALA R 205 75.11 -30.32 -19.91
CA ALA R 205 74.74 -29.16 -19.11
C ALA R 205 73.49 -28.51 -19.72
N LYS R 206 73.04 -29.08 -20.85
CA LYS R 206 71.79 -28.71 -21.48
C LYS R 206 70.72 -29.73 -21.09
N ASN R 207 71.16 -30.82 -20.47
CA ASN R 207 70.24 -31.85 -20.00
C ASN R 207 69.82 -31.64 -18.53
N ILE R 208 70.29 -30.55 -17.92
CA ILE R 208 70.03 -30.26 -16.52
C ILE R 208 69.33 -28.90 -16.32
N GLU R 209 68.38 -28.85 -15.38
CA GLU R 209 67.75 -27.60 -14.97
C GLU R 209 67.89 -27.40 -13.46
N ILE R 210 68.15 -26.16 -13.05
CA ILE R 210 68.24 -25.83 -11.63
C ILE R 210 67.35 -24.64 -11.23
N THR R 211 66.75 -24.72 -10.05
CA THR R 211 65.96 -23.63 -9.47
C THR R 211 66.33 -23.53 -7.98
N VAL R 212 66.53 -22.31 -7.49
CA VAL R 212 66.96 -22.09 -6.10
C VAL R 212 65.94 -21.32 -5.27
N VAL R 213 65.48 -21.90 -4.17
CA VAL R 213 64.60 -21.18 -3.26
C VAL R 213 65.31 -20.73 -1.98
N LYS R 214 65.26 -19.41 -1.76
CA LYS R 214 65.82 -18.76 -0.58
C LYS R 214 64.65 -18.23 0.28
N PRO R 215 64.90 -17.83 1.55
CA PRO R 215 63.81 -17.29 2.36
C PRO R 215 63.15 -16.05 1.78
N ASP R 216 61.85 -15.89 2.06
CA ASP R 216 61.08 -14.72 1.62
C ASP R 216 60.95 -14.57 0.10
N SER R 217 60.50 -15.63 -0.55
CA SER R 217 60.08 -15.57 -1.96
C SER R 217 61.20 -15.28 -2.96
N ASP R 218 62.46 -15.43 -2.52
CA ASP R 218 63.59 -15.38 -3.44
C ASP R 218 63.74 -16.71 -4.17
N ILE R 219 63.22 -16.75 -5.40
CA ILE R 219 63.20 -17.97 -6.20
C ILE R 219 63.76 -17.66 -7.59
N VAL R 220 64.83 -18.35 -7.94
CA VAL R 220 65.59 -18.01 -9.14
C VAL R 220 66.00 -19.26 -9.93
N ALA R 221 65.67 -19.27 -11.21
CA ALA R 221 66.06 -20.36 -12.11
C ALA R 221 67.30 -19.98 -12.93
N LEU R 222 68.31 -20.86 -12.98
CA LEU R 222 69.58 -20.50 -13.61
C LEU R 222 69.67 -20.88 -15.08
N SER R 223 70.46 -20.10 -15.81
CA SER R 223 70.72 -20.38 -17.22
C SER R 223 71.78 -21.46 -17.33
N SER R 224 71.81 -22.12 -18.49
CA SER R 224 72.75 -23.21 -18.74
C SER R 224 74.18 -22.85 -18.35
N GLU R 225 74.56 -21.61 -18.63
CA GLU R 225 75.91 -21.13 -18.35
C GLU R 225 76.28 -21.27 -16.89
N GLU R 226 75.37 -20.86 -16.00
CA GLU R 226 75.61 -20.96 -14.57
C GLU R 226 75.76 -22.42 -14.21
N ILE R 227 74.97 -23.24 -14.89
CA ILE R 227 74.99 -24.68 -14.70
C ILE R 227 76.24 -25.27 -15.35
N ASN R 228 76.58 -24.78 -16.55
CA ASN R 228 77.74 -25.28 -17.29
C ASN R 228 79.05 -25.04 -16.53
N GLN R 229 79.11 -23.93 -15.81
CA GLN R 229 80.26 -23.61 -14.96
C GLN R 229 80.32 -24.59 -13.81
N TYR R 230 79.15 -25.07 -13.38
CA TYR R 230 79.07 -26.02 -12.28
C TYR R 230 79.43 -27.43 -12.75
N VAL R 231 79.08 -27.73 -13.99
CA VAL R 231 79.51 -28.97 -14.65
C VAL R 231 81.04 -28.99 -14.76
N THR R 232 81.58 -28.01 -15.50
CA THR R 232 83.01 -27.86 -15.76
C THR R 232 83.90 -27.94 -14.52
N GLN R 233 83.42 -27.39 -13.40
CA GLN R 233 84.23 -27.32 -12.19
C GLN R 233 84.47 -28.68 -11.52
N ILE R 234 83.54 -29.62 -11.69
CA ILE R 234 83.71 -30.93 -11.07
C ILE R 234 84.26 -31.98 -12.04
N GLU R 235 84.24 -31.67 -13.33
CA GLU R 235 84.98 -32.47 -14.29
C GLU R 235 86.45 -32.34 -13.90
N GLN R 236 86.87 -31.10 -13.67
CA GLN R 236 88.23 -30.76 -13.26
C GLN R 236 88.63 -31.33 -11.89
N GLU R 237 87.79 -31.12 -10.88
CA GLU R 237 88.07 -31.62 -9.54
C GLU R 237 88.11 -33.14 -9.49
N LYS R 238 87.53 -33.76 -10.52
CA LYS R 238 87.59 -35.22 -10.67
C LYS R 238 88.80 -35.60 -11.53
N GLN R 239 89.01 -34.84 -12.60
CA GLN R 239 90.18 -35.02 -13.46
C GLN R 239 91.47 -34.56 -12.78
N GLU R 240 91.35 -34.24 -11.49
CA GLU R 240 92.51 -34.12 -10.62
C GLU R 240 92.65 -35.46 -9.92
N GLN R 241 92.32 -36.54 -10.64
CA GLN R 241 92.46 -37.91 -10.15
C GLN R 241 92.26 -38.94 -11.28
N ASP S 1 35.11 -58.94 -13.91
CA ASP S 1 35.22 -60.11 -13.02
C ASP S 1 34.08 -60.16 -11.99
N ARG S 2 34.42 -59.93 -10.73
CA ARG S 2 33.44 -60.00 -9.64
C ARG S 2 33.35 -58.66 -8.92
N GLY S 3 32.26 -58.47 -8.17
CA GLY S 3 32.04 -57.23 -7.44
C GLY S 3 33.09 -56.90 -6.39
N VAL S 4 33.23 -55.62 -6.09
CA VAL S 4 34.13 -55.17 -5.04
C VAL S 4 33.52 -55.47 -3.65
N SER S 5 32.23 -55.74 -3.63
CA SER S 5 31.57 -56.17 -2.40
C SER S 5 30.90 -57.51 -2.62
N THR S 6 31.69 -58.54 -2.92
CA THR S 6 31.14 -59.89 -3.00
C THR S 6 31.58 -60.77 -1.84
N PHE S 7 30.80 -61.83 -1.62
CA PHE S 7 31.11 -62.81 -0.59
C PHE S 7 31.93 -63.98 -1.13
N SER S 8 32.89 -64.43 -0.34
CA SER S 8 33.60 -65.68 -0.62
C SER S 8 32.66 -66.80 -0.21
N PRO S 9 32.93 -68.03 -0.69
CA PRO S 9 32.04 -69.14 -0.29
C PRO S 9 32.05 -69.44 1.22
N GLU S 10 33.02 -68.88 1.95
CA GLU S 10 33.11 -69.03 3.39
C GLU S 10 32.38 -67.89 4.10
N GLY S 11 31.72 -67.04 3.31
CA GLY S 11 30.95 -65.93 3.85
C GLY S 11 31.80 -64.76 4.34
N ARG S 12 32.86 -64.46 3.61
CA ARG S 12 33.73 -63.35 3.97
C ARG S 12 33.82 -62.36 2.84
N LEU S 13 34.02 -61.09 3.16
CA LEU S 13 34.16 -60.09 2.11
C LEU S 13 35.58 -60.05 1.58
N PHE S 14 35.77 -60.55 0.37
CA PHE S 14 37.07 -60.57 -0.29
C PHE S 14 37.89 -59.31 -0.07
N GLN S 15 37.30 -58.17 -0.43
CA GLN S 15 38.00 -56.90 -0.37
C GLN S 15 38.37 -56.53 1.05
N VAL S 16 37.50 -56.88 1.99
CA VAL S 16 37.79 -56.62 3.39
C VAL S 16 38.97 -57.47 3.79
N GLU S 17 38.87 -58.77 3.51
CA GLU S 17 39.89 -59.77 3.80
C GLU S 17 41.27 -59.42 3.20
N TYR S 18 41.27 -59.02 1.93
CA TYR S 18 42.50 -58.60 1.28
C TYR S 18 43.04 -57.32 1.90
N SER S 19 42.19 -56.51 2.51
CA SER S 19 42.69 -55.28 3.13
C SER S 19 43.44 -55.61 4.41
N LEU S 20 42.94 -56.56 5.20
CA LEU S 20 43.65 -57.02 6.40
C LEU S 20 45.06 -57.53 6.07
N GLU S 21 45.27 -57.96 4.84
CA GLU S 21 46.58 -58.38 4.37
C GLU S 21 47.52 -57.18 4.26
N ALA S 22 47.04 -56.10 3.64
CA ALA S 22 47.84 -54.87 3.50
C ALA S 22 48.25 -54.34 4.88
N ILE S 23 47.35 -54.52 5.84
CA ILE S 23 47.56 -54.06 7.20
C ILE S 23 48.69 -54.79 7.90
N LYS S 24 48.74 -56.12 7.78
CA LYS S 24 49.83 -56.89 8.38
C LYS S 24 51.17 -56.52 7.76
N LEU S 25 51.14 -55.93 6.57
CA LEU S 25 52.33 -55.37 5.92
C LEU S 25 52.81 -54.05 6.53
N GLY S 26 52.01 -53.46 7.42
CA GLY S 26 52.33 -52.13 7.95
C GLY S 26 53.22 -52.11 9.19
N SER S 27 53.80 -50.95 9.48
CA SER S 27 54.61 -50.75 10.67
C SER S 27 53.83 -51.11 11.92
N THR S 28 54.52 -51.60 12.94
CA THR S 28 53.84 -52.06 14.15
C THR S 28 53.38 -50.90 15.01
N ALA S 29 52.18 -51.05 15.59
CA ALA S 29 51.70 -50.12 16.60
C ALA S 29 51.11 -50.93 17.75
N ILE S 30 51.44 -50.54 18.98
CA ILE S 30 50.95 -51.23 20.17
C ILE S 30 50.24 -50.28 21.15
N GLY S 31 49.16 -50.75 21.77
CA GLY S 31 48.54 -50.02 22.84
C GLY S 31 48.38 -50.89 24.08
N ILE S 32 48.61 -50.29 25.24
CA ILE S 32 48.34 -50.95 26.51
C ILE S 32 47.52 -50.00 27.39
N ALA S 33 46.45 -50.53 27.99
CA ALA S 33 45.56 -49.73 28.81
C ALA S 33 45.71 -50.06 30.30
N THR S 34 46.22 -49.11 31.07
CA THR S 34 46.34 -49.27 32.52
C THR S 34 45.19 -48.55 33.22
N LYS S 35 45.29 -48.38 34.53
CA LYS S 35 44.30 -47.60 35.27
C LYS S 35 44.80 -46.20 35.58
N GLU S 36 46.10 -45.99 35.37
CA GLU S 36 46.67 -44.67 35.48
C GLU S 36 46.68 -44.02 34.10
N GLY S 37 46.21 -44.76 33.10
CA GLY S 37 46.20 -44.24 31.74
C GLY S 37 46.33 -45.25 30.62
N VAL S 38 46.48 -44.75 29.39
CA VAL S 38 46.67 -45.61 28.23
C VAL S 38 47.92 -45.14 27.50
N VAL S 39 48.73 -46.09 27.04
CA VAL S 39 49.96 -45.81 26.29
C VAL S 39 49.83 -46.32 24.84
N LEU S 40 50.39 -45.57 23.89
CA LEU S 40 50.43 -46.01 22.49
C LEU S 40 51.84 -45.79 21.97
N GLY S 41 52.37 -46.80 21.28
CA GLY S 41 53.66 -46.68 20.62
C GLY S 41 53.56 -47.16 19.19
N VAL S 42 54.38 -46.59 18.32
CA VAL S 42 54.47 -47.04 16.94
C VAL S 42 55.92 -47.16 16.50
N GLU S 43 56.17 -48.06 15.56
CA GLU S 43 57.45 -48.19 14.91
C GLU S 43 57.44 -47.25 13.71
N LYS S 44 58.29 -46.21 13.75
CA LYS S 44 58.33 -45.25 12.65
C LYS S 44 58.72 -45.85 11.30
N ARG S 45 59.75 -46.72 11.29
CA ARG S 45 60.16 -47.45 10.08
C ARG S 45 60.51 -46.56 8.87
N ALA S 46 61.59 -45.79 8.96
CA ALA S 46 61.98 -44.91 7.86
C ALA S 46 62.70 -45.59 6.66
N THR S 47 62.26 -45.25 5.45
CA THR S 47 62.79 -45.82 4.19
C THR S 47 64.27 -45.56 3.93
N SER S 48 64.71 -44.34 4.19
CA SER S 48 66.09 -43.94 3.92
C SER S 48 66.58 -43.09 5.06
N PRO S 49 67.91 -43.07 5.30
CA PRO S 49 68.42 -42.25 6.40
C PRO S 49 68.32 -40.75 6.11
N LEU S 50 68.11 -40.40 4.84
CA LEU S 50 67.86 -39.01 4.43
C LEU S 50 66.48 -38.50 4.82
N LEU S 51 65.54 -39.41 5.07
CA LEU S 51 64.20 -39.05 5.50
C LEU S 51 64.23 -38.42 6.88
N GLU S 52 63.54 -37.30 7.06
CA GLU S 52 63.43 -36.68 8.37
C GLU S 52 62.48 -37.51 9.23
N SER S 53 63.02 -38.09 10.29
CA SER S 53 62.29 -38.99 11.16
C SER S 53 61.13 -38.31 11.90
N ASP S 54 61.23 -37.00 12.08
CA ASP S 54 60.16 -36.24 12.76
C ASP S 54 58.88 -36.21 11.93
N SER S 55 59.04 -36.16 10.60
CA SER S 55 57.89 -35.99 9.72
C SER S 55 56.98 -37.21 9.64
N ILE S 56 57.38 -38.31 10.28
CA ILE S 56 56.57 -39.51 10.31
C ILE S 56 55.57 -39.44 11.45
N GLU S 57 54.29 -39.41 11.09
CA GLU S 57 53.23 -39.16 12.07
C GLU S 57 52.25 -40.32 12.07
N LYS S 58 52.41 -41.21 13.05
CA LYS S 58 51.58 -42.41 13.11
C LYS S 58 50.74 -42.43 14.39
N ILE S 59 51.01 -41.48 15.28
CA ILE S 59 50.17 -41.25 16.45
C ILE S 59 49.56 -39.84 16.43
N VAL S 60 48.26 -39.75 16.20
CA VAL S 60 47.62 -38.44 16.13
C VAL S 60 46.54 -38.19 17.19
N GLU S 61 46.41 -36.93 17.57
CA GLU S 61 45.37 -36.49 18.51
C GLU S 61 44.02 -36.29 17.82
N ILE S 62 43.00 -36.93 18.38
CA ILE S 62 41.63 -36.75 17.88
C ILE S 62 40.85 -35.66 18.64
N ASP S 63 40.72 -35.79 19.96
CA ASP S 63 40.29 -34.68 20.82
C ASP S 63 41.30 -34.62 21.99
N ARG S 64 41.00 -33.88 23.05
CA ARG S 64 41.97 -33.75 24.14
C ARG S 64 42.04 -35.06 24.95
N HIS S 65 40.97 -35.83 24.89
CA HIS S 65 40.87 -37.05 25.67
C HIS S 65 40.88 -38.29 24.75
N ILE S 66 41.19 -38.11 23.47
CA ILE S 66 41.26 -39.22 22.53
C ILE S 66 42.49 -39.18 21.63
N GLY S 67 43.30 -40.24 21.67
CA GLY S 67 44.44 -40.39 20.78
C GLY S 67 44.31 -41.57 19.81
N CYS S 68 45.11 -41.54 18.75
CA CYS S 68 45.03 -42.55 17.70
C CYS S 68 46.39 -43.13 17.33
N ALA S 69 46.43 -44.44 17.08
CA ALA S 69 47.61 -45.08 16.49
C ALA S 69 47.22 -45.81 15.21
N MET S 70 48.06 -45.74 14.19
CA MET S 70 47.71 -46.33 12.91
C MET S 70 48.76 -47.33 12.35
N SER S 71 48.27 -48.23 11.52
CA SER S 71 49.12 -49.22 10.90
C SER S 71 48.45 -49.64 9.59
N GLY S 72 49.22 -49.70 8.52
CA GLY S 72 48.67 -50.09 7.21
C GLY S 72 49.09 -49.11 6.14
N LEU S 73 48.23 -48.88 5.15
CA LEU S 73 48.41 -47.76 4.24
C LEU S 73 48.01 -46.47 4.98
N THR S 74 48.98 -45.65 5.39
CA THR S 74 48.65 -44.58 6.32
C THR S 74 48.00 -43.36 5.64
N ALA S 75 48.12 -43.29 4.32
CA ALA S 75 47.43 -42.27 3.54
C ALA S 75 45.92 -42.46 3.68
N ASP S 76 45.47 -43.72 3.73
CA ASP S 76 44.07 -44.07 3.91
C ASP S 76 43.50 -43.56 5.23
N ALA S 77 44.35 -43.40 6.24
CA ALA S 77 43.85 -43.02 7.55
C ALA S 77 43.60 -41.53 7.73
N ARG S 78 44.08 -40.70 6.79
CA ARG S 78 43.96 -39.24 6.91
C ARG S 78 42.51 -38.83 7.05
N SER S 79 41.71 -39.23 6.07
CA SER S 79 40.31 -38.88 6.08
C SER S 79 39.54 -39.53 7.26
N MET S 80 39.92 -40.72 7.68
CA MET S 80 39.29 -41.30 8.87
C MET S 80 39.57 -40.42 10.09
N ILE S 81 40.80 -39.93 10.21
CA ILE S 81 41.17 -39.10 11.34
C ILE S 81 40.38 -37.77 11.31
N GLU S 82 40.27 -37.19 10.11
CA GLU S 82 39.48 -35.99 9.91
C GLU S 82 38.04 -36.19 10.36
N HIS S 83 37.39 -37.22 9.84
CA HIS S 83 36.03 -37.55 10.29
C HIS S 83 35.94 -37.81 11.79
N ALA S 84 36.97 -38.39 12.40
CA ALA S 84 36.92 -38.62 13.84
C ALA S 84 37.03 -37.29 14.59
N ARG S 85 37.88 -36.39 14.10
CA ARG S 85 38.07 -35.11 14.75
C ARG S 85 36.79 -34.27 14.64
N THR S 86 36.26 -34.18 13.42
CA THR S 86 34.99 -33.53 13.14
C THR S 86 33.86 -34.05 14.04
N ALA S 87 33.79 -35.37 14.19
CA ALA S 87 32.80 -36.01 15.07
C ALA S 87 32.92 -35.63 16.56
N ALA S 88 34.12 -35.64 17.12
CA ALA S 88 34.27 -35.34 18.55
C ALA S 88 33.92 -33.89 18.88
N VAL S 89 34.30 -33.01 17.95
CA VAL S 89 34.05 -31.59 18.06
C VAL S 89 32.56 -31.31 17.82
N THR S 90 31.98 -31.88 16.77
CA THR S 90 30.55 -31.68 16.47
C THR S 90 29.73 -32.10 17.69
N HIS S 91 30.09 -33.24 18.26
CA HIS S 91 29.36 -33.74 19.42
C HIS S 91 29.46 -32.73 20.56
N ASN S 92 30.63 -32.12 20.72
CA ASN S 92 30.78 -31.15 21.78
C ASN S 92 29.95 -29.87 21.51
N LEU S 93 29.88 -29.48 20.23
CA LEU S 93 29.03 -28.38 19.82
C LEU S 93 27.56 -28.61 20.18
N TYR S 94 27.07 -29.83 19.94
CA TYR S 94 25.66 -30.20 20.13
C TYR S 94 25.25 -30.52 21.56
N TYR S 95 26.22 -30.74 22.46
CA TYR S 95 25.89 -31.36 23.75
C TYR S 95 26.73 -30.82 24.88
N ASP S 96 27.71 -29.98 24.54
CA ASP S 96 28.46 -29.25 25.55
C ASP S 96 29.13 -30.24 26.49
N GLU S 97 29.79 -31.22 25.89
CA GLU S 97 30.44 -32.28 26.65
C GLU S 97 31.36 -33.04 25.70
N ASP S 98 32.26 -33.84 26.29
CA ASP S 98 33.16 -34.71 25.55
C ASP S 98 32.42 -35.93 25.03
N ILE S 99 32.70 -36.29 23.79
CA ILE S 99 32.19 -37.54 23.22
C ILE S 99 32.85 -38.75 23.89
N ASN S 100 32.03 -39.76 24.19
CA ASN S 100 32.52 -41.04 24.68
C ASN S 100 33.47 -41.71 23.69
N VAL S 101 34.56 -42.29 24.19
CA VAL S 101 35.53 -43.02 23.36
C VAL S 101 34.86 -44.09 22.52
N GLU S 102 33.94 -44.82 23.13
CA GLU S 102 33.18 -45.85 22.42
C GLU S 102 32.47 -45.26 21.19
N SER S 103 31.70 -44.20 21.43
CA SER S 103 30.85 -43.57 20.42
C SER S 103 31.66 -42.97 19.30
N LEU S 104 32.78 -42.33 19.64
CA LEU S 104 33.66 -41.82 18.61
C LEU S 104 34.16 -42.97 17.73
N THR S 105 34.56 -44.07 18.36
CA THR S 105 35.08 -45.23 17.63
C THR S 105 33.97 -45.80 16.78
N GLN S 106 32.77 -45.83 17.33
CA GLN S 106 31.65 -46.37 16.59
C GLN S 106 31.39 -45.53 15.35
N SER S 107 31.72 -44.25 15.44
CA SER S 107 31.45 -43.33 14.33
C SER S 107 32.45 -43.49 13.19
N VAL S 108 33.73 -43.64 13.54
CA VAL S 108 34.76 -44.04 12.58
C VAL S 108 34.41 -45.32 11.85
N CYS S 109 34.02 -46.36 12.60
CA CYS S 109 33.71 -47.65 12.00
C CYS S 109 32.56 -47.61 11.00
N ASP S 110 31.52 -46.86 11.33
CA ASP S 110 30.44 -46.57 10.39
C ASP S 110 31.00 -46.16 9.04
N LEU S 111 32.11 -45.43 9.09
CA LEU S 111 32.71 -44.88 7.87
C LEU S 111 33.24 -45.98 6.96
N ALA S 112 33.70 -47.09 7.55
CA ALA S 112 34.07 -48.27 6.78
C ALA S 112 32.84 -48.98 6.18
N LEU S 113 33.09 -50.01 5.36
CA LEU S 113 32.01 -50.75 4.66
C LEU S 113 31.16 -49.85 3.74
N ARG S 114 31.40 -48.56 3.82
CA ARG S 114 30.77 -47.58 2.96
C ARG S 114 31.48 -47.60 1.62
N PHE S 115 31.59 -48.78 1.01
CA PHE S 115 32.25 -48.92 -0.29
C PHE S 115 31.45 -49.79 -1.24
N GLY S 116 31.73 -49.67 -2.55
CA GLY S 116 31.01 -50.43 -3.56
C GLY S 116 30.87 -49.76 -4.92
N GLU S 117 29.83 -50.15 -5.65
CA GLU S 117 29.61 -49.65 -7.00
C GLU S 117 28.15 -49.33 -7.35
N GLY S 118 27.32 -49.07 -6.32
CA GLY S 118 25.93 -48.70 -6.53
C GLY S 118 24.95 -49.51 -5.70
N ALA S 119 25.35 -49.84 -4.47
CA ALA S 119 24.51 -50.60 -3.55
C ALA S 119 23.22 -49.86 -3.19
N SER S 120 22.10 -50.35 -3.73
CA SER S 120 20.81 -49.66 -3.70
C SER S 120 20.28 -49.30 -2.28
N GLY S 121 20.42 -48.03 -1.92
CA GLY S 121 19.95 -47.52 -0.63
C GLY S 121 20.16 -46.03 -0.45
N GLU S 122 21.41 -45.58 -0.57
CA GLU S 122 21.76 -44.16 -0.50
C GLU S 122 23.02 -43.87 -1.33
N GLU S 123 24.17 -43.77 -0.65
CA GLU S 123 25.45 -43.63 -1.33
C GLU S 123 26.60 -44.31 -0.59
N ARG S 124 27.03 -45.45 -1.11
CA ARG S 124 28.27 -46.12 -0.69
C ARG S 124 29.41 -45.65 -1.58
N LEU S 125 29.81 -44.39 -1.43
CA LEU S 125 30.80 -43.76 -2.30
C LEU S 125 32.23 -43.92 -1.78
N MET S 126 32.91 -44.93 -2.33
CA MET S 126 34.29 -45.29 -1.97
C MET S 126 34.57 -46.56 -2.75
N SER S 127 35.64 -46.56 -3.54
CA SER S 127 35.92 -47.69 -4.43
C SER S 127 36.33 -48.97 -3.69
N ARG S 128 36.94 -48.81 -2.50
CA ARG S 128 37.59 -49.90 -1.80
C ARG S 128 37.59 -49.64 -0.31
N PRO S 129 37.67 -50.72 0.50
CA PRO S 129 37.79 -50.55 1.96
C PRO S 129 39.05 -49.78 2.31
N PHE S 130 39.14 -49.27 3.54
CA PHE S 130 40.36 -48.64 4.03
C PHE S 130 41.40 -49.71 4.25
N GLY S 131 42.66 -49.43 3.89
CA GLY S 131 43.73 -50.37 4.12
C GLY S 131 44.64 -49.97 5.27
N VAL S 132 44.03 -49.72 6.42
CA VAL S 132 44.76 -49.23 7.57
C VAL S 132 43.89 -49.58 8.76
N ALA S 133 44.47 -49.65 9.94
CA ALA S 133 43.73 -50.01 11.15
C ALA S 133 44.10 -49.03 12.25
N LEU S 134 43.21 -48.81 13.21
CA LEU S 134 43.54 -47.86 14.26
C LEU S 134 43.45 -48.43 15.67
N LEU S 135 44.40 -48.05 16.49
CA LEU S 135 44.24 -48.17 17.91
C LEU S 135 43.76 -46.81 18.40
N ILE S 136 42.52 -46.76 18.87
CA ILE S 136 41.95 -45.53 19.39
C ILE S 136 41.94 -45.57 20.91
N ALA S 137 42.77 -44.72 21.51
CA ALA S 137 42.91 -44.67 22.95
C ALA S 137 42.13 -43.49 23.49
N GLY S 138 41.50 -43.67 24.64
CA GLY S 138 40.80 -42.57 25.26
C GLY S 138 40.37 -42.75 26.69
N HIS S 139 39.91 -41.65 27.26
CA HIS S 139 39.29 -41.64 28.58
C HIS S 139 37.92 -40.98 28.48
N ASP S 140 36.98 -41.46 29.27
CA ASP S 140 35.78 -40.69 29.54
C ASP S 140 35.31 -40.99 30.95
N ALA S 141 34.29 -40.29 31.41
CA ALA S 141 33.95 -40.40 32.83
C ALA S 141 33.05 -41.60 33.10
N ASP S 142 32.54 -42.23 32.06
CA ASP S 142 31.62 -43.35 32.24
C ASP S 142 32.34 -44.69 32.27
N ASP S 143 33.38 -44.80 31.44
CA ASP S 143 34.07 -46.07 31.24
C ASP S 143 35.57 -45.95 31.41
N GLY S 144 36.03 -44.91 32.10
CA GLY S 144 37.46 -44.77 32.40
C GLY S 144 38.35 -44.80 31.17
N TYR S 145 39.61 -45.21 31.37
CA TYR S 145 40.56 -45.37 30.26
C TYR S 145 40.17 -46.56 29.34
N GLN S 146 40.34 -46.39 28.03
CA GLN S 146 39.90 -47.41 27.05
C GLN S 146 40.76 -47.50 25.79
N LEU S 147 40.89 -48.72 25.28
CA LEU S 147 41.63 -48.98 24.03
C LEU S 147 40.76 -49.75 23.03
N PHE S 148 40.81 -49.32 21.76
CA PHE S 148 39.97 -49.91 20.72
C PHE S 148 40.79 -50.25 19.49
N HIS S 149 40.40 -51.32 18.82
CA HIS S 149 40.99 -51.68 17.54
C HIS S 149 39.88 -51.50 16.51
N ALA S 150 40.11 -50.60 15.56
CA ALA S 150 39.12 -50.37 14.52
C ALA S 150 39.60 -50.89 13.15
N GLU S 151 38.93 -51.93 12.67
CA GLU S 151 39.33 -52.58 11.44
C GLU S 151 38.55 -52.02 10.26
N PRO S 152 38.97 -52.35 9.02
CA PRO S 152 38.22 -51.92 7.82
C PRO S 152 36.96 -52.74 7.61
N SER S 153 36.64 -53.61 8.56
CA SER S 153 35.44 -54.43 8.47
C SER S 153 34.34 -53.71 9.20
N GLY S 154 34.61 -52.46 9.55
CA GLY S 154 33.70 -51.66 10.34
C GLY S 154 33.53 -52.23 11.74
N THR S 155 34.30 -53.26 12.08
CA THR S 155 34.22 -53.88 13.40
C THR S 155 35.27 -53.32 14.35
N PHE S 156 34.95 -53.30 15.63
CA PHE S 156 35.86 -52.75 16.61
C PHE S 156 35.70 -53.51 17.90
N TYR S 157 36.80 -53.59 18.63
CA TYR S 157 36.88 -54.47 19.76
C TYR S 157 37.58 -53.66 20.81
N ARG S 158 37.24 -53.92 22.06
CA ARG S 158 37.96 -53.28 23.13
C ARG S 158 38.99 -54.25 23.69
N TYR S 159 40.25 -53.86 23.68
CA TYR S 159 41.33 -54.66 24.25
C TYR S 159 41.88 -54.03 25.53
N ASN S 160 42.61 -54.81 26.31
CA ASN S 160 43.31 -54.26 27.46
C ASN S 160 44.71 -53.93 27.02
N ALA S 161 45.13 -54.64 25.98
CA ALA S 161 46.33 -54.33 25.21
C ALA S 161 46.18 -54.99 23.85
N LYS S 162 46.72 -54.37 22.80
CA LYS S 162 46.58 -54.90 21.45
C LYS S 162 47.67 -54.37 20.53
N ALA S 163 48.21 -55.24 19.69
CA ALA S 163 49.22 -54.84 18.72
C ALA S 163 48.68 -55.11 17.32
N ILE S 164 49.04 -54.27 16.37
CA ILE S 164 48.61 -54.46 14.98
C ILE S 164 49.80 -54.22 14.08
N GLY S 165 49.71 -54.72 12.85
CA GLY S 165 50.82 -54.58 11.90
C GLY S 165 51.83 -55.72 11.95
N SER S 166 53.02 -55.48 11.41
CA SER S 166 54.10 -56.47 11.31
C SER S 166 54.47 -57.10 12.63
N GLY S 167 54.08 -58.35 12.82
CA GLY S 167 54.39 -59.02 14.06
C GLY S 167 53.49 -58.56 15.17
N SER S 168 52.18 -58.67 14.93
CA SER S 168 51.16 -58.42 15.95
C SER S 168 51.06 -59.64 16.86
N GLU S 169 50.80 -60.80 16.25
CA GLU S 169 50.82 -62.10 16.94
C GLU S 169 52.05 -62.30 17.81
N GLY S 170 53.24 -61.97 17.28
CA GLY S 170 54.46 -61.95 18.07
C GLY S 170 54.27 -61.05 19.28
N ALA S 171 54.01 -59.78 19.00
CA ALA S 171 53.72 -58.79 20.04
C ALA S 171 52.51 -59.16 20.91
N GLN S 172 51.41 -59.57 20.29
CA GLN S 172 50.19 -59.93 21.01
C GLN S 172 50.43 -61.02 22.05
N ALA S 173 51.16 -62.06 21.63
CA ALA S 173 51.55 -63.16 22.51
C ALA S 173 52.36 -62.65 23.69
N GLU S 174 53.30 -61.75 23.40
CA GLU S 174 54.10 -61.15 24.46
C GLU S 174 53.25 -60.29 25.40
N LEU S 175 52.22 -59.64 24.85
CA LEU S 175 51.29 -58.83 25.64
C LEU S 175 50.45 -59.70 26.54
N LEU S 176 49.98 -60.82 25.98
CA LEU S 176 49.15 -61.79 26.69
C LEU S 176 49.84 -62.33 27.94
N ASN S 177 51.17 -62.26 27.96
CA ASN S 177 51.94 -62.67 29.13
C ASN S 177 52.12 -61.54 30.11
N GLU S 178 52.58 -60.40 29.62
CA GLU S 178 52.93 -59.31 30.52
C GLU S 178 51.77 -58.47 31.10
N TRP S 179 50.58 -58.59 30.54
CA TRP S 179 49.48 -57.73 30.99
C TRP S 179 48.72 -58.24 32.23
N HIS S 180 48.62 -57.39 33.25
CA HIS S 180 47.75 -57.67 34.38
C HIS S 180 46.97 -56.40 34.75
N SER S 181 45.91 -56.58 35.52
CA SER S 181 44.98 -55.49 35.85
C SER S 181 45.60 -54.37 36.70
N SER S 182 46.79 -54.58 37.23
CA SER S 182 47.37 -53.59 38.15
C SER S 182 48.69 -53.02 37.68
N LEU S 183 48.87 -52.94 36.37
CA LEU S 183 50.03 -52.31 35.75
C LEU S 183 50.06 -50.82 36.03
N THR S 184 51.21 -50.28 36.42
CA THR S 184 51.37 -48.84 36.50
C THR S 184 51.51 -48.29 35.08
N LEU S 185 51.42 -46.97 34.94
CA LEU S 185 51.57 -46.38 33.63
C LEU S 185 53.04 -46.41 33.18
N LYS S 186 53.96 -46.21 34.12
CA LYS S 186 55.39 -46.19 33.82
C LYS S 186 55.86 -47.59 33.43
N GLU S 187 55.20 -48.60 34.00
CA GLU S 187 55.42 -49.99 33.64
C GLU S 187 55.02 -50.20 32.19
N ALA S 188 53.78 -49.80 31.88
CA ALA S 188 53.21 -49.98 30.55
C ALA S 188 54.07 -49.33 29.46
N GLU S 189 54.78 -48.26 29.83
CA GLU S 189 55.65 -47.58 28.89
C GLU S 189 56.83 -48.47 28.50
N LEU S 190 57.63 -48.84 29.49
CA LEU S 190 58.73 -49.79 29.31
C LEU S 190 58.30 -51.06 28.56
N LEU S 191 57.09 -51.55 28.87
CA LEU S 191 56.51 -52.71 28.24
C LEU S 191 56.30 -52.55 26.74
N VAL S 192 55.75 -51.40 26.34
CA VAL S 192 55.58 -51.07 24.94
C VAL S 192 56.93 -50.98 24.22
N LEU S 193 57.90 -50.34 24.88
CA LEU S 193 59.26 -50.24 24.37
C LEU S 193 59.89 -51.62 24.16
N LYS S 194 59.72 -52.49 25.15
CA LYS S 194 60.22 -53.84 25.07
C LYS S 194 59.69 -54.52 23.85
N ILE S 195 58.36 -54.67 23.83
CA ILE S 195 57.71 -55.41 22.77
C ILE S 195 57.93 -54.81 21.38
N LEU S 196 58.18 -53.51 21.30
CA LEU S 196 58.50 -52.89 20.02
C LEU S 196 59.90 -53.32 19.56
N LYS S 197 60.85 -53.26 20.49
CA LYS S 197 62.24 -53.63 20.21
C LYS S 197 62.38 -55.06 19.69
N GLN S 198 61.56 -55.97 20.18
CA GLN S 198 61.54 -57.33 19.69
C GLN S 198 61.19 -57.39 18.20
N VAL S 199 60.10 -56.72 17.85
CA VAL S 199 59.44 -56.93 16.56
C VAL S 199 59.82 -55.90 15.49
N MET S 200 60.52 -54.86 15.91
CA MET S 200 61.01 -53.88 14.96
C MET S 200 62.20 -54.42 14.18
N GLU S 201 62.24 -54.15 12.87
CA GLU S 201 63.38 -54.54 12.06
C GLU S 201 64.66 -53.88 12.59
N GLU S 202 64.63 -52.56 12.73
CA GLU S 202 65.77 -51.80 13.21
C GLU S 202 65.96 -51.94 14.71
N LYS S 203 67.04 -51.36 15.23
CA LYS S 203 67.28 -51.38 16.66
C LYS S 203 66.57 -50.18 17.28
N LEU S 204 65.97 -50.39 18.46
CA LEU S 204 65.17 -49.35 19.10
C LEU S 204 65.96 -48.11 19.55
N ASP S 205 65.44 -46.94 19.18
CA ASP S 205 65.96 -45.66 19.66
C ASP S 205 64.92 -44.55 19.44
N GLU S 206 65.04 -43.47 20.21
CA GLU S 206 64.07 -42.37 20.14
C GLU S 206 63.79 -41.86 18.73
N ASN S 207 64.70 -42.12 17.80
CA ASN S 207 64.56 -41.67 16.42
C ASN S 207 63.74 -42.56 15.50
N ASN S 208 63.40 -43.76 15.94
CA ASN S 208 62.65 -44.64 15.04
C ASN S 208 61.46 -45.35 15.68
N ALA S 209 61.19 -44.99 16.92
CA ALA S 209 59.91 -45.30 17.54
C ALA S 209 59.48 -44.09 18.36
N GLN S 210 58.16 -43.94 18.52
CA GLN S 210 57.60 -42.80 19.22
C GLN S 210 56.52 -43.27 20.16
N LEU S 211 56.46 -42.65 21.33
CA LEU S 211 55.58 -43.08 22.40
C LEU S 211 54.60 -41.97 22.74
N SER S 212 53.43 -42.34 23.25
CA SER S 212 52.45 -41.35 23.70
C SER S 212 51.55 -41.94 24.79
N CYS S 213 50.82 -41.08 25.48
CA CYS S 213 49.88 -41.55 26.48
C CYS S 213 48.69 -40.62 26.56
N ILE S 214 47.57 -41.12 27.06
CA ILE S 214 46.43 -40.27 27.38
C ILE S 214 46.06 -40.49 28.85
N THR S 215 46.21 -39.41 29.62
CA THR S 215 45.93 -39.37 31.04
C THR S 215 44.76 -38.41 31.29
N LYS S 216 43.91 -38.75 32.27
CA LYS S 216 42.75 -37.93 32.62
C LYS S 216 43.19 -36.52 32.92
N GLN S 217 44.23 -36.41 33.75
CA GLN S 217 44.82 -35.15 34.14
C GLN S 217 45.21 -34.28 32.94
N ASP S 218 46.10 -34.78 32.10
CA ASP S 218 46.69 -33.92 31.07
C ASP S 218 46.20 -34.20 29.67
N GLY S 219 45.34 -35.20 29.51
CA GLY S 219 44.86 -35.59 28.20
C GLY S 219 45.92 -36.30 27.35
N PHE S 220 45.96 -35.98 26.07
CA PHE S 220 46.77 -36.73 25.14
C PHE S 220 48.11 -36.05 24.80
N LYS S 221 49.21 -36.63 25.27
CA LYS S 221 50.55 -36.13 24.96
C LYS S 221 51.39 -37.16 24.17
N ILE S 222 52.09 -36.67 23.16
CA ILE S 222 53.09 -37.44 22.45
C ILE S 222 54.45 -37.09 23.04
N TYR S 223 55.24 -38.10 23.40
CA TYR S 223 56.54 -37.86 24.05
C TYR S 223 57.57 -37.35 23.05
N ASP S 224 58.48 -36.51 23.52
CA ASP S 224 59.61 -36.09 22.69
C ASP S 224 60.76 -37.10 22.72
N ASN S 225 61.65 -36.98 21.75
CA ASN S 225 62.80 -37.86 21.62
C ASN S 225 63.63 -37.97 22.90
N GLU S 226 63.99 -36.84 23.49
CA GLU S 226 64.73 -36.85 24.75
C GLU S 226 63.97 -37.58 25.86
N LYS S 227 62.65 -37.37 25.89
CA LYS S 227 61.81 -38.04 26.86
C LYS S 227 61.80 -39.54 26.63
N THR S 228 61.63 -39.94 25.37
CA THR S 228 61.60 -41.36 25.01
C THR S 228 62.97 -42.02 25.15
N ALA S 229 64.02 -41.35 24.66
CA ALA S 229 65.38 -41.86 24.74
C ALA S 229 65.71 -42.32 26.16
N GLU S 230 65.27 -41.52 27.13
CA GLU S 230 65.47 -41.81 28.55
C GLU S 230 64.78 -43.09 29.02
N LEU S 231 63.61 -43.38 28.44
CA LEU S 231 62.88 -44.59 28.77
C LEU S 231 63.49 -45.83 28.10
N ILE S 232 64.24 -45.60 27.01
CA ILE S 232 65.00 -46.67 26.36
C ILE S 232 66.09 -47.11 27.33
N LYS S 233 66.87 -46.14 27.79
CA LYS S 233 67.89 -46.34 28.81
C LYS S 233 67.33 -47.02 30.07
N GLU S 234 66.13 -46.62 30.48
CA GLU S 234 65.51 -47.20 31.67
C GLU S 234 65.29 -48.70 31.49
N LEU S 235 64.98 -49.10 30.26
CA LEU S 235 64.67 -50.48 29.95
C LEU S 235 65.96 -51.31 29.74
N LYS S 236 66.97 -50.69 29.15
CA LYS S 236 68.23 -51.36 28.90
C LYS S 236 68.86 -51.87 30.19
N GLU S 237 68.77 -51.03 31.24
CA GLU S 237 69.27 -51.39 32.56
C GLU S 237 68.36 -52.40 33.24
N LYS S 238 67.06 -52.27 33.01
CA LYS S 238 66.08 -53.17 33.59
C LYS S 238 66.33 -54.58 33.08
N GLU S 239 66.71 -54.66 31.80
CA GLU S 239 66.85 -55.92 31.09
C GLU S 239 68.20 -56.63 31.32
N ALA S 240 69.23 -55.88 31.72
CA ALA S 240 70.46 -56.50 32.17
C ALA S 240 70.33 -56.87 33.66
N ALA S 241 69.43 -57.81 33.94
CA ALA S 241 69.20 -58.32 35.30
C ALA S 241 68.43 -59.62 35.24
N GLU S 242 68.91 -60.63 35.98
CA GLU S 242 68.25 -61.92 36.07
C GLU S 242 66.81 -61.79 36.53
N ARG T 2 35.37 -72.69 -9.93
CA ARG T 2 34.93 -73.49 -11.07
C ARG T 2 33.58 -73.03 -11.62
N ASN T 3 32.61 -72.79 -10.71
CA ASN T 3 31.26 -72.35 -11.11
C ASN T 3 31.10 -70.83 -11.35
N ASN T 4 30.38 -70.49 -12.42
CA ASN T 4 30.32 -69.14 -12.99
C ASN T 4 29.08 -68.35 -12.63
N TYR T 5 28.42 -68.70 -11.53
CA TYR T 5 27.12 -68.10 -11.23
C TYR T 5 27.07 -67.42 -9.85
N ASP T 6 28.22 -66.97 -9.37
CA ASP T 6 28.31 -66.48 -7.99
C ASP T 6 29.17 -65.21 -7.85
N GLY T 7 29.27 -64.44 -8.92
CA GLY T 7 30.07 -63.23 -8.90
C GLY T 7 29.28 -62.02 -8.46
N ASP T 8 27.96 -62.18 -8.46
CA ASP T 8 27.05 -61.14 -7.99
C ASP T 8 25.72 -61.75 -7.56
N THR T 9 24.88 -60.93 -6.97
CA THR T 9 23.65 -61.41 -6.36
C THR T 9 22.53 -61.42 -7.38
N VAL T 10 22.84 -60.93 -8.57
CA VAL T 10 21.86 -60.73 -9.62
C VAL T 10 21.71 -61.95 -10.54
N THR T 11 22.47 -63.00 -10.24
CA THR T 11 22.55 -64.16 -11.11
C THR T 11 21.94 -65.46 -10.53
N PHE T 12 20.99 -66.02 -11.26
CA PHE T 12 20.45 -67.33 -10.95
C PHE T 12 21.39 -68.42 -11.49
N SER T 13 21.62 -69.46 -10.70
CA SER T 13 22.31 -70.63 -11.23
C SER T 13 21.29 -71.41 -12.05
N PRO T 14 21.73 -72.41 -12.83
CA PRO T 14 20.76 -73.16 -13.63
C PRO T 14 19.87 -74.06 -12.77
N THR T 15 20.29 -74.29 -11.52
CA THR T 15 19.47 -74.97 -10.52
C THR T 15 18.33 -74.06 -10.01
N GLY T 16 18.58 -72.75 -9.98
CA GLY T 16 17.60 -71.79 -9.51
C GLY T 16 18.02 -71.18 -8.18
N ARG T 17 19.33 -71.24 -7.92
CA ARG T 17 19.87 -70.79 -6.64
C ARG T 17 20.61 -69.44 -6.75
N LEU T 18 20.78 -68.79 -5.60
CA LEU T 18 21.45 -67.50 -5.56
C LEU T 18 22.64 -67.64 -4.64
N PHE T 19 23.81 -67.87 -5.21
CA PHE T 19 24.95 -68.26 -4.38
C PHE T 19 25.39 -67.18 -3.42
N GLN T 20 25.41 -65.92 -3.88
CA GLN T 20 25.77 -64.79 -3.03
C GLN T 20 24.90 -64.73 -1.76
N VAL T 21 23.62 -65.08 -1.88
CA VAL T 21 22.76 -65.14 -0.70
C VAL T 21 23.18 -66.30 0.18
N GLU T 22 23.45 -67.43 -0.47
CA GLU T 22 23.84 -68.65 0.22
C GLU T 22 25.17 -68.49 0.95
N TYR T 23 26.08 -67.72 0.35
CA TYR T 23 27.35 -67.42 0.98
C TYR T 23 27.16 -66.57 2.22
N ALA T 24 26.28 -65.59 2.14
CA ALA T 24 25.98 -64.73 3.29
C ALA T 24 25.38 -65.55 4.43
N LEU T 25 24.44 -66.42 4.08
CA LEU T 25 23.92 -67.43 5.01
C LEU T 25 25.03 -68.10 5.82
N GLU T 26 26.13 -68.41 5.13
CA GLU T 26 27.27 -69.08 5.73
C GLU T 26 28.02 -68.18 6.71
N ALA T 27 28.05 -66.88 6.43
CA ALA T 27 28.68 -65.92 7.35
C ALA T 27 28.05 -65.96 8.74
N ILE T 28 26.75 -66.26 8.77
CA ILE T 28 25.99 -66.34 10.01
C ILE T 28 26.47 -67.51 10.84
N LYS T 29 26.40 -68.71 10.24
CA LYS T 29 26.83 -69.95 10.88
C LYS T 29 28.23 -69.86 11.52
N GLN T 30 29.10 -69.04 10.93
CA GLN T 30 30.38 -68.78 11.53
C GLN T 30 30.24 -67.96 12.82
N GLY T 31 29.29 -67.03 12.81
CA GLY T 31 29.04 -66.16 13.95
C GLY T 31 28.55 -66.91 15.18
N SER T 32 28.95 -66.43 16.36
CA SER T 32 28.68 -67.13 17.61
C SER T 32 27.20 -67.32 17.90
N VAL T 33 26.87 -68.44 18.54
CA VAL T 33 25.48 -68.81 18.79
C VAL T 33 24.71 -67.83 19.66
N THR T 34 23.41 -67.75 19.39
CA THR T 34 22.49 -67.03 20.21
C THR T 34 21.13 -67.73 20.16
N VAL T 35 20.40 -67.68 21.28
CA VAL T 35 19.13 -68.41 21.42
C VAL T 35 17.97 -67.48 21.78
N GLY T 36 16.81 -67.72 21.16
CA GLY T 36 15.58 -67.07 21.55
C GLY T 36 14.47 -68.05 21.86
N LEU T 37 13.65 -67.71 22.85
CA LEU T 37 12.45 -68.46 23.22
C LEU T 37 11.43 -67.55 23.92
N ARG T 38 10.18 -68.02 24.02
CA ARG T 38 9.11 -67.22 24.62
C ARG T 38 8.04 -68.05 25.34
N SER T 39 7.47 -67.48 26.40
CA SER T 39 6.27 -68.05 27.00
C SER T 39 4.98 -67.39 26.44
N ASN T 40 4.14 -66.87 27.33
CA ASN T 40 3.03 -66.03 26.90
C ASN T 40 3.10 -64.67 27.55
N THR T 41 3.91 -64.56 28.59
CA THR T 41 4.10 -63.30 29.28
C THR T 41 5.46 -62.69 29.02
N HIS T 42 6.40 -63.49 28.52
CA HIS T 42 7.75 -62.98 28.26
C HIS T 42 8.41 -63.55 27.00
N ALA T 43 9.53 -62.94 26.62
CA ALA T 43 10.37 -63.43 25.54
C ALA T 43 11.83 -63.13 25.86
N VAL T 44 12.66 -64.17 25.87
CA VAL T 44 14.05 -64.01 26.24
C VAL T 44 14.99 -64.17 25.05
N LEU T 45 16.01 -63.35 25.01
CA LEU T 45 17.16 -63.57 24.17
C LEU T 45 18.32 -63.94 25.08
N VAL T 46 19.10 -64.94 24.68
CA VAL T 46 20.37 -65.22 25.33
C VAL T 46 21.43 -65.39 24.25
N ALA T 47 22.53 -64.65 24.40
CA ALA T 47 23.57 -64.68 23.38
C ALA T 47 24.94 -64.95 23.97
N LEU T 48 25.70 -65.80 23.28
CA LEU T 48 27.09 -66.04 23.63
C LEU T 48 28.00 -65.09 22.84
N LYS T 49 28.47 -64.02 23.49
CA LYS T 49 29.38 -63.09 22.85
C LYS T 49 30.76 -63.74 22.78
N ARG T 50 31.38 -63.71 21.60
CA ARG T 50 32.71 -64.28 21.44
C ARG T 50 33.80 -63.21 21.46
N ASN T 51 34.87 -63.48 22.20
CA ASN T 51 36.04 -62.61 22.18
C ASN T 51 37.07 -62.98 21.09
N ALA T 52 38.17 -62.25 21.09
CA ALA T 52 39.26 -62.49 20.14
C ALA T 52 40.50 -62.94 20.92
N ASP T 53 40.72 -62.27 22.05
CA ASP T 53 41.84 -62.52 22.94
C ASP T 53 41.28 -62.57 24.34
N GLU T 54 42.10 -63.03 25.28
CA GLU T 54 41.75 -62.90 26.69
C GLU T 54 42.15 -61.47 27.07
N LEU T 55 42.79 -60.81 26.11
CA LEU T 55 43.09 -59.40 26.19
C LEU T 55 41.91 -58.55 25.65
N SER T 56 40.95 -59.18 24.98
CA SER T 56 39.87 -58.44 24.31
C SER T 56 38.53 -58.38 25.09
N SER T 57 37.49 -57.91 24.40
CA SER T 57 36.16 -57.80 24.98
C SER T 57 35.29 -58.76 24.19
N TYR T 58 34.05 -58.96 24.66
CA TYR T 58 33.12 -59.85 23.98
C TYR T 58 32.06 -59.04 23.21
N GLN T 59 31.98 -59.31 21.90
CA GLN T 59 31.09 -58.57 21.00
C GLN T 59 29.64 -58.55 21.44
N LYS T 60 29.10 -57.35 21.69
CA LYS T 60 27.70 -57.22 22.08
C LYS T 60 26.80 -57.84 21.02
N LYS T 61 25.98 -58.81 21.41
CA LYS T 61 25.12 -59.45 20.42
C LYS T 61 23.64 -59.06 20.58
N ILE T 62 23.35 -58.26 21.60
CA ILE T 62 21.98 -57.80 21.85
C ILE T 62 21.74 -56.30 21.56
N ILE T 63 20.80 -56.01 20.66
CA ILE T 63 20.48 -54.61 20.33
C ILE T 63 19.00 -54.25 20.61
N LYS T 64 18.80 -53.18 21.37
CA LYS T 64 17.46 -52.70 21.73
C LYS T 64 16.84 -51.83 20.64
N CYS T 65 15.64 -52.18 20.17
CA CYS T 65 15.03 -51.49 19.04
C CYS T 65 13.96 -50.47 19.41
N ASP T 66 13.18 -50.78 20.45
CA ASP T 66 12.31 -49.80 21.09
C ASP T 66 12.22 -50.24 22.56
N GLU T 67 11.18 -49.80 23.26
CA GLU T 67 11.02 -50.16 24.65
C GLU T 67 10.34 -51.50 24.76
N HIS T 68 9.76 -51.97 23.65
CA HIS T 68 9.05 -53.24 23.66
C HIS T 68 9.64 -54.27 22.69
N MET T 69 10.84 -53.99 22.19
CA MET T 69 11.39 -54.78 21.11
C MET T 69 12.91 -54.63 20.98
N GLY T 70 13.56 -55.76 20.72
CA GLY T 70 14.99 -55.78 20.48
C GLY T 70 15.40 -57.07 19.82
N LEU T 71 16.69 -57.20 19.52
CA LEU T 71 17.15 -58.32 18.72
C LEU T 71 18.54 -58.82 19.11
N SER T 72 18.81 -60.06 18.70
CA SER T 72 20.13 -60.66 18.83
C SER T 72 20.75 -60.87 17.46
N LEU T 73 22.06 -60.70 17.36
CA LEU T 73 22.72 -60.85 16.08
C LEU T 73 23.73 -62.01 16.05
N ALA T 74 23.67 -62.80 14.98
CA ALA T 74 24.71 -63.77 14.69
C ALA T 74 25.21 -63.53 13.28
N GLY T 75 26.45 -63.07 13.15
CA GLY T 75 27.03 -62.91 11.84
C GLY T 75 27.89 -61.68 11.70
N LEU T 76 27.79 -61.04 10.54
CA LEU T 76 28.54 -59.82 10.27
C LEU T 76 27.92 -58.63 11.03
N ALA T 77 28.65 -58.09 11.99
CA ALA T 77 28.09 -57.12 12.94
C ALA T 77 27.60 -55.80 12.35
N PRO T 78 28.46 -55.09 11.59
CA PRO T 78 28.01 -53.81 11.01
C PRO T 78 26.66 -53.92 10.27
N ASP T 79 26.30 -55.11 9.81
CA ASP T 79 25.03 -55.27 9.13
C ASP T 79 23.86 -55.36 10.10
N ALA T 80 24.15 -55.70 11.35
CA ALA T 80 23.11 -55.71 12.38
C ALA T 80 22.93 -54.30 12.87
N ARG T 81 23.98 -53.49 12.76
CA ARG T 81 23.90 -52.09 13.11
C ARG T 81 22.90 -51.41 12.15
N VAL T 82 23.24 -51.41 10.87
CA VAL T 82 22.36 -50.91 9.82
C VAL T 82 20.92 -51.39 9.96
N LEU T 83 20.74 -52.69 10.10
CA LEU T 83 19.42 -53.32 10.16
C LEU T 83 18.64 -52.94 11.43
N SER T 84 19.32 -52.97 12.58
CA SER T 84 18.70 -52.61 13.85
C SER T 84 18.38 -51.11 13.86
N ASN T 85 19.30 -50.30 13.36
CA ASN T 85 19.09 -48.87 13.30
C ASN T 85 17.90 -48.51 12.43
N TYR T 86 17.77 -49.21 11.31
CA TYR T 86 16.61 -49.03 10.46
C TYR T 86 15.34 -49.50 11.17
N LEU T 87 15.50 -50.40 12.14
CA LEU T 87 14.33 -50.88 12.89
C LEU T 87 13.94 -49.88 13.97
N ARG T 88 14.94 -49.21 14.54
CA ARG T 88 14.70 -48.17 15.51
C ARG T 88 13.89 -47.06 14.85
N GLN T 89 14.23 -46.76 13.60
CA GLN T 89 13.49 -45.81 12.80
C GLN T 89 12.02 -46.16 12.57
N GLN T 90 11.73 -47.37 12.09
CA GLN T 90 10.32 -47.69 11.82
C GLN T 90 9.50 -47.81 13.11
N CYS T 91 10.15 -48.25 14.18
CA CYS T 91 9.56 -48.28 15.51
C CYS T 91 9.21 -46.87 15.96
N ASN T 92 10.11 -45.94 15.64
CA ASN T 92 9.99 -44.54 16.02
C ASN T 92 8.88 -43.87 15.22
N TYR T 93 8.96 -43.98 13.91
CA TYR T 93 7.92 -43.51 13.01
C TYR T 93 6.54 -43.96 13.49
N SER T 94 6.44 -45.23 13.86
CA SER T 94 5.17 -45.76 14.33
C SER T 94 4.64 -44.96 15.52
N SER T 95 5.52 -44.63 16.45
CA SER T 95 5.16 -43.96 17.70
C SER T 95 4.92 -42.46 17.53
N LEU T 96 5.80 -41.81 16.77
CA LEU T 96 5.66 -40.40 16.48
C LEU T 96 4.39 -40.13 15.66
N VAL T 97 4.24 -40.80 14.53
CA VAL T 97 3.12 -40.50 13.64
C VAL T 97 1.78 -41.11 14.08
N PHE T 98 1.79 -42.25 14.76
CA PHE T 98 0.53 -42.93 15.07
C PHE T 98 0.26 -43.17 16.54
N ASN T 99 1.23 -42.86 17.39
CA ASN T 99 1.10 -43.15 18.81
C ASN T 99 0.82 -44.64 19.03
N ARG T 100 1.38 -45.46 18.15
CA ARG T 100 1.11 -46.88 18.06
C ARG T 100 2.41 -47.63 18.14
N LYS T 101 2.58 -48.46 19.17
CA LYS T 101 3.76 -49.33 19.23
C LYS T 101 3.73 -50.29 18.04
N LEU T 102 4.86 -50.36 17.34
CA LEU T 102 4.97 -51.17 16.13
C LEU T 102 4.85 -52.67 16.41
N ALA T 103 3.96 -53.32 15.65
CA ALA T 103 3.75 -54.77 15.76
C ALA T 103 5.03 -55.55 15.41
N VAL T 104 5.35 -56.56 16.22
CA VAL T 104 6.56 -57.34 16.03
C VAL T 104 6.52 -58.02 14.67
N GLU T 105 5.34 -58.48 14.28
CA GLU T 105 5.16 -59.00 12.94
C GLU T 105 5.59 -57.96 11.92
N ARG T 106 5.09 -56.75 12.11
CA ARG T 106 5.30 -55.66 11.16
C ARG T 106 6.78 -55.37 10.96
N ALA T 107 7.55 -55.32 12.06
CA ALA T 107 8.98 -55.12 11.94
C ALA T 107 9.62 -56.26 11.12
N GLY T 108 9.09 -57.46 11.27
CA GLY T 108 9.57 -58.60 10.52
C GLY T 108 9.43 -58.41 9.03
N HIS T 109 8.26 -57.94 8.58
CA HIS T 109 8.03 -57.69 7.18
C HIS T 109 8.95 -56.60 6.64
N LEU T 110 9.25 -55.62 7.50
CA LEU T 110 10.06 -54.50 7.08
C LEU T 110 11.45 -54.97 6.79
N LEU T 111 11.99 -55.78 7.70
CA LEU T 111 13.30 -56.41 7.52
C LEU T 111 13.37 -57.27 6.26
N CYS T 112 12.35 -58.06 6.02
CA CYS T 112 12.32 -58.89 4.84
C CYS T 112 12.42 -58.06 3.57
N ASP T 113 11.58 -57.03 3.45
CA ASP T 113 11.58 -56.20 2.25
C ASP T 113 12.87 -55.39 2.11
N LYS T 114 13.45 -55.05 3.26
CA LYS T 114 14.72 -54.36 3.29
C LYS T 114 15.80 -55.28 2.71
N ALA T 115 15.83 -56.52 3.18
CA ALA T 115 16.85 -57.49 2.77
C ALA T 115 16.69 -57.95 1.31
N GLN T 116 15.44 -58.13 0.88
CA GLN T 116 15.12 -58.54 -0.49
C GLN T 116 15.71 -57.62 -1.51
N LYS T 117 15.62 -56.31 -1.25
CA LYS T 117 16.05 -55.29 -2.21
C LYS T 117 17.51 -55.49 -2.56
N ASN T 118 18.29 -55.90 -1.57
CA ASN T 118 19.71 -56.16 -1.71
C ASN T 118 20.03 -57.50 -2.38
N THR T 119 19.02 -58.20 -2.89
CA THR T 119 19.25 -59.51 -3.51
C THR T 119 18.74 -59.57 -4.95
N GLN T 120 18.24 -58.44 -5.45
CA GLN T 120 17.68 -58.39 -6.79
C GLN T 120 18.36 -57.31 -7.63
N SER T 121 19.18 -56.49 -6.97
CA SER T 121 19.76 -55.31 -7.60
C SER T 121 21.27 -55.45 -7.66
N TYR T 122 21.82 -55.10 -8.81
CA TYR T 122 23.25 -55.20 -9.09
C TYR T 122 24.06 -54.20 -8.29
N GLY T 123 25.27 -54.60 -7.92
CA GLY T 123 26.17 -53.70 -7.22
C GLY T 123 25.97 -53.80 -5.72
N GLY T 124 24.86 -54.40 -5.30
CA GLY T 124 24.60 -54.59 -3.89
C GLY T 124 25.17 -55.91 -3.42
N ARG T 125 25.20 -56.11 -2.11
CA ARG T 125 25.48 -57.41 -1.53
C ARG T 125 24.36 -57.72 -0.56
N PRO T 126 24.06 -59.02 -0.36
CA PRO T 126 23.05 -59.31 0.66
C PRO T 126 23.59 -59.01 2.05
N TYR T 127 22.71 -58.96 3.04
CA TYR T 127 23.16 -58.73 4.41
C TYR T 127 23.80 -60.01 4.92
N GLY T 128 24.92 -59.89 5.61
CA GLY T 128 25.61 -61.07 6.09
C GLY T 128 25.36 -61.31 7.57
N VAL T 129 24.11 -61.15 8.00
CA VAL T 129 23.82 -61.26 9.42
C VAL T 129 22.48 -61.96 9.66
N GLY T 130 22.42 -62.72 10.74
CA GLY T 130 21.19 -63.37 11.14
C GLY T 130 20.66 -62.63 12.35
N LEU T 131 19.34 -62.48 12.44
CA LEU T 131 18.76 -61.80 13.59
C LEU T 131 17.59 -62.59 14.16
N LEU T 132 17.54 -62.63 15.49
CA LEU T 132 16.37 -63.11 16.21
C LEU T 132 15.75 -61.92 16.93
N ILE T 133 14.45 -61.74 16.75
CA ILE T 133 13.78 -60.58 17.32
C ILE T 133 12.72 -60.98 18.32
N ILE T 134 12.81 -60.43 19.52
CA ILE T 134 11.74 -60.61 20.49
C ILE T 134 11.01 -59.31 20.77
N GLY T 135 9.77 -59.44 21.22
CA GLY T 135 8.98 -58.29 21.61
C GLY T 135 7.64 -58.63 22.20
N TYR T 136 7.12 -57.73 23.02
CA TYR T 136 5.78 -57.86 23.54
C TYR T 136 4.90 -56.75 22.96
N ASP T 137 3.95 -57.12 22.11
CA ASP T 137 3.03 -56.11 21.57
C ASP T 137 1.58 -56.40 21.97
N LYS T 138 0.62 -55.91 21.19
CA LYS T 138 -0.78 -56.06 21.57
C LYS T 138 -1.29 -57.51 21.50
N SER T 139 -0.49 -58.41 20.92
CA SER T 139 -0.91 -59.81 20.83
C SER T 139 0.04 -60.75 21.57
N GLY T 140 0.67 -60.23 22.61
CA GLY T 140 1.46 -61.04 23.50
C GLY T 140 2.94 -61.03 23.21
N ALA T 141 3.64 -62.09 23.65
CA ALA T 141 5.07 -62.21 23.42
C ALA T 141 5.31 -62.73 22.01
N HIS T 142 6.48 -62.41 21.46
CA HIS T 142 6.81 -62.77 20.08
C HIS T 142 8.31 -63.06 19.89
N LEU T 143 8.59 -64.09 19.09
CA LEU T 143 9.95 -64.38 18.64
C LEU T 143 9.99 -64.60 17.12
N LEU T 144 10.95 -63.95 16.47
CA LEU T 144 11.07 -63.96 15.02
C LEU T 144 12.48 -64.37 14.62
N GLU T 145 12.60 -65.13 13.54
CA GLU T 145 13.92 -65.48 13.01
C GLU T 145 14.13 -64.83 11.66
N PHE T 146 15.11 -63.95 11.56
CA PHE T 146 15.38 -63.26 10.31
C PHE T 146 16.59 -63.80 9.54
N GLN T 147 16.38 -64.23 8.30
CA GLN T 147 17.47 -64.61 7.39
C GLN T 147 17.66 -63.63 6.22
N PRO T 148 18.92 -63.26 5.94
CA PRO T 148 19.39 -62.37 4.85
C PRO T 148 18.87 -62.67 3.47
N SER T 149 18.17 -63.79 3.31
CA SER T 149 17.49 -64.06 2.07
C SER T 149 16.23 -63.23 2.10
N GLY T 150 15.87 -62.81 3.30
CA GLY T 150 14.64 -62.08 3.53
C GLY T 150 13.55 -63.00 4.03
N ASN T 151 13.95 -64.11 4.64
CA ASN T 151 12.97 -65.02 5.23
C ASN T 151 12.85 -64.83 6.72
N VAL T 152 11.64 -64.49 7.15
CA VAL T 152 11.36 -64.26 8.56
C VAL T 152 10.26 -65.21 9.03
N THR T 153 10.50 -65.88 10.16
CA THR T 153 9.49 -66.78 10.69
C THR T 153 9.23 -66.52 12.15
N GLU T 154 7.98 -66.67 12.56
CA GLU T 154 7.62 -66.57 13.96
C GLU T 154 7.69 -67.98 14.54
N LEU T 155 8.32 -68.10 15.72
CA LEU T 155 8.55 -69.40 16.34
C LEU T 155 8.51 -69.25 17.86
N TYR T 156 8.14 -70.31 18.57
CA TYR T 156 8.16 -70.29 20.05
C TYR T 156 9.58 -70.18 20.58
N GLY T 157 10.52 -70.71 19.81
CA GLY T 157 11.92 -70.68 20.16
C GLY T 157 12.81 -70.99 18.97
N THR T 158 14.10 -70.67 19.09
CA THR T 158 15.10 -71.06 18.09
C THR T 158 16.51 -70.61 18.47
N ALA T 159 17.45 -70.93 17.58
CA ALA T 159 18.85 -70.52 17.74
C ALA T 159 19.50 -70.37 16.36
N ILE T 160 20.53 -69.51 16.30
CA ILE T 160 21.29 -69.30 15.08
C ILE T 160 22.77 -69.19 15.42
N GLY T 161 23.61 -69.59 14.46
CA GLY T 161 25.06 -69.53 14.59
C GLY T 161 25.83 -70.85 14.70
N ALA T 162 27.03 -70.74 15.24
CA ALA T 162 27.95 -71.86 15.42
C ALA T 162 27.34 -72.91 16.35
N ARG T 163 27.29 -74.15 15.86
CA ARG T 163 26.62 -75.28 16.53
C ARG T 163 25.22 -74.94 17.06
N SER T 164 24.53 -74.07 16.34
CA SER T 164 23.17 -73.65 16.67
C SER T 164 22.23 -74.84 16.88
N GLN T 165 22.56 -75.98 16.26
CA GLN T 165 21.65 -77.13 16.19
C GLN T 165 21.46 -77.86 17.54
N GLY T 166 22.43 -77.74 18.44
CA GLY T 166 22.29 -78.30 19.77
C GLY T 166 21.15 -77.68 20.55
N ALA T 167 21.18 -76.35 20.62
CA ALA T 167 20.16 -75.56 21.32
C ALA T 167 18.80 -75.76 20.69
N LYS T 168 18.80 -75.70 19.37
CA LYS T 168 17.59 -75.79 18.58
C LYS T 168 16.87 -77.12 18.82
N THR T 169 17.66 -78.20 18.92
CA THR T 169 17.11 -79.52 19.21
C THR T 169 16.54 -79.58 20.63
N TYR T 170 17.29 -79.08 21.60
CA TYR T 170 16.81 -78.94 22.97
C TYR T 170 15.43 -78.30 22.95
N LEU T 171 15.36 -77.09 22.40
CA LEU T 171 14.12 -76.33 22.33
C LEU T 171 12.94 -77.12 21.74
N GLU T 172 13.21 -77.93 20.72
CA GLU T 172 12.14 -78.67 20.02
C GLU T 172 11.43 -79.68 20.92
N ARG T 173 12.09 -80.08 22.00
CA ARG T 173 11.58 -81.14 22.86
C ARG T 173 10.98 -80.57 24.14
N THR T 174 11.59 -79.49 24.64
CA THR T 174 11.10 -78.81 25.85
C THR T 174 10.05 -77.73 25.58
N LEU T 175 9.56 -77.69 24.34
CA LEU T 175 8.57 -76.70 23.89
C LEU T 175 7.28 -76.72 24.71
N ASP T 176 6.77 -77.92 25.01
CA ASP T 176 5.56 -78.06 25.82
C ASP T 176 5.80 -77.48 27.22
N THR T 177 7.07 -77.29 27.57
CA THR T 177 7.44 -76.85 28.92
C THR T 177 7.85 -75.38 29.08
N PHE T 178 8.53 -74.79 28.09
CA PHE T 178 8.91 -73.37 28.20
C PHE T 178 7.79 -72.39 27.83
N ILE T 179 6.80 -72.87 27.07
CA ILE T 179 5.72 -71.99 26.66
C ILE T 179 4.72 -71.86 27.79
N LYS T 180 4.78 -72.81 28.71
CA LYS T 180 3.84 -72.83 29.82
C LYS T 180 4.45 -72.17 31.05
N ILE T 181 5.61 -71.54 30.88
CA ILE T 181 6.18 -70.81 32.01
C ILE T 181 5.89 -69.29 31.97
N ASP T 182 4.65 -68.98 32.30
CA ASP T 182 4.11 -67.63 32.28
C ASP T 182 4.25 -66.98 33.65
N GLY T 183 4.62 -65.71 33.68
CA GLY T 183 4.68 -64.98 34.94
C GLY T 183 5.90 -65.29 35.80
N ASN T 184 6.87 -65.98 35.20
CA ASN T 184 8.11 -66.29 35.91
C ASN T 184 9.31 -66.18 34.96
N PRO T 185 9.84 -64.96 34.83
CA PRO T 185 10.90 -64.68 33.87
C PRO T 185 12.28 -65.24 34.26
N ASP T 186 12.61 -65.25 35.56
CA ASP T 186 13.92 -65.74 36.00
C ASP T 186 14.11 -67.19 35.61
N GLU T 187 13.00 -67.90 35.49
CA GLU T 187 13.05 -69.29 35.09
C GLU T 187 13.01 -69.43 33.56
N LEU T 188 12.41 -68.46 32.86
CA LEU T 188 12.40 -68.48 31.39
C LEU T 188 13.78 -68.16 30.88
N ILE T 189 14.58 -67.54 31.75
CA ILE T 189 15.97 -67.29 31.47
C ILE T 189 16.80 -68.55 31.68
N LYS T 190 16.58 -69.24 32.80
CA LYS T 190 17.30 -70.48 33.06
C LYS T 190 17.04 -71.48 31.91
N ALA T 191 15.80 -71.55 31.44
CA ALA T 191 15.42 -72.43 30.32
C ALA T 191 16.12 -72.00 29.04
N GLY T 192 16.34 -70.70 28.90
CA GLY T 192 17.04 -70.17 27.73
C GLY T 192 18.52 -70.46 27.84
N VAL T 193 19.06 -70.32 29.04
CA VAL T 193 20.47 -70.58 29.28
C VAL T 193 20.76 -72.08 29.13
N GLU T 194 19.82 -72.93 29.53
CA GLU T 194 20.00 -74.37 29.41
C GLU T 194 20.06 -74.80 27.94
N ALA T 195 19.21 -74.21 27.11
CA ALA T 195 19.23 -74.50 25.68
C ALA T 195 20.54 -74.05 25.03
N ILE T 196 21.06 -72.92 25.45
CA ILE T 196 22.31 -72.40 24.88
C ILE T 196 23.55 -73.23 25.30
N SER T 197 23.40 -74.06 26.33
CA SER T 197 24.51 -74.89 26.80
C SER T 197 24.64 -76.16 25.97
N GLN T 198 23.68 -76.38 25.08
CA GLN T 198 23.70 -77.52 24.15
C GLN T 198 24.52 -77.21 22.90
N SER T 199 25.16 -76.04 22.88
CA SER T 199 25.90 -75.59 21.70
C SER T 199 27.32 -75.17 22.06
N LEU T 200 27.71 -75.46 23.29
CA LEU T 200 29.07 -75.17 23.77
C LEU T 200 30.05 -76.31 23.45
N ARG T 201 31.07 -76.01 22.67
CA ARG T 201 32.07 -77.00 22.26
C ARG T 201 33.43 -76.37 22.00
N ASP T 202 34.25 -76.22 23.04
CA ASP T 202 33.88 -76.59 24.40
C ASP T 202 34.37 -75.52 25.37
N GLU T 203 33.45 -74.77 25.94
CA GLU T 203 33.77 -73.68 26.83
C GLU T 203 32.66 -73.56 27.86
N SER T 204 32.98 -72.93 29.00
CA SER T 204 31.97 -72.65 30.02
C SER T 204 31.47 -71.22 29.85
N LEU T 205 30.18 -70.98 30.10
CA LEU T 205 29.62 -69.64 30.05
C LEU T 205 30.14 -68.81 31.23
N THR T 206 30.94 -67.80 30.93
CA THR T 206 31.48 -66.88 31.93
C THR T 206 30.43 -65.80 32.18
N VAL T 207 30.76 -64.79 33.00
CA VAL T 207 29.89 -63.62 33.14
C VAL T 207 30.16 -62.67 31.98
N ASP T 208 31.33 -62.85 31.37
CA ASP T 208 31.79 -61.91 30.36
C ASP T 208 31.23 -62.22 28.98
N ASN T 209 30.92 -63.49 28.75
CA ASN T 209 30.38 -63.91 27.45
C ASN T 209 28.86 -64.10 27.46
N LEU T 210 28.26 -64.02 28.64
CA LEU T 210 26.81 -64.22 28.74
C LEU T 210 26.04 -62.90 28.60
N SER T 211 24.99 -62.96 27.78
CA SER T 211 24.14 -61.81 27.48
C SER T 211 22.69 -62.25 27.36
N ILE T 212 21.88 -61.83 28.34
CA ILE T 212 20.45 -62.10 28.31
C ILE T 212 19.69 -60.80 28.07
N ALA T 213 18.58 -60.92 27.35
CA ALA T 213 17.65 -59.83 27.14
C ALA T 213 16.25 -60.35 27.43
N ILE T 214 15.47 -59.54 28.14
CA ILE T 214 14.11 -59.92 28.48
C ILE T 214 13.11 -58.80 28.08
N VAL T 215 11.91 -59.18 27.65
CA VAL T 215 10.81 -58.25 27.39
C VAL T 215 9.46 -58.93 27.58
N GLY T 216 8.54 -58.27 28.28
CA GLY T 216 7.25 -58.88 28.49
C GLY T 216 6.13 -57.98 29.00
N LYS T 217 5.06 -58.62 29.46
CA LYS T 217 3.87 -57.94 29.95
C LYS T 217 4.17 -56.91 31.05
N ASP T 218 5.12 -57.21 31.92
CA ASP T 218 5.42 -56.26 32.97
C ASP T 218 6.82 -55.69 32.86
N THR T 219 7.43 -55.87 31.70
CA THR T 219 8.83 -55.52 31.55
C THR T 219 9.15 -54.94 30.19
N PRO T 220 9.83 -53.78 30.18
CA PRO T 220 10.35 -53.23 28.93
C PRO T 220 11.64 -53.94 28.54
N PHE T 221 11.96 -53.96 27.25
CA PHE T 221 13.16 -54.63 26.73
C PHE T 221 14.38 -54.16 27.52
N THR T 222 15.01 -55.09 28.23
CA THR T 222 16.14 -54.77 29.09
C THR T 222 17.25 -55.81 28.95
N ILE T 223 18.48 -55.31 28.86
CA ILE T 223 19.64 -56.12 28.52
C ILE T 223 20.51 -56.34 29.74
N TYR T 224 20.70 -57.59 30.10
CA TYR T 224 21.52 -57.93 31.27
C TYR T 224 22.89 -58.46 30.90
N ASP T 225 23.90 -57.89 31.55
CA ASP T 225 25.30 -58.12 31.25
C ASP T 225 26.15 -58.07 32.50
N GLY T 226 27.23 -58.84 32.50
CA GLY T 226 28.19 -58.83 33.59
C GLY T 226 27.62 -59.40 34.87
N GLU T 227 27.80 -58.67 35.97
CA GLU T 227 27.32 -59.12 37.26
C GLU T 227 25.85 -59.53 37.24
N ALA T 228 25.06 -58.82 36.44
CA ALA T 228 23.62 -59.04 36.42
C ALA T 228 23.26 -60.45 35.96
N VAL T 229 24.18 -61.12 35.28
CA VAL T 229 23.93 -62.48 34.80
C VAL T 229 24.56 -63.58 35.65
N ALA T 230 25.40 -63.20 36.63
CA ALA T 230 26.05 -64.18 37.51
C ALA T 230 25.02 -65.12 38.13
N LYS T 231 23.85 -64.57 38.43
CA LYS T 231 22.71 -65.29 38.98
C LYS T 231 22.33 -66.59 38.23
N TYR T 232 22.61 -66.65 36.93
CA TYR T 232 22.25 -67.82 36.13
C TYR T 232 23.46 -68.69 35.73
N ILE T 233 24.49 -68.66 36.57
CA ILE T 233 25.68 -69.47 36.35
C ILE T 233 25.96 -70.40 37.55
N GLY U 1 28.54 -69.60 -29.64
CA GLY U 1 29.32 -69.90 -28.45
C GLY U 1 28.46 -70.30 -27.25
N THR U 2 28.88 -69.90 -26.05
CA THR U 2 28.06 -70.04 -24.83
C THR U 2 28.15 -68.81 -23.93
N GLY U 3 27.64 -68.95 -22.70
CA GLY U 3 27.64 -67.84 -21.76
C GLY U 3 26.42 -66.93 -21.85
N TYR U 4 25.46 -67.31 -22.68
CA TYR U 4 24.21 -66.56 -22.86
C TYR U 4 23.34 -66.66 -21.62
N ASP U 5 23.70 -67.56 -20.70
CA ASP U 5 22.90 -67.79 -19.51
C ASP U 5 23.47 -67.06 -18.29
N LEU U 6 24.34 -66.09 -18.53
CA LEU U 6 25.03 -65.43 -17.43
C LEU U 6 24.50 -64.03 -17.08
N SER U 7 23.92 -63.35 -18.08
CA SER U 7 23.34 -62.03 -17.90
C SER U 7 21.83 -62.10 -18.06
N ASN U 8 21.12 -61.24 -17.34
CA ASN U 8 19.66 -61.31 -17.27
C ASN U 8 18.97 -60.80 -18.54
N SER U 9 19.72 -60.23 -19.45
CA SER U 9 19.00 -59.68 -20.59
C SER U 9 19.24 -60.37 -21.94
N VAL U 10 20.28 -61.21 -22.00
CA VAL U 10 20.77 -61.81 -23.25
C VAL U 10 19.84 -62.82 -23.94
N PHE U 11 19.53 -62.59 -25.22
CA PHE U 11 18.90 -63.64 -26.03
C PHE U 11 19.95 -64.66 -26.40
N SER U 12 19.66 -65.93 -26.10
CA SER U 12 20.46 -67.06 -26.57
C SER U 12 20.10 -67.34 -28.03
N PRO U 13 20.97 -68.05 -28.79
CA PRO U 13 20.75 -68.15 -30.24
C PRO U 13 19.48 -68.89 -30.67
N ASP U 14 18.78 -69.48 -29.72
CA ASP U 14 17.41 -69.94 -29.98
C ASP U 14 16.44 -69.04 -29.20
N GLY U 15 16.53 -67.74 -29.45
CA GLY U 15 15.58 -66.75 -28.96
C GLY U 15 15.11 -66.88 -27.52
N ARG U 16 15.97 -67.40 -26.65
CA ARG U 16 15.60 -67.63 -25.27
C ARG U 16 16.38 -66.78 -24.28
N ASN U 17 15.84 -66.70 -23.07
CA ASN U 17 16.41 -65.89 -22.03
C ASN U 17 16.61 -66.78 -20.82
N PHE U 18 17.80 -67.34 -20.69
CA PHE U 18 18.00 -68.45 -19.75
C PHE U 18 17.79 -68.05 -18.28
N GLN U 19 18.15 -66.82 -17.96
CA GLN U 19 18.01 -66.34 -16.59
C GLN U 19 16.55 -66.37 -16.12
N VAL U 20 15.62 -66.14 -17.05
CA VAL U 20 14.22 -66.28 -16.71
C VAL U 20 13.87 -67.73 -16.41
N GLU U 21 14.39 -68.64 -17.25
CA GLU U 21 14.15 -70.07 -17.07
C GLU U 21 14.78 -70.66 -15.81
N TYR U 22 15.96 -70.15 -15.43
CA TYR U 22 16.56 -70.54 -14.16
C TYR U 22 15.72 -70.00 -13.02
N ALA U 23 15.01 -68.90 -13.27
CA ALA U 23 14.18 -68.30 -12.24
C ALA U 23 13.01 -69.23 -12.03
N VAL U 24 12.43 -69.66 -13.14
CA VAL U 24 11.35 -70.65 -13.13
C VAL U 24 11.73 -71.88 -12.27
N LYS U 25 13.01 -72.23 -12.25
CA LYS U 25 13.44 -73.34 -11.40
C LYS U 25 13.27 -73.01 -9.92
N ALA U 26 13.52 -71.76 -9.55
CA ALA U 26 13.33 -71.31 -8.17
C ALA U 26 11.87 -71.47 -7.78
N VAL U 27 11.00 -71.16 -8.73
CA VAL U 27 9.56 -71.32 -8.59
C VAL U 27 9.21 -72.77 -8.34
N GLU U 28 9.74 -73.64 -9.21
CA GLU U 28 9.43 -75.08 -9.21
C GLU U 28 9.91 -75.75 -7.94
N ASN U 29 11.00 -75.23 -7.39
CA ASN U 29 11.53 -75.73 -6.14
C ASN U 29 10.68 -75.33 -4.94
N GLY U 30 9.58 -74.63 -5.19
CA GLY U 30 8.78 -74.11 -4.08
C GLY U 30 7.48 -74.81 -3.78
N THR U 31 6.98 -74.52 -2.57
CA THR U 31 5.65 -74.90 -2.08
C THR U 31 4.53 -74.83 -3.14
N THR U 32 3.55 -75.73 -3.04
CA THR U 32 2.42 -75.72 -3.96
C THR U 32 1.43 -74.59 -3.62
N SER U 33 0.84 -74.01 -4.66
CA SER U 33 -0.15 -72.98 -4.44
C SER U 33 -1.12 -72.98 -5.62
N ILE U 34 -2.40 -72.75 -5.33
CA ILE U 34 -3.41 -72.87 -6.37
C ILE U 34 -4.47 -71.78 -6.34
N GLY U 35 -5.20 -71.70 -7.45
CA GLY U 35 -6.33 -70.81 -7.57
C GLY U 35 -7.48 -71.51 -8.26
N ILE U 36 -8.70 -71.20 -7.80
CA ILE U 36 -9.91 -71.79 -8.35
C ILE U 36 -10.96 -70.72 -8.56
N LYS U 37 -11.19 -70.37 -9.82
CA LYS U 37 -12.25 -69.42 -10.17
C LYS U 37 -13.58 -70.12 -10.00
N CYS U 38 -14.33 -69.73 -8.97
CA CYS U 38 -15.65 -70.30 -8.76
C CYS U 38 -16.67 -69.48 -9.55
N ASN U 39 -17.96 -69.74 -9.33
CA ASN U 39 -18.98 -69.13 -10.19
C ASN U 39 -19.36 -67.67 -9.84
N ASP U 40 -18.86 -67.16 -8.74
CA ASP U 40 -19.07 -65.75 -8.39
C ASP U 40 -17.91 -65.18 -7.58
N GLY U 41 -16.74 -65.83 -7.71
CA GLY U 41 -15.59 -65.41 -6.96
C GLY U 41 -14.36 -66.23 -7.26
N VAL U 42 -13.41 -66.27 -6.32
CA VAL U 42 -12.18 -67.04 -6.46
C VAL U 42 -11.73 -67.59 -5.10
N VAL U 43 -10.90 -68.63 -5.13
CA VAL U 43 -10.39 -69.22 -3.91
C VAL U 43 -8.88 -69.41 -4.01
N PHE U 44 -8.16 -69.11 -2.93
CA PHE U 44 -6.72 -69.23 -2.96
C PHE U 44 -6.31 -70.16 -1.83
N ALA U 45 -5.31 -70.99 -2.10
CA ALA U 45 -4.80 -71.95 -1.11
C ALA U 45 -3.31 -72.25 -1.31
N VAL U 46 -2.64 -72.53 -0.20
CA VAL U 46 -1.19 -72.72 -0.24
C VAL U 46 -0.70 -73.66 0.86
N GLU U 47 0.34 -74.41 0.55
CA GLU U 47 0.91 -75.43 1.43
C GLU U 47 2.02 -74.84 2.31
N LYS U 48 1.77 -74.69 3.59
CA LYS U 48 2.81 -74.17 4.46
C LYS U 48 3.60 -75.30 5.10
N LEU U 49 4.75 -75.63 4.52
CA LEU U 49 5.59 -76.70 5.07
C LEU U 49 5.95 -76.41 6.52
N ILE U 50 5.66 -77.34 7.43
CA ILE U 50 6.01 -77.16 8.83
C ILE U 50 7.37 -77.76 9.09
N THR U 51 8.41 -76.94 8.95
CA THR U 51 9.79 -77.40 9.13
C THR U 51 10.03 -78.02 10.51
N SER U 52 9.34 -77.49 11.52
CA SER U 52 9.53 -77.93 12.89
C SER U 52 8.32 -77.65 13.78
N LYS U 53 8.36 -78.17 15.01
CA LYS U 53 7.30 -77.89 15.99
C LYS U 53 7.43 -76.49 16.57
N LEU U 54 8.60 -75.87 16.38
CA LEU U 54 8.90 -74.56 16.94
C LEU U 54 8.17 -73.44 16.21
N LEU U 55 7.91 -73.69 14.93
CA LEU U 55 7.07 -72.84 14.10
C LEU U 55 5.70 -72.62 14.74
N VAL U 56 5.37 -71.38 15.07
CA VAL U 56 4.05 -71.12 15.65
C VAL U 56 2.93 -71.33 14.64
N PRO U 57 1.99 -72.20 14.97
CA PRO U 57 0.85 -72.53 14.10
C PRO U 57 -0.02 -71.31 13.82
N GLN U 58 -0.79 -71.38 12.74
CA GLN U 58 -1.72 -70.31 12.33
C GLN U 58 -1.07 -68.95 11.97
N LYS U 59 0.14 -68.71 12.47
CA LYS U 59 0.87 -67.48 12.14
C LYS U 59 1.63 -67.61 10.82
N ASN U 60 2.73 -66.88 10.67
CA ASN U 60 3.56 -66.90 9.45
C ASN U 60 2.76 -66.85 8.15
N VAL U 61 1.78 -65.95 8.10
CA VAL U 61 0.80 -65.88 7.00
C VAL U 61 1.45 -65.61 5.64
N LYS U 62 0.91 -66.24 4.60
CA LYS U 62 1.55 -66.19 3.29
C LYS U 62 0.69 -65.51 2.22
N ILE U 63 -0.59 -65.86 2.17
CA ILE U 63 -1.51 -65.19 1.25
C ILE U 63 -1.61 -63.72 1.62
N GLN U 64 -1.61 -62.86 0.61
CA GLN U 64 -1.71 -61.43 0.86
C GLN U 64 -2.89 -60.83 0.13
N VAL U 65 -3.49 -59.80 0.73
CA VAL U 65 -4.51 -59.01 0.04
C VAL U 65 -3.88 -57.77 -0.61
N VAL U 66 -4.40 -57.39 -1.76
CA VAL U 66 -4.07 -56.14 -2.40
C VAL U 66 -5.36 -55.32 -2.51
N ASP U 67 -5.30 -54.06 -2.06
CA ASP U 67 -6.50 -53.24 -1.85
C ASP U 67 -7.45 -53.96 -0.87
N ARG U 68 -8.70 -54.13 -1.25
CA ARG U 68 -9.65 -54.84 -0.41
C ARG U 68 -10.30 -56.03 -1.14
N HIS U 69 -10.10 -56.08 -2.46
CA HIS U 69 -10.83 -57.00 -3.33
C HIS U 69 -9.94 -57.99 -4.13
N ILE U 70 -8.65 -58.08 -3.80
CA ILE U 70 -7.74 -58.90 -4.57
C ILE U 70 -6.95 -59.76 -3.63
N GLY U 71 -6.81 -61.04 -3.98
CA GLY U 71 -5.97 -61.97 -3.24
C GLY U 71 -4.78 -62.36 -4.07
N CYS U 72 -3.62 -62.47 -3.42
CA CYS U 72 -2.39 -62.87 -4.08
C CYS U 72 -1.73 -64.02 -3.34
N VAL U 73 -1.35 -65.06 -4.06
CA VAL U 73 -0.50 -66.11 -3.51
C VAL U 73 0.60 -66.50 -4.51
N TYR U 74 1.75 -66.90 -4.00
CA TYR U 74 2.88 -67.18 -4.87
C TYR U 74 3.74 -68.33 -4.35
N SER U 75 4.54 -68.90 -5.23
CA SER U 75 5.44 -69.96 -4.83
C SER U 75 6.84 -69.66 -5.34
N GLY U 76 7.81 -69.90 -4.47
CA GLY U 76 9.19 -69.70 -4.81
C GLY U 76 9.94 -68.99 -3.72
N LEU U 77 10.62 -67.92 -4.13
CA LEU U 77 11.31 -67.02 -3.22
C LEU U 77 10.25 -66.10 -2.61
N ILE U 78 9.98 -66.27 -1.32
CA ILE U 78 8.92 -65.50 -0.69
C ILE U 78 9.15 -63.99 -0.65
N PRO U 79 10.38 -63.54 -0.30
CA PRO U 79 10.64 -62.11 -0.38
C PRO U 79 10.34 -61.51 -1.76
N ASP U 80 10.50 -62.28 -2.83
CA ASP U 80 10.17 -61.75 -4.16
C ASP U 80 8.66 -61.58 -4.33
N GLY U 81 7.89 -62.45 -3.69
CA GLY U 81 6.44 -62.34 -3.73
C GLY U 81 6.02 -61.05 -3.05
N ARG U 82 6.57 -60.82 -1.86
CA ARG U 82 6.28 -59.66 -1.04
C ARG U 82 6.58 -58.35 -1.78
N HIS U 83 7.79 -58.25 -2.31
CA HIS U 83 8.15 -57.14 -3.18
C HIS U 83 7.09 -56.95 -4.27
N LEU U 84 6.68 -58.01 -4.92
CA LEU U 84 5.73 -57.84 -6.02
C LEU U 84 4.40 -57.29 -5.53
N VAL U 85 3.99 -57.69 -4.32
CA VAL U 85 2.70 -57.29 -3.79
C VAL U 85 2.72 -55.83 -3.30
N ASN U 86 3.87 -55.39 -2.81
CA ASN U 86 4.08 -53.99 -2.47
C ASN U 86 3.87 -53.10 -3.67
N ARG U 87 4.45 -53.50 -4.79
CA ARG U 87 4.27 -52.77 -6.02
C ARG U 87 2.81 -52.80 -6.44
N GLY U 88 2.16 -53.94 -6.21
CA GLY U 88 0.80 -54.11 -6.64
C GLY U 88 -0.06 -53.15 -5.86
N ARG U 89 0.30 -52.99 -4.60
CA ARG U 89 -0.43 -52.12 -3.69
C ARG U 89 -0.33 -50.64 -4.07
N GLU U 90 0.88 -50.17 -4.39
CA GLU U 90 1.05 -48.80 -4.86
C GLU U 90 0.37 -48.63 -6.19
N GLU U 91 0.31 -49.68 -6.97
CA GLU U 91 -0.23 -49.55 -8.30
C GLU U 91 -1.74 -49.54 -8.22
N ALA U 92 -2.29 -50.12 -7.15
CA ALA U 92 -3.75 -50.15 -6.94
C ALA U 92 -4.23 -48.84 -6.30
N ALA U 93 -3.46 -48.38 -5.31
CA ALA U 93 -3.65 -47.06 -4.72
C ALA U 93 -3.64 -45.96 -5.80
N SER U 94 -2.62 -45.95 -6.64
CA SER U 94 -2.53 -44.98 -7.72
C SER U 94 -3.78 -45.02 -8.62
N PHE U 95 -4.21 -46.23 -8.99
CA PHE U 95 -5.41 -46.37 -9.81
C PHE U 95 -6.66 -45.75 -9.14
N LYS U 96 -6.87 -46.06 -7.86
CA LYS U 96 -8.06 -45.64 -7.16
C LYS U 96 -8.05 -44.13 -6.94
N LYS U 97 -6.87 -43.57 -6.74
CA LYS U 97 -6.72 -42.14 -6.52
C LYS U 97 -7.17 -41.34 -7.74
N LEU U 98 -6.66 -41.69 -8.90
CA LEU U 98 -7.01 -40.98 -10.12
C LEU U 98 -8.46 -41.25 -10.54
N TYR U 99 -8.87 -42.51 -10.43
CA TYR U 99 -10.05 -43.02 -11.14
C TYR U 99 -11.22 -43.36 -10.23
N LYS U 100 -10.95 -43.37 -8.92
CA LYS U 100 -11.96 -43.53 -7.86
C LYS U 100 -12.41 -44.98 -7.64
N THR U 101 -12.70 -45.66 -8.74
CA THR U 101 -13.06 -47.08 -8.70
C THR U 101 -11.88 -47.97 -8.26
N PRO U 102 -12.14 -48.98 -7.41
CA PRO U 102 -11.08 -49.99 -7.16
C PRO U 102 -10.64 -50.65 -8.48
N ILE U 103 -9.35 -50.97 -8.57
CA ILE U 103 -8.77 -51.40 -9.84
C ILE U 103 -9.37 -52.71 -10.34
N PRO U 104 -9.78 -52.74 -11.62
CA PRO U 104 -10.34 -53.96 -12.19
C PRO U 104 -9.26 -55.04 -12.31
N ILE U 105 -9.63 -56.30 -12.07
CA ILE U 105 -8.67 -57.40 -12.01
C ILE U 105 -7.76 -57.55 -13.23
N PRO U 106 -8.33 -57.45 -14.46
CA PRO U 106 -7.40 -57.54 -15.61
C PRO U 106 -6.38 -56.39 -15.64
N ALA U 107 -6.82 -55.16 -15.34
CA ALA U 107 -5.93 -53.99 -15.30
C ALA U 107 -4.83 -54.22 -14.30
N PHE U 108 -5.19 -54.77 -13.14
CA PHE U 108 -4.21 -55.09 -12.13
C PHE U 108 -3.20 -56.13 -12.59
N ALA U 109 -3.66 -57.13 -13.35
CA ALA U 109 -2.75 -58.11 -13.94
C ALA U 109 -1.76 -57.44 -14.87
N ASP U 110 -2.25 -56.57 -15.76
CA ASP U 110 -1.31 -55.88 -16.65
C ASP U 110 -0.27 -55.07 -15.91
N ARG U 111 -0.67 -54.44 -14.80
CA ARG U 111 0.28 -53.67 -13.99
C ARG U 111 1.36 -54.56 -13.42
N LEU U 112 0.98 -55.72 -12.92
CA LEU U 112 1.93 -56.67 -12.40
C LEU U 112 2.79 -57.23 -13.54
N GLY U 113 2.15 -57.50 -14.68
CA GLY U 113 2.82 -58.09 -15.81
C GLY U 113 3.91 -57.22 -16.40
N GLN U 114 3.59 -55.93 -16.58
CA GLN U 114 4.52 -54.96 -17.15
C GLN U 114 5.69 -54.68 -16.22
N TYR U 115 5.47 -54.82 -14.91
CA TYR U 115 6.53 -54.69 -13.92
C TYR U 115 7.46 -55.90 -13.96
N VAL U 116 6.89 -57.10 -13.95
CA VAL U 116 7.67 -58.31 -14.00
C VAL U 116 8.43 -58.37 -15.31
N GLN U 117 7.72 -58.17 -16.43
CA GLN U 117 8.35 -58.13 -17.75
C GLN U 117 9.53 -57.21 -17.75
N ALA U 118 9.40 -56.10 -17.02
CA ALA U 118 10.41 -55.05 -17.00
C ALA U 118 11.71 -55.50 -16.35
N HIS U 119 11.64 -56.49 -15.48
CA HIS U 119 12.86 -57.06 -14.93
C HIS U 119 13.48 -58.15 -15.82
N THR U 120 13.11 -58.16 -17.10
CA THR U 120 13.75 -59.07 -18.06
C THR U 120 14.25 -58.26 -19.24
N LEU U 121 14.49 -56.96 -18.99
CA LEU U 121 14.89 -56.00 -20.00
C LEU U 121 16.34 -55.54 -19.82
N TYR U 122 16.86 -55.67 -18.62
CA TYR U 122 18.19 -55.17 -18.32
C TYR U 122 18.97 -56.21 -17.57
N ASN U 123 20.30 -56.14 -17.63
CA ASN U 123 21.16 -57.06 -16.88
C ASN U 123 21.57 -56.52 -15.53
N SER U 124 21.07 -55.34 -15.20
CA SER U 124 21.36 -54.76 -13.89
C SER U 124 20.34 -55.23 -12.84
N VAL U 125 19.28 -55.89 -13.30
CA VAL U 125 18.36 -56.55 -12.37
C VAL U 125 18.33 -58.06 -12.59
N ARG U 126 17.68 -58.75 -11.66
CA ARG U 126 17.45 -60.19 -11.74
C ARG U 126 15.95 -60.45 -11.98
N PRO U 127 15.59 -61.55 -12.66
CA PRO U 127 14.14 -61.72 -12.80
C PRO U 127 13.49 -62.10 -11.49
N PHE U 128 12.17 -62.08 -11.46
CA PHE U 128 11.44 -62.48 -10.26
C PHE U 128 11.41 -64.00 -10.01
N GLY U 129 11.89 -64.40 -8.84
CA GLY U 129 11.88 -65.82 -8.50
C GLY U 129 10.56 -66.35 -7.97
N VAL U 130 9.45 -65.93 -8.57
CA VAL U 130 8.13 -66.38 -8.12
C VAL U 130 7.14 -66.53 -9.25
N SER U 131 6.14 -67.38 -9.03
CA SER U 131 4.97 -67.40 -9.88
C SER U 131 3.81 -67.01 -8.99
N THR U 132 2.94 -66.14 -9.48
CA THR U 132 1.95 -65.55 -8.61
C THR U 132 0.58 -65.92 -9.10
N ILE U 133 -0.28 -66.29 -8.17
CA ILE U 133 -1.67 -66.56 -8.50
C ILE U 133 -2.53 -65.55 -7.75
N PHE U 134 -3.32 -64.78 -8.47
CA PHE U 134 -4.03 -63.67 -7.86
C PHE U 134 -5.38 -63.43 -8.51
N GLY U 135 -6.17 -62.55 -7.92
CA GLY U 135 -7.43 -62.19 -8.53
C GLY U 135 -8.50 -61.86 -7.53
N GLY U 136 -9.72 -61.68 -8.03
CA GLY U 136 -10.83 -61.31 -7.18
C GLY U 136 -11.98 -60.78 -8.01
N VAL U 137 -12.84 -59.98 -7.38
CA VAL U 137 -14.09 -59.58 -7.99
C VAL U 137 -14.15 -58.09 -8.39
N ASP U 138 -14.65 -57.84 -9.59
CA ASP U 138 -14.93 -56.46 -10.02
C ASP U 138 -16.27 -56.36 -10.73
N LYS U 139 -16.50 -55.27 -11.45
CA LYS U 139 -17.81 -55.01 -12.03
C LYS U 139 -18.10 -55.92 -13.25
N ASN U 140 -17.15 -56.77 -13.59
CA ASN U 140 -17.31 -57.67 -14.71
C ASN U 140 -17.34 -59.15 -14.30
N GLY U 141 -17.11 -59.39 -13.01
CA GLY U 141 -17.23 -60.73 -12.45
C GLY U 141 -16.01 -61.17 -11.66
N ALA U 142 -15.77 -62.48 -11.64
CA ALA U 142 -14.59 -63.05 -10.99
C ALA U 142 -13.49 -63.20 -12.02
N HIS U 143 -12.25 -63.13 -11.55
CA HIS U 143 -11.08 -63.29 -12.41
C HIS U 143 -9.96 -64.01 -11.67
N LEU U 144 -9.35 -64.98 -12.33
CA LEU U 144 -8.15 -65.65 -11.81
C LEU U 144 -7.02 -65.53 -12.81
N TYR U 145 -5.84 -65.16 -12.29
CA TYR U 145 -4.64 -64.92 -13.11
C TYR U 145 -3.42 -65.62 -12.52
N MET U 146 -2.56 -66.10 -13.39
CA MET U 146 -1.26 -66.59 -12.95
C MET U 146 -0.18 -65.92 -13.79
N LEU U 147 0.94 -65.61 -13.14
CA LEU U 147 1.98 -64.78 -13.75
C LEU U 147 3.34 -65.39 -13.47
N GLU U 148 4.13 -65.61 -14.52
CA GLU U 148 5.44 -66.28 -14.38
C GLU U 148 6.58 -65.24 -14.31
N PRO U 149 7.84 -65.68 -14.07
CA PRO U 149 8.93 -64.68 -14.06
C PRO U 149 9.16 -64.00 -15.40
N SER U 150 8.56 -64.50 -16.47
CA SER U 150 8.80 -63.89 -17.77
C SER U 150 7.90 -62.66 -17.94
N GLY U 151 6.92 -62.54 -17.04
CA GLY U 151 5.93 -61.49 -17.14
C GLY U 151 4.68 -62.00 -17.84
N SER U 152 4.80 -63.19 -18.42
CA SER U 152 3.66 -63.87 -19.03
C SER U 152 2.59 -64.10 -17.98
N TYR U 153 1.35 -63.80 -18.36
CA TYR U 153 0.21 -64.09 -17.52
C TYR U 153 -0.97 -64.38 -18.42
N TRP U 154 -1.94 -65.11 -17.89
CA TRP U 154 -3.18 -65.35 -18.62
C TRP U 154 -4.26 -65.49 -17.58
N GLY U 155 -5.51 -65.51 -18.04
CA GLY U 155 -6.65 -65.85 -17.20
C GLY U 155 -6.96 -67.34 -17.15
N TYR U 156 -7.24 -67.85 -15.95
CA TYR U 156 -7.41 -69.28 -15.73
C TYR U 156 -8.75 -69.62 -15.11
N LYS U 157 -9.29 -70.78 -15.53
CA LYS U 157 -10.42 -71.42 -14.86
C LYS U 157 -9.90 -71.96 -13.54
N GLY U 158 -8.71 -72.55 -13.57
CA GLY U 158 -8.03 -72.93 -12.35
C GLY U 158 -6.54 -72.79 -12.57
N ALA U 159 -5.77 -72.75 -11.49
CA ALA U 159 -4.33 -72.55 -11.64
C ALA U 159 -3.51 -73.09 -10.47
N ALA U 160 -2.27 -73.44 -10.74
CA ALA U 160 -1.43 -74.07 -9.74
C ALA U 160 0.02 -73.83 -10.10
N THR U 161 0.87 -73.77 -9.08
CA THR U 161 2.30 -73.61 -9.30
C THR U 161 3.09 -74.12 -8.10
N GLY U 162 4.39 -74.34 -8.28
CA GLY U 162 5.19 -74.98 -7.26
C GLY U 162 5.43 -76.48 -7.43
N LYS U 163 6.04 -77.07 -6.41
CA LYS U 163 6.49 -78.46 -6.44
C LYS U 163 5.42 -79.43 -6.94
N GLY U 164 4.18 -79.26 -6.48
CA GLY U 164 3.12 -80.20 -6.79
C GLY U 164 2.13 -79.73 -7.84
N ARG U 165 2.60 -78.93 -8.79
CA ARG U 165 1.67 -78.30 -9.71
C ARG U 165 0.86 -79.30 -10.53
N GLN U 166 1.55 -80.32 -11.03
CA GLN U 166 0.95 -81.34 -11.91
C GLN U 166 -0.15 -82.20 -11.25
N SER U 167 0.01 -82.53 -9.96
CA SER U 167 -1.06 -83.15 -9.21
C SER U 167 -2.27 -82.23 -9.27
N ALA U 168 -2.05 -81.01 -8.78
CA ALA U 168 -3.07 -79.98 -8.70
C ALA U 168 -3.63 -79.67 -10.06
N LYS U 169 -2.74 -79.53 -11.03
CA LYS U 169 -3.14 -79.18 -12.38
C LYS U 169 -4.10 -80.22 -12.93
N ALA U 170 -3.66 -81.48 -12.97
CA ALA U 170 -4.49 -82.56 -13.50
C ALA U 170 -5.78 -82.65 -12.69
N GLU U 171 -5.61 -82.61 -11.37
CA GLU U 171 -6.76 -82.57 -10.46
C GLU U 171 -7.75 -81.46 -10.79
N LEU U 172 -7.23 -80.24 -11.03
CA LEU U 172 -8.10 -79.11 -11.40
C LEU U 172 -8.77 -79.35 -12.75
N GLU U 173 -8.04 -80.00 -13.65
CA GLU U 173 -8.56 -80.35 -14.97
C GLU U 173 -9.87 -81.14 -14.87
N LYS U 174 -9.95 -82.03 -13.87
CA LYS U 174 -11.14 -82.85 -13.65
C LYS U 174 -12.41 -82.03 -13.49
N LEU U 175 -12.37 -81.09 -12.55
CA LEU U 175 -13.52 -80.24 -12.25
C LEU U 175 -13.99 -79.42 -13.44
N VAL U 176 -13.05 -79.00 -14.29
CA VAL U 176 -13.39 -78.17 -15.44
C VAL U 176 -14.37 -78.91 -16.34
N ASP U 177 -14.09 -80.20 -16.56
CA ASP U 177 -14.95 -81.05 -17.36
C ASP U 177 -16.25 -81.34 -16.60
N HIS U 178 -16.10 -81.65 -15.32
CA HIS U 178 -17.21 -82.11 -14.50
C HIS U 178 -18.24 -81.04 -14.10
N HIS U 179 -17.83 -79.78 -14.09
CA HIS U 179 -18.77 -78.70 -13.78
C HIS U 179 -18.67 -77.51 -14.72
N PRO U 180 -19.26 -77.62 -15.93
CA PRO U 180 -19.36 -76.45 -16.82
C PRO U 180 -20.24 -75.32 -16.25
N GLU U 181 -21.02 -75.62 -15.22
CA GLU U 181 -21.84 -74.61 -14.54
C GLU U 181 -21.01 -73.77 -13.55
N GLY U 182 -19.84 -74.29 -13.20
CA GLY U 182 -18.99 -73.66 -12.21
C GLY U 182 -19.24 -74.25 -10.84
N LEU U 183 -18.55 -73.73 -9.83
CA LEU U 183 -18.72 -74.19 -8.47
C LEU U 183 -19.40 -73.15 -7.59
N SER U 184 -19.91 -73.60 -6.44
CA SER U 184 -20.22 -72.70 -5.34
C SER U 184 -18.87 -72.20 -4.86
N ALA U 185 -18.82 -70.95 -4.40
CA ALA U 185 -17.66 -70.48 -3.69
C ALA U 185 -17.42 -71.48 -2.56
N ARG U 186 -18.51 -71.75 -1.84
CA ARG U 186 -18.57 -72.68 -0.74
C ARG U 186 -17.95 -74.03 -1.12
N GLU U 187 -18.28 -74.49 -2.34
CA GLU U 187 -17.83 -75.76 -2.85
C GLU U 187 -16.35 -75.72 -3.26
N ALA U 188 -15.95 -74.60 -3.87
CA ALA U 188 -14.59 -74.40 -4.35
C ALA U 188 -13.57 -74.39 -3.21
N VAL U 189 -13.99 -73.92 -2.04
CA VAL U 189 -13.15 -73.87 -0.84
C VAL U 189 -12.67 -75.26 -0.41
N LYS U 190 -13.65 -76.14 -0.15
CA LYS U 190 -13.40 -77.50 0.25
C LYS U 190 -12.60 -78.22 -0.83
N GLN U 191 -13.05 -78.01 -2.07
CA GLN U 191 -12.42 -78.56 -3.25
C GLN U 191 -10.95 -78.16 -3.36
N ALA U 192 -10.63 -76.95 -2.89
CA ALA U 192 -9.26 -76.45 -2.90
C ALA U 192 -8.41 -77.11 -1.82
N ALA U 193 -9.03 -77.35 -0.66
CA ALA U 193 -8.34 -77.91 0.49
C ALA U 193 -7.90 -79.35 0.21
N LYS U 194 -8.71 -80.06 -0.58
CA LYS U 194 -8.39 -81.41 -0.98
C LYS U 194 -7.12 -81.39 -1.83
N ILE U 195 -7.11 -80.50 -2.82
CA ILE U 195 -6.04 -80.42 -3.79
C ILE U 195 -4.67 -80.13 -3.19
N ILE U 196 -4.63 -79.38 -2.08
CA ILE U 196 -3.35 -79.11 -1.41
C ILE U 196 -2.83 -80.39 -0.74
N TYR U 197 -3.76 -81.14 -0.16
CA TYR U 197 -3.44 -82.45 0.42
C TYR U 197 -2.91 -83.44 -0.62
N LEU U 198 -3.59 -83.50 -1.77
CA LEU U 198 -3.15 -84.31 -2.91
C LEU U 198 -1.76 -83.89 -3.37
N ALA U 199 -1.63 -82.65 -3.82
CA ALA U 199 -0.35 -82.15 -4.31
C ALA U 199 0.73 -82.09 -3.23
N HIS U 200 0.40 -82.54 -2.03
CA HIS U 200 1.35 -82.52 -0.93
C HIS U 200 2.32 -83.69 -1.02
N GLU U 201 1.98 -84.69 -1.82
CA GLU U 201 2.77 -85.92 -1.89
C GLU U 201 4.20 -85.68 -2.36
N ASP U 202 4.38 -84.69 -3.22
CA ASP U 202 5.70 -84.34 -3.70
C ASP U 202 6.55 -83.72 -2.59
N ASN U 203 5.91 -83.40 -1.48
CA ASN U 203 6.56 -82.87 -0.30
C ASN U 203 6.13 -83.69 0.91
N LYS U 204 5.67 -84.91 0.67
CA LYS U 204 5.02 -85.72 1.70
C LYS U 204 5.93 -85.99 2.90
N GLU U 205 7.23 -85.91 2.65
CA GLU U 205 8.27 -86.11 3.67
C GLU U 205 8.07 -85.21 4.90
N LYS U 206 7.81 -83.93 4.64
CA LYS U 206 7.65 -82.91 5.67
C LYS U 206 6.19 -82.70 6.05
N ASP U 207 5.99 -82.20 7.27
CA ASP U 207 4.65 -81.89 7.76
C ASP U 207 4.15 -80.55 7.23
N PHE U 208 2.83 -80.34 7.20
CA PHE U 208 2.30 -79.14 6.56
C PHE U 208 1.02 -78.55 7.14
N GLU U 209 0.87 -77.23 6.96
CA GLU U 209 -0.33 -76.47 7.36
C GLU U 209 -1.02 -75.78 6.17
N LEU U 210 -2.33 -75.93 6.10
CA LEU U 210 -3.09 -75.43 4.96
C LEU U 210 -3.62 -74.03 5.24
N GLU U 211 -3.62 -73.20 4.21
CA GLU U 211 -4.10 -71.82 4.32
C GLU U 211 -4.96 -71.48 3.09
N ILE U 212 -6.22 -71.10 3.34
CA ILE U 212 -7.14 -70.78 2.26
C ILE U 212 -7.66 -69.36 2.38
N SER U 213 -7.99 -68.75 1.25
CA SER U 213 -8.72 -67.49 1.26
C SER U 213 -9.72 -67.49 0.10
N TRP U 214 -10.66 -66.57 0.16
CA TRP U 214 -11.65 -66.49 -0.89
C TRP U 214 -12.21 -65.09 -1.05
N CYS U 215 -12.68 -64.82 -2.25
CA CYS U 215 -13.18 -63.53 -2.61
C CYS U 215 -14.44 -63.87 -3.36
N SER U 216 -15.60 -63.54 -2.79
CA SER U 216 -16.87 -64.00 -3.34
C SER U 216 -18.00 -62.99 -3.14
N LEU U 217 -18.82 -62.88 -4.18
CA LEU U 217 -19.87 -61.88 -4.20
C LEU U 217 -21.01 -62.24 -3.23
N SER U 218 -21.42 -63.51 -3.22
CA SER U 218 -22.51 -63.93 -2.34
C SER U 218 -22.01 -64.19 -0.93
N GLU U 219 -20.73 -64.51 -0.79
CA GLU U 219 -20.22 -65.03 0.46
C GLU U 219 -19.37 -64.04 1.26
N THR U 220 -18.75 -63.08 0.58
CA THR U 220 -17.88 -62.10 1.27
C THR U 220 -18.17 -60.68 0.81
N ASN U 221 -19.14 -60.55 -0.08
CA ASN U 221 -19.62 -59.26 -0.59
C ASN U 221 -18.66 -58.58 -1.57
N GLY U 222 -17.67 -59.33 -2.03
CA GLY U 222 -16.77 -58.82 -3.04
C GLY U 222 -15.39 -58.60 -2.45
N LEU U 223 -15.29 -58.75 -1.14
CA LEU U 223 -14.03 -58.54 -0.47
C LEU U 223 -13.23 -59.83 -0.33
N HIS U 224 -11.92 -59.75 -0.53
CA HIS U 224 -11.06 -60.89 -0.26
C HIS U 224 -10.96 -61.13 1.25
N LYS U 225 -11.43 -62.29 1.71
CA LYS U 225 -11.31 -62.65 3.11
C LYS U 225 -10.65 -64.01 3.24
N PHE U 226 -10.05 -64.25 4.41
CA PHE U 226 -9.49 -65.54 4.73
C PHE U 226 -10.60 -66.48 5.19
N VAL U 227 -10.37 -67.77 4.98
CA VAL U 227 -11.25 -68.78 5.51
C VAL U 227 -10.63 -69.23 6.82
N LYS U 228 -11.38 -69.09 7.90
CA LYS U 228 -10.88 -69.47 9.22
C LYS U 228 -12.01 -70.08 10.03
N GLY U 229 -11.67 -70.67 11.16
CA GLY U 229 -12.65 -71.24 12.07
C GLY U 229 -13.35 -72.50 11.58
N ASP U 230 -14.67 -72.52 11.75
CA ASP U 230 -15.46 -73.72 11.53
C ASP U 230 -15.66 -74.07 10.05
N LEU U 231 -15.21 -73.20 9.16
CA LEU U 231 -15.30 -73.49 7.74
C LEU U 231 -13.95 -74.01 7.24
N LEU U 232 -12.88 -73.51 7.85
CA LEU U 232 -11.56 -74.03 7.57
C LEU U 232 -11.50 -75.49 8.03
N GLN U 233 -11.99 -75.73 9.25
CA GLN U 233 -11.97 -77.07 9.83
C GLN U 233 -12.76 -78.06 8.99
N GLU U 234 -13.96 -77.62 8.57
CA GLU U 234 -14.80 -78.39 7.68
C GLU U 234 -14.11 -78.81 6.38
N ALA U 235 -13.37 -77.89 5.76
CA ALA U 235 -12.69 -78.17 4.49
C ALA U 235 -11.40 -78.98 4.67
N ILE U 236 -10.72 -78.80 5.80
CA ILE U 236 -9.61 -79.68 6.16
C ILE U 236 -10.14 -81.12 6.32
N ASP U 237 -11.23 -81.23 7.07
CA ASP U 237 -11.87 -82.52 7.29
C ASP U 237 -12.25 -83.14 5.97
N PHE U 238 -12.80 -82.34 5.07
CA PHE U 238 -13.20 -82.83 3.75
C PHE U 238 -12.01 -83.36 2.97
N ALA U 239 -10.83 -82.80 3.23
CA ALA U 239 -9.62 -83.24 2.55
C ALA U 239 -9.09 -84.57 3.11
N GLN U 240 -9.18 -84.74 4.43
CA GLN U 240 -8.77 -85.98 5.07
C GLN U 240 -9.65 -87.16 4.63
N LYS U 241 -10.94 -86.89 4.42
CA LYS U 241 -11.93 -87.90 4.03
C LYS U 241 -11.62 -88.58 2.68
N GLU U 242 -11.10 -87.79 1.74
CA GLU U 242 -10.74 -88.32 0.43
C GLU U 242 -9.31 -88.83 0.44
N ILE U 243 -8.99 -89.65 1.44
CA ILE U 243 -7.66 -90.24 1.55
C ILE U 243 -7.62 -91.24 2.72
N ASN U 244 -7.65 -92.53 2.39
CA ASN U 244 -7.63 -93.57 3.40
C ASN U 244 -9.05 -94.02 3.77
N THR V 1 -21.54 -16.52 -17.94
CA THR V 1 -21.85 -17.88 -18.38
C THR V 1 -23.06 -18.43 -17.61
N SER V 2 -23.99 -19.08 -18.31
CA SER V 2 -25.07 -19.85 -17.68
C SER V 2 -25.04 -21.30 -18.18
N ILE V 3 -24.87 -22.25 -17.26
CA ILE V 3 -24.82 -23.65 -17.63
C ILE V 3 -25.60 -24.54 -16.66
N MET V 4 -26.12 -25.66 -17.17
CA MET V 4 -26.73 -26.68 -16.33
C MET V 4 -26.75 -28.05 -16.96
N ALA V 5 -26.84 -29.07 -16.11
CA ALA V 5 -27.07 -30.45 -16.52
C ALA V 5 -28.17 -31.04 -15.64
N VAL V 6 -29.14 -31.70 -16.27
CA VAL V 6 -30.29 -32.28 -15.56
C VAL V 6 -30.49 -33.75 -15.95
N THR V 7 -30.65 -34.64 -14.96
CA THR V 7 -30.91 -36.05 -15.26
C THR V 7 -32.41 -36.33 -15.33
N PHE V 8 -32.81 -37.13 -16.31
CA PHE V 8 -34.21 -37.47 -16.49
C PHE V 8 -34.42 -38.97 -16.69
N LYS V 9 -35.57 -39.32 -17.27
CA LYS V 9 -35.95 -40.72 -17.49
C LYS V 9 -34.87 -41.52 -18.22
N ASP V 10 -34.57 -41.10 -19.45
CA ASP V 10 -33.66 -41.84 -20.34
C ASP V 10 -32.24 -41.25 -20.41
N GLY V 11 -31.74 -40.74 -19.29
CA GLY V 11 -30.39 -40.20 -19.28
C GLY V 11 -30.25 -38.80 -18.73
N VAL V 12 -29.58 -37.94 -19.49
CA VAL V 12 -29.21 -36.61 -19.00
C VAL V 12 -29.06 -35.58 -20.12
N ILE V 13 -29.41 -34.33 -19.85
CA ILE V 13 -29.21 -33.25 -20.82
C ILE V 13 -28.34 -32.13 -20.25
N LEU V 14 -27.46 -31.58 -21.09
CA LEU V 14 -26.63 -30.44 -20.73
C LEU V 14 -27.12 -29.18 -21.45
N GLY V 15 -27.10 -28.04 -20.76
CA GLY V 15 -27.42 -26.78 -21.40
C GLY V 15 -26.41 -25.69 -21.09
N ALA V 16 -26.12 -24.86 -22.09
CA ALA V 16 -25.27 -23.67 -21.90
C ALA V 16 -25.78 -22.48 -22.71
N ASP V 17 -25.44 -21.28 -22.27
CA ASP V 17 -25.65 -20.11 -23.10
C ASP V 17 -24.43 -20.06 -24.01
N SER V 18 -24.35 -19.09 -24.91
CA SER V 18 -23.29 -19.11 -25.91
C SER V 18 -22.48 -17.82 -25.97
N ARG V 19 -22.38 -17.14 -24.82
CA ARG V 19 -21.74 -15.82 -24.77
C ARG V 19 -20.48 -15.80 -23.92
N THR V 20 -19.39 -15.36 -24.53
CA THR V 20 -18.12 -15.21 -23.82
C THR V 20 -17.72 -13.75 -23.82
N THR V 21 -17.44 -13.19 -22.65
CA THR V 21 -17.12 -11.77 -22.55
C THR V 21 -15.76 -11.51 -21.95
N THR V 22 -15.15 -10.42 -22.40
CA THR V 22 -14.03 -9.79 -21.72
C THR V 22 -14.44 -8.34 -21.40
N GLY V 23 -14.58 -8.05 -20.11
CA GLY V 23 -15.19 -6.82 -19.68
C GLY V 23 -16.64 -6.82 -20.11
N ALA V 24 -17.02 -5.81 -20.88
CA ALA V 24 -18.40 -5.69 -21.32
C ALA V 24 -18.52 -5.99 -22.81
N TYR V 25 -17.39 -6.32 -23.43
CA TYR V 25 -17.36 -6.71 -24.83
C TYR V 25 -17.65 -8.20 -24.98
N ILE V 26 -18.63 -8.54 -25.80
CA ILE V 26 -18.86 -9.95 -26.11
C ILE V 26 -17.88 -10.39 -27.19
N ALA V 27 -16.85 -11.12 -26.77
CA ALA V 27 -15.79 -11.55 -27.68
C ALA V 27 -16.25 -12.67 -28.62
N ASN V 28 -17.23 -13.45 -28.16
CA ASN V 28 -17.84 -14.47 -28.97
C ASN V 28 -19.30 -14.63 -28.54
N ARG V 29 -20.22 -14.59 -29.51
CA ARG V 29 -21.63 -14.73 -29.20
C ARG V 29 -22.18 -16.09 -29.59
N VAL V 30 -21.33 -16.96 -30.11
CA VAL V 30 -21.75 -18.29 -30.51
C VAL V 30 -20.87 -19.39 -29.91
N THR V 31 -20.38 -19.16 -28.70
CA THR V 31 -19.45 -20.08 -28.02
C THR V 31 -20.07 -21.46 -27.78
N ASP V 32 -19.25 -22.51 -27.78
CA ASP V 32 -19.72 -23.83 -27.42
C ASP V 32 -19.12 -24.29 -26.09
N LYS V 33 -19.91 -24.18 -25.03
CA LYS V 33 -19.43 -24.42 -23.67
C LYS V 33 -19.69 -25.85 -23.27
N LEU V 34 -20.31 -26.61 -24.19
CA LEU V 34 -20.57 -28.03 -23.98
C LEU V 34 -19.47 -28.81 -24.68
N THR V 35 -18.74 -29.60 -23.91
CA THR V 35 -17.46 -30.13 -24.37
C THR V 35 -17.39 -31.63 -24.18
N ARG V 36 -17.06 -32.33 -25.27
CA ARG V 36 -17.01 -33.79 -25.27
C ARG V 36 -15.70 -34.29 -24.66
N VAL V 37 -15.79 -35.13 -23.64
CA VAL V 37 -14.58 -35.77 -23.14
C VAL V 37 -14.56 -37.29 -23.43
N HIS V 38 -15.74 -37.88 -23.53
CA HIS V 38 -15.90 -39.22 -24.09
C HIS V 38 -17.22 -39.29 -24.82
N ASP V 39 -17.41 -40.33 -25.62
CA ASP V 39 -18.57 -40.45 -26.49
C ASP V 39 -19.85 -40.03 -25.79
N LYS V 40 -20.04 -40.62 -24.61
CA LYS V 40 -21.25 -40.44 -23.83
C LYS V 40 -20.93 -39.75 -22.49
N ILE V 41 -19.79 -39.06 -22.41
CA ILE V 41 -19.47 -38.22 -21.24
C ILE V 41 -19.10 -36.79 -21.65
N TRP V 42 -19.98 -35.84 -21.36
CA TRP V 42 -19.69 -34.43 -21.65
C TRP V 42 -19.53 -33.58 -20.40
N CYS V 43 -19.07 -32.35 -20.58
CA CYS V 43 -18.96 -31.41 -19.47
C CYS V 43 -19.48 -30.02 -19.81
N CYS V 44 -19.79 -29.25 -18.77
CA CYS V 44 -20.13 -27.84 -18.91
C CYS V 44 -19.00 -26.97 -18.39
N ARG V 45 -18.57 -26.03 -19.20
CA ARG V 45 -17.45 -25.15 -18.83
C ARG V 45 -17.90 -23.76 -18.31
N SER V 46 -17.39 -23.39 -17.14
CA SER V 46 -17.51 -22.01 -16.61
C SER V 46 -16.22 -21.65 -15.89
N GLY V 47 -15.85 -20.37 -15.94
CA GLY V 47 -14.62 -19.90 -15.35
C GLY V 47 -13.71 -19.35 -16.42
N SER V 48 -12.40 -19.42 -16.19
CA SER V 48 -11.42 -19.11 -17.23
C SER V 48 -11.57 -19.99 -18.46
N ALA V 49 -11.66 -19.39 -19.64
CA ALA V 49 -11.83 -20.17 -20.85
C ALA V 49 -10.53 -20.92 -21.14
N ALA V 50 -9.41 -20.27 -20.88
CA ALA V 50 -8.12 -20.92 -21.02
C ALA V 50 -8.07 -22.13 -20.09
N ASP V 51 -8.22 -21.88 -18.79
CA ASP V 51 -8.18 -22.96 -17.79
C ASP V 51 -9.13 -24.11 -18.10
N THR V 52 -10.33 -23.75 -18.50
CA THR V 52 -11.38 -24.72 -18.64
C THR V 52 -11.14 -25.59 -19.88
N GLN V 53 -10.65 -24.99 -20.97
CA GLN V 53 -10.32 -25.71 -22.19
C GLN V 53 -9.12 -26.62 -21.99
N ALA V 54 -8.13 -26.09 -21.30
CA ALA V 54 -6.90 -26.82 -21.05
C ALA V 54 -7.19 -28.04 -20.20
N ILE V 55 -8.11 -27.91 -19.25
CA ILE V 55 -8.44 -29.00 -18.34
C ILE V 55 -9.24 -30.07 -19.05
N ALA V 56 -10.16 -29.64 -19.92
CA ALA V 56 -11.01 -30.58 -20.65
C ALA V 56 -10.13 -31.36 -21.61
N ASP V 57 -9.25 -30.63 -22.30
CA ASP V 57 -8.30 -31.23 -23.24
C ASP V 57 -7.57 -32.38 -22.57
N ILE V 58 -7.07 -32.13 -21.36
CA ILE V 58 -6.32 -33.11 -20.60
C ILE V 58 -7.18 -34.29 -20.18
N VAL V 59 -8.37 -34.01 -19.69
CA VAL V 59 -9.25 -35.09 -19.25
C VAL V 59 -9.52 -36.02 -20.43
N GLN V 60 -9.91 -35.44 -21.58
CA GLN V 60 -10.18 -36.20 -22.80
C GLN V 60 -9.05 -37.21 -23.11
N TYR V 61 -7.83 -36.70 -23.11
CA TYR V 61 -6.64 -37.53 -23.20
C TYR V 61 -6.69 -38.66 -22.17
N HIS V 62 -6.93 -38.32 -20.91
CA HIS V 62 -6.88 -39.32 -19.85
C HIS V 62 -7.90 -40.42 -19.99
N LEU V 63 -9.01 -40.08 -20.64
CA LEU V 63 -10.11 -41.00 -20.76
C LEU V 63 -9.93 -41.82 -22.04
N GLU V 64 -9.28 -41.22 -23.04
CA GLU V 64 -8.90 -41.92 -24.26
C GLU V 64 -7.88 -43.01 -23.92
N LEU V 65 -6.91 -42.69 -23.07
CA LEU V 65 -5.92 -43.68 -22.59
C LEU V 65 -6.54 -44.78 -21.73
N TYR V 66 -7.39 -44.38 -20.79
CA TYR V 66 -8.17 -45.32 -19.96
C TYR V 66 -8.93 -46.32 -20.83
N THR V 67 -9.61 -45.79 -21.85
CA THR V 67 -10.38 -46.61 -22.77
C THR V 67 -9.52 -47.70 -23.43
N SER V 68 -8.42 -47.30 -24.06
CA SER V 68 -7.44 -48.22 -24.65
C SER V 68 -7.15 -49.38 -23.70
N GLN V 69 -6.88 -49.01 -22.47
CA GLN V 69 -6.42 -49.98 -21.50
C GLN V 69 -7.54 -50.76 -20.83
N TYR V 70 -8.56 -50.06 -20.35
CA TYR V 70 -9.55 -50.72 -19.49
C TYR V 70 -11.00 -50.72 -19.99
N GLY V 71 -11.24 -50.33 -21.24
CA GLY V 71 -12.59 -50.21 -21.73
C GLY V 71 -13.25 -48.90 -21.29
N THR V 72 -14.54 -48.75 -21.60
CA THR V 72 -15.29 -47.51 -21.38
C THR V 72 -15.40 -47.09 -19.91
N PRO V 73 -15.03 -45.83 -19.60
CA PRO V 73 -15.02 -45.27 -18.23
C PRO V 73 -16.41 -44.89 -17.74
N SER V 74 -16.62 -44.99 -16.43
CA SER V 74 -17.87 -44.52 -15.83
C SER V 74 -17.91 -42.97 -15.73
N THR V 75 -19.10 -42.40 -15.71
CA THR V 75 -19.26 -40.97 -15.52
C THR V 75 -18.59 -40.49 -14.22
N GLU V 76 -18.65 -41.28 -13.16
CA GLU V 76 -17.93 -40.99 -11.92
C GLU V 76 -16.42 -41.01 -12.12
N THR V 77 -15.90 -41.88 -12.97
CA THR V 77 -14.46 -41.89 -13.23
C THR V 77 -14.02 -40.56 -13.87
N ALA V 78 -14.73 -40.14 -14.93
CA ALA V 78 -14.51 -38.85 -15.57
C ALA V 78 -14.51 -37.71 -14.54
N ALA V 79 -15.48 -37.72 -13.63
CA ALA V 79 -15.57 -36.75 -12.54
C ALA V 79 -14.32 -36.70 -11.66
N SER V 80 -13.80 -37.88 -11.32
CA SER V 80 -12.61 -37.98 -10.47
C SER V 80 -11.38 -37.38 -11.15
N VAL V 81 -11.35 -37.44 -12.49
CA VAL V 81 -10.20 -36.90 -13.21
C VAL V 81 -10.27 -35.37 -13.26
N PHE V 82 -11.45 -34.84 -13.52
CA PHE V 82 -11.69 -33.41 -13.41
C PHE V 82 -11.34 -32.93 -12.02
N LYS V 83 -11.85 -33.62 -11.01
CA LYS V 83 -11.59 -33.29 -9.61
C LYS V 83 -10.10 -33.25 -9.28
N GLU V 84 -9.36 -34.28 -9.67
CA GLU V 84 -7.94 -34.37 -9.34
C GLU V 84 -7.20 -33.16 -9.86
N LEU V 85 -7.40 -32.85 -11.13
CA LEU V 85 -6.84 -31.65 -11.74
C LEU V 85 -7.22 -30.37 -10.98
N CYS V 86 -8.50 -30.20 -10.69
CA CYS V 86 -8.99 -28.97 -10.07
C CYS V 86 -8.54 -28.77 -8.63
N TYR V 87 -8.63 -29.82 -7.84
CA TYR V 87 -8.19 -29.74 -6.46
C TYR V 87 -6.67 -29.57 -6.34
N GLU V 88 -5.91 -30.32 -7.15
CA GLU V 88 -4.46 -30.31 -7.03
C GLU V 88 -3.86 -29.03 -7.57
N ASN V 89 -4.53 -28.40 -8.53
CA ASN V 89 -4.06 -27.12 -9.03
C ASN V 89 -4.95 -25.95 -8.69
N LYS V 90 -5.45 -25.90 -7.46
CA LYS V 90 -6.50 -24.94 -7.11
C LYS V 90 -6.01 -23.49 -7.03
N ASP V 91 -4.72 -23.31 -6.78
CA ASP V 91 -4.11 -21.98 -6.75
C ASP V 91 -4.03 -21.30 -8.12
N ASN V 92 -3.97 -22.11 -9.18
CA ASN V 92 -3.71 -21.58 -10.51
C ASN V 92 -4.82 -21.82 -11.52
N LEU V 93 -5.99 -22.19 -11.01
CA LEU V 93 -7.14 -22.45 -11.85
C LEU V 93 -8.35 -21.65 -11.38
N THR V 94 -9.19 -21.31 -12.34
CA THR V 94 -10.46 -20.68 -12.03
C THR V 94 -11.47 -21.39 -12.91
N ALA V 95 -11.99 -22.51 -12.41
CA ALA V 95 -12.90 -23.28 -13.20
C ALA V 95 -14.01 -23.85 -12.36
N GLY V 96 -15.23 -23.72 -12.86
CA GLY V 96 -16.37 -24.44 -12.34
C GLY V 96 -16.88 -25.33 -13.44
N ILE V 97 -16.71 -26.64 -13.28
CA ILE V 97 -17.11 -27.60 -14.30
C ILE V 97 -18.31 -28.45 -13.86
N ILE V 98 -19.29 -28.59 -14.75
CA ILE V 98 -20.30 -29.62 -14.54
C ILE V 98 -20.03 -30.83 -15.43
N VAL V 99 -20.01 -32.03 -14.83
CA VAL V 99 -19.74 -33.27 -15.58
C VAL V 99 -20.98 -34.16 -15.75
N ALA V 100 -21.31 -34.47 -17.00
CA ALA V 100 -22.54 -35.23 -17.29
C ALA V 100 -22.30 -36.42 -18.23
N GLY V 101 -22.87 -37.57 -17.91
CA GLY V 101 -22.64 -38.76 -18.71
C GLY V 101 -23.73 -39.81 -18.69
N TYR V 102 -23.91 -40.48 -19.83
CA TYR V 102 -24.78 -41.66 -19.89
C TYR V 102 -24.01 -42.97 -19.89
N ASP V 103 -24.62 -43.99 -19.29
CA ASP V 103 -24.00 -45.28 -19.04
C ASP V 103 -25.18 -46.20 -18.68
N ASP V 104 -25.22 -47.41 -19.25
CA ASP V 104 -26.41 -48.24 -19.10
C ASP V 104 -26.72 -48.75 -17.68
N LYS V 105 -25.68 -49.02 -16.90
CA LYS V 105 -25.83 -49.44 -15.50
C LYS V 105 -26.64 -48.43 -14.67
N ASN V 106 -26.12 -47.21 -14.52
CA ASN V 106 -26.78 -46.18 -13.70
C ASN V 106 -27.39 -45.01 -14.47
N LYS V 107 -27.67 -45.21 -15.76
CA LYS V 107 -28.31 -44.21 -16.61
C LYS V 107 -27.53 -42.88 -16.64
N GLY V 108 -28.24 -41.75 -16.63
CA GLY V 108 -27.58 -40.45 -16.56
C GLY V 108 -27.08 -40.10 -15.16
N GLU V 109 -25.95 -39.40 -15.09
CA GLU V 109 -25.42 -38.92 -13.80
C GLU V 109 -24.90 -37.48 -13.94
N VAL V 110 -25.09 -36.67 -12.90
CA VAL V 110 -24.55 -35.31 -12.90
C VAL V 110 -23.61 -35.03 -11.72
N TYR V 111 -22.40 -34.57 -12.03
CA TYR V 111 -21.45 -34.16 -10.98
C TYR V 111 -21.13 -32.67 -11.09
N THR V 112 -20.98 -32.00 -9.96
CA THR V 112 -20.49 -30.64 -10.05
C THR V 112 -19.14 -30.50 -9.34
N ILE V 113 -18.20 -29.87 -10.04
CA ILE V 113 -16.91 -29.52 -9.47
C ILE V 113 -16.74 -27.99 -9.52
N PRO V 114 -17.10 -27.31 -8.43
CA PRO V 114 -16.98 -25.85 -8.35
C PRO V 114 -15.54 -25.43 -8.08
N LEU V 115 -15.31 -24.13 -7.97
CA LEU V 115 -14.03 -23.60 -7.54
C LEU V 115 -13.57 -24.33 -6.29
N GLY V 116 -12.26 -24.50 -6.17
CA GLY V 116 -11.71 -25.40 -5.19
C GLY V 116 -11.59 -26.71 -5.92
N GLY V 117 -11.87 -27.81 -5.24
CA GLY V 117 -11.84 -29.06 -5.95
C GLY V 117 -12.93 -30.04 -5.55
N SER V 118 -13.83 -29.60 -4.68
CA SER V 118 -14.90 -30.45 -4.17
C SER V 118 -15.66 -31.08 -5.33
N VAL V 119 -16.26 -32.25 -5.08
CA VAL V 119 -17.08 -32.86 -6.12
C VAL V 119 -18.45 -33.24 -5.56
N HIS V 120 -19.51 -32.84 -6.26
CA HIS V 120 -20.85 -33.07 -5.76
C HIS V 120 -21.71 -33.77 -6.80
N LYS V 121 -22.27 -34.92 -6.41
CA LYS V 121 -23.18 -35.65 -7.27
C LYS V 121 -24.61 -35.23 -6.95
N LEU V 122 -25.39 -34.96 -7.98
CA LEU V 122 -26.71 -34.36 -7.83
C LEU V 122 -27.67 -34.75 -8.97
N PRO V 123 -28.99 -34.63 -8.74
CA PRO V 123 -30.01 -34.78 -9.78
C PRO V 123 -29.83 -33.79 -10.93
N TYR V 124 -29.54 -32.54 -10.58
CA TYR V 124 -29.16 -31.55 -11.59
C TYR V 124 -28.23 -30.58 -10.91
N ALA V 125 -27.52 -29.80 -11.71
CA ALA V 125 -26.65 -28.77 -11.18
C ALA V 125 -26.70 -27.58 -12.10
N ILE V 126 -26.52 -26.41 -11.50
CA ILE V 126 -26.44 -25.15 -12.26
C ILE V 126 -25.16 -24.41 -11.84
N ALA V 127 -24.58 -23.65 -12.76
CA ALA V 127 -23.36 -22.94 -12.46
C ALA V 127 -23.17 -21.80 -13.46
N GLY V 128 -22.14 -21.00 -13.26
CA GLY V 128 -21.94 -19.83 -14.07
C GLY V 128 -22.61 -18.61 -13.43
N SER V 129 -22.21 -17.43 -13.88
CA SER V 129 -22.68 -16.20 -13.25
C SER V 129 -24.19 -16.12 -13.34
N GLY V 130 -24.74 -16.54 -14.48
CA GLY V 130 -26.18 -16.54 -14.68
C GLY V 130 -26.96 -17.41 -13.70
N SER V 131 -26.27 -18.41 -13.13
CA SER V 131 -26.94 -19.39 -12.27
C SER V 131 -27.61 -18.80 -11.02
N THR V 132 -27.09 -17.70 -10.50
CA THR V 132 -27.61 -17.16 -9.24
C THR V 132 -29.09 -16.77 -9.33
N PHE V 133 -29.50 -16.30 -10.50
CA PHE V 133 -30.84 -15.79 -10.70
C PHE V 133 -31.91 -16.87 -10.86
N ILE V 134 -31.50 -18.10 -11.12
CA ILE V 134 -32.47 -19.15 -11.37
C ILE V 134 -32.52 -20.22 -10.30
N TYR V 135 -31.81 -20.02 -9.20
CA TYR V 135 -31.85 -20.97 -8.08
C TYR V 135 -33.26 -21.18 -7.53
N GLY V 136 -34.02 -20.12 -7.36
CA GLY V 136 -35.38 -20.22 -6.89
C GLY V 136 -36.23 -21.00 -7.89
N TYR V 137 -36.10 -20.67 -9.17
CA TYR V 137 -36.92 -21.26 -10.19
C TYR V 137 -36.60 -22.75 -10.35
N CYS V 138 -35.32 -23.08 -10.51
CA CYS V 138 -34.90 -24.46 -10.70
C CYS V 138 -35.35 -25.36 -9.56
N ASP V 139 -35.25 -24.86 -8.34
CA ASP V 139 -35.66 -25.65 -7.19
C ASP V 139 -37.17 -25.92 -7.13
N LYS V 140 -37.96 -24.92 -7.48
CA LYS V 140 -39.42 -25.09 -7.52
C LYS V 140 -39.85 -26.00 -8.65
N ASN V 141 -39.11 -25.99 -9.75
CA ASN V 141 -39.55 -26.66 -10.98
C ASN V 141 -38.88 -27.99 -11.31
N PHE V 142 -37.90 -28.41 -10.51
CA PHE V 142 -37.32 -29.73 -10.80
C PHE V 142 -38.09 -30.85 -10.12
N ARG V 143 -38.33 -31.90 -10.91
CA ARG V 143 -38.79 -33.18 -10.40
C ARG V 143 -37.98 -34.26 -11.11
N GLU V 144 -37.74 -35.37 -10.42
CA GLU V 144 -36.96 -36.47 -10.98
C GLU V 144 -37.73 -37.18 -12.06
N ASN V 145 -36.99 -37.90 -12.91
CA ASN V 145 -37.56 -38.82 -13.87
C ASN V 145 -38.53 -38.16 -14.84
N MET V 146 -38.15 -36.96 -15.28
CA MET V 146 -38.99 -36.21 -16.22
C MET V 146 -38.84 -36.82 -17.62
N SER V 147 -39.82 -36.56 -18.49
CA SER V 147 -39.69 -37.00 -19.86
C SER V 147 -38.65 -36.16 -20.56
N LYS V 148 -38.26 -36.58 -21.74
CA LYS V 148 -37.21 -35.88 -22.47
C LYS V 148 -37.65 -34.50 -22.95
N GLU V 149 -38.94 -34.31 -23.23
CA GLU V 149 -39.41 -33.02 -23.73
C GLU V 149 -39.72 -32.07 -22.57
N GLU V 150 -40.02 -32.64 -21.40
CA GLU V 150 -40.16 -31.84 -20.20
C GLU V 150 -38.80 -31.33 -19.75
N THR V 151 -37.78 -32.17 -19.87
CA THR V 151 -36.43 -31.77 -19.46
C THR V 151 -35.83 -30.73 -20.41
N VAL V 152 -36.10 -30.84 -21.70
CA VAL V 152 -35.70 -29.78 -22.61
C VAL V 152 -36.41 -28.48 -22.21
N ASP V 153 -37.69 -28.56 -21.90
CA ASP V 153 -38.44 -27.35 -21.57
C ASP V 153 -37.96 -26.71 -20.26
N PHE V 154 -37.74 -27.55 -19.25
CA PHE V 154 -37.22 -27.06 -17.98
C PHE V 154 -35.89 -26.31 -18.16
N ILE V 155 -35.01 -26.85 -19.01
CA ILE V 155 -33.70 -26.24 -19.27
C ILE V 155 -33.82 -25.00 -20.14
N LYS V 156 -34.72 -25.04 -21.11
CA LYS V 156 -34.95 -23.87 -21.95
C LYS V 156 -35.46 -22.70 -21.11
N HIS V 157 -36.31 -22.99 -20.13
CA HIS V 157 -36.90 -21.91 -19.35
C HIS V 157 -35.93 -21.34 -18.32
N SER V 158 -35.26 -22.22 -17.59
CA SER V 158 -34.24 -21.79 -16.64
C SER V 158 -33.21 -20.89 -17.33
N LEU V 159 -32.67 -21.37 -18.45
CA LEU V 159 -31.62 -20.65 -19.14
C LEU V 159 -32.08 -19.32 -19.71
N SER V 160 -33.33 -19.26 -20.17
CA SER V 160 -33.82 -18.03 -20.77
C SER V 160 -33.92 -16.97 -19.68
N GLN V 161 -34.27 -17.42 -18.48
CA GLN V 161 -34.33 -16.59 -17.30
C GLN V 161 -32.93 -16.14 -16.91
N ALA V 162 -32.01 -17.10 -16.79
CA ALA V 162 -30.60 -16.80 -16.53
C ALA V 162 -30.05 -15.73 -17.49
N ILE V 163 -30.38 -15.87 -18.77
CA ILE V 163 -29.90 -14.97 -19.79
C ILE V 163 -30.56 -13.60 -19.65
N LYS V 164 -31.80 -13.58 -19.19
CA LYS V 164 -32.58 -12.34 -19.09
C LYS V 164 -31.94 -11.40 -18.08
N TRP V 165 -31.42 -11.99 -17.01
CA TRP V 165 -30.90 -11.24 -15.90
C TRP V 165 -29.39 -11.05 -15.93
N ASP V 166 -28.66 -12.09 -16.30
CA ASP V 166 -27.20 -11.98 -16.37
C ASP V 166 -26.72 -11.39 -17.71
N GLY V 167 -26.08 -10.23 -17.65
CA GLY V 167 -25.50 -9.60 -18.82
C GLY V 167 -24.34 -10.41 -19.36
N SER V 168 -23.72 -11.21 -18.50
CA SER V 168 -22.63 -12.08 -18.97
C SER V 168 -23.12 -13.48 -19.37
N SER V 169 -24.35 -13.54 -19.88
CA SER V 169 -24.94 -14.72 -20.52
C SER V 169 -25.76 -14.18 -21.67
N GLY V 170 -26.14 -15.05 -22.61
CA GLY V 170 -26.85 -14.63 -23.81
C GLY V 170 -26.56 -15.50 -25.03
N GLY V 171 -27.01 -15.01 -26.18
CA GLY V 171 -26.82 -15.71 -27.45
C GLY V 171 -27.85 -16.79 -27.73
N VAL V 172 -27.40 -18.00 -28.06
CA VAL V 172 -28.27 -19.14 -28.30
C VAL V 172 -28.20 -20.11 -27.14
N ILE V 173 -29.23 -20.92 -26.95
CA ILE V 173 -29.15 -21.98 -25.96
C ILE V 173 -28.75 -23.29 -26.64
N ARG V 174 -27.60 -23.83 -26.24
CA ARG V 174 -27.13 -25.12 -26.73
C ARG V 174 -27.51 -26.25 -25.76
N MET V 175 -28.03 -27.34 -26.30
CA MET V 175 -28.21 -28.52 -25.46
C MET V 175 -27.54 -29.73 -26.07
N VAL V 176 -27.17 -30.67 -25.22
CA VAL V 176 -26.69 -31.97 -25.67
C VAL V 176 -27.43 -33.04 -24.88
N VAL V 177 -28.13 -33.93 -25.60
CA VAL V 177 -28.87 -35.01 -24.97
C VAL V 177 -28.07 -36.32 -25.00
N LEU V 178 -27.77 -36.82 -23.81
CA LEU V 178 -27.06 -38.09 -23.64
C LEU V 178 -28.06 -39.17 -23.22
N THR V 179 -28.40 -40.03 -24.19
CA THR V 179 -29.44 -41.04 -24.03
C THR V 179 -28.86 -42.42 -24.42
N ALA V 180 -29.57 -43.50 -24.10
CA ALA V 180 -29.16 -44.82 -24.59
C ALA V 180 -29.12 -44.87 -26.12
N ALA V 181 -29.96 -44.04 -26.73
CA ALA V 181 -30.09 -43.92 -28.19
C ALA V 181 -28.90 -43.25 -28.86
N GLY V 182 -28.14 -42.47 -28.11
CA GLY V 182 -27.02 -41.75 -28.68
C GLY V 182 -26.91 -40.30 -28.26
N VAL V 183 -26.39 -39.47 -29.15
CA VAL V 183 -26.06 -38.12 -28.76
C VAL V 183 -26.73 -37.08 -29.64
N GLU V 184 -27.63 -36.30 -29.05
CA GLU V 184 -28.34 -35.26 -29.80
C GLU V 184 -27.96 -33.82 -29.42
N ARG V 185 -27.73 -33.01 -30.45
CA ARG V 185 -27.45 -31.60 -30.28
C ARG V 185 -28.66 -30.73 -30.62
N LEU V 186 -29.06 -29.91 -29.65
CA LEU V 186 -30.17 -28.98 -29.82
C LEU V 186 -29.70 -27.53 -29.77
N ILE V 187 -30.39 -26.68 -30.50
CA ILE V 187 -30.09 -25.26 -30.46
C ILE V 187 -31.39 -24.44 -30.45
N PHE V 188 -31.43 -23.42 -29.60
CA PHE V 188 -32.55 -22.47 -29.54
C PHE V 188 -32.09 -21.02 -29.64
N TYR V 189 -32.72 -20.29 -30.56
CA TYR V 189 -32.33 -18.92 -30.87
C TYR V 189 -33.10 -17.92 -29.98
N PRO V 190 -32.61 -16.66 -29.86
CA PRO V 190 -33.26 -15.61 -29.07
C PRO V 190 -34.73 -15.41 -29.43
N ASP V 191 -35.05 -15.27 -30.70
CA ASP V 191 -36.45 -15.03 -31.13
C ASP V 191 -37.43 -16.16 -30.74
N GLU V 192 -36.91 -17.15 -30.04
CA GLU V 192 -37.69 -18.28 -29.62
C GLU V 192 -37.80 -18.25 -28.10
N TYR V 193 -36.67 -18.18 -27.40
CA TYR V 193 -36.71 -18.29 -25.95
C TYR V 193 -36.93 -16.95 -25.22
N GLU V 194 -36.72 -15.84 -25.92
CA GLU V 194 -37.01 -14.53 -25.35
C GLU V 194 -38.51 -14.35 -25.15
N GLN V 195 -39.30 -14.95 -26.04
CA GLN V 195 -40.76 -14.87 -25.99
C GLN V 195 -41.37 -15.78 -24.94
N LEU V 196 -40.52 -16.39 -24.12
CA LEU V 196 -41.02 -17.35 -23.12
C LEU V 196 -41.58 -16.61 -21.91
N THR W 1 -3.31 -2.14 -33.90
CA THR W 1 -3.42 -3.34 -34.75
C THR W 1 -4.88 -3.76 -35.00
N THR W 2 -5.21 -4.09 -36.25
CA THR W 2 -6.50 -4.68 -36.64
C THR W 2 -6.34 -5.91 -37.54
N ILE W 3 -6.72 -7.08 -37.05
CA ILE W 3 -6.65 -8.26 -37.90
C ILE W 3 -8.01 -8.97 -38.00
N VAL W 4 -8.31 -9.51 -39.18
CA VAL W 4 -9.52 -10.30 -39.38
C VAL W 4 -9.34 -11.65 -40.12
N GLY W 5 -10.36 -12.49 -40.00
CA GLY W 5 -10.41 -13.74 -40.71
C GLY W 5 -11.83 -13.94 -41.18
N VAL W 6 -12.01 -14.31 -42.44
CA VAL W 6 -13.34 -14.58 -42.96
C VAL W 6 -13.29 -15.86 -43.77
N LYS W 7 -14.13 -16.82 -43.42
CA LYS W 7 -14.27 -18.03 -44.20
C LYS W 7 -15.16 -17.73 -45.41
N PHE W 8 -14.81 -18.30 -46.56
CA PHE W 8 -15.72 -18.25 -47.72
C PHE W 8 -15.97 -19.66 -48.26
N ASN W 9 -16.89 -19.76 -49.22
CA ASN W 9 -17.42 -21.06 -49.69
C ASN W 9 -16.38 -22.17 -49.85
N ASN W 10 -15.21 -21.82 -50.39
CA ASN W 10 -14.17 -22.81 -50.70
C ASN W 10 -12.79 -22.42 -50.17
N GLY W 11 -12.76 -21.76 -49.01
CA GLY W 11 -11.49 -21.32 -48.45
C GLY W 11 -11.60 -20.38 -47.26
N VAL W 12 -10.52 -19.62 -47.03
CA VAL W 12 -10.45 -18.73 -45.89
C VAL W 12 -9.51 -17.58 -46.26
N VAL W 13 -9.80 -16.38 -45.77
CA VAL W 13 -8.97 -15.21 -46.06
C VAL W 13 -8.66 -14.47 -44.77
N ILE W 14 -7.41 -14.04 -44.62
CA ILE W 14 -7.07 -13.18 -43.50
C ILE W 14 -6.44 -11.88 -43.96
N ALA W 15 -6.65 -10.84 -43.16
CA ALA W 15 -6.14 -9.52 -43.48
C ALA W 15 -5.60 -8.82 -42.26
N ALA W 16 -4.72 -7.84 -42.48
CA ALA W 16 -4.17 -7.06 -41.37
C ALA W 16 -3.80 -5.65 -41.76
N ASP W 17 -3.87 -4.73 -40.79
CA ASP W 17 -3.39 -3.38 -41.03
C ASP W 17 -1.86 -3.41 -40.95
N THR W 18 -1.24 -2.28 -41.23
CA THR W 18 0.17 -2.28 -41.54
C THR W 18 1.03 -1.49 -40.54
N ARG W 19 0.38 -0.91 -39.53
CA ARG W 19 1.01 0.02 -38.58
C ARG W 19 1.51 -0.60 -37.26
N SER W 20 2.72 -0.24 -36.85
CA SER W 20 3.32 -0.71 -35.58
C SER W 20 3.63 0.44 -34.60
N THR W 21 3.15 0.34 -33.36
CA THR W 21 3.22 1.51 -32.46
C THR W 21 3.93 1.30 -31.13
N GLN W 22 4.93 2.14 -30.90
CA GLN W 22 5.56 2.28 -29.59
C GLN W 22 4.85 3.38 -28.82
N GLY W 23 3.98 2.99 -27.90
CA GLY W 23 3.15 3.97 -27.22
C GLY W 23 2.35 4.71 -28.28
N PRO W 24 2.46 6.04 -28.31
CA PRO W 24 1.78 6.81 -29.35
C PRO W 24 2.65 7.12 -30.57
N ILE W 25 3.87 6.59 -30.60
CA ILE W 25 4.74 6.76 -31.77
C ILE W 25 4.55 5.64 -32.79
N VAL W 26 4.42 6.00 -34.06
CA VAL W 26 4.46 5.00 -35.11
C VAL W 26 5.91 4.63 -35.37
N ALA W 27 6.30 3.43 -34.96
CA ALA W 27 7.68 2.95 -35.14
C ALA W 27 7.97 2.42 -36.57
N ASP W 28 6.97 1.77 -37.16
CA ASP W 28 7.06 1.21 -38.50
C ASP W 28 5.71 1.52 -39.13
N LYS W 29 5.74 2.29 -40.21
CA LYS W 29 4.50 2.67 -40.86
C LYS W 29 4.02 1.52 -41.70
N ASN W 30 4.96 0.68 -42.14
CA ASN W 30 4.65 -0.47 -42.97
C ASN W 30 5.31 -1.77 -42.53
N CYS W 31 4.70 -2.47 -41.58
CA CYS W 31 5.20 -3.77 -41.22
C CYS W 31 4.15 -4.78 -41.63
N ALA W 32 4.60 -6.01 -41.90
CA ALA W 32 3.68 -7.10 -42.21
C ALA W 32 3.34 -7.84 -40.92
N LYS W 33 2.04 -8.01 -40.68
CA LYS W 33 1.59 -8.68 -39.47
C LYS W 33 1.07 -10.06 -39.84
N LEU W 34 1.20 -10.40 -41.13
CA LEU W 34 0.78 -11.71 -41.64
C LEU W 34 1.96 -12.69 -41.71
N HIS W 35 1.85 -13.77 -40.94
CA HIS W 35 2.92 -14.74 -40.76
C HIS W 35 2.59 -16.11 -41.32
N ARG W 36 3.54 -16.70 -42.03
CA ARG W 36 3.38 -18.05 -42.53
C ARG W 36 3.76 -18.99 -41.41
N ILE W 37 2.88 -19.94 -41.08
CA ILE W 37 3.26 -21.03 -40.18
C ILE W 37 3.75 -22.21 -41.00
N SER W 38 3.02 -22.48 -42.08
CA SER W 38 3.39 -23.50 -43.04
C SER W 38 2.85 -22.94 -44.34
N PRO W 39 3.27 -23.50 -45.49
CA PRO W 39 2.92 -22.84 -46.76
C PRO W 39 1.46 -22.47 -46.91
N LYS W 40 0.56 -23.18 -46.25
CA LYS W 40 -0.87 -22.89 -46.40
C LYS W 40 -1.60 -22.74 -45.06
N ILE W 41 -0.84 -22.39 -44.04
CA ILE W 41 -1.41 -21.99 -42.75
C ILE W 41 -0.82 -20.63 -42.37
N TRP W 42 -1.65 -19.60 -42.44
CA TRP W 42 -1.17 -18.26 -42.15
C TRP W 42 -1.70 -17.74 -40.85
N CYS W 43 -1.01 -16.75 -40.30
CA CYS W 43 -1.32 -16.22 -38.99
C CYS W 43 -1.25 -14.72 -38.99
N ALA W 44 -2.21 -14.11 -38.29
CA ALA W 44 -2.22 -12.67 -38.04
C ALA W 44 -1.95 -12.47 -36.56
N GLY W 45 -1.07 -11.53 -36.24
CA GLY W 45 -0.68 -11.31 -34.86
C GLY W 45 -0.88 -9.90 -34.32
N ALA W 46 -1.38 -9.80 -33.09
CA ALA W 46 -1.56 -8.53 -32.40
C ALA W 46 -1.11 -8.68 -30.94
N GLY W 47 -0.51 -7.65 -30.38
CA GLY W 47 -0.02 -7.74 -29.02
C GLY W 47 1.45 -7.43 -28.95
N THR W 48 2.17 -8.08 -28.05
CA THR W 48 3.63 -7.91 -28.00
C THR W 48 4.26 -8.51 -29.25
N ALA W 49 4.81 -7.66 -30.12
CA ALA W 49 5.27 -8.11 -31.45
C ALA W 49 6.34 -9.21 -31.41
N ALA W 50 7.32 -9.05 -30.53
CA ALA W 50 8.35 -10.05 -30.33
C ALA W 50 7.72 -11.42 -30.06
N ASP W 51 6.75 -11.46 -29.16
CA ASP W 51 6.03 -12.69 -28.89
C ASP W 51 5.20 -13.19 -30.09
N THR W 52 4.62 -12.27 -30.82
CA THR W 52 3.83 -12.65 -31.97
C THR W 52 4.69 -13.39 -33.02
N GLU W 53 5.94 -12.96 -33.20
CA GLU W 53 6.81 -13.59 -34.20
C GLU W 53 7.49 -14.84 -33.66
N ALA W 54 7.93 -14.76 -32.41
CA ALA W 54 8.62 -15.86 -31.79
C ALA W 54 7.75 -17.10 -31.60
N VAL W 55 6.50 -16.89 -31.24
CA VAL W 55 5.62 -18.01 -31.02
C VAL W 55 5.22 -18.59 -32.38
N THR W 56 5.21 -17.74 -33.41
CA THR W 56 4.68 -18.10 -34.71
C THR W 56 5.75 -18.94 -35.45
N GLN W 57 7.00 -18.61 -35.20
CA GLN W 57 8.11 -19.28 -35.86
C GLN W 57 8.44 -20.59 -35.17
N LEU W 58 8.35 -20.62 -33.84
CA LEU W 58 8.58 -21.84 -33.10
C LEU W 58 7.57 -22.91 -33.52
N ILE W 59 6.30 -22.55 -33.55
CA ILE W 59 5.27 -23.49 -33.97
C ILE W 59 5.44 -23.81 -35.44
N GLY W 60 5.84 -22.81 -36.23
CA GLY W 60 6.11 -23.02 -37.64
C GLY W 60 7.20 -24.04 -37.89
N SER W 61 8.30 -23.88 -37.17
CA SER W 61 9.42 -24.82 -37.18
C SER W 61 8.90 -26.21 -36.85
N ASN W 62 8.27 -26.36 -35.70
CA ASN W 62 7.75 -27.64 -35.28
C ASN W 62 6.72 -28.25 -36.24
N ILE W 63 5.86 -27.42 -36.83
CA ILE W 63 4.87 -27.92 -37.78
C ILE W 63 5.57 -28.53 -39.01
N GLU W 64 6.66 -27.88 -39.45
CA GLU W 64 7.45 -28.42 -40.56
C GLU W 64 8.12 -29.73 -40.16
N LEU W 65 8.91 -29.69 -39.10
CA LEU W 65 9.53 -30.88 -38.54
C LEU W 65 8.55 -32.06 -38.41
N HIS W 66 7.30 -31.77 -38.05
CA HIS W 66 6.32 -32.81 -37.81
C HIS W 66 5.68 -33.34 -39.10
N SER W 67 5.60 -32.49 -40.12
CA SER W 67 5.04 -32.94 -41.39
C SER W 67 6.09 -33.72 -42.19
N LEU W 68 7.35 -33.52 -41.85
CA LEU W 68 8.43 -34.22 -42.53
C LEU W 68 8.49 -35.61 -41.93
N TYR W 69 8.27 -35.67 -40.62
CA TYR W 69 8.24 -36.93 -39.91
C TYR W 69 7.06 -37.78 -40.38
N THR W 70 5.88 -37.17 -40.45
CA THR W 70 4.65 -37.90 -40.76
C THR W 70 4.34 -38.01 -42.25
N SER W 71 5.06 -37.26 -43.09
CA SER W 71 4.84 -37.29 -44.53
C SER W 71 3.43 -36.86 -44.89
N ARG W 72 2.88 -35.97 -44.08
CA ARG W 72 1.55 -35.41 -44.33
C ARG W 72 1.60 -33.89 -44.38
N GLU W 73 0.72 -33.28 -45.17
CA GLU W 73 0.51 -31.85 -45.12
C GLU W 73 0.07 -31.45 -43.71
N PRO W 74 0.62 -30.35 -43.18
CA PRO W 74 0.34 -29.94 -41.79
C PRO W 74 -1.12 -29.53 -41.65
N ARG W 75 -1.72 -29.89 -40.53
CA ARG W 75 -3.09 -29.50 -40.23
C ARG W 75 -3.19 -28.25 -39.34
N VAL W 76 -4.13 -27.38 -39.70
CA VAL W 76 -4.45 -26.20 -38.89
C VAL W 76 -4.72 -26.56 -37.43
N VAL W 77 -5.47 -27.63 -37.17
CA VAL W 77 -5.71 -27.99 -35.77
C VAL W 77 -4.45 -28.33 -34.97
N SER W 78 -3.33 -28.60 -35.67
CA SER W 78 -2.07 -28.93 -35.00
C SER W 78 -1.29 -27.68 -34.62
N ALA W 79 -1.32 -26.68 -35.50
CA ALA W 79 -0.79 -25.37 -35.17
C ALA W 79 -1.55 -24.87 -33.93
N LEU W 80 -2.87 -25.05 -33.97
CA LEU W 80 -3.74 -24.58 -32.90
C LEU W 80 -3.40 -25.24 -31.59
N GLN W 81 -3.18 -26.54 -31.60
CA GLN W 81 -3.02 -27.20 -30.33
C GLN W 81 -1.65 -26.86 -29.77
N MET W 82 -0.69 -26.62 -30.68
CA MET W 82 0.68 -26.38 -30.27
C MET W 82 0.87 -24.95 -29.78
N LEU W 83 0.27 -24.00 -30.49
CA LEU W 83 0.13 -22.63 -30.01
C LEU W 83 -0.54 -22.56 -28.63
N LYS W 84 -1.74 -23.12 -28.51
CA LYS W 84 -2.50 -23.01 -27.26
C LYS W 84 -1.80 -23.62 -26.04
N GLN W 85 -1.15 -24.76 -26.22
CA GLN W 85 -0.52 -25.46 -25.11
C GLN W 85 0.76 -24.75 -24.68
N HIS W 86 1.33 -23.99 -25.62
CA HIS W 86 2.51 -23.19 -25.34
C HIS W 86 2.12 -21.88 -24.65
N LEU W 87 1.17 -21.15 -25.22
CA LEU W 87 0.63 -19.97 -24.56
C LEU W 87 0.11 -20.29 -23.17
N PHE W 88 -0.64 -21.39 -23.04
CA PHE W 88 -1.21 -21.72 -21.74
C PHE W 88 -0.14 -21.89 -20.69
N LYS W 89 0.94 -22.58 -21.07
CA LYS W 89 2.04 -22.82 -20.16
C LYS W 89 2.51 -21.49 -19.56
N TYR W 90 2.56 -20.46 -20.40
CA TYR W 90 3.18 -19.20 -20.01
C TYR W 90 2.21 -18.24 -19.35
N GLN W 91 1.01 -18.73 -19.04
CA GLN W 91 0.04 -18.02 -18.23
C GLN W 91 -0.22 -16.55 -18.64
N GLY W 92 -0.12 -16.26 -19.95
CA GLY W 92 -0.41 -14.92 -20.46
C GLY W 92 0.80 -14.01 -20.62
N HIS W 93 1.91 -14.35 -19.97
CA HIS W 93 3.15 -13.56 -20.07
C HIS W 93 3.73 -13.47 -21.48
N ILE W 94 3.36 -14.40 -22.35
CA ILE W 94 3.68 -14.27 -23.76
C ILE W 94 2.48 -13.61 -24.42
N GLY W 95 2.62 -12.33 -24.75
CA GLY W 95 1.48 -11.54 -25.20
C GLY W 95 1.08 -11.82 -26.63
N ALA W 96 0.58 -13.01 -26.90
CA ALA W 96 0.35 -13.39 -28.28
C ALA W 96 -1.14 -13.53 -28.55
N TYR W 97 -1.62 -12.84 -29.58
CA TYR W 97 -3.05 -12.83 -29.86
C TYR W 97 -3.17 -13.05 -31.34
N LEU W 98 -3.76 -14.18 -31.70
CA LEU W 98 -3.56 -14.69 -33.03
C LEU W 98 -4.85 -15.09 -33.69
N ILE W 99 -4.91 -14.80 -34.99
CA ILE W 99 -5.91 -15.41 -35.84
C ILE W 99 -5.17 -16.35 -36.78
N VAL W 100 -5.45 -17.63 -36.65
CA VAL W 100 -4.76 -18.63 -37.43
C VAL W 100 -5.74 -19.31 -38.36
N ALA W 101 -5.48 -19.18 -39.66
CA ALA W 101 -6.35 -19.75 -40.67
C ALA W 101 -5.55 -20.62 -41.62
N GLY W 102 -6.22 -21.46 -42.40
CA GLY W 102 -5.54 -22.24 -43.40
C GLY W 102 -6.36 -23.34 -44.05
N VAL W 103 -5.77 -23.98 -45.06
CA VAL W 103 -6.41 -25.14 -45.69
C VAL W 103 -5.50 -26.34 -45.55
N ASP W 104 -6.10 -27.50 -45.34
CA ASP W 104 -5.32 -28.71 -45.22
C ASP W 104 -6.11 -29.87 -45.82
N PRO W 105 -5.64 -31.12 -45.63
CA PRO W 105 -6.50 -32.21 -46.10
C PRO W 105 -7.92 -32.27 -45.49
N THR W 106 -8.15 -31.70 -44.32
CA THR W 106 -9.50 -31.79 -43.76
C THR W 106 -10.45 -30.69 -44.22
N GLY W 107 -9.91 -29.64 -44.84
CA GLY W 107 -10.71 -28.52 -45.30
C GLY W 107 -10.15 -27.14 -44.98
N SER W 108 -11.05 -26.20 -44.66
CA SER W 108 -10.66 -24.83 -44.36
C SER W 108 -11.02 -24.48 -42.93
N HIS W 109 -10.12 -23.79 -42.24
CA HIS W 109 -10.28 -23.53 -40.82
C HIS W 109 -10.00 -22.10 -40.41
N LEU W 110 -10.75 -21.63 -39.42
CA LEU W 110 -10.54 -20.30 -38.87
C LEU W 110 -10.62 -20.34 -37.35
N PHE W 111 -9.51 -20.04 -36.71
CA PHE W 111 -9.45 -20.07 -35.26
C PHE W 111 -8.88 -18.76 -34.71
N SER W 112 -9.15 -18.48 -33.45
CA SER W 112 -8.40 -17.41 -32.80
C SER W 112 -7.81 -17.90 -31.47
N ILE W 113 -6.64 -17.37 -31.11
CA ILE W 113 -6.00 -17.76 -29.86
C ILE W 113 -5.68 -16.53 -29.02
N HIS W 114 -6.08 -16.53 -27.76
CA HIS W 114 -5.69 -15.46 -26.86
C HIS W 114 -4.42 -15.82 -26.09
N ALA W 115 -3.72 -14.82 -25.57
CA ALA W 115 -2.45 -15.06 -24.89
C ALA W 115 -2.48 -16.10 -23.77
N HIS W 116 -3.59 -16.20 -23.05
CA HIS W 116 -3.67 -17.12 -21.91
C HIS W 116 -3.84 -18.57 -22.30
N GLY W 117 -4.23 -18.80 -23.56
CA GLY W 117 -4.33 -20.13 -24.11
C GLY W 117 -5.71 -20.54 -24.58
N SER W 118 -6.71 -19.68 -24.41
CA SER W 118 -8.08 -19.98 -24.86
C SER W 118 -8.22 -19.85 -26.36
N THR W 119 -9.04 -20.71 -26.96
CA THR W 119 -9.27 -20.67 -28.42
C THR W 119 -10.75 -20.58 -28.80
N ASP W 120 -11.01 -20.02 -29.97
CA ASP W 120 -12.38 -19.86 -30.45
C ASP W 120 -12.49 -20.25 -31.91
N VAL W 121 -13.68 -20.68 -32.30
CA VAL W 121 -13.98 -21.06 -33.67
C VAL W 121 -15.04 -20.12 -34.22
N GLY W 122 -14.89 -19.71 -35.47
CA GLY W 122 -15.91 -18.87 -36.08
C GLY W 122 -15.80 -18.77 -37.58
N TYR W 123 -16.77 -18.13 -38.21
CA TYR W 123 -16.72 -17.90 -39.65
C TYR W 123 -16.13 -16.54 -39.95
N TYR W 124 -15.95 -15.75 -38.89
CA TYR W 124 -15.35 -14.43 -39.00
C TYR W 124 -14.93 -13.97 -37.60
N LEU W 125 -13.76 -13.35 -37.52
CA LEU W 125 -13.14 -13.02 -36.25
C LEU W 125 -12.31 -11.75 -36.37
N SER W 126 -12.16 -11.00 -35.29
CA SER W 126 -11.11 -9.96 -35.31
C SER W 126 -10.35 -9.84 -34.01
N LEU W 127 -9.18 -9.21 -34.08
CA LEU W 127 -8.36 -9.01 -32.89
C LEU W 127 -7.66 -7.67 -32.91
N GLY W 128 -7.27 -7.17 -31.74
CA GLY W 128 -6.44 -5.99 -31.65
C GLY W 128 -7.19 -4.72 -31.26
N SER W 129 -6.50 -3.60 -31.32
CA SER W 129 -7.10 -2.33 -30.94
C SER W 129 -8.23 -1.94 -31.89
N GLY W 130 -8.11 -2.37 -33.16
CA GLY W 130 -9.10 -2.09 -34.19
C GLY W 130 -10.24 -3.10 -34.21
N SER W 131 -10.12 -4.08 -33.29
CA SER W 131 -11.04 -5.21 -33.19
C SER W 131 -12.52 -4.83 -33.28
N LEU W 132 -12.91 -3.77 -32.57
CA LEU W 132 -14.33 -3.38 -32.47
C LEU W 132 -14.85 -2.69 -33.73
N ALA W 133 -14.04 -1.82 -34.30
CA ALA W 133 -14.39 -1.18 -35.56
C ALA W 133 -14.54 -2.23 -36.66
N ALA W 134 -13.55 -3.12 -36.80
CA ALA W 134 -13.63 -4.22 -37.78
C ALA W 134 -14.88 -5.08 -37.57
N MET W 135 -15.05 -5.59 -36.35
CA MET W 135 -16.22 -6.39 -36.01
C MET W 135 -17.53 -5.71 -36.34
N ALA W 136 -17.61 -4.41 -36.10
CA ALA W 136 -18.81 -3.66 -36.47
C ALA W 136 -19.14 -3.90 -37.95
N VAL W 137 -18.13 -3.83 -38.80
CA VAL W 137 -18.32 -4.08 -40.22
C VAL W 137 -18.71 -5.54 -40.54
N LEU W 138 -17.85 -6.46 -40.11
CA LEU W 138 -18.12 -7.88 -40.21
C LEU W 138 -19.55 -8.19 -39.81
N GLU W 139 -19.91 -7.78 -38.61
CA GLU W 139 -21.23 -8.01 -38.03
C GLU W 139 -22.39 -7.42 -38.85
N SER W 140 -22.10 -6.48 -39.74
CA SER W 140 -23.13 -5.82 -40.55
C SER W 140 -23.26 -6.38 -41.98
N HIS W 141 -22.15 -6.87 -42.52
CA HIS W 141 -22.13 -7.29 -43.92
C HIS W 141 -21.87 -8.78 -44.16
N TRP W 142 -21.55 -9.52 -43.10
CA TRP W 142 -21.23 -10.93 -43.26
C TRP W 142 -22.48 -11.74 -43.58
N LYS W 143 -22.30 -12.76 -44.40
CA LYS W 143 -23.36 -13.70 -44.72
C LYS W 143 -22.70 -15.00 -45.15
N GLN W 144 -23.38 -16.12 -44.95
CA GLN W 144 -22.83 -17.42 -45.33
C GLN W 144 -22.74 -17.53 -46.84
N ASP W 145 -21.86 -18.38 -47.32
CA ASP W 145 -21.67 -18.58 -48.77
C ASP W 145 -21.20 -17.34 -49.50
N LEU W 146 -20.05 -16.82 -49.09
CA LEU W 146 -19.45 -15.70 -49.77
C LEU W 146 -18.58 -16.24 -50.88
N THR W 147 -18.48 -15.51 -51.97
CA THR W 147 -17.46 -15.82 -52.96
C THR W 147 -16.11 -15.42 -52.39
N LYS W 148 -15.05 -15.88 -53.02
CA LYS W 148 -13.70 -15.43 -52.69
C LYS W 148 -13.57 -13.90 -52.80
N GLU W 149 -14.13 -13.30 -53.84
CA GLU W 149 -13.97 -11.87 -54.07
C GLU W 149 -14.76 -11.06 -53.06
N GLU W 150 -15.89 -11.62 -52.62
CA GLU W 150 -16.71 -10.97 -51.61
C GLU W 150 -15.99 -10.99 -50.27
N ALA W 151 -15.45 -12.15 -49.92
CA ALA W 151 -14.75 -12.29 -48.65
C ALA W 151 -13.48 -11.46 -48.61
N ILE W 152 -12.85 -11.21 -49.75
CA ILE W 152 -11.68 -10.36 -49.77
C ILE W 152 -12.09 -8.91 -49.51
N LYS W 153 -13.16 -8.49 -50.19
CA LYS W 153 -13.72 -7.16 -49.99
C LYS W 153 -14.19 -6.99 -48.55
N LEU W 154 -14.95 -7.97 -48.05
CA LEU W 154 -15.48 -7.92 -46.69
C LEU W 154 -14.37 -7.82 -45.66
N ALA W 155 -13.37 -8.70 -45.78
CA ALA W 155 -12.22 -8.67 -44.87
C ALA W 155 -11.47 -7.34 -44.97
N SER W 156 -11.39 -6.83 -46.19
CA SER W 156 -10.61 -5.64 -46.46
C SER W 156 -11.30 -4.36 -45.91
N ASP W 157 -12.63 -4.37 -45.88
CA ASP W 157 -13.38 -3.23 -45.35
C ASP W 157 -13.30 -3.21 -43.84
N ALA W 158 -13.25 -4.40 -43.25
CA ALA W 158 -13.11 -4.55 -41.82
C ALA W 158 -11.80 -3.95 -41.35
N ILE W 159 -10.69 -4.28 -42.03
CA ILE W 159 -9.41 -3.68 -41.71
C ILE W 159 -9.46 -2.16 -41.89
N GLN W 160 -10.21 -1.73 -42.89
CA GLN W 160 -10.35 -0.31 -43.20
C GLN W 160 -10.99 0.47 -42.04
N ALA W 161 -12.11 -0.05 -41.54
CA ALA W 161 -12.78 0.53 -40.37
C ALA W 161 -11.82 0.75 -39.19
N GLY W 162 -10.89 -0.18 -39.00
CA GLY W 162 -9.86 -0.05 -37.99
C GLY W 162 -8.83 1.02 -38.32
N ILE W 163 -8.40 1.06 -39.58
CA ILE W 163 -7.39 2.03 -39.99
C ILE W 163 -7.85 3.46 -39.72
N TRP W 164 -9.04 3.76 -40.24
CA TRP W 164 -9.63 5.10 -40.12
C TRP W 164 -10.06 5.40 -38.68
N ASN W 165 -10.83 4.50 -38.07
CA ASN W 165 -11.42 4.77 -36.76
C ASN W 165 -10.61 4.31 -35.53
N ASP W 166 -9.43 3.72 -35.73
CA ASP W 166 -8.59 3.29 -34.60
C ASP W 166 -7.18 3.86 -34.69
N LEU W 167 -6.74 4.46 -33.59
CA LEU W 167 -5.49 5.17 -33.57
C LEU W 167 -4.35 4.17 -33.47
N GLY W 168 -4.66 2.92 -33.12
CA GLY W 168 -3.65 1.88 -33.04
C GLY W 168 -3.38 1.21 -34.37
N SER W 169 -4.13 1.60 -35.40
CA SER W 169 -4.12 0.94 -36.69
C SER W 169 -4.05 1.94 -37.82
N GLY W 170 -3.32 1.60 -38.86
CA GLY W 170 -3.33 2.42 -40.05
C GLY W 170 -2.40 2.01 -41.17
N SER W 171 -2.38 2.86 -42.19
CA SER W 171 -1.56 2.73 -43.40
C SER W 171 -2.19 1.78 -44.39
N ASN W 172 -1.66 0.55 -44.47
CA ASN W 172 -2.04 -0.37 -45.52
C ASN W 172 -2.81 -1.60 -45.07
N VAL W 173 -3.48 -2.24 -46.02
CA VAL W 173 -4.11 -3.54 -45.80
C VAL W 173 -3.38 -4.70 -46.52
N ASP W 174 -2.86 -5.64 -45.75
CA ASP W 174 -2.33 -6.88 -46.29
C ASP W 174 -3.44 -7.93 -46.27
N VAL W 175 -3.47 -8.81 -47.27
CA VAL W 175 -4.43 -9.90 -47.33
C VAL W 175 -3.73 -11.20 -47.72
N CYS W 176 -4.26 -12.33 -47.22
CA CYS W 176 -3.82 -13.65 -47.64
C CYS W 176 -5.00 -14.58 -47.93
N VAL W 177 -5.07 -15.12 -49.14
CA VAL W 177 -6.20 -15.98 -49.50
C VAL W 177 -5.79 -17.44 -49.58
N MET W 178 -6.29 -18.24 -48.66
CA MET W 178 -6.00 -19.67 -48.68
C MET W 178 -7.22 -20.42 -49.18
N GLU W 179 -7.21 -20.78 -50.46
CA GLU W 179 -8.31 -21.56 -51.05
C GLU W 179 -7.96 -23.05 -51.04
N ILE W 180 -8.98 -23.91 -51.12
CA ILE W 180 -8.78 -25.34 -50.88
C ILE W 180 -7.86 -26.09 -51.88
N GLY W 181 -8.08 -25.90 -53.18
CA GLY W 181 -7.28 -26.65 -54.13
C GLY W 181 -6.08 -25.94 -54.75
N LYS W 182 -5.67 -24.82 -54.18
CA LYS W 182 -4.65 -24.00 -54.83
C LYS W 182 -3.62 -23.46 -53.85
N ASP W 183 -2.63 -22.73 -54.36
CA ASP W 183 -1.60 -22.16 -53.52
C ASP W 183 -2.17 -21.02 -52.67
N ALA W 184 -1.65 -20.87 -51.45
CA ALA W 184 -1.99 -19.72 -50.62
C ALA W 184 -1.55 -18.47 -51.35
N GLU W 185 -2.42 -17.48 -51.41
CA GLU W 185 -2.13 -16.23 -52.13
C GLU W 185 -1.88 -15.09 -51.13
N TYR W 186 -0.68 -14.52 -51.15
CA TYR W 186 -0.28 -13.55 -50.16
C TYR W 186 -0.10 -12.19 -50.79
N LEU W 187 -1.15 -11.39 -50.72
CA LEU W 187 -1.17 -10.05 -51.29
C LEU W 187 -0.68 -8.99 -50.30
N ARG W 188 0.64 -8.81 -50.21
CA ARG W 188 1.21 -7.71 -49.45
C ARG W 188 0.77 -6.39 -50.03
N ASN W 189 0.50 -5.42 -49.16
CA ASN W 189 -0.02 -4.10 -49.53
C ASN W 189 -1.09 -4.16 -50.62
N TYR W 190 -2.12 -4.96 -50.36
CA TYR W 190 -3.26 -5.14 -51.26
C TYR W 190 -4.02 -3.82 -51.40
N LEU W 191 -3.94 -3.00 -50.36
CA LEU W 191 -4.49 -1.64 -50.36
C LEU W 191 -3.48 -0.65 -49.83
N THR W 192 -3.30 0.44 -50.54
CA THR W 192 -2.39 1.48 -50.08
C THR W 192 -3.04 2.87 -50.13
N PRO W 193 -4.06 3.10 -49.28
CA PRO W 193 -4.89 4.31 -49.30
C PRO W 193 -4.41 5.43 -48.36
N ASN W 194 -3.17 5.32 -47.90
CA ASN W 194 -2.60 6.29 -46.97
C ASN W 194 -1.24 6.77 -47.44
N VAL W 195 -1.15 7.10 -48.73
CA VAL W 195 0.12 7.59 -49.27
C VAL W 195 0.35 9.03 -48.87
N ARG W 196 1.54 9.31 -48.34
CA ARG W 196 1.91 10.65 -47.91
C ARG W 196 1.88 11.66 -49.07
N GLU W 197 1.27 12.81 -48.86
CA GLU W 197 1.26 13.86 -49.87
C GLU W 197 2.68 14.39 -50.10
N GLU W 198 2.88 15.05 -51.22
CA GLU W 198 4.15 15.67 -51.49
C GLU W 198 4.37 16.75 -50.44
N LYS W 199 5.60 16.91 -50.01
CA LYS W 199 5.93 17.96 -49.06
C LYS W 199 6.04 19.30 -49.79
N GLN W 200 5.91 20.39 -49.05
CA GLN W 200 5.95 21.73 -49.65
C GLN W 200 7.37 22.15 -50.06
N LYS W 201 8.36 21.55 -49.42
CA LYS W 201 9.76 21.98 -49.52
C LYS W 201 10.71 20.76 -49.63
N SER W 202 11.96 21.03 -50.00
CA SER W 202 12.98 20.00 -50.03
C SER W 202 14.00 20.34 -48.96
N TYR W 203 14.41 19.38 -48.14
CA TYR W 203 15.24 19.72 -46.99
C TYR W 203 16.68 19.28 -47.16
N LYS W 204 16.96 18.86 -48.38
CA LYS W 204 18.31 18.56 -48.84
C LYS W 204 19.22 19.74 -48.54
N PHE W 205 20.40 19.48 -48.00
CA PHE W 205 21.30 20.52 -47.52
C PHE W 205 22.38 20.85 -48.53
N PRO W 206 22.96 22.05 -48.41
CA PRO W 206 24.22 22.28 -49.13
C PRO W 206 25.33 21.41 -48.54
N ARG W 207 26.22 20.91 -49.40
CA ARG W 207 27.31 20.06 -48.96
C ARG W 207 28.34 20.87 -48.18
N GLY W 208 28.75 20.37 -47.02
CA GLY W 208 29.66 21.10 -46.16
C GLY W 208 28.95 21.88 -45.06
N THR W 209 27.63 21.81 -45.08
CA THR W 209 26.77 22.42 -44.06
C THR W 209 27.17 22.02 -42.65
N THR W 210 27.58 20.76 -42.49
CA THR W 210 27.86 20.22 -41.16
C THR W 210 29.31 20.42 -40.76
N ALA W 211 29.52 20.72 -39.49
CA ALA W 211 30.88 20.94 -38.98
C ALA W 211 31.51 19.63 -38.60
N VAL W 212 32.67 19.34 -39.19
CA VAL W 212 33.39 18.09 -38.95
C VAL W 212 34.73 18.29 -38.22
N LEU W 213 35.04 17.44 -37.24
CA LEU W 213 36.27 17.56 -36.45
C LEU W 213 37.42 16.64 -36.93
N LYS W 214 37.06 15.46 -37.42
CA LYS W 214 38.01 14.43 -37.82
C LYS W 214 37.38 13.57 -38.89
N GLU W 215 38.20 13.16 -39.84
CA GLU W 215 37.75 12.26 -40.89
C GLU W 215 38.68 11.05 -40.95
N SER W 216 38.12 9.88 -41.18
CA SER W 216 38.90 8.66 -41.07
C SER W 216 38.30 7.50 -41.86
N ILE W 217 39.16 6.69 -42.47
CA ILE W 217 38.71 5.44 -43.09
C ILE W 217 38.62 4.33 -42.04
N VAL W 218 37.58 3.51 -42.14
CA VAL W 218 37.50 2.34 -41.28
C VAL W 218 37.89 1.10 -42.09
N ASN W 219 38.57 0.18 -41.41
CA ASN W 219 39.02 -1.08 -42.00
C ASN W 219 38.00 -2.19 -41.75
N ILE W 220 37.39 -2.66 -42.82
CA ILE W 220 36.38 -3.71 -42.71
C ILE W 220 36.88 -5.05 -43.27
N CYS W 221 38.04 -5.03 -43.92
CA CYS W 221 38.67 -6.24 -44.48
C CYS W 221 39.67 -6.90 -43.50
N ASP W 222 39.99 -8.17 -43.77
CA ASP W 222 40.91 -8.97 -42.95
C ASP W 222 42.22 -8.25 -42.64
N SER X 1 15.87 4.16 -12.35
CA SER X 1 14.76 3.21 -12.16
C SER X 1 14.12 2.81 -13.49
N ASP X 2 14.37 3.61 -14.53
CA ASP X 2 14.07 3.20 -15.90
C ASP X 2 15.40 2.92 -16.60
N PRO X 3 15.76 1.64 -16.70
CA PRO X 3 17.12 1.22 -17.06
C PRO X 3 17.53 1.75 -18.43
N SER X 4 16.54 1.86 -19.30
CA SER X 4 16.80 2.37 -20.65
C SER X 4 17.18 3.85 -20.69
N SER X 5 17.07 4.54 -19.54
CA SER X 5 17.31 5.99 -19.45
C SER X 5 18.35 6.42 -18.40
N ILE X 6 19.02 5.47 -17.76
CA ILE X 6 20.07 5.83 -16.82
C ILE X 6 21.23 6.52 -17.54
N ASN X 7 21.68 5.92 -18.66
CA ASN X 7 22.91 6.36 -19.32
C ASN X 7 22.74 7.31 -20.49
N GLY X 8 21.57 7.28 -21.12
CA GLY X 8 21.35 8.11 -22.29
C GLY X 8 22.09 7.64 -23.52
N GLY X 9 21.89 8.32 -24.63
CA GLY X 9 22.53 7.96 -25.89
C GLY X 9 21.50 7.80 -26.99
N ILE X 10 21.92 8.05 -28.24
CA ILE X 10 21.08 7.80 -29.40
C ILE X 10 21.87 7.20 -30.57
N VAL X 11 21.14 6.62 -31.52
CA VAL X 11 21.71 6.02 -32.71
C VAL X 11 20.66 6.22 -33.79
N VAL X 12 21.08 6.57 -34.99
CA VAL X 12 20.15 6.63 -36.12
C VAL X 12 20.85 6.02 -37.34
N ALA X 13 20.07 5.38 -38.21
CA ALA X 13 20.62 4.81 -39.44
C ALA X 13 19.70 5.09 -40.62
N MET X 14 20.28 5.40 -41.77
CA MET X 14 19.50 5.70 -42.97
C MET X 14 20.05 4.98 -44.19
N THR X 15 19.18 4.81 -45.18
CA THR X 15 19.64 4.29 -46.46
C THR X 15 19.59 5.36 -47.55
N GLY X 16 20.60 5.32 -48.43
CA GLY X 16 20.65 6.13 -49.63
C GLY X 16 20.84 5.25 -50.85
N LYS X 17 21.40 5.82 -51.92
CA LYS X 17 21.60 5.08 -53.16
C LYS X 17 22.91 4.32 -53.14
N ASP X 18 22.82 2.99 -53.08
CA ASP X 18 23.97 2.08 -52.98
C ASP X 18 24.86 2.43 -51.78
N CYS X 19 24.24 2.93 -50.71
CA CYS X 19 24.97 3.26 -49.49
C CYS X 19 24.03 3.28 -48.28
N VAL X 20 24.60 3.22 -47.08
CA VAL X 20 23.86 3.45 -45.85
C VAL X 20 24.67 4.30 -44.89
N ALA X 21 24.00 4.95 -43.95
CA ALA X 21 24.71 5.70 -42.91
C ALA X 21 24.20 5.33 -41.52
N ILE X 22 25.11 5.36 -40.54
CA ILE X 22 24.78 5.07 -39.15
C ILE X 22 25.55 6.01 -38.21
N ALA X 23 24.86 6.58 -37.24
CA ALA X 23 25.42 7.62 -36.39
C ALA X 23 24.94 7.52 -34.94
N CYS X 24 25.77 7.98 -34.01
CA CYS X 24 25.42 7.97 -32.60
C CYS X 24 26.05 9.19 -31.89
N ASP X 25 25.44 9.63 -30.79
CA ASP X 25 26.12 10.60 -29.93
C ASP X 25 27.25 9.88 -29.19
N LEU X 26 27.99 10.59 -28.34
CA LEU X 26 29.15 10.02 -27.65
C LEU X 26 29.00 10.05 -26.15
N ARG X 27 27.78 10.30 -25.67
CA ARG X 27 27.61 10.54 -24.25
C ARG X 27 27.45 9.27 -23.43
N LEU X 28 28.02 9.27 -22.24
CA LEU X 28 27.66 8.27 -21.24
C LEU X 28 27.48 9.05 -19.95
N GLY X 29 26.26 9.02 -19.44
CA GLY X 29 26.01 9.74 -18.22
C GLY X 29 25.56 8.81 -17.15
N SER X 30 25.63 9.27 -15.91
CA SER X 30 24.92 8.64 -14.81
C SER X 30 23.79 9.59 -14.39
N GLN X 31 22.65 9.42 -15.03
CA GLN X 31 21.51 10.33 -14.90
C GLN X 31 21.91 11.77 -15.25
N SER X 32 21.94 12.66 -14.28
CA SER X 32 22.21 14.06 -14.62
C SER X 32 23.69 14.31 -14.90
N LEU X 33 24.55 13.58 -14.20
CA LEU X 33 26.01 13.66 -14.32
C LEU X 33 26.56 13.10 -15.63
N GLY X 34 27.24 13.94 -16.40
CA GLY X 34 27.96 13.46 -17.57
C GLY X 34 29.20 12.75 -17.06
N VAL X 35 29.52 11.59 -17.63
CA VAL X 35 30.67 10.84 -17.15
C VAL X 35 31.77 10.70 -18.20
N SER X 36 31.36 10.41 -19.43
CA SER X 36 32.32 10.26 -20.53
C SER X 36 31.80 10.86 -21.83
N ASN X 37 32.73 11.46 -22.55
CA ASN X 37 32.43 12.05 -23.85
C ASN X 37 32.92 11.17 -25.01
N LYS X 38 33.32 9.94 -24.70
CA LYS X 38 33.91 9.04 -25.71
C LYS X 38 33.26 7.67 -25.75
N PHE X 39 32.02 7.59 -25.28
CA PHE X 39 31.32 6.32 -25.27
C PHE X 39 30.61 6.13 -26.60
N GLU X 40 31.38 5.68 -27.58
CA GLU X 40 30.87 5.27 -28.88
C GLU X 40 29.87 4.13 -28.72
N LYS X 41 28.83 4.14 -29.55
CA LYS X 41 27.74 3.17 -29.47
C LYS X 41 27.60 2.42 -30.77
N ILE X 42 28.55 2.61 -31.68
CA ILE X 42 28.57 1.89 -32.96
C ILE X 42 29.74 0.89 -33.11
N PHE X 43 29.39 -0.35 -33.44
CA PHE X 43 30.37 -1.42 -33.56
C PHE X 43 30.34 -2.05 -34.93
N HIS X 44 31.43 -2.72 -35.30
CA HIS X 44 31.43 -3.50 -36.53
C HIS X 44 31.93 -4.93 -36.35
N TYR X 45 31.32 -5.81 -37.12
CA TYR X 45 31.75 -7.19 -37.25
C TYR X 45 31.79 -7.44 -38.76
N GLY X 46 32.98 -7.35 -39.34
CA GLY X 46 33.15 -7.39 -40.77
C GLY X 46 32.61 -6.12 -41.37
N HIS X 47 31.75 -6.27 -42.37
CA HIS X 47 31.18 -5.12 -43.04
C HIS X 47 29.79 -4.83 -42.50
N VAL X 48 29.43 -5.48 -41.40
CA VAL X 48 28.12 -5.28 -40.79
C VAL X 48 28.26 -4.40 -39.56
N PHE X 49 27.41 -3.37 -39.48
CA PHE X 49 27.49 -2.40 -38.38
C PHE X 49 26.35 -2.52 -37.40
N LEU X 50 26.69 -2.39 -36.11
CA LEU X 50 25.69 -2.48 -35.07
C LEU X 50 25.75 -1.27 -34.13
N GLY X 51 24.65 -0.51 -34.02
CA GLY X 51 24.51 0.52 -33.02
C GLY X 51 23.65 0.05 -31.86
N ILE X 52 24.05 0.37 -30.63
CA ILE X 52 23.30 -0.06 -29.43
C ILE X 52 23.11 1.10 -28.44
N THR X 53 21.86 1.55 -28.27
CA THR X 53 21.51 2.53 -27.23
C THR X 53 20.87 1.81 -26.05
N GLY X 54 20.75 2.47 -24.91
CA GLY X 54 20.15 1.84 -23.75
C GLY X 54 21.13 1.79 -22.61
N LEU X 55 21.00 0.81 -21.71
CA LEU X 55 21.87 0.65 -20.54
C LEU X 55 23.31 0.31 -20.92
N ALA X 56 24.26 1.15 -20.54
CA ALA X 56 25.67 1.03 -20.98
C ALA X 56 26.35 -0.34 -20.70
N THR X 57 26.11 -0.89 -19.52
CA THR X 57 26.65 -2.21 -19.21
C THR X 57 26.16 -3.27 -20.20
N ASP X 58 24.93 -3.16 -20.67
CA ASP X 58 24.36 -4.14 -21.58
C ASP X 58 24.84 -3.88 -22.99
N VAL X 59 25.05 -2.62 -23.30
CA VAL X 59 25.62 -2.22 -24.57
C VAL X 59 26.98 -2.90 -24.77
N THR X 60 27.81 -2.79 -23.75
CA THR X 60 29.15 -3.37 -23.75
C THR X 60 29.06 -4.90 -23.80
N THR X 61 28.22 -5.46 -22.94
CA THR X 61 28.01 -6.89 -22.91
C THR X 61 27.52 -7.44 -24.26
N LEU X 62 26.58 -6.73 -24.86
CA LEU X 62 26.03 -7.18 -26.13
C LEU X 62 27.06 -7.10 -27.24
N ASN X 63 27.98 -6.16 -27.14
CA ASN X 63 28.94 -5.97 -28.22
C ASN X 63 30.02 -7.06 -28.18
N GLU X 64 30.49 -7.32 -26.96
CA GLU X 64 31.38 -8.41 -26.72
C GLU X 64 30.77 -9.74 -27.15
N MET X 65 29.46 -9.88 -26.98
CA MET X 65 28.80 -11.14 -27.28
C MET X 65 28.64 -11.37 -28.77
N PHE X 66 28.21 -10.37 -29.52
CA PHE X 66 28.15 -10.52 -30.97
C PHE X 66 29.54 -10.56 -31.62
N ARG X 67 30.56 -10.09 -30.90
CA ARG X 67 31.91 -10.24 -31.40
C ARG X 67 32.16 -11.73 -31.39
N TYR X 68 32.11 -12.30 -30.19
CA TYR X 68 32.23 -13.73 -29.91
C TYR X 68 31.42 -14.62 -30.84
N LYS X 69 30.18 -14.28 -31.11
CA LYS X 69 29.35 -15.10 -32.00
C LYS X 69 29.68 -14.92 -33.47
N THR X 70 30.02 -13.71 -33.88
CA THR X 70 30.30 -13.51 -35.29
C THR X 70 31.67 -14.03 -35.69
N ASN X 71 32.53 -14.18 -34.68
CA ASN X 71 33.85 -14.76 -34.89
C ASN X 71 33.67 -16.24 -35.19
N LEU X 72 32.97 -16.92 -34.29
CA LEU X 72 32.61 -18.31 -34.47
C LEU X 72 31.88 -18.54 -35.79
N TYR X 73 31.00 -17.61 -36.18
CA TYR X 73 30.29 -17.73 -37.45
C TYR X 73 31.28 -17.81 -38.60
N LYS X 74 32.31 -16.97 -38.56
CA LYS X 74 33.32 -16.89 -39.61
C LYS X 74 34.13 -18.19 -39.69
N LEU X 75 34.63 -18.64 -38.54
CA LEU X 75 35.43 -19.85 -38.45
C LEU X 75 34.71 -21.09 -39.03
N LYS X 76 33.39 -21.12 -38.96
CA LYS X 76 32.64 -22.27 -39.42
C LYS X 76 32.16 -22.06 -40.85
N GLU X 77 31.58 -20.91 -41.10
CA GLU X 77 30.96 -20.71 -42.38
C GLU X 77 31.97 -20.30 -43.45
N GLU X 78 33.16 -19.93 -42.99
CA GLU X 78 34.26 -19.43 -43.84
C GLU X 78 33.94 -18.14 -44.59
N ARG X 79 32.91 -17.45 -44.18
CA ARG X 79 32.65 -16.15 -44.75
C ARG X 79 32.29 -15.16 -43.67
N ALA X 80 32.06 -13.91 -44.06
CA ALA X 80 31.63 -12.90 -43.11
C ALA X 80 30.11 -12.95 -43.06
N ILE X 81 29.55 -12.60 -41.90
CA ILE X 81 28.10 -12.58 -41.78
C ILE X 81 27.56 -11.41 -42.59
N GLU X 82 26.35 -11.57 -43.13
CA GLU X 82 25.67 -10.51 -43.87
C GLU X 82 24.58 -9.81 -43.01
N PRO X 83 24.25 -8.55 -43.33
CA PRO X 83 23.36 -7.77 -42.47
C PRO X 83 21.99 -8.46 -42.21
N GLU X 84 21.32 -8.92 -43.26
CA GLU X 84 20.10 -9.72 -43.11
C GLU X 84 20.24 -10.86 -42.10
N THR X 85 21.30 -11.67 -42.23
CA THR X 85 21.48 -12.81 -41.36
C THR X 85 21.77 -12.37 -39.94
N PHE X 86 22.60 -11.34 -39.82
CA PHE X 86 23.01 -10.84 -38.51
C PHE X 86 21.83 -10.28 -37.72
N THR X 87 20.91 -9.63 -38.45
CA THR X 87 19.68 -9.09 -37.88
C THR X 87 18.95 -10.21 -37.17
N GLN X 88 18.88 -11.36 -37.85
CA GLN X 88 18.22 -12.54 -37.29
C GLN X 88 18.96 -13.04 -36.08
N LEU X 89 20.27 -13.00 -36.12
CA LEU X 89 21.08 -13.43 -34.98
C LEU X 89 20.81 -12.51 -33.80
N VAL X 90 20.73 -11.20 -34.06
CA VAL X 90 20.42 -10.23 -33.00
C VAL X 90 19.04 -10.50 -32.39
N SER X 91 18.04 -10.59 -33.25
CA SER X 91 16.68 -10.86 -32.81
C SER X 91 16.61 -12.07 -31.89
N SER X 92 17.18 -13.20 -32.31
CA SER X 92 17.03 -14.45 -31.57
C SER X 92 17.85 -14.45 -30.27
N SER X 93 18.90 -13.64 -30.21
CA SER X 93 19.77 -13.63 -29.02
C SER X 93 19.10 -12.82 -27.94
N LEU X 94 18.45 -11.73 -28.37
CA LEU X 94 17.64 -10.91 -27.47
C LEU X 94 16.44 -11.67 -26.90
N TYR X 95 15.72 -12.40 -27.76
CA TYR X 95 14.61 -13.21 -27.30
C TYR X 95 15.00 -14.34 -26.33
N GLU X 96 16.23 -14.82 -26.39
CA GLU X 96 16.73 -15.80 -25.43
C GLU X 96 16.63 -15.27 -24.01
N ARG X 97 16.52 -13.94 -23.89
CA ARG X 97 16.43 -13.29 -22.59
C ARG X 97 15.06 -12.65 -22.38
N ARG X 98 14.03 -13.21 -23.03
CA ARG X 98 12.69 -12.63 -23.02
C ARG X 98 12.19 -12.24 -21.63
N PHE X 99 12.62 -12.98 -20.59
CA PHE X 99 12.12 -12.69 -19.24
C PHE X 99 13.14 -12.09 -18.27
N GLY X 100 14.22 -11.58 -18.82
CA GLY X 100 15.20 -10.78 -18.10
C GLY X 100 16.07 -10.11 -19.13
N PRO X 101 15.47 -9.25 -19.96
CA PRO X 101 16.14 -8.84 -21.21
C PRO X 101 17.26 -7.85 -20.97
N TYR X 102 18.08 -7.67 -22.00
CA TYR X 102 19.05 -6.59 -22.00
C TYR X 102 18.26 -5.34 -22.31
N PHE X 103 18.56 -4.25 -21.62
CA PHE X 103 17.80 -3.02 -21.85
C PHE X 103 18.48 -2.17 -22.90
N VAL X 104 18.32 -2.56 -24.16
CA VAL X 104 19.02 -1.91 -25.25
C VAL X 104 18.08 -1.73 -26.42
N GLY X 105 18.50 -0.95 -27.41
CA GLY X 105 17.74 -0.80 -28.64
C GLY X 105 18.64 -0.90 -29.85
N PRO X 106 18.86 -2.12 -30.35
CA PRO X 106 19.85 -2.25 -31.42
C PRO X 106 19.42 -1.65 -32.76
N VAL X 107 20.39 -1.25 -33.57
CA VAL X 107 20.19 -0.85 -34.95
C VAL X 107 21.25 -1.51 -35.80
N VAL X 108 20.84 -2.17 -36.89
CA VAL X 108 21.81 -2.80 -37.78
C VAL X 108 21.91 -2.03 -39.09
N ALA X 109 23.14 -1.84 -39.59
CA ALA X 109 23.36 -1.28 -40.92
C ALA X 109 24.48 -1.98 -41.68
N GLY X 110 24.31 -2.11 -43.00
CA GLY X 110 25.35 -2.67 -43.84
C GLY X 110 24.94 -2.93 -45.27
N ILE X 111 25.92 -3.18 -46.14
CA ILE X 111 25.63 -3.52 -47.53
C ILE X 111 25.82 -5.00 -47.71
N ASN X 112 24.89 -5.66 -48.39
CA ASN X 112 25.02 -7.07 -48.65
C ASN X 112 26.12 -7.39 -49.68
N SER X 113 27.22 -7.96 -49.23
CA SER X 113 28.40 -8.16 -50.08
C SER X 113 28.15 -8.97 -51.38
N LYS X 114 27.05 -9.70 -51.44
CA LYS X 114 26.71 -10.41 -52.67
C LYS X 114 25.70 -9.63 -53.54
N SER X 115 24.62 -9.14 -52.93
CA SER X 115 23.59 -8.40 -53.69
C SER X 115 23.85 -6.89 -53.86
N GLY X 116 24.76 -6.34 -53.06
CA GLY X 116 25.01 -4.90 -53.07
C GLY X 116 23.87 -4.05 -52.48
N LYS X 117 22.79 -4.71 -52.06
CA LYS X 117 21.60 -4.01 -51.59
C LYS X 117 21.85 -3.42 -50.20
N PRO X 118 21.42 -2.17 -49.99
CA PRO X 118 21.59 -1.50 -48.69
C PRO X 118 20.53 -1.96 -47.69
N PHE X 119 20.97 -2.23 -46.47
CA PHE X 119 20.10 -2.79 -45.44
C PHE X 119 20.25 -2.13 -44.08
N ILE X 120 19.11 -1.76 -43.49
CA ILE X 120 19.06 -1.32 -42.10
C ILE X 120 17.91 -2.03 -41.41
N ALA X 121 18.00 -2.11 -40.08
CA ALA X 121 16.94 -2.73 -39.27
C ALA X 121 17.05 -2.28 -37.82
N GLY X 122 15.92 -2.28 -37.12
CA GLY X 122 15.90 -1.95 -35.72
C GLY X 122 15.18 -2.99 -34.89
N PHE X 123 15.48 -3.02 -33.60
CA PHE X 123 14.82 -3.96 -32.71
C PHE X 123 14.39 -3.26 -31.42
N ASP X 124 13.41 -3.84 -30.75
CA ASP X 124 13.18 -3.53 -29.35
C ASP X 124 14.06 -4.41 -28.43
N LEU X 125 13.87 -4.31 -27.12
CA LEU X 125 14.80 -4.94 -26.15
C LEU X 125 14.65 -6.46 -26.07
N ILE X 126 13.53 -6.95 -26.59
CA ILE X 126 13.28 -8.38 -26.58
C ILE X 126 13.33 -9.00 -28.00
N GLY X 127 13.77 -8.22 -28.97
CA GLY X 127 14.10 -8.76 -30.29
C GLY X 127 13.18 -8.57 -31.49
N CYS X 128 11.98 -8.03 -31.31
CA CYS X 128 11.12 -7.74 -32.46
C CYS X 128 11.88 -6.95 -33.53
N ILE X 129 11.76 -7.38 -34.79
CA ILE X 129 12.50 -6.75 -35.89
C ILE X 129 11.68 -5.71 -36.65
N ASP X 130 12.22 -4.49 -36.69
CA ASP X 130 11.71 -3.43 -37.56
C ASP X 130 12.68 -3.25 -38.74
N GLU X 131 12.28 -3.78 -39.89
CA GLU X 131 13.02 -3.57 -41.13
C GLU X 131 12.28 -2.52 -41.95
N ALA X 132 13.00 -1.47 -42.30
CA ALA X 132 12.43 -0.40 -43.11
C ALA X 132 13.51 0.06 -44.06
N LYS X 133 13.09 0.62 -45.19
CA LYS X 133 14.05 0.98 -46.20
C LYS X 133 14.46 2.45 -46.11
N ASP X 134 13.89 3.17 -45.14
CA ASP X 134 14.16 4.60 -44.97
C ASP X 134 15.11 4.95 -43.81
N PHE X 135 14.62 4.89 -42.58
CA PHE X 135 15.45 5.17 -41.42
C PHE X 135 15.01 4.38 -40.19
N ILE X 136 15.94 4.24 -39.25
CA ILE X 136 15.67 3.56 -37.99
C ILE X 136 16.27 4.45 -36.92
N VAL X 137 15.54 4.69 -35.84
CA VAL X 137 16.07 5.50 -34.74
C VAL X 137 15.96 4.75 -33.43
N SER X 138 16.86 5.03 -32.51
CA SER X 138 16.81 4.43 -31.19
C SER X 138 17.47 5.38 -30.19
N GLY X 139 16.99 5.38 -28.94
CA GLY X 139 17.63 6.17 -27.91
C GLY X 139 16.70 7.08 -27.12
N THR X 140 17.26 7.81 -26.17
CA THR X 140 16.48 8.70 -25.32
C THR X 140 15.84 9.86 -26.10
N ALA X 141 16.40 10.15 -27.27
CA ALA X 141 15.84 11.20 -28.11
C ALA X 141 15.17 10.62 -29.35
N SER X 142 14.51 9.48 -29.20
CA SER X 142 13.97 8.78 -30.36
C SER X 142 12.81 9.51 -31.05
N ASP X 143 11.98 10.22 -30.26
CA ASP X 143 10.85 11.02 -30.81
C ASP X 143 11.36 12.23 -31.58
N GLN X 144 12.33 12.93 -30.99
CA GLN X 144 13.06 13.97 -31.69
C GLN X 144 13.59 13.44 -33.03
N LEU X 145 14.35 12.34 -32.95
CA LEU X 145 14.92 11.66 -34.10
C LEU X 145 13.85 11.30 -35.14
N PHE X 146 12.71 10.80 -34.68
CA PHE X 146 11.60 10.49 -35.57
C PHE X 146 11.08 11.74 -36.28
N GLY X 147 10.93 12.83 -35.54
CA GLY X 147 10.46 14.06 -36.12
C GLY X 147 11.43 14.59 -37.15
N MET X 148 12.72 14.63 -36.80
CA MET X 148 13.73 15.09 -37.75
C MET X 148 13.77 14.29 -39.03
N CYS X 149 13.92 12.97 -38.89
CA CYS X 149 14.05 12.09 -40.05
C CYS X 149 12.87 12.17 -40.99
N GLU X 150 11.68 12.13 -40.43
CA GLU X 150 10.46 12.15 -41.23
C GLU X 150 10.38 13.41 -42.11
N SER X 151 11.06 14.48 -41.68
CA SER X 151 11.07 15.72 -42.45
C SER X 151 12.30 15.81 -43.35
N LEU X 152 13.45 15.45 -42.82
CA LEU X 152 14.69 15.63 -43.55
C LEU X 152 14.92 14.61 -44.67
N TYR X 153 14.22 13.50 -44.62
CA TYR X 153 14.57 12.35 -45.45
C TYR X 153 14.01 12.35 -46.88
N GLU X 154 14.90 12.16 -47.83
CA GLU X 154 14.56 11.83 -49.22
C GLU X 154 15.12 10.45 -49.52
N PRO X 155 14.52 9.72 -50.48
CA PRO X 155 15.14 8.44 -50.87
C PRO X 155 16.31 8.68 -51.84
N ASN X 156 17.21 7.70 -51.93
CA ASN X 156 18.25 7.67 -52.97
C ASN X 156 19.34 8.75 -52.89
N LEU X 157 19.48 9.38 -51.74
CA LEU X 157 20.51 10.37 -51.55
C LEU X 157 21.90 9.75 -51.77
N GLU X 158 22.71 10.41 -52.59
CA GLU X 158 24.11 10.07 -52.75
C GLU X 158 24.83 10.14 -51.38
N PRO X 159 25.90 9.37 -51.19
CA PRO X 159 26.58 9.26 -49.89
C PRO X 159 26.86 10.58 -49.19
N GLU X 160 27.45 11.53 -49.90
CA GLU X 160 27.81 12.81 -49.31
C GLU X 160 26.59 13.74 -49.06
N ASP X 161 25.53 13.57 -49.83
CA ASP X 161 24.27 14.20 -49.52
C ASP X 161 23.69 13.54 -48.25
N LEU X 162 23.74 12.20 -48.24
CA LEU X 162 23.19 11.43 -47.13
C LEU X 162 23.86 11.80 -45.83
N PHE X 163 25.16 12.06 -45.92
CA PHE X 163 25.93 12.45 -44.75
C PHE X 163 25.38 13.71 -44.12
N GLU X 164 25.05 14.70 -44.96
CA GLU X 164 24.52 15.98 -44.47
C GLU X 164 23.20 15.76 -43.74
N THR X 165 22.30 15.03 -44.38
CA THR X 165 21.02 14.69 -43.78
C THR X 165 21.14 13.96 -42.43
N ILE X 166 21.81 12.81 -42.42
CA ILE X 166 21.89 12.05 -41.18
C ILE X 166 22.52 12.88 -40.05
N SER X 167 23.49 13.72 -40.39
CA SER X 167 24.19 14.50 -39.37
C SER X 167 23.26 15.54 -38.76
N GLN X 168 22.55 16.25 -39.63
CA GLN X 168 21.65 17.30 -39.18
C GLN X 168 20.52 16.73 -38.35
N ALA X 169 20.14 15.48 -38.65
CA ALA X 169 19.03 14.86 -37.93
C ALA X 169 19.47 14.42 -36.54
N LEU X 170 20.63 13.78 -36.46
CA LEU X 170 21.20 13.41 -35.17
C LEU X 170 21.47 14.65 -34.31
N LEU X 171 22.30 15.56 -34.82
CA LEU X 171 22.68 16.78 -34.12
C LEU X 171 21.50 17.54 -33.53
N ASN X 172 20.53 17.84 -34.38
CA ASN X 172 19.41 18.67 -33.93
C ASN X 172 18.50 17.97 -32.95
N ALA X 173 18.55 16.64 -32.93
CA ALA X 173 17.70 15.90 -32.01
C ALA X 173 18.34 15.77 -30.63
N ALA X 174 19.66 15.58 -30.60
CA ALA X 174 20.40 15.45 -29.36
C ALA X 174 20.33 16.76 -28.57
N ASP X 175 20.15 17.85 -29.31
CA ASP X 175 20.10 19.19 -28.72
C ASP X 175 18.78 19.48 -28.01
N ARG X 176 17.74 18.73 -28.36
CA ARG X 176 16.49 18.75 -27.63
C ARG X 176 16.42 17.60 -26.61
N ASP X 177 17.58 17.01 -26.31
CA ASP X 177 17.66 15.91 -25.36
C ASP X 177 18.76 16.13 -24.33
N ALA X 178 18.32 16.13 -23.08
CA ALA X 178 19.18 16.39 -21.94
C ALA X 178 20.18 15.26 -21.75
N LEU X 179 19.81 14.05 -22.18
CA LEU X 179 20.65 12.88 -21.98
C LEU X 179 21.56 12.50 -23.17
N SER X 180 21.36 13.14 -24.32
CA SER X 180 22.27 12.97 -25.46
C SER X 180 23.19 14.17 -25.72
N GLY X 181 24.21 13.94 -26.54
CA GLY X 181 25.16 14.97 -26.93
C GLY X 181 26.59 14.59 -26.62
N TRP X 182 27.42 15.59 -26.33
CA TRP X 182 28.83 15.44 -25.93
C TRP X 182 29.79 14.98 -27.03
N GLY X 183 29.26 14.89 -28.24
CA GLY X 183 30.04 14.53 -29.41
C GLY X 183 29.14 13.68 -30.28
N ALA X 184 29.52 13.50 -31.55
CA ALA X 184 28.78 12.59 -32.41
C ALA X 184 29.75 11.94 -33.38
N VAL X 185 29.35 10.79 -33.94
CA VAL X 185 30.14 10.06 -34.93
C VAL X 185 29.21 9.64 -36.06
N VAL X 186 29.65 9.77 -37.30
CA VAL X 186 28.83 9.32 -38.43
C VAL X 186 29.60 8.37 -39.33
N TYR X 187 29.02 7.20 -39.62
CA TYR X 187 29.65 6.29 -40.56
C TYR X 187 28.91 6.35 -41.90
N ILE X 188 29.61 6.71 -42.96
CA ILE X 188 29.09 6.52 -44.33
C ILE X 188 29.69 5.24 -44.92
N ILE X 189 28.80 4.33 -45.32
CA ILE X 189 29.17 2.98 -45.68
C ILE X 189 28.76 2.67 -47.13
N LYS X 190 29.73 2.23 -47.94
CA LYS X 190 29.45 1.69 -49.27
C LYS X 190 30.15 0.34 -49.37
N LYS X 191 29.71 -0.53 -50.28
CA LYS X 191 30.31 -1.86 -50.44
C LYS X 191 31.82 -1.80 -50.72
N ASP X 192 32.23 -0.73 -51.40
CA ASP X 192 33.62 -0.34 -51.60
C ASP X 192 34.32 0.04 -50.27
N GLU X 193 33.97 1.20 -49.72
CA GLU X 193 34.67 1.75 -48.55
C GLU X 193 33.72 2.28 -47.48
N VAL X 194 34.31 2.64 -46.35
CA VAL X 194 33.57 3.18 -45.20
C VAL X 194 34.32 4.36 -44.60
N VAL X 195 33.63 5.49 -44.47
CA VAL X 195 34.20 6.70 -43.89
C VAL X 195 33.57 7.02 -42.53
N LYS X 196 34.39 7.46 -41.58
CA LYS X 196 33.92 7.75 -40.25
C LYS X 196 34.33 9.17 -39.86
N ARG X 197 33.35 10.07 -39.76
CA ARG X 197 33.58 11.48 -39.37
C ARG X 197 33.05 11.78 -37.97
N TYR X 198 33.88 12.38 -37.13
CA TYR X 198 33.41 12.94 -35.87
C TYR X 198 32.83 14.36 -36.10
N LEU X 199 31.70 14.65 -35.45
CA LEU X 199 31.03 15.94 -35.64
C LEU X 199 31.35 16.96 -34.55
N LYS X 200 31.31 18.24 -34.92
CA LYS X 200 31.43 19.34 -33.98
C LYS X 200 30.07 19.76 -33.44
N MET X 201 29.86 19.59 -32.13
CA MET X 201 28.58 19.95 -31.53
C MET X 201 28.72 20.69 -30.18
N ARG X 202 27.62 21.27 -29.72
CA ARG X 202 27.64 21.98 -28.44
C ARG X 202 27.92 20.98 -27.32
N GLN X 203 28.61 21.41 -26.28
CA GLN X 203 29.02 20.48 -25.24
C GLN X 203 28.32 20.65 -23.87
N ASP X 204 27.00 20.91 -23.88
CA ASP X 204 26.29 21.24 -22.64
C ASP X 204 25.14 20.29 -22.29
N MET Y 1 28.31 9.36 2.05
CA MET Y 1 28.97 8.75 0.89
C MET Y 1 30.49 8.68 1.07
N ASP Y 2 31.09 7.60 0.58
CA ASP Y 2 32.54 7.38 0.62
C ASP Y 2 33.27 8.00 -0.58
N ILE Y 3 34.47 8.54 -0.37
CA ILE Y 3 35.16 9.24 -1.46
C ILE Y 3 36.10 8.35 -2.25
N ILE Y 4 35.85 8.25 -3.54
CA ILE Y 4 36.70 7.46 -4.41
C ILE Y 4 37.07 8.30 -5.63
N LEU Y 5 38.32 8.76 -5.64
CA LEU Y 5 38.84 9.64 -6.69
C LEU Y 5 40.06 9.06 -7.38
N GLY Y 6 40.21 9.36 -8.65
CA GLY Y 6 41.44 9.00 -9.32
C GLY Y 6 41.78 9.97 -10.43
N ILE Y 7 43.07 10.14 -10.67
CA ILE Y 7 43.54 10.93 -11.80
C ILE Y 7 44.82 10.33 -12.37
N ARG Y 8 44.89 10.16 -13.68
CA ARG Y 8 46.14 9.74 -14.28
C ARG Y 8 46.85 10.91 -14.96
N VAL Y 9 48.10 11.09 -14.57
CA VAL Y 9 48.93 12.16 -15.06
C VAL Y 9 49.85 11.62 -16.16
N GLN Y 10 50.90 12.37 -16.49
CA GLN Y 10 51.91 11.99 -17.51
C GLN Y 10 52.33 10.50 -17.51
N ASP Y 11 52.77 10.01 -16.36
CA ASP Y 11 53.37 8.69 -16.32
C ASP Y 11 53.07 8.01 -15.00
N SER Y 12 51.90 8.31 -14.44
CA SER Y 12 51.55 7.79 -13.13
C SER Y 12 50.05 7.93 -12.90
N VAL Y 13 49.48 7.08 -12.04
CA VAL Y 13 48.06 7.18 -11.67
C VAL Y 13 47.87 7.39 -10.18
N ILE Y 14 47.05 8.37 -9.83
CA ILE Y 14 46.85 8.71 -8.42
C ILE Y 14 45.43 8.32 -7.95
N LEU Y 15 45.36 7.63 -6.82
CA LEU Y 15 44.07 7.23 -6.25
C LEU Y 15 43.88 7.79 -4.86
N ALA Y 16 42.72 8.41 -4.63
CA ALA Y 16 42.44 9.04 -3.34
C ALA Y 16 41.17 8.43 -2.76
N SER Y 17 41.26 7.89 -1.56
CA SER Y 17 40.14 7.17 -0.97
C SER Y 17 39.86 7.68 0.42
N SER Y 18 38.60 7.92 0.73
CA SER Y 18 38.21 8.46 2.02
C SER Y 18 38.53 7.48 3.12
N LYS Y 19 38.91 7.96 4.30
CA LYS Y 19 39.35 7.09 5.39
C LYS Y 19 38.25 6.76 6.42
N ALA Y 20 37.07 7.34 6.29
CA ALA Y 20 36.01 7.12 7.28
C ALA Y 20 35.19 5.84 7.09
N VAL Y 21 34.84 5.19 8.21
CA VAL Y 21 33.88 4.06 8.22
C VAL Y 21 32.80 4.29 9.26
N THR Y 22 31.58 4.49 8.78
CA THR Y 22 30.44 4.86 9.62
C THR Y 22 29.36 3.79 9.66
N ARG Y 23 29.05 3.31 10.85
CA ARG Y 23 27.93 2.39 11.00
C ARG Y 23 26.80 3.10 11.73
N GLY Y 24 25.87 3.63 10.95
CA GLY Y 24 24.73 4.35 11.48
C GLY Y 24 25.10 5.71 12.06
N ILE Y 25 25.27 5.76 13.37
CA ILE Y 25 25.44 7.02 14.09
C ILE Y 25 26.90 7.25 14.54
N SER Y 26 27.71 6.20 14.50
CA SER Y 26 29.11 6.36 14.89
C SER Y 26 30.09 6.20 13.73
N VAL Y 27 31.21 6.88 13.83
CA VAL Y 27 32.31 6.71 12.91
C VAL Y 27 33.22 5.71 13.60
N LEU Y 28 33.18 4.47 13.12
CA LEU Y 28 33.87 3.36 13.78
C LEU Y 28 35.37 3.38 13.52
N LYS Y 29 35.76 3.94 12.37
CA LYS Y 29 37.16 3.99 11.99
C LYS Y 29 37.48 5.21 11.16
N ASP Y 30 38.69 5.74 11.34
CA ASP Y 30 39.17 6.88 10.56
C ASP Y 30 40.45 6.56 9.80
N SER Y 31 40.84 5.29 9.81
CA SER Y 31 42.13 4.88 9.26
C SER Y 31 42.00 3.79 8.18
N ASP Y 32 40.84 3.79 7.52
CA ASP Y 32 40.49 2.78 6.53
C ASP Y 32 41.14 2.95 5.15
N ASP Y 33 41.68 1.84 4.64
CA ASP Y 33 42.32 1.84 3.33
C ASP Y 33 41.42 1.14 2.32
N LYS Y 34 40.73 1.91 1.50
CA LYS Y 34 39.76 1.32 0.56
C LYS Y 34 40.36 0.91 -0.78
N THR Y 35 41.55 0.31 -0.73
CA THR Y 35 42.22 -0.27 -1.91
C THR Y 35 42.75 -1.69 -1.70
N ARG Y 36 42.83 -2.47 -2.78
CA ARG Y 36 43.60 -3.73 -2.80
C ARG Y 36 44.60 -3.69 -3.93
N GLN Y 37 45.80 -4.19 -3.67
CA GLN Y 37 46.78 -4.33 -4.75
C GLN Y 37 46.50 -5.60 -5.56
N LEU Y 38 46.33 -5.45 -6.87
CA LEU Y 38 45.99 -6.61 -7.69
C LEU Y 38 47.25 -7.25 -8.27
N SER Y 39 48.07 -6.42 -8.91
CA SER Y 39 49.35 -6.80 -9.46
C SER Y 39 50.39 -5.89 -8.83
N PRO Y 40 51.68 -6.14 -9.08
CA PRO Y 40 52.66 -5.15 -8.63
C PRO Y 40 52.39 -3.77 -9.24
N HIS Y 41 51.75 -3.72 -10.40
CA HIS Y 41 51.50 -2.45 -11.09
C HIS Y 41 50.03 -2.14 -11.31
N THR Y 42 49.15 -2.75 -10.50
CA THR Y 42 47.71 -2.47 -10.61
C THR Y 42 47.00 -2.37 -9.26
N LEU Y 43 46.34 -1.24 -9.03
CA LEU Y 43 45.66 -0.96 -7.77
C LEU Y 43 44.18 -0.78 -8.03
N MET Y 44 43.36 -1.31 -7.12
CA MET Y 44 41.92 -1.10 -7.24
C MET Y 44 41.35 -0.47 -5.97
N SER Y 45 40.67 0.68 -6.12
CA SER Y 45 39.97 1.32 -5.00
C SER Y 45 38.48 1.02 -5.12
N PHE Y 46 37.80 0.94 -3.98
CA PHE Y 46 36.40 0.55 -3.99
C PHE Y 46 35.56 1.24 -2.92
N ALA Y 47 34.29 1.48 -3.24
CA ALA Y 47 33.33 2.05 -2.30
C ALA Y 47 31.95 1.51 -2.62
N GLY Y 48 31.12 1.31 -1.59
CA GLY Y 48 29.76 0.86 -1.80
C GLY Y 48 29.20 0.15 -0.59
N GLU Y 49 28.23 -0.75 -0.81
CA GLU Y 49 27.58 -1.50 0.27
C GLU Y 49 28.54 -2.22 1.23
N ALA Y 50 28.25 -2.12 2.52
CA ALA Y 50 29.11 -2.59 3.62
C ALA Y 50 29.88 -3.89 3.44
N GLY Y 51 29.21 -5.02 3.32
CA GLY Y 51 29.99 -6.25 3.25
C GLY Y 51 30.59 -6.48 1.87
N ASP Y 52 29.80 -6.15 0.86
CA ASP Y 52 30.12 -6.44 -0.53
C ASP Y 52 31.48 -5.93 -0.98
N THR Y 53 31.85 -4.73 -0.56
CA THR Y 53 33.06 -4.08 -1.07
C THR Y 53 34.37 -4.89 -0.87
N VAL Y 54 34.66 -5.26 0.37
CA VAL Y 54 35.87 -6.00 0.63
C VAL Y 54 35.76 -7.43 0.07
N GLN Y 55 34.59 -8.06 0.17
CA GLN Y 55 34.44 -9.42 -0.33
C GLN Y 55 34.76 -9.43 -1.80
N PHE Y 56 34.19 -8.50 -2.54
CA PHE Y 56 34.48 -8.39 -3.96
C PHE Y 56 35.94 -8.13 -4.21
N ALA Y 57 36.50 -7.14 -3.53
CA ALA Y 57 37.88 -6.72 -3.73
C ALA Y 57 38.85 -7.87 -3.55
N GLU Y 58 38.69 -8.60 -2.45
CA GLU Y 58 39.57 -9.73 -2.13
C GLU Y 58 39.37 -10.90 -3.11
N TYR Y 59 38.13 -11.15 -3.48
CA TYR Y 59 37.83 -12.09 -4.56
C TYR Y 59 38.58 -11.75 -5.85
N ILE Y 60 38.53 -10.50 -6.25
CA ILE Y 60 39.25 -10.07 -7.46
C ILE Y 60 40.77 -10.19 -7.28
N GLN Y 61 41.26 -9.91 -6.07
CA GLN Y 61 42.70 -9.95 -5.82
C GLN Y 61 43.20 -11.38 -5.97
N ALA Y 62 42.47 -12.31 -5.34
CA ALA Y 62 42.80 -13.72 -5.42
C ALA Y 62 42.88 -14.15 -6.88
N ASN Y 63 41.88 -13.81 -7.67
CA ASN Y 63 41.89 -14.21 -9.08
C ASN Y 63 43.02 -13.64 -9.91
N ILE Y 64 43.38 -12.39 -9.65
CA ILE Y 64 44.50 -11.79 -10.36
C ILE Y 64 45.83 -12.41 -9.89
N GLN Y 65 45.96 -12.64 -8.59
CA GLN Y 65 47.16 -13.30 -8.05
C GLN Y 65 47.33 -14.75 -8.56
N LEU Y 66 46.21 -15.45 -8.80
CA LEU Y 66 46.24 -16.81 -9.30
C LEU Y 66 46.64 -16.82 -10.75
N TYR Y 67 46.04 -15.94 -11.54
CA TYR Y 67 46.45 -15.80 -12.92
C TYR Y 67 47.95 -15.53 -13.01
N SER Y 68 48.44 -14.62 -12.19
CA SER Y 68 49.84 -14.23 -12.24
C SER Y 68 50.79 -15.41 -12.02
N ILE Y 69 50.53 -16.23 -11.00
CA ILE Y 69 51.38 -17.40 -10.76
C ILE Y 69 51.25 -18.48 -11.85
N ARG Y 70 50.04 -18.71 -12.33
CA ARG Y 70 49.82 -19.70 -13.37
C ARG Y 70 50.60 -19.38 -14.63
N GLU Y 71 50.75 -18.09 -14.95
CA GLU Y 71 51.41 -17.72 -16.21
C GLU Y 71 52.80 -17.08 -16.06
N ASP Y 72 53.20 -16.79 -14.82
CA ASP Y 72 54.37 -15.94 -14.58
C ASP Y 72 54.28 -14.66 -15.41
N TYR Y 73 53.07 -14.13 -15.52
CA TYR Y 73 52.87 -12.92 -16.29
C TYR Y 73 51.95 -12.04 -15.48
N GLU Y 74 52.22 -10.74 -15.51
CA GLU Y 74 51.31 -9.78 -14.92
C GLU Y 74 50.36 -9.27 -16.01
N LEU Y 75 49.09 -9.66 -15.88
CA LEU Y 75 48.02 -9.24 -16.77
C LEU Y 75 48.02 -7.71 -16.93
N SER Y 76 47.72 -7.23 -18.13
CA SER Y 76 47.70 -5.78 -18.39
C SER Y 76 46.53 -5.04 -17.68
N PRO Y 77 46.68 -3.73 -17.40
CA PRO Y 77 45.58 -3.07 -16.70
C PRO Y 77 44.29 -3.18 -17.47
N GLN Y 78 44.33 -3.07 -18.79
CA GLN Y 78 43.10 -3.17 -19.57
C GLN Y 78 42.46 -4.54 -19.42
N ALA Y 79 43.29 -5.56 -19.35
CA ALA Y 79 42.78 -6.92 -19.20
C ALA Y 79 42.17 -7.15 -17.81
N VAL Y 80 42.90 -6.75 -16.77
CA VAL Y 80 42.40 -6.79 -15.39
C VAL Y 80 41.04 -6.10 -15.27
N SER Y 81 40.91 -4.94 -15.92
CA SER Y 81 39.65 -4.19 -15.83
C SER Y 81 38.52 -4.81 -16.66
N SER Y 82 38.85 -5.61 -17.69
CA SER Y 82 37.80 -6.26 -18.48
C SER Y 82 37.27 -7.43 -17.69
N PHE Y 83 38.16 -8.00 -16.87
CA PHE Y 83 37.82 -9.13 -16.04
C PHE Y 83 36.85 -8.68 -14.95
N VAL Y 84 37.22 -7.62 -14.26
CA VAL Y 84 36.37 -6.97 -13.25
C VAL Y 84 35.02 -6.51 -13.81
N ARG Y 85 35.06 -5.84 -14.95
CA ARG Y 85 33.81 -5.43 -15.61
C ARG Y 85 32.84 -6.60 -15.89
N GLN Y 86 33.38 -7.74 -16.32
CA GLN Y 86 32.56 -8.92 -16.54
C GLN Y 86 32.07 -9.52 -15.23
N GLU Y 87 32.91 -9.51 -14.19
CA GLU Y 87 32.48 -10.01 -12.90
C GLU Y 87 31.32 -9.20 -12.30
N LEU Y 88 31.32 -7.87 -12.45
CA LEU Y 88 30.19 -7.05 -12.01
C LEU Y 88 28.96 -7.24 -12.90
N ALA Y 89 29.15 -7.29 -14.21
CA ALA Y 89 28.00 -7.56 -15.10
C ALA Y 89 27.32 -8.93 -14.89
N LYS Y 90 28.07 -9.91 -14.37
CA LYS Y 90 27.49 -11.20 -13.99
C LYS Y 90 26.63 -11.01 -12.75
N SER Y 91 27.21 -10.36 -11.75
CA SER Y 91 26.57 -10.17 -10.46
C SER Y 91 25.31 -9.28 -10.52
N ILE Y 92 25.26 -8.34 -11.45
CA ILE Y 92 24.13 -7.44 -11.49
C ILE Y 92 22.84 -8.20 -11.79
N ARG Y 93 22.97 -9.34 -12.44
CA ARG Y 93 21.80 -10.16 -12.74
C ARG Y 93 21.69 -11.42 -11.88
N SER Y 94 22.53 -11.51 -10.85
CA SER Y 94 22.48 -12.63 -9.90
C SER Y 94 21.45 -12.42 -8.78
N ARG Y 95 21.40 -13.34 -7.83
CA ARG Y 95 20.36 -13.31 -6.80
C ARG Y 95 20.57 -12.17 -5.79
N ARG Y 96 21.83 -11.87 -5.49
CA ARG Y 96 22.17 -10.70 -4.67
C ARG Y 96 23.40 -10.03 -5.24
N PRO Y 97 23.19 -8.99 -6.07
CA PRO Y 97 24.29 -8.26 -6.69
C PRO Y 97 25.24 -7.60 -5.69
N TYR Y 98 26.54 -7.81 -5.88
CA TYR Y 98 27.57 -7.02 -5.23
C TYR Y 98 27.32 -5.55 -5.57
N GLN Y 99 27.07 -4.72 -4.56
CA GLN Y 99 26.92 -3.29 -4.78
C GLN Y 99 28.23 -2.55 -4.51
N VAL Y 100 29.15 -2.63 -5.46
CA VAL Y 100 30.50 -2.11 -5.29
C VAL Y 100 30.89 -1.27 -6.50
N ASN Y 101 31.48 -0.11 -6.24
CA ASN Y 101 32.02 0.72 -7.30
C ASN Y 101 33.54 0.70 -7.26
N VAL Y 102 34.19 0.73 -8.42
CA VAL Y 102 35.64 0.65 -8.39
C VAL Y 102 36.30 1.60 -9.37
N LEU Y 103 37.50 2.03 -8.99
CA LEU Y 103 38.43 2.63 -9.93
C LEU Y 103 39.59 1.66 -10.08
N ILE Y 104 40.10 1.49 -11.29
CA ILE Y 104 41.32 0.70 -11.44
C ILE Y 104 42.43 1.60 -11.90
N GLY Y 105 43.53 1.56 -11.17
CA GLY Y 105 44.71 2.33 -11.53
C GLY Y 105 45.91 1.45 -11.73
N GLY Y 106 46.48 1.53 -12.92
CA GLY Y 106 47.62 0.70 -13.26
C GLY Y 106 48.56 1.28 -14.28
N TYR Y 107 49.83 0.92 -14.14
CA TYR Y 107 50.86 1.25 -15.12
C TYR Y 107 51.06 0.04 -16.03
N ASP Y 108 50.76 0.21 -17.32
CA ASP Y 108 50.93 -0.84 -18.30
C ASP Y 108 52.41 -0.93 -18.68
N LYS Y 109 53.14 -1.80 -17.98
CA LYS Y 109 54.58 -1.91 -18.12
C LYS Y 109 55.02 -2.23 -19.56
N LYS Y 110 54.08 -2.73 -20.35
CA LYS Y 110 54.32 -3.13 -21.72
C LYS Y 110 54.26 -1.94 -22.65
N LYS Y 111 53.35 -1.01 -22.36
CA LYS Y 111 53.12 0.15 -23.22
C LYS Y 111 53.75 1.43 -22.66
N ASN Y 112 54.36 1.27 -21.48
CA ASN Y 112 54.75 2.38 -20.59
C ASN Y 112 53.71 3.53 -20.61
N LYS Y 113 52.55 3.23 -20.05
CA LYS Y 113 51.43 4.15 -19.98
C LYS Y 113 50.70 3.92 -18.67
N PRO Y 114 50.32 5.02 -18.01
CA PRO Y 114 49.39 4.88 -16.90
C PRO Y 114 47.98 4.81 -17.49
N GLU Y 115 47.12 4.00 -16.88
CA GLU Y 115 45.74 3.89 -17.30
C GLU Y 115 44.81 3.91 -16.08
N LEU Y 116 43.63 4.52 -16.25
CA LEU Y 116 42.64 4.61 -15.19
C LEU Y 116 41.25 4.19 -15.67
N TYR Y 117 40.66 3.25 -14.94
CA TYR Y 117 39.38 2.68 -15.34
C TYR Y 117 38.32 2.91 -14.28
N GLN Y 118 37.14 3.34 -14.72
CA GLN Y 118 36.02 3.55 -13.81
C GLN Y 118 34.95 2.54 -14.14
N ILE Y 119 34.54 1.75 -13.13
CA ILE Y 119 33.43 0.80 -13.30
C ILE Y 119 32.43 0.84 -12.14
N ASP Y 120 31.14 0.90 -12.44
CA ASP Y 120 30.12 0.87 -11.38
C ASP Y 120 29.58 -0.55 -11.10
N TYR Y 121 28.73 -0.67 -10.09
CA TYR Y 121 28.26 -1.96 -9.64
C TYR Y 121 27.50 -2.71 -10.74
N LEU Y 122 27.11 -2.03 -11.79
CA LEU Y 122 26.30 -2.73 -12.76
C LEU Y 122 27.04 -3.15 -14.04
N GLY Y 123 28.35 -2.91 -14.06
CA GLY Y 123 29.19 -3.34 -15.17
C GLY Y 123 29.55 -2.25 -16.15
N THR Y 124 29.10 -1.03 -15.92
CA THR Y 124 29.41 0.09 -16.80
C THR Y 124 30.87 0.48 -16.58
N LYS Y 125 31.73 0.16 -17.55
CA LYS Y 125 33.15 0.51 -17.49
C LYS Y 125 33.53 1.58 -18.49
N VAL Y 126 34.44 2.46 -18.10
CA VAL Y 126 34.86 3.52 -18.98
C VAL Y 126 36.30 3.92 -18.59
N GLU Y 127 37.11 4.31 -19.59
CA GLU Y 127 38.50 4.71 -19.31
C GLU Y 127 38.66 6.22 -19.31
N LEU Y 128 39.30 6.75 -18.27
CA LEU Y 128 39.26 8.18 -17.99
C LEU Y 128 40.57 8.77 -17.49
N PRO Y 129 40.82 10.06 -17.82
CA PRO Y 129 41.88 10.91 -17.25
C PRO Y 129 41.74 11.10 -15.75
N TYR Y 130 40.49 11.19 -15.29
CA TYR Y 130 40.17 11.29 -13.86
C TYR Y 130 38.74 10.81 -13.72
N GLY Y 131 38.41 10.28 -12.54
CA GLY Y 131 37.08 9.75 -12.32
C GLY Y 131 36.77 9.70 -10.84
N ALA Y 132 35.48 9.53 -10.53
CA ALA Y 132 35.00 9.49 -9.15
C ALA Y 132 33.69 8.73 -9.07
N HIS Y 133 33.51 8.01 -7.97
CA HIS Y 133 32.25 7.34 -7.73
C HIS Y 133 31.41 8.06 -6.68
N GLY Y 134 30.10 7.97 -6.88
CA GLY Y 134 29.14 8.52 -5.94
C GLY Y 134 28.92 9.98 -6.21
N TYR Y 135 28.90 10.75 -5.13
CA TYR Y 135 28.69 12.19 -5.24
C TYR Y 135 29.99 12.89 -5.54
N SER Y 136 31.10 12.21 -5.30
CA SER Y 136 32.43 12.78 -5.45
C SER Y 136 32.65 13.55 -6.76
N GLY Y 137 32.10 13.05 -7.86
CA GLY Y 137 32.19 13.79 -9.11
C GLY Y 137 31.57 15.20 -9.04
N PHE Y 138 30.40 15.30 -8.43
CA PHE Y 138 29.64 16.54 -8.43
C PHE Y 138 30.41 17.76 -7.91
N TYR Y 139 31.22 17.55 -6.87
CA TYR Y 139 32.06 18.63 -6.35
C TYR Y 139 33.35 18.89 -7.14
N THR Y 140 34.02 17.82 -7.57
CA THR Y 140 35.38 17.90 -8.11
C THR Y 140 35.53 17.97 -9.65
N PHE Y 141 34.51 17.57 -10.39
CA PHE Y 141 34.68 17.51 -11.83
C PHE Y 141 34.85 18.87 -12.50
N SER Y 142 34.37 19.93 -11.86
CA SER Y 142 34.49 21.27 -12.44
C SER Y 142 35.91 21.73 -12.25
N LEU Y 143 36.51 21.30 -11.14
CA LEU Y 143 37.91 21.55 -10.86
C LEU Y 143 38.82 20.83 -11.85
N LEU Y 144 38.63 19.52 -12.03
CA LEU Y 144 39.46 18.74 -12.97
C LEU Y 144 39.26 19.18 -14.43
N ASP Y 145 38.01 19.38 -14.85
CA ASP Y 145 37.72 19.87 -16.21
C ASP Y 145 38.50 21.14 -16.50
N HIS Y 146 38.82 21.88 -15.45
CA HIS Y 146 39.52 23.14 -15.60
C HIS Y 146 41.02 22.93 -15.65
N HIS Y 147 41.57 22.48 -14.53
CA HIS Y 147 43.00 22.42 -14.33
C HIS Y 147 43.70 21.22 -14.98
N TYR Y 148 42.98 20.12 -15.24
CA TYR Y 148 43.63 18.91 -15.76
C TYR Y 148 44.40 19.12 -17.06
N ARG Y 149 45.65 18.68 -17.04
CA ARG Y 149 46.48 18.58 -18.26
C ARG Y 149 47.04 17.15 -18.44
N PRO Y 150 47.00 16.63 -19.68
CA PRO Y 150 47.46 15.26 -19.94
C PRO Y 150 48.93 15.08 -19.61
N ASP Y 151 49.66 16.18 -19.51
CA ASP Y 151 51.10 16.15 -19.33
C ASP Y 151 51.56 16.56 -17.94
N MET Y 152 50.66 16.47 -16.96
CA MET Y 152 51.00 16.90 -15.60
C MET Y 152 52.03 16.00 -14.97
N THR Y 153 52.87 16.57 -14.10
CA THR Y 153 53.72 15.73 -13.28
C THR Y 153 52.85 15.12 -12.20
N THR Y 154 53.45 14.24 -11.41
CA THR Y 154 52.76 13.63 -10.29
C THR Y 154 52.55 14.69 -9.22
N GLU Y 155 53.47 15.64 -9.14
CA GLU Y 155 53.40 16.73 -8.17
C GLU Y 155 52.22 17.64 -8.43
N GLU Y 156 52.06 18.00 -9.70
CA GLU Y 156 50.94 18.78 -10.15
C GLU Y 156 49.63 18.05 -9.92
N GLY Y 157 49.60 16.77 -10.26
CA GLY Y 157 48.43 15.94 -10.03
C GLY Y 157 48.09 15.81 -8.55
N LEU Y 158 49.12 15.79 -7.70
CA LEU Y 158 48.88 15.76 -6.28
C LEU Y 158 48.31 17.11 -5.79
N ASP Y 159 48.70 18.19 -6.45
CA ASP Y 159 48.17 19.51 -6.10
C ASP Y 159 46.70 19.63 -6.50
N LEU Y 160 46.41 19.12 -7.70
CA LEU Y 160 45.07 19.18 -8.24
C LEU Y 160 44.14 18.42 -7.32
N LEU Y 161 44.62 17.29 -6.82
CA LEU Y 161 43.89 16.46 -5.87
C LEU Y 161 43.64 17.19 -4.57
N LYS Y 162 44.64 17.93 -4.13
CA LYS Y 162 44.59 18.67 -2.88
C LYS Y 162 43.47 19.70 -2.93
N LEU Y 163 43.28 20.27 -4.11
CA LEU Y 163 42.23 21.25 -4.34
C LEU Y 163 40.89 20.56 -4.21
N CYS Y 164 40.79 19.41 -4.87
CA CYS Y 164 39.56 18.63 -4.92
C CYS Y 164 39.10 18.24 -3.53
N VAL Y 165 40.02 17.80 -2.70
CA VAL Y 165 39.70 17.34 -1.36
C VAL Y 165 39.25 18.53 -0.52
N GLN Y 166 39.84 19.69 -0.75
CA GLN Y 166 39.45 20.92 -0.05
C GLN Y 166 38.02 21.32 -0.41
N GLU Y 167 37.71 21.29 -1.69
CA GLU Y 167 36.36 21.59 -2.11
C GLU Y 167 35.38 20.65 -1.45
N LEU Y 168 35.74 19.37 -1.39
CA LEU Y 168 34.92 18.34 -0.75
C LEU Y 168 34.78 18.56 0.74
N GLU Y 169 35.88 18.98 1.37
CA GLU Y 169 35.88 19.18 2.81
C GLU Y 169 35.02 20.39 3.20
N LYS Y 170 34.79 21.31 2.27
CA LYS Y 170 33.99 22.48 2.61
C LYS Y 170 32.52 22.43 2.19
N ARG Y 171 32.18 21.66 1.18
CA ARG Y 171 30.81 21.67 0.68
C ARG Y 171 30.02 20.40 0.99
N MET Y 172 30.71 19.34 1.38
CA MET Y 172 30.08 18.07 1.71
C MET Y 172 29.65 18.01 3.16
N PRO Y 173 28.41 17.58 3.41
CA PRO Y 173 27.86 17.51 4.76
C PRO Y 173 28.62 16.52 5.62
N MET Y 174 29.07 15.43 5.02
CA MET Y 174 29.68 14.34 5.77
C MET Y 174 31.14 14.59 6.02
N ASP Y 175 31.62 14.16 7.18
CA ASP Y 175 33.04 14.20 7.46
C ASP Y 175 33.68 12.85 7.07
N PHE Y 176 34.45 12.82 5.99
CA PHE Y 176 35.02 11.56 5.56
C PHE Y 176 36.40 11.29 6.18
N LYS Y 177 36.79 12.09 7.16
CA LYS Y 177 38.05 11.90 7.87
C LYS Y 177 39.31 11.87 6.98
N GLY Y 178 39.29 12.61 5.88
CA GLY Y 178 40.47 12.74 5.03
C GLY Y 178 40.65 11.60 4.04
N VAL Y 179 41.78 11.59 3.33
CA VAL Y 179 42.00 10.56 2.32
C VAL Y 179 43.37 9.89 2.42
N ILE Y 180 43.45 8.65 1.93
CA ILE Y 180 44.71 8.00 1.68
C ILE Y 180 45.03 8.14 0.18
N VAL Y 181 46.29 8.51 -0.12
CA VAL Y 181 46.70 8.71 -1.50
C VAL Y 181 47.74 7.68 -1.92
N LYS Y 182 47.54 7.09 -3.09
CA LYS Y 182 48.44 6.07 -3.56
C LYS Y 182 48.77 6.31 -5.02
N ILE Y 183 50.01 6.04 -5.39
CA ILE Y 183 50.48 6.25 -6.75
C ILE Y 183 50.93 4.93 -7.38
N VAL Y 184 50.50 4.72 -8.62
CA VAL Y 184 50.94 3.56 -9.36
C VAL Y 184 51.72 4.06 -10.56
N ASP Y 185 53.02 3.75 -10.58
CA ASP Y 185 53.87 4.12 -11.71
C ASP Y 185 54.61 2.90 -12.23
N LYS Y 186 55.74 3.12 -12.90
CA LYS Y 186 56.54 2.01 -13.37
C LYS Y 186 57.22 1.27 -12.22
N ASP Y 187 57.57 1.96 -11.15
CA ASP Y 187 58.23 1.29 -10.01
C ASP Y 187 57.23 0.58 -9.08
N GLY Y 188 55.96 0.60 -9.48
CA GLY Y 188 54.92 -0.06 -8.70
C GLY Y 188 54.02 0.86 -7.90
N ILE Y 189 53.76 0.49 -6.66
CA ILE Y 189 52.71 1.13 -5.88
C ILE Y 189 53.23 1.67 -4.56
N ARG Y 190 53.02 2.96 -4.34
CA ARG Y 190 53.42 3.58 -3.08
C ARG Y 190 52.32 4.46 -2.54
N GLN Y 191 52.31 4.63 -1.22
CA GLN Y 191 51.34 5.47 -0.56
C GLN Y 191 52.01 6.77 -0.09
N VAL Y 192 51.46 7.91 -0.48
CA VAL Y 192 51.91 9.20 0.03
C VAL Y 192 51.87 9.23 1.55
N ASP Y 193 53.03 9.34 2.19
CA ASP Y 193 53.16 9.17 3.63
C ASP Y 193 52.43 10.26 4.44
N ASP Y 194 52.25 11.43 3.84
CA ASP Y 194 51.49 12.49 4.47
C ASP Y 194 50.77 13.32 3.41
N PHE Y 195 49.45 13.37 3.53
CA PHE Y 195 48.63 14.20 2.64
C PHE Y 195 47.55 14.91 3.45
N GLN Y 196 47.52 16.24 3.35
CA GLN Y 196 46.52 17.08 4.03
C GLN Y 196 46.52 16.88 5.55
N THR Z 1 21.75 -2.49 24.38
CA THR Z 1 22.87 -2.91 25.23
C THR Z 1 24.19 -2.20 24.91
N THR Z 2 25.17 -2.38 25.79
CA THR Z 2 26.47 -1.77 25.57
C THR Z 2 27.59 -2.79 25.79
N THR Z 3 28.43 -2.91 24.76
CA THR Z 3 29.60 -3.75 24.82
C THR Z 3 30.74 -2.92 24.29
N LEU Z 4 31.90 -3.07 24.91
CA LEU Z 4 33.11 -2.41 24.44
C LEU Z 4 34.32 -3.36 24.52
N ALA Z 5 35.27 -3.16 23.62
CA ALA Z 5 36.61 -3.76 23.74
C ALA Z 5 37.64 -2.72 23.30
N PHE Z 6 38.81 -2.75 23.94
CA PHE Z 6 39.93 -1.92 23.49
C PHE Z 6 41.23 -2.58 23.85
N ARG Z 7 42.24 -2.39 23.01
CA ARG Z 7 43.59 -2.89 23.32
C ARG Z 7 44.54 -1.83 23.84
N PHE Z 8 45.44 -2.29 24.70
CA PHE Z 8 46.45 -1.44 25.31
C PHE Z 8 47.71 -2.25 25.60
N GLN Z 9 48.73 -1.56 26.09
CA GLN Z 9 50.01 -2.17 26.49
C GLN Z 9 49.90 -3.54 27.20
N GLY Z 10 48.83 -3.73 27.99
CA GLY Z 10 48.67 -4.96 28.76
C GLY Z 10 47.72 -5.98 28.16
N GLY Z 11 47.31 -5.76 26.92
CA GLY Z 11 46.45 -6.70 26.23
C GLY Z 11 45.12 -6.12 25.79
N ILE Z 12 44.04 -6.79 26.14
CA ILE Z 12 42.70 -6.35 25.77
C ILE Z 12 41.77 -6.34 26.98
N ILE Z 13 41.11 -5.20 27.17
CA ILE Z 13 40.02 -5.11 28.13
C ILE Z 13 38.71 -5.25 27.38
N VAL Z 14 37.85 -6.15 27.84
CA VAL Z 14 36.51 -6.32 27.30
C VAL Z 14 35.47 -6.06 28.40
N ALA Z 15 34.49 -5.20 28.10
CA ALA Z 15 33.47 -4.83 29.08
C ALA Z 15 32.11 -4.77 28.40
N VAL Z 16 31.09 -5.31 29.09
CA VAL Z 16 29.75 -5.38 28.55
C VAL Z 16 28.71 -5.17 29.67
N ASP Z 17 27.49 -4.79 29.30
CA ASP Z 17 26.40 -4.80 30.29
C ASP Z 17 25.70 -6.17 30.31
N SER Z 18 24.51 -6.23 30.88
CA SER Z 18 23.81 -7.51 30.95
C SER Z 18 22.30 -7.42 30.94
N ARG Z 19 21.76 -6.44 30.21
CA ARG Z 19 20.30 -6.26 30.16
C ARG Z 19 19.70 -6.74 28.84
N ALA Z 20 18.58 -7.45 28.95
CA ALA Z 20 17.83 -7.85 27.76
C ALA Z 20 16.38 -7.35 27.83
N THR Z 21 15.97 -6.59 26.81
CA THR Z 21 14.61 -6.08 26.77
C THR Z 21 13.84 -6.58 25.57
N ALA Z 22 12.54 -6.82 25.75
CA ALA Z 22 11.65 -7.03 24.62
C ALA Z 22 10.55 -5.96 24.73
N GLY Z 23 10.67 -4.92 23.92
CA GLY Z 23 9.78 -3.78 24.05
C GLY Z 23 10.23 -2.82 25.15
N ASN Z 24 9.37 -2.62 26.16
CA ASN Z 24 9.71 -1.76 27.29
C ASN Z 24 10.09 -2.64 28.46
N TRP Z 25 9.69 -3.89 28.29
CA TRP Z 25 9.88 -4.96 29.24
C TRP Z 25 11.34 -5.37 29.34
N VAL Z 26 11.90 -5.28 30.55
CA VAL Z 26 13.21 -5.82 30.82
C VAL Z 26 13.10 -7.32 31.09
N ALA Z 27 13.55 -8.13 30.13
CA ALA Z 27 13.41 -9.58 30.23
C ALA Z 27 14.45 -10.22 31.14
N SER Z 28 15.62 -9.60 31.25
CA SER Z 28 16.70 -10.12 32.11
C SER Z 28 17.71 -9.02 32.45
N GLN Z 29 18.24 -9.07 33.67
CA GLN Z 29 19.34 -8.18 34.07
C GLN Z 29 20.63 -9.00 34.23
N THR Z 30 20.64 -10.22 33.68
CA THR Z 30 21.68 -11.23 33.98
C THR Z 30 22.29 -11.96 32.76
N VAL Z 31 22.22 -11.34 31.59
CA VAL Z 31 22.68 -11.99 30.36
C VAL Z 31 24.19 -11.90 30.22
N LYS Z 32 24.80 -12.98 29.78
CA LYS Z 32 26.22 -12.98 29.47
C LYS Z 32 26.39 -12.52 28.03
N ARG Z 33 26.89 -11.30 27.87
CA ARG Z 33 27.02 -10.74 26.53
C ARG Z 33 28.45 -10.98 26.04
N VAL Z 34 29.27 -11.62 26.89
CA VAL Z 34 30.58 -12.07 26.46
C VAL Z 34 30.58 -13.57 26.20
N ILE Z 35 30.88 -13.95 24.95
CA ILE Z 35 30.96 -15.37 24.59
C ILE Z 35 32.39 -15.85 24.66
N GLU Z 36 32.61 -16.86 25.49
CA GLU Z 36 33.92 -17.47 25.66
C GLU Z 36 34.13 -18.53 24.58
N ILE Z 37 34.59 -18.07 23.43
CA ILE Z 37 34.82 -18.92 22.26
C ILE Z 37 35.75 -20.08 22.60
N ASN Z 38 36.89 -19.76 23.20
CA ASN Z 38 37.82 -20.72 23.78
C ASN Z 38 38.73 -19.93 24.73
N PRO Z 39 39.61 -20.61 25.52
CA PRO Z 39 40.41 -19.87 26.53
C PRO Z 39 41.27 -18.69 26.02
N PHE Z 40 41.27 -18.40 24.74
CA PHE Z 40 42.14 -17.37 24.18
C PHE Z 40 41.38 -16.32 23.38
N LEU Z 41 40.12 -16.62 23.10
CA LEU Z 41 39.30 -15.75 22.26
C LEU Z 41 37.97 -15.43 22.91
N LEU Z 42 37.68 -14.14 23.03
CA LEU Z 42 36.37 -13.66 23.48
C LEU Z 42 35.60 -13.05 22.32
N GLY Z 43 34.29 -13.20 22.36
CA GLY Z 43 33.41 -12.45 21.48
C GLY Z 43 32.39 -11.71 22.32
N THR Z 44 31.85 -10.63 21.79
CA THR Z 44 30.82 -9.86 22.51
C THR Z 44 29.48 -10.01 21.80
N MET Z 45 28.40 -9.88 22.56
CA MET Z 45 27.04 -10.07 22.02
C MET Z 45 26.25 -8.77 21.80
N ALA Z 46 25.91 -8.47 20.55
CA ALA Z 46 25.00 -7.36 20.24
C ALA Z 46 24.22 -7.61 18.95
N GLY Z 47 23.01 -7.07 18.88
CA GLY Z 47 22.10 -7.40 17.80
C GLY Z 47 21.30 -8.61 18.24
N GLY Z 48 21.34 -9.69 17.46
CA GLY Z 48 20.65 -10.91 17.82
C GLY Z 48 21.34 -11.72 18.90
N ALA Z 49 20.65 -11.96 20.01
CA ALA Z 49 21.20 -12.77 21.11
C ALA Z 49 21.56 -14.17 20.63
N ALA Z 50 20.62 -14.80 19.92
CA ALA Z 50 20.82 -16.16 19.44
C ALA Z 50 21.90 -16.18 18.36
N ASP Z 51 21.80 -15.29 17.39
CA ASP Z 51 22.79 -15.27 16.32
C ASP Z 51 24.23 -15.15 16.80
N CYS Z 52 24.46 -14.37 17.84
CA CYS Z 52 25.81 -14.22 18.37
C CYS Z 52 26.21 -15.45 19.18
N GLN Z 53 25.38 -15.81 20.14
CA GLN Z 53 25.63 -16.94 21.00
C GLN Z 53 25.83 -18.25 20.19
N PHE Z 54 25.04 -18.43 19.14
CA PHE Z 54 25.12 -19.63 18.31
C PHE Z 54 26.39 -19.70 17.46
N TRP Z 55 26.54 -18.77 16.54
CA TRP Z 55 27.63 -18.80 15.57
C TRP Z 55 28.99 -18.58 16.20
N GLU Z 56 29.03 -17.86 17.31
CA GLU Z 56 30.30 -17.67 18.01
C GLU Z 56 30.71 -18.92 18.79
N THR Z 57 29.72 -19.70 19.23
CA THR Z 57 29.99 -21.04 19.76
C THR Z 57 30.52 -21.97 18.63
N TRP Z 58 29.80 -21.97 17.51
CA TRP Z 58 30.23 -22.66 16.32
C TRP Z 58 31.61 -22.21 15.90
N LEU Z 59 31.89 -20.94 16.14
CA LEU Z 59 33.20 -20.42 15.79
C LEU Z 59 34.22 -21.20 16.60
N GLY Z 60 33.86 -21.47 17.86
CA GLY Z 60 34.71 -22.17 18.79
C GLY Z 60 35.01 -23.59 18.34
N SER Z 61 34.02 -24.22 17.71
CA SER Z 61 34.22 -25.51 17.10
C SER Z 61 35.19 -25.46 15.93
N GLN Z 62 35.05 -24.48 15.04
CA GLN Z 62 35.93 -24.36 13.90
C GLN Z 62 37.37 -24.05 14.32
N CYS Z 63 37.51 -23.33 15.42
CA CYS Z 63 38.82 -22.93 15.92
C CYS Z 63 39.63 -24.13 16.42
N ARG Z 64 38.90 -25.11 16.94
CA ARG Z 64 39.50 -26.31 17.52
C ARG Z 64 39.98 -27.28 16.43
N LEU Z 65 39.09 -27.54 15.46
CA LEU Z 65 39.43 -28.25 14.24
C LEU Z 65 40.63 -27.67 13.49
N HIS Z 66 40.85 -26.37 13.65
CA HIS Z 66 41.98 -25.76 13.00
C HIS Z 66 43.25 -26.15 13.75
N GLU Z 67 43.17 -26.09 15.07
CA GLU Z 67 44.28 -26.41 15.97
C GLU Z 67 44.70 -27.88 15.89
N LEU Z 68 43.75 -28.74 15.55
CA LEU Z 68 44.05 -30.15 15.41
C LEU Z 68 44.74 -30.42 14.07
N ARG Z 69 44.24 -29.82 13.00
CA ARG Z 69 44.82 -30.01 11.68
C ARG Z 69 46.19 -29.36 11.57
N GLU Z 70 46.32 -28.13 12.08
CA GLU Z 70 47.52 -27.33 11.81
C GLU Z 70 48.49 -27.30 12.98
N LYS Z 71 48.07 -27.86 14.11
CA LYS Z 71 48.92 -27.99 15.29
C LYS Z 71 49.46 -26.66 15.81
N GLU Z 72 48.64 -25.61 15.74
CA GLU Z 72 49.04 -24.29 16.18
C GLU Z 72 47.80 -23.44 16.48
N ARG Z 73 47.95 -22.46 17.38
CA ARG Z 73 46.87 -21.51 17.71
C ARG Z 73 46.39 -20.76 16.49
N ILE Z 74 45.08 -20.66 16.35
CA ILE Z 74 44.54 -19.92 15.23
C ILE Z 74 44.76 -18.43 15.48
N SER Z 75 45.11 -17.70 14.42
CA SER Z 75 45.28 -16.26 14.50
C SER Z 75 43.91 -15.57 14.66
N VAL Z 76 43.89 -14.45 15.38
CA VAL Z 76 42.65 -13.70 15.57
C VAL Z 76 42.12 -13.26 14.21
N ALA Z 77 43.03 -12.98 13.29
CA ALA Z 77 42.68 -12.71 11.90
C ALA Z 77 41.86 -13.84 11.29
N ALA Z 78 42.39 -15.05 11.35
CA ALA Z 78 41.72 -16.20 10.79
C ALA Z 78 40.41 -16.53 11.51
N ALA Z 79 40.42 -16.45 12.83
CA ALA Z 79 39.22 -16.75 13.60
C ALA Z 79 38.10 -15.80 13.16
N SER Z 80 38.42 -14.51 13.12
CA SER Z 80 37.44 -13.49 12.75
C SER Z 80 36.96 -13.65 11.32
N LYS Z 81 37.86 -14.01 10.41
CA LYS Z 81 37.47 -14.13 9.02
C LYS Z 81 36.58 -15.36 8.79
N ILE Z 82 36.72 -16.39 9.63
CA ILE Z 82 35.78 -17.49 9.58
C ILE Z 82 34.36 -16.99 9.91
N LEU Z 83 34.23 -16.29 11.04
CA LEU Z 83 32.94 -15.74 11.45
C LEU Z 83 32.37 -14.82 10.37
N SER Z 84 33.16 -13.84 9.98
CA SER Z 84 32.78 -12.91 8.92
C SER Z 84 32.30 -13.56 7.63
N ASN Z 85 33.07 -14.50 7.09
CA ASN Z 85 32.76 -15.19 5.84
C ASN Z 85 31.47 -15.99 5.88
N LEU Z 86 31.26 -16.66 7.00
CA LEU Z 86 30.04 -17.38 7.27
C LEU Z 86 28.85 -16.41 7.14
N VAL Z 87 28.82 -15.43 8.03
CA VAL Z 87 27.82 -14.38 8.07
C VAL Z 87 27.53 -13.78 6.69
N TYR Z 88 28.58 -13.58 5.90
CA TYR Z 88 28.41 -12.97 4.61
C TYR Z 88 27.64 -13.88 3.65
N GLN Z 89 27.71 -15.18 3.89
CA GLN Z 89 26.93 -16.12 3.08
C GLN Z 89 25.43 -15.95 3.29
N TYR Z 90 25.07 -15.45 4.47
CA TYR Z 90 23.67 -15.29 4.85
C TYR Z 90 23.12 -13.89 4.59
N LYS Z 91 23.95 -12.99 4.10
CA LYS Z 91 23.54 -11.60 3.90
C LYS Z 91 22.18 -11.53 3.23
N GLY Z 92 21.29 -10.72 3.81
CA GLY Z 92 19.95 -10.53 3.27
C GLY Z 92 18.90 -11.40 3.92
N ALA Z 93 19.34 -12.46 4.59
CA ALA Z 93 18.41 -13.41 5.21
C ALA Z 93 17.89 -12.93 6.55
N GLY Z 94 18.49 -11.88 7.09
CA GLY Z 94 18.02 -11.29 8.33
C GLY Z 94 18.76 -11.65 9.60
N LEU Z 95 19.98 -12.17 9.47
CA LEU Z 95 20.83 -12.34 10.63
C LEU Z 95 21.10 -10.94 11.21
N SER Z 96 21.23 -10.86 12.54
CA SER Z 96 21.57 -9.61 13.20
C SER Z 96 22.68 -9.84 14.21
N MET Z 97 23.84 -9.22 13.96
CA MET Z 97 25.03 -9.42 14.79
C MET Z 97 25.92 -8.20 14.74
N GLY Z 98 26.45 -7.78 15.89
CA GLY Z 98 27.50 -6.77 15.95
C GLY Z 98 28.41 -7.22 17.06
N THR Z 99 29.70 -7.36 16.78
CA THR Z 99 30.56 -8.09 17.72
C THR Z 99 32.05 -7.83 17.56
N MET Z 100 32.77 -7.82 18.68
CA MET Z 100 34.23 -7.77 18.64
C MET Z 100 34.81 -9.15 18.89
N ILE Z 101 35.60 -9.66 17.93
CA ILE Z 101 36.37 -10.91 18.12
C ILE Z 101 37.74 -10.53 18.67
N CYS Z 102 38.04 -10.97 19.89
CA CYS Z 102 39.21 -10.47 20.63
C CYS Z 102 40.16 -11.59 21.05
N GLY Z 103 41.45 -11.40 20.80
CA GLY Z 103 42.43 -12.39 21.19
C GLY Z 103 43.87 -11.87 21.21
N TYR Z 104 44.75 -12.61 21.86
CA TYR Z 104 46.15 -12.19 22.00
C TYR Z 104 47.09 -13.33 21.59
N THR Z 105 47.68 -13.20 20.40
CA THR Z 105 48.66 -14.18 19.92
C THR Z 105 50.04 -13.56 19.84
N ARG Z 106 51.08 -14.39 19.79
CA ARG Z 106 52.44 -13.90 19.64
C ARG Z 106 52.67 -13.20 18.29
N LYS Z 107 52.22 -13.83 17.20
CA LYS Z 107 52.30 -13.24 15.86
C LYS Z 107 51.64 -11.84 15.74
N GLU Z 108 50.55 -11.62 16.46
CA GLU Z 108 49.73 -10.43 16.23
C GLU Z 108 49.75 -9.38 17.35
N GLY Z 109 49.88 -9.84 18.59
CA GLY Z 109 49.71 -8.96 19.73
C GLY Z 109 48.22 -8.89 20.03
N PRO Z 110 47.82 -7.99 20.94
CA PRO Z 110 46.40 -7.83 21.24
C PRO Z 110 45.72 -7.32 19.98
N THR Z 111 44.66 -8.02 19.58
CA THR Z 111 43.98 -7.78 18.31
C THR Z 111 42.46 -7.79 18.48
N ILE Z 112 41.80 -6.78 17.92
CA ILE Z 112 40.33 -6.75 17.91
C ILE Z 112 39.78 -6.59 16.49
N TYR Z 113 38.91 -7.50 16.09
CA TYR Z 113 38.13 -7.32 14.89
C TYR Z 113 36.66 -7.03 15.24
N TYR Z 114 36.10 -5.98 14.66
CA TYR Z 114 34.66 -5.80 14.69
C TYR Z 114 34.07 -6.58 13.51
N VAL Z 115 33.02 -7.36 13.76
CA VAL Z 115 32.38 -8.15 12.71
C VAL Z 115 30.86 -8.03 12.84
N ASP Z 116 30.18 -7.64 11.76
CA ASP Z 116 28.72 -7.54 11.83
C ASP Z 116 27.97 -8.31 10.75
N SER Z 117 26.65 -8.43 10.91
CA SER Z 117 25.82 -9.20 10.01
C SER Z 117 25.72 -8.62 8.60
N ASP Z 118 26.30 -7.44 8.38
CA ASP Z 118 26.33 -6.85 7.05
C ASP Z 118 27.49 -7.42 6.23
N GLY Z 119 28.40 -8.10 6.92
CA GLY Z 119 29.60 -8.65 6.30
C GLY Z 119 30.81 -7.75 6.52
N THR Z 120 30.72 -6.87 7.51
CA THR Z 120 31.79 -5.95 7.81
C THR Z 120 32.81 -6.60 8.74
N ARG Z 121 34.08 -6.39 8.45
CA ARG Z 121 35.15 -6.89 9.30
C ARG Z 121 36.24 -5.86 9.37
N LEU Z 122 36.53 -5.39 10.58
CA LEU Z 122 37.44 -4.27 10.79
C LEU Z 122 38.40 -4.52 11.91
N LYS Z 123 39.68 -4.34 11.61
CA LYS Z 123 40.67 -4.31 12.68
C LYS Z 123 40.72 -2.91 13.31
N GLY Z 124 40.71 -2.85 14.63
CA GLY Z 124 40.83 -1.57 15.30
C GLY Z 124 41.29 -1.67 16.75
N ASP Z 125 41.48 -0.51 17.36
CA ASP Z 125 41.98 -0.41 18.73
C ASP Z 125 40.87 -0.17 19.76
N ILE Z 126 39.83 0.57 19.39
CA ILE Z 126 38.68 0.79 20.26
C ILE Z 126 37.35 0.59 19.54
N PHE Z 127 36.49 -0.30 20.04
CA PHE Z 127 35.13 -0.45 19.50
C PHE Z 127 34.09 -0.44 20.60
N CYS Z 128 32.95 0.17 20.30
CA CYS Z 128 31.74 0.04 21.14
C CYS Z 128 30.57 -0.27 20.24
N VAL Z 129 29.64 -1.08 20.74
CA VAL Z 129 28.55 -1.60 19.93
C VAL Z 129 27.29 -1.73 20.76
N GLY Z 130 26.18 -1.25 20.22
CA GLY Z 130 24.91 -1.35 20.88
C GLY Z 130 24.25 -0.01 21.15
N SER Z 131 23.05 -0.04 21.73
CA SER Z 131 22.26 1.17 21.95
C SER Z 131 22.97 2.16 22.85
N GLY Z 132 23.76 1.64 23.79
CA GLY Z 132 24.50 2.51 24.69
C GLY Z 132 25.86 2.95 24.21
N GLN Z 133 26.21 2.63 22.96
CA GLN Z 133 27.60 2.72 22.50
C GLN Z 133 28.19 4.13 22.54
N THR Z 134 27.32 5.09 22.26
CA THR Z 134 27.72 6.45 22.02
C THR Z 134 28.15 7.10 23.35
N PHE Z 135 27.56 6.62 24.45
CA PHE Z 135 27.95 7.05 25.78
C PHE Z 135 29.33 6.50 26.13
N ALA Z 136 29.49 5.18 26.04
CA ALA Z 136 30.76 4.55 26.33
C ALA Z 136 31.93 5.10 25.51
N TYR Z 137 31.69 5.47 24.26
CA TYR Z 137 32.75 6.02 23.44
C TYR Z 137 33.32 7.28 24.05
N GLY Z 138 32.45 8.12 24.59
CA GLY Z 138 32.84 9.40 25.15
C GLY Z 138 33.81 9.25 26.31
N VAL Z 139 33.52 8.32 27.21
CA VAL Z 139 34.39 8.04 28.34
C VAL Z 139 35.72 7.45 27.87
N LEU Z 140 35.64 6.37 27.10
CA LEU Z 140 36.81 5.76 26.45
C LEU Z 140 37.69 6.78 25.71
N ASP Z 141 37.14 7.48 24.74
CA ASP Z 141 37.91 8.42 23.92
C ASP Z 141 38.75 9.46 24.68
N SER Z 142 38.28 9.87 25.86
CA SER Z 142 38.94 10.95 26.57
C SER Z 142 39.86 10.45 27.68
N ASN Z 143 39.96 9.13 27.81
CA ASN Z 143 40.76 8.56 28.87
C ASN Z 143 41.66 7.45 28.37
N TYR Z 144 41.45 7.03 27.14
CA TYR Z 144 42.26 5.98 26.59
C TYR Z 144 43.70 6.47 26.45
N LYS Z 145 44.62 5.73 27.07
CA LYS Z 145 46.06 5.84 26.83
C LYS Z 145 46.50 4.47 26.41
N TRP Z 146 47.46 4.38 25.49
CA TRP Z 146 48.06 3.08 25.19
C TRP Z 146 48.78 2.50 26.42
N ASP Z 147 49.36 3.38 27.23
CA ASP Z 147 50.17 2.98 28.38
C ASP Z 147 49.37 2.96 29.67
N LEU Z 148 48.07 2.75 29.54
CA LEU Z 148 47.21 2.54 30.69
C LEU Z 148 47.76 1.37 31.50
N SER Z 149 47.78 1.48 32.83
CA SER Z 149 48.03 0.32 33.68
C SER Z 149 46.98 -0.79 33.41
N VAL Z 150 47.09 -1.95 34.04
CA VAL Z 150 46.05 -2.97 33.86
C VAL Z 150 44.88 -2.70 34.81
N GLU Z 151 45.21 -2.34 36.03
CA GLU Z 151 44.23 -1.95 37.03
C GLU Z 151 43.37 -0.82 36.48
N ASP Z 152 44.02 0.18 35.89
CA ASP Z 152 43.35 1.38 35.40
C ASP Z 152 42.53 1.11 34.16
N ALA Z 153 43.11 0.33 33.24
CA ALA Z 153 42.39 -0.11 32.04
C ALA Z 153 41.07 -0.81 32.39
N LEU Z 154 41.12 -1.72 33.36
CA LEU Z 154 39.94 -2.44 33.86
C LEU Z 154 38.91 -1.46 34.40
N TYR Z 155 39.39 -0.40 35.06
CA TYR Z 155 38.50 0.61 35.58
C TYR Z 155 37.79 1.33 34.43
N LEU Z 156 38.58 1.93 33.55
CA LEU Z 156 38.06 2.67 32.40
C LEU Z 156 36.98 1.90 31.62
N GLY Z 157 37.20 0.61 31.41
CA GLY Z 157 36.20 -0.18 30.71
C GLY Z 157 34.95 -0.30 31.56
N LYS Z 158 35.15 -0.46 32.86
CA LYS Z 158 34.02 -0.60 33.76
C LYS Z 158 33.23 0.71 33.83
N ARG Z 159 33.94 1.83 33.87
CA ARG Z 159 33.32 3.13 34.02
C ARG Z 159 32.61 3.53 32.74
N SER Z 160 33.13 3.07 31.60
CA SER Z 160 32.51 3.41 30.33
C SER Z 160 31.16 2.71 30.17
N ILE Z 161 31.05 1.49 30.69
CA ILE Z 161 29.79 0.78 30.63
C ILE Z 161 28.79 1.40 31.61
N LEU Z 162 29.26 1.80 32.79
CA LEU Z 162 28.43 2.46 33.79
C LEU Z 162 27.80 3.73 33.19
N ALA Z 163 28.64 4.55 32.58
CA ALA Z 163 28.21 5.71 31.83
C ALA Z 163 27.01 5.43 30.93
N ALA Z 164 27.11 4.40 30.10
CA ALA Z 164 26.03 4.03 29.19
C ALA Z 164 24.87 3.36 29.88
N ALA Z 165 25.11 2.66 30.98
CA ALA Z 165 24.03 2.00 31.71
C ALA Z 165 23.10 3.03 32.34
N HIS Z 166 23.68 4.15 32.76
CA HIS Z 166 22.97 5.24 33.41
C HIS Z 166 22.04 5.91 32.42
N ARG Z 167 22.59 6.33 31.29
CA ARG Z 167 21.85 7.12 30.30
C ARG Z 167 20.96 6.31 29.36
N ASP Z 168 21.40 5.11 29.00
CA ASP Z 168 20.63 4.31 28.07
C ASP Z 168 19.63 3.44 28.80
N ALA Z 169 18.38 3.54 28.34
CA ALA Z 169 17.29 2.76 28.91
C ALA Z 169 17.50 1.26 28.67
N TYR Z 170 18.22 0.91 27.60
CA TYR Z 170 18.33 -0.49 27.18
C TYR Z 170 19.61 -1.22 27.65
N SER Z 171 20.46 -0.49 28.38
CA SER Z 171 21.68 -1.04 28.95
C SER Z 171 21.60 -0.93 30.45
N GLY Z 172 22.30 -1.82 31.15
CA GLY Z 172 22.27 -1.84 32.60
C GLY Z 172 22.38 -3.26 33.16
N GLY Z 173 21.81 -3.45 34.34
CA GLY Z 173 21.93 -4.71 35.03
C GLY Z 173 23.25 -4.78 35.77
N SER Z 174 24.29 -5.21 35.06
CA SER Z 174 25.60 -5.35 35.68
C SER Z 174 26.68 -5.31 34.63
N VAL Z 175 27.91 -5.09 35.09
CA VAL Z 175 29.06 -5.05 34.20
C VAL Z 175 29.85 -6.34 34.33
N ASN Z 176 30.16 -6.96 33.19
CA ASN Z 176 31.07 -8.10 33.15
C ASN Z 176 32.40 -7.68 32.54
N LEU Z 177 33.49 -7.97 33.23
CA LEU Z 177 34.82 -7.50 32.84
C LEU Z 177 35.76 -8.65 32.46
N TYR Z 178 36.55 -8.43 31.42
CA TYR Z 178 37.55 -9.40 31.01
C TYR Z 178 38.89 -8.75 30.69
N HIS Z 179 39.95 -9.46 31.02
CA HIS Z 179 41.29 -9.11 30.56
C HIS Z 179 41.81 -10.22 29.65
N VAL Z 180 42.22 -9.84 28.45
CA VAL Z 180 42.75 -10.83 27.53
C VAL Z 180 44.26 -10.70 27.42
N THR Z 181 44.97 -11.71 27.91
CA THR Z 181 46.43 -11.76 27.83
C THR Z 181 46.84 -12.75 26.76
N GLU Z 182 48.14 -12.91 26.57
CA GLU Z 182 48.63 -13.86 25.59
C GLU Z 182 48.46 -15.30 26.10
N ASP Z 183 48.51 -15.45 27.42
CA ASP Z 183 48.25 -16.73 28.08
C ASP Z 183 46.77 -17.10 28.02
N GLY Z 184 45.96 -16.17 27.52
CA GLY Z 184 44.52 -16.34 27.50
C GLY Z 184 43.83 -15.21 28.24
N TRP Z 185 42.55 -15.38 28.53
CA TRP Z 185 41.79 -14.32 29.18
C TRP Z 185 41.58 -14.58 30.68
N ILE Z 186 41.37 -13.50 31.42
CA ILE Z 186 41.00 -13.61 32.82
C ILE Z 186 39.69 -12.86 33.08
N TYR Z 187 38.72 -13.58 33.63
CA TYR Z 187 37.47 -12.96 34.06
C TYR Z 187 37.77 -12.07 35.24
N HIS Z 188 37.25 -10.86 35.21
CA HIS Z 188 37.38 -9.94 36.34
C HIS Z 188 36.02 -9.53 36.87
N GLY Z 189 35.14 -10.52 37.00
CA GLY Z 189 33.93 -10.38 37.78
C GLY Z 189 32.73 -9.66 37.21
N ASN Z 190 31.63 -9.79 37.95
CA ASN Z 190 30.35 -9.20 37.63
C ASN Z 190 29.97 -8.15 38.67
N HIS Z 191 29.79 -6.93 38.23
CA HIS Z 191 29.52 -5.86 39.18
C HIS Z 191 28.17 -5.28 38.88
N ASP Z 192 27.27 -5.32 39.87
CA ASP Z 192 25.92 -4.77 39.73
C ASP Z 192 25.99 -3.25 39.59
N VAL Z 193 25.33 -2.73 38.55
CA VAL Z 193 25.33 -1.29 38.27
C VAL Z 193 24.67 -0.53 39.40
N GLY Z 194 23.68 -1.15 40.02
CA GLY Z 194 23.09 -0.64 41.23
C GLY Z 194 24.16 -0.20 42.21
N GLU Z 195 24.87 -1.15 42.82
CA GLU Z 195 25.90 -0.80 43.80
C GLU Z 195 27.02 0.06 43.23
N LEU Z 196 27.49 -0.30 42.05
CA LEU Z 196 28.63 0.36 41.42
C LEU Z 196 28.40 1.85 41.20
N PHE Z 197 27.19 2.22 40.79
CA PHE Z 197 26.83 3.62 40.56
C PHE Z 197 27.12 4.47 41.78
N TRP Z 198 26.60 4.05 42.92
CA TRP Z 198 26.76 4.77 44.17
C TRP Z 198 28.20 4.89 44.63
N LYS Z 199 28.90 3.75 44.63
CA LYS Z 199 30.33 3.73 44.94
C LYS Z 199 31.08 4.69 44.01
N VAL Z 200 30.91 4.54 42.70
CA VAL Z 200 31.56 5.44 41.76
C VAL Z 200 31.18 6.90 42.00
N LYS Z 201 29.89 7.17 42.18
CA LYS Z 201 29.45 8.53 42.42
C LYS Z 201 30.17 9.13 43.63
N GLU Z 202 30.04 8.44 44.76
CA GLU Z 202 30.66 8.86 46.01
C GLU Z 202 32.18 9.07 45.89
N GLU Z 203 32.89 8.03 45.44
CA GLU Z 203 34.35 8.04 45.44
C GLU Z 203 34.98 8.88 44.34
N GLU Z 204 34.27 9.05 43.23
CA GLU Z 204 34.81 9.77 42.08
C GLU Z 204 34.34 11.21 42.00
N GLY Z 205 33.21 11.49 42.65
CA GLY Z 205 32.61 12.82 42.65
C GLY Z 205 31.79 13.16 41.40
N SER Z 206 31.62 12.17 40.52
CA SER Z 206 30.89 12.40 39.28
C SER Z 206 29.40 12.23 39.51
N PHE Z 207 28.65 12.28 38.41
CA PHE Z 207 27.19 12.17 38.45
C PHE Z 207 26.58 13.18 39.38
N ASN Z 208 27.05 14.43 39.33
CA ASN Z 208 26.64 15.39 40.34
C ASN Z 208 25.15 15.71 40.37
N ASN Z 209 24.51 15.68 39.20
CA ASN Z 209 23.07 15.91 39.18
C ASN Z 209 22.26 14.66 39.47
N VAL Z 210 22.59 13.96 40.56
CA VAL Z 210 21.83 12.82 41.02
C VAL Z 210 21.84 12.85 42.54
N ILE Z 211 20.67 12.72 43.16
CA ILE Z 211 20.57 12.82 44.61
C ILE Z 211 20.86 11.48 45.30
N GLY Z 212 21.87 11.46 46.17
CA GLY Z 212 22.28 10.23 46.84
C GLY Z 212 22.76 10.40 48.28
N GLN AA 1 -4.32 -13.51 3.56
CA GLN AA 1 -3.16 -14.41 3.54
C GLN AA 1 -3.24 -15.41 4.70
N PHE AA 2 -2.60 -16.57 4.57
CA PHE AA 2 -2.53 -17.57 5.63
C PHE AA 2 -1.47 -17.24 6.68
N ASN AA 3 -1.88 -17.29 7.94
CA ASN AA 3 -0.98 -17.06 9.06
C ASN AA 3 -0.64 -18.37 9.75
N PRO AA 4 0.64 -18.76 9.73
CA PRO AA 4 1.01 -20.09 10.21
C PRO AA 4 1.12 -20.13 11.72
N TYR AA 5 0.90 -19.00 12.37
CA TYR AA 5 1.09 -18.90 13.82
C TYR AA 5 -0.21 -18.52 14.54
N GLY AA 6 -0.24 -18.80 15.84
CA GLY AA 6 -1.37 -18.44 16.69
C GLY AA 6 -0.89 -18.26 18.12
N ASP AA 7 -1.79 -17.94 19.03
CA ASP AA 7 -1.40 -17.73 20.42
C ASP AA 7 -2.36 -18.46 21.34
N ASN AA 8 -1.83 -19.33 22.18
CA ASN AA 8 -2.66 -20.19 23.00
C ASN AA 8 -2.56 -19.84 24.46
N GLY AA 9 -2.04 -18.66 24.75
CA GLY AA 9 -2.05 -18.16 26.11
C GLY AA 9 -1.07 -18.89 26.97
N GLY AA 10 -1.46 -19.17 28.21
CA GLY AA 10 -0.58 -19.85 29.13
C GLY AA 10 0.59 -19.04 29.67
N THR AA 11 0.92 -19.30 30.92
CA THR AA 11 2.11 -18.75 31.54
C THR AA 11 2.82 -19.91 32.24
N ILE AA 12 4.14 -19.92 32.20
CA ILE AA 12 4.90 -20.95 32.93
C ILE AA 12 5.95 -20.32 33.82
N LEU AA 13 6.46 -21.12 34.76
CA LEU AA 13 7.41 -20.61 35.76
C LEU AA 13 8.40 -21.69 36.23
N GLY AA 14 9.70 -21.38 36.23
CA GLY AA 14 10.69 -22.32 36.71
C GLY AA 14 11.65 -21.76 37.75
N ILE AA 15 11.75 -22.44 38.89
CA ILE AA 15 12.62 -21.99 39.97
C ILE AA 15 13.64 -23.06 40.39
N ALA AA 16 14.87 -22.63 40.61
CA ALA AA 16 15.92 -23.54 41.04
C ALA AA 16 16.21 -23.42 42.54
N GLY AA 17 15.83 -24.44 43.29
CA GLY AA 17 16.26 -24.58 44.68
C GLY AA 17 17.65 -25.19 44.68
N GLU AA 18 18.35 -25.16 45.82
CA GLU AA 18 19.76 -25.58 45.80
C GLU AA 18 19.99 -27.09 45.74
N ASP AA 19 18.92 -27.88 45.87
CA ASP AA 19 18.99 -29.31 45.58
C ASP AA 19 17.70 -29.83 44.97
N PHE AA 20 16.92 -28.91 44.39
CA PHE AA 20 15.66 -29.24 43.71
C PHE AA 20 15.34 -28.17 42.66
N ALA AA 21 14.29 -28.40 41.88
CA ALA AA 21 13.86 -27.45 40.86
C ALA AA 21 12.38 -27.68 40.59
N VAL AA 22 11.61 -26.60 40.48
CA VAL AA 22 10.21 -26.74 40.09
C VAL AA 22 9.96 -26.08 38.75
N LEU AA 23 9.01 -26.63 38.01
CA LEU AA 23 8.57 -26.01 36.78
C LEU AA 23 7.06 -26.08 36.71
N ALA AA 24 6.41 -24.92 36.68
CA ALA AA 24 4.95 -24.88 36.79
C ALA AA 24 4.29 -24.15 35.63
N GLY AA 25 3.05 -24.50 35.35
CA GLY AA 25 2.30 -23.83 34.30
C GLY AA 25 0.83 -23.86 34.63
N ASP AA 26 0.07 -22.91 34.12
CA ASP AA 26 -1.37 -23.03 34.25
C ASP AA 26 -1.81 -24.10 33.26
N THR AA 27 -3.07 -24.48 33.30
CA THR AA 27 -3.52 -25.58 32.47
C THR AA 27 -4.57 -25.13 31.48
N ARG AA 28 -4.80 -23.82 31.43
CA ARG AA 28 -5.78 -23.30 30.51
C ARG AA 28 -5.16 -23.06 29.15
N ASN AA 29 -5.89 -23.44 28.11
CA ASN AA 29 -5.49 -23.24 26.74
C ASN AA 29 -6.55 -22.37 26.05
N ILE AA 30 -6.14 -21.24 25.49
CA ILE AA 30 -7.12 -20.31 24.92
C ILE AA 30 -6.87 -19.98 23.46
N THR AA 31 -7.87 -19.36 22.84
CA THR AA 31 -7.75 -18.77 21.51
C THR AA 31 -8.60 -17.51 21.49
N ASP AA 32 -7.97 -16.36 21.29
CA ASP AA 32 -8.67 -15.08 21.33
C ASP AA 32 -9.40 -14.92 22.66
N TYR AA 33 -10.72 -14.88 22.62
CA TYR AA 33 -11.50 -14.70 23.83
C TYR AA 33 -12.18 -16.00 24.28
N SER AA 34 -11.89 -17.08 23.55
CA SER AA 34 -12.45 -18.40 23.83
C SER AA 34 -11.52 -19.26 24.67
N ILE AA 35 -12.10 -20.07 25.55
CA ILE AA 35 -11.34 -21.09 26.28
C ILE AA 35 -11.47 -22.43 25.55
N ASN AA 36 -10.34 -22.94 25.05
CA ASN AA 36 -10.29 -24.25 24.38
C ASN AA 36 -10.34 -25.43 25.36
N SER AA 37 -9.58 -25.32 26.44
CA SER AA 37 -9.62 -26.34 27.46
C SER AA 37 -9.14 -25.81 28.82
N ARG AA 38 -9.80 -26.24 29.90
CA ARG AA 38 -9.39 -25.85 31.25
C ARG AA 38 -8.28 -26.74 31.77
N TYR AA 39 -8.17 -27.92 31.16
CA TYR AA 39 -7.09 -28.86 31.47
C TYR AA 39 -6.43 -29.44 30.22
N GLU AA 40 -5.29 -28.84 29.85
CA GLU AA 40 -4.43 -29.29 28.76
C GLU AA 40 -2.99 -28.96 29.15
N PRO AA 41 -2.34 -29.86 29.91
CA PRO AA 41 -1.08 -29.51 30.58
C PRO AA 41 0.03 -29.25 29.57
N LYS AA 42 1.00 -28.43 29.96
CA LYS AA 42 2.09 -28.06 29.07
C LYS AA 42 3.48 -28.11 29.73
N VAL AA 43 3.53 -28.68 30.93
CA VAL AA 43 4.80 -29.02 31.57
C VAL AA 43 5.02 -30.55 31.57
N PHE AA 44 6.12 -31.00 30.98
CA PHE AA 44 6.28 -32.42 30.70
C PHE AA 44 7.51 -33.05 31.32
N ASP AA 45 7.41 -34.34 31.63
CA ASP AA 45 8.53 -35.14 32.08
C ASP AA 45 9.11 -35.79 30.84
N CYS AA 46 10.39 -35.53 30.55
CA CYS AA 46 11.03 -36.08 29.35
C CYS AA 46 12.11 -37.10 29.71
N GLY AA 47 12.03 -37.64 30.93
CA GLY AA 47 13.01 -38.61 31.38
C GLY AA 47 14.34 -37.96 31.76
N ASP AA 48 15.27 -38.79 32.23
CA ASP AA 48 16.59 -38.34 32.68
C ASP AA 48 16.52 -37.16 33.65
N ASN AA 49 15.40 -37.09 34.37
CA ASN AA 49 15.15 -36.05 35.37
C ASN AA 49 15.06 -34.64 34.76
N ILE AA 50 14.40 -34.54 33.62
CA ILE AA 50 14.29 -33.27 32.94
C ILE AA 50 12.83 -32.99 32.65
N VAL AA 51 12.37 -31.84 33.13
CA VAL AA 51 11.03 -31.37 32.81
C VAL AA 51 11.16 -30.18 31.88
N MET AA 52 10.17 -30.01 31.01
CA MET AA 52 10.30 -29.05 29.93
C MET AA 52 8.97 -28.44 29.58
N SER AA 53 8.95 -27.12 29.43
CA SER AA 53 7.75 -26.44 28.98
C SER AA 53 8.06 -25.52 27.81
N ALA AA 54 7.25 -25.61 26.76
CA ALA AA 54 7.41 -24.75 25.59
C ALA AA 54 6.14 -23.95 25.40
N ASN AA 55 6.13 -22.72 25.91
CA ASN AA 55 4.90 -21.97 25.93
C ASN AA 55 4.80 -20.91 24.87
N GLY AA 56 3.65 -20.83 24.21
CA GLY AA 56 3.42 -19.83 23.21
C GLY AA 56 2.36 -20.27 22.22
N PHE AA 57 2.80 -20.47 20.97
CA PHE AA 57 1.99 -21.14 19.96
C PHE AA 57 2.01 -22.65 20.25
N ALA AA 58 0.84 -23.23 20.54
CA ALA AA 58 0.78 -24.59 21.05
C ALA AA 58 1.26 -25.66 20.08
N ALA AA 59 1.00 -25.47 18.79
CA ALA AA 59 1.44 -26.42 17.79
C ALA AA 59 2.95 -26.51 17.81
N ASP AA 60 3.61 -25.36 17.70
CA ASP AA 60 5.06 -25.31 17.80
C ASP AA 60 5.56 -25.86 19.11
N GLY AA 61 4.83 -25.62 20.19
CA GLY AA 61 5.31 -25.99 21.51
C GLY AA 61 5.22 -27.48 21.66
N ASP AA 62 4.16 -28.07 21.10
CA ASP AA 62 4.01 -29.53 21.04
C ASP AA 62 5.10 -30.18 20.18
N ALA AA 63 5.24 -29.70 18.95
CA ALA AA 63 6.26 -30.14 18.03
C ALA AA 63 7.65 -30.14 18.65
N LEU AA 64 7.98 -29.08 19.37
CA LEU AA 64 9.30 -28.99 19.95
C LEU AA 64 9.49 -29.99 21.09
N VAL AA 65 8.48 -30.11 21.95
CA VAL AA 65 8.54 -31.10 23.03
C VAL AA 65 8.71 -32.56 22.50
N LYS AA 66 7.98 -32.88 21.42
CA LYS AA 66 8.12 -34.18 20.77
C LYS AA 66 9.55 -34.38 20.29
N ARG AA 67 10.07 -33.43 19.52
CA ARG AA 67 11.42 -33.57 18.97
C ARG AA 67 12.46 -33.77 20.06
N PHE AA 68 12.36 -33.03 21.15
CA PHE AA 68 13.35 -33.19 22.22
C PHE AA 68 13.24 -34.54 22.94
N LYS AA 69 12.03 -34.95 23.32
CA LYS AA 69 11.87 -36.26 23.96
C LYS AA 69 12.52 -37.33 23.10
N ASN AA 70 12.32 -37.19 21.80
CA ASN AA 70 12.85 -38.10 20.81
C ASN AA 70 14.34 -37.97 20.66
N SER AA 71 14.91 -36.86 21.06
CA SER AA 71 16.34 -36.73 20.93
C SER AA 71 16.99 -37.26 22.20
N VAL AA 72 16.23 -37.35 23.27
CA VAL AA 72 16.71 -38.00 24.48
C VAL AA 72 16.82 -39.50 24.22
N LYS AA 73 15.79 -40.06 23.60
CA LYS AA 73 15.82 -41.48 23.30
C LYS AA 73 16.96 -41.82 22.34
N TRP AA 74 17.23 -40.97 21.35
CA TRP AA 74 18.27 -41.29 20.39
C TRP AA 74 19.65 -41.09 20.96
N TYR AA 75 19.75 -40.18 21.92
CA TYR AA 75 21.00 -39.98 22.63
C TYR AA 75 21.36 -41.26 23.35
N HIS AA 76 20.40 -41.81 24.08
CA HIS AA 76 20.54 -43.09 24.78
C HIS AA 76 20.98 -44.21 23.86
N PHE AA 77 20.28 -44.39 22.75
CA PHE AA 77 20.67 -45.34 21.72
C PHE AA 77 22.13 -45.13 21.35
N ASP AA 78 22.46 -43.89 21.02
CA ASP AA 78 23.74 -43.58 20.42
C ASP AA 78 24.90 -43.49 21.41
N HIS AA 79 24.62 -43.56 22.70
CA HIS AA 79 25.71 -43.42 23.67
C HIS AA 79 25.63 -44.38 24.85
N ASN AA 80 25.26 -45.63 24.56
CA ASN AA 80 25.12 -46.66 25.58
C ASN AA 80 24.36 -46.14 26.81
N ASP AA 81 23.15 -45.65 26.58
CA ASP AA 81 22.25 -45.24 27.64
C ASP AA 81 22.83 -44.27 28.67
N LYS AA 82 23.72 -43.39 28.22
CA LYS AA 82 24.26 -42.34 29.08
C LYS AA 82 23.14 -41.40 29.44
N LYS AA 83 23.07 -41.00 30.71
CA LYS AA 83 22.09 -40.02 31.13
C LYS AA 83 22.37 -38.68 30.42
N LEU AA 84 21.32 -38.07 29.87
CA LEU AA 84 21.44 -36.73 29.30
C LEU AA 84 21.53 -35.66 30.39
N SER AA 85 22.69 -35.06 30.54
CA SER AA 85 22.91 -34.01 31.54
C SER AA 85 22.12 -32.78 31.16
N ILE AA 86 21.60 -32.06 32.18
CA ILE AA 86 20.74 -30.88 31.97
C ILE AA 86 21.38 -29.82 31.07
N ASN AA 87 22.69 -29.59 31.23
CA ASN AA 87 23.42 -28.68 30.36
C ASN AA 87 23.50 -29.18 28.91
N SER AA 88 23.58 -30.49 28.74
CA SER AA 88 23.64 -31.06 27.41
C SER AA 88 22.28 -30.93 26.75
N ALA AA 89 21.24 -31.28 27.51
CA ALA AA 89 19.85 -31.05 27.09
C ALA AA 89 19.64 -29.62 26.60
N ALA AA 90 20.04 -28.65 27.42
CA ALA AA 90 19.92 -27.24 27.04
C ALA AA 90 20.64 -26.92 25.71
N ARG AA 91 21.90 -27.32 25.59
CA ARG AA 91 22.64 -27.08 24.35
C ARG AA 91 21.98 -27.78 23.15
N ASN AA 92 21.39 -28.95 23.40
CA ASN AA 92 20.74 -29.66 22.31
C ASN AA 92 19.48 -28.93 21.87
N ILE AA 93 18.76 -28.35 22.83
CA ILE AA 93 17.57 -27.53 22.54
C ILE AA 93 17.90 -26.25 21.75
N GLN AA 94 19.02 -25.61 22.07
CA GLN AA 94 19.51 -24.51 21.25
C GLN AA 94 19.48 -24.92 19.79
N HIS AA 95 20.06 -26.08 19.47
CA HIS AA 95 20.20 -26.55 18.10
C HIS AA 95 18.88 -26.91 17.45
N LEU AA 96 18.00 -27.50 18.25
CA LEU AA 96 16.65 -27.79 17.85
C LEU AA 96 15.98 -26.50 17.38
N LEU AA 97 16.04 -25.49 18.24
CA LEU AA 97 15.39 -24.20 18.05
C LEU AA 97 16.00 -23.46 16.88
N TYR AA 98 17.32 -23.36 16.89
CA TYR AA 98 18.02 -22.60 15.87
C TYR AA 98 17.93 -23.22 14.47
N GLY AA 99 17.57 -24.50 14.41
CA GLY AA 99 17.32 -25.15 13.14
C GLY AA 99 16.21 -24.42 12.39
N LYS AA 100 15.30 -23.80 13.12
CA LYS AA 100 14.23 -23.07 12.47
C LYS AA 100 14.41 -21.55 12.58
N ARG AA 101 15.66 -21.10 12.49
CA ARG AA 101 15.99 -19.68 12.64
C ARG AA 101 15.23 -18.78 11.66
N PHE AA 102 14.83 -19.32 10.52
CA PHE AA 102 14.09 -18.52 9.56
C PHE AA 102 12.68 -19.05 9.32
N PHE AA 103 12.18 -19.82 10.29
CA PHE AA 103 10.76 -20.15 10.41
C PHE AA 103 10.53 -20.67 11.83
N PRO AA 104 10.75 -19.80 12.82
CA PRO AA 104 10.91 -20.19 14.23
C PRO AA 104 9.74 -20.91 14.88
N TYR AA 105 10.08 -21.70 15.87
CA TYR AA 105 9.12 -22.12 16.87
C TYR AA 105 8.64 -20.84 17.58
N TYR AA 106 7.34 -20.60 17.60
CA TYR AA 106 6.85 -19.41 18.27
C TYR AA 106 6.58 -19.74 19.73
N VAL AA 107 7.64 -20.08 20.45
CA VAL AA 107 7.49 -20.47 21.85
C VAL AA 107 8.62 -19.91 22.67
N HIS AA 108 8.38 -19.90 23.98
CA HIS AA 108 9.41 -19.58 24.95
C HIS AA 108 9.62 -20.84 25.75
N THR AA 109 10.86 -21.28 25.84
CA THR AA 109 11.11 -22.60 26.39
C THR AA 109 11.81 -22.53 27.75
N ILE AA 110 11.33 -23.32 28.71
CA ILE AA 110 12.04 -23.46 29.97
C ILE AA 110 12.21 -24.94 30.32
N ILE AA 111 13.39 -25.33 30.77
CA ILE AA 111 13.60 -26.69 31.26
C ILE AA 111 14.17 -26.65 32.67
N ALA AA 112 13.94 -27.72 33.43
CA ALA AA 112 14.34 -27.73 34.82
C ALA AA 112 14.79 -29.12 35.23
N GLY AA 113 15.73 -29.15 36.17
CA GLY AA 113 16.17 -30.38 36.79
C GLY AA 113 17.41 -30.14 37.62
N LEU AA 114 18.25 -31.16 37.75
CA LEU AA 114 19.45 -31.06 38.54
C LEU AA 114 20.68 -31.04 37.64
N ASP AA 115 21.69 -30.29 38.03
CA ASP AA 115 22.94 -30.33 37.31
C ASP AA 115 23.80 -31.52 37.79
N GLU AA 116 25.05 -31.55 37.35
CA GLU AA 116 25.90 -32.68 37.67
C GLU AA 116 26.57 -32.51 39.04
N ASP AA 117 26.08 -31.61 39.86
CA ASP AA 117 26.59 -31.48 41.22
C ASP AA 117 25.47 -31.64 42.23
N GLY AA 118 24.30 -32.04 41.73
CA GLY AA 118 23.12 -32.18 42.57
C GLY AA 118 22.31 -30.90 42.73
N LYS AA 119 22.87 -29.76 42.34
CA LYS AA 119 22.24 -28.45 42.51
C LYS AA 119 21.08 -28.22 41.53
N GLY AA 120 20.04 -27.52 41.98
CA GLY AA 120 18.86 -27.28 41.15
C GLY AA 120 19.18 -26.37 39.98
N ALA AA 121 18.45 -26.51 38.88
CA ALA AA 121 18.82 -25.78 37.67
C ALA AA 121 17.69 -25.45 36.68
N VAL AA 122 17.73 -24.22 36.16
CA VAL AA 122 16.75 -23.75 35.19
C VAL AA 122 17.42 -23.14 33.96
N TYR AA 123 16.99 -23.53 32.76
CA TYR AA 123 17.50 -22.91 31.54
C TYR AA 123 16.30 -22.29 30.85
N SER AA 124 16.46 -21.09 30.28
CA SER AA 124 15.39 -20.50 29.50
C SER AA 124 15.86 -20.13 28.09
N PHE AA 125 14.95 -20.20 27.12
CA PHE AA 125 15.30 -20.04 25.70
C PHE AA 125 14.50 -18.97 24.92
N ASP AA 126 15.20 -18.28 24.02
CA ASP AA 126 14.60 -17.56 22.89
C ASP AA 126 13.69 -18.46 22.12
N PRO AA 127 12.81 -17.86 21.31
CA PRO AA 127 12.22 -18.67 20.25
C PRO AA 127 13.28 -19.20 19.27
N VAL AA 128 14.45 -18.59 19.17
CA VAL AA 128 15.43 -19.07 18.19
C VAL AA 128 16.72 -19.59 18.80
N GLY AA 129 16.67 -19.97 20.09
CA GLY AA 129 17.76 -20.70 20.69
C GLY AA 129 18.78 -19.97 21.53
N SER AA 130 18.53 -18.70 21.84
CA SER AA 130 19.33 -18.04 22.87
C SER AA 130 19.01 -18.73 24.20
N TYR AA 131 20.00 -18.98 25.05
CA TYR AA 131 19.69 -19.64 26.32
C TYR AA 131 20.69 -19.31 27.38
N GLU AA 132 20.25 -19.38 28.63
CA GLU AA 132 21.05 -19.02 29.79
C GLU AA 132 20.61 -19.89 30.94
N ARG AA 133 21.53 -20.18 31.84
CA ARG AA 133 21.12 -20.79 33.09
C ARG AA 133 20.63 -19.66 34.00
N GLU AA 134 19.50 -19.90 34.66
CA GLU AA 134 18.88 -18.89 35.52
C GLU AA 134 18.33 -19.52 36.80
N GLN AA 135 18.13 -18.69 37.82
CA GLN AA 135 17.58 -19.15 39.08
C GLN AA 135 16.07 -19.27 38.98
N CYS AA 136 15.46 -18.27 38.35
CA CYS AA 136 14.01 -18.25 38.17
C CYS AA 136 13.63 -17.43 36.97
N ARG AA 137 12.58 -17.88 36.29
CA ARG AA 137 12.12 -17.24 35.07
C ARG AA 137 10.70 -17.69 34.80
N ALA AA 138 9.79 -16.72 34.73
CA ALA AA 138 8.45 -16.98 34.29
C ALA AA 138 8.45 -16.66 32.82
N GLY AA 139 7.51 -17.25 32.08
CA GLY AA 139 7.44 -16.95 30.67
C GLY AA 139 6.00 -17.04 30.21
N GLY AA 140 5.73 -16.44 29.06
CA GLY AA 140 4.37 -16.44 28.57
C GLY AA 140 3.58 -15.22 28.98
N ALA AA 141 2.26 -15.29 28.72
CA ALA AA 141 1.31 -14.17 28.92
C ALA AA 141 1.50 -13.31 30.18
N ALA AA 142 1.61 -13.93 31.36
CA ALA AA 142 1.68 -13.18 32.60
C ALA AA 142 3.10 -12.99 33.16
N ALA AA 143 4.11 -13.32 32.35
CA ALA AA 143 5.51 -13.20 32.77
C ALA AA 143 5.82 -11.84 33.43
N SER AA 144 5.24 -10.78 32.89
CA SER AA 144 5.56 -9.43 33.36
C SER AA 144 4.90 -9.08 34.71
N LEU AA 145 3.79 -9.76 35.02
CA LEU AA 145 3.18 -9.62 36.34
C LEU AA 145 3.90 -10.45 37.42
N ILE AA 146 4.64 -11.48 36.99
CA ILE AA 146 5.26 -12.43 37.93
C ILE AA 146 6.74 -12.14 38.20
N MET AA 147 7.47 -11.71 37.18
CA MET AA 147 8.90 -11.48 37.36
C MET AA 147 9.24 -10.48 38.46
N PRO AA 148 8.56 -9.30 38.51
CA PRO AA 148 8.94 -8.33 39.55
C PRO AA 148 8.73 -8.90 40.94
N PHE AA 149 7.62 -9.62 41.12
CA PHE AA 149 7.29 -10.29 42.38
C PHE AA 149 8.40 -11.23 42.83
N LEU AA 150 8.87 -12.04 41.89
CA LEU AA 150 10.00 -12.94 42.14
C LEU AA 150 11.29 -12.18 42.51
N ASP AA 151 11.62 -11.13 41.77
CA ASP AA 151 12.81 -10.31 42.10
C ASP AA 151 12.76 -9.85 43.54
N ASN AA 152 11.58 -9.46 43.97
CA ASN AA 152 11.41 -8.94 45.30
C ASN AA 152 11.39 -10.04 46.35
N GLN AA 153 10.76 -11.16 46.04
CA GLN AA 153 10.51 -12.19 47.05
C GLN AA 153 11.54 -13.32 47.13
N VAL AA 154 12.18 -13.61 46.00
CA VAL AA 154 13.19 -14.66 45.95
C VAL AA 154 14.59 -14.07 46.13
N ASN AA 155 14.93 -13.07 45.31
CA ASN AA 155 16.25 -12.45 45.38
C ASN AA 155 16.30 -11.26 46.34
N PHE AA 156 15.21 -11.00 47.03
CA PHE AA 156 15.10 -9.92 48.00
C PHE AA 156 15.56 -8.56 47.48
N LYS AA 157 15.33 -8.31 46.20
CA LYS AA 157 15.65 -7.01 45.60
C LYS AA 157 14.94 -5.87 46.33
N ASN AA 158 15.63 -4.75 46.45
CA ASN AA 158 15.06 -3.53 47.01
C ASN AA 158 14.74 -3.59 48.50
N GLN AA 159 15.11 -4.69 49.13
CA GLN AA 159 14.93 -4.86 50.57
C GLN AA 159 16.26 -4.71 51.30
N TYR AA 160 16.23 -4.02 52.43
CA TYR AA 160 17.41 -3.91 53.29
C TYR AA 160 17.03 -4.20 54.75
N GLU AA 161 18.03 -4.28 55.61
CA GLU AA 161 17.78 -4.53 57.03
C GLU AA 161 17.20 -3.30 57.68
N PRO AA 162 16.07 -3.47 58.39
CA PRO AA 162 15.44 -2.39 59.16
C PRO AA 162 16.46 -1.66 60.04
N GLY AA 163 16.50 -0.33 59.99
CA GLY AA 163 17.42 0.42 60.82
C GLY AA 163 18.81 0.58 60.24
N THR AA 164 19.07 -0.09 59.13
CA THR AA 164 20.36 0.02 58.46
C THR AA 164 20.28 1.19 57.49
N ASN AA 165 19.04 1.56 57.15
CA ASN AA 165 18.72 2.56 56.14
C ASN AA 165 19.49 2.38 54.83
N GLY AA 166 19.23 1.26 54.16
CA GLY AA 166 19.84 0.95 52.88
C GLY AA 166 21.35 0.78 52.89
N LYS AA 167 21.89 0.50 54.06
CA LYS AA 167 23.34 0.34 54.20
C LYS AA 167 23.74 -1.14 54.28
N VAL AA 168 22.75 -2.01 54.47
CA VAL AA 168 22.96 -3.45 54.52
C VAL AA 168 21.84 -4.15 53.76
N LYS AA 169 22.19 -4.79 52.64
CA LYS AA 169 21.20 -5.53 51.85
C LYS AA 169 20.72 -6.72 52.64
N LYS AA 170 19.40 -6.90 52.67
CA LYS AA 170 18.80 -8.03 53.35
C LYS AA 170 19.40 -9.31 52.77
N PRO AA 171 19.97 -10.16 53.65
CA PRO AA 171 20.72 -11.36 53.31
C PRO AA 171 19.89 -12.45 52.64
N LEU AA 172 20.44 -12.99 51.55
CA LEU AA 172 19.83 -14.11 50.85
C LEU AA 172 19.90 -15.38 51.70
N LYS AA 173 18.77 -15.81 52.22
CA LYS AA 173 18.64 -17.17 52.72
C LYS AA 173 18.11 -17.97 51.54
N TYR AA 174 18.32 -19.28 51.51
CA TYR AA 174 17.66 -20.04 50.44
C TYR AA 174 16.55 -21.02 50.83
N LEU AA 175 15.58 -21.09 49.93
CA LEU AA 175 14.23 -21.51 50.23
C LEU AA 175 14.02 -23.01 50.10
N SER AA 176 13.35 -23.58 51.09
CA SER AA 176 12.90 -24.95 51.02
C SER AA 176 11.91 -25.10 49.88
N VAL AA 177 11.57 -26.34 49.53
CA VAL AA 177 10.70 -26.56 48.39
C VAL AA 177 9.29 -26.06 48.71
N GLU AA 178 8.78 -26.41 49.88
CA GLU AA 178 7.45 -25.98 50.27
C GLU AA 178 7.38 -24.46 50.28
N GLU AA 179 8.48 -23.82 50.64
CA GLU AA 179 8.54 -22.36 50.62
C GLU AA 179 8.45 -21.84 49.20
N VAL AA 180 9.13 -22.52 48.28
CA VAL AA 180 9.16 -22.11 46.89
C VAL AA 180 7.79 -22.38 46.26
N ILE AA 181 7.13 -23.44 46.70
CA ILE AA 181 5.79 -23.77 46.21
C ILE AA 181 4.78 -22.67 46.59
N LYS AA 182 4.98 -22.06 47.74
CA LYS AA 182 4.08 -20.98 48.19
C LYS AA 182 4.16 -19.81 47.23
N LEU AA 183 5.40 -19.40 46.91
CA LEU AA 183 5.65 -18.30 45.98
C LEU AA 183 5.05 -18.57 44.60
N VAL AA 184 5.06 -19.82 44.19
CA VAL AA 184 4.55 -20.19 42.88
C VAL AA 184 3.04 -20.03 42.90
N ARG AA 185 2.41 -20.50 43.98
CA ARG AA 185 0.95 -20.46 44.12
C ARG AA 185 0.43 -19.04 44.24
N ASP AA 186 1.12 -18.22 45.01
CA ASP AA 186 0.70 -16.83 45.13
C ASP AA 186 0.92 -16.13 43.80
N SER AA 187 2.06 -16.38 43.17
CA SER AA 187 2.35 -15.84 41.84
C SER AA 187 1.19 -16.09 40.91
N PHE AA 188 0.61 -17.28 40.97
CA PHE AA 188 -0.34 -17.69 39.97
C PHE AA 188 -1.76 -17.24 40.26
N THR AA 189 -2.16 -17.27 41.53
CA THR AA 189 -3.46 -16.72 41.93
C THR AA 189 -3.49 -15.23 41.62
N SER AA 190 -2.36 -14.55 41.83
CA SER AA 190 -2.22 -13.13 41.47
C SER AA 190 -2.41 -12.86 39.97
N ALA AA 191 -1.59 -13.49 39.15
CA ALA AA 191 -1.71 -13.36 37.71
C ALA AA 191 -3.07 -13.78 37.20
N THR AA 192 -3.75 -14.68 37.92
CA THR AA 192 -5.08 -15.15 37.55
C THR AA 192 -6.12 -14.05 37.60
N GLU AA 193 -6.01 -13.21 38.65
CA GLU AA 193 -6.89 -12.07 38.90
C GLU AA 193 -6.76 -10.96 37.84
N ARG AA 194 -5.53 -10.72 37.41
CA ARG AA 194 -5.24 -9.56 36.57
C ARG AA 194 -4.93 -9.94 35.13
N HIS AA 195 -4.87 -11.23 34.83
CA HIS AA 195 -4.63 -11.65 33.47
C HIS AA 195 -5.66 -12.62 32.96
N ILE AA 196 -6.26 -12.27 31.82
CA ILE AA 196 -7.43 -13.00 31.38
C ILE AA 196 -7.09 -14.30 30.70
N GLN AA 197 -5.80 -14.51 30.42
CA GLN AA 197 -5.35 -15.75 29.80
C GLN AA 197 -4.83 -16.77 30.81
N VAL AA 198 -5.04 -16.50 32.08
CA VAL AA 198 -4.50 -17.32 33.16
C VAL AA 198 -5.59 -17.78 34.11
N GLY AA 199 -5.75 -19.09 34.28
CA GLY AA 199 -6.70 -19.60 35.24
C GLY AA 199 -6.95 -21.10 35.18
N ASP AA 200 -8.09 -21.52 35.74
CA ASP AA 200 -8.58 -22.90 35.67
C ASP AA 200 -7.80 -23.90 36.53
N GLY AA 201 -6.52 -24.08 36.24
CA GLY AA 201 -5.66 -25.00 36.99
C GLY AA 201 -4.18 -24.69 36.96
N LEU AA 202 -3.45 -25.10 37.99
CA LEU AA 202 -2.02 -24.90 38.07
C LEU AA 202 -1.32 -26.22 38.35
N GLU AA 203 -0.49 -26.67 37.41
CA GLU AA 203 0.23 -27.92 37.56
C GLU AA 203 1.72 -27.69 37.75
N ILE AA 204 2.23 -28.12 38.90
CA ILE AA 204 3.66 -27.98 39.19
C ILE AA 204 4.41 -29.32 39.17
N LEU AA 205 5.41 -29.43 38.30
CA LEU AA 205 6.32 -30.58 38.32
C LEU AA 205 7.54 -30.27 39.18
N ILE AA 206 7.85 -31.15 40.13
CA ILE AA 206 8.96 -30.99 41.08
C ILE AA 206 10.06 -32.02 40.83
N VAL AA 207 11.31 -31.56 40.79
CA VAL AA 207 12.42 -32.44 40.47
C VAL AA 207 13.49 -32.46 41.54
N THR AA 208 13.74 -33.64 42.10
CA THR AA 208 14.77 -33.85 43.10
C THR AA 208 15.66 -35.00 42.69
N LYS AA 209 16.61 -35.38 43.55
CA LYS AA 209 17.43 -36.57 43.27
C LYS AA 209 16.58 -37.83 43.29
N ASP AA 210 15.36 -37.73 43.84
CA ASP AA 210 14.45 -38.88 43.91
C ASP AA 210 13.50 -38.95 42.72
N GLY AA 211 13.73 -38.13 41.72
CA GLY AA 211 12.91 -38.15 40.52
C GLY AA 211 11.99 -36.96 40.30
N VAL AA 212 10.83 -37.22 39.70
CA VAL AA 212 9.87 -36.18 39.30
C VAL AA 212 8.47 -36.41 39.84
N ARG AA 213 8.02 -35.53 40.74
CA ARG AA 213 6.65 -35.59 41.26
C ARG AA 213 5.80 -34.35 40.90
N LYS AA 214 4.48 -34.50 40.98
CA LYS AA 214 3.58 -33.55 40.34
C LYS AA 214 2.41 -33.13 41.25
N GLU AA 215 2.43 -31.85 41.67
CA GLU AA 215 1.34 -31.28 42.46
C GLU AA 215 0.35 -30.47 41.60
N PHE AA 216 -0.91 -30.46 41.96
CA PHE AA 216 -1.90 -29.75 41.16
C PHE AA 216 -2.85 -28.91 42.02
N TYR AA 217 -2.98 -27.63 41.68
CA TYR AA 217 -3.89 -26.77 42.41
C TYR AA 217 -4.92 -26.07 41.53
N GLU AA 218 -6.13 -25.94 42.04
CA GLU AA 218 -7.19 -25.26 41.33
C GLU AA 218 -6.96 -23.75 41.19
N LEU AA 219 -7.44 -23.20 40.07
CA LEU AA 219 -7.41 -21.75 39.83
C LEU AA 219 -8.81 -21.20 39.48
N LYS AA 220 -9.05 -19.92 39.76
CA LYS AA 220 -10.33 -19.30 39.43
C LYS AA 220 -10.70 -19.48 37.95
N ARG AA 221 -11.97 -19.74 37.66
CA ARG AA 221 -12.34 -20.23 36.33
C ARG AA 221 -12.91 -19.19 35.36
N ASP AA 222 -12.99 -17.93 35.80
CA ASP AA 222 -13.42 -16.88 34.88
C ASP AA 222 -12.30 -16.50 33.90
N THR BA 1 -0.59 -22.02 0.65
CA THR BA 1 -1.35 -20.83 1.06
C THR BA 1 -2.55 -20.57 0.13
N GLN BA 2 -3.74 -20.54 0.72
CA GLN BA 2 -4.98 -20.67 -0.04
C GLN BA 2 -6.12 -19.98 0.68
N GLN BA 3 -7.34 -20.13 0.17
CA GLN BA 3 -8.53 -19.67 0.87
C GLN BA 3 -9.67 -20.65 0.67
N PRO BA 4 -10.48 -20.86 1.72
CA PRO BA 4 -11.58 -21.84 1.66
C PRO BA 4 -12.67 -21.36 0.71
N ILE BA 5 -13.35 -22.28 0.05
CA ILE BA 5 -14.38 -21.92 -0.92
C ILE BA 5 -15.72 -22.52 -0.50
N VAL BA 6 -15.87 -23.82 -0.64
CA VAL BA 6 -17.06 -24.47 -0.15
C VAL BA 6 -16.78 -24.90 1.29
N THR BA 7 -17.64 -24.49 2.22
CA THR BA 7 -17.32 -24.67 3.64
C THR BA 7 -18.42 -25.27 4.47
N GLY BA 8 -18.01 -25.96 5.53
CA GLY BA 8 -18.95 -26.53 6.48
C GLY BA 8 -18.77 -25.83 7.81
N THR BA 9 -19.86 -25.63 8.56
CA THR BA 9 -19.79 -24.86 9.81
C THR BA 9 -19.54 -25.70 11.08
N SER BA 10 -20.22 -25.42 12.19
CA SER BA 10 -19.82 -26.00 13.46
C SER BA 10 -19.84 -27.54 13.50
N VAL BA 11 -18.86 -28.11 14.20
CA VAL BA 11 -18.90 -29.50 14.64
C VAL BA 11 -18.91 -29.45 16.17
N ILE BA 12 -19.88 -30.09 16.80
CA ILE BA 12 -19.93 -30.09 18.26
C ILE BA 12 -19.88 -31.49 18.84
N SER BA 13 -19.44 -31.57 20.09
CA SER BA 13 -19.20 -32.86 20.70
C SER BA 13 -18.97 -32.74 22.20
N MET BA 14 -19.21 -33.85 22.89
CA MET BA 14 -18.97 -33.98 24.32
C MET BA 14 -18.81 -35.46 24.67
N LYS BA 15 -18.37 -35.74 25.89
CA LYS BA 15 -18.29 -37.11 26.33
C LYS BA 15 -19.19 -37.35 27.54
N TYR BA 16 -19.85 -38.51 27.57
CA TYR BA 16 -20.69 -38.91 28.70
C TYR BA 16 -20.11 -40.14 29.38
N ASP BA 17 -20.85 -40.74 30.31
CA ASP BA 17 -20.34 -41.82 31.17
C ASP BA 17 -19.76 -43.07 30.45
N ASN BA 18 -20.32 -43.44 29.30
CA ASN BA 18 -19.84 -44.62 28.58
C ASN BA 18 -19.44 -44.36 27.14
N GLY BA 19 -19.21 -43.11 26.77
CA GLY BA 19 -18.77 -42.82 25.43
C GLY BA 19 -18.79 -41.37 25.02
N VAL BA 20 -18.85 -41.14 23.71
CA VAL BA 20 -18.85 -39.80 23.18
C VAL BA 20 -19.98 -39.61 22.18
N ILE BA 21 -20.53 -38.41 22.17
CA ILE BA 21 -21.45 -38.01 21.12
C ILE BA 21 -20.80 -36.89 20.34
N ILE BA 22 -20.95 -36.93 19.03
CA ILE BA 22 -20.47 -35.87 18.18
C ILE BA 22 -21.56 -35.55 17.17
N ALA BA 23 -21.69 -34.29 16.77
CA ALA BA 23 -22.69 -33.94 15.76
C ALA BA 23 -22.20 -32.85 14.81
N ALA BA 24 -22.84 -32.77 13.64
CA ALA BA 24 -22.50 -31.77 12.65
C ALA BA 24 -23.63 -31.63 11.64
N ASP BA 25 -23.89 -30.41 11.19
CA ASP BA 25 -24.96 -30.22 10.22
C ASP BA 25 -24.59 -30.64 8.81
N ASN BA 26 -25.61 -30.73 7.96
CA ASN BA 26 -25.44 -31.28 6.63
C ASN BA 26 -25.27 -30.22 5.55
N LEU BA 27 -24.56 -29.14 5.84
CA LEU BA 27 -24.49 -28.01 4.89
C LEU BA 27 -23.08 -27.70 4.34
N GLY BA 28 -23.02 -27.48 3.04
CA GLY BA 28 -21.81 -26.98 2.41
C GLY BA 28 -22.12 -25.60 1.86
N SER BA 29 -21.62 -24.56 2.53
CA SER BA 29 -21.89 -23.20 2.08
C SER BA 29 -20.88 -22.79 1.04
N TYR BA 30 -21.25 -21.81 0.25
CA TYR BA 30 -20.39 -21.23 -0.77
C TYR BA 30 -20.48 -19.73 -0.56
N GLY BA 31 -19.64 -19.22 0.32
CA GLY BA 31 -19.82 -17.86 0.79
C GLY BA 31 -21.14 -17.79 1.53
N SER BA 32 -22.04 -16.92 1.06
CA SER BA 32 -23.32 -16.70 1.73
C SER BA 32 -24.44 -17.49 1.06
N LEU BA 33 -24.15 -18.07 -0.09
CA LEU BA 33 -25.07 -18.98 -0.77
C LEU BA 33 -25.04 -20.37 -0.15
N LEU BA 34 -26.15 -20.79 0.46
CA LEU BA 34 -26.23 -22.10 1.10
C LEU BA 34 -26.38 -23.23 0.05
N ARG BA 35 -25.28 -23.56 -0.59
CA ARG BA 35 -25.28 -24.33 -1.85
C ARG BA 35 -25.68 -25.80 -1.77
N PHE BA 36 -25.01 -26.57 -0.92
CA PHE BA 36 -25.22 -28.01 -0.92
C PHE BA 36 -25.77 -28.46 0.40
N ASN BA 37 -26.87 -29.19 0.35
CA ASN BA 37 -27.53 -29.58 1.58
C ASN BA 37 -27.41 -31.04 1.98
N GLY BA 38 -26.88 -31.87 1.10
CA GLY BA 38 -26.74 -33.27 1.46
C GLY BA 38 -25.28 -33.57 1.71
N VAL BA 39 -24.64 -32.74 2.52
CA VAL BA 39 -23.22 -32.92 2.79
C VAL BA 39 -22.99 -33.57 4.13
N GLU BA 40 -22.43 -34.77 4.11
CA GLU BA 40 -22.19 -35.48 5.35
C GLU BA 40 -20.81 -35.11 5.87
N ARG BA 41 -20.78 -34.46 7.01
CA ARG BA 41 -19.51 -33.98 7.55
C ARG BA 41 -19.04 -34.78 8.77
N LEU BA 42 -19.78 -35.82 9.12
CA LEU BA 42 -19.30 -36.79 10.11
C LEU BA 42 -18.79 -38.02 9.37
N ILE BA 43 -17.57 -38.46 9.69
CA ILE BA 43 -16.96 -39.57 8.96
C ILE BA 43 -16.52 -40.69 9.89
N PRO BA 44 -17.31 -41.78 9.92
CA PRO BA 44 -16.99 -42.89 10.81
C PRO BA 44 -15.85 -43.74 10.22
N VAL BA 45 -14.91 -44.09 11.09
CA VAL BA 45 -13.74 -44.84 10.71
C VAL BA 45 -13.78 -46.19 11.42
N GLY BA 46 -14.25 -47.20 10.70
CA GLY BA 46 -14.49 -48.49 11.29
C GLY BA 46 -15.72 -48.42 12.16
N ASP BA 47 -15.55 -48.73 13.44
CA ASP BA 47 -16.71 -48.88 14.33
C ASP BA 47 -16.49 -48.34 15.74
N ASN BA 48 -15.36 -47.67 15.96
CA ASN BA 48 -15.04 -47.15 17.29
C ASN BA 48 -14.61 -45.68 17.23
N THR BA 49 -14.79 -45.07 16.06
CA THR BA 49 -14.25 -43.75 15.81
C THR BA 49 -15.13 -43.00 14.82
N VAL BA 50 -15.49 -41.77 15.17
CA VAL BA 50 -16.02 -40.83 14.18
C VAL BA 50 -15.21 -39.54 14.17
N VAL BA 51 -14.83 -39.12 12.96
CA VAL BA 51 -14.12 -37.86 12.77
C VAL BA 51 -15.07 -36.84 12.16
N GLY BA 52 -15.32 -35.76 12.89
CA GLY BA 52 -16.18 -34.67 12.42
C GLY BA 52 -15.35 -33.52 11.86
N ILE BA 53 -15.81 -32.94 10.77
CA ILE BA 53 -14.96 -32.01 10.06
C ILE BA 53 -15.67 -30.70 9.67
N SER BA 54 -15.01 -29.57 9.93
CA SER BA 54 -15.50 -28.30 9.40
C SER BA 54 -14.40 -27.58 8.67
N GLY BA 55 -14.78 -26.64 7.81
CA GLY BA 55 -13.82 -25.90 7.03
C GLY BA 55 -14.01 -26.12 5.55
N ASP BA 56 -12.90 -26.07 4.81
CA ASP BA 56 -13.01 -26.30 3.38
C ASP BA 56 -13.42 -27.77 3.08
N ILE BA 57 -14.41 -27.89 2.21
CA ILE BA 57 -15.08 -29.15 1.93
C ILE BA 57 -14.26 -30.03 0.98
N SER BA 58 -13.57 -29.39 0.03
CA SER BA 58 -12.65 -30.10 -0.84
C SER BA 58 -11.54 -30.73 0.00
N ASP BA 59 -10.97 -29.96 0.92
CA ASP BA 59 -10.00 -30.50 1.86
C ASP BA 59 -10.58 -31.62 2.74
N MET BA 60 -11.83 -31.47 3.15
CA MET BA 60 -12.51 -32.53 3.90
C MET BA 60 -12.57 -33.82 3.08
N GLN BA 61 -13.05 -33.71 1.85
CA GLN BA 61 -13.12 -34.82 0.92
C GLN BA 61 -11.76 -35.52 0.76
N HIS BA 62 -10.68 -34.74 0.73
CA HIS BA 62 -9.34 -35.28 0.69
C HIS BA 62 -9.05 -36.09 1.94
N ILE BA 63 -9.25 -35.51 3.12
CA ILE BA 63 -9.01 -36.20 4.39
C ILE BA 63 -9.84 -37.47 4.48
N GLU BA 64 -11.05 -37.40 3.93
CA GLU BA 64 -11.93 -38.56 3.83
C GLU BA 64 -11.23 -39.74 3.12
N ARG BA 65 -10.64 -39.45 1.97
CA ARG BA 65 -9.90 -40.44 1.20
C ARG BA 65 -8.70 -40.93 1.98
N LEU BA 66 -7.99 -40.03 2.63
CA LEU BA 66 -6.86 -40.45 3.46
C LEU BA 66 -7.28 -41.45 4.53
N LEU BA 67 -8.52 -41.37 4.99
CA LEU BA 67 -8.96 -42.21 6.10
C LEU BA 67 -9.39 -43.60 5.62
N LYS BA 68 -10.04 -43.69 4.47
CA LYS BA 68 -10.32 -44.99 3.89
C LYS BA 68 -8.99 -45.73 3.62
N ASP BA 69 -8.01 -45.00 3.13
CA ASP BA 69 -6.73 -45.58 2.76
C ASP BA 69 -5.96 -45.99 4.00
N LEU BA 70 -6.19 -45.27 5.09
CA LEU BA 70 -5.54 -45.63 6.33
C LEU BA 70 -6.10 -46.98 6.78
N VAL BA 71 -7.39 -47.19 6.52
CA VAL BA 71 -8.08 -48.42 6.90
C VAL BA 71 -7.69 -49.61 6.01
N THR BA 72 -7.66 -49.37 4.70
CA THR BA 72 -7.20 -50.36 3.74
C THR BA 72 -5.82 -50.88 4.11
N GLU BA 73 -4.90 -49.97 4.37
CA GLU BA 73 -3.51 -50.33 4.66
C GLU BA 73 -3.29 -50.93 6.05
N ASN BA 74 -4.18 -50.64 6.99
CA ASN BA 74 -4.04 -51.27 8.30
C ASN BA 74 -4.35 -52.77 8.19
N ALA BA 75 -5.13 -53.11 7.17
CA ALA BA 75 -5.55 -54.50 6.92
C ALA BA 75 -4.41 -55.34 6.34
N TYR BA 76 -3.70 -54.78 5.36
CA TYR BA 76 -2.50 -55.38 4.75
C TYR BA 76 -1.57 -56.08 5.74
N ASP BA 77 -1.47 -57.41 5.63
CA ASP BA 77 -0.55 -58.23 6.41
C ASP BA 77 -0.77 -58.09 7.91
N ASN BA 78 -2.04 -57.94 8.26
CA ASN BA 78 -2.48 -57.78 9.64
C ASN BA 78 -3.72 -58.64 9.91
N PRO BA 79 -3.50 -59.91 10.26
CA PRO BA 79 -4.61 -60.83 10.57
C PRO BA 79 -5.43 -60.37 11.79
N LEU BA 80 -4.98 -59.30 12.44
CA LEU BA 80 -5.68 -58.75 13.59
C LEU BA 80 -6.30 -57.38 13.27
N ALA BA 81 -6.58 -57.17 11.98
CA ALA BA 81 -7.13 -55.90 11.50
C ALA BA 81 -8.48 -55.55 12.13
N ASP BA 82 -9.20 -56.57 12.60
CA ASP BA 82 -10.40 -56.32 13.40
C ASP BA 82 -10.33 -56.99 14.77
N ALA BA 83 -9.19 -56.87 15.42
CA ALA BA 83 -9.05 -57.33 16.79
C ALA BA 83 -7.96 -56.50 17.44
N GLU BA 84 -7.01 -57.13 18.10
CA GLU BA 84 -5.99 -56.38 18.82
C GLU BA 84 -5.20 -55.37 17.97
N GLU BA 85 -5.41 -55.38 16.65
CA GLU BA 85 -4.71 -54.41 15.80
C GLU BA 85 -5.63 -53.64 14.84
N ALA BA 86 -6.83 -53.33 15.29
CA ALA BA 86 -7.69 -52.42 14.53
C ALA BA 86 -7.27 -50.98 14.79
N LEU BA 87 -7.57 -50.12 13.81
CA LEU BA 87 -7.45 -48.68 14.01
C LEU BA 87 -8.11 -48.22 15.32
N GLU BA 88 -7.29 -47.62 16.16
CA GLU BA 88 -7.71 -47.02 17.42
C GLU BA 88 -8.01 -45.52 17.17
N PRO BA 89 -8.90 -44.91 17.98
CA PRO BA 89 -9.11 -43.47 17.80
C PRO BA 89 -7.83 -42.65 17.99
N SER BA 90 -6.99 -42.98 18.98
CA SER BA 90 -5.74 -42.24 19.20
C SER BA 90 -4.78 -42.35 18.01
N TYR BA 91 -4.82 -43.49 17.31
CA TYR BA 91 -3.98 -43.69 16.13
C TYR BA 91 -4.42 -42.75 15.01
N ILE BA 92 -5.72 -42.77 14.69
CA ILE BA 92 -6.26 -41.90 13.64
C ILE BA 92 -5.97 -40.41 13.94
N PHE BA 93 -6.16 -40.02 15.19
CA PHE BA 93 -5.95 -38.63 15.54
C PHE BA 93 -4.50 -38.24 15.40
N GLU BA 94 -3.59 -39.05 15.93
CA GLU BA 94 -2.17 -38.69 15.90
C GLU BA 94 -1.74 -38.57 14.44
N TYR BA 95 -2.31 -39.45 13.61
CA TYR BA 95 -2.06 -39.41 12.18
C TYR BA 95 -2.47 -38.08 11.61
N LEU BA 96 -3.75 -37.76 11.81
CA LEU BA 96 -4.34 -36.50 11.38
C LEU BA 96 -3.61 -35.27 11.91
N ALA BA 97 -3.36 -35.21 13.21
CA ALA BA 97 -2.71 -34.06 13.80
C ALA BA 97 -1.31 -33.86 13.21
N THR BA 98 -0.73 -34.95 12.73
CA THR BA 98 0.60 -34.96 12.14
C THR BA 98 0.57 -34.34 10.74
N VAL BA 99 -0.44 -34.69 9.96
CA VAL BA 99 -0.58 -34.19 8.60
C VAL BA 99 -0.93 -32.70 8.58
N MET BA 100 -1.84 -32.30 9.48
CA MET BA 100 -2.23 -30.90 9.57
C MET BA 100 -0.99 -30.08 9.84
N TYR BA 101 -0.20 -30.48 10.83
CA TYR BA 101 0.97 -29.70 11.19
C TYR BA 101 1.99 -29.59 10.06
N GLN BA 102 2.25 -30.69 9.36
CA GLN BA 102 3.17 -30.67 8.23
C GLN BA 102 2.66 -29.76 7.15
N ARG BA 103 1.36 -29.88 6.88
CA ARG BA 103 0.70 -29.04 5.88
C ARG BA 103 0.79 -27.54 6.23
N ARG BA 104 0.61 -27.20 7.51
CA ARG BA 104 0.77 -25.81 7.90
C ARG BA 104 2.24 -25.44 7.76
N SER BA 105 3.12 -26.39 8.03
CA SER BA 105 4.54 -26.07 8.06
C SER BA 105 5.13 -25.99 6.67
N LYS BA 106 4.33 -26.35 5.67
CA LYS BA 106 4.76 -26.17 4.30
C LYS BA 106 4.05 -24.92 3.74
N MET BA 107 3.36 -24.20 4.63
CA MET BA 107 2.60 -23.02 4.26
C MET BA 107 1.55 -23.31 3.19
N ASN BA 108 0.91 -24.46 3.33
CA ASN BA 108 -0.12 -24.92 2.41
C ASN BA 108 -1.07 -25.80 3.20
N PRO BA 109 -1.96 -25.19 3.98
CA PRO BA 109 -2.66 -25.99 4.99
C PRO BA 109 -3.85 -26.75 4.41
N LEU BA 110 -4.39 -27.69 5.17
CA LEU BA 110 -5.77 -28.15 4.98
C LEU BA 110 -6.68 -27.21 5.80
N TRP BA 111 -7.60 -26.53 5.13
CA TRP BA 111 -8.37 -25.47 5.78
C TRP BA 111 -9.54 -26.02 6.62
N ASN BA 112 -9.20 -26.68 7.71
CA ASN BA 112 -10.19 -27.46 8.43
C ASN BA 112 -10.00 -27.37 9.92
N ALA BA 113 -11.07 -27.73 10.61
CA ALA BA 113 -11.03 -27.95 12.03
C ALA BA 113 -11.63 -29.31 12.22
N ILE BA 114 -10.94 -30.14 13.00
CA ILE BA 114 -11.29 -31.55 13.09
C ILE BA 114 -11.49 -31.94 14.55
N ILE BA 115 -12.57 -32.66 14.81
CA ILE BA 115 -12.71 -33.34 16.08
C ILE BA 115 -12.80 -34.84 15.83
N VAL BA 116 -12.02 -35.60 16.60
CA VAL BA 116 -11.97 -37.03 16.44
C VAL BA 116 -12.63 -37.59 17.67
N ALA BA 117 -13.72 -38.31 17.49
CA ALA BA 117 -14.46 -38.85 18.62
C ALA BA 117 -14.41 -40.38 18.63
N GLY BA 118 -14.20 -40.96 19.80
CA GLY BA 118 -14.29 -42.40 19.92
C GLY BA 118 -14.04 -42.99 21.29
N VAL BA 119 -14.10 -44.32 21.32
CA VAL BA 119 -13.78 -45.12 22.50
C VAL BA 119 -12.56 -45.98 22.24
N GLN BA 120 -11.61 -45.93 23.16
CA GLN BA 120 -10.39 -46.71 23.07
C GLN BA 120 -10.69 -48.14 23.49
N SER BA 121 -9.83 -49.08 23.07
CA SER BA 121 -10.12 -50.51 23.27
C SER BA 121 -10.19 -50.92 24.74
N ASN BA 122 -9.60 -50.13 25.63
CA ASN BA 122 -9.71 -50.36 27.07
C ASN BA 122 -10.97 -49.71 27.64
N GLY BA 123 -11.81 -49.17 26.76
CA GLY BA 123 -13.04 -48.51 27.16
C GLY BA 123 -12.97 -46.99 27.29
N ASP BA 124 -11.76 -46.45 27.43
CA ASP BA 124 -11.55 -45.00 27.58
C ASP BA 124 -12.18 -44.23 26.45
N GLN BA 125 -12.77 -43.07 26.79
CA GLN BA 125 -13.32 -42.15 25.80
C GLN BA 125 -12.20 -41.34 25.16
N PHE BA 126 -12.33 -41.10 23.87
CA PHE BA 126 -11.37 -40.25 23.19
C PHE BA 126 -12.07 -39.03 22.57
N LEU BA 127 -11.58 -37.85 22.93
CA LEU BA 127 -12.10 -36.64 22.34
C LEU BA 127 -10.98 -35.62 22.22
N ARG BA 128 -10.59 -35.30 20.99
CA ARG BA 128 -9.49 -34.38 20.79
C ARG BA 128 -9.73 -33.55 19.52
N TYR BA 129 -9.13 -32.36 19.48
CA TYR BA 129 -9.33 -31.37 18.42
C TYR BA 129 -8.03 -31.11 17.68
N VAL BA 130 -8.12 -30.81 16.40
CA VAL BA 130 -6.95 -30.37 15.65
C VAL BA 130 -7.45 -29.48 14.52
N ASN BA 131 -6.69 -28.46 14.15
CA ASN BA 131 -7.10 -27.58 13.05
C ASN BA 131 -5.96 -27.26 12.08
N LEU BA 132 -6.23 -26.37 11.12
CA LEU BA 132 -5.27 -26.02 10.07
C LEU BA 132 -3.90 -25.58 10.56
N LEU BA 133 -3.81 -25.21 11.83
CA LEU BA 133 -2.55 -24.71 12.39
C LEU BA 133 -1.75 -25.84 13.02
N GLY BA 134 -2.37 -27.01 13.16
CA GLY BA 134 -1.75 -28.14 13.82
C GLY BA 134 -1.92 -28.09 15.32
N VAL BA 135 -2.68 -27.11 15.79
CA VAL BA 135 -2.96 -26.98 17.21
C VAL BA 135 -3.91 -28.09 17.70
N THR BA 136 -3.59 -28.68 18.85
CA THR BA 136 -4.40 -29.77 19.41
C THR BA 136 -4.70 -29.60 20.89
N TYR BA 137 -5.89 -30.05 21.29
CA TYR BA 137 -6.28 -30.04 22.71
C TYR BA 137 -7.49 -30.92 22.99
N SER BA 138 -7.65 -31.27 24.27
CA SER BA 138 -8.79 -32.06 24.71
C SER BA 138 -9.59 -31.41 25.83
N SER BA 139 -10.86 -31.78 25.91
CA SER BA 139 -11.78 -31.25 26.91
C SER BA 139 -12.99 -32.17 26.87
N PRO BA 140 -13.77 -32.22 27.97
CA PRO BA 140 -14.97 -33.07 27.98
C PRO BA 140 -15.99 -32.58 26.95
N THR BA 141 -15.88 -31.32 26.57
CA THR BA 141 -16.66 -30.74 25.49
C THR BA 141 -15.69 -30.16 24.45
N LEU BA 142 -16.08 -30.19 23.17
CA LEU BA 142 -15.25 -29.60 22.13
C LEU BA 142 -16.16 -29.17 21.00
N ALA BA 143 -15.86 -28.01 20.43
CA ALA BA 143 -16.62 -27.55 19.30
C ALA BA 143 -15.77 -26.65 18.43
N THR BA 144 -16.12 -26.59 17.15
CA THR BA 144 -15.45 -25.70 16.20
C THR BA 144 -16.39 -24.57 15.70
N GLY BA 145 -15.81 -23.47 15.23
CA GLY BA 145 -16.61 -22.40 14.66
C GLY BA 145 -17.58 -21.79 15.68
N PHE BA 146 -18.79 -21.44 15.24
CA PHE BA 146 -19.78 -20.88 16.16
C PHE BA 146 -20.05 -21.76 17.36
N GLY BA 147 -19.84 -23.07 17.18
CA GLY BA 147 -20.03 -24.02 18.24
C GLY BA 147 -19.18 -23.74 19.45
N ALA BA 148 -17.99 -23.18 19.26
CA ALA BA 148 -17.11 -22.92 20.41
C ALA BA 148 -17.60 -21.72 21.20
N HIS BA 149 -18.43 -20.91 20.56
CA HIS BA 149 -18.94 -19.72 21.21
C HIS BA 149 -20.29 -19.99 21.85
N MET BA 150 -21.13 -20.76 21.17
CA MET BA 150 -22.50 -20.99 21.63
C MET BA 150 -22.69 -22.40 22.18
N ALA BA 151 -22.21 -23.43 21.48
CA ALA BA 151 -22.40 -24.82 21.94
C ALA BA 151 -21.64 -25.17 23.21
N ASN BA 152 -20.36 -24.83 23.28
CA ASN BA 152 -19.59 -25.12 24.48
C ASN BA 152 -20.19 -24.62 25.80
N PRO BA 153 -20.69 -23.36 25.85
CA PRO BA 153 -21.23 -22.86 27.11
C PRO BA 153 -22.40 -23.67 27.65
N LEU BA 154 -23.24 -24.16 26.73
CA LEU BA 154 -24.36 -25.04 27.07
C LEU BA 154 -23.84 -26.43 27.49
N LEU BA 155 -23.02 -27.04 26.64
CA LEU BA 155 -22.50 -28.38 26.92
C LEU BA 155 -21.71 -28.38 28.22
N ARG BA 156 -21.01 -27.29 28.50
CA ARG BA 156 -20.22 -27.23 29.72
C ARG BA 156 -21.05 -27.20 31.00
N LYS BA 157 -22.33 -26.86 30.88
CA LYS BA 157 -23.22 -26.88 32.04
C LYS BA 157 -23.60 -28.31 32.45
N VAL BA 158 -23.68 -29.22 31.48
CA VAL BA 158 -23.81 -30.64 31.77
C VAL BA 158 -22.50 -31.21 32.29
N VAL BA 159 -21.40 -30.95 31.58
CA VAL BA 159 -20.09 -31.46 32.00
C VAL BA 159 -19.10 -30.32 32.18
N ASP BA 160 -18.98 -29.83 33.41
CA ASP BA 160 -18.08 -28.71 33.70
C ASP BA 160 -16.66 -29.25 33.79
N ARG BA 161 -16.49 -30.34 34.53
CA ARG BA 161 -15.16 -30.92 34.70
C ARG BA 161 -15.14 -32.42 34.48
N GLU BA 162 -14.06 -33.06 34.90
CA GLU BA 162 -13.84 -34.48 34.65
C GLU BA 162 -14.83 -35.35 35.42
N SER BA 163 -14.98 -35.05 36.70
CA SER BA 163 -15.86 -35.82 37.56
C SER BA 163 -17.33 -35.83 37.10
N ASP BA 164 -17.70 -34.90 36.21
CA ASP BA 164 -19.09 -34.84 35.74
C ASP BA 164 -19.39 -35.89 34.68
N ILE BA 165 -18.33 -36.40 34.05
CA ILE BA 165 -18.49 -37.35 32.96
C ILE BA 165 -19.16 -38.66 33.39
N PRO BA 166 -18.71 -39.27 34.51
CA PRO BA 166 -19.39 -40.49 34.98
C PRO BA 166 -20.87 -40.25 35.31
N LYS BA 167 -21.19 -39.06 35.83
CA LYS BA 167 -22.56 -38.72 36.23
C LYS BA 167 -23.47 -38.39 35.04
N THR BA 168 -22.89 -38.26 33.86
CA THR BA 168 -23.66 -37.87 32.68
C THR BA 168 -24.08 -39.04 31.82
N THR BA 169 -25.38 -39.32 31.75
CA THR BA 169 -25.86 -40.42 30.96
C THR BA 169 -25.99 -40.06 29.48
N VAL BA 170 -26.27 -41.05 28.66
CA VAL BA 170 -26.37 -40.87 27.22
C VAL BA 170 -27.66 -40.13 26.84
N GLN BA 171 -28.64 -40.15 27.73
CA GLN BA 171 -29.92 -39.54 27.45
C GLN BA 171 -29.73 -38.04 27.63
N VAL BA 172 -29.11 -37.69 28.76
CA VAL BA 172 -28.80 -36.32 29.10
C VAL BA 172 -27.86 -35.68 28.07
N ALA BA 173 -26.72 -36.32 27.83
CA ALA BA 173 -25.76 -35.84 26.84
C ALA BA 173 -26.32 -35.71 25.42
N GLU BA 174 -27.19 -36.62 24.99
CA GLU BA 174 -27.74 -36.48 23.64
C GLU BA 174 -28.71 -35.31 23.54
N GLU BA 175 -29.48 -35.11 24.59
CA GLU BA 175 -30.44 -34.02 24.66
C GLU BA 175 -29.68 -32.70 24.61
N ALA BA 176 -28.58 -32.61 25.34
CA ALA BA 176 -27.77 -31.39 25.35
C ALA BA 176 -27.26 -31.01 23.95
N ILE BA 177 -26.84 -32.03 23.21
CA ILE BA 177 -26.32 -31.88 21.86
C ILE BA 177 -27.40 -31.41 20.88
N VAL BA 178 -28.61 -31.95 21.03
CA VAL BA 178 -29.70 -31.63 20.11
C VAL BA 178 -30.22 -30.21 20.39
N ASN BA 179 -30.15 -29.85 21.66
CA ASN BA 179 -30.48 -28.50 22.04
C ASN BA 179 -29.51 -27.54 21.38
N ALA BA 180 -28.21 -27.76 21.64
CA ALA BA 180 -27.15 -26.91 21.10
C ALA BA 180 -27.26 -26.78 19.60
N MET BA 181 -27.71 -27.83 18.96
CA MET BA 181 -27.82 -27.81 17.52
C MET BA 181 -28.90 -26.82 17.15
N ARG BA 182 -29.95 -26.74 17.96
CA ARG BA 182 -31.04 -25.80 17.68
C ARG BA 182 -30.61 -24.36 17.91
N VAL BA 183 -29.94 -24.11 19.03
CA VAL BA 183 -29.36 -22.82 19.30
C VAL BA 183 -28.50 -22.35 18.10
N LEU BA 184 -27.57 -23.20 17.67
CA LEU BA 184 -26.77 -22.94 16.47
C LEU BA 184 -27.61 -22.58 15.23
N TYR BA 185 -28.77 -23.21 15.08
CA TYR BA 185 -29.61 -22.93 13.92
C TYR BA 185 -30.36 -21.60 14.09
N TYR BA 186 -30.52 -21.19 15.34
CA TYR BA 186 -31.14 -19.92 15.66
C TYR BA 186 -30.21 -18.78 15.26
N ARG BA 187 -28.94 -18.93 15.64
CA ARG BA 187 -28.00 -17.81 15.71
C ARG BA 187 -26.84 -17.77 14.72
N ASP BA 188 -26.48 -18.90 14.11
CA ASP BA 188 -25.41 -18.99 13.11
C ASP BA 188 -26.04 -18.94 11.73
N ALA BA 189 -25.61 -17.97 10.92
CA ALA BA 189 -26.23 -17.76 9.60
C ALA BA 189 -25.75 -18.72 8.54
N ARG BA 190 -24.79 -19.58 8.87
CA ARG BA 190 -24.27 -20.54 7.90
C ARG BA 190 -24.66 -21.96 8.28
N SER BA 191 -25.69 -22.08 9.11
CA SER BA 191 -26.15 -23.37 9.58
C SER BA 191 -27.36 -23.87 8.80
N SER BA 192 -27.67 -25.15 8.98
CA SER BA 192 -28.82 -25.76 8.33
C SER BA 192 -29.64 -26.49 9.38
N ARG BA 193 -30.91 -26.72 9.07
CA ARG BA 193 -31.78 -27.43 9.99
C ARG BA 193 -31.44 -28.93 10.07
N ASN BA 194 -31.08 -29.52 8.93
CA ASN BA 194 -30.79 -30.95 8.86
C ASN BA 194 -29.39 -31.25 9.32
N PHE BA 195 -29.25 -32.20 10.23
CA PHE BA 195 -27.94 -32.57 10.71
C PHE BA 195 -27.76 -34.06 10.95
N SER BA 196 -26.54 -34.47 11.30
CA SER BA 196 -26.27 -35.85 11.65
C SER BA 196 -25.63 -35.90 13.01
N LEU BA 197 -25.83 -37.01 13.71
CA LEU BA 197 -25.31 -37.18 15.06
C LEU BA 197 -24.85 -38.61 15.20
N ALA BA 198 -23.82 -38.82 16.01
CA ALA BA 198 -23.29 -40.14 16.21
C ALA BA 198 -22.92 -40.38 17.67
N ILE BA 199 -23.33 -41.53 18.18
CA ILE BA 199 -22.89 -41.94 19.50
C ILE BA 199 -21.89 -43.07 19.35
N ILE BA 200 -20.81 -42.98 20.13
CA ILE BA 200 -19.83 -44.05 20.20
C ILE BA 200 -19.77 -44.51 21.64
N ASP BA 201 -20.56 -45.56 21.92
CA ASP BA 201 -20.72 -46.09 23.27
C ASP BA 201 -19.88 -47.34 23.43
N LYS BA 202 -19.27 -47.50 24.60
CA LYS BA 202 -18.40 -48.63 24.85
C LYS BA 202 -19.10 -49.99 25.04
N ASN BA 203 -20.43 -50.02 25.01
CA ASN BA 203 -21.18 -51.27 25.09
C ASN BA 203 -22.09 -51.52 23.91
N THR BA 204 -22.58 -50.43 23.33
CA THR BA 204 -23.56 -50.50 22.25
C THR BA 204 -22.90 -50.19 20.90
N GLY BA 205 -21.65 -49.73 20.96
CA GLY BA 205 -20.85 -49.45 19.77
C GLY BA 205 -21.14 -48.12 19.08
N LEU BA 206 -21.00 -48.12 17.77
CA LEU BA 206 -21.28 -46.95 16.95
C LEU BA 206 -22.72 -46.95 16.50
N THR BA 207 -23.43 -45.91 16.91
CA THR BA 207 -24.80 -45.63 16.48
C THR BA 207 -24.73 -44.34 15.66
N PHE BA 208 -25.22 -44.37 14.43
CA PHE BA 208 -25.09 -43.23 13.52
C PHE BA 208 -26.47 -42.76 13.04
N LYS BA 209 -26.90 -41.60 13.55
CA LYS BA 209 -28.19 -41.04 13.20
C LYS BA 209 -28.09 -39.95 12.13
N LYS BA 210 -28.95 -40.02 11.12
CA LYS BA 210 -28.88 -39.12 9.98
C LYS BA 210 -30.25 -38.57 9.67
N ASN BA 211 -30.27 -37.46 8.93
CA ASN BA 211 -31.51 -36.81 8.52
C ASN BA 211 -32.32 -36.34 9.72
N LEU BA 212 -31.63 -36.04 10.81
CA LEU BA 212 -32.28 -35.42 11.95
C LEU BA 212 -32.73 -34.03 11.52
N GLN BA 213 -33.77 -33.51 12.16
CA GLN BA 213 -34.10 -32.10 12.01
C GLN BA 213 -34.15 -31.43 13.36
N VAL BA 214 -33.78 -30.14 13.40
CA VAL BA 214 -34.01 -29.33 14.59
C VAL BA 214 -35.50 -29.16 14.75
N GLU BA 215 -36.01 -29.58 15.91
CA GLU BA 215 -37.45 -29.53 16.19
C GLU BA 215 -37.73 -28.64 17.40
N ASN BA 216 -39.01 -28.47 17.73
CA ASN BA 216 -39.44 -27.70 18.90
C ASN BA 216 -38.87 -26.27 18.92
N MET BA 217 -39.15 -25.54 17.86
CA MET BA 217 -38.63 -24.19 17.76
C MET BA 217 -39.67 -23.17 18.26
N LYS BA 218 -39.17 -22.18 19.00
CA LYS BA 218 -39.95 -21.04 19.47
C LYS BA 218 -39.77 -19.85 18.57
N TRP BA 219 -40.78 -19.60 17.75
CA TRP BA 219 -40.81 -18.43 16.88
C TRP BA 219 -42.05 -17.55 17.10
N ASP BA 220 -43.00 -18.04 17.90
CA ASP BA 220 -44.32 -17.39 18.00
C ASP BA 220 -44.26 -15.96 18.51
N PHE BA 221 -43.43 -15.73 19.51
CA PHE BA 221 -43.27 -14.40 20.11
C PHE BA 221 -42.95 -13.30 19.08
N ALA BA 222 -42.58 -13.70 17.87
CA ALA BA 222 -42.21 -12.75 16.84
C ALA BA 222 -43.37 -11.94 16.33
N LYS BA 223 -44.60 -12.42 16.55
CA LYS BA 223 -45.78 -11.74 16.02
C LYS BA 223 -46.03 -10.46 16.81
N ASP BA 224 -45.61 -10.50 18.07
CA ASP BA 224 -45.79 -9.40 19.01
C ASP BA 224 -44.69 -8.37 18.85
N ILE BA 225 -43.82 -8.57 17.87
CA ILE BA 225 -42.71 -7.65 17.67
C ILE BA 225 -42.84 -6.84 16.39
N LYS BA 226 -42.85 -5.52 16.57
CA LYS BA 226 -43.20 -4.59 15.52
C LYS BA 226 -42.35 -3.33 15.62
N GLY BA 227 -41.98 -2.80 14.45
CA GLY BA 227 -41.09 -1.67 14.37
C GLY BA 227 -39.72 -1.93 14.99
N TYR BA 228 -38.98 -0.85 15.21
CA TYR BA 228 -37.65 -0.99 15.77
C TYR BA 228 -37.41 -0.05 16.94
N GLY BA 229 -38.49 0.32 17.63
CA GLY BA 229 -38.37 1.11 18.82
C GLY BA 229 -39.61 1.93 19.07
N THR BA 230 -40.09 2.60 18.04
CA THR BA 230 -41.14 3.60 18.24
C THR BA 230 -42.50 3.23 17.62
N GLN BA 231 -42.48 2.36 16.61
CA GLN BA 231 -43.69 1.89 15.93
C GLN BA 231 -44.64 1.08 16.83
N LYS BA 232 -45.93 1.13 16.48
CA LYS BA 232 -46.96 0.55 17.32
C LYS BA 232 -47.83 -0.44 16.55
N ILE BA 233 -47.87 -0.31 15.22
CA ILE BA 233 -48.67 -1.23 14.40
C ILE BA 233 -47.88 -2.35 13.71
#